data_9CUY
#
_entry.id   9CUY
#
loop_
_entity.id
_entity.type
_entity.pdbx_description
1 polymer 'Wedge 2 protein'
2 polymer 'Tail sheath protein'
3 polymer 'Tail tube protein'
4 polymer 'Tube initiator protein'
5 polymer 'Hub protein'
6 polymer 'Putative baseplate assembly protein'
7 polymer 'Wedge 1 protein'
8 polymer 'Spacer protein'
9 polymer 'Sheath initiator protein'
10 polymer 'Putative tail fiber protein'
11 polymer 'Short tail fiber'
12 polymer 'Putative tape measure protein'
#
loop_
_entity_poly.entity_id
_entity_poly.type
_entity_poly.pdbx_seq_one_letter_code
_entity_poly.pdbx_strand_id
1 'polypeptide(L)'
;MAENYGLTGSGFNLPPMDDLVQETKKTFKSAFGEDFNTESNSVADKLIQIFNEREYQLWLLMGSVYYAQTMQGAEGIYLD
DLLGKRGIYRLGKTRSTGTVVMTIDSSVPYNMIYSAATYTIDTDYELSSDVQVAGNIVAQLIKGTDLSVGTYRLQIQNTT
DQSVKTLSLNLTATSGQPLITFFGQIKDFIVNNTILSNQDRIWIDSTEGALYIGYDTNKIMIGLSSRVDFRTNPMAGTRS
ISMDVRSIEPGYISRDVHSVRSINPTPGGFVDIDNLSAFIDGSDVESDNEYRIRAATSISEGKATRPAILAALLNKVEGI
EKVRIFNNNTDKTNSLGIPPYRFMVVCYGGGTAEISQVLYDTIATSNNTYGDTFYDITTEDDQVERIWHTKAAARQLAIR
VRYRGRPLSLTEETAIANGLATAVNGTMIAGTLYNVRLVGTVMSSTSPDRFTQVYVDIKNKGQPDSAYVNTDVTASTTQV
LSLELEDVIFSQIV
;
T,S,R,U
2 'polypeptide(L)'
;MAEYQDKVVDVEVSLGTQPIDTVGFETPMFLAMHGNFPERIRFYVSTAGMVADGFAVGSPAYQFATNAFAGNFAPQRVAI
GRMSIDSSKVDFTGTTNTEQVVVNITLNKVVKAVKINVLPGNTPAQIATALADAVTADADLTGKATAVATGTYVTVTAVS
PNVVSVGKGAGVYKIVNESSETVATVLPSVIAENHNWYFLATEARSDADIVAAAEFAKANYKLHIYNSTDVDAYAPENSA
ASVFDTLKSLSYDSLGTSDAGADVDFTEGSVIGAMAANDPSYGDSLHLKTMPGMVPFAGSDTQRSNAWSRNANIYRGLYG
GGSYIEGKTSSGQYVDVIRFSHWVKFRMEESVFAYMKRRSDMGLSMKMSDEDLPVLKSVLMNNPINIGIRNGGILTGYDT
ENKVSYDPTIIIPKRANIPTNDLAARILRDVKVELVYNNSLHYVKIRASVVLDRPAGQSTNAQTPMSSSAVGV
;
A,C,E,B,D,F
3 'polypeptide(L)'
;NQSKILTLQAYDPAKVLVFIGGQRVSGFAADTKIVITRNNDNISVHAGVDGEISNALSRDNTGVMTLSLQNTAKWNGYLA
QWQRQANVTGLIYLPVQVEGSQGLSLNTIGWIQKQPDLSYGTEVGQMDWEIGVLDAWLSPDQIQGIAAGITGLLGL
;
J,H,I,G
4 'polypeptide(L)'
;MAVNNNSISPAQQAQADKRARDAAAAKRKQDTEVSNAKSREDIQYTMFVSGLRRGRLNEFERKNRTDDLAILFDSVTTHT
YTKDYNKSSYAVESKAKASDHVTTQDGKFTFSGTVTDSPYLIDPRNMIDRDTDKENPMLARRPAKAIEILELIADSHQLV
TLVTEDNILSNYVITSFQVDRSSEAGSSINVQVTLEEFRFKMVNKTVMARTSDPKKAKNANTGTKQTAEDGAVDDSAKQK
RQTPYIGKNAETKERWENAAIGTTDFSGKPGAKLPFDPSDLMRK
;
K,L
5 'polypeptide(L)'
;MRAMERTYTLVIGRPVVIGEKPVNIEKFANTSKGDAYEIKDLHIEFNVKKDNSKEPNKGYVTVYNLSDEVVNYLSVNQRE
SLAVMLHAGYNGDEKLIFSGTVEYVEDDFPEETRTTKFILGDGTLNLTTATTARSYRKGTPVNSVLNDLIADLKLPKGRV
IDFGNQTLQTSMAFTGNASQNLANLAKNTGSTFSVQDGAVYWTKEGSRFNNVMFEISEEGGMVGTPTPKQPSSSKKLIKA
KAKAKSDEAEGKKPKAPSKKKKEHDIKEDVGMTVSTLLNGAILPESTVYLNTRYHKGFYKVAELTHRGGYETGDWITELG
LVETRGELIK
;
X
6 'polypeptide(L)'
;MAYADRYDAAFGIYISRFLRNNVHTNIRGKVVGVNYSGPSVDVQPMAYTEFPSGTTDRYPVIYDVPVLLPSGAGGKARLT
MPIKPGDVVGLSFSERNEGDNNDQNTHQLFAGWAVTQIFTDGNSKAIHPDNVVLENDKAIITLKPDGDTSLQNPKVTVEA
LADGNVKISNGTGEFTMSPSGEIKGGNRGGSFTLQPSGQLMCNGARITTSGRIITANGVDMDDFYQKYMSHTHGGVSRGG
DNTNPPN
;
Y
7 'polypeptide(L)'
;LKDVNHIHPLPDFVRGGFDYVPSDIFSGKENFEQTLRILLERLEFIDQKMVELAELRTTLNAEDAILDEIGRQLGIYRNG
LNDPEYRAVIMILTGNNSKSGTRADIIATLKQLFGEDGVTTYKGYNYRLDINIFNTCMEVTDILPEIIDMLPLVTHLRVV
ENQGY
;
O,P
8 'polypeptide(L)'
;RTVVRTFDFELSGYPDETFRVVLDSVTYELRFMWNERDESWFMSLGDIGAQRPTITSKLTCYSDILAPYRYLDNVPDGNL
YLWPLGDIRTRAGRFNIGPLKGIQMTYSSLIE
;
N,M
9 'polypeptide(L)'
;QFKDLLLDPLTGDLDFGTPGDRGMRLALTNQLSLRQRLYLRFAIWAGDWYFDETFGFPYRTFVGKKTVKAVLDGRIKSEV
RQEPDVLQITDFQSTMDVVSRSYKCFFTVVTAEGEEISLAFVGEDEYQYPTPPESNVQLCGDEGVIINFKNKLYYLINFR
LPK
;
n,m
10 'polypeptide(L)'
;MSSNTDIIALLSSDADKAVDQIIEDSKRLHIVVNGTGTEQAVAEDGSLLPSVRKALIDNLYFKTPPLPWRNGGSVNEFNQ
LYSFTDVSGNTTWWYAPGATVSNPVVMRDSPINDGKFKVFLDKTNIADIYAPLNSPNFVGNPRVPTPAPGDNSQSIPTTG
WVQSEMEGLEDLIISSMRGEFENITVRNDAILQDTYINGEFIVTSDKLAAANTEATFRRIRMVGTGTTGTAATEIAFEQN
TTPPPGVSTKTNIKPFAVSTGILTVDQINGKAAQVGDVAVSTDSLNVDGYMRGDYLHLEGNNRNTAGRPQLIVDGIAEIE
TLRVTGTIEGVKADVDGLDIHPRSVIVDEGLTVAKDTTMTGKLTVGGTTKVGNLEVTGTLSGVAISVDGKDIKPRSVNTG
NLVATGDVQISGTTTATGKITTQDLEVLGTLTANLDLSGSDLSVDNINVAQTATITDLVVTGTTTGVKGDVEGEAIAPAS
VAATGTVSAASMSTTGNMAVGGNLTITGDFRPASVAGQDTPRLVVQGDSDLQGDLNVSGTITGVVDLTAQDINMNSLGLA
QGLTAGGGITSFSTVKGVNGVFGEGSTAPGAIGLQSMTNAKVATDLLVGEDLRVEGDTNLFGNLSVTGTITGNMNFSGKT
IAPATVNATTVTATNLTVTGTIDLTDSPIVAQEITATNVEATGKMVAGKYSTTPKTANATTATFTPDGTTSIYNVNVQAD
TEVQAPAGLLSSGKGESIFIYFEQDTTGHAVTFSSAFVVHNAATVSNAANSITIANLVYRGTGPLIDVFLTGR
;
g,i,h,j,k,l
11 'polypeptide(L)'
;MAKPKDPIYVWAAADVNLPGTGRPNKSKPIDDLLAKGYDKGQKPAAEEFNYILNMSSAWVNWIVNEKFPELEAEIARLLA
ELENRINQQLAVIRQDIAQLRQDVADLRRYVDQKVQELKQEIQGVRNDLNKLRQDFDAAITQVNGRIDDLEPRLVPIGAV
IPWPGATVPDGWLECSGQVFNTGQNPKLYSVLGRNVVPDYRGLFLRGWAHGSDANDPDAGRALGSVQGDAIRNITGYFPA
DIGNSNFIGRYVGGAFRDDGSLTSGDDGTRSNEVRKYSFDASREVPVAAENRPKNIAVMYIIKTDQAQSSGGNSPTAIVV
SPDTITNRIGYAVKATASVLPASISGQYPISWSTQNAAVATVDGSGNISLVGPGETNIIASISTGMNVVIRVTSYSVLTS
ISIADPGQITVTESKMLVVTKSPSSANEPLQFLSNNSGVAAVNDAGYVIGVSAGSATITVRGTLSGVSSTRAVTIIPEQV
EESVQDNRLGAVGSYIPPSPSSNVMSWTFQAPQGCALTGIIVQENESNSGDNIGGVYYKPIQKKVNGVWVTITG
;
c,a,b,f,d,e
12 'polypeptide(L)'
;MAASGNVVVTRTTNRVTFETDKASYARAVKQIRQVGKEWEKASDAISKPKKDPAKAYDKSAQQMRLVNKRLAETRAREEK
RASERSIALARREAKAKEAIARVSAARIKQQVQQMTSPRAGMSEMKKFYQQQEREAKKANRKATIGMNAASRPMNVTRIN
SAPLSPRGGQGTGMVGDPNKVYNPELIAAQNRAMAGRIRSQSQAQDRKAKAEARQRAAAAARAARIDDVMAQQRIRLSSK
YGRSYEGRLGRDGAGQGIQDLNRQFRAGTLSAGQYRQSIQALERQFRSAQANAGGFGAALGDIRSQLLNAGAAYGVFASG
ASVLKQGQFFQGMEATMSMVSDSSEEAGQRIKFVKDQAYRLGLDLKIASQGYTQMAVNSAGILSKAQNDDLFKGFSEFAT
ASQVDPVKFQRGITAIGQMMGKGQVMAEELKGQLAEGIPGSLQVFVKAAQEAFGDTTIDVEKLMDMMQKGELKAAKILPF
VGKYFAEAARKGGALPKALESNRVAMQRLSLTWIDFQNQIFQGGFGEQMTRVFRDLATILDSNGELATNLGAFFGNVIEG
FWDMVTEIHDDFVLLDRIVSYYTEKLGYQGDLLKEVFDWAGYAIGIGIFVGGLNKIFKILTKIAGLRTALVGVRQAMGGA
ITRGGVTNGAGLGGGAGAAGTPGASRTASFLSKWKGLSKISKVGILGTLYSAGSMLNEQFIKRGDDKLADAGLDQETFQK
EYGFMPKPVGLLDVFDKWFNKPRDLDAPTITAPGPGSGMAAQTGIPFPAPQKVEGDITIKIEAGELRNMVRAVVDENNQF
NFNMLIQGGPN
;
W
#
# COMPACT_ATOMS: atom_id res chain seq x y z
N ASN A 4 -20.57 31.45 -2.09
CA ASN A 4 -21.29 31.14 -0.87
C ASN A 4 -20.37 31.16 0.35
N TYR A 5 -19.17 30.60 0.20
CA TYR A 5 -18.24 30.45 1.30
C TYR A 5 -17.15 31.51 1.32
N GLY A 6 -17.02 32.32 0.27
CA GLY A 6 -15.99 33.33 0.24
C GLY A 6 -16.40 34.58 1.00
N LEU A 7 -16.22 35.75 0.38
CA LEU A 7 -16.65 36.99 0.98
C LEU A 7 -18.14 37.20 0.76
N THR A 8 -18.87 37.46 1.84
CA THR A 8 -20.30 37.70 1.75
C THR A 8 -20.65 39.01 2.47
N GLY A 9 -21.94 39.25 2.68
CA GLY A 9 -22.37 40.43 3.39
C GLY A 9 -22.26 40.34 4.90
N SER A 10 -21.82 39.22 5.43
CA SER A 10 -21.72 39.00 6.87
C SER A 10 -20.39 38.38 7.25
N GLY A 11 -19.30 38.89 6.67
CA GLY A 11 -17.97 38.45 7.06
C GLY A 11 -17.38 37.39 6.16
N PHE A 12 -16.46 36.60 6.71
CA PHE A 12 -15.72 35.60 5.96
C PHE A 12 -16.09 34.21 6.47
N ASN A 13 -16.36 33.29 5.55
CA ASN A 13 -16.77 31.94 5.89
C ASN A 13 -15.66 30.96 5.51
N LEU A 14 -15.94 29.67 5.71
CA LEU A 14 -14.98 28.61 5.46
C LEU A 14 -15.67 27.45 4.75
N PRO A 15 -15.12 26.96 3.64
CA PRO A 15 -15.73 25.81 2.98
C PRO A 15 -15.12 24.50 3.47
N PRO A 16 -15.92 23.43 3.57
CA PRO A 16 -15.33 22.12 3.85
C PRO A 16 -14.55 21.58 2.66
N MET A 17 -14.02 20.37 2.78
CA MET A 17 -13.30 19.77 1.66
C MET A 17 -14.25 19.20 0.62
N ASP A 18 -15.34 18.57 1.08
CA ASP A 18 -16.18 17.80 0.16
C ASP A 18 -16.84 18.70 -0.88
N ASP A 19 -17.24 19.91 -0.49
CA ASP A 19 -17.86 20.82 -1.45
C ASP A 19 -16.90 21.15 -2.58
N LEU A 20 -15.64 21.45 -2.24
CA LEU A 20 -14.64 21.72 -3.29
C LEU A 20 -14.43 20.49 -4.16
N VAL A 21 -14.36 19.31 -3.53
CA VAL A 21 -14.17 18.09 -4.29
C VAL A 21 -15.30 17.90 -5.29
N GLN A 22 -16.54 18.05 -4.83
CA GLN A 22 -17.68 17.88 -5.73
C GLN A 22 -17.69 18.91 -6.83
N GLU A 23 -17.37 20.17 -6.51
CA GLU A 23 -17.36 21.20 -7.53
C GLU A 23 -16.34 20.89 -8.61
N THR A 24 -15.12 20.51 -8.22
CA THR A 24 -14.10 20.27 -9.23
C THR A 24 -14.39 19.00 -10.01
N LYS A 25 -14.98 17.99 -9.36
CA LYS A 25 -15.38 16.79 -10.07
C LYS A 25 -16.48 17.08 -11.08
N LYS A 26 -17.42 17.96 -10.73
CA LYS A 26 -18.42 18.39 -11.69
C LYS A 26 -17.77 19.11 -12.87
N THR A 27 -16.78 19.96 -12.59
CA THR A 27 -16.08 20.62 -13.68
C THR A 27 -15.42 19.61 -14.60
N PHE A 28 -14.74 18.61 -14.04
CA PHE A 28 -14.14 17.56 -14.85
C PHE A 28 -15.19 16.81 -15.65
N LYS A 29 -16.32 16.48 -15.01
CA LYS A 29 -17.40 15.81 -15.71
C LYS A 29 -17.83 16.60 -16.93
N SER A 30 -18.03 17.91 -16.75
CA SER A 30 -18.38 18.76 -17.89
C SER A 30 -17.29 18.80 -18.94
N ALA A 31 -16.03 18.69 -18.52
CA ALA A 31 -14.93 18.76 -19.47
C ALA A 31 -14.98 17.62 -20.48
N PHE A 32 -15.26 16.40 -20.01
CA PHE A 32 -15.19 15.21 -20.85
C PHE A 32 -16.50 14.42 -20.87
N GLY A 33 -17.63 15.09 -20.65
CA GLY A 33 -18.91 14.43 -20.71
C GLY A 33 -19.25 13.67 -19.44
N GLU A 34 -20.47 13.14 -19.41
CA GLU A 34 -20.96 12.44 -18.23
C GLU A 34 -20.27 11.10 -18.02
N ASP A 35 -19.54 10.60 -19.02
CA ASP A 35 -18.95 9.27 -18.94
C ASP A 35 -17.62 9.24 -18.20
N PHE A 36 -17.00 10.38 -17.94
CA PHE A 36 -15.70 10.40 -17.28
C PHE A 36 -15.81 9.83 -15.87
N ASN A 37 -14.87 8.96 -15.51
CA ASN A 37 -14.83 8.36 -14.18
C ASN A 37 -13.97 9.22 -13.26
N THR A 38 -14.43 9.41 -12.03
CA THR A 38 -13.74 10.29 -11.08
C THR A 38 -13.72 9.76 -9.65
N GLU A 39 -13.97 8.47 -9.45
CA GLU A 39 -14.09 7.91 -8.11
C GLU A 39 -13.10 6.77 -7.92
N SER A 40 -12.32 6.86 -6.84
CA SER A 40 -11.51 5.75 -6.34
C SER A 40 -10.42 5.33 -7.32
N ASN A 41 -10.81 4.65 -8.41
CA ASN A 41 -9.84 3.97 -9.26
C ASN A 41 -9.27 4.85 -10.36
N SER A 42 -9.78 6.06 -10.53
CA SER A 42 -9.31 6.92 -11.61
C SER A 42 -7.98 7.58 -11.23
N VAL A 43 -7.04 7.57 -12.17
CA VAL A 43 -5.81 8.34 -11.99
C VAL A 43 -6.14 9.82 -11.86
N ALA A 44 -7.07 10.30 -12.68
CA ALA A 44 -7.56 11.65 -12.52
C ALA A 44 -8.11 11.89 -11.12
N ASP A 45 -8.78 10.89 -10.54
CA ASP A 45 -9.27 11.04 -9.18
C ASP A 45 -8.12 11.22 -8.20
N LYS A 46 -7.07 10.40 -8.33
CA LYS A 46 -5.94 10.51 -7.42
C LYS A 46 -5.20 11.83 -7.59
N LEU A 47 -5.17 12.38 -8.80
CA LEU A 47 -4.57 13.70 -9.00
C LEU A 47 -5.43 14.81 -8.43
N ILE A 48 -6.74 14.75 -8.67
CA ILE A 48 -7.62 15.84 -8.29
C ILE A 48 -7.77 15.91 -6.78
N GLN A 49 -7.96 14.76 -6.12
CA GLN A 49 -8.12 14.78 -4.67
C GLN A 49 -6.85 15.27 -3.98
N ILE A 50 -5.69 14.80 -4.43
CA ILE A 50 -4.43 15.27 -3.85
C ILE A 50 -4.27 16.75 -4.08
N PHE A 51 -4.58 17.21 -5.30
CA PHE A 51 -4.49 18.64 -5.60
C PHE A 51 -5.40 19.45 -4.69
N ASN A 52 -6.60 18.93 -4.41
CA ASN A 52 -7.62 19.73 -3.74
C ASN A 52 -7.26 20.05 -2.30
N GLU A 53 -6.70 19.08 -1.57
CA GLU A 53 -6.50 19.31 -0.14
C GLU A 53 -5.63 20.52 0.14
N ARG A 54 -4.71 20.85 -0.78
CA ARG A 54 -3.80 21.97 -0.53
C ARG A 54 -4.56 23.30 -0.50
N GLU A 55 -5.49 23.50 -1.41
CA GLU A 55 -6.22 24.77 -1.43
C GLU A 55 -7.11 24.92 -0.20
N TYR A 56 -7.43 23.81 0.48
CA TYR A 56 -8.07 23.94 1.78
C TYR A 56 -7.19 24.72 2.74
N GLN A 57 -5.89 24.42 2.76
CA GLN A 57 -4.96 25.17 3.59
C GLN A 57 -4.93 26.63 3.18
N LEU A 58 -4.93 26.91 1.87
CA LEU A 58 -4.89 28.28 1.41
C LEU A 58 -6.14 29.04 1.85
N TRP A 59 -7.31 28.42 1.72
CA TRP A 59 -8.55 29.06 2.16
C TRP A 59 -8.51 29.33 3.65
N LEU A 60 -8.05 28.36 4.45
CA LEU A 60 -7.99 28.55 5.89
C LEU A 60 -7.05 29.71 6.24
N LEU A 61 -5.87 29.74 5.62
CA LEU A 61 -4.93 30.82 5.88
C LEU A 61 -5.51 32.17 5.47
N MET A 62 -6.17 32.24 4.32
CA MET A 62 -6.78 33.49 3.88
C MET A 62 -7.83 33.94 4.88
N GLY A 63 -8.67 33.03 5.35
CA GLY A 63 -9.65 33.38 6.37
C GLY A 63 -8.98 33.90 7.63
N SER A 64 -7.87 33.27 8.03
CA SER A 64 -7.14 33.75 9.19
C SER A 64 -6.62 35.17 8.97
N VAL A 65 -6.15 35.48 7.75
CA VAL A 65 -5.60 36.79 7.48
C VAL A 65 -6.66 37.87 7.67
N TYR A 66 -7.88 37.63 7.21
CA TYR A 66 -8.89 38.68 7.20
C TYR A 66 -9.16 39.20 8.60
N TYR A 67 -9.33 38.31 9.57
CA TYR A 67 -9.63 38.73 10.93
C TYR A 67 -8.45 39.39 11.62
N ALA A 68 -7.26 39.35 11.03
CA ALA A 68 -6.09 39.93 11.68
C ALA A 68 -6.23 41.45 11.87
N GLN A 69 -7.16 42.09 11.15
CA GLN A 69 -7.35 43.53 11.21
C GLN A 69 -8.72 43.87 11.79
N THR A 70 -9.13 43.17 12.84
CA THR A 70 -10.44 43.37 13.46
C THR A 70 -10.28 43.36 14.97
N MET A 71 -11.25 43.98 15.66
CA MET A 71 -11.19 44.05 17.11
C MET A 71 -11.03 42.66 17.72
N GLN A 72 -11.61 41.64 17.09
CA GLN A 72 -11.46 40.26 17.53
C GLN A 72 -10.71 39.46 16.47
N GLY A 73 -9.92 38.49 16.93
CA GLY A 73 -9.14 37.64 16.07
C GLY A 73 -7.68 38.02 15.96
N ALA A 74 -7.32 39.25 16.32
CA ALA A 74 -5.93 39.66 16.27
C ALA A 74 -5.11 38.87 17.28
N GLU A 75 -3.89 38.54 16.90
CA GLU A 75 -3.02 37.75 17.77
C GLU A 75 -1.56 38.13 17.50
N GLY A 76 -0.73 37.93 18.53
CA GLY A 76 0.70 38.10 18.37
C GLY A 76 1.06 39.49 17.88
N ILE A 77 1.96 39.55 16.90
CA ILE A 77 2.45 40.83 16.41
C ILE A 77 1.28 41.68 15.89
N TYR A 78 0.34 41.06 15.19
CA TYR A 78 -0.76 41.81 14.61
C TYR A 78 -1.61 42.49 15.68
N LEU A 79 -1.69 41.89 16.87
CA LEU A 79 -2.47 42.50 17.93
C LEU A 79 -1.92 43.86 18.34
N ASP A 80 -0.59 44.01 18.32
CA ASP A 80 0.01 45.28 18.72
C ASP A 80 -0.42 46.40 17.81
N ASP A 81 -0.47 46.15 16.50
CA ASP A 81 -0.86 47.20 15.56
C ASP A 81 -2.27 47.69 15.83
N LEU A 82 -3.20 46.76 16.10
CA LEU A 82 -4.57 47.15 16.36
C LEU A 82 -4.67 48.05 17.58
N LEU A 83 -4.11 47.60 18.71
CA LEU A 83 -4.14 48.40 19.93
C LEU A 83 -3.04 49.47 19.95
N GLY A 84 -2.05 49.36 19.07
CA GLY A 84 -1.08 50.44 18.95
C GLY A 84 -1.68 51.75 18.51
N LYS A 85 -2.77 51.70 17.74
CA LYS A 85 -3.46 52.92 17.34
C LYS A 85 -3.98 53.71 18.53
N ARG A 86 -4.22 53.04 19.67
CA ARG A 86 -4.72 53.68 20.86
C ARG A 86 -3.63 53.93 21.91
N GLY A 87 -2.37 53.81 21.51
CA GLY A 87 -1.26 54.14 22.41
C GLY A 87 -1.13 53.25 23.63
N ILE A 88 -1.21 51.93 23.44
CA ILE A 88 -0.98 50.97 24.51
C ILE A 88 0.00 49.92 23.99
N TYR A 89 1.02 49.62 24.79
CA TYR A 89 2.06 48.68 24.40
C TYR A 89 2.23 47.63 25.48
N ARG A 90 2.65 46.43 25.07
CA ARG A 90 2.84 45.33 25.99
C ARG A 90 3.97 45.65 26.97
N LEU A 91 3.87 45.07 28.16
CA LEU A 91 4.92 45.17 29.16
C LEU A 91 5.88 43.99 29.02
N GLY A 92 7.17 44.30 29.15
CA GLY A 92 8.21 43.29 29.05
C GLY A 92 8.46 42.61 30.38
N LYS A 93 9.66 42.03 30.49
CA LYS A 93 10.04 41.37 31.73
C LYS A 93 10.06 42.38 32.87
N THR A 94 9.63 41.94 34.06
CA THR A 94 9.52 42.79 35.23
C THR A 94 10.22 42.14 36.41
N ARG A 95 10.71 42.96 37.32
CA ARG A 95 11.39 42.50 38.53
C ARG A 95 10.50 42.74 39.74
N SER A 96 10.38 41.73 40.59
CA SER A 96 9.59 41.86 41.81
C SER A 96 10.21 42.87 42.74
N THR A 97 9.35 43.56 43.50
CA THR A 97 9.79 44.58 44.45
C THR A 97 9.06 44.37 45.77
N GLY A 98 9.72 44.72 46.87
CA GLY A 98 9.11 44.55 48.17
C GLY A 98 10.04 45.06 49.26
N THR A 99 9.55 44.96 50.49
CA THR A 99 10.29 45.41 51.66
C THR A 99 10.29 44.31 52.72
N VAL A 100 11.38 44.26 53.50
CA VAL A 100 11.58 43.24 54.51
C VAL A 100 12.08 43.92 55.77
N VAL A 101 11.90 43.23 56.91
CA VAL A 101 12.41 43.70 58.19
C VAL A 101 13.19 42.56 58.84
N MET A 102 14.15 42.93 59.67
CA MET A 102 14.95 41.97 60.41
C MET A 102 15.29 42.53 61.78
N THR A 103 15.26 41.66 62.80
CA THR A 103 15.70 42.05 64.13
C THR A 103 17.20 41.90 64.24
N ILE A 104 17.83 42.78 65.01
CA ILE A 104 19.27 42.80 65.16
C ILE A 104 19.62 42.77 66.64
N ASP A 105 20.79 42.19 66.93
CA ASP A 105 21.23 42.06 68.31
C ASP A 105 21.47 43.44 68.93
N SER A 106 21.38 43.50 70.25
CA SER A 106 21.52 44.75 70.98
C SER A 106 22.87 45.42 70.74
N SER A 107 23.87 44.64 70.34
CA SER A 107 25.25 45.12 70.29
C SER A 107 25.64 45.75 68.96
N VAL A 108 24.82 45.64 67.92
CA VAL A 108 25.21 46.14 66.61
C VAL A 108 25.18 47.67 66.63
N PRO A 109 26.28 48.35 66.28
CA PRO A 109 26.32 49.81 66.42
C PRO A 109 25.40 50.51 65.42
N TYR A 110 24.96 51.71 65.79
CA TYR A 110 24.01 52.45 64.95
C TYR A 110 24.60 52.78 63.59
N ASN A 111 25.85 53.23 63.55
CA ASN A 111 26.44 53.79 62.34
C ASN A 111 26.82 52.72 61.31
N MET A 112 26.78 51.45 61.66
CA MET A 112 27.18 50.41 60.72
C MET A 112 26.23 50.42 59.52
N ILE A 113 26.80 50.22 58.33
CA ILE A 113 26.06 50.31 57.08
C ILE A 113 26.24 48.99 56.32
N TYR A 114 25.14 48.40 55.88
CA TYR A 114 25.20 47.14 55.14
C TYR A 114 25.60 47.41 53.70
N SER A 115 26.55 46.62 53.20
CA SER A 115 26.94 46.72 51.80
C SER A 115 25.86 46.13 50.91
N ALA A 116 25.46 46.90 49.89
CA ALA A 116 24.37 46.46 49.04
C ALA A 116 24.75 45.21 48.24
N ALA A 117 25.99 45.14 47.76
CA ALA A 117 26.41 44.09 46.83
C ALA A 117 27.17 42.96 47.51
N THR A 118 26.82 42.62 48.76
CA THR A 118 27.46 41.50 49.45
C THR A 118 26.45 40.66 50.23
N TYR A 119 25.18 40.70 49.84
CA TYR A 119 24.15 39.93 50.50
C TYR A 119 23.11 39.49 49.47
N THR A 120 22.48 38.35 49.75
CA THR A 120 21.32 37.90 49.01
C THR A 120 20.30 37.35 50.00
N ILE A 121 19.10 37.93 49.98
CA ILE A 121 18.06 37.50 50.90
C ILE A 121 17.83 36.00 50.77
N ASP A 122 17.44 35.56 49.57
CA ASP A 122 17.25 34.15 49.30
C ASP A 122 17.77 33.85 47.90
N THR A 123 17.45 32.69 47.36
CA THR A 123 18.01 32.25 46.08
C THR A 123 17.84 33.27 44.96
N ASP A 124 16.90 34.22 45.08
CA ASP A 124 16.65 35.14 43.97
C ASP A 124 16.34 36.56 44.42
N TYR A 125 16.77 36.98 45.62
CA TYR A 125 16.52 38.32 46.10
C TYR A 125 17.79 38.94 46.68
N GLU A 126 17.95 40.24 46.46
CA GLU A 126 19.11 40.99 46.92
C GLU A 126 18.66 42.37 47.41
N LEU A 127 19.55 43.04 48.12
CA LEU A 127 19.25 44.38 48.62
C LEU A 127 18.97 45.33 47.47
N SER A 128 17.94 46.17 47.63
CA SER A 128 17.64 47.16 46.61
C SER A 128 18.75 48.19 46.50
N SER A 129 19.30 48.63 47.62
CA SER A 129 20.36 49.63 47.63
C SER A 129 21.05 49.58 48.99
N ASP A 130 22.02 50.47 49.19
CA ASP A 130 22.72 50.53 50.46
C ASP A 130 21.75 50.91 51.58
N VAL A 131 21.97 50.33 52.76
CA VAL A 131 21.09 50.53 53.90
C VAL A 131 21.93 50.85 55.13
N GLN A 132 21.51 51.85 55.88
CA GLN A 132 22.14 52.23 57.14
C GLN A 132 21.18 51.95 58.28
N VAL A 133 21.71 51.39 59.37
CA VAL A 133 20.87 51.01 60.50
C VAL A 133 20.15 52.23 61.06
N ALA A 134 20.90 53.30 61.28
CA ALA A 134 20.29 54.52 61.82
C ALA A 134 19.27 55.08 60.84
N GLY A 135 18.18 55.61 61.38
CA GLY A 135 17.15 56.21 60.56
C GLY A 135 16.20 55.24 59.89
N ASN A 136 16.23 53.95 60.26
CA ASN A 136 15.37 52.96 59.65
C ASN A 136 14.78 52.01 60.69
N ILE A 137 14.73 52.44 61.95
CA ILE A 137 14.12 51.62 62.99
C ILE A 137 12.60 51.69 62.85
N VAL A 138 11.96 50.52 62.92
CA VAL A 138 10.52 50.42 62.70
C VAL A 138 9.82 49.91 63.94
N ALA A 139 10.54 49.14 64.76
CA ALA A 139 9.96 48.58 65.97
C ALA A 139 11.08 48.24 66.95
N GLN A 140 10.73 48.21 68.23
CA GLN A 140 11.69 47.97 69.30
C GLN A 140 11.03 47.17 70.40
N LEU A 141 11.84 46.34 71.08
CA LEU A 141 11.39 45.56 72.21
C LEU A 141 12.40 45.68 73.33
N ILE A 142 11.93 46.09 74.52
CA ILE A 142 12.76 46.24 75.70
C ILE A 142 12.13 45.43 76.82
N LYS A 143 12.94 44.63 77.51
CA LYS A 143 12.42 43.70 78.50
C LYS A 143 13.49 43.39 79.53
N GLY A 144 13.08 43.31 80.79
CA GLY A 144 13.91 42.74 81.84
C GLY A 144 15.26 43.40 82.03
N THR A 145 16.31 42.73 81.59
CA THR A 145 17.68 43.15 81.84
C THR A 145 18.01 44.45 81.14
N ASP A 146 18.15 45.54 81.90
CA ASP A 146 18.59 46.82 81.36
C ASP A 146 19.42 47.57 82.41
N VAL A 149 20.88 49.27 86.69
CA VAL A 149 20.74 50.63 87.17
C VAL A 149 21.80 51.52 86.54
N GLY A 150 21.42 52.74 86.20
CA GLY A 150 22.36 53.67 85.61
C GLY A 150 21.65 54.89 85.07
N THR A 151 22.37 55.63 84.25
CA THR A 151 21.88 56.84 83.60
C THR A 151 21.72 56.58 82.11
N TYR A 152 20.60 57.01 81.55
CA TYR A 152 20.25 56.69 80.16
C TYR A 152 19.99 57.98 79.38
N ARG A 153 20.44 57.99 78.13
CA ARG A 153 20.20 59.09 77.21
C ARG A 153 19.28 58.62 76.09
N LEU A 154 18.38 59.51 75.67
CA LEU A 154 17.42 59.20 74.62
C LEU A 154 17.47 60.29 73.56
N GLN A 155 17.44 59.89 72.29
CA GLN A 155 17.50 60.81 71.17
C GLN A 155 16.41 60.47 70.16
N ILE A 156 15.93 61.49 69.47
CA ILE A 156 14.86 61.34 68.49
C ILE A 156 14.90 62.54 67.56
N GLN A 157 14.71 62.29 66.27
CA GLN A 157 14.58 63.38 65.30
C GLN A 157 13.12 63.72 65.11
N ASN A 158 12.77 64.99 65.34
CA ASN A 158 11.39 65.42 65.18
C ASN A 158 10.92 65.17 63.75
N THR A 159 9.71 64.64 63.63
CA THR A 159 9.15 64.28 62.32
C THR A 159 8.58 65.47 61.58
N THR A 160 8.36 66.60 62.25
CA THR A 160 7.91 67.83 61.60
C THR A 160 9.06 68.80 61.38
N ASP A 161 9.78 69.15 62.44
CA ASP A 161 11.00 69.92 62.32
C ASP A 161 12.16 68.96 62.05
N GLN A 162 13.38 69.46 62.15
CA GLN A 162 14.57 68.63 61.97
C GLN A 162 15.53 68.80 63.14
N SER A 163 15.01 69.17 64.30
CA SER A 163 15.82 69.41 65.49
C SER A 163 15.84 68.15 66.35
N VAL A 164 17.04 67.67 66.67
CA VAL A 164 17.18 66.51 67.53
C VAL A 164 16.82 66.89 68.95
N LYS A 165 16.08 66.01 69.63
CA LYS A 165 15.67 66.22 71.00
C LYS A 165 16.32 65.18 71.90
N THR A 166 16.63 65.60 73.13
CA THR A 166 17.30 64.74 74.09
C THR A 166 16.52 64.69 75.39
N LEU A 167 16.63 63.55 76.07
CA LEU A 167 15.99 63.35 77.37
C LEU A 167 16.97 62.64 78.28
N SER A 168 16.90 62.96 79.57
CA SER A 168 17.81 62.41 80.57
C SER A 168 17.00 61.76 81.67
N LEU A 169 17.37 60.54 82.04
CA LEU A 169 16.66 59.78 83.06
C LEU A 169 17.63 58.85 83.77
N ASN A 170 17.25 58.42 84.97
CA ASN A 170 18.03 57.50 85.79
C ASN A 170 17.18 56.29 86.15
N LEU A 171 17.75 55.10 85.95
CA LEU A 171 17.04 53.86 86.27
C LEU A 171 17.48 53.41 87.66
N THR A 172 17.00 54.14 88.67
CA THR A 172 17.38 53.85 90.05
C THR A 172 16.98 52.44 90.48
N ALA A 173 15.93 51.88 89.89
CA ALA A 173 15.47 50.55 90.23
C ALA A 173 15.33 49.73 88.95
N THR A 174 15.49 48.42 89.06
CA THR A 174 15.43 47.51 87.93
C THR A 174 14.07 46.83 87.79
N SER A 175 13.09 47.23 88.58
CA SER A 175 11.76 46.61 88.54
C SER A 175 10.81 47.47 89.35
N GLY A 176 9.51 47.18 89.21
CA GLY A 176 8.50 47.81 90.03
C GLY A 176 8.01 49.14 89.48
N GLN A 177 7.32 49.85 90.38
CA GLN A 177 6.73 51.13 90.01
C GLN A 177 7.74 52.10 89.42
N PRO A 178 8.97 52.21 89.92
CA PRO A 178 9.94 53.08 89.25
C PRO A 178 10.18 52.70 87.80
N LEU A 179 10.28 51.40 87.50
CA LEU A 179 10.45 50.96 86.12
C LEU A 179 9.21 51.32 85.30
N ILE A 180 8.03 51.13 85.88
CA ILE A 180 6.80 51.48 85.17
C ILE A 180 6.78 52.96 84.83
N THR A 181 7.17 53.80 85.80
CA THR A 181 7.20 55.24 85.57
C THR A 181 8.23 55.60 84.50
N PHE A 182 9.39 54.93 84.52
CA PHE A 182 10.40 55.18 83.51
C PHE A 182 9.88 54.84 82.11
N PHE A 183 9.20 53.70 81.98
CA PHE A 183 8.63 53.32 80.70
C PHE A 183 7.56 54.32 80.26
N GLY A 184 6.72 54.77 81.21
CA GLY A 184 5.72 55.76 80.87
C GLY A 184 6.33 57.06 80.41
N GLN A 185 7.44 57.48 81.05
CA GLN A 185 8.13 58.68 80.63
C GLN A 185 8.68 58.52 79.20
N ILE A 186 9.24 57.35 78.90
CA ILE A 186 9.71 57.13 77.53
C ILE A 186 8.55 57.20 76.55
N LYS A 187 7.41 56.60 76.91
CA LYS A 187 6.24 56.65 76.04
C LYS A 187 5.81 58.09 75.80
N ASP A 188 5.74 58.89 76.85
CA ASP A 188 5.37 60.30 76.69
C ASP A 188 6.38 61.03 75.82
N PHE A 189 7.67 60.72 75.97
CA PHE A 189 8.68 61.36 75.15
C PHE A 189 8.47 61.05 73.67
N ILE A 190 8.22 59.78 73.35
CA ILE A 190 8.10 59.41 71.94
C ILE A 190 6.80 59.95 71.35
N VAL A 191 5.68 59.82 72.06
CA VAL A 191 4.40 60.22 71.50
C VAL A 191 4.34 61.70 71.21
N ASN A 192 5.01 62.54 72.00
CA ASN A 192 5.00 63.98 71.74
C ASN A 192 5.54 64.32 70.36
N ASN A 193 6.34 63.44 69.77
CA ASN A 193 6.79 63.58 68.39
C ASN A 193 6.11 62.50 67.54
N THR A 194 6.44 62.48 66.25
CA THR A 194 5.87 61.53 65.30
C THR A 194 4.39 61.82 65.16
N ILE A 195 3.50 60.85 65.34
CA ILE A 195 2.06 61.06 65.15
C ILE A 195 1.33 60.40 66.31
N LEU A 196 0.15 60.91 66.64
CA LEU A 196 -0.63 60.35 67.73
C LEU A 196 -1.05 58.92 67.47
N SER A 197 -1.18 58.50 66.21
CA SER A 197 -1.52 57.12 65.94
C SER A 197 -0.51 56.14 66.49
N ASN A 198 0.74 56.55 66.68
CA ASN A 198 1.76 55.66 67.23
C ASN A 198 1.43 55.23 68.65
N GLN A 199 0.94 56.15 69.49
CA GLN A 199 0.67 55.81 70.87
C GLN A 199 -0.29 54.64 71.01
N ASP A 200 -1.16 54.43 70.02
CA ASP A 200 -2.07 53.29 70.06
C ASP A 200 -1.33 51.96 69.92
N ARG A 201 -0.06 51.99 69.49
CA ARG A 201 0.68 50.78 69.19
C ARG A 201 1.89 50.59 70.09
N ILE A 202 1.93 51.28 71.23
CA ILE A 202 2.96 51.08 72.24
C ILE A 202 2.30 51.07 73.61
N TRP A 203 2.69 50.13 74.45
CA TRP A 203 2.13 49.99 75.79
C TRP A 203 3.12 49.25 76.65
N ILE A 204 2.78 49.08 77.93
CA ILE A 204 3.62 48.43 78.91
C ILE A 204 2.88 47.25 79.49
N ASP A 205 3.54 46.09 79.54
CA ASP A 205 2.98 44.89 80.14
C ASP A 205 3.55 44.78 81.56
N SER A 206 2.88 45.45 82.51
CA SER A 206 3.38 45.49 83.88
C SER A 206 3.57 44.08 84.44
N THR A 207 2.71 43.13 84.05
CA THR A 207 2.85 41.77 84.56
C THR A 207 4.22 41.20 84.25
N GLU A 208 4.84 41.62 83.15
CA GLU A 208 6.17 41.16 82.78
C GLU A 208 7.23 42.24 82.83
N GLY A 209 6.84 43.50 83.02
CA GLY A 209 7.80 44.58 83.09
C GLY A 209 8.59 44.73 81.80
N ALA A 210 7.89 44.71 80.67
CA ALA A 210 8.52 44.87 79.36
C ALA A 210 7.80 45.96 78.58
N LEU A 211 8.55 46.59 77.67
CA LEU A 211 8.03 47.65 76.82
C LEU A 211 8.00 47.17 75.38
N TYR A 212 6.87 47.36 74.71
CA TYR A 212 6.68 46.94 73.33
C TYR A 212 6.49 48.17 72.46
N ILE A 213 7.25 48.25 71.38
CA ILE A 213 7.16 49.34 70.41
C ILE A 213 6.82 48.72 69.06
N GLY A 214 5.75 49.18 68.45
CA GLY A 214 5.34 48.67 67.16
C GLY A 214 4.82 47.25 67.19
N TYR A 215 4.05 46.89 68.22
CA TYR A 215 3.42 45.58 68.31
C TYR A 215 1.93 45.77 68.55
N ASP A 216 1.21 44.65 68.56
CA ASP A 216 -0.21 44.63 68.89
C ASP A 216 -0.42 43.91 70.22
N THR A 217 -1.67 43.92 70.69
CA THR A 217 -1.97 43.34 71.99
C THR A 217 -1.61 41.86 72.05
N ASN A 218 -1.48 41.18 70.91
CA ASN A 218 -1.11 39.78 70.86
C ASN A 218 0.39 39.57 70.69
N LYS A 219 1.19 40.63 70.82
CA LYS A 219 2.63 40.54 70.71
C LYS A 219 3.06 40.10 69.31
N ILE A 220 2.56 40.82 68.31
CA ILE A 220 2.96 40.63 66.92
C ILE A 220 3.53 41.94 66.42
N MET A 221 4.74 41.90 65.86
CA MET A 221 5.38 43.12 65.40
C MET A 221 4.61 43.61 64.18
N ILE A 222 3.90 44.73 64.35
CA ILE A 222 3.19 45.36 63.24
C ILE A 222 3.87 46.61 62.75
N GLY A 223 4.85 47.12 63.49
CA GLY A 223 5.61 48.27 63.07
C GLY A 223 4.94 49.58 63.45
N LEU A 224 5.75 50.63 63.51
CA LEU A 224 5.26 51.97 63.80
C LEU A 224 4.63 52.55 62.54
N SER A 225 4.25 53.83 62.59
CA SER A 225 3.62 54.48 61.45
C SER A 225 4.60 54.80 60.33
N SER A 226 5.89 54.83 60.61
CA SER A 226 6.88 55.14 59.59
C SER A 226 8.27 54.92 60.17
N ARG A 227 9.25 54.77 59.28
CA ARG A 227 10.63 54.65 59.71
C ARG A 227 11.06 55.93 60.43
N VAL A 228 11.86 55.77 61.47
CA VAL A 228 12.32 56.87 62.30
C VAL A 228 13.74 56.59 62.77
N ASP A 229 14.33 57.55 63.47
CA ASP A 229 15.61 57.37 64.14
C ASP A 229 15.40 57.54 65.64
N PHE A 230 16.02 56.66 66.42
CA PHE A 230 15.89 56.70 67.87
C PHE A 230 17.02 55.89 68.48
N ARG A 231 17.58 56.39 69.57
CA ARG A 231 18.79 55.79 70.13
C ARG A 231 18.75 55.87 71.65
N THR A 232 19.46 54.95 72.28
CA THR A 232 19.71 54.96 73.71
C THR A 232 21.19 54.69 73.95
N ASN A 233 21.83 55.55 74.74
CA ASN A 233 23.27 55.48 74.92
C ASN A 233 23.62 54.09 75.46
N PRO A 234 22.94 53.60 76.52
CA PRO A 234 22.99 52.16 76.78
C PRO A 234 22.08 51.42 75.82
N MET A 235 22.67 50.73 74.85
CA MET A 235 21.90 50.10 73.77
C MET A 235 21.20 48.86 74.33
N ALA A 236 19.95 49.02 74.75
CA ALA A 236 19.20 47.96 75.39
C ALA A 236 18.16 47.38 74.44
N GLY A 237 17.63 46.22 74.81
CA GLY A 237 16.59 45.56 74.05
C GLY A 237 17.09 45.08 72.70
N THR A 238 16.14 44.81 71.81
CA THR A 238 16.42 44.36 70.44
C THR A 238 15.76 45.33 69.47
N ARG A 239 16.49 45.72 68.45
CA ARG A 239 16.00 46.67 67.45
C ARG A 239 15.59 45.95 66.16
N SER A 240 14.67 46.58 65.43
CA SER A 240 14.21 46.08 64.16
C SER A 240 14.30 47.19 63.12
N ILE A 241 14.64 46.82 61.90
CA ILE A 241 14.85 47.75 60.81
C ILE A 241 14.10 47.26 59.58
N SER A 242 13.90 48.17 58.62
CA SER A 242 13.18 47.89 57.39
C SER A 242 14.13 48.05 56.21
N MET A 243 14.16 47.05 55.34
CA MET A 243 14.99 47.07 54.14
C MET A 243 14.12 46.98 52.89
N ASP A 244 14.67 47.44 51.78
CA ASP A 244 14.03 47.36 50.48
C ASP A 244 14.74 46.31 49.64
N VAL A 245 13.95 45.44 49.01
CA VAL A 245 14.48 44.26 48.34
C VAL A 245 13.90 44.17 46.94
N ARG A 246 14.71 43.74 45.98
CA ARG A 246 14.27 43.46 44.63
C ARG A 246 14.89 42.16 44.16
N SER A 247 14.29 41.57 43.14
CA SER A 247 14.75 40.29 42.61
C SER A 247 16.01 40.49 41.77
N ILE A 248 16.76 39.39 41.61
CA ILE A 248 18.01 39.45 40.86
C ILE A 248 17.73 39.64 39.37
N GLU A 249 17.07 38.67 38.75
CA GLU A 249 16.81 38.73 37.33
C GLU A 249 15.31 38.89 37.08
N PRO A 250 14.93 39.60 36.01
CA PRO A 250 13.50 39.79 35.74
C PRO A 250 12.84 38.49 35.36
N GLY A 251 11.55 38.41 35.67
CA GLY A 251 10.79 37.20 35.40
C GLY A 251 9.55 37.14 36.27
N TYR A 252 9.09 35.92 36.50
CA TYR A 252 7.93 35.67 37.36
C TYR A 252 8.40 35.10 38.69
N ILE A 253 7.94 35.71 39.78
CA ILE A 253 8.23 35.23 41.12
C ILE A 253 7.30 35.94 42.08
N SER A 254 6.83 35.22 43.10
CA SER A 254 5.90 35.77 44.06
C SER A 254 6.25 35.26 45.45
N ARG A 255 5.98 36.10 46.46
CA ARG A 255 6.22 35.74 47.85
C ARG A 255 5.04 36.23 48.69
N ASP A 256 4.74 35.49 49.75
CA ASP A 256 3.56 35.74 50.56
C ASP A 256 3.89 36.72 51.69
N VAL A 257 2.94 36.88 52.61
CA VAL A 257 3.02 37.89 53.67
C VAL A 257 4.03 37.48 54.73
N HIS A 258 4.32 36.19 54.84
CA HIS A 258 5.24 35.68 55.85
C HIS A 258 6.13 34.60 55.26
N SER A 259 6.69 34.85 54.09
CA SER A 259 7.46 33.83 53.37
C SER A 259 8.95 33.94 53.61
N VAL A 260 9.54 35.11 53.36
CA VAL A 260 11.00 35.24 53.43
C VAL A 260 11.48 34.78 54.80
N ARG A 261 12.52 33.95 54.82
CA ARG A 261 12.93 33.30 56.06
C ARG A 261 14.44 33.17 56.23
N SER A 262 15.27 33.70 55.33
CA SER A 262 16.69 33.42 55.40
C SER A 262 17.50 34.53 54.76
N ILE A 263 18.79 34.53 55.10
CA ILE A 263 19.81 35.32 54.40
C ILE A 263 21.04 34.43 54.28
N ASN A 264 21.61 34.35 53.08
CA ASN A 264 22.70 33.39 52.85
C ASN A 264 23.93 33.79 53.66
N PRO A 265 24.55 34.95 53.39
CA PRO A 265 25.64 35.39 54.28
C PRO A 265 25.09 36.02 55.54
N THR A 266 25.17 35.29 56.65
CA THR A 266 24.55 35.76 57.88
C THR A 266 25.40 36.87 58.50
N PRO A 267 24.85 38.08 58.69
CA PRO A 267 25.62 39.14 59.34
C PRO A 267 25.66 38.94 60.85
N GLY A 268 26.78 39.34 61.46
CA GLY A 268 26.88 39.22 62.91
C GLY A 268 25.78 39.97 63.61
N GLY A 269 25.25 39.38 64.68
CA GLY A 269 24.16 39.96 65.42
C GLY A 269 22.79 39.72 64.84
N PHE A 270 22.69 39.02 63.72
CA PHE A 270 21.40 38.75 63.10
C PHE A 270 20.54 37.90 64.03
N VAL A 271 19.24 38.15 64.00
CA VAL A 271 18.30 37.44 64.86
C VAL A 271 17.27 36.70 64.00
N ASP A 272 16.51 37.44 63.21
CA ASP A 272 15.46 36.83 62.38
C ASP A 272 15.11 37.80 61.26
N ILE A 273 14.28 37.32 60.34
CA ILE A 273 13.86 38.10 59.19
C ILE A 273 12.52 37.54 58.71
N ASP A 274 11.65 38.44 58.22
CA ASP A 274 10.33 38.03 57.80
C ASP A 274 9.69 39.16 57.00
N ASN A 275 8.55 38.84 56.38
CA ASN A 275 7.82 39.77 55.55
C ASN A 275 6.77 40.53 56.36
N LEU A 276 6.27 41.61 55.78
CA LEU A 276 5.16 42.36 56.36
C LEU A 276 3.93 42.38 55.46
N SER A 277 4.12 42.33 54.14
CA SER A 277 3.00 42.31 53.22
C SER A 277 3.46 41.64 51.93
N ALA A 278 2.49 41.22 51.13
CA ALA A 278 2.80 40.53 49.89
C ALA A 278 3.63 41.41 48.97
N PHE A 279 4.62 40.81 48.31
CA PHE A 279 5.42 41.52 47.34
C PHE A 279 4.61 41.82 46.08
N ILE A 280 5.04 42.85 45.36
CA ILE A 280 4.52 43.12 44.02
C ILE A 280 5.21 42.13 43.08
N ASP A 281 4.54 41.02 42.80
CA ASP A 281 5.18 39.93 42.09
C ASP A 281 5.64 40.37 40.70
N GLY A 282 6.79 39.82 40.28
CA GLY A 282 7.27 40.03 38.95
C GLY A 282 6.50 39.20 37.94
N SER A 283 6.63 39.57 36.67
CA SER A 283 5.87 38.94 35.60
C SER A 283 6.77 38.62 34.43
N ASP A 284 6.38 37.60 33.68
CA ASP A 284 7.05 37.24 32.44
C ASP A 284 6.56 38.16 31.32
N VAL A 285 6.87 37.82 30.08
CA VAL A 285 6.39 38.62 28.96
C VAL A 285 4.88 38.71 29.02
N GLU A 286 4.36 39.91 28.78
CA GLU A 286 2.92 40.15 28.88
C GLU A 286 2.18 39.32 27.85
N SER A 287 1.07 38.70 28.25
CA SER A 287 0.28 37.88 27.36
C SER A 287 -0.88 38.69 26.77
N ASP A 288 -1.55 38.10 25.78
CA ASP A 288 -2.63 38.79 25.09
C ASP A 288 -3.82 39.07 25.99
N ASN A 289 -4.21 38.13 26.85
CA ASN A 289 -5.43 38.29 27.63
C ASN A 289 -5.33 39.49 28.56
N GLU A 290 -4.27 39.55 29.36
CA GLU A 290 -4.10 40.69 30.26
C GLU A 290 -3.82 41.97 29.47
N TYR A 291 -3.26 41.86 28.27
CA TYR A 291 -3.09 43.04 27.43
C TYR A 291 -4.45 43.63 27.08
N ARG A 292 -5.39 42.80 26.63
CA ARG A 292 -6.74 43.29 26.36
C ARG A 292 -7.40 43.82 27.63
N ILE A 293 -7.20 43.13 28.75
CA ILE A 293 -7.81 43.58 30.01
C ILE A 293 -7.31 44.97 30.38
N ARG A 294 -5.99 45.18 30.29
CA ARG A 294 -5.45 46.50 30.57
C ARG A 294 -5.98 47.53 29.60
N ALA A 295 -6.07 47.19 28.31
CA ALA A 295 -6.66 48.11 27.34
C ALA A 295 -8.09 48.48 27.71
N ALA A 296 -8.83 47.58 28.32
CA ALA A 296 -10.23 47.82 28.67
C ALA A 296 -10.38 48.73 29.88
N THR A 297 -9.48 48.63 30.86
CA THR A 297 -9.63 49.34 32.12
C THR A 297 -8.83 50.65 32.17
N SER A 298 -8.42 51.18 31.03
CA SER A 298 -7.62 52.40 31.00
C SER A 298 -8.43 53.64 31.37
N ILE A 299 -9.75 53.53 31.50
CA ILE A 299 -10.56 54.73 31.76
C ILE A 299 -10.19 55.37 33.08
N SER A 300 -10.03 54.55 34.13
CA SER A 300 -9.74 55.09 35.46
C SER A 300 -8.33 55.63 35.58
N GLU A 301 -7.47 55.39 34.59
CA GLU A 301 -6.07 55.83 34.64
C GLU A 301 -6.00 57.33 34.41
N GLY A 302 -6.15 58.09 35.50
CA GLY A 302 -6.06 59.54 35.46
C GLY A 302 -4.80 60.01 36.14
N LYS A 303 -4.21 61.08 35.60
CA LYS A 303 -2.97 61.62 36.13
C LYS A 303 -2.86 63.08 35.76
N ALA A 304 -1.97 63.78 36.46
CA ALA A 304 -1.58 65.14 36.12
C ALA A 304 -2.77 66.10 36.17
N THR A 305 -3.66 65.89 37.15
CA THR A 305 -4.77 66.79 37.38
C THR A 305 -5.03 66.87 38.88
N ARG A 306 -5.61 67.98 39.31
CA ARG A 306 -5.81 68.18 40.75
C ARG A 306 -6.64 67.06 41.37
N PRO A 307 -7.80 66.68 40.82
CA PRO A 307 -8.49 65.50 41.35
C PRO A 307 -7.65 64.24 41.27
N ALA A 308 -6.91 64.06 40.19
CA ALA A 308 -6.09 62.86 40.04
C ALA A 308 -4.99 62.81 41.09
N ILE A 309 -4.29 63.92 41.31
CA ILE A 309 -3.24 63.93 42.31
C ILE A 309 -3.82 63.75 43.70
N LEU A 310 -4.99 64.35 43.96
CA LEU A 310 -5.64 64.15 45.26
C LEU A 310 -5.95 62.68 45.49
N ALA A 311 -6.53 62.02 44.48
CA ALA A 311 -6.89 60.61 44.64
C ALA A 311 -5.66 59.74 44.78
N ALA A 312 -4.61 60.01 44.00
CA ALA A 312 -3.45 59.13 43.98
C ALA A 312 -2.78 59.07 45.34
N LEU A 313 -2.60 60.22 46.00
CA LEU A 313 -1.92 60.23 47.28
C LEU A 313 -2.66 59.39 48.32
N LEU A 314 -3.99 59.49 48.35
CA LEU A 314 -4.76 58.79 49.37
C LEU A 314 -4.74 57.27 49.17
N ASN A 315 -4.30 56.79 48.01
CA ASN A 315 -4.35 55.36 47.70
C ASN A 315 -2.97 54.79 47.38
N LYS A 316 -1.91 55.49 47.75
CA LYS A 316 -0.56 55.02 47.44
C LYS A 316 0.42 55.22 48.60
N VAL A 317 -0.07 55.47 49.81
CA VAL A 317 0.79 55.73 50.96
C VAL A 317 0.26 54.96 52.15
N GLU A 318 1.16 54.39 52.94
CA GLU A 318 0.79 53.71 54.17
C GLU A 318 0.50 54.74 55.25
N GLY A 319 -0.52 55.56 55.03
CA GLY A 319 -0.83 56.66 55.92
C GLY A 319 -1.51 57.79 55.16
N ILE A 320 -0.97 59.00 55.27
CA ILE A 320 -1.51 60.13 54.55
C ILE A 320 -2.98 60.31 54.95
N GLU A 321 -3.21 60.59 56.23
CA GLU A 321 -4.57 60.70 56.73
C GLU A 321 -5.30 61.88 56.10
N LYS A 322 -4.60 62.99 55.88
CA LYS A 322 -5.19 64.18 55.30
C LYS A 322 -4.23 64.78 54.28
N VAL A 323 -4.80 65.54 53.34
CA VAL A 323 -4.00 66.19 52.31
C VAL A 323 -4.79 67.38 51.80
N ARG A 324 -4.07 68.44 51.44
CA ARG A 324 -4.68 69.63 50.86
C ARG A 324 -3.63 70.35 50.02
N ILE A 325 -4.08 71.12 49.04
CA ILE A 325 -3.21 71.77 48.07
C ILE A 325 -3.60 73.23 47.97
N PHE A 326 -2.63 74.08 47.63
CA PHE A 326 -2.85 75.51 47.44
C PHE A 326 -2.11 75.98 46.19
N ASN A 327 -2.62 77.05 45.59
CA ASN A 327 -2.13 77.53 44.31
C ASN A 327 -1.78 79.00 44.39
N ASN A 328 -0.67 79.36 43.75
CA ASN A 328 -0.25 80.76 43.59
C ASN A 328 0.47 80.86 42.26
N ASN A 329 -0.13 81.57 41.30
CA ASN A 329 0.39 81.56 39.94
C ASN A 329 0.30 82.94 39.29
N THR A 330 0.38 84.02 40.07
CA THR A 330 0.27 85.37 39.52
C THR A 330 1.42 86.24 40.03
N ASP A 331 2.58 86.08 39.40
CA ASP A 331 3.59 87.14 39.36
C ASP A 331 4.08 87.60 40.72
N LYS A 332 3.59 87.00 41.80
CA LYS A 332 3.85 87.53 43.13
C LYS A 332 3.74 86.41 44.16
N THR A 333 4.22 86.69 45.36
CA THR A 333 4.23 85.70 46.43
C THR A 333 2.89 85.60 47.14
N ASN A 334 1.98 86.53 46.90
CA ASN A 334 0.66 86.47 47.53
C ASN A 334 0.76 86.58 49.04
N SER A 335 -0.38 86.63 49.73
CA SER A 335 -0.37 86.71 51.19
C SER A 335 0.41 85.54 51.78
N LEU A 336 -0.06 84.32 51.55
CA LEU A 336 0.66 83.15 52.02
C LEU A 336 2.05 83.12 51.39
N GLY A 337 3.06 82.90 52.21
CA GLY A 337 4.42 82.88 51.70
C GLY A 337 4.61 81.76 50.70
N ILE A 338 4.68 82.11 49.42
CA ILE A 338 4.80 81.14 48.34
C ILE A 338 5.56 81.82 47.20
N PRO A 339 6.49 81.15 46.52
CA PRO A 339 7.11 81.76 45.34
C PRO A 339 6.10 81.96 44.23
N PRO A 340 6.42 82.78 43.23
CA PRO A 340 5.37 83.22 42.28
C PRO A 340 4.64 82.10 41.58
N TYR A 341 5.32 81.03 41.18
CA TYR A 341 4.74 80.02 40.31
C TYR A 341 5.04 78.62 40.84
N ARG A 342 4.77 78.40 42.12
CA ARG A 342 5.02 77.11 42.75
C ARG A 342 3.79 76.69 43.55
N PHE A 343 3.43 75.41 43.42
CA PHE A 343 2.31 74.83 44.13
C PHE A 343 2.66 74.63 45.60
N MET A 344 1.68 74.19 46.38
CA MET A 344 1.89 73.90 47.79
C MET A 344 1.07 72.66 48.14
N VAL A 345 1.72 71.66 48.74
CA VAL A 345 1.08 70.42 49.13
C VAL A 345 1.31 70.22 50.62
N VAL A 346 0.23 69.93 51.35
CA VAL A 346 0.28 69.68 52.78
C VAL A 346 -0.29 68.30 53.04
N CYS A 347 0.43 67.50 53.82
CA CYS A 347 0.03 66.13 54.11
C CYS A 347 0.11 65.87 55.61
N TYR A 348 -0.29 64.67 56.00
CA TYR A 348 -0.28 64.24 57.41
C TYR A 348 0.03 62.75 57.47
N GLY A 349 1.16 62.42 58.08
CA GLY A 349 1.51 61.03 58.30
C GLY A 349 1.75 60.22 57.04
N GLY A 350 2.50 60.77 56.09
CA GLY A 350 2.83 60.08 54.85
C GLY A 350 4.30 59.78 54.65
N GLY A 351 5.15 60.08 55.63
CA GLY A 351 6.58 59.86 55.44
C GLY A 351 7.16 60.88 54.47
N THR A 352 8.41 60.66 54.10
CA THR A 352 9.10 61.58 53.20
C THR A 352 9.44 60.92 51.86
N ALA A 353 10.18 59.81 51.91
CA ALA A 353 10.62 59.17 50.68
C ALA A 353 9.46 58.51 49.93
N GLU A 354 8.63 57.74 50.63
CA GLU A 354 7.54 57.02 49.97
C GLU A 354 6.55 57.98 49.34
N ILE A 355 6.20 59.06 50.03
CA ILE A 355 5.28 60.04 49.45
C ILE A 355 5.93 60.77 48.30
N SER A 356 7.23 61.08 48.43
CA SER A 356 7.91 61.81 47.37
C SER A 356 7.80 61.08 46.03
N GLN A 357 7.97 59.77 46.04
CA GLN A 357 7.85 59.00 44.81
C GLN A 357 6.48 59.15 44.18
N VAL A 358 5.43 59.27 45.00
CA VAL A 358 4.09 59.41 44.47
C VAL A 358 3.95 60.71 43.66
N LEU A 359 4.66 61.76 44.08
CA LEU A 359 4.55 63.06 43.41
C LEU A 359 5.03 63.04 41.96
N TYR A 360 5.49 61.92 41.40
CA TYR A 360 5.85 61.90 39.99
C TYR A 360 4.64 61.84 39.07
N ASP A 361 3.43 61.97 39.61
CA ASP A 361 2.23 62.14 38.80
C ASP A 361 1.96 63.61 38.47
N THR A 362 2.77 64.52 38.98
CA THR A 362 2.57 65.94 38.71
C THR A 362 2.77 66.25 37.24
N ILE A 363 2.01 67.23 36.76
CA ILE A 363 2.16 67.66 35.37
C ILE A 363 3.60 68.04 35.09
N ALA A 364 4.13 67.54 33.98
CA ALA A 364 5.46 67.95 33.56
C ALA A 364 5.50 69.46 33.35
N THR A 365 6.61 70.07 33.78
CA THR A 365 6.85 71.51 33.72
C THR A 365 6.11 72.28 34.81
N SER A 366 5.26 71.63 35.61
CA SER A 366 4.67 72.27 36.77
C SER A 366 5.70 72.26 37.89
N ASN A 367 6.23 73.43 38.21
CA ASN A 367 7.37 73.51 39.12
C ASN A 367 7.02 72.88 40.47
N ASN A 368 5.86 73.22 41.02
CA ASN A 368 5.51 72.76 42.35
C ASN A 368 6.68 73.03 43.30
N THR A 369 7.20 72.00 43.94
CA THR A 369 8.45 72.08 44.69
C THR A 369 8.47 73.31 45.61
N TYR A 370 7.57 73.30 46.59
CA TYR A 370 7.66 74.23 47.71
C TYR A 370 7.24 73.52 48.98
N GLY A 371 7.81 73.97 50.10
CA GLY A 371 7.56 73.36 51.38
C GLY A 371 8.75 73.51 52.32
N ASP A 372 8.74 72.77 53.43
CA ASP A 372 9.82 72.85 54.39
C ASP A 372 10.75 71.65 54.34
N THR A 373 10.31 70.54 53.74
CA THR A 373 11.11 69.33 53.64
C THR A 373 11.24 68.94 52.17
N PHE A 374 12.40 68.40 51.81
CA PHE A 374 12.70 68.02 50.44
C PHE A 374 13.22 66.59 50.39
N TYR A 375 13.35 66.09 49.16
CA TYR A 375 13.93 64.78 48.92
C TYR A 375 14.35 64.72 47.45
N ASP A 376 15.30 63.85 47.15
CA ASP A 376 15.85 63.70 45.81
C ASP A 376 15.48 62.34 45.26
N ILE A 377 15.02 62.31 44.01
CA ILE A 377 14.59 61.09 43.35
C ILE A 377 15.31 61.00 42.01
N THR A 378 15.79 59.81 41.68
CA THR A 378 16.46 59.56 40.42
C THR A 378 15.43 59.24 39.34
N THR A 379 15.60 59.83 38.17
CA THR A 379 14.69 59.61 37.05
C THR A 379 15.10 58.41 36.22
N ASP A 382 20.21 58.04 35.28
CA ASP A 382 19.54 59.18 34.69
C ASP A 382 19.66 60.40 35.59
N GLN A 383 18.97 61.47 35.25
CA GLN A 383 19.04 62.70 36.04
C GLN A 383 18.31 62.53 37.36
N VAL A 384 18.70 63.36 38.33
CA VAL A 384 18.11 63.35 39.66
C VAL A 384 17.55 64.73 39.93
N GLU A 385 16.35 64.78 40.52
CA GLU A 385 15.64 66.02 40.75
C GLU A 385 15.10 66.04 42.18
N ARG A 386 14.89 67.25 42.70
CA ARG A 386 14.46 67.46 44.07
C ARG A 386 13.02 67.97 44.08
N ILE A 387 12.25 67.49 45.06
CA ILE A 387 10.87 67.93 45.24
C ILE A 387 10.70 68.39 46.69
N TRP A 388 9.66 69.18 46.94
CA TRP A 388 9.45 69.83 48.22
C TRP A 388 8.02 69.60 48.69
N HIS A 389 7.82 69.66 50.00
CA HIS A 389 6.50 69.60 50.60
C HIS A 389 6.63 69.93 52.08
N THR A 390 5.52 69.85 52.80
CA THR A 390 5.49 70.18 54.22
C THR A 390 4.54 69.25 54.96
N LYS A 391 4.74 69.17 56.27
CA LYS A 391 3.89 68.39 57.15
C LYS A 391 3.22 69.32 58.15
N ALA A 392 1.91 69.18 58.30
CA ALA A 392 1.17 70.07 59.19
C ALA A 392 1.61 69.85 60.63
N ALA A 393 1.62 70.95 61.39
CA ALA A 393 1.98 70.90 62.81
C ALA A 393 0.71 70.80 63.64
N ALA A 394 0.53 69.65 64.29
CA ALA A 394 -0.68 69.43 65.06
C ALA A 394 -0.75 70.36 66.26
N ARG A 395 -1.97 70.77 66.61
CA ARG A 395 -2.23 71.61 67.78
C ARG A 395 -3.31 70.94 68.61
N GLN A 396 -2.98 70.59 69.85
CA GLN A 396 -3.90 69.89 70.73
C GLN A 396 -4.81 70.88 71.44
N LEU A 397 -6.05 70.47 71.64
CA LEU A 397 -7.04 71.27 72.35
C LEU A 397 -7.38 70.64 73.69
N ALA A 398 -7.88 71.48 74.59
CA ALA A 398 -8.39 71.05 75.89
C ALA A 398 -9.88 71.40 75.95
N ILE A 399 -10.70 70.41 76.27
CA ILE A 399 -12.15 70.54 76.21
C ILE A 399 -12.73 70.24 77.58
N ARG A 400 -13.64 71.10 78.03
CA ARG A 400 -14.35 70.93 79.29
C ARG A 400 -15.83 70.87 79.01
N VAL A 401 -16.52 69.92 79.65
CA VAL A 401 -17.95 69.70 79.45
C VAL A 401 -18.66 69.93 80.77
N ARG A 402 -19.72 70.74 80.75
CA ARG A 402 -20.55 70.99 81.91
C ARG A 402 -22.01 70.78 81.52
N TYR A 403 -22.80 70.29 82.46
CA TYR A 403 -24.16 69.87 82.17
C TYR A 403 -24.97 69.86 83.47
N ARG A 404 -26.28 69.71 83.30
CA ARG A 404 -27.20 69.56 84.42
C ARG A 404 -28.01 68.29 84.22
N GLY A 405 -27.98 67.40 85.20
CA GLY A 405 -28.67 66.13 85.11
C GLY A 405 -28.11 65.15 86.10
N ARG A 406 -28.44 63.88 85.89
CA ARG A 406 -27.95 62.84 86.77
C ARG A 406 -26.43 62.69 86.62
N PRO A 407 -25.70 62.40 87.70
CA PRO A 407 -24.24 62.27 87.59
C PRO A 407 -23.87 61.10 86.70
N LEU A 408 -22.94 61.33 85.78
CA LEU A 408 -22.47 60.26 84.91
C LEU A 408 -21.51 59.35 85.68
N SER A 409 -21.64 58.05 85.46
CA SER A 409 -20.82 57.07 86.18
C SER A 409 -19.53 56.78 85.41
N LEU A 410 -18.53 56.30 86.14
CA LEU A 410 -17.27 55.94 85.52
C LEU A 410 -17.49 54.84 84.49
N THR A 411 -16.69 54.89 83.42
CA THR A 411 -16.79 54.01 82.26
C THR A 411 -17.99 54.33 81.39
N GLU A 412 -18.88 55.23 81.82
CA GLU A 412 -19.92 55.76 80.94
C GLU A 412 -19.44 56.98 80.18
N GLU A 413 -18.39 57.65 80.65
CA GLU A 413 -17.83 58.78 79.94
C GLU A 413 -16.98 58.35 78.76
N THR A 414 -16.67 57.05 78.64
CA THR A 414 -15.87 56.58 77.53
C THR A 414 -16.55 56.86 76.19
N ALA A 415 -17.86 56.63 76.12
CA ALA A 415 -18.58 56.90 74.87
C ALA A 415 -18.48 58.37 74.48
N ILE A 416 -18.67 59.26 75.46
CA ILE A 416 -18.57 60.69 75.16
C ILE A 416 -17.15 61.04 74.71
N ALA A 417 -16.14 60.55 75.44
CA ALA A 417 -14.77 60.88 75.09
C ALA A 417 -14.44 60.43 73.68
N ASN A 418 -14.69 59.16 73.37
CA ASN A 418 -14.48 58.67 72.01
C ASN A 418 -15.41 59.35 71.01
N GLY A 419 -16.59 59.79 71.45
CA GLY A 419 -17.48 60.51 70.56
C GLY A 419 -16.86 61.77 70.02
N LEU A 420 -16.08 62.47 70.82
CA LEU A 420 -15.37 63.67 70.37
C LEU A 420 -14.21 63.36 69.45
N ALA A 421 -14.05 62.10 69.03
CA ALA A 421 -13.05 61.78 68.02
C ALA A 421 -13.29 62.53 66.71
N THR A 422 -14.52 62.99 66.47
CA THR A 422 -14.79 63.81 65.30
C THR A 422 -13.93 65.06 65.26
N ALA A 423 -13.53 65.58 66.43
CA ALA A 423 -12.65 66.73 66.46
C ALA A 423 -11.33 66.48 65.76
N VAL A 424 -10.93 65.22 65.60
CA VAL A 424 -9.70 64.89 64.89
C VAL A 424 -9.90 64.80 63.39
N ASN A 425 -11.10 65.06 62.89
CA ASN A 425 -11.41 64.96 61.47
C ASN A 425 -11.44 66.32 60.77
N GLY A 426 -11.03 67.38 61.45
CA GLY A 426 -10.98 68.67 60.80
C GLY A 426 -9.92 68.69 59.71
N THR A 427 -10.17 69.49 58.68
CA THR A 427 -9.27 69.61 57.56
C THR A 427 -8.28 70.76 57.78
N MET A 428 -7.16 70.68 57.08
CA MET A 428 -6.12 71.69 57.22
C MET A 428 -6.68 73.07 56.91
N ILE A 429 -6.27 74.06 57.71
CA ILE A 429 -6.72 75.44 57.54
C ILE A 429 -8.24 75.50 57.69
N ALA A 430 -8.95 74.92 56.73
CA ALA A 430 -10.41 74.98 56.71
C ALA A 430 -10.99 73.98 57.70
N GLY A 431 -10.63 74.18 58.97
CA GLY A 431 -11.18 73.39 60.05
C GLY A 431 -11.84 74.28 61.08
N THR A 432 -13.17 74.17 61.20
CA THR A 432 -13.93 74.96 62.14
C THR A 432 -14.76 74.01 63.00
N LEU A 433 -14.64 74.15 64.32
CA LEU A 433 -15.24 73.18 65.22
C LEU A 433 -16.76 73.16 65.08
N TYR A 434 -17.39 74.34 64.98
CA TYR A 434 -18.84 74.44 64.99
C TYR A 434 -19.41 73.76 66.24
N ASN A 435 -19.07 74.37 67.38
CA ASN A 435 -19.40 73.79 68.68
C ASN A 435 -20.81 73.21 68.73
N VAL A 436 -21.73 73.74 67.92
CA VAL A 436 -23.05 73.14 67.84
C VAL A 436 -22.94 71.68 67.43
N ARG A 437 -22.03 71.39 66.51
CA ARG A 437 -21.79 69.99 66.12
C ARG A 437 -21.31 69.17 67.30
N LEU A 438 -20.43 69.72 68.12
CA LEU A 438 -19.97 69.00 69.30
C LEU A 438 -21.12 68.74 70.26
N VAL A 439 -21.98 69.73 70.46
CA VAL A 439 -23.14 69.55 71.32
C VAL A 439 -24.03 68.42 70.79
N GLY A 440 -24.23 68.40 69.48
CA GLY A 440 -24.99 67.31 68.89
C GLY A 440 -24.35 65.96 69.13
N THR A 441 -23.04 65.86 68.91
CA THR A 441 -22.36 64.58 69.07
C THR A 441 -22.43 64.09 70.51
N VAL A 442 -22.13 64.96 71.48
CA VAL A 442 -22.15 64.55 72.87
C VAL A 442 -23.53 64.09 73.30
N MET A 443 -24.59 64.64 72.69
CA MET A 443 -25.96 64.24 72.98
C MET A 443 -26.41 63.05 72.14
N SER A 444 -25.55 62.55 71.26
CA SER A 444 -25.88 61.44 70.38
C SER A 444 -25.30 60.11 70.84
N SER A 445 -24.03 60.09 71.22
CA SER A 445 -23.37 58.85 71.64
C SER A 445 -23.71 58.51 73.09
N THR A 446 -24.99 58.51 73.40
CA THR A 446 -25.46 58.22 74.75
C THR A 446 -26.95 57.87 74.66
N SER A 447 -27.45 57.27 75.74
CA SER A 447 -28.88 57.03 75.83
C SER A 447 -29.62 58.37 75.86
N PRO A 448 -30.81 58.46 75.28
CA PRO A 448 -31.51 59.74 75.25
C PRO A 448 -31.71 60.29 76.66
N ASP A 449 -31.50 61.60 76.81
CA ASP A 449 -31.59 62.25 78.11
C ASP A 449 -30.57 61.68 79.07
N THR A 452 -30.52 67.61 80.35
CA THR A 452 -31.29 68.83 80.50
C THR A 452 -30.57 70.01 79.87
N GLN A 453 -29.34 70.27 80.34
CA GLN A 453 -28.50 71.32 79.81
C GLN A 453 -27.11 70.78 79.53
N VAL A 454 -26.45 71.36 78.54
CA VAL A 454 -25.11 70.93 78.15
C VAL A 454 -24.38 72.12 77.54
N TYR A 455 -23.09 72.24 77.86
CA TYR A 455 -22.23 73.25 77.29
C TYR A 455 -20.86 72.66 77.03
N VAL A 456 -20.14 73.26 76.10
CA VAL A 456 -18.81 72.81 75.72
C VAL A 456 -17.85 74.01 75.74
N ASP A 457 -16.69 73.82 76.33
CA ASP A 457 -15.65 74.83 76.38
C ASP A 457 -14.36 74.26 75.79
N ILE A 458 -13.66 75.07 75.01
CA ILE A 458 -12.47 74.64 74.29
C ILE A 458 -11.36 75.66 74.53
N LYS A 459 -10.14 75.15 74.73
CA LYS A 459 -8.97 76.00 74.88
C LYS A 459 -7.73 75.21 74.51
N ASN A 460 -6.67 75.92 74.16
CA ASN A 460 -5.42 75.26 73.83
C ASN A 460 -4.78 74.67 75.08
N LYS A 461 -4.03 73.59 74.89
CA LYS A 461 -3.43 72.90 76.02
C LYS A 461 -2.47 73.81 76.76
N GLY A 462 -2.48 73.71 78.09
CA GLY A 462 -1.57 74.46 78.93
C GLY A 462 -2.05 75.82 79.36
N GLN A 463 -3.07 76.36 78.69
CA GLN A 463 -3.54 77.69 79.05
C GLN A 463 -4.30 77.65 80.38
N PRO A 464 -4.40 78.78 81.06
CA PRO A 464 -5.18 78.81 82.31
C PRO A 464 -6.66 78.65 82.02
N ASP A 465 -7.41 78.34 83.09
CA ASP A 465 -8.84 78.08 82.96
C ASP A 465 -9.59 79.29 82.41
N SER A 466 -9.02 80.48 82.51
CA SER A 466 -9.68 81.67 81.98
C SER A 466 -9.81 81.63 80.46
N ALA A 467 -9.05 80.78 79.78
CA ALA A 467 -9.05 80.73 78.33
C ALA A 467 -10.26 80.00 77.76
N TYR A 468 -11.06 79.34 78.58
CA TYR A 468 -12.22 78.61 78.08
C TYR A 468 -13.19 79.58 77.41
N VAL A 469 -13.66 79.21 76.22
CA VAL A 469 -14.59 80.03 75.45
C VAL A 469 -15.55 79.13 74.71
N ASN A 470 -16.51 79.76 74.03
CA ASN A 470 -17.50 79.04 73.23
C ASN A 470 -17.40 79.33 71.75
N THR A 471 -16.73 80.40 71.35
CA THR A 471 -16.58 80.70 69.92
C THR A 471 -15.75 79.61 69.25
N ASP A 472 -16.07 79.34 67.99
CA ASP A 472 -15.40 78.28 67.26
C ASP A 472 -13.96 78.67 66.96
N VAL A 473 -13.12 77.65 66.80
CA VAL A 473 -11.70 77.81 66.57
C VAL A 473 -11.40 77.42 65.12
N THR A 474 -10.39 78.06 64.54
CA THR A 474 -9.98 77.80 63.16
C THR A 474 -8.50 77.46 63.14
N ALA A 475 -8.15 76.47 62.32
CA ALA A 475 -6.76 76.05 62.21
C ALA A 475 -5.94 77.08 61.46
N SER A 476 -4.64 77.08 61.73
CA SER A 476 -3.72 78.00 61.08
C SER A 476 -3.42 77.50 59.67
N THR A 477 -2.48 78.16 58.99
CA THR A 477 -2.17 77.80 57.62
C THR A 477 -1.61 76.39 57.52
N THR A 478 -0.72 76.01 58.44
CA THR A 478 -0.09 74.70 58.43
C THR A 478 -0.39 73.90 59.69
N GLN A 479 -1.42 74.29 60.44
CA GLN A 479 -1.80 73.58 61.65
C GLN A 479 -3.05 72.73 61.41
N VAL A 480 -3.19 71.70 62.24
CA VAL A 480 -4.32 70.79 62.17
C VAL A 480 -4.74 70.42 63.59
N LEU A 481 -6.05 70.29 63.77
CA LEU A 481 -6.60 70.03 65.10
C LEU A 481 -6.18 68.65 65.62
N SER A 482 -6.11 68.53 66.94
CA SER A 482 -5.76 67.28 67.58
C SER A 482 -6.41 67.23 68.95
N LEU A 483 -6.57 66.02 69.48
CA LEU A 483 -7.20 65.84 70.78
C LEU A 483 -6.82 64.48 71.33
N GLU A 484 -6.62 64.42 72.65
CA GLU A 484 -6.28 63.20 73.35
C GLU A 484 -7.40 62.82 74.31
N LEU A 485 -7.56 61.52 74.53
CA LEU A 485 -8.65 61.05 75.38
C LEU A 485 -8.50 61.58 76.80
N GLU A 486 -7.28 61.63 77.31
CA GLU A 486 -7.04 62.06 78.69
C GLU A 486 -7.29 63.55 78.89
N ASP A 487 -7.48 64.32 77.81
CA ASP A 487 -7.67 65.76 77.91
C ASP A 487 -9.14 66.16 77.89
N VAL A 488 -10.01 65.35 78.48
CA VAL A 488 -11.44 65.62 78.57
C VAL A 488 -11.84 65.59 80.03
N ILE A 489 -12.60 66.60 80.46
CA ILE A 489 -13.07 66.69 81.83
C ILE A 489 -14.57 66.97 81.82
N PHE A 490 -15.21 66.66 82.94
CA PHE A 490 -16.65 66.82 83.09
C PHE A 490 -16.97 67.49 84.42
N SER A 491 -18.04 68.27 84.43
CA SER A 491 -18.48 68.97 85.63
C SER A 491 -20.00 68.96 85.68
N GLN A 492 -20.54 68.65 86.85
CA GLN A 492 -21.97 68.64 87.06
C GLN A 492 -22.43 70.01 87.57
N ILE A 493 -23.61 70.42 87.13
CA ILE A 493 -24.18 71.70 87.54
C ILE A 493 -25.66 71.52 87.87
N ASN B 4 -57.16 13.48 -36.21
CA ASN B 4 -56.57 13.76 -34.91
C ASN B 4 -55.06 13.98 -35.01
N TYR B 5 -54.40 13.15 -35.82
CA TYR B 5 -52.95 13.17 -35.93
C TYR B 5 -52.44 13.90 -37.16
N GLY B 6 -53.32 14.27 -38.09
CA GLY B 6 -52.90 14.95 -39.30
C GLY B 6 -52.71 16.44 -39.06
N LEU B 7 -53.28 17.26 -39.95
CA LEU B 7 -53.23 18.71 -39.78
C LEU B 7 -54.32 19.15 -38.80
N THR B 8 -53.92 19.92 -37.80
CA THR B 8 -54.86 20.44 -36.81
C THR B 8 -54.68 21.94 -36.66
N GLY B 9 -55.31 22.53 -35.65
CA GLY B 9 -55.16 23.94 -35.39
C GLY B 9 -53.89 24.34 -34.69
N SER B 10 -53.03 23.38 -34.34
CA SER B 10 -51.80 23.65 -33.61
C SER B 10 -50.63 22.90 -34.23
N GLY B 11 -50.52 22.93 -35.56
CA GLY B 11 -49.38 22.36 -36.23
C GLY B 11 -49.59 20.96 -36.76
N PHE B 12 -48.50 20.21 -36.91
CA PHE B 12 -48.51 18.87 -37.49
C PHE B 12 -48.12 17.86 -36.42
N ASN B 13 -48.88 16.78 -36.32
CA ASN B 13 -48.64 15.73 -35.33
C ASN B 13 -48.16 14.46 -36.02
N LEU B 14 -47.97 13.41 -35.21
CA LEU B 14 -47.45 12.14 -35.69
C LEU B 14 -48.25 11.00 -35.08
N PRO B 15 -48.74 10.05 -35.88
CA PRO B 15 -49.46 8.91 -35.32
C PRO B 15 -48.52 7.75 -35.04
N PRO B 16 -48.75 6.99 -33.97
CA PRO B 16 -47.99 5.73 -33.80
C PRO B 16 -48.40 4.68 -34.81
N MET B 17 -47.82 3.48 -34.71
CA MET B 17 -48.19 2.40 -35.61
C MET B 17 -49.50 1.74 -35.18
N ASP B 18 -49.68 1.56 -33.86
CA ASP B 18 -50.79 0.75 -33.37
C ASP B 18 -52.13 1.37 -33.71
N ASP B 19 -52.24 2.71 -33.67
CA ASP B 19 -53.50 3.34 -34.00
C ASP B 19 -53.89 3.06 -35.45
N LEU B 20 -52.94 3.18 -36.37
CA LEU B 20 -53.22 2.84 -37.77
C LEU B 20 -53.61 1.38 -37.91
N VAL B 21 -52.89 0.49 -37.22
CA VAL B 21 -53.20 -0.93 -37.29
C VAL B 21 -54.64 -1.17 -36.84
N GLN B 22 -55.02 -0.61 -35.70
CA GLN B 22 -56.37 -0.82 -35.19
C GLN B 22 -57.41 -0.23 -36.14
N GLU B 23 -57.15 0.96 -36.68
CA GLU B 23 -58.12 1.57 -37.59
C GLU B 23 -58.34 0.68 -38.81
N THR B 24 -57.26 0.21 -39.44
CA THR B 24 -57.43 -0.59 -40.64
C THR B 24 -58.03 -1.95 -40.33
N LYS B 25 -57.71 -2.51 -39.17
CA LYS B 25 -58.33 -3.77 -38.77
C LYS B 25 -59.82 -3.59 -38.52
N LYS B 26 -60.22 -2.45 -37.95
CA LYS B 26 -61.65 -2.16 -37.81
C LYS B 26 -62.31 -2.04 -39.17
N THR B 27 -61.63 -1.40 -40.12
CA THR B 27 -62.18 -1.32 -41.47
C THR B 27 -62.39 -2.70 -42.06
N PHE B 28 -61.39 -3.57 -41.93
CA PHE B 28 -61.54 -4.94 -42.43
C PHE B 28 -62.68 -5.66 -41.72
N LYS B 29 -62.78 -5.50 -40.40
CA LYS B 29 -63.86 -6.11 -39.65
C LYS B 29 -65.21 -5.68 -40.23
N SER B 30 -65.38 -4.39 -40.48
CA SER B 30 -66.61 -3.90 -41.08
C SER B 30 -66.82 -4.47 -42.48
N ALA B 31 -65.73 -4.71 -43.21
CA ALA B 31 -65.86 -5.20 -44.58
C ALA B 31 -66.52 -6.58 -44.62
N PHE B 32 -66.13 -7.47 -43.70
CA PHE B 32 -66.59 -8.86 -43.74
C PHE B 32 -67.25 -9.29 -42.43
N GLY B 33 -67.84 -8.35 -41.69
CA GLY B 33 -68.54 -8.68 -40.47
C GLY B 33 -67.61 -8.87 -39.29
N GLU B 34 -68.23 -9.08 -38.12
CA GLU B 34 -67.46 -9.22 -36.89
C GLU B 34 -66.70 -10.53 -36.82
N ASP B 35 -67.00 -11.49 -37.70
CA ASP B 35 -66.39 -12.81 -37.63
C ASP B 35 -65.01 -12.89 -38.27
N PHE B 36 -64.61 -11.90 -39.06
CA PHE B 36 -63.33 -11.95 -39.75
C PHE B 36 -62.20 -11.97 -38.74
N ASN B 37 -61.22 -12.86 -38.96
CA ASN B 37 -60.05 -12.98 -38.11
C ASN B 37 -58.95 -12.08 -38.64
N THR B 38 -58.25 -11.39 -37.73
CA THR B 38 -57.23 -10.42 -38.12
C THR B 38 -56.01 -10.43 -37.21
N GLU B 39 -55.79 -11.49 -36.43
CA GLU B 39 -54.71 -11.54 -35.46
C GLU B 39 -53.81 -12.73 -35.71
N SER B 40 -52.51 -12.47 -35.81
CA SER B 40 -51.47 -13.50 -35.78
C SER B 40 -51.54 -14.46 -36.95
N ASN B 41 -52.54 -15.36 -36.95
CA ASN B 41 -52.56 -16.48 -37.87
C ASN B 41 -53.24 -16.17 -39.21
N SER B 42 -53.85 -15.00 -39.34
CA SER B 42 -54.55 -14.68 -40.58
C SER B 42 -53.58 -14.25 -41.67
N VAL B 43 -53.78 -14.78 -42.88
CA VAL B 43 -53.02 -14.30 -44.02
C VAL B 43 -53.33 -12.83 -44.25
N ALA B 44 -54.60 -12.46 -44.11
CA ALA B 44 -54.96 -11.04 -44.17
C ALA B 44 -54.21 -10.24 -43.13
N ASP B 45 -53.98 -10.81 -41.94
CA ASP B 45 -53.20 -10.11 -40.92
C ASP B 45 -51.77 -9.89 -41.39
N LYS B 46 -51.14 -10.90 -41.97
CA LYS B 46 -49.77 -10.76 -42.45
C LYS B 46 -49.68 -9.78 -43.60
N LEU B 47 -50.70 -9.68 -44.44
CA LEU B 47 -50.70 -8.67 -45.50
C LEU B 47 -50.91 -7.27 -44.95
N ILE B 48 -51.86 -7.11 -44.03
CA ILE B 48 -52.24 -5.78 -43.57
C ILE B 48 -51.13 -5.18 -42.70
N GLN B 49 -50.55 -5.97 -41.80
CA GLN B 49 -49.49 -5.43 -40.96
C GLN B 49 -48.26 -5.04 -41.78
N ILE B 50 -47.88 -5.89 -42.74
CA ILE B 50 -46.74 -5.56 -43.61
C ILE B 50 -47.06 -4.30 -44.40
N PHE B 51 -48.27 -4.22 -44.94
CA PHE B 51 -48.67 -3.03 -45.70
C PHE B 51 -48.60 -1.79 -44.84
N ASN B 52 -49.00 -1.89 -43.56
CA ASN B 52 -49.19 -0.71 -42.73
C ASN B 52 -47.87 -0.01 -42.41
N GLU B 53 -46.81 -0.78 -42.11
CA GLU B 53 -45.59 -0.14 -41.63
C GLU B 53 -45.03 0.86 -42.63
N ARG B 54 -45.27 0.65 -43.92
CA ARG B 54 -44.72 1.55 -44.93
C ARG B 54 -45.32 2.95 -44.83
N GLU B 55 -46.63 3.04 -44.63
CA GLU B 55 -47.26 4.37 -44.55
C GLU B 55 -46.81 5.11 -43.30
N TYR B 56 -46.30 4.40 -42.29
CA TYR B 56 -45.66 5.09 -41.18
C TYR B 56 -44.49 5.93 -41.68
N GLN B 57 -43.68 5.37 -42.57
CA GLN B 57 -42.58 6.13 -43.15
C GLN B 57 -43.10 7.31 -43.93
N LEU B 58 -44.18 7.12 -44.69
CA LEU B 58 -44.74 8.23 -45.47
C LEU B 58 -45.22 9.35 -44.56
N TRP B 59 -45.92 9.00 -43.47
CA TRP B 59 -46.39 10.01 -42.54
C TRP B 59 -45.22 10.75 -41.90
N LEU B 60 -44.18 10.02 -41.51
CA LEU B 60 -43.02 10.67 -40.91
C LEU B 60 -42.35 11.63 -41.89
N LEU B 61 -42.17 11.19 -43.14
CA LEU B 61 -41.56 12.06 -44.13
C LEU B 61 -42.43 13.28 -44.41
N MET B 62 -43.74 13.11 -44.49
CA MET B 62 -44.62 14.24 -44.70
C MET B 62 -44.52 15.23 -43.55
N GLY B 63 -44.49 14.73 -42.31
CA GLY B 63 -44.30 15.62 -41.18
C GLY B 63 -42.98 16.37 -41.25
N SER B 64 -41.93 15.68 -41.69
CA SER B 64 -40.64 16.33 -41.86
C SER B 64 -40.72 17.44 -42.90
N VAL B 65 -41.47 17.21 -43.99
CA VAL B 65 -41.57 18.19 -45.05
C VAL B 65 -42.18 19.49 -44.54
N TYR B 66 -43.23 19.38 -43.72
CA TYR B 66 -43.99 20.58 -43.33
C TYR B 66 -43.09 21.58 -42.61
N TYR B 67 -42.29 21.12 -41.66
CA TYR B 67 -41.45 22.03 -40.89
C TYR B 67 -40.30 22.60 -41.72
N ALA B 68 -40.07 22.10 -42.93
CA ALA B 68 -38.95 22.60 -43.73
C ALA B 68 -39.11 24.07 -44.10
N GLN B 69 -40.31 24.62 -43.97
CA GLN B 69 -40.60 26.01 -44.33
C GLN B 69 -40.98 26.82 -43.10
N THR B 70 -40.29 26.62 -41.99
CA THR B 70 -40.58 27.30 -40.74
C THR B 70 -39.28 27.76 -40.10
N MET B 71 -39.39 28.77 -39.23
CA MET B 71 -38.21 29.31 -38.57
C MET B 71 -37.42 28.21 -37.87
N GLN B 72 -38.11 27.20 -37.35
CA GLN B 72 -37.48 26.05 -36.74
C GLN B 72 -37.77 24.80 -37.55
N GLY B 73 -36.80 23.88 -37.57
CA GLY B 73 -36.91 22.64 -38.29
C GLY B 73 -36.19 22.62 -39.63
N ALA B 74 -35.88 23.79 -40.20
CA ALA B 74 -35.17 23.84 -41.45
C ALA B 74 -33.76 23.27 -41.29
N GLU B 75 -33.29 22.56 -42.31
CA GLU B 75 -31.98 21.93 -42.26
C GLU B 75 -31.40 21.87 -43.66
N GLY B 76 -30.07 21.84 -43.71
CA GLY B 76 -29.38 21.62 -44.98
C GLY B 76 -29.77 22.65 -46.02
N ILE B 77 -30.02 22.17 -47.25
CA ILE B 77 -30.33 23.07 -48.35
C ILE B 77 -31.54 23.93 -48.02
N TYR B 78 -32.56 23.34 -47.41
CA TYR B 78 -33.78 24.09 -47.12
C TYR B 78 -33.52 25.25 -46.17
N LEU B 79 -32.53 25.12 -45.28
CA LEU B 79 -32.22 26.21 -44.36
C LEU B 79 -31.79 27.47 -45.12
N ASP B 80 -31.03 27.30 -46.20
CA ASP B 80 -30.56 28.46 -46.95
C ASP B 80 -31.71 29.29 -47.50
N ASP B 81 -32.74 28.63 -48.02
CA ASP B 81 -33.87 29.36 -48.58
C ASP B 81 -34.55 30.21 -47.52
N LEU B 82 -34.74 29.67 -46.32
CA LEU B 82 -35.40 30.42 -45.26
C LEU B 82 -34.61 31.68 -44.91
N LEU B 83 -33.32 31.51 -44.61
CA LEU B 83 -32.48 32.65 -44.29
C LEU B 83 -31.98 33.39 -45.51
N GLY B 84 -32.09 32.79 -46.70
CA GLY B 84 -31.77 33.51 -47.91
C GLY B 84 -32.66 34.70 -48.16
N LYS B 85 -33.90 34.64 -47.67
CA LYS B 85 -34.82 35.78 -47.80
C LYS B 85 -34.27 37.01 -47.09
N ARG B 86 -33.41 36.83 -46.09
CA ARG B 86 -32.85 37.94 -45.33
C ARG B 86 -31.42 38.26 -45.76
N GLY B 87 -30.97 37.74 -46.90
CA GLY B 87 -29.67 38.09 -47.43
C GLY B 87 -28.49 37.65 -46.58
N ILE B 88 -28.48 36.40 -46.12
CA ILE B 88 -27.36 35.82 -45.40
C ILE B 88 -27.05 34.47 -46.03
N TYR B 89 -25.76 34.24 -46.31
CA TYR B 89 -25.32 33.01 -46.97
C TYR B 89 -24.21 32.37 -46.16
N ARG B 90 -24.13 31.04 -46.25
CA ARG B 90 -23.11 30.31 -45.53
C ARG B 90 -21.71 30.67 -46.03
N LEU B 91 -20.74 30.55 -45.14
CA LEU B 91 -19.34 30.73 -45.49
C LEU B 91 -18.72 29.40 -45.88
N GLY B 92 -17.91 29.43 -46.92
CA GLY B 92 -17.23 28.24 -47.40
C GLY B 92 -15.92 28.01 -46.69
N LYS B 93 -15.05 27.25 -47.34
CA LYS B 93 -13.74 26.96 -46.76
C LYS B 93 -12.97 28.26 -46.59
N THR B 94 -12.21 28.35 -45.50
CA THR B 94 -11.47 29.55 -45.14
C THR B 94 -10.02 29.19 -44.85
N ARG B 95 -9.12 30.15 -45.07
CA ARG B 95 -7.70 29.96 -44.82
C ARG B 95 -7.28 30.79 -43.61
N SER B 96 -6.52 30.17 -42.71
CA SER B 96 -6.04 30.88 -41.53
C SER B 96 -5.07 31.99 -41.93
N THR B 97 -5.07 33.06 -41.14
CA THR B 97 -4.22 34.20 -41.38
C THR B 97 -3.56 34.62 -40.07
N GLY B 98 -2.35 35.15 -40.16
CA GLY B 98 -1.63 35.58 -38.98
C GLY B 98 -0.30 36.20 -39.34
N THR B 99 0.41 36.62 -38.30
CA THR B 99 1.71 37.26 -38.45
C THR B 99 2.71 36.60 -37.51
N VAL B 100 3.97 36.58 -37.95
CA VAL B 100 5.05 35.93 -37.21
C VAL B 100 6.26 36.85 -37.22
N VAL B 101 7.16 36.66 -36.27
CA VAL B 101 8.40 37.39 -36.20
C VAL B 101 9.55 36.39 -36.05
N MET B 102 10.73 36.80 -36.51
CA MET B 102 11.93 35.98 -36.40
C MET B 102 13.13 36.88 -36.19
N THR B 103 14.05 36.43 -35.34
CA THR B 103 15.31 37.14 -35.15
C THR B 103 16.31 36.69 -36.21
N ILE B 104 17.16 37.62 -36.65
CA ILE B 104 18.12 37.35 -37.71
C ILE B 104 19.50 37.74 -37.22
N ASP B 105 20.51 37.05 -37.76
CA ASP B 105 21.89 37.29 -37.36
C ASP B 105 22.31 38.70 -37.75
N SER B 106 23.31 39.22 -37.04
CA SER B 106 23.79 40.58 -37.25
C SER B 106 24.28 40.80 -38.67
N SER B 107 24.67 39.73 -39.37
CA SER B 107 25.36 39.85 -40.64
C SER B 107 24.44 39.89 -41.86
N VAL B 108 23.15 39.62 -41.69
CA VAL B 108 22.25 39.57 -42.85
C VAL B 108 22.02 40.97 -43.38
N PRO B 109 22.28 41.23 -44.67
CA PRO B 109 22.21 42.61 -45.18
C PRO B 109 20.78 43.12 -45.22
N TYR B 110 20.63 44.44 -45.14
CA TYR B 110 19.30 45.05 -45.11
C TYR B 110 18.51 44.77 -46.38
N ASN B 111 19.14 44.89 -47.54
CA ASN B 111 18.44 44.87 -48.81
C ASN B 111 17.99 43.46 -49.23
N MET B 112 18.44 42.42 -48.54
CA MET B 112 18.08 41.07 -48.93
C MET B 112 16.57 40.89 -48.80
N ILE B 113 15.98 40.19 -49.77
CA ILE B 113 14.53 40.01 -49.85
C ILE B 113 14.23 38.51 -49.90
N TYR B 114 13.33 38.07 -49.03
CA TYR B 114 12.95 36.67 -48.98
C TYR B 114 12.00 36.33 -50.12
N SER B 115 12.26 35.22 -50.81
CA SER B 115 11.37 34.77 -51.86
C SER B 115 10.11 34.17 -51.24
N ALA B 116 8.95 34.62 -51.72
CA ALA B 116 7.69 34.17 -51.14
C ALA B 116 7.46 32.69 -51.37
N ALA B 117 7.82 32.18 -52.55
CA ALA B 117 7.48 30.82 -52.96
C ALA B 117 8.63 29.84 -52.78
N THR B 118 9.47 30.02 -51.75
CA THR B 118 10.56 29.09 -51.48
C THR B 118 10.72 28.81 -50.00
N TYR B 119 9.66 28.99 -49.22
CA TYR B 119 9.70 28.74 -47.79
C TYR B 119 8.33 28.23 -47.34
N THR B 120 8.36 27.43 -46.28
CA THR B 120 7.16 27.01 -45.58
C THR B 120 7.42 27.07 -44.09
N ILE B 121 6.62 27.86 -43.38
CA ILE B 121 6.82 28.02 -41.94
C ILE B 121 6.79 26.66 -41.26
N ASP B 122 5.67 25.94 -41.39
CA ASP B 122 5.55 24.60 -40.86
C ASP B 122 4.79 23.75 -41.86
N THR B 123 4.34 22.57 -41.43
CA THR B 123 3.70 21.62 -42.35
C THR B 123 2.57 22.21 -43.16
N ASP B 124 1.97 23.33 -42.72
CA ASP B 124 0.81 23.87 -43.43
C ASP B 124 0.78 25.39 -43.49
N TYR B 125 1.93 26.07 -43.39
CA TYR B 125 1.97 27.52 -43.45
C TYR B 125 3.08 27.99 -44.37
N GLU B 126 2.81 29.07 -45.10
CA GLU B 126 3.75 29.65 -46.06
C GLU B 126 3.67 31.18 -45.97
N LEU B 127 4.66 31.84 -46.56
CA LEU B 127 4.67 33.29 -46.58
C LEU B 127 3.45 33.84 -47.30
N SER B 128 2.86 34.88 -46.73
CA SER B 128 1.72 35.53 -47.37
C SER B 128 2.13 36.19 -48.68
N SER B 129 3.29 36.83 -48.72
CA SER B 129 3.77 37.52 -49.92
C SER B 129 5.27 37.77 -49.75
N ASP B 130 5.86 38.44 -50.74
CA ASP B 130 7.27 38.76 -50.67
C ASP B 130 7.54 39.69 -49.50
N VAL B 131 8.69 39.51 -48.86
CA VAL B 131 9.06 40.27 -47.67
C VAL B 131 10.48 40.78 -47.82
N GLN B 132 10.69 42.05 -47.49
CA GLN B 132 12.01 42.67 -47.50
C GLN B 132 12.41 43.02 -46.06
N VAL B 133 13.66 42.73 -45.72
CA VAL B 133 14.12 42.96 -44.35
C VAL B 133 13.97 44.42 -43.98
N ALA B 134 14.42 45.32 -44.84
CA ALA B 134 14.32 46.74 -44.55
C ALA B 134 12.86 47.16 -44.47
N GLY B 135 12.57 48.07 -43.54
CA GLY B 135 11.23 48.58 -43.37
C GLY B 135 10.28 47.67 -42.60
N ASN B 136 10.79 46.62 -41.96
CA ASN B 136 9.94 45.70 -41.22
C ASN B 136 10.57 45.31 -39.88
N ILE B 137 11.48 46.13 -39.38
CA ILE B 137 12.07 45.87 -38.08
C ILE B 137 11.06 46.22 -36.99
N VAL B 138 10.93 45.32 -36.01
CA VAL B 138 9.92 45.48 -34.97
C VAL B 138 10.58 45.57 -33.60
N ALA B 139 11.75 44.98 -33.46
CA ALA B 139 12.47 45.02 -32.19
C ALA B 139 13.95 44.77 -32.44
N GLN B 140 14.77 45.26 -31.51
CA GLN B 140 16.22 45.17 -31.65
C GLN B 140 16.84 44.96 -30.27
N LEU B 141 17.96 44.25 -30.26
CA LEU B 141 18.72 44.00 -29.04
C LEU B 141 20.19 44.26 -29.31
N ILE B 142 20.80 45.14 -28.51
CA ILE B 142 22.21 45.48 -28.62
C ILE B 142 22.85 45.25 -27.25
N LYS B 143 23.99 44.57 -27.25
CA LYS B 143 24.61 44.17 -25.98
C LYS B 143 26.11 43.99 -26.18
N GLY B 144 26.89 44.43 -25.21
CA GLY B 144 28.29 44.07 -25.12
C GLY B 144 29.14 44.44 -26.31
N THR B 145 29.50 43.43 -27.11
CA THR B 145 30.44 43.59 -28.20
C THR B 145 29.88 44.48 -29.31
N ASP B 146 30.41 45.69 -29.43
CA ASP B 146 30.05 46.59 -30.53
C ASP B 146 31.26 47.44 -30.93
N VAL B 149 35.28 50.09 -30.55
CA VAL B 149 35.37 51.54 -30.71
C VAL B 149 35.36 51.91 -32.19
N GLY B 150 34.70 53.00 -32.52
CA GLY B 150 34.64 53.44 -33.89
C GLY B 150 33.61 54.53 -34.07
N THR B 151 33.26 54.77 -35.33
CA THR B 151 32.29 55.78 -35.71
C THR B 151 31.04 55.08 -36.24
N TYR B 152 29.87 55.54 -35.81
CA TYR B 152 28.61 54.87 -36.11
C TYR B 152 27.65 55.83 -36.79
N ARG B 153 26.92 55.33 -37.78
CA ARG B 153 25.88 56.08 -38.47
C ARG B 153 24.52 55.49 -38.13
N LEU B 154 23.52 56.36 -37.98
CA LEU B 154 22.17 55.95 -37.63
C LEU B 154 21.19 56.58 -38.61
N GLN B 155 20.23 55.79 -39.07
CA GLN B 155 19.23 56.24 -40.04
C GLN B 155 17.84 55.84 -39.57
N ILE B 156 16.85 56.66 -39.92
CA ILE B 156 15.47 56.43 -39.52
C ILE B 156 14.57 57.22 -40.46
N GLN B 157 13.47 56.60 -40.88
CA GLN B 157 12.46 57.30 -41.68
C GLN B 157 11.39 57.89 -40.75
N ASN B 158 11.19 59.19 -40.85
CA ASN B 158 10.19 59.84 -40.02
C ASN B 158 8.82 59.23 -40.26
N THR B 159 8.08 58.99 -39.19
CA THR B 159 6.79 58.35 -39.27
C THR B 159 5.66 59.32 -39.65
N THR B 160 5.91 60.63 -39.56
CA THR B 160 4.95 61.62 -40.00
C THR B 160 5.31 62.19 -41.37
N ASP B 161 6.51 62.70 -41.53
CA ASP B 161 7.02 63.10 -42.83
C ASP B 161 7.63 61.87 -43.51
N GLN B 162 8.35 62.08 -44.60
CA GLN B 162 9.02 60.99 -45.30
C GLN B 162 10.50 61.33 -45.53
N SER B 163 11.06 62.18 -44.67
CA SER B 163 12.44 62.60 -44.80
C SER B 163 13.33 61.74 -43.90
N VAL B 164 14.35 61.14 -44.51
CA VAL B 164 15.30 60.33 -43.75
C VAL B 164 16.17 61.23 -42.90
N LYS B 165 16.40 60.82 -41.66
CA LYS B 165 17.22 61.56 -40.72
C LYS B 165 18.48 60.76 -40.38
N THR B 166 19.57 61.48 -40.16
CA THR B 166 20.86 60.86 -39.89
C THR B 166 21.44 61.42 -38.60
N LEU B 167 22.22 60.59 -37.92
CA LEU B 167 22.90 60.98 -36.70
C LEU B 167 24.32 60.42 -36.73
N SER B 168 25.26 61.15 -36.15
CA SER B 168 26.67 60.79 -36.15
C SER B 168 27.16 60.74 -34.71
N LEU B 169 27.86 59.65 -34.36
CA LEU B 169 28.37 59.46 -33.02
C LEU B 169 29.65 58.63 -33.07
N ASN B 170 30.44 58.72 -32.00
CA ASN B 170 31.68 57.98 -31.86
C ASN B 170 31.64 57.18 -30.57
N LEU B 171 31.99 55.90 -30.66
CA LEU B 171 32.03 55.01 -29.48
C LEU B 171 33.45 54.98 -28.96
N THR B 172 33.88 56.08 -28.35
CA THR B 172 35.24 56.19 -27.86
C THR B 172 35.56 55.14 -26.80
N ALA B 173 34.55 54.67 -26.06
CA ALA B 173 34.74 53.66 -25.04
C ALA B 173 33.76 52.53 -25.27
N THR B 174 34.14 51.32 -24.84
CA THR B 174 33.34 50.13 -25.02
C THR B 174 32.53 49.76 -23.77
N SER B 175 32.53 50.61 -22.76
CA SER B 175 31.80 50.33 -21.53
C SER B 175 31.77 51.61 -20.70
N GLY B 176 30.95 51.57 -19.65
CA GLY B 176 30.92 52.65 -18.68
C GLY B 176 30.00 53.80 -19.06
N GLN B 177 30.20 54.91 -18.35
CA GLN B 177 29.37 56.08 -18.55
C GLN B 177 29.35 56.56 -20.00
N PRO B 178 30.46 56.55 -20.75
CA PRO B 178 30.36 56.89 -22.17
C PRO B 178 29.39 56.01 -22.93
N LEU B 179 29.42 54.70 -22.68
CA LEU B 179 28.47 53.81 -23.34
C LEU B 179 27.05 54.13 -22.93
N ILE B 180 26.84 54.42 -21.64
CA ILE B 180 25.50 54.78 -21.17
C ILE B 180 25.01 56.02 -21.88
N THR B 181 25.88 57.02 -22.01
CA THR B 181 25.50 58.26 -22.69
C THR B 181 25.20 58.01 -24.17
N PHE B 182 25.99 57.14 -24.81
CA PHE B 182 25.73 56.80 -26.20
C PHE B 182 24.37 56.14 -26.36
N PHE B 183 24.04 55.20 -25.47
CA PHE B 183 22.73 54.56 -25.53
C PHE B 183 21.62 55.58 -25.29
N GLY B 184 21.81 56.48 -24.33
CA GLY B 184 20.81 57.51 -24.10
C GLY B 184 20.62 58.42 -25.29
N GLN B 185 21.71 58.75 -25.98
CA GLN B 185 21.60 59.56 -27.19
C GLN B 185 20.81 58.81 -28.26
N ILE B 186 21.06 57.51 -28.41
CA ILE B 186 20.28 56.74 -29.38
C ILE B 186 18.81 56.74 -29.00
N LYS B 187 18.52 56.57 -27.71
CA LYS B 187 17.13 56.60 -27.25
C LYS B 187 16.47 57.92 -27.58
N ASP B 188 17.16 59.03 -27.30
CA ASP B 188 16.61 60.34 -27.62
C ASP B 188 16.39 60.50 -29.11
N PHE B 189 17.31 59.97 -29.92
CA PHE B 189 17.16 60.06 -31.36
C PHE B 189 15.90 59.33 -31.83
N ILE B 190 15.68 58.11 -31.32
CA ILE B 190 14.54 57.33 -31.79
C ILE B 190 13.23 57.92 -31.29
N VAL B 191 13.16 58.30 -30.00
CA VAL B 191 11.91 58.76 -29.44
C VAL B 191 11.42 60.03 -30.10
N ASN B 192 12.33 60.91 -30.54
CA ASN B 192 11.89 62.15 -31.19
C ASN B 192 11.07 61.87 -32.44
N ASN B 193 11.18 60.69 -33.03
CA ASN B 193 10.34 60.26 -34.12
C ASN B 193 9.41 59.14 -33.61
N THR B 194 8.59 58.62 -34.51
CA THR B 194 7.63 57.55 -34.19
C THR B 194 6.61 58.12 -33.21
N ILE B 195 6.37 57.48 -32.07
CA ILE B 195 5.36 57.94 -31.12
C ILE B 195 5.94 57.87 -29.72
N LEU B 196 5.44 58.73 -28.83
CA LEU B 196 5.94 58.76 -27.47
C LEU B 196 5.70 57.45 -26.73
N SER B 197 4.68 56.68 -27.11
CA SER B 197 4.46 55.39 -26.46
C SER B 197 5.65 54.45 -26.60
N ASN B 198 6.46 54.61 -27.64
CA ASN B 198 7.63 53.75 -27.83
C ASN B 198 8.64 53.90 -26.69
N GLN B 199 8.87 55.14 -26.23
CA GLN B 199 9.88 55.35 -25.19
C GLN B 199 9.60 54.54 -23.95
N ASP B 200 8.33 54.22 -23.67
CA ASP B 200 8.00 53.39 -22.53
C ASP B 200 8.51 51.97 -22.68
N ARG B 201 8.90 51.56 -23.89
CA ARG B 201 9.27 50.17 -24.17
C ARG B 201 10.74 50.03 -24.59
N ILE B 202 11.56 51.03 -24.31
CA ILE B 202 12.99 50.96 -24.53
C ILE B 202 13.70 51.56 -23.32
N TRP B 203 14.75 50.89 -22.85
CA TRP B 203 15.50 51.34 -21.69
C TRP B 203 16.89 50.72 -21.75
N ILE B 204 17.72 51.07 -20.77
CA ILE B 204 19.10 50.60 -20.70
C ILE B 204 19.30 49.89 -19.38
N ASP B 205 19.90 48.70 -19.44
CA ASP B 205 20.23 47.93 -18.25
C ASP B 205 21.70 48.17 -17.94
N SER B 206 21.98 49.25 -17.20
CA SER B 206 23.36 49.62 -16.91
C SER B 206 24.12 48.49 -16.24
N THR B 207 23.45 47.68 -15.43
CA THR B 207 24.13 46.57 -14.77
C THR B 207 24.77 45.64 -15.77
N GLU B 208 24.20 45.52 -16.97
CA GLU B 208 24.75 44.66 -18.01
C GLU B 208 25.25 45.44 -19.23
N GLY B 209 24.98 46.75 -19.29
CA GLY B 209 25.44 47.54 -20.42
C GLY B 209 24.86 47.07 -21.74
N ALA B 210 23.55 46.83 -21.76
CA ALA B 210 22.84 46.40 -22.95
C ALA B 210 21.64 47.29 -23.20
N LEU B 211 21.26 47.40 -24.46
CA LEU B 211 20.12 48.21 -24.89
C LEU B 211 19.03 47.29 -25.41
N TYR B 212 17.81 47.50 -24.94
CA TYR B 212 16.66 46.69 -25.32
C TYR B 212 15.67 47.57 -26.08
N ILE B 213 15.24 47.12 -27.25
CA ILE B 213 14.26 47.81 -28.07
C ILE B 213 13.08 46.87 -28.25
N GLY B 214 11.88 47.34 -27.90
CA GLY B 214 10.69 46.53 -28.03
C GLY B 214 10.63 45.35 -27.07
N TYR B 215 11.05 45.53 -25.83
CA TYR B 215 10.95 44.51 -24.79
C TYR B 215 10.24 45.10 -23.58
N ASP B 216 9.99 44.24 -22.60
CA ASP B 216 9.43 44.65 -21.33
C ASP B 216 10.47 44.48 -20.22
N THR B 217 10.12 44.93 -19.02
CA THR B 217 11.06 44.89 -17.91
C THR B 217 11.54 43.48 -17.61
N ASN B 218 10.80 42.46 -18.03
CA ASN B 218 11.18 41.07 -17.81
C ASN B 218 11.96 40.49 -18.98
N LYS B 219 12.37 41.32 -19.95
CA LYS B 219 13.15 40.87 -21.10
C LYS B 219 12.33 39.90 -21.96
N ILE B 220 11.14 40.34 -22.34
CA ILE B 220 10.29 39.62 -23.28
C ILE B 220 10.04 40.53 -24.48
N MET B 221 10.31 40.03 -25.67
CA MET B 221 10.13 40.85 -26.87
C MET B 221 8.64 41.07 -27.06
N ILE B 222 8.19 42.30 -26.84
CA ILE B 222 6.80 42.67 -27.08
C ILE B 222 6.63 43.50 -28.33
N GLY B 223 7.70 43.99 -28.91
CA GLY B 223 7.64 44.74 -30.15
C GLY B 223 7.37 46.22 -29.93
N LEU B 224 7.74 47.01 -30.92
CA LEU B 224 7.49 48.44 -30.90
C LEU B 224 6.01 48.70 -31.26
N SER B 225 5.66 49.97 -31.41
CA SER B 225 4.28 50.32 -31.73
C SER B 225 3.91 50.03 -33.17
N SER B 226 4.89 49.86 -34.05
CA SER B 226 4.61 49.58 -35.46
C SER B 226 5.92 49.26 -36.16
N ARG B 227 5.80 48.60 -37.31
CA ARG B 227 6.96 48.34 -38.14
C ARG B 227 7.60 49.65 -38.59
N VAL B 228 8.93 49.66 -38.63
CA VAL B 228 9.70 50.85 -38.99
C VAL B 228 10.94 50.41 -39.75
N ASP B 229 11.71 51.40 -40.21
CA ASP B 229 13.02 51.17 -40.81
C ASP B 229 14.06 51.88 -39.95
N PHE B 230 15.18 51.20 -39.71
CA PHE B 230 16.25 51.75 -38.90
C PHE B 230 17.52 50.95 -39.17
N ARG B 231 18.65 51.65 -39.25
CA ARG B 231 19.88 51.02 -39.68
C ARG B 231 21.06 51.61 -38.93
N THR B 232 22.12 50.80 -38.81
CA THR B 232 23.41 51.24 -38.30
C THR B 232 24.50 50.74 -39.23
N ASN B 233 25.38 51.65 -39.64
CA ASN B 233 26.38 51.31 -40.65
C ASN B 233 27.22 50.15 -40.13
N PRO B 234 27.73 50.21 -38.90
CA PRO B 234 28.19 48.96 -38.25
C PRO B 234 27.00 48.17 -37.75
N MET B 235 26.66 47.09 -38.44
CA MET B 235 25.45 46.32 -38.14
C MET B 235 25.67 45.52 -36.87
N ALA B 236 25.25 46.10 -35.74
CA ALA B 236 25.47 45.50 -34.43
C ALA B 236 24.19 44.90 -33.88
N GLY B 237 24.35 44.07 -32.84
CA GLY B 237 23.23 43.45 -32.18
C GLY B 237 22.51 42.45 -33.06
N THR B 238 21.29 42.10 -32.67
CA THR B 238 20.44 41.18 -33.40
C THR B 238 19.13 41.89 -33.73
N ARG B 239 18.68 41.76 -34.97
CA ARG B 239 17.46 42.40 -35.44
C ARG B 239 16.30 41.40 -35.50
N SER B 240 15.09 41.94 -35.39
CA SER B 240 13.87 41.16 -35.48
C SER B 240 12.93 41.82 -36.49
N ILE B 241 12.21 40.98 -37.24
CA ILE B 241 11.33 41.43 -38.29
C ILE B 241 9.98 40.74 -38.14
N SER B 242 8.97 41.29 -38.80
CA SER B 242 7.61 40.79 -38.75
C SER B 242 7.20 40.33 -40.15
N MET B 243 6.67 39.12 -40.25
CA MET B 243 6.19 38.55 -41.49
C MET B 243 4.71 38.24 -41.40
N ASP B 244 4.07 38.18 -42.57
CA ASP B 244 2.67 37.81 -42.69
C ASP B 244 2.56 36.41 -43.28
N VAL B 245 1.74 35.57 -42.66
CA VAL B 245 1.68 34.15 -42.96
C VAL B 245 0.23 33.74 -43.19
N ARG B 246 0.02 32.84 -44.13
CA ARG B 246 -1.29 32.24 -44.36
C ARG B 246 -1.10 30.74 -44.60
N SER B 247 -2.19 30.00 -44.42
CA SER B 247 -2.14 28.56 -44.57
C SER B 247 -2.11 28.16 -46.04
N ILE B 248 -1.64 26.94 -46.29
CA ILE B 248 -1.51 26.46 -47.67
C ILE B 248 -2.88 26.21 -48.28
N GLU B 249 -3.62 25.26 -47.70
CA GLU B 249 -4.93 24.90 -48.23
C GLU B 249 -6.03 25.31 -47.26
N PRO B 250 -7.20 25.68 -47.76
CA PRO B 250 -8.28 26.08 -46.86
C PRO B 250 -8.79 24.91 -46.03
N GLY B 251 -9.28 25.22 -44.85
CA GLY B 251 -9.76 24.21 -43.95
C GLY B 251 -9.78 24.73 -42.52
N TYR B 252 -9.68 23.79 -41.59
CA TYR B 252 -9.64 24.10 -40.17
C TYR B 252 -8.23 23.92 -39.64
N ILE B 253 -7.72 24.95 -38.96
CA ILE B 253 -6.40 24.89 -38.35
C ILE B 253 -6.29 26.07 -37.40
N SER B 254 -5.64 25.85 -36.25
CA SER B 254 -5.50 26.89 -35.25
C SER B 254 -4.11 26.80 -34.63
N ARG B 255 -3.59 27.96 -34.23
CA ARG B 255 -2.29 28.05 -33.58
C ARG B 255 -2.38 29.03 -32.43
N ASP B 256 -1.60 28.79 -31.38
CA ASP B 256 -1.68 29.55 -30.15
C ASP B 256 -0.73 30.76 -30.20
N VAL B 257 -0.58 31.43 -29.07
CA VAL B 257 0.16 32.67 -28.97
C VAL B 257 1.65 32.43 -29.08
N HIS B 258 2.10 31.22 -28.75
CA HIS B 258 3.52 30.87 -28.77
C HIS B 258 3.74 29.49 -29.36
N SER B 259 3.09 29.21 -30.48
CA SER B 259 3.11 27.86 -31.06
C SER B 259 4.17 27.70 -32.14
N VAL B 260 4.14 28.57 -33.17
CA VAL B 260 5.04 28.37 -34.31
C VAL B 260 6.47 28.32 -33.82
N ARG B 261 7.22 27.31 -34.32
CA ARG B 261 8.54 27.04 -33.78
C ARG B 261 9.58 26.65 -34.82
N SER B 262 9.26 26.65 -36.11
CA SER B 262 10.20 26.09 -37.08
C SER B 262 10.00 26.70 -38.45
N ILE B 263 11.02 26.54 -39.29
CA ILE B 263 10.94 26.79 -40.72
C ILE B 263 11.70 25.66 -41.41
N ASN B 264 11.09 25.06 -42.43
CA ASN B 264 11.69 23.87 -43.03
C ASN B 264 12.99 24.23 -43.73
N PRO B 265 12.98 25.06 -44.78
CA PRO B 265 14.25 25.51 -45.36
C PRO B 265 14.85 26.63 -44.53
N THR B 266 15.88 26.32 -43.75
CA THR B 266 16.44 27.30 -42.84
C THR B 266 17.25 28.33 -43.61
N PRO B 267 16.92 29.62 -43.53
CA PRO B 267 17.73 30.64 -44.21
C PRO B 267 18.98 30.95 -43.40
N GLY B 268 20.06 31.27 -44.10
CA GLY B 268 21.30 31.61 -43.42
C GLY B 268 21.10 32.79 -42.49
N GLY B 269 21.72 32.71 -41.32
CA GLY B 269 21.61 33.74 -40.31
C GLY B 269 20.37 33.64 -39.44
N PHE B 270 19.52 32.65 -39.68
CA PHE B 270 18.32 32.48 -38.87
C PHE B 270 18.69 32.20 -37.41
N VAL B 271 17.85 32.71 -36.51
CA VAL B 271 18.09 32.56 -35.07
C VAL B 271 16.92 31.82 -34.44
N ASP B 272 15.73 32.41 -34.52
CA ASP B 272 14.55 31.82 -33.90
C ASP B 272 13.31 32.41 -34.54
N ILE B 273 12.15 31.85 -34.18
CA ILE B 273 10.88 32.27 -34.72
C ILE B 273 9.80 31.91 -33.72
N ASP B 274 8.77 32.76 -33.62
CA ASP B 274 7.71 32.55 -32.63
C ASP B 274 6.54 33.44 -32.97
N ASN B 275 5.43 33.21 -32.27
CA ASN B 275 4.20 33.95 -32.47
C ASN B 275 4.13 35.15 -31.53
N LEU B 276 3.20 36.06 -31.83
CA LEU B 276 2.90 37.18 -30.95
C LEU B 276 1.47 37.19 -30.46
N SER B 277 0.54 36.65 -31.24
CA SER B 277 -0.86 36.58 -30.84
C SER B 277 -1.51 35.43 -31.59
N ALA B 278 -2.66 35.00 -31.09
CA ALA B 278 -3.36 33.88 -31.68
C ALA B 278 -3.75 34.19 -33.12
N PHE B 279 -3.60 33.20 -34.00
CA PHE B 279 -4.01 33.35 -35.38
C PHE B 279 -5.53 33.39 -35.49
N ILE B 280 -6.01 33.99 -36.58
CA ILE B 280 -7.42 33.91 -36.94
C ILE B 280 -7.62 32.54 -37.58
N ASP B 281 -8.07 31.58 -36.79
CA ASP B 281 -8.12 30.20 -37.23
C ASP B 281 -9.01 30.02 -38.45
N GLY B 282 -8.59 29.14 -39.36
CA GLY B 282 -9.42 28.78 -40.48
C GLY B 282 -10.55 27.86 -40.07
N SER B 283 -11.53 27.74 -40.96
CA SER B 283 -12.73 26.97 -40.66
C SER B 283 -13.09 26.08 -41.84
N ASP B 284 -13.77 24.99 -41.53
CA ASP B 284 -14.32 24.10 -42.53
C ASP B 284 -15.63 24.68 -43.06
N VAL B 285 -16.39 23.88 -43.80
CA VAL B 285 -17.69 24.35 -44.29
C VAL B 285 -18.54 24.79 -43.11
N GLU B 286 -19.20 25.92 -43.27
CA GLU B 286 -19.99 26.50 -42.19
C GLU B 286 -21.14 25.55 -41.82
N SER B 287 -21.36 25.38 -40.52
CA SER B 287 -22.43 24.51 -40.05
C SER B 287 -23.68 25.32 -39.74
N ASP B 288 -24.79 24.60 -39.50
CA ASP B 288 -26.07 25.24 -39.27
C ASP B 288 -26.09 26.07 -37.99
N ASN B 289 -25.49 25.57 -36.90
CA ASN B 289 -25.60 26.26 -35.62
C ASN B 289 -24.98 27.65 -35.68
N GLU B 290 -23.73 27.73 -36.12
CA GLU B 290 -23.10 29.04 -36.24
C GLU B 290 -23.73 29.88 -37.33
N TYR B 291 -24.35 29.25 -38.33
CA TYR B 291 -25.10 30.01 -39.32
C TYR B 291 -26.26 30.75 -38.65
N ARG B 292 -27.04 30.05 -37.83
CA ARG B 292 -28.12 30.71 -37.11
C ARG B 292 -27.57 31.77 -36.16
N ILE B 293 -26.46 31.46 -35.49
CA ILE B 293 -25.88 32.42 -34.55
C ILE B 293 -25.49 33.71 -35.27
N ARG B 294 -24.83 33.57 -36.42
CA ARG B 294 -24.48 34.75 -37.21
C ARG B 294 -25.71 35.50 -37.66
N ALA B 295 -26.75 34.77 -38.11
CA ALA B 295 -27.99 35.43 -38.48
C ALA B 295 -28.60 36.21 -37.33
N ALA B 296 -28.40 35.75 -36.09
CA ALA B 296 -28.99 36.41 -34.93
C ALA B 296 -28.25 37.68 -34.54
N THR B 297 -26.93 37.72 -34.71
CA THR B 297 -26.10 38.81 -34.22
C THR B 297 -25.79 39.85 -35.31
N SER B 298 -26.54 39.86 -36.40
CA SER B 298 -26.28 40.79 -37.49
C SER B 298 -26.63 42.23 -37.15
N ILE B 299 -27.29 42.47 -36.01
CA ILE B 299 -27.74 43.83 -35.69
C ILE B 299 -26.55 44.78 -35.56
N SER B 300 -25.50 44.35 -34.85
CA SER B 300 -24.36 45.21 -34.61
C SER B 300 -23.51 45.43 -35.86
N GLU B 301 -23.77 44.70 -36.93
CA GLU B 301 -22.97 44.80 -38.16
C GLU B 301 -23.34 46.08 -38.88
N GLY B 302 -22.67 47.17 -38.51
CA GLY B 302 -22.86 48.46 -39.14
C GLY B 302 -21.64 48.84 -39.96
N LYS B 303 -21.89 49.51 -41.08
CA LYS B 303 -20.83 49.89 -42.00
C LYS B 303 -21.27 51.10 -42.81
N ALA B 304 -20.28 51.77 -43.42
CA ALA B 304 -20.54 52.81 -44.41
C ALA B 304 -21.32 53.97 -43.81
N THR B 305 -21.04 54.30 -42.55
CA THR B 305 -21.64 55.45 -41.90
C THR B 305 -20.60 56.08 -40.97
N ARG B 306 -20.76 57.37 -40.71
CA ARG B 306 -19.76 58.08 -39.92
C ARG B 306 -19.59 57.45 -38.54
N PRO B 307 -20.65 57.17 -37.77
CA PRO B 307 -20.45 56.44 -36.52
C PRO B 307 -19.83 55.07 -36.74
N ALA B 308 -20.24 54.37 -37.80
CA ALA B 308 -19.71 53.04 -38.07
C ALA B 308 -18.22 53.10 -38.37
N ILE B 309 -17.80 54.03 -39.22
CA ILE B 309 -16.38 54.13 -39.54
C ILE B 309 -15.60 54.58 -38.32
N LEU B 310 -16.16 55.47 -37.50
CA LEU B 310 -15.47 55.86 -36.27
C LEU B 310 -15.26 54.66 -35.36
N ALA B 311 -16.30 53.85 -35.17
CA ALA B 311 -16.18 52.70 -34.29
C ALA B 311 -15.21 51.67 -34.86
N ALA B 312 -15.26 51.42 -36.16
CA ALA B 312 -14.47 50.34 -36.75
C ALA B 312 -12.98 50.59 -36.55
N LEU B 313 -12.53 51.82 -36.79
CA LEU B 313 -11.10 52.12 -36.68
C LEU B 313 -10.59 51.85 -35.28
N LEU B 314 -11.35 52.25 -34.26
CA LEU B 314 -10.89 52.12 -32.89
C LEU B 314 -10.82 50.67 -32.43
N ASN B 315 -11.40 49.73 -33.17
CA ASN B 315 -11.48 48.34 -32.76
C ASN B 315 -10.85 47.40 -33.77
N LYS B 316 -10.02 47.92 -34.69
CA LYS B 316 -9.41 47.08 -35.72
C LYS B 316 -7.96 47.44 -35.98
N VAL B 317 -7.31 48.18 -35.09
CA VAL B 317 -5.93 48.61 -35.27
C VAL B 317 -5.17 48.42 -33.96
N GLU B 318 -3.93 47.95 -34.06
CA GLU B 318 -3.07 47.83 -32.89
C GLU B 318 -2.52 49.20 -32.52
N GLY B 319 -3.42 50.10 -32.13
CA GLY B 319 -3.05 51.47 -31.87
C GLY B 319 -4.22 52.41 -32.13
N ILE B 320 -3.99 53.43 -32.96
CA ILE B 320 -5.05 54.36 -33.31
C ILE B 320 -5.61 54.98 -32.04
N GLU B 321 -4.77 55.72 -31.32
CA GLU B 321 -5.19 56.28 -30.05
C GLU B 321 -6.29 57.33 -30.24
N LYS B 322 -6.21 58.10 -31.31
CA LYS B 322 -7.20 59.14 -31.59
C LYS B 322 -7.54 59.13 -33.07
N VAL B 323 -8.74 59.64 -33.39
CA VAL B 323 -9.19 59.71 -34.77
C VAL B 323 -10.23 60.80 -34.86
N ARG B 324 -10.26 61.49 -36.00
CA ARG B 324 -11.25 62.53 -36.26
C ARG B 324 -11.41 62.67 -37.76
N ILE B 325 -12.57 63.15 -38.20
CA ILE B 325 -12.92 63.24 -39.61
C ILE B 325 -13.46 64.63 -39.90
N PHE B 326 -13.28 65.07 -41.14
CA PHE B 326 -13.77 66.36 -41.60
C PHE B 326 -14.40 66.21 -42.98
N ASN B 327 -15.33 67.11 -43.29
CA ASN B 327 -16.15 67.00 -44.48
C ASN B 327 -16.09 68.30 -45.28
N ASN B 328 -16.00 68.17 -46.60
CA ASN B 328 -16.09 69.31 -47.52
C ASN B 328 -16.74 68.79 -48.79
N ASN B 329 -17.97 69.25 -49.07
CA ASN B 329 -18.74 68.67 -50.16
C ASN B 329 -19.52 69.73 -50.94
N THR B 330 -19.01 70.97 -51.01
CA THR B 330 -19.72 72.04 -51.70
C THR B 330 -18.77 72.76 -52.67
N ASP B 331 -18.56 72.15 -53.83
CA ASP B 331 -18.16 72.86 -55.04
C ASP B 331 -16.85 73.63 -54.91
N LYS B 332 -16.18 73.56 -53.75
CA LYS B 332 -15.05 74.43 -53.49
C LYS B 332 -14.14 73.76 -52.47
N THR B 333 -12.94 74.32 -52.35
CA THR B 333 -11.93 73.76 -51.45
C THR B 333 -12.13 74.21 -50.00
N ASN B 334 -12.99 75.18 -49.75
CA ASN B 334 -13.27 75.64 -48.40
C ASN B 334 -12.00 76.22 -47.76
N SER B 335 -12.14 76.75 -46.54
CA SER B 335 -10.98 77.31 -45.85
C SER B 335 -9.87 76.27 -45.71
N LEU B 336 -10.15 75.18 -45.01
CA LEU B 336 -9.18 74.10 -44.90
C LEU B 336 -8.87 73.55 -46.27
N GLY B 337 -7.59 73.39 -46.58
CA GLY B 337 -7.21 72.89 -47.88
C GLY B 337 -7.72 71.49 -48.12
N ILE B 338 -8.75 71.37 -48.95
CA ILE B 338 -9.40 70.10 -49.23
C ILE B 338 -9.97 70.18 -50.64
N PRO B 339 -9.87 69.13 -51.45
CA PRO B 339 -10.53 69.15 -52.76
C PRO B 339 -12.04 69.19 -52.60
N PRO B 340 -12.78 69.54 -53.66
CA PRO B 340 -14.20 69.86 -53.49
C PRO B 340 -15.04 68.76 -52.85
N TYR B 341 -14.80 67.50 -53.18
CA TYR B 341 -15.68 66.40 -52.79
C TYR B 341 -14.89 65.24 -52.24
N ARG B 342 -13.98 65.52 -51.29
CA ARG B 342 -13.14 64.50 -50.69
C ARG B 342 -13.16 64.65 -49.17
N PHE B 343 -13.29 63.52 -48.49
CA PHE B 343 -13.29 63.48 -47.03
C PHE B 343 -11.88 63.70 -46.50
N MET B 344 -11.77 63.78 -45.17
CA MET B 344 -10.48 63.94 -44.51
C MET B 344 -10.50 63.11 -43.23
N VAL B 345 -9.50 62.25 -43.08
CA VAL B 345 -9.37 61.37 -41.91
C VAL B 345 -8.02 61.65 -41.27
N VAL B 346 -8.03 61.87 -39.96
CA VAL B 346 -6.83 62.11 -39.18
C VAL B 346 -6.75 61.05 -38.08
N CYS B 347 -5.58 60.42 -37.95
CA CYS B 347 -5.39 59.35 -36.98
C CYS B 347 -4.10 59.60 -36.20
N TYR B 348 -3.84 58.71 -35.24
CA TYR B 348 -2.66 58.79 -34.38
C TYR B 348 -2.21 57.39 -34.03
N GLY B 349 -1.01 57.02 -34.48
CA GLY B 349 -0.43 55.74 -34.12
C GLY B 349 -1.18 54.54 -34.64
N GLY B 350 -1.57 54.55 -35.91
CA GLY B 350 -2.26 53.44 -36.52
C GLY B 350 -1.53 52.76 -37.66
N GLY B 351 -0.29 53.16 -37.94
CA GLY B 351 0.42 52.59 -39.08
C GLY B 351 -0.16 53.06 -40.39
N THR B 352 0.31 52.45 -41.48
CA THR B 352 -0.14 52.84 -42.82
C THR B 352 -0.90 51.72 -43.49
N ALA B 353 -0.28 50.55 -43.63
CA ALA B 353 -0.91 49.46 -44.36
C ALA B 353 -2.08 48.86 -43.58
N GLU B 354 -1.89 48.58 -42.29
CA GLU B 354 -2.94 47.95 -41.51
C GLU B 354 -4.18 48.84 -41.42
N ILE B 355 -3.99 50.14 -41.20
CA ILE B 355 -5.12 51.05 -41.14
C ILE B 355 -5.78 51.18 -42.50
N SER B 356 -4.98 51.22 -43.56
CA SER B 356 -5.52 51.39 -44.90
C SER B 356 -6.54 50.30 -45.21
N GLN B 357 -6.23 49.05 -44.84
CA GLN B 357 -7.18 47.96 -45.09
C GLN B 357 -8.51 48.21 -44.39
N VAL B 358 -8.48 48.82 -43.21
CA VAL B 358 -9.72 49.07 -42.48
C VAL B 358 -10.62 50.02 -43.27
N LEU B 359 -10.04 50.96 -44.00
CA LEU B 359 -10.83 51.96 -44.73
C LEU B 359 -11.70 51.35 -45.82
N TYR B 360 -11.72 50.03 -46.05
CA TYR B 360 -12.63 49.46 -47.03
C TYR B 360 -14.06 49.37 -46.53
N ASP B 361 -14.35 49.95 -45.36
CA ASP B 361 -15.73 50.09 -44.90
C ASP B 361 -16.36 51.39 -45.40
N THR B 362 -15.61 52.21 -46.14
CA THR B 362 -16.15 53.48 -46.64
C THR B 362 -17.26 53.22 -47.64
N ILE B 363 -18.23 54.13 -47.67
CA ILE B 363 -19.32 54.02 -48.63
C ILE B 363 -18.75 53.96 -50.04
N ALA B 364 -19.25 53.02 -50.82
CA ALA B 364 -18.86 52.94 -52.22
C ALA B 364 -19.23 54.24 -52.93
N THR B 365 -18.34 54.70 -53.80
CA THR B 365 -18.46 55.95 -54.56
C THR B 365 -18.13 57.17 -53.72
N SER B 366 -17.90 57.04 -52.42
CA SER B 366 -17.42 58.14 -51.62
C SER B 366 -15.92 58.28 -51.85
N ASN B 367 -15.51 59.35 -52.55
CA ASN B 367 -14.13 59.45 -52.99
C ASN B 367 -13.17 59.41 -51.82
N ASN B 368 -13.46 60.16 -50.76
CA ASN B 368 -12.54 60.28 -49.64
C ASN B 368 -11.14 60.57 -50.19
N THR B 369 -10.16 59.73 -49.88
CA THR B 369 -8.85 59.77 -50.51
C THR B 369 -8.28 61.19 -50.53
N TYR B 370 -8.03 61.72 -49.33
CA TYR B 370 -7.21 62.92 -49.18
C TYR B 370 -6.34 62.79 -47.95
N GLY B 371 -5.19 63.45 -48.00
CA GLY B 371 -4.21 63.37 -46.92
C GLY B 371 -2.80 63.55 -47.43
N ASP B 372 -1.81 63.25 -46.60
CA ASP B 372 -0.41 63.40 -46.98
C ASP B 372 0.25 62.07 -47.29
N THR B 373 -0.30 60.96 -46.83
CA THR B 373 0.25 59.63 -47.06
C THR B 373 -0.78 58.76 -47.76
N PHE B 374 -0.32 57.88 -48.63
CA PHE B 374 -1.18 57.01 -49.41
C PHE B 374 -0.70 55.57 -49.31
N TYR B 375 -1.53 54.67 -49.83
CA TYR B 375 -1.20 53.26 -49.93
C TYR B 375 -2.11 52.63 -50.96
N ASP B 376 -1.66 51.52 -51.53
CA ASP B 376 -2.39 50.81 -52.58
C ASP B 376 -2.85 49.46 -52.05
N ILE B 377 -4.11 49.12 -52.31
CA ILE B 377 -4.72 47.88 -51.86
C ILE B 377 -5.35 47.18 -53.05
N THR B 378 -5.15 45.88 -53.15
CA THR B 378 -5.73 45.08 -54.21
C THR B 378 -7.14 44.65 -53.82
N THR B 379 -8.07 44.77 -54.77
CA THR B 379 -9.46 44.40 -54.53
C THR B 379 -9.69 42.93 -54.83
N ASP B 382 -7.40 41.13 -59.16
CA ASP B 382 -8.44 42.13 -59.35
C ASP B 382 -7.83 43.52 -59.45
N GLN B 383 -8.67 44.55 -59.48
CA GLN B 383 -8.17 45.91 -59.61
C GLN B 383 -7.52 46.37 -58.30
N VAL B 384 -6.63 47.35 -58.42
CA VAL B 384 -5.92 47.93 -57.30
C VAL B 384 -6.25 49.41 -57.24
N GLU B 385 -6.48 49.91 -56.03
CA GLU B 385 -6.90 51.29 -55.82
C GLU B 385 -6.07 51.90 -54.69
N ARG B 386 -5.95 53.23 -54.72
CA ARG B 386 -5.15 53.98 -53.77
C ARG B 386 -6.04 54.78 -52.84
N ILE B 387 -5.66 54.83 -51.56
CA ILE B 387 -6.38 55.61 -50.55
C ILE B 387 -5.39 56.55 -49.87
N TRP B 388 -5.92 57.59 -49.24
CA TRP B 388 -5.12 58.67 -48.67
C TRP B 388 -5.55 58.93 -47.23
N HIS B 389 -4.62 59.47 -46.44
CA HIS B 389 -4.92 59.90 -45.09
C HIS B 389 -3.70 60.67 -44.57
N THR B 390 -3.77 61.09 -43.31
CA THR B 390 -2.70 61.87 -42.70
C THR B 390 -2.53 61.47 -41.24
N LYS B 391 -1.37 61.80 -40.71
CA LYS B 391 -1.04 61.58 -39.31
C LYS B 391 -0.76 62.91 -38.64
N ALA B 392 -1.39 63.13 -37.49
CA ALA B 392 -1.24 64.39 -36.79
C ALA B 392 0.20 64.58 -36.33
N ALA B 393 0.65 65.83 -36.37
CA ALA B 393 2.00 66.18 -35.93
C ALA B 393 1.93 66.65 -34.47
N ALA B 394 2.51 65.86 -33.57
CA ALA B 394 2.45 66.19 -32.16
C ALA B 394 3.23 67.46 -31.85
N ARG B 395 2.73 68.21 -30.88
CA ARG B 395 3.38 69.43 -30.41
C ARG B 395 3.51 69.34 -28.90
N GLN B 396 4.76 69.36 -28.41
CA GLN B 396 5.02 69.22 -26.98
C GLN B 396 4.91 70.57 -26.28
N LEU B 397 4.40 70.54 -25.06
CA LEU B 397 4.27 71.73 -24.24
C LEU B 397 5.24 71.68 -23.05
N ALA B 398 5.54 72.86 -22.53
CA ALA B 398 6.33 73.01 -21.31
C ALA B 398 5.47 73.68 -20.26
N ILE B 399 5.39 73.07 -19.09
CA ILE B 399 4.47 73.50 -18.04
C ILE B 399 5.27 73.81 -16.79
N ARG B 400 4.97 74.96 -16.18
CA ARG B 400 5.59 75.38 -14.92
C ARG B 400 4.49 75.56 -13.88
N VAL B 401 4.75 75.06 -12.68
CA VAL B 401 3.78 75.11 -11.58
C VAL B 401 4.39 75.92 -10.45
N ARG B 402 3.63 76.89 -9.94
CA ARG B 402 4.03 77.68 -8.79
C ARG B 402 2.90 77.70 -7.77
N TYR B 403 3.26 77.74 -6.50
CA TYR B 403 2.31 77.56 -5.43
C TYR B 403 2.86 78.17 -4.15
N ARG B 404 1.99 78.27 -3.15
CA ARG B 404 2.35 78.72 -1.81
C ARG B 404 1.90 77.67 -0.81
N GLY B 405 2.84 77.18 -0.01
CA GLY B 405 2.54 76.14 0.96
C GLY B 405 3.83 75.44 1.39
N ARG B 406 3.64 74.28 2.02
CA ARG B 406 4.79 73.51 2.47
C ARG B 406 5.57 72.99 1.27
N PRO B 407 6.90 72.91 1.35
CA PRO B 407 7.68 72.43 0.20
C PRO B 407 7.36 70.98 -0.09
N LEU B 408 7.14 70.68 -1.37
CA LEU B 408 6.89 69.30 -1.78
C LEU B 408 8.19 68.51 -1.80
N SER B 409 8.14 67.27 -1.32
CA SER B 409 9.33 66.44 -1.23
C SER B 409 9.50 65.63 -2.50
N LEU B 410 10.74 65.21 -2.74
CA LEU B 410 11.05 64.38 -3.90
C LEU B 410 10.27 63.08 -3.84
N THR B 411 9.86 62.60 -5.01
CA THR B 411 9.02 61.42 -5.19
C THR B 411 7.57 61.70 -4.82
N GLU B 412 7.26 62.86 -4.24
CA GLU B 412 5.88 63.28 -4.08
C GLU B 412 5.36 64.04 -5.28
N GLU B 413 6.26 64.57 -6.12
CA GLU B 413 5.85 65.25 -7.34
C GLU B 413 5.47 64.26 -8.43
N THR B 414 5.74 62.98 -8.24
CA THR B 414 5.40 61.99 -9.26
C THR B 414 3.89 61.96 -9.50
N ALA B 415 3.09 62.01 -8.43
CA ALA B 415 1.65 62.01 -8.60
C ALA B 415 1.18 63.19 -9.41
N ILE B 416 1.70 64.39 -9.11
CA ILE B 416 1.33 65.57 -9.88
C ILE B 416 1.75 65.42 -11.33
N ALA B 417 2.99 64.99 -11.58
CA ALA B 417 3.47 64.87 -12.94
C ALA B 417 2.60 63.91 -13.75
N ASN B 418 2.39 62.70 -13.23
CA ASN B 418 1.50 61.76 -13.89
C ASN B 418 0.06 62.25 -13.91
N GLY B 419 -0.34 63.06 -12.94
CA GLY B 419 -1.68 63.62 -12.97
C GLY B 419 -1.94 64.47 -14.20
N LEU B 420 -0.94 65.19 -14.67
CA LEU B 420 -1.05 65.98 -15.89
C LEU B 420 -1.07 65.12 -17.14
N ALA B 421 -1.12 63.80 -17.01
CA ALA B 421 -1.30 62.95 -18.18
C ALA B 421 -2.59 63.26 -18.92
N THR B 422 -3.57 63.87 -18.26
CA THR B 422 -4.78 64.28 -18.94
C THR B 422 -4.50 65.22 -20.10
N ALA B 423 -3.41 66.00 -20.02
CA ALA B 423 -3.04 66.87 -21.12
C ALA B 423 -2.79 66.11 -22.41
N VAL B 424 -2.50 64.81 -22.33
CA VAL B 424 -2.30 64.00 -23.52
C VAL B 424 -3.60 63.46 -24.10
N ASN B 425 -4.74 63.80 -23.50
CA ASN B 425 -6.03 63.30 -23.93
C ASN B 425 -6.81 64.31 -24.77
N GLY B 426 -6.19 65.44 -25.14
CA GLY B 426 -6.85 66.38 -26.01
C GLY B 426 -7.11 65.80 -27.37
N THR B 427 -8.20 66.25 -27.98
CA THR B 427 -8.58 65.78 -29.31
C THR B 427 -8.00 66.68 -30.39
N MET B 428 -7.89 66.12 -31.60
CA MET B 428 -7.31 66.86 -32.71
C MET B 428 -8.10 68.15 -32.96
N ILE B 429 -7.37 69.23 -33.23
CA ILE B 429 -7.97 70.54 -33.48
C ILE B 429 -8.74 70.97 -32.24
N ALA B 430 -9.85 70.29 -31.97
CA ALA B 430 -10.73 70.66 -30.86
C ALA B 430 -10.12 70.21 -29.53
N GLY B 431 -8.93 70.74 -29.25
CA GLY B 431 -8.27 70.50 -27.99
C GLY B 431 -7.96 71.80 -27.27
N THR B 432 -8.64 72.04 -26.15
CA THR B 432 -8.45 73.25 -25.37
C THR B 432 -8.11 72.86 -23.95
N LEU B 433 -7.01 73.40 -23.43
CA LEU B 433 -6.49 72.94 -22.14
C LEU B 433 -7.49 73.23 -21.02
N TYR B 434 -8.11 74.40 -21.02
CA TYR B 434 -8.97 74.83 -19.92
C TYR B 434 -8.21 74.75 -18.60
N ASN B 435 -7.19 75.62 -18.52
CA ASN B 435 -6.26 75.59 -17.39
C ASN B 435 -6.96 75.39 -16.05
N VAL B 436 -8.22 75.82 -15.93
CA VAL B 436 -8.96 75.53 -14.72
C VAL B 436 -9.01 74.03 -14.47
N ARG B 437 -9.17 73.25 -15.54
CA ARG B 437 -9.14 71.80 -15.39
C ARG B 437 -7.80 71.32 -14.86
N LEU B 438 -6.71 71.91 -15.34
CA LEU B 438 -5.39 71.53 -14.84
C LEU B 438 -5.25 71.87 -13.36
N VAL B 439 -5.75 73.05 -12.97
CA VAL B 439 -5.71 73.43 -11.55
C VAL B 439 -6.49 72.42 -10.72
N GLY B 440 -7.66 72.00 -11.21
CA GLY B 440 -8.40 70.98 -10.50
C GLY B 440 -7.65 69.68 -10.36
N THR B 441 -7.04 69.22 -11.47
CA THR B 441 -6.32 67.96 -11.43
C THR B 441 -5.14 68.00 -10.46
N VAL B 442 -4.33 69.05 -10.55
CA VAL B 442 -3.16 69.15 -9.68
C VAL B 442 -3.56 69.18 -8.21
N MET B 443 -4.74 69.72 -7.91
CA MET B 443 -5.25 69.75 -6.54
C MET B 443 -6.02 68.49 -6.17
N SER B 444 -6.14 67.54 -7.09
CA SER B 444 -6.87 66.30 -6.86
C SER B 444 -5.98 65.11 -6.59
N SER B 445 -4.93 64.93 -7.38
CA SER B 445 -4.03 63.79 -7.22
C SER B 445 -3.01 64.03 -6.10
N THR B 446 -3.51 64.43 -4.93
CA THR B 446 -2.67 64.72 -3.78
C THR B 446 -3.56 64.70 -2.54
N SER B 447 -2.91 64.62 -1.39
CA SER B 447 -3.64 64.75 -0.13
C SER B 447 -4.24 66.16 -0.05
N PRO B 448 -5.41 66.32 0.55
CA PRO B 448 -6.03 67.64 0.61
C PRO B 448 -5.11 68.66 1.27
N ASP B 449 -5.06 69.85 0.69
CA ASP B 449 -4.17 70.91 1.17
C ASP B 449 -2.72 70.48 1.08
N THR B 452 -2.55 76.32 -0.54
CA THR B 452 -3.05 77.67 -0.32
C THR B 452 -3.30 78.37 -1.65
N GLN B 453 -2.26 78.48 -2.45
CA GLN B 453 -2.34 79.09 -3.78
C GLN B 453 -1.67 78.18 -4.80
N VAL B 454 -2.15 78.24 -6.03
CA VAL B 454 -1.62 77.41 -7.11
C VAL B 454 -1.86 78.13 -8.42
N TYR B 455 -0.87 78.05 -9.31
CA TYR B 455 -0.97 78.60 -10.65
C TYR B 455 -0.29 77.65 -11.62
N VAL B 456 -0.69 77.74 -12.89
CA VAL B 456 -0.15 76.91 -13.95
C VAL B 456 0.25 77.80 -15.12
N ASP B 457 1.43 77.55 -15.67
CA ASP B 457 1.93 78.27 -16.83
C ASP B 457 2.29 77.26 -17.91
N ILE B 458 1.96 77.59 -19.16
CA ILE B 458 2.14 76.68 -20.29
C ILE B 458 2.85 77.45 -21.41
N LYS B 459 3.78 76.77 -22.07
CA LYS B 459 4.47 77.34 -23.23
C LYS B 459 5.01 76.20 -24.08
N ASN B 460 5.25 76.50 -25.35
CA ASN B 460 5.81 75.51 -26.24
C ASN B 460 7.27 75.24 -25.88
N LYS B 461 7.71 74.03 -26.16
CA LYS B 461 9.07 73.63 -25.81
C LYS B 461 10.09 74.50 -26.53
N GLY B 462 11.15 74.86 -25.81
CA GLY B 462 12.26 75.61 -26.38
C GLY B 462 12.10 77.12 -26.30
N GLN B 463 10.91 77.62 -26.06
CA GLN B 463 10.70 79.06 -26.00
C GLN B 463 11.35 79.63 -24.72
N PRO B 464 11.67 80.92 -24.72
CA PRO B 464 12.20 81.54 -23.50
C PRO B 464 11.12 81.63 -22.42
N ASP B 465 11.59 81.87 -21.19
CA ASP B 465 10.68 81.91 -20.05
C ASP B 465 9.63 83.00 -20.19
N SER B 466 9.86 84.00 -21.04
CA SER B 466 8.88 85.06 -21.23
C SER B 466 7.59 84.55 -21.88
N ALA B 467 7.62 83.36 -22.49
CA ALA B 467 6.47 82.84 -23.20
C ALA B 467 5.41 82.25 -22.28
N TYR B 468 5.70 82.09 -20.99
CA TYR B 468 4.74 81.53 -20.06
C TYR B 468 3.50 82.41 -20.01
N VAL B 469 2.32 81.78 -20.10
CA VAL B 469 1.05 82.49 -20.07
C VAL B 469 0.02 81.63 -19.35
N ASN B 470 -1.17 82.19 -19.18
CA ASN B 470 -2.28 81.49 -18.54
C ASN B 470 -3.46 81.24 -19.48
N THR B 471 -3.54 81.94 -20.60
CA THR B 471 -4.63 81.70 -21.55
C THR B 471 -4.52 80.30 -22.13
N ASP B 472 -5.68 79.70 -22.40
CA ASP B 472 -5.71 78.33 -22.90
C ASP B 472 -5.16 78.26 -24.32
N VAL B 473 -4.64 77.08 -24.66
CA VAL B 473 -4.04 76.83 -25.96
C VAL B 473 -4.95 75.93 -26.76
N THR B 474 -4.92 76.10 -28.09
CA THR B 474 -5.74 75.30 -29.00
C THR B 474 -4.85 74.65 -30.05
N ALA B 475 -5.14 73.39 -30.35
CA ALA B 475 -4.36 72.65 -31.32
C ALA B 475 -4.63 73.18 -32.74
N SER B 476 -3.65 72.97 -33.62
CA SER B 476 -3.77 73.39 -35.01
C SER B 476 -4.64 72.39 -35.76
N THR B 477 -4.73 72.55 -37.08
CA THR B 477 -5.60 71.69 -37.88
C THR B 477 -5.14 70.24 -37.82
N THR B 478 -3.83 70.01 -37.91
CA THR B 478 -3.27 68.66 -37.93
C THR B 478 -2.32 68.43 -36.76
N GLN B 479 -2.39 69.25 -35.73
CA GLN B 479 -1.54 69.10 -34.56
C GLN B 479 -2.33 68.52 -33.39
N VAL B 480 -1.60 67.89 -32.47
CA VAL B 480 -2.19 67.29 -31.29
C VAL B 480 -1.25 67.51 -30.11
N LEU B 481 -1.84 67.74 -28.95
CA LEU B 481 -1.06 68.08 -27.76
C LEU B 481 -0.21 66.89 -27.31
N SER B 482 0.90 67.21 -26.65
CA SER B 482 1.81 66.19 -26.13
C SER B 482 2.53 66.76 -24.91
N LEU B 483 3.03 65.86 -24.07
CA LEU B 483 3.72 66.27 -22.86
C LEU B 483 4.59 65.12 -22.37
N GLU B 484 5.76 65.47 -21.84
CA GLU B 484 6.70 64.50 -21.31
C GLU B 484 6.88 64.74 -19.81
N LEU B 485 7.13 63.65 -19.09
CA LEU B 485 7.25 63.74 -17.63
C LEU B 485 8.39 64.67 -17.22
N GLU B 486 9.52 64.61 -17.94
CA GLU B 486 10.68 65.42 -17.59
C GLU B 486 10.47 66.90 -17.86
N ASP B 487 9.40 67.29 -18.53
CA ASP B 487 9.14 68.68 -18.89
C ASP B 487 8.22 69.38 -17.90
N VAL B 488 8.30 69.01 -16.62
CA VAL B 488 7.49 69.62 -15.57
C VAL B 488 8.42 70.17 -14.50
N ILE B 489 8.18 71.40 -14.08
CA ILE B 489 8.98 72.06 -13.05
C ILE B 489 8.06 72.65 -12.00
N PHE B 490 8.61 72.87 -10.81
CA PHE B 490 7.87 73.39 -9.68
C PHE B 490 8.65 74.52 -9.02
N SER B 491 7.92 75.49 -8.47
CA SER B 491 8.51 76.62 -7.79
C SER B 491 7.67 76.96 -6.57
N GLN B 492 8.33 77.20 -5.45
CA GLN B 492 7.65 77.59 -4.21
C GLN B 492 7.59 79.11 -4.11
N ILE B 493 6.49 79.60 -3.57
CA ILE B 493 6.30 81.04 -3.40
C ILE B 493 5.72 81.32 -2.02
N GLU C 3 42.55 -84.85 -14.78
CA GLU C 3 41.88 -83.61 -15.25
C GLU C 3 41.86 -82.56 -14.14
N TYR C 4 41.72 -81.30 -14.54
CA TYR C 4 41.58 -80.20 -13.59
C TYR C 4 40.22 -79.54 -13.79
N GLN C 5 39.48 -79.38 -12.69
CA GLN C 5 38.16 -78.78 -12.71
C GLN C 5 38.23 -77.45 -11.98
N ASP C 6 37.95 -76.36 -12.70
CA ASP C 6 38.06 -75.03 -12.10
C ASP C 6 36.91 -74.72 -11.17
N LYS C 7 35.74 -75.32 -11.36
CA LYS C 7 34.57 -75.07 -10.54
C LYS C 7 34.15 -76.34 -9.83
N VAL C 8 33.86 -76.22 -8.54
CA VAL C 8 33.38 -77.36 -7.78
C VAL C 8 32.07 -77.88 -8.34
N VAL C 9 31.20 -76.99 -8.81
CA VAL C 9 29.93 -77.36 -9.44
C VAL C 9 29.83 -76.64 -10.77
N ASP C 10 29.51 -77.38 -11.82
CA ASP C 10 29.41 -76.83 -13.16
C ASP C 10 28.02 -77.13 -13.72
N VAL C 11 27.44 -76.12 -14.37
CA VAL C 11 26.07 -76.23 -14.86
C VAL C 11 26.00 -75.86 -16.34
N GLU C 12 25.59 -76.81 -17.17
CA GLU C 12 25.34 -76.52 -18.57
C GLU C 12 23.87 -76.16 -18.77
N VAL C 13 23.61 -75.00 -19.39
CA VAL C 13 22.26 -74.51 -19.61
C VAL C 13 22.05 -74.39 -21.11
N SER C 14 20.99 -75.00 -21.61
CA SER C 14 20.65 -74.93 -23.03
C SER C 14 19.20 -74.51 -23.15
N LEU C 15 18.75 -74.36 -24.39
CA LEU C 15 17.41 -73.88 -24.68
C LEU C 15 16.77 -74.74 -25.76
N GLY C 16 15.44 -74.76 -25.76
CA GLY C 16 14.65 -75.43 -26.76
C GLY C 16 13.93 -76.68 -26.30
N THR C 17 14.61 -77.55 -25.56
CA THR C 17 14.00 -78.78 -25.08
C THR C 17 15.00 -79.53 -24.22
N GLN C 18 14.50 -80.54 -23.51
CA GLN C 18 15.37 -81.42 -22.74
C GLN C 18 15.72 -82.66 -23.56
N PRO C 19 16.88 -83.28 -23.33
CA PRO C 19 17.25 -84.45 -24.11
C PRO C 19 16.26 -85.59 -23.92
N ILE C 20 16.10 -86.38 -24.99
CA ILE C 20 15.19 -87.52 -24.97
C ILE C 20 15.53 -88.43 -23.79
N THR C 22 16.81 -93.69 -24.39
CA THR C 22 17.56 -94.91 -24.66
C THR C 22 16.74 -96.14 -24.34
N VAL C 23 16.37 -96.89 -25.37
CA VAL C 23 15.55 -98.09 -25.25
C VAL C 23 16.08 -99.12 -26.22
N GLY C 24 15.55 -100.35 -26.11
CA GLY C 24 15.91 -101.39 -27.07
C GLY C 24 15.07 -101.26 -28.33
N PHE C 25 15.74 -101.38 -29.48
CA PHE C 25 15.08 -101.16 -30.75
C PHE C 25 15.84 -101.89 -31.84
N GLU C 26 15.17 -102.08 -32.97
CA GLU C 26 15.74 -102.74 -34.13
C GLU C 26 16.05 -101.70 -35.20
N THR C 27 17.30 -101.65 -35.61
CA THR C 27 17.71 -100.61 -36.56
C THR C 27 17.28 -100.99 -37.97
N PRO C 28 16.82 -100.02 -38.77
CA PRO C 28 16.64 -100.27 -40.19
C PRO C 28 17.91 -99.95 -40.97
N MET C 29 18.01 -100.52 -42.16
CA MET C 29 19.12 -100.26 -43.06
C MET C 29 18.56 -99.79 -44.40
N PHE C 30 19.09 -98.68 -44.90
CA PHE C 30 18.66 -98.10 -46.17
C PHE C 30 19.81 -98.16 -47.16
N LEU C 31 19.61 -98.85 -48.27
CA LEU C 31 20.66 -99.03 -49.28
C LEU C 31 20.56 -97.88 -50.28
N ALA C 32 21.39 -96.86 -50.08
CA ALA C 32 21.38 -95.68 -50.93
C ALA C 32 22.54 -95.71 -51.92
N MET C 33 22.60 -94.67 -52.74
CA MET C 33 23.66 -94.50 -53.73
C MET C 33 24.41 -93.21 -53.41
N HIS C 34 25.70 -93.35 -53.12
CA HIS C 34 26.51 -92.20 -52.72
C HIS C 34 27.97 -92.64 -52.67
N GLY C 35 28.84 -91.67 -52.39
CA GLY C 35 30.26 -91.94 -52.27
C GLY C 35 30.90 -91.15 -51.14
N ASN C 36 30.15 -90.90 -50.08
CA ASN C 36 30.60 -90.05 -48.99
C ASN C 36 31.55 -90.74 -48.03
N PHE C 37 31.68 -92.06 -48.09
CA PHE C 37 32.67 -92.76 -47.29
C PHE C 37 33.04 -94.06 -48.00
N PRO C 38 34.21 -94.62 -47.71
CA PRO C 38 34.62 -95.86 -48.39
C PRO C 38 33.95 -97.10 -47.80
N GLU C 39 33.50 -96.99 -46.55
CA GLU C 39 32.82 -98.10 -45.90
C GLU C 39 31.52 -98.41 -46.63
N ARG C 40 30.93 -99.58 -46.34
CA ARG C 40 29.66 -99.95 -46.93
C ARG C 40 28.48 -99.87 -45.99
N ILE C 41 28.71 -99.63 -44.70
CA ILE C 41 27.64 -99.47 -43.72
C ILE C 41 28.14 -98.55 -42.62
N ARG C 42 27.29 -97.61 -42.19
CA ARG C 42 27.62 -96.71 -41.11
C ARG C 42 26.34 -96.36 -40.35
N PHE C 43 26.48 -96.18 -39.03
CA PHE C 43 25.34 -95.87 -38.19
C PHE C 43 25.29 -94.38 -37.88
N TYR C 44 24.08 -93.81 -37.94
CA TYR C 44 23.87 -92.40 -37.63
C TYR C 44 22.78 -92.28 -36.59
N VAL C 45 22.90 -91.26 -35.74
CA VAL C 45 21.94 -91.05 -34.65
C VAL C 45 21.01 -89.88 -34.90
N SER C 46 21.31 -89.02 -35.88
CA SER C 46 20.45 -87.87 -36.15
C SER C 46 20.69 -87.41 -37.57
N THR C 47 19.73 -86.64 -38.09
CA THR C 47 19.87 -86.09 -39.43
C THR C 47 21.06 -85.14 -39.50
N ALA C 48 21.27 -84.33 -38.46
CA ALA C 48 22.39 -83.40 -38.45
C ALA C 48 23.71 -84.13 -38.66
N GLY C 49 23.81 -85.37 -38.19
CA GLY C 49 25.00 -86.15 -38.44
C GLY C 49 25.20 -86.45 -39.92
N MET C 50 24.11 -86.66 -40.65
CA MET C 50 24.24 -86.97 -42.07
C MET C 50 24.83 -85.81 -42.85
N VAL C 51 24.30 -84.61 -42.65
CA VAL C 51 24.77 -83.45 -43.42
C VAL C 51 26.21 -83.14 -43.07
N ALA C 52 26.63 -83.41 -41.82
CA ALA C 52 28.03 -83.22 -41.45
C ALA C 52 28.94 -84.11 -42.29
N ASP C 53 28.45 -85.26 -42.74
CA ASP C 53 29.21 -86.17 -43.59
C ASP C 53 29.07 -85.85 -45.06
N GLY C 54 28.61 -84.65 -45.40
CA GLY C 54 28.50 -84.24 -46.79
C GLY C 54 27.20 -84.59 -47.46
N PHE C 55 26.25 -85.19 -46.75
CA PHE C 55 24.96 -85.48 -47.36
C PHE C 55 24.17 -84.19 -47.57
N ALA C 56 23.56 -84.06 -48.74
CA ALA C 56 22.82 -82.85 -49.06
C ALA C 56 21.39 -82.93 -48.54
N VAL C 57 20.89 -81.78 -48.05
CA VAL C 57 19.53 -81.73 -47.55
C VAL C 57 18.57 -82.09 -48.68
N GLY C 58 17.59 -82.93 -48.37
CA GLY C 58 16.65 -83.39 -49.35
C GLY C 58 17.08 -84.59 -50.16
N SER C 59 18.30 -85.09 -49.93
CA SER C 59 18.77 -86.27 -50.64
C SER C 59 18.01 -87.50 -50.14
N PRO C 60 17.95 -88.56 -50.94
CA PRO C 60 17.17 -89.74 -50.53
C PRO C 60 17.55 -90.28 -49.16
N ALA C 61 18.85 -90.33 -48.86
CA ALA C 61 19.28 -90.81 -47.55
C ALA C 61 18.81 -89.89 -46.43
N TYR C 62 18.86 -88.58 -46.67
CA TYR C 62 18.44 -87.62 -45.66
C TYR C 62 16.93 -87.66 -45.44
N GLN C 63 16.15 -87.82 -46.51
CA GLN C 63 14.70 -87.86 -46.38
C GLN C 63 14.24 -89.11 -45.64
N PHE C 64 14.90 -90.24 -45.89
CA PHE C 64 14.55 -91.46 -45.17
C PHE C 64 14.81 -91.31 -43.68
N ALA C 65 15.95 -90.73 -43.32
CA ALA C 65 16.30 -90.62 -41.91
C ALA C 65 15.35 -89.71 -41.17
N THR C 66 15.01 -88.56 -41.75
CA THR C 66 14.15 -87.61 -41.05
C THR C 66 12.77 -88.18 -40.78
N ASN C 67 12.24 -88.99 -41.70
CA ASN C 67 10.94 -89.61 -41.49
C ASN C 67 11.02 -90.70 -40.41
N ALA C 68 12.12 -91.45 -40.37
CA ALA C 68 12.25 -92.52 -39.39
C ALA C 68 12.25 -91.98 -37.97
N PHE C 69 12.95 -90.87 -37.73
CA PHE C 69 13.05 -90.31 -36.39
C PHE C 69 11.79 -89.59 -35.94
N ALA C 70 10.82 -89.38 -36.83
CA ALA C 70 9.63 -88.64 -36.49
C ALA C 70 8.47 -89.52 -36.04
N GLY C 71 8.64 -90.84 -36.06
CA GLY C 71 7.56 -91.72 -35.68
C GLY C 71 7.34 -91.77 -34.19
N ASN C 72 6.19 -92.33 -33.79
CA ASN C 72 5.90 -92.53 -32.38
C ASN C 72 6.71 -93.67 -31.78
N PHE C 73 7.18 -94.60 -32.60
CA PHE C 73 8.04 -95.70 -32.15
C PHE C 73 9.40 -95.62 -32.82
N ALA C 74 9.90 -94.41 -33.05
CA ALA C 74 11.07 -94.23 -33.88
C ALA C 74 12.31 -94.80 -33.20
N PRO C 75 13.27 -95.33 -33.96
CA PRO C 75 14.54 -95.74 -33.35
C PRO C 75 15.48 -94.56 -33.22
N GLN C 76 16.45 -94.69 -32.34
CA GLN C 76 17.47 -93.66 -32.16
C GLN C 76 18.76 -93.97 -32.89
N ARG C 77 18.77 -94.93 -33.81
CA ARG C 77 19.97 -95.17 -34.61
C ARG C 77 19.61 -95.85 -35.93
N VAL C 78 19.91 -95.19 -37.05
CA VAL C 78 19.64 -95.76 -38.37
C VAL C 78 20.96 -96.17 -38.99
N ALA C 79 20.86 -97.01 -40.02
CA ALA C 79 22.02 -97.50 -40.76
C ALA C 79 21.85 -97.19 -42.23
N ILE C 80 22.95 -96.86 -42.90
CA ILE C 80 22.94 -96.44 -44.30
C ILE C 80 23.90 -97.33 -45.07
N GLY C 81 23.41 -97.88 -46.18
CA GLY C 81 24.25 -98.62 -47.11
C GLY C 81 24.98 -97.68 -48.05
N ARG C 82 25.62 -98.27 -49.06
CA ARG C 82 26.36 -97.48 -50.03
C ARG C 82 26.46 -98.23 -51.34
N MET C 83 26.01 -97.60 -52.42
CA MET C 83 26.26 -98.06 -53.77
C MET C 83 26.91 -96.94 -54.56
N SER C 84 27.84 -97.30 -55.44
CA SER C 84 28.60 -96.31 -56.19
C SER C 84 27.71 -95.60 -57.20
N ILE C 85 27.79 -94.27 -57.21
CA ILE C 85 27.03 -93.48 -58.17
C ILE C 85 27.75 -93.50 -59.51
N ASP C 86 26.97 -93.64 -60.60
CA ASP C 86 27.49 -93.42 -61.94
C ASP C 86 27.09 -92.04 -62.45
N SER C 87 25.92 -91.57 -62.05
CA SER C 87 25.44 -90.24 -62.43
C SER C 87 24.20 -89.93 -61.60
N SER C 88 23.57 -88.80 -61.91
CA SER C 88 22.33 -88.41 -61.25
C SER C 88 21.50 -87.60 -62.23
N LYS C 89 20.20 -87.55 -61.98
CA LYS C 89 19.26 -86.88 -62.85
C LYS C 89 18.31 -85.99 -62.05
N VAL C 90 17.84 -84.92 -62.68
CA VAL C 90 16.78 -84.09 -62.16
C VAL C 90 15.71 -84.01 -63.23
N ASP C 91 14.55 -84.61 -62.99
CA ASP C 91 13.53 -84.81 -64.00
C ASP C 91 12.41 -83.81 -63.80
N PHE C 92 12.03 -83.11 -64.87
CA PHE C 92 10.99 -82.11 -64.84
C PHE C 92 9.80 -82.48 -65.72
N THR C 93 9.37 -83.74 -65.68
CA THR C 93 8.20 -84.16 -66.44
C THR C 93 6.93 -83.81 -65.67
N GLY C 94 6.79 -82.55 -65.26
CA GLY C 94 5.64 -82.11 -64.51
C GLY C 94 5.63 -80.60 -64.34
N THR C 95 4.43 -80.01 -64.37
CA THR C 95 4.29 -78.56 -64.35
C THR C 95 4.70 -77.99 -63.00
N THR C 96 5.34 -76.82 -63.05
CA THR C 96 5.77 -76.12 -61.84
C THR C 96 5.80 -74.64 -62.14
N ASN C 97 5.39 -73.84 -61.16
CA ASN C 97 5.25 -72.40 -61.35
C ASN C 97 5.80 -71.64 -60.14
N THR C 98 6.97 -72.05 -59.66
CA THR C 98 7.61 -71.38 -58.53
C THR C 98 9.10 -71.63 -58.60
N GLU C 99 9.87 -70.79 -57.92
CA GLU C 99 11.32 -70.91 -57.93
C GLU C 99 11.75 -72.27 -57.42
N GLN C 100 12.74 -72.86 -58.08
CA GLN C 100 13.28 -74.18 -57.71
C GLN C 100 14.57 -73.95 -56.95
N VAL C 101 14.53 -74.17 -55.64
CA VAL C 101 15.72 -74.11 -54.80
C VAL C 101 16.35 -75.49 -54.75
N VAL C 102 17.16 -75.81 -55.76
CA VAL C 102 17.80 -77.12 -55.85
C VAL C 102 19.11 -77.09 -55.05
N VAL C 103 19.08 -77.64 -53.85
CA VAL C 103 20.29 -77.70 -53.03
C VAL C 103 21.31 -78.60 -53.72
N ASN C 104 22.58 -78.22 -53.62
CA ASN C 104 23.66 -78.99 -54.25
C ASN C 104 24.93 -78.76 -53.45
N ILE C 105 25.67 -79.84 -53.17
CA ILE C 105 26.83 -79.79 -52.29
C ILE C 105 28.00 -80.48 -53.00
N THR C 106 29.17 -79.85 -52.95
CA THR C 106 30.41 -80.44 -53.44
C THR C 106 31.41 -80.55 -52.29
N LEU C 107 32.01 -81.72 -52.15
CA LEU C 107 33.00 -81.95 -51.12
C LEU C 107 32.47 -81.59 -49.74
N VAL C 111 28.43 -76.86 -51.27
CA VAL C 111 27.65 -76.45 -50.12
C VAL C 111 26.75 -75.27 -50.48
N LYS C 112 26.35 -75.20 -51.74
CA LYS C 112 25.56 -74.10 -52.27
C LYS C 112 24.11 -74.54 -52.48
N ALA C 113 23.30 -73.60 -52.95
CA ALA C 113 21.88 -73.84 -53.24
C ALA C 113 21.56 -73.16 -54.55
N VAL C 114 21.51 -73.94 -55.63
CA VAL C 114 21.23 -73.39 -56.95
C VAL C 114 19.85 -72.74 -56.96
N LYS C 115 19.72 -71.69 -57.76
CA LYS C 115 18.48 -70.93 -57.88
C LYS C 115 17.96 -71.03 -59.31
N ILE C 116 16.65 -71.21 -59.44
CA ILE C 116 16.00 -71.25 -60.74
C ILE C 116 14.73 -70.41 -60.66
N ASN C 117 14.28 -69.92 -61.81
CA ASN C 117 13.10 -69.07 -61.89
C ASN C 117 12.22 -69.55 -63.02
N VAL C 118 10.92 -69.35 -62.86
CA VAL C 118 9.94 -69.75 -63.86
C VAL C 118 8.88 -68.67 -64.03
N ASN C 122 5.40 -70.76 -68.89
CA ASN C 122 6.71 -71.36 -69.13
C ASN C 122 6.54 -72.87 -69.34
N THR C 123 7.62 -73.55 -69.72
CA THR C 123 7.56 -74.96 -70.06
C THR C 123 8.71 -75.68 -69.36
N PRO C 124 8.59 -76.99 -69.16
CA PRO C 124 9.69 -77.74 -68.52
C PRO C 124 11.00 -77.64 -69.28
N ALA C 125 10.96 -77.56 -70.61
CA ALA C 125 12.19 -77.49 -71.38
C ALA C 125 13.00 -76.26 -71.02
N GLN C 126 12.33 -75.10 -70.89
CA GLN C 126 13.04 -73.87 -70.56
C GLN C 126 13.66 -73.93 -69.17
N ILE C 127 12.88 -74.35 -68.17
CA ILE C 127 13.41 -74.39 -66.82
C ILE C 127 14.56 -75.39 -66.70
N ALA C 128 14.44 -76.55 -67.34
CA ALA C 128 15.54 -77.52 -67.30
C ALA C 128 16.81 -76.93 -67.91
N THR C 129 16.69 -76.27 -69.06
CA THR C 129 17.84 -75.64 -69.68
C THR C 129 18.40 -74.53 -68.78
N ALA C 130 17.52 -73.76 -68.16
CA ALA C 130 17.97 -72.67 -67.29
C ALA C 130 18.82 -73.19 -66.14
N LEU C 131 18.41 -74.31 -65.53
CA LEU C 131 19.16 -74.86 -64.42
C LEU C 131 20.58 -75.25 -64.85
N ALA C 132 20.71 -75.91 -65.99
CA ALA C 132 22.02 -76.30 -66.48
C ALA C 132 22.91 -75.08 -66.70
N ASP C 133 22.31 -73.98 -67.17
CA ASP C 133 23.08 -72.77 -67.40
C ASP C 133 23.70 -72.26 -66.10
N ALA C 134 22.94 -72.28 -65.01
CA ALA C 134 23.43 -71.82 -63.72
C ALA C 134 24.45 -72.77 -63.10
N VAL C 135 24.33 -74.08 -63.34
CA VAL C 135 25.32 -75.01 -62.82
C VAL C 135 26.68 -74.71 -63.41
N THR C 136 26.75 -74.54 -64.73
CA THR C 136 28.00 -74.11 -65.36
C THR C 136 28.27 -72.65 -65.02
N ALA C 137 29.56 -72.31 -64.93
CA ALA C 137 29.97 -70.95 -64.60
C ALA C 137 29.45 -70.56 -63.22
N ASP C 138 29.23 -71.54 -62.34
CA ASP C 138 28.73 -71.28 -61.01
C ASP C 138 29.88 -71.26 -60.00
N THR C 142 33.40 -73.26 -60.12
CA THR C 142 33.08 -74.64 -59.74
C THR C 142 33.17 -75.56 -60.95
N GLY C 143 34.14 -75.29 -61.82
CA GLY C 143 34.30 -76.07 -63.03
C GLY C 143 34.89 -77.44 -62.80
N LYS C 144 34.25 -78.23 -61.94
CA LYS C 144 34.66 -79.62 -61.72
C LYS C 144 33.45 -80.54 -61.61
N ALA C 145 32.26 -80.01 -61.90
CA ALA C 145 31.05 -80.80 -61.96
C ALA C 145 30.44 -80.72 -63.35
N THR C 146 29.76 -81.79 -63.75
CA THR C 146 29.16 -81.90 -65.07
C THR C 146 27.66 -81.67 -64.97
N ALA C 147 27.15 -80.85 -65.90
CA ALA C 147 25.72 -80.59 -65.98
C ALA C 147 25.34 -80.36 -67.44
N VAL C 148 24.35 -81.11 -67.91
CA VAL C 148 23.88 -80.97 -69.28
C VAL C 148 22.40 -81.32 -69.33
N ALA C 149 21.59 -80.42 -69.87
CA ALA C 149 20.17 -80.68 -70.03
C ALA C 149 19.92 -81.51 -71.27
N THR C 150 18.85 -82.30 -71.24
CA THR C 150 18.51 -83.16 -72.38
C THR C 150 17.00 -83.27 -72.45
N GLY C 151 16.38 -82.38 -73.24
CA GLY C 151 14.95 -82.47 -73.49
C GLY C 151 14.11 -81.95 -72.34
N THR C 152 14.01 -82.75 -71.27
CA THR C 152 13.19 -82.34 -70.12
C THR C 152 13.83 -82.70 -68.78
N TYR C 153 15.13 -82.95 -68.73
CA TYR C 153 15.81 -83.28 -67.49
C TYR C 153 17.29 -82.91 -67.62
N VAL C 154 17.94 -82.82 -66.46
CA VAL C 154 19.36 -82.45 -66.37
C VAL C 154 20.10 -83.60 -65.70
N THR C 155 21.25 -83.95 -66.26
CA THR C 155 22.11 -84.99 -65.72
C THR C 155 23.30 -84.33 -65.03
N VAL C 156 23.54 -84.70 -63.78
CA VAL C 156 24.62 -84.15 -62.98
C VAL C 156 25.60 -85.26 -62.64
N THR C 157 26.89 -85.03 -62.91
CA THR C 157 27.90 -86.05 -62.69
C THR C 157 29.18 -85.37 -62.23
N ALA C 158 29.94 -86.08 -61.40
CA ALA C 158 31.22 -85.56 -60.91
C ALA C 158 32.32 -85.85 -61.92
N VAL C 159 33.15 -84.83 -62.19
CA VAL C 159 34.24 -84.99 -63.14
C VAL C 159 35.44 -85.69 -62.52
N SER C 160 35.54 -85.70 -61.20
CA SER C 160 36.73 -86.14 -60.50
C SER C 160 36.31 -86.89 -59.25
N PRO C 161 37.25 -87.51 -58.53
CA PRO C 161 36.89 -88.10 -57.24
C PRO C 161 36.56 -87.03 -56.22
N ASN C 162 35.39 -86.41 -56.39
CA ASN C 162 34.96 -85.33 -55.52
C ASN C 162 33.50 -85.57 -55.17
N VAL C 163 33.17 -85.53 -53.88
CA VAL C 163 31.82 -85.85 -53.45
C VAL C 163 30.86 -84.80 -53.99
N VAL C 164 29.81 -85.27 -54.67
CA VAL C 164 28.74 -84.43 -55.19
C VAL C 164 27.41 -84.97 -54.71
N SER C 165 26.56 -84.07 -54.20
CA SER C 165 25.28 -84.47 -53.62
C SER C 165 24.24 -83.44 -54.05
N VAL C 166 23.17 -83.90 -54.70
CA VAL C 166 22.08 -83.05 -55.15
C VAL C 166 20.91 -83.20 -54.18
N GLY C 167 20.35 -82.09 -53.76
CA GLY C 167 19.31 -82.06 -52.74
C GLY C 167 17.92 -81.90 -53.33
N LYS C 168 17.12 -81.06 -52.70
CA LYS C 168 15.73 -80.87 -53.07
C LYS C 168 15.15 -79.73 -52.25
N GLY C 169 14.12 -79.09 -52.80
CA GLY C 169 13.40 -78.08 -52.07
C GLY C 169 12.72 -77.03 -52.94
N ALA C 170 11.49 -76.66 -52.55
CA ALA C 170 10.80 -75.52 -53.13
C ALA C 170 10.35 -75.75 -54.57
N GLY C 171 10.61 -76.96 -55.10
CA GLY C 171 10.23 -77.27 -56.47
C GLY C 171 9.31 -78.48 -56.56
N VAL C 172 8.93 -78.78 -57.79
CA VAL C 172 8.10 -79.95 -58.10
C VAL C 172 8.86 -80.79 -59.11
N TYR C 173 9.60 -81.78 -58.60
CA TYR C 173 10.39 -82.67 -59.44
C TYR C 173 10.89 -83.81 -58.55
N LYS C 174 11.72 -84.67 -59.12
CA LYS C 174 12.27 -85.80 -58.39
C LYS C 174 13.73 -85.99 -58.80
N ILE C 175 14.48 -86.61 -57.90
CA ILE C 175 15.89 -86.93 -58.12
C ILE C 175 16.00 -88.44 -58.31
N VAL C 176 16.69 -88.85 -59.37
CA VAL C 176 16.84 -90.26 -59.72
C VAL C 176 18.33 -90.55 -59.83
N ASN C 177 18.90 -91.12 -58.78
CA ASN C 177 20.29 -91.57 -58.82
C ASN C 177 20.40 -92.87 -59.58
N GLU C 178 21.57 -93.09 -60.18
CA GLU C 178 21.82 -94.28 -60.98
C GLU C 178 23.16 -94.90 -60.59
N SER C 179 23.27 -96.20 -60.80
CA SER C 179 24.47 -96.94 -60.46
C SER C 179 24.56 -98.19 -61.30
N SER C 180 25.78 -98.71 -61.45
CA SER C 180 26.00 -99.94 -62.22
C SER C 180 25.97 -101.19 -61.37
N GLU C 181 26.12 -101.05 -60.05
CA GLU C 181 26.14 -102.21 -59.17
C GLU C 181 24.72 -102.68 -58.89
N THR C 182 24.44 -103.94 -59.23
CA THR C 182 23.12 -104.50 -58.99
C THR C 182 22.91 -104.79 -57.51
N VAL C 183 21.66 -104.73 -57.08
CA VAL C 183 21.34 -104.98 -55.68
C VAL C 183 21.70 -106.42 -55.31
N ALA C 184 21.43 -107.36 -56.21
CA ALA C 184 21.63 -108.77 -55.89
C ALA C 184 23.07 -109.06 -55.50
N THR C 185 24.02 -108.26 -55.99
CA THR C 185 25.43 -108.50 -55.70
C THR C 185 25.97 -107.65 -54.57
N VAL C 186 25.37 -106.48 -54.33
CA VAL C 186 25.85 -105.62 -53.24
C VAL C 186 25.52 -106.21 -51.89
N LEU C 187 24.30 -106.74 -51.73
CA LEU C 187 23.83 -107.17 -50.42
C LEU C 187 24.77 -108.16 -49.72
N PRO C 188 25.32 -109.17 -50.40
CA PRO C 188 26.26 -110.05 -49.70
C PRO C 188 27.47 -109.34 -49.14
N SER C 189 27.82 -108.16 -49.66
CA SER C 189 28.98 -107.45 -49.17
C SER C 189 28.64 -106.63 -47.93
N VAL C 190 27.49 -105.94 -47.93
CA VAL C 190 27.15 -105.11 -46.78
C VAL C 190 26.94 -105.94 -45.54
N ILE C 191 26.30 -107.11 -45.68
CA ILE C 191 26.08 -107.97 -44.52
C ILE C 191 27.39 -108.44 -43.91
N ALA C 192 28.48 -108.45 -44.68
CA ALA C 192 29.76 -108.90 -44.16
C ALA C 192 30.28 -107.96 -43.08
N GLU C 193 30.22 -106.65 -43.32
CA GLU C 193 30.75 -105.71 -42.34
C GLU C 193 29.97 -105.77 -41.03
N ASN C 194 28.64 -105.83 -41.11
CA ASN C 194 27.82 -105.84 -39.92
C ASN C 194 26.47 -106.47 -40.22
N HIS C 195 25.90 -107.13 -39.22
CA HIS C 195 24.60 -107.78 -39.34
C HIS C 195 23.61 -107.32 -38.29
N ASN C 196 23.89 -106.22 -37.58
CA ASN C 196 22.97 -105.73 -36.57
C ASN C 196 21.93 -104.79 -37.16
N TRP C 197 21.08 -105.31 -38.05
CA TRP C 197 19.97 -104.54 -38.58
C TRP C 197 18.88 -105.50 -39.01
N TYR C 198 17.63 -105.09 -38.80
CA TYR C 198 16.49 -105.96 -39.02
C TYR C 198 15.65 -105.57 -40.23
N PHE C 199 15.28 -104.31 -40.37
CA PHE C 199 14.47 -103.87 -41.50
C PHE C 199 15.37 -103.52 -42.68
N LEU C 200 14.90 -103.87 -43.88
CA LEU C 200 15.65 -103.67 -45.11
C LEU C 200 14.85 -102.79 -46.05
N ALA C 201 15.45 -101.70 -46.50
CA ALA C 201 14.84 -100.80 -47.47
C ALA C 201 15.87 -100.48 -48.54
N THR C 202 15.40 -100.25 -49.76
CA THR C 202 16.27 -100.06 -50.90
C THR C 202 15.84 -98.82 -51.68
N GLU C 203 16.83 -98.03 -52.09
CA GLU C 203 16.55 -96.84 -52.89
C GLU C 203 16.24 -97.21 -54.34
N ALA C 204 16.97 -98.16 -54.91
CA ALA C 204 16.76 -98.57 -56.29
C ALA C 204 15.42 -99.30 -56.38
N ARG C 205 14.44 -98.68 -57.02
CA ARG C 205 13.07 -99.17 -57.04
C ARG C 205 12.66 -99.70 -58.41
N SER C 206 13.58 -100.37 -59.10
CA SER C 206 13.25 -101.10 -60.31
C SER C 206 12.53 -102.39 -59.96
N ASP C 207 11.78 -102.91 -60.94
CA ASP C 207 11.02 -104.14 -60.68
C ASP C 207 11.95 -105.30 -60.35
N ALA C 208 13.06 -105.44 -61.08
CA ALA C 208 13.97 -106.54 -60.83
C ALA C 208 14.77 -106.36 -59.54
N ASP C 209 15.16 -105.12 -59.24
CA ASP C 209 15.95 -104.88 -58.04
C ASP C 209 15.16 -105.21 -56.78
N ILE C 210 13.89 -104.82 -56.74
CA ILE C 210 13.06 -105.08 -55.56
C ILE C 210 12.92 -106.58 -55.33
N VAL C 211 12.66 -107.33 -56.40
CA VAL C 211 12.47 -108.77 -56.26
C VAL C 211 13.74 -109.42 -55.74
N ALA C 212 14.90 -108.95 -56.20
CA ALA C 212 16.16 -109.52 -55.74
C ALA C 212 16.33 -109.35 -54.24
N ALA C 213 16.02 -108.16 -53.72
CA ALA C 213 16.14 -107.93 -52.28
C ALA C 213 15.17 -108.80 -51.51
N ALA C 214 13.95 -108.98 -52.03
CA ALA C 214 12.96 -109.78 -51.33
C ALA C 214 13.43 -111.22 -51.15
N GLU C 215 14.03 -111.79 -52.20
CA GLU C 215 14.56 -113.15 -52.08
C GLU C 215 15.69 -113.21 -51.05
N PHE C 216 16.56 -112.20 -51.04
CA PHE C 216 17.66 -112.20 -50.08
C PHE C 216 17.16 -112.11 -48.65
N ALA C 217 16.21 -111.20 -48.40
CA ALA C 217 15.73 -111.02 -47.02
C ALA C 217 15.08 -112.28 -46.49
N LYS C 218 14.30 -112.97 -47.35
CA LYS C 218 13.63 -114.18 -46.90
C LYS C 218 14.63 -115.23 -46.41
N ALA C 219 15.75 -115.37 -47.12
CA ALA C 219 16.73 -116.37 -46.74
C ALA C 219 17.61 -115.94 -45.57
N ASN C 220 17.57 -114.66 -45.20
CA ASN C 220 18.38 -114.15 -44.10
C ASN C 220 17.53 -113.68 -42.92
N TYR C 221 16.24 -113.99 -42.92
CA TYR C 221 15.36 -113.65 -41.80
C TYR C 221 15.41 -112.15 -41.50
N LYS C 222 15.42 -111.35 -42.55
CA LYS C 222 15.20 -109.92 -42.44
C LYS C 222 13.78 -109.59 -42.90
N LEU C 223 13.35 -108.36 -42.63
CA LEU C 223 12.03 -107.88 -43.03
C LEU C 223 12.21 -106.84 -44.11
N HIS C 224 11.48 -106.99 -45.21
CA HIS C 224 11.62 -106.14 -46.38
C HIS C 224 10.41 -105.22 -46.49
N ILE C 225 10.67 -103.94 -46.68
CA ILE C 225 9.64 -102.92 -46.82
C ILE C 225 9.94 -102.10 -48.07
N TYR C 226 8.89 -101.71 -48.79
CA TYR C 226 9.06 -100.93 -50.01
C TYR C 226 7.78 -100.17 -50.32
N ASN C 227 7.93 -98.92 -50.73
CA ASN C 227 6.83 -98.12 -51.27
C ASN C 227 6.86 -98.16 -52.78
N SER C 228 5.75 -97.77 -53.40
CA SER C 228 5.64 -97.81 -54.85
C SER C 228 4.62 -96.78 -55.31
N THR C 229 4.94 -96.06 -56.38
CA THR C 229 4.01 -95.12 -57.00
C THR C 229 3.25 -95.73 -58.16
N ASP C 230 3.40 -97.04 -58.41
CA ASP C 230 2.83 -97.66 -59.59
C ASP C 230 1.31 -97.45 -59.61
N VAL C 231 0.79 -97.00 -60.75
CA VAL C 231 -0.65 -96.84 -60.91
C VAL C 231 -1.33 -98.21 -61.02
N ASP C 232 -0.58 -99.22 -61.48
CA ASP C 232 -1.17 -100.54 -61.64
C ASP C 232 -1.53 -101.18 -60.30
N ALA C 233 -1.06 -100.58 -59.20
CA ALA C 233 -1.33 -101.17 -57.89
C ALA C 233 -2.82 -101.31 -57.64
N TYR C 234 -3.60 -100.27 -57.96
CA TYR C 234 -5.04 -100.29 -57.80
C TYR C 234 -5.78 -100.52 -59.12
N ALA C 235 -5.08 -100.95 -60.16
CA ALA C 235 -5.70 -101.23 -61.45
C ALA C 235 -6.66 -102.40 -61.33
N PRO C 236 -7.45 -102.70 -62.36
CA PRO C 236 -8.39 -103.83 -62.27
C PRO C 236 -7.66 -105.13 -62.01
N GLU C 237 -8.35 -106.04 -61.32
CA GLU C 237 -7.71 -107.27 -60.84
C GLU C 237 -7.09 -108.07 -61.99
N ASN C 238 -7.65 -107.97 -63.19
CA ASN C 238 -7.15 -108.77 -64.30
C ASN C 238 -5.72 -108.37 -64.70
N SER C 239 -5.39 -107.09 -64.59
CA SER C 239 -4.10 -106.59 -65.07
C SER C 239 -3.03 -106.93 -64.03
N ALA C 240 -2.28 -108.00 -64.30
CA ALA C 240 -1.18 -108.40 -63.43
C ALA C 240 0.13 -107.80 -63.90
N ALA C 241 0.16 -106.48 -64.08
CA ALA C 241 1.34 -105.80 -64.59
C ALA C 241 2.13 -105.05 -63.50
N SER C 242 1.78 -105.23 -62.24
CA SER C 242 2.41 -104.51 -61.14
C SER C 242 3.39 -105.43 -60.40
N VAL C 243 4.32 -104.80 -59.68
CA VAL C 243 5.27 -105.56 -58.87
C VAL C 243 4.55 -106.34 -57.79
N PHE C 244 3.44 -105.80 -57.28
CA PHE C 244 2.70 -106.49 -56.23
C PHE C 244 2.23 -107.87 -56.72
N ASP C 245 1.76 -107.94 -57.96
CA ASP C 245 1.32 -109.22 -58.51
C ASP C 245 2.45 -110.23 -58.56
N THR C 246 3.64 -109.79 -58.98
CA THR C 246 4.76 -110.72 -59.11
C THR C 246 5.12 -111.34 -57.77
N LEU C 247 5.18 -110.53 -56.72
CA LEU C 247 5.52 -111.06 -55.39
C LEU C 247 4.44 -112.02 -54.90
N LYS C 248 3.17 -111.69 -55.12
CA LYS C 248 2.09 -112.56 -54.67
C LYS C 248 2.22 -113.95 -55.28
N SER C 249 2.55 -114.01 -56.57
CA SER C 249 2.71 -115.31 -57.22
C SER C 249 3.88 -116.10 -56.63
N LEU C 250 4.98 -115.42 -56.31
CA LEU C 250 6.15 -116.08 -55.76
C LEU C 250 5.99 -116.49 -54.30
N SER C 251 4.91 -116.06 -53.65
CA SER C 251 4.65 -116.43 -52.26
C SER C 251 5.71 -115.86 -51.33
N TYR C 252 6.31 -114.73 -51.71
CA TYR C 252 7.25 -114.06 -50.85
C TYR C 252 6.52 -113.28 -49.76
N ASP C 253 7.26 -112.90 -48.72
CA ASP C 253 6.71 -112.16 -47.59
C ASP C 253 7.41 -110.80 -47.52
N SER C 254 6.70 -109.75 -47.92
CA SER C 254 7.22 -108.39 -47.85
C SER C 254 6.05 -107.44 -47.70
N LEU C 255 6.27 -106.37 -46.95
CA LEU C 255 5.23 -105.39 -46.67
C LEU C 255 5.37 -104.23 -47.66
N GLY C 256 4.43 -104.14 -48.60
CA GLY C 256 4.41 -103.08 -49.57
C GLY C 256 3.13 -102.27 -49.46
N THR C 257 3.23 -100.97 -49.68
CA THR C 257 2.08 -100.08 -49.66
C THR C 257 2.23 -99.03 -50.75
N SER C 258 1.12 -98.73 -51.42
CA SER C 258 1.12 -97.77 -52.51
C SER C 258 1.06 -96.36 -51.94
N ASP C 259 1.91 -95.48 -52.47
CA ASP C 259 1.96 -94.10 -52.02
C ASP C 259 2.51 -93.24 -53.15
N ALA C 260 1.94 -92.04 -53.30
CA ALA C 260 2.32 -91.15 -54.39
C ALA C 260 3.69 -90.52 -54.20
N GLY C 261 4.13 -90.31 -52.95
CA GLY C 261 5.42 -89.74 -52.68
C GLY C 261 6.54 -90.73 -52.49
N ALA C 262 6.31 -92.00 -52.86
CA ALA C 262 7.30 -93.04 -52.61
C ALA C 262 8.65 -92.73 -53.24
N ASP C 263 8.68 -91.96 -54.33
CA ASP C 263 9.92 -91.62 -55.00
C ASP C 263 10.33 -90.17 -54.81
N VAL C 264 9.59 -89.38 -54.03
CA VAL C 264 9.97 -88.00 -53.78
C VAL C 264 10.27 -87.76 -52.31
N ASP C 265 9.73 -88.59 -51.41
CA ASP C 265 9.94 -88.41 -49.98
C ASP C 265 10.49 -89.67 -49.34
N PHE C 266 10.40 -90.81 -50.02
CA PHE C 266 10.87 -92.08 -49.50
C PHE C 266 10.23 -92.37 -48.15
N THR C 267 8.91 -92.54 -48.20
CA THR C 267 8.10 -92.68 -47.00
C THR C 267 8.32 -94.01 -46.27
N GLU C 268 9.24 -94.86 -46.73
CA GLU C 268 9.54 -96.07 -45.99
C GLU C 268 9.92 -95.76 -44.55
N GLY C 269 10.59 -94.64 -44.33
CA GLY C 269 10.99 -94.28 -42.97
C GLY C 269 9.79 -94.10 -42.05
N SER C 270 8.72 -93.49 -42.56
CA SER C 270 7.53 -93.31 -41.73
C SER C 270 6.94 -94.65 -41.32
N VAL C 271 6.90 -95.62 -42.23
CA VAL C 271 6.38 -96.94 -41.88
C VAL C 271 7.26 -97.60 -40.83
N ILE C 272 8.58 -97.54 -41.03
CA ILE C 272 9.50 -98.13 -40.06
C ILE C 272 9.42 -97.40 -38.73
N GLY C 273 9.18 -96.09 -38.75
CA GLY C 273 9.13 -95.33 -37.51
C GLY C 273 8.04 -95.78 -36.57
N ALA C 274 7.05 -96.53 -37.06
CA ALA C 274 5.96 -97.03 -36.25
C ALA C 274 6.12 -98.50 -35.87
N MET C 275 7.30 -99.08 -36.08
CA MET C 275 7.52 -100.49 -35.80
C MET C 275 8.82 -100.74 -35.03
N ALA C 276 9.76 -99.80 -35.09
CA ALA C 276 11.10 -100.07 -34.56
C ALA C 276 11.05 -100.42 -33.08
N ALA C 277 10.32 -99.65 -32.28
CA ALA C 277 10.25 -99.83 -30.84
C ALA C 277 9.07 -100.68 -30.39
N ASN C 278 8.30 -101.23 -31.33
CA ASN C 278 7.11 -102.01 -31.00
C ASN C 278 7.52 -103.47 -30.86
N ASP C 279 7.70 -103.92 -29.63
CA ASP C 279 8.10 -105.31 -29.41
C ASP C 279 6.96 -106.24 -29.82
N PRO C 280 7.23 -107.32 -30.56
CA PRO C 280 6.14 -108.18 -31.02
C PRO C 280 5.39 -108.89 -29.92
N SER C 281 5.94 -108.95 -28.70
CA SER C 281 5.35 -109.77 -27.65
C SER C 281 3.96 -109.33 -27.25
N TYR C 282 3.53 -108.11 -27.60
CA TYR C 282 2.19 -107.65 -27.29
C TYR C 282 1.16 -108.06 -28.33
N GLY C 283 1.59 -108.59 -29.47
CA GLY C 283 0.64 -108.95 -30.50
C GLY C 283 -0.07 -107.80 -31.16
N ASP C 284 0.45 -106.57 -30.99
CA ASP C 284 -0.16 -105.42 -31.64
C ASP C 284 0.15 -105.42 -33.13
N SER C 285 -0.72 -104.79 -33.92
CA SER C 285 -0.62 -104.80 -35.37
C SER C 285 -0.52 -103.37 -35.87
N LEU C 286 -0.42 -103.24 -37.20
CA LEU C 286 -0.30 -101.94 -37.86
C LEU C 286 -1.65 -101.32 -38.22
N HIS C 287 -2.75 -101.95 -37.83
CA HIS C 287 -4.06 -101.40 -38.16
C HIS C 287 -4.29 -100.09 -37.41
N LEU C 288 -4.73 -99.07 -38.16
CA LEU C 288 -5.13 -97.79 -37.61
C LEU C 288 -3.96 -96.98 -37.04
N LYS C 289 -2.74 -97.46 -37.20
CA LYS C 289 -1.60 -96.70 -36.70
C LYS C 289 -1.37 -95.48 -37.58
N THR C 290 -0.84 -94.42 -36.97
CA THR C 290 -0.65 -93.15 -37.66
C THR C 290 0.76 -93.04 -38.22
N MET C 291 0.85 -92.72 -39.51
CA MET C 291 2.15 -92.51 -40.16
C MET C 291 2.35 -91.01 -40.34
N PRO C 292 3.27 -90.38 -39.61
CA PRO C 292 3.47 -88.93 -39.71
C PRO C 292 4.32 -88.49 -40.91
N GLY C 293 3.64 -88.25 -42.03
CA GLY C 293 4.31 -87.75 -43.22
C GLY C 293 3.74 -88.29 -44.52
N MET C 294 3.01 -89.40 -44.45
CA MET C 294 2.34 -89.92 -45.64
C MET C 294 1.08 -89.10 -45.91
N VAL C 295 0.52 -89.30 -47.11
CA VAL C 295 -0.65 -88.56 -47.56
C VAL C 295 -1.79 -89.55 -47.77
N PRO C 296 -3.03 -89.19 -47.42
CA PRO C 296 -4.14 -90.13 -47.58
C PRO C 296 -4.33 -90.57 -49.02
N PHE C 297 -4.78 -91.81 -49.19
CA PHE C 297 -5.08 -92.34 -50.52
C PHE C 297 -6.34 -91.69 -51.06
N ALA C 298 -6.35 -91.41 -52.37
CA ALA C 298 -7.43 -90.62 -52.96
C ALA C 298 -8.31 -91.42 -53.90
N GLY C 299 -7.80 -92.50 -54.47
CA GLY C 299 -8.51 -93.21 -55.52
C GLY C 299 -9.87 -93.69 -55.05
N SER C 300 -10.94 -93.03 -55.51
CA SER C 300 -12.34 -93.42 -55.30
C SER C 300 -12.56 -94.42 -54.17
N ASP C 301 -13.38 -95.44 -54.41
CA ASP C 301 -13.60 -96.51 -53.44
C ASP C 301 -13.36 -97.87 -54.08
N THR C 302 -13.74 -98.01 -55.35
CA THR C 302 -13.44 -99.24 -56.07
C THR C 302 -11.94 -99.45 -56.20
N GLN C 303 -11.20 -98.36 -56.47
CA GLN C 303 -9.75 -98.46 -56.53
C GLN C 303 -9.20 -99.02 -55.23
N ARG C 304 -9.81 -98.65 -54.09
CA ARG C 304 -9.40 -99.23 -52.82
C ARG C 304 -9.65 -100.73 -52.81
N SER C 305 -10.77 -101.17 -53.39
CA SER C 305 -11.05 -102.60 -53.45
C SER C 305 -9.99 -103.34 -54.26
N ASN C 306 -9.57 -102.77 -55.38
CA ASN C 306 -8.57 -103.44 -56.22
C ASN C 306 -7.26 -103.60 -55.47
N ALA C 307 -6.83 -102.56 -54.76
CA ALA C 307 -5.57 -102.63 -54.03
C ALA C 307 -5.62 -103.71 -52.95
N TRP C 308 -6.77 -103.83 -52.27
CA TRP C 308 -6.87 -104.81 -51.19
C TRP C 308 -6.66 -106.22 -51.71
N SER C 309 -7.27 -106.56 -52.84
CA SER C 309 -7.05 -107.87 -53.43
C SER C 309 -5.60 -108.04 -53.88
N ARG C 310 -4.89 -106.93 -54.08
CA ARG C 310 -3.51 -106.98 -54.51
C ARG C 310 -2.54 -107.17 -53.36
N ASN C 311 -3.05 -107.18 -52.12
CA ASN C 311 -2.19 -107.14 -50.93
C ASN C 311 -1.29 -105.90 -50.97
N ALA C 312 -1.85 -104.79 -51.45
CA ALA C 312 -1.16 -103.51 -51.52
C ALA C 312 -1.84 -102.56 -50.52
N ASN C 313 -1.24 -102.44 -49.34
CA ASN C 313 -1.83 -101.61 -48.30
C ASN C 313 -1.81 -100.15 -48.69
N ILE C 314 -2.74 -99.38 -48.13
CA ILE C 314 -2.90 -97.97 -48.45
C ILE C 314 -2.98 -97.17 -47.16
N TYR C 315 -2.60 -95.89 -47.25
CA TYR C 315 -2.78 -94.95 -46.17
C TYR C 315 -4.05 -94.16 -46.43
N ARG C 316 -5.03 -94.29 -45.53
CA ARG C 316 -6.35 -93.74 -45.75
C ARG C 316 -6.72 -92.81 -44.60
N GLY C 317 -7.31 -91.67 -44.95
CA GLY C 317 -7.69 -90.68 -43.96
C GLY C 317 -9.17 -90.76 -43.62
N LEU C 318 -9.46 -90.76 -42.32
CA LEU C 318 -10.82 -90.82 -41.84
C LEU C 318 -10.95 -89.93 -40.61
N TYR C 319 -12.09 -89.24 -40.52
CA TYR C 319 -12.40 -88.44 -39.34
C TYR C 319 -11.27 -87.47 -39.02
N GLY C 320 -10.73 -86.83 -40.07
CA GLY C 320 -9.73 -85.80 -39.91
C GLY C 320 -8.30 -86.29 -39.81
N GLY C 321 -8.08 -87.52 -39.37
CA GLY C 321 -6.74 -88.06 -39.22
C GLY C 321 -6.38 -89.02 -40.35
N GLY C 322 -5.19 -89.58 -40.22
CA GLY C 322 -4.70 -90.59 -41.16
C GLY C 322 -4.54 -91.92 -40.44
N SER C 323 -4.91 -93.00 -41.14
CA SER C 323 -4.90 -94.33 -40.54
C SER C 323 -4.39 -95.34 -41.56
N TYR C 324 -3.41 -96.13 -41.13
CA TYR C 324 -2.91 -97.23 -41.95
C TYR C 324 -3.83 -98.43 -41.78
N ILE C 325 -4.28 -98.99 -42.91
CA ILE C 325 -5.32 -100.01 -42.91
C ILE C 325 -4.70 -101.34 -43.32
N GLU C 326 -4.67 -102.28 -42.36
CA GLU C 326 -4.26 -103.66 -42.61
C GLU C 326 -2.81 -103.75 -43.07
N GLY C 327 -2.03 -104.60 -42.41
CA GLY C 327 -0.66 -104.82 -42.79
C GLY C 327 -0.45 -106.17 -43.45
N LYS C 328 -1.38 -106.58 -44.31
CA LYS C 328 -1.24 -107.85 -45.01
C LYS C 328 0.04 -107.85 -45.82
N THR C 329 0.79 -108.95 -45.74
CA THR C 329 2.00 -109.10 -46.52
C THR C 329 1.67 -109.61 -47.93
N SER C 330 2.71 -109.74 -48.75
CA SER C 330 2.51 -110.16 -50.13
C SER C 330 1.81 -111.51 -50.22
N SER C 331 2.11 -112.42 -49.29
CA SER C 331 1.51 -113.75 -49.34
C SER C 331 0.11 -113.79 -48.77
N GLY C 332 -0.33 -112.74 -48.07
CA GLY C 332 -1.64 -112.68 -47.47
C GLY C 332 -1.63 -112.81 -45.96
N GLN C 333 -0.55 -113.29 -45.37
CA GLN C 333 -0.45 -113.36 -43.92
C GLN C 333 -0.28 -111.98 -43.32
N TYR C 334 -0.93 -111.75 -42.19
CA TYR C 334 -0.83 -110.47 -41.50
C TYR C 334 0.59 -110.25 -41.00
N VAL C 335 1.02 -108.99 -41.01
CA VAL C 335 2.41 -108.68 -40.64
C VAL C 335 2.66 -109.05 -39.19
N ASP C 336 1.72 -108.74 -38.28
CA ASP C 336 1.97 -108.98 -36.87
C ASP C 336 2.27 -110.46 -36.60
N VAL C 337 1.68 -111.35 -37.39
CA VAL C 337 1.99 -112.78 -37.25
C VAL C 337 3.43 -113.05 -37.67
N ILE C 338 3.87 -112.45 -38.77
CA ILE C 338 5.22 -112.70 -39.26
C ILE C 338 6.26 -112.20 -38.27
N ARG C 339 6.04 -110.99 -37.72
CA ARG C 339 6.98 -110.48 -36.73
C ARG C 339 7.01 -111.37 -35.48
N PHE C 340 5.86 -111.91 -35.09
CA PHE C 340 5.84 -112.82 -33.94
C PHE C 340 6.69 -114.05 -34.20
N SER C 341 6.60 -114.62 -35.40
CA SER C 341 7.38 -115.82 -35.70
C SER C 341 8.87 -115.53 -35.58
N HIS C 342 9.32 -114.41 -36.14
CA HIS C 342 10.73 -114.05 -36.01
C HIS C 342 11.10 -113.76 -34.56
N TRP C 343 10.21 -113.12 -33.81
CA TRP C 343 10.47 -112.88 -32.40
C TRP C 343 10.62 -114.19 -31.63
N VAL C 344 9.77 -115.17 -31.93
CA VAL C 344 9.88 -116.46 -31.26
C VAL C 344 11.22 -117.12 -31.58
N LYS C 345 11.63 -117.10 -32.85
CA LYS C 345 12.87 -117.74 -33.24
C LYS C 345 14.06 -117.10 -32.53
N PHE C 346 14.18 -115.76 -32.62
CA PHE C 346 15.36 -115.10 -32.09
C PHE C 346 15.48 -115.25 -30.58
N ARG C 347 14.38 -115.10 -29.85
CA ARG C 347 14.46 -115.11 -28.39
C ARG C 347 14.58 -116.50 -27.79
N MET C 348 14.40 -117.56 -28.59
CA MET C 348 14.64 -118.91 -28.09
C MET C 348 16.08 -119.35 -28.32
N GLU C 349 16.70 -118.88 -29.41
CA GLU C 349 18.11 -119.18 -29.63
C GLU C 349 18.98 -118.54 -28.56
N GLU C 350 18.76 -117.26 -28.29
CA GLU C 350 19.58 -116.56 -27.30
C GLU C 350 19.40 -117.17 -25.92
N SER C 351 18.15 -117.49 -25.55
CA SER C 351 17.89 -118.04 -24.23
C SER C 351 18.61 -119.36 -23.99
N VAL C 352 18.53 -120.30 -24.93
CA VAL C 352 19.22 -121.57 -24.77
C VAL C 352 20.72 -121.37 -24.90
N PHE C 353 21.16 -120.58 -25.87
CA PHE C 353 22.59 -120.34 -26.04
C PHE C 353 23.18 -119.69 -24.81
N ALA C 354 22.52 -118.67 -24.27
CA ALA C 354 23.02 -117.98 -23.10
C ALA C 354 23.12 -118.89 -21.88
N TYR C 355 22.30 -119.94 -21.80
CA TYR C 355 22.38 -120.87 -20.69
C TYR C 355 23.57 -121.81 -20.81
N MET C 356 23.86 -122.28 -22.03
CA MET C 356 24.99 -123.18 -22.21
C MET C 356 26.32 -122.49 -21.92
N LYS C 357 26.44 -121.21 -22.26
CA LYS C 357 27.68 -120.50 -21.99
C LYS C 357 27.90 -120.29 -20.50
N ARG C 358 26.82 -120.11 -19.73
CA ARG C 358 26.96 -119.93 -18.29
C ARG C 358 27.44 -121.24 -17.65
N ARG C 359 27.29 -122.35 -18.36
CA ARG C 359 27.71 -123.65 -17.85
C ARG C 359 29.05 -124.04 -18.44
N SER C 360 29.33 -123.60 -19.66
CA SER C 360 30.60 -123.93 -20.29
C SER C 360 31.74 -123.13 -19.68
N ASP C 361 31.46 -121.92 -19.22
CA ASP C 361 32.47 -121.07 -18.61
C ASP C 361 32.73 -121.39 -17.15
N MET C 362 31.89 -122.21 -16.53
CA MET C 362 32.12 -122.67 -15.16
C MET C 362 32.88 -123.99 -15.11
N GLY C 363 33.20 -124.56 -16.26
CA GLY C 363 33.88 -125.84 -16.32
C GLY C 363 32.91 -127.00 -16.33
N LEU C 364 31.68 -126.75 -15.88
CA LEU C 364 30.67 -127.79 -15.80
C LEU C 364 29.77 -127.75 -17.03
N SER C 365 30.33 -128.04 -18.20
CA SER C 365 29.56 -127.98 -19.44
C SER C 365 28.39 -128.96 -19.38
N MET C 366 27.31 -128.61 -20.08
CA MET C 366 26.12 -129.44 -20.08
C MET C 366 26.39 -130.77 -20.77
N LYS C 367 25.76 -131.83 -20.28
CA LYS C 367 26.00 -133.18 -20.77
C LYS C 367 24.68 -133.84 -21.12
N MET C 368 24.72 -134.77 -22.08
CA MET C 368 23.53 -135.44 -22.60
C MET C 368 23.17 -136.61 -21.69
N SER C 369 22.29 -136.34 -20.73
CA SER C 369 21.79 -137.37 -19.84
C SER C 369 20.42 -136.96 -19.35
N ASP C 370 19.66 -137.95 -18.86
CA ASP C 370 18.31 -137.70 -18.38
C ASP C 370 18.28 -136.84 -17.12
N GLU C 371 19.41 -136.66 -16.45
CA GLU C 371 19.47 -135.82 -15.26
C GLU C 371 19.75 -134.36 -15.56
N ASP C 372 20.01 -134.02 -16.82
CA ASP C 372 20.33 -132.66 -17.22
C ASP C 372 19.41 -132.11 -18.30
N LEU C 373 19.01 -132.94 -19.26
CA LEU C 373 18.14 -132.47 -20.33
C LEU C 373 16.84 -131.87 -19.83
N PRO C 374 16.15 -132.43 -18.83
CA PRO C 374 14.86 -131.87 -18.44
C PRO C 374 14.91 -130.42 -17.98
N VAL C 375 16.09 -129.90 -17.63
CA VAL C 375 16.17 -128.55 -17.11
C VAL C 375 15.72 -127.53 -18.13
N LEU C 376 15.77 -127.87 -19.43
CA LEU C 376 15.42 -126.91 -20.45
C LEU C 376 14.00 -126.36 -20.28
N LYS C 377 13.10 -127.13 -19.70
CA LYS C 377 11.73 -126.64 -19.51
C LYS C 377 11.72 -125.38 -18.67
N SER C 378 12.64 -125.28 -17.70
CA SER C 378 12.72 -124.07 -16.89
C SER C 378 13.36 -122.93 -17.66
N VAL C 379 14.24 -123.22 -18.62
CA VAL C 379 14.89 -122.18 -19.39
C VAL C 379 13.92 -121.61 -20.43
N LEU C 380 13.34 -122.48 -21.25
CA LEU C 380 12.43 -122.01 -22.29
C LEU C 380 11.20 -121.34 -21.69
N MET C 381 10.63 -121.91 -20.63
CA MET C 381 9.46 -121.28 -20.02
C MET C 381 9.81 -119.93 -19.42
N ASN C 382 11.08 -119.68 -19.13
CA ASN C 382 11.45 -118.48 -18.40
C ASN C 382 11.54 -117.27 -19.33
N ASN C 383 12.50 -117.27 -20.25
CA ASN C 383 12.75 -116.05 -21.01
C ASN C 383 11.73 -115.82 -22.11
N PRO C 384 11.60 -116.71 -23.10
CA PRO C 384 10.65 -116.43 -24.21
C PRO C 384 9.19 -116.54 -23.82
N ILE C 385 8.81 -117.68 -23.23
CA ILE C 385 7.39 -117.99 -23.07
C ILE C 385 6.74 -117.07 -22.04
N ASN C 386 7.36 -116.93 -20.87
CA ASN C 386 6.70 -116.19 -19.79
C ASN C 386 6.48 -114.73 -20.16
N ILE C 387 7.39 -114.14 -20.93
CA ILE C 387 7.23 -112.75 -21.34
C ILE C 387 5.98 -112.60 -22.20
N GLY C 388 5.76 -113.53 -23.12
CA GLY C 388 4.60 -113.45 -23.98
C GLY C 388 3.30 -113.46 -23.21
N ILE C 389 3.19 -114.37 -22.24
CA ILE C 389 1.97 -114.46 -21.45
C ILE C 389 1.72 -113.18 -20.67
N ARG C 390 2.78 -112.62 -20.08
CA ARG C 390 2.62 -111.40 -19.30
C ARG C 390 2.08 -110.26 -20.17
N ASN C 391 2.60 -110.13 -21.39
CA ASN C 391 2.23 -109.04 -22.28
C ASN C 391 0.96 -109.33 -23.07
N GLY C 392 0.39 -110.52 -22.95
CA GLY C 392 -0.86 -110.86 -23.61
C GLY C 392 -0.72 -111.40 -25.01
N GLY C 393 0.50 -111.63 -25.49
CA GLY C 393 0.69 -112.12 -26.84
C GLY C 393 0.40 -113.60 -27.01
N ILE C 394 0.35 -114.37 -25.93
CA ILE C 394 0.14 -115.81 -25.99
C ILE C 394 -1.12 -116.15 -25.20
N LEU C 395 -2.05 -116.83 -25.85
CA LEU C 395 -3.29 -117.24 -25.21
C LEU C 395 -3.06 -118.39 -24.24
N THR C 396 -3.86 -118.45 -23.19
CA THR C 396 -3.84 -119.55 -22.24
C THR C 396 -5.25 -119.76 -21.71
N GLY C 397 -5.50 -120.96 -21.21
CA GLY C 397 -6.78 -121.28 -20.63
C GLY C 397 -7.42 -122.53 -21.20
N TYR C 398 -8.68 -122.43 -21.59
CA TYR C 398 -9.46 -123.57 -22.06
C TYR C 398 -10.37 -123.13 -23.18
N ASP C 399 -10.70 -124.08 -24.06
CA ASP C 399 -11.60 -123.84 -25.18
C ASP C 399 -12.89 -124.61 -24.93
N THR C 400 -14.02 -123.91 -25.01
CA THR C 400 -15.30 -124.51 -24.67
C THR C 400 -15.95 -125.23 -25.85
N GLU C 401 -15.44 -125.06 -27.07
CA GLU C 401 -16.01 -125.70 -28.24
C GLU C 401 -15.17 -126.88 -28.71
N ASN C 402 -13.88 -126.66 -29.00
CA ASN C 402 -13.00 -127.76 -29.35
C ASN C 402 -12.67 -128.63 -28.14
N LYS C 403 -12.88 -128.12 -26.93
CA LYS C 403 -12.61 -128.83 -25.68
C LYS C 403 -11.13 -129.13 -25.49
N VAL C 404 -10.24 -128.24 -25.91
CA VAL C 404 -8.80 -128.41 -25.74
C VAL C 404 -8.26 -127.24 -24.94
N SER C 405 -7.10 -127.44 -24.33
CA SER C 405 -6.45 -126.40 -23.54
C SER C 405 -5.34 -125.74 -24.35
N TYR C 406 -5.14 -124.45 -24.09
CA TYR C 406 -4.17 -123.67 -24.85
C TYR C 406 -2.80 -123.58 -24.17
N ASP C 407 -2.62 -124.23 -23.02
CA ASP C 407 -1.38 -124.07 -22.29
C ASP C 407 -0.21 -124.54 -23.14
N PRO C 408 0.91 -123.79 -23.18
CA PRO C 408 2.06 -124.24 -23.97
C PRO C 408 2.62 -125.57 -23.49
N THR C 409 3.04 -126.42 -24.42
CA THR C 409 3.63 -127.69 -24.07
C THR C 409 5.08 -127.76 -24.55
N ILE C 410 5.90 -128.47 -23.79
CA ILE C 410 7.31 -128.66 -24.12
C ILE C 410 7.62 -130.14 -23.90
N ILE C 411 8.15 -130.80 -24.93
CA ILE C 411 8.50 -132.21 -24.88
C ILE C 411 9.98 -132.36 -25.15
N ILE C 412 10.68 -133.10 -24.30
CA ILE C 412 12.11 -133.32 -24.44
C ILE C 412 12.35 -134.84 -24.52
N PRO C 413 13.24 -135.30 -25.40
CA PRO C 413 13.45 -136.75 -25.52
C PRO C 413 14.28 -137.32 -24.38
N LYS C 414 14.60 -138.61 -24.46
CA LYS C 414 15.39 -139.30 -23.47
C LYS C 414 16.64 -139.88 -24.12
N ARG C 415 17.69 -140.04 -23.31
CA ARG C 415 18.96 -140.53 -23.85
C ARG C 415 18.78 -141.86 -24.57
N ALA C 416 17.93 -142.74 -24.03
CA ALA C 416 17.68 -144.02 -24.66
C ALA C 416 17.00 -143.88 -26.02
N ASN C 417 16.42 -142.71 -26.31
CA ASN C 417 15.69 -142.48 -27.55
C ASN C 417 16.51 -141.73 -28.59
N ILE C 418 17.80 -141.51 -28.34
CA ILE C 418 18.67 -140.75 -29.24
C ILE C 418 19.49 -141.75 -30.05
N PRO C 419 19.51 -141.63 -31.38
CA PRO C 419 20.32 -142.58 -32.17
C PRO C 419 21.79 -142.48 -31.83
N THR C 420 22.49 -143.61 -31.98
CA THR C 420 23.92 -143.63 -31.69
C THR C 420 24.69 -142.60 -32.50
N ASN C 421 24.22 -142.33 -33.73
CA ASN C 421 24.92 -141.38 -34.59
C ASN C 421 24.93 -139.99 -33.97
N ASP C 422 23.80 -139.54 -33.42
CA ASP C 422 23.73 -138.20 -32.84
C ASP C 422 24.65 -138.03 -31.64
N LEU C 423 24.80 -139.06 -30.81
CA LEU C 423 25.72 -138.95 -29.69
C LEU C 423 27.15 -138.70 -30.16
N ALA C 424 27.54 -139.32 -31.27
CA ALA C 424 28.87 -139.06 -31.83
C ALA C 424 28.99 -137.61 -32.27
N ALA C 425 27.95 -137.07 -32.92
CA ALA C 425 27.99 -135.68 -33.37
C ALA C 425 27.72 -134.70 -32.25
N ARG C 426 27.18 -135.16 -31.12
CA ARG C 426 26.91 -134.31 -29.96
C ARG C 426 25.87 -133.24 -30.30
N ILE C 427 24.78 -133.66 -30.94
CA ILE C 427 23.71 -132.74 -31.30
C ILE C 427 22.38 -133.36 -30.89
N LEU C 428 21.55 -132.57 -30.22
CA LEU C 428 20.20 -133.00 -29.84
C LEU C 428 19.20 -132.55 -30.88
N ARG C 429 18.11 -133.30 -31.01
CA ARG C 429 17.10 -133.03 -32.01
C ARG C 429 15.72 -133.37 -31.46
N ASP C 430 14.70 -132.91 -32.18
CA ASP C 430 13.32 -133.32 -31.95
C ASP C 430 12.75 -132.71 -30.66
N VAL C 431 13.22 -131.52 -30.27
CA VAL C 431 12.56 -130.77 -29.22
C VAL C 431 11.36 -130.04 -29.82
N LYS C 432 10.20 -130.23 -29.23
CA LYS C 432 8.95 -129.73 -29.79
C LYS C 432 8.27 -128.79 -28.82
N VAL C 433 7.68 -127.72 -29.36
CA VAL C 433 7.00 -126.72 -28.55
C VAL C 433 5.71 -126.33 -29.27
N GLU C 434 4.71 -125.91 -28.50
CA GLU C 434 3.44 -125.47 -29.04
C GLU C 434 3.03 -124.17 -28.37
N LEU C 435 2.38 -123.30 -29.16
CA LEU C 435 1.91 -122.02 -28.67
C LEU C 435 0.62 -121.65 -29.39
N VAL C 436 -0.12 -120.73 -28.81
CA VAL C 436 -1.34 -120.18 -29.41
C VAL C 436 -1.19 -118.67 -29.52
N TYR C 437 -1.46 -118.14 -30.69
CA TYR C 437 -1.36 -116.71 -30.91
C TYR C 437 -2.67 -116.02 -30.55
N ASN C 438 -2.55 -114.75 -30.15
CA ASN C 438 -3.69 -113.93 -29.79
C ASN C 438 -3.93 -112.89 -30.87
N ASN C 439 -5.13 -112.90 -31.44
CA ASN C 439 -5.44 -112.08 -32.62
C ASN C 439 -6.13 -110.79 -32.20
N SER C 440 -5.65 -109.68 -32.75
CA SER C 440 -6.24 -108.38 -32.50
C SER C 440 -7.58 -108.25 -33.21
N LEU C 441 -8.27 -107.13 -33.03
CA LEU C 441 -9.57 -106.87 -33.64
C LEU C 441 -9.42 -105.82 -34.73
N HIS C 442 -9.97 -106.11 -35.90
CA HIS C 442 -9.86 -105.22 -37.05
C HIS C 442 -11.18 -104.63 -37.51
N TYR C 443 -12.25 -105.41 -37.53
CA TYR C 443 -13.52 -104.97 -38.07
C TYR C 443 -14.63 -105.31 -37.09
N VAL C 444 -15.68 -104.49 -37.10
CA VAL C 444 -16.82 -104.65 -36.21
C VAL C 444 -18.09 -104.24 -36.95
N LYS C 445 -19.18 -104.95 -36.66
CA LYS C 445 -20.47 -104.68 -37.26
C LYS C 445 -21.51 -104.51 -36.17
N ILE C 446 -22.51 -103.67 -36.46
CA ILE C 446 -23.54 -103.32 -35.50
C ILE C 446 -24.89 -103.38 -36.19
N ARG C 447 -25.92 -103.78 -35.44
CA ARG C 447 -27.29 -103.83 -35.93
C ARG C 447 -28.18 -103.05 -34.96
N ALA C 448 -28.26 -101.74 -35.18
CA ALA C 448 -29.09 -100.89 -34.33
C ALA C 448 -30.54 -100.95 -34.80
N SER C 449 -31.44 -100.51 -33.91
CA SER C 449 -32.85 -100.49 -34.24
C SER C 449 -33.49 -99.29 -33.56
N VAL C 450 -34.59 -98.82 -34.15
CA VAL C 450 -35.30 -97.65 -33.65
C VAL C 450 -36.78 -97.97 -33.56
N VAL C 451 -37.38 -97.58 -32.44
CA VAL C 451 -38.80 -97.76 -32.20
C VAL C 451 -39.48 -96.40 -32.24
N LEU C 452 -40.62 -96.34 -32.92
CA LEU C 452 -41.31 -95.07 -33.14
C LEU C 452 -42.39 -94.77 -32.12
N ASP C 453 -43.21 -95.75 -31.73
CA ASP C 453 -44.29 -95.47 -30.79
C ASP C 453 -44.84 -96.77 -30.22
N ARG C 454 -44.83 -96.84 -28.89
CA ARG C 454 -45.55 -97.87 -28.12
C ARG C 454 -45.39 -99.26 -28.73
N PRO C 455 -44.23 -99.89 -28.60
CA PRO C 455 -44.11 -101.28 -29.05
C PRO C 455 -45.08 -102.18 -28.30
N ALA C 456 -45.55 -103.21 -29.00
CA ALA C 456 -46.57 -104.09 -28.42
C ALA C 456 -46.02 -104.83 -27.22
N GLY C 457 -46.92 -105.18 -26.30
CA GLY C 457 -46.56 -105.90 -25.09
C GLY C 457 -45.86 -107.22 -25.38
N GLN C 458 -44.83 -107.53 -24.60
CA GLN C 458 -44.03 -108.72 -24.85
C GLN C 458 -44.69 -109.94 -24.23
N SER C 459 -44.18 -111.11 -24.60
CA SER C 459 -44.70 -112.37 -24.08
C SER C 459 -44.51 -112.43 -22.57
N THR C 460 -45.46 -113.05 -21.88
CA THR C 460 -45.45 -113.08 -20.42
C THR C 460 -44.82 -114.35 -19.88
N ASN C 461 -44.22 -115.17 -20.76
CA ASN C 461 -43.63 -116.42 -20.32
C ASN C 461 -42.55 -116.16 -19.28
N ALA C 462 -42.60 -116.90 -18.17
CA ALA C 462 -41.68 -116.69 -17.06
C ALA C 462 -40.98 -117.97 -16.65
N GLN C 463 -40.82 -118.91 -17.57
CA GLN C 463 -40.11 -120.16 -17.30
C GLN C 463 -38.69 -120.08 -17.84
N THR C 464 -37.84 -120.94 -17.31
CA THR C 464 -36.48 -121.05 -17.83
C THR C 464 -36.54 -121.61 -19.24
N PRO C 465 -35.89 -120.97 -20.23
CA PRO C 465 -36.02 -121.43 -21.61
C PRO C 465 -35.35 -122.78 -21.81
N MET C 466 -36.13 -123.78 -22.21
CA MET C 466 -35.57 -125.09 -22.52
C MET C 466 -34.57 -124.95 -23.66
N SER C 467 -33.42 -125.60 -23.52
CA SER C 467 -32.32 -125.42 -24.45
C SER C 467 -32.34 -126.42 -25.61
N SER C 468 -33.29 -127.36 -25.63
CA SER C 468 -33.31 -128.33 -26.71
C SER C 468 -34.72 -128.91 -26.83
N SER C 469 -35.09 -129.27 -28.06
CA SER C 469 -36.37 -129.90 -28.31
C SER C 469 -36.34 -131.34 -27.82
N ALA C 470 -37.46 -131.77 -27.22
CA ALA C 470 -37.53 -133.11 -26.67
C ALA C 470 -37.41 -134.16 -27.76
N VAL C 471 -38.07 -133.96 -28.89
CA VAL C 471 -38.09 -134.96 -29.95
C VAL C 471 -36.81 -134.87 -30.76
N GLY C 472 -35.99 -135.91 -30.68
CA GLY C 472 -34.76 -135.98 -31.46
C GLY C 472 -34.46 -137.37 -31.96
N VAL C 473 -35.40 -138.29 -31.77
CA VAL C 473 -35.22 -139.68 -32.17
C VAL C 473 -36.46 -140.15 -32.94
N GLU D 3 35.35 -45.10 25.24
CA GLU D 3 35.09 -43.70 24.79
C GLU D 3 34.22 -42.94 25.80
N TYR D 4 34.42 -41.63 25.87
CA TYR D 4 33.70 -40.77 26.79
C TYR D 4 32.62 -40.00 26.04
N GLN D 5 31.42 -39.97 26.59
CA GLN D 5 30.29 -39.26 26.00
C GLN D 5 29.77 -38.26 27.02
N ASP D 6 30.02 -36.97 26.78
CA ASP D 6 29.54 -35.94 27.69
C ASP D 6 28.02 -35.93 27.74
N LYS D 7 27.37 -36.05 26.58
CA LYS D 7 25.91 -35.96 26.50
C LYS D 7 25.31 -37.34 26.76
N VAL D 8 24.45 -37.44 27.77
CA VAL D 8 23.75 -38.70 28.00
C VAL D 8 22.87 -39.04 26.82
N VAL D 9 22.15 -38.06 26.29
CA VAL D 9 21.35 -38.22 25.07
C VAL D 9 21.83 -37.20 24.06
N ASP D 10 22.16 -37.67 22.86
CA ASP D 10 22.71 -36.83 21.81
C ASP D 10 21.77 -36.82 20.61
N VAL D 11 21.50 -35.62 20.11
CA VAL D 11 20.60 -35.45 18.97
C VAL D 11 21.21 -34.47 17.99
N GLU D 12 21.73 -34.99 16.88
CA GLU D 12 22.30 -34.16 15.83
C GLU D 12 21.26 -33.93 14.75
N VAL D 13 20.93 -32.66 14.48
CA VAL D 13 19.91 -32.34 13.49
C VAL D 13 20.57 -32.02 12.16
N SER D 14 19.92 -32.42 11.07
CA SER D 14 20.37 -32.10 9.72
C SER D 14 19.18 -31.59 8.92
N LEU D 15 19.47 -30.79 7.90
CA LEU D 15 18.46 -30.11 7.13
C LEU D 15 18.56 -30.46 5.66
N GLY D 16 17.41 -30.76 5.06
CA GLY D 16 17.30 -30.94 3.62
C GLY D 16 17.56 -32.34 3.10
N THR D 17 18.10 -33.24 3.93
CA THR D 17 18.42 -34.58 3.46
C THR D 17 17.15 -35.38 3.17
N GLY D 24 22.13 -57.44 -1.37
CA GLY D 24 23.15 -57.04 -2.30
C GLY D 24 22.63 -56.86 -3.71
N PHE D 25 23.45 -56.26 -4.57
CA PHE D 25 23.07 -56.01 -5.96
C PHE D 25 24.27 -56.33 -6.85
N GLU D 26 23.99 -56.45 -8.14
CA GLU D 26 25.03 -56.80 -9.11
C GLU D 26 25.76 -55.51 -9.50
N THR D 27 26.97 -55.36 -8.98
CA THR D 27 27.75 -54.16 -9.25
C THR D 27 28.36 -54.21 -10.65
N PRO D 28 28.27 -53.14 -11.42
CA PRO D 28 28.94 -53.12 -12.73
C PRO D 28 30.41 -52.75 -12.62
N MET D 29 31.09 -52.83 -13.75
CA MET D 29 32.49 -52.46 -13.84
C MET D 29 32.71 -51.69 -15.14
N PHE D 30 33.29 -50.49 -15.02
CA PHE D 30 33.56 -49.62 -16.16
C PHE D 30 35.07 -49.51 -16.33
N LEU D 31 35.56 -49.87 -17.51
CA LEU D 31 36.99 -49.90 -17.78
C LEU D 31 37.39 -48.55 -18.40
N ALA D 32 37.93 -47.67 -17.58
CA ALA D 32 38.32 -46.34 -18.03
C ALA D 32 39.82 -46.28 -18.29
N MET D 33 40.23 -45.23 -19.01
CA MET D 33 41.64 -44.95 -19.25
C MET D 33 42.06 -43.83 -18.31
N HIS D 34 42.96 -44.12 -17.37
CA HIS D 34 43.40 -43.12 -16.41
C HIS D 34 44.54 -43.70 -15.59
N GLY D 35 45.06 -42.89 -14.68
CA GLY D 35 46.12 -43.28 -13.77
C GLY D 35 45.98 -42.75 -12.36
N ASN D 36 44.76 -42.54 -11.87
CA ASN D 36 44.53 -41.92 -10.57
C ASN D 36 44.88 -42.83 -9.40
N PHE D 37 45.14 -44.12 -9.63
CA PHE D 37 45.56 -45.02 -8.56
C PHE D 37 46.33 -46.17 -9.20
N PRO D 38 47.16 -46.88 -8.42
CA PRO D 38 47.97 -47.95 -8.99
C PRO D 38 47.20 -49.24 -9.22
N GLU D 39 46.18 -49.50 -8.41
CA GLU D 39 45.40 -50.73 -8.53
C GLU D 39 44.69 -50.76 -9.88
N ARG D 40 44.06 -51.89 -10.21
CA ARG D 40 43.32 -52.02 -11.46
C ARG D 40 41.81 -52.10 -11.26
N ILE D 41 41.34 -52.24 -10.02
CA ILE D 41 39.92 -52.21 -9.72
C ILE D 41 39.73 -51.53 -8.37
N ARG D 42 38.82 -50.56 -8.32
CA ARG D 42 38.44 -49.88 -7.09
C ARG D 42 36.93 -49.74 -7.05
N PHE D 43 36.37 -49.84 -5.85
CA PHE D 43 34.93 -49.77 -5.65
C PHE D 43 34.56 -48.44 -5.01
N TYR D 44 33.59 -47.76 -5.61
CA TYR D 44 33.09 -46.49 -5.10
C TYR D 44 31.60 -46.61 -4.80
N VAL D 45 31.16 -45.89 -3.77
CA VAL D 45 29.76 -45.90 -3.37
C VAL D 45 29.03 -44.61 -3.72
N SER D 46 29.73 -43.62 -4.26
CA SER D 46 29.09 -42.38 -4.66
C SER D 46 30.09 -41.56 -5.46
N THR D 47 29.56 -40.64 -6.27
CA THR D 47 30.43 -39.77 -7.06
C THR D 47 31.33 -38.93 -6.16
N ALA D 48 30.87 -38.61 -4.95
CA ALA D 48 31.69 -37.83 -4.04
C ALA D 48 32.99 -38.56 -3.70
N GLY D 49 32.98 -39.90 -3.76
CA GLY D 49 34.22 -40.64 -3.55
C GLY D 49 35.17 -40.57 -4.72
N MET D 50 34.63 -40.41 -5.93
CA MET D 50 35.48 -40.36 -7.12
C MET D 50 36.22 -39.03 -7.22
N VAL D 51 35.56 -37.94 -6.86
CA VAL D 51 36.21 -36.63 -6.95
C VAL D 51 37.39 -36.55 -6.01
N ALA D 52 37.28 -37.14 -4.82
CA ALA D 52 38.39 -37.12 -3.87
C ALA D 52 39.62 -37.80 -4.47
N ASP D 53 39.41 -38.80 -5.31
CA ASP D 53 40.49 -39.53 -5.94
C ASP D 53 41.04 -38.83 -7.18
N GLY D 54 40.66 -37.58 -7.42
CA GLY D 54 41.22 -36.82 -8.51
C GLY D 54 40.53 -36.99 -9.85
N PHE D 55 39.27 -37.42 -9.86
CA PHE D 55 38.55 -37.55 -11.12
C PHE D 55 37.90 -36.23 -11.49
N ALA D 56 38.20 -35.74 -12.69
CA ALA D 56 37.65 -34.47 -13.14
C ALA D 56 36.16 -34.58 -13.36
N VAL D 57 35.43 -33.52 -12.98
CA VAL D 57 33.99 -33.50 -13.20
C VAL D 57 33.72 -33.53 -14.70
N GLY D 58 32.74 -34.34 -15.09
CA GLY D 58 32.43 -34.48 -16.50
C GLY D 58 33.34 -35.43 -17.25
N SER D 59 34.27 -36.09 -16.56
CA SER D 59 35.14 -37.05 -17.20
C SER D 59 34.37 -38.34 -17.49
N PRO D 60 34.89 -39.18 -18.40
CA PRO D 60 34.15 -40.41 -18.74
C PRO D 60 33.70 -41.21 -17.53
N ALA D 61 34.59 -41.44 -16.57
CA ALA D 61 34.20 -42.19 -15.38
C ALA D 61 33.14 -41.47 -14.59
N TYR D 62 33.26 -40.15 -14.45
CA TYR D 62 32.31 -39.39 -13.66
C TYR D 62 30.91 -39.46 -14.27
N GLN D 63 30.80 -39.32 -15.58
CA GLN D 63 29.49 -39.37 -16.22
C GLN D 63 28.86 -40.74 -16.06
N PHE D 64 29.63 -41.80 -16.20
CA PHE D 64 29.09 -43.14 -16.05
C PHE D 64 28.56 -43.36 -14.64
N ALA D 65 29.32 -42.91 -13.64
CA ALA D 65 28.93 -43.17 -12.26
C ALA D 65 27.62 -42.46 -11.91
N THR D 66 27.46 -41.21 -12.33
CA THR D 66 26.27 -40.46 -11.94
C THR D 66 25.02 -41.01 -12.63
N ASN D 67 25.13 -41.47 -13.88
CA ASN D 67 23.99 -42.06 -14.55
C ASN D 67 23.53 -43.33 -13.85
N ALA D 68 24.48 -44.16 -13.43
CA ALA D 68 24.14 -45.44 -12.82
C ALA D 68 23.35 -45.25 -11.53
N PHE D 69 23.75 -44.32 -10.68
CA PHE D 69 23.08 -44.11 -9.40
C PHE D 69 21.73 -43.41 -9.53
N ALA D 70 21.39 -42.91 -10.72
CA ALA D 70 20.17 -42.13 -10.90
C ALA D 70 18.98 -42.96 -11.34
N GLY D 71 19.16 -44.27 -11.58
CA GLY D 71 18.09 -45.11 -12.07
C GLY D 71 17.25 -45.69 -10.94
N ASN D 72 16.07 -46.17 -11.32
CA ASN D 72 15.18 -46.81 -10.35
C ASN D 72 15.77 -48.09 -9.77
N PHE D 73 16.80 -48.65 -10.41
CA PHE D 73 17.43 -49.89 -9.98
C PHE D 73 18.94 -49.69 -9.81
N ALA D 74 19.34 -48.62 -9.11
CA ALA D 74 20.75 -48.30 -9.01
C ALA D 74 21.49 -49.41 -8.27
N PRO D 75 22.76 -49.69 -8.65
CA PRO D 75 23.49 -50.78 -8.00
C PRO D 75 24.01 -50.45 -6.62
N GLN D 76 24.16 -49.17 -6.29
CA GLN D 76 24.68 -48.70 -5.01
C GLN D 76 26.14 -49.09 -4.77
N ARG D 77 26.84 -49.57 -5.80
CA ARG D 77 28.29 -49.75 -5.73
C ARG D 77 28.83 -50.04 -7.12
N VAL D 78 29.86 -49.33 -7.54
CA VAL D 78 30.38 -49.44 -8.91
C VAL D 78 31.89 -49.68 -8.85
N ALA D 79 32.39 -50.40 -9.85
CA ALA D 79 33.80 -50.69 -9.98
C ALA D 79 34.37 -49.94 -11.18
N ILE D 80 35.59 -49.45 -11.04
CA ILE D 80 36.27 -48.71 -12.10
C ILE D 80 37.54 -49.47 -12.47
N GLY D 81 37.66 -49.82 -13.74
CA GLY D 81 38.89 -50.39 -14.25
C GLY D 81 39.89 -49.31 -14.60
N ARG D 82 41.16 -49.71 -14.69
CA ARG D 82 42.25 -48.78 -14.94
C ARG D 82 43.03 -49.21 -16.18
N MET D 83 43.24 -48.28 -17.09
CA MET D 83 44.15 -48.46 -18.21
C MET D 83 45.05 -47.24 -18.33
N SER D 84 46.31 -47.49 -18.67
CA SER D 84 47.28 -46.41 -18.77
C SER D 84 46.87 -45.41 -19.85
N ILE D 85 47.13 -44.13 -19.58
CA ILE D 85 46.81 -43.04 -20.49
C ILE D 85 48.11 -42.43 -20.98
N ASP D 86 48.26 -42.34 -22.30
CA ASP D 86 49.42 -41.69 -22.89
C ASP D 86 49.10 -40.31 -23.43
N SER D 87 47.85 -40.08 -23.86
CA SER D 87 47.45 -38.78 -24.37
C SER D 87 45.93 -38.69 -24.32
N SER D 88 45.44 -37.46 -24.24
CA SER D 88 44.01 -37.19 -24.31
C SER D 88 43.79 -36.11 -25.34
N LYS D 89 42.72 -36.25 -26.12
CA LYS D 89 42.46 -35.38 -27.26
C LYS D 89 41.07 -34.77 -27.11
N VAL D 90 41.01 -33.44 -27.17
CA VAL D 90 39.77 -32.70 -27.09
C VAL D 90 39.44 -32.18 -28.48
N ASP D 91 38.31 -32.61 -29.03
CA ASP D 91 37.92 -32.27 -30.39
C ASP D 91 36.82 -31.21 -30.34
N PHE D 92 37.05 -30.09 -31.03
CA PHE D 92 36.10 -28.99 -31.09
C PHE D 92 35.32 -28.99 -32.40
N THR D 93 35.35 -30.07 -33.15
CA THR D 93 34.61 -30.14 -34.41
C THR D 93 33.12 -29.89 -34.14
N GLY D 94 32.48 -29.18 -35.07
CA GLY D 94 31.12 -28.72 -34.88
C GLY D 94 31.06 -27.30 -34.35
N THR D 95 29.98 -26.62 -34.71
CA THR D 95 29.83 -25.19 -34.41
C THR D 95 29.48 -25.00 -32.95
N THR D 96 30.12 -24.03 -32.32
CA THR D 96 29.87 -23.73 -30.91
C THR D 96 30.24 -22.29 -30.59
N GLU D 99 30.45 -19.57 -24.93
CA GLU D 99 31.37 -19.99 -23.87
C GLU D 99 31.61 -21.48 -23.93
N GLN D 100 32.88 -21.90 -23.75
CA GLN D 100 33.27 -23.30 -23.78
C GLN D 100 34.25 -23.55 -22.64
N VAL D 101 33.71 -23.97 -21.50
CA VAL D 101 34.55 -24.25 -20.33
C VAL D 101 35.05 -25.69 -20.40
N VAL D 102 36.34 -25.87 -20.13
CA VAL D 102 36.95 -27.18 -20.05
C VAL D 102 37.50 -27.35 -18.64
N VAL D 103 37.04 -28.38 -17.94
CA VAL D 103 37.45 -28.62 -16.57
C VAL D 103 38.69 -29.50 -16.57
N ASN D 104 39.72 -29.08 -15.84
CA ASN D 104 40.96 -29.84 -15.74
C ASN D 104 41.36 -29.97 -14.27
N ILE D 105 42.05 -31.06 -13.97
CA ILE D 105 42.63 -31.30 -12.65
C ILE D 105 44.04 -31.84 -12.85
N THR D 106 45.01 -31.22 -12.19
CA THR D 106 46.40 -31.61 -12.31
C THR D 106 47.00 -31.80 -10.92
N LEU D 107 47.91 -32.77 -10.83
CA LEU D 107 48.58 -33.09 -9.57
C LEU D 107 47.58 -33.41 -8.46
N ASN D 108 46.35 -33.74 -8.84
CA ASN D 108 45.31 -34.12 -7.89
C ASN D 108 45.15 -33.08 -6.78
N LYS D 109 45.47 -31.82 -7.07
CA LYS D 109 45.43 -30.78 -6.05
C LYS D 109 44.88 -29.45 -6.54
N VAL D 110 44.39 -29.36 -7.77
CA VAL D 110 43.90 -28.10 -8.30
C VAL D 110 42.79 -28.40 -9.32
N VAL D 111 41.78 -27.54 -9.34
CA VAL D 111 40.69 -27.62 -10.32
C VAL D 111 40.87 -26.42 -11.23
N LYS D 112 41.59 -26.62 -12.33
CA LYS D 112 41.87 -25.55 -13.29
C LYS D 112 40.77 -25.56 -14.35
N ALA D 113 39.72 -24.80 -14.07
CA ALA D 113 38.59 -24.69 -14.99
C ALA D 113 38.85 -23.61 -16.04
N VAL D 114 39.76 -23.88 -16.97
CA VAL D 114 40.06 -22.89 -17.99
C VAL D 114 38.79 -22.54 -18.77
N LYS D 115 38.77 -21.33 -19.32
CA LYS D 115 37.60 -20.81 -20.00
C LYS D 115 38.00 -20.20 -21.33
N ILE D 116 37.11 -20.33 -22.31
CA ILE D 116 37.24 -19.68 -23.61
C ILE D 116 35.88 -19.11 -23.99
N ASN D 117 35.90 -18.11 -24.86
CA ASN D 117 34.68 -17.39 -25.24
C ASN D 117 34.76 -17.06 -26.73
N VAL D 118 33.88 -17.64 -27.52
CA VAL D 118 33.83 -17.38 -28.94
C VAL D 118 32.59 -18.03 -29.55
N GLY D 121 35.00 -14.67 -37.06
CA GLY D 121 34.35 -15.95 -37.29
C GLY D 121 34.14 -16.73 -36.00
N ASN D 122 33.62 -17.96 -36.13
CA ASN D 122 33.41 -18.82 -34.98
C ASN D 122 33.78 -20.26 -35.30
N THR D 123 34.76 -20.47 -36.17
CA THR D 123 35.13 -21.81 -36.59
C THR D 123 35.83 -22.56 -35.47
N PRO D 124 35.84 -23.90 -35.52
CA PRO D 124 36.56 -24.67 -34.50
C PRO D 124 38.04 -24.31 -34.42
N ALA D 125 38.67 -24.02 -35.56
CA ALA D 125 40.10 -23.72 -35.57
C ALA D 125 40.44 -22.55 -34.67
N GLN D 126 39.58 -21.52 -34.61
CA GLN D 126 39.84 -20.40 -33.72
C GLN D 126 39.87 -20.85 -32.26
N ILE D 127 38.84 -21.56 -31.83
CA ILE D 127 38.79 -22.03 -30.45
C ILE D 127 39.81 -23.14 -30.24
N ALA D 128 40.08 -23.94 -31.27
CA ALA D 128 41.05 -25.02 -31.12
C ALA D 128 42.41 -24.49 -30.68
N THR D 129 42.92 -23.48 -31.39
CA THR D 129 44.21 -22.91 -31.02
C THR D 129 44.07 -22.01 -29.80
N ALA D 130 42.93 -21.34 -29.66
CA ALA D 130 42.75 -20.41 -28.54
C ALA D 130 42.87 -21.12 -27.20
N LEU D 131 42.25 -22.29 -27.07
CA LEU D 131 42.35 -23.02 -25.81
C LEU D 131 43.79 -23.44 -25.53
N ALA D 132 44.49 -23.93 -26.55
CA ALA D 132 45.88 -24.32 -26.37
C ALA D 132 46.71 -23.15 -25.84
N ASP D 133 46.49 -21.97 -26.40
CA ASP D 133 47.16 -20.77 -25.90
C ASP D 133 46.78 -20.50 -24.46
N ALA D 134 45.49 -20.63 -24.15
CA ALA D 134 45.03 -20.41 -22.78
C ALA D 134 45.64 -21.42 -21.82
N VAL D 135 45.94 -22.62 -22.30
CA VAL D 135 46.51 -23.66 -21.44
C VAL D 135 47.86 -23.24 -20.88
N THR D 136 48.60 -22.40 -21.60
CA THR D 136 49.94 -22.01 -21.18
C THR D 136 49.89 -21.07 -19.98
N ALA D 137 50.31 -21.58 -18.82
CA ALA D 137 50.44 -20.75 -17.62
C ALA D 137 49.09 -20.24 -17.13
N ASP D 138 48.01 -20.88 -17.57
CA ASP D 138 46.68 -20.48 -17.14
C ASP D 138 46.56 -20.49 -15.61
N LEU D 141 51.16 -24.56 -10.84
CA LEU D 141 50.08 -24.13 -11.71
C LEU D 141 49.96 -25.05 -12.92
N THR D 142 49.89 -24.47 -14.12
CA THR D 142 49.75 -25.28 -15.33
C THR D 142 51.09 -25.64 -15.94
N GLY D 143 52.20 -25.26 -15.31
CA GLY D 143 53.52 -25.55 -15.85
C GLY D 143 53.96 -26.99 -15.69
N LYS D 144 53.00 -27.88 -15.38
CA LYS D 144 53.28 -29.30 -15.24
C LYS D 144 52.54 -30.13 -16.28
N ALA D 145 52.06 -29.50 -17.34
CA ALA D 145 51.33 -30.18 -18.40
C ALA D 145 51.49 -29.38 -19.68
N THR D 146 51.17 -30.01 -20.81
CA THR D 146 51.37 -29.40 -22.11
C THR D 146 50.12 -29.58 -22.95
N ALA D 147 49.92 -28.64 -23.87
CA ALA D 147 48.83 -28.69 -24.83
C ALA D 147 49.32 -28.18 -26.18
N VAL D 148 49.00 -28.90 -27.24
CA VAL D 148 49.43 -28.54 -28.58
C VAL D 148 48.21 -28.56 -29.50
N ALA D 149 48.01 -27.48 -30.24
CA ALA D 149 46.87 -27.37 -31.13
C ALA D 149 47.15 -28.08 -32.45
N THR D 150 46.10 -28.26 -33.25
CA THR D 150 46.21 -28.89 -34.55
C THR D 150 44.88 -28.88 -35.27
N THR D 152 41.37 -27.87 -35.07
CA THR D 152 40.07 -28.45 -34.76
C THR D 152 40.09 -29.14 -33.40
N TYR D 153 41.24 -29.69 -33.04
CA TYR D 153 41.38 -30.42 -31.78
C TYR D 153 42.74 -30.12 -31.18
N VAL D 154 42.85 -30.37 -29.88
CA VAL D 154 44.06 -30.09 -29.12
C VAL D 154 44.49 -31.37 -28.41
N THR D 155 45.78 -31.66 -28.45
CA THR D 155 46.35 -32.81 -27.76
C THR D 155 46.93 -32.36 -26.43
N VAL D 156 46.58 -33.08 -25.36
CA VAL D 156 47.01 -32.75 -24.01
C VAL D 156 47.75 -33.95 -23.44
N THR D 157 48.83 -33.68 -22.72
CA THR D 157 49.62 -34.74 -22.08
C THR D 157 50.20 -34.21 -20.78
N ALA D 158 50.41 -35.11 -19.83
CA ALA D 158 50.98 -34.75 -18.54
C ALA D 158 52.41 -34.25 -18.72
N SER D 160 55.38 -36.36 -17.59
CA SER D 160 55.75 -36.27 -16.19
C SER D 160 54.78 -37.05 -15.32
N PRO D 161 55.24 -37.56 -14.17
CA PRO D 161 54.37 -38.35 -13.28
C PRO D 161 53.36 -37.47 -12.54
N ASN D 162 52.50 -36.81 -13.31
CA ASN D 162 51.47 -35.92 -12.77
C ASN D 162 50.10 -36.43 -13.20
N VAL D 163 49.20 -36.58 -12.23
CA VAL D 163 47.84 -37.00 -12.54
C VAL D 163 47.12 -35.86 -13.21
N VAL D 164 46.72 -36.06 -14.47
CA VAL D 164 46.06 -35.05 -15.27
C VAL D 164 44.72 -35.61 -15.73
N SER D 165 43.65 -34.86 -15.47
CA SER D 165 42.30 -35.26 -15.85
C SER D 165 41.62 -34.11 -16.57
N VAL D 166 40.87 -34.44 -17.62
CA VAL D 166 40.16 -33.46 -18.42
C VAL D 166 38.71 -33.90 -18.55
N GLY D 167 37.79 -32.96 -18.36
CA GLY D 167 36.37 -33.27 -18.42
C GLY D 167 35.60 -32.15 -19.07
N LYS D 168 34.52 -32.51 -19.75
CA LYS D 168 33.68 -31.52 -20.43
C LYS D 168 32.97 -30.63 -19.42
N GLY D 169 32.87 -29.35 -19.76
CA GLY D 169 32.17 -28.40 -18.91
C GLY D 169 31.04 -27.68 -19.61
N ALA D 170 31.12 -27.57 -20.94
CA ALA D 170 30.11 -26.88 -21.72
C ALA D 170 30.45 -27.09 -23.20
N GLY D 171 29.73 -26.38 -24.06
CA GLY D 171 30.05 -26.40 -25.47
C GLY D 171 29.64 -27.70 -26.15
N VAL D 172 30.20 -27.89 -27.35
CA VAL D 172 29.85 -29.06 -28.16
C VAL D 172 31.00 -30.04 -28.24
N TYR D 173 32.20 -29.61 -27.84
CA TYR D 173 33.39 -30.45 -27.94
C TYR D 173 33.21 -31.78 -27.21
N LYS D 174 34.06 -32.75 -27.51
CA LYS D 174 34.02 -34.08 -26.93
C LYS D 174 35.43 -34.47 -26.50
N ILE D 175 35.51 -35.47 -25.63
CA ILE D 175 36.77 -35.93 -25.05
C ILE D 175 37.09 -37.30 -25.62
N VAL D 176 38.32 -37.47 -26.12
CA VAL D 176 38.76 -38.73 -26.68
C VAL D 176 40.08 -39.15 -26.05
N ASN D 177 40.02 -39.98 -25.02
CA ASN D 177 41.24 -40.48 -24.40
C ASN D 177 41.91 -41.48 -25.33
N GLU D 178 43.23 -41.62 -25.17
CA GLU D 178 44.02 -42.50 -26.00
C GLU D 178 45.01 -43.25 -25.13
N SER D 179 45.36 -44.47 -25.54
CA SER D 179 46.29 -45.29 -24.79
C SER D 179 46.81 -46.39 -25.70
N SER D 180 48.10 -46.74 -25.51
CA SER D 180 48.70 -47.80 -26.30
C SER D 180 48.36 -49.19 -25.77
N GLU D 181 47.83 -49.28 -24.55
CA GLU D 181 47.51 -50.57 -23.95
C GLU D 181 46.23 -51.10 -24.58
N THR D 182 46.26 -52.37 -25.00
CA THR D 182 45.14 -52.97 -25.71
C THR D 182 44.19 -53.64 -24.72
N VAL D 183 42.89 -53.50 -24.98
CA VAL D 183 41.86 -54.02 -24.08
C VAL D 183 41.97 -55.53 -23.99
N ALA D 184 42.24 -56.19 -25.10
CA ALA D 184 42.23 -57.65 -25.14
C ALA D 184 43.18 -58.26 -24.12
N THR D 185 44.25 -57.56 -23.75
CA THR D 185 45.19 -58.07 -22.77
C THR D 185 44.91 -57.57 -21.37
N VAL D 186 44.26 -56.41 -21.23
CA VAL D 186 43.97 -55.88 -19.91
C VAL D 186 42.90 -56.70 -19.20
N LEU D 187 41.85 -57.11 -19.92
CA LEU D 187 40.74 -57.78 -19.27
C LEU D 187 41.17 -58.99 -18.46
N PRO D 188 42.05 -59.86 -18.96
CA PRO D 188 42.54 -60.96 -18.10
C PRO D 188 43.16 -60.48 -16.81
N SER D 189 43.83 -59.32 -16.83
CA SER D 189 44.47 -58.83 -15.61
C SER D 189 43.43 -58.43 -14.57
N VAL D 190 42.35 -57.77 -14.99
CA VAL D 190 41.35 -57.28 -14.05
C VAL D 190 40.45 -58.38 -13.51
N ILE D 191 40.32 -59.49 -14.22
CA ILE D 191 39.58 -60.63 -13.71
C ILE D 191 40.41 -61.51 -12.80
N ALA D 192 41.73 -61.62 -13.04
CA ALA D 192 42.59 -62.28 -12.07
C ALA D 192 42.50 -61.58 -10.72
N GLU D 193 42.28 -60.27 -10.73
CA GLU D 193 42.00 -59.53 -9.51
C GLU D 193 40.52 -59.69 -9.17
N ASN D 194 40.08 -59.02 -8.11
CA ASN D 194 38.71 -59.16 -7.62
C ASN D 194 37.72 -59.27 -8.77
N HIS D 195 36.86 -60.29 -8.70
CA HIS D 195 35.96 -60.65 -9.77
C HIS D 195 34.49 -60.50 -9.40
N ASN D 196 34.17 -59.72 -8.37
CA ASN D 196 32.79 -59.53 -7.94
C ASN D 196 32.12 -58.41 -8.75
N TRP D 197 31.91 -58.67 -10.03
CA TRP D 197 31.21 -57.74 -10.89
C TRP D 197 30.56 -58.53 -12.03
N TYR D 198 29.45 -57.98 -12.53
CA TYR D 198 28.64 -58.68 -13.53
C TYR D 198 28.59 -57.94 -14.86
N PHE D 199 28.24 -56.66 -14.86
CA PHE D 199 28.12 -55.91 -16.10
C PHE D 199 29.49 -55.40 -16.54
N LEU D 200 29.75 -55.49 -17.84
CA LEU D 200 31.03 -55.10 -18.42
C LEU D 200 30.82 -53.91 -19.34
N ALA D 201 31.60 -52.85 -19.14
CA ALA D 201 31.51 -51.65 -19.95
C ALA D 201 32.92 -51.10 -20.17
N THR D 202 33.09 -50.38 -21.28
CA THR D 202 34.39 -49.83 -21.64
C THR D 202 34.17 -48.51 -22.37
N GLU D 203 35.24 -47.72 -22.46
CA GLU D 203 35.22 -46.48 -23.21
C GLU D 203 36.01 -46.56 -24.51
N ALA D 204 36.73 -47.67 -24.75
CA ALA D 204 37.45 -47.87 -26.01
C ALA D 204 36.45 -48.23 -27.11
N ARG D 205 35.86 -47.19 -27.70
CA ARG D 205 34.74 -47.35 -28.61
C ARG D 205 35.19 -47.62 -30.04
N SER D 206 36.41 -48.07 -30.22
CA SER D 206 36.85 -48.51 -31.53
C SER D 206 36.16 -49.83 -31.89
N ASP D 207 36.08 -50.10 -33.20
CA ASP D 207 35.42 -51.32 -33.64
C ASP D 207 36.10 -52.57 -33.10
N ALA D 208 37.43 -52.61 -33.13
CA ALA D 208 38.14 -53.78 -32.65
C ALA D 208 37.92 -54.00 -31.15
N ASP D 209 37.95 -52.92 -30.38
CA ASP D 209 37.81 -53.04 -28.93
C ASP D 209 36.47 -53.63 -28.54
N ILE D 210 35.40 -53.20 -29.19
CA ILE D 210 34.07 -53.70 -28.83
C ILE D 210 33.99 -55.21 -29.07
N VAL D 211 34.49 -55.66 -30.22
CA VAL D 211 34.42 -57.09 -30.53
C VAL D 211 35.23 -57.90 -29.52
N ALA D 212 36.43 -57.41 -29.19
CA ALA D 212 37.28 -58.14 -28.25
C ALA D 212 36.61 -58.27 -26.89
N ALA D 213 36.00 -57.19 -26.40
CA ALA D 213 35.29 -57.26 -25.13
C ALA D 213 34.12 -58.23 -25.20
N ALA D 214 33.38 -58.22 -26.31
CA ALA D 214 32.25 -59.13 -26.45
C ALA D 214 32.70 -60.58 -26.39
N GLU D 215 33.80 -60.91 -27.07
CA GLU D 215 34.29 -62.28 -27.05
C GLU D 215 34.68 -62.70 -25.64
N PHE D 216 35.36 -61.82 -24.90
CA PHE D 216 35.75 -62.14 -23.54
C PHE D 216 34.53 -62.30 -22.64
N ALA D 217 33.52 -61.46 -22.84
CA ALA D 217 32.38 -61.45 -21.93
C ALA D 217 31.67 -62.79 -21.91
N LYS D 218 31.47 -63.41 -23.08
CA LYS D 218 30.76 -64.68 -23.14
C LYS D 218 31.60 -65.85 -22.67
N ALA D 219 32.93 -65.71 -22.64
CA ALA D 219 33.77 -66.78 -22.14
C ALA D 219 33.76 -66.84 -20.62
N ASN D 220 33.68 -65.71 -19.95
CA ASN D 220 33.66 -65.63 -18.49
C ASN D 220 32.27 -65.42 -17.93
N TYR D 221 31.23 -65.53 -18.76
CA TYR D 221 29.85 -65.43 -18.31
C TYR D 221 29.57 -64.08 -17.64
N LYS D 222 30.01 -63.02 -18.29
CA LYS D 222 29.61 -61.66 -17.93
C LYS D 222 28.65 -61.13 -18.98
N LEU D 223 28.11 -59.94 -18.72
CA LEU D 223 27.16 -59.29 -19.62
C LEU D 223 27.80 -58.04 -20.18
N HIS D 224 27.79 -57.92 -21.50
CA HIS D 224 28.47 -56.83 -22.19
C HIS D 224 27.45 -55.81 -22.67
N ILE D 225 27.66 -54.54 -22.28
CA ILE D 225 26.76 -53.46 -22.63
C ILE D 225 27.59 -52.36 -23.30
N TYR D 226 27.05 -51.78 -24.37
CA TYR D 226 27.76 -50.73 -25.08
C TYR D 226 26.76 -49.87 -25.85
N ASN D 227 27.19 -48.66 -26.18
CA ASN D 227 26.42 -47.74 -26.99
C ASN D 227 27.23 -47.33 -28.21
N SER D 228 26.54 -47.01 -29.29
CA SER D 228 27.20 -46.60 -30.52
C SER D 228 26.51 -45.39 -31.11
N THR D 229 27.31 -44.40 -31.52
CA THR D 229 26.81 -43.26 -32.26
C THR D 229 26.87 -43.45 -33.76
N ASP D 230 27.31 -44.62 -34.22
CA ASP D 230 27.49 -44.87 -35.64
C ASP D 230 26.17 -44.67 -36.38
N VAL D 231 26.23 -43.93 -37.50
CA VAL D 231 25.04 -43.71 -38.31
C VAL D 231 24.67 -44.95 -39.10
N ASP D 232 25.63 -45.85 -39.34
CA ASP D 232 25.34 -47.06 -40.10
C ASP D 232 24.37 -47.97 -39.36
N ALA D 233 24.12 -47.73 -38.08
CA ALA D 233 23.20 -48.57 -37.33
C ALA D 233 21.85 -48.66 -38.02
N TYR D 234 21.26 -47.51 -38.35
CA TYR D 234 19.99 -47.44 -39.06
C TYR D 234 20.15 -47.13 -40.55
N ALA D 235 21.25 -47.57 -41.16
CA ALA D 235 21.38 -47.51 -42.61
C ALA D 235 20.43 -48.54 -43.22
N PRO D 236 20.16 -48.43 -44.52
CA PRO D 236 19.22 -49.36 -45.16
C PRO D 236 19.51 -50.80 -44.79
N GLU D 237 18.46 -51.61 -44.78
CA GLU D 237 18.54 -52.97 -44.25
C GLU D 237 19.52 -53.86 -45.00
N ASN D 238 19.85 -53.53 -46.24
CA ASN D 238 20.75 -54.38 -47.02
C ASN D 238 22.22 -54.06 -46.79
N SER D 239 22.53 -52.94 -46.14
CA SER D 239 23.92 -52.51 -45.95
C SER D 239 24.41 -52.97 -44.58
N ALA D 240 25.51 -53.72 -44.57
CA ALA D 240 26.15 -54.15 -43.34
C ALA D 240 27.51 -53.48 -43.22
N ALA D 241 27.59 -52.41 -42.43
CA ALA D 241 28.82 -51.66 -42.30
C ALA D 241 29.06 -51.22 -40.85
N SER D 242 28.21 -51.67 -39.93
CA SER D 242 28.27 -51.23 -38.54
C SER D 242 28.77 -52.37 -37.66
N VAL D 243 29.07 -52.03 -36.41
CA VAL D 243 29.48 -53.01 -35.42
C VAL D 243 28.35 -53.99 -35.20
N PHE D 244 27.11 -53.49 -35.22
CA PHE D 244 25.95 -54.36 -35.01
C PHE D 244 25.95 -55.53 -35.98
N ASP D 245 26.43 -55.31 -37.21
CA ASP D 245 26.50 -56.38 -38.18
C ASP D 245 27.51 -57.43 -37.76
N THR D 246 28.71 -57.00 -37.39
CA THR D 246 29.77 -57.95 -37.04
C THR D 246 29.38 -58.80 -35.85
N LEU D 247 28.87 -58.18 -34.79
CA LEU D 247 28.46 -58.94 -33.62
C LEU D 247 27.32 -59.90 -33.97
N LYS D 248 26.35 -59.43 -34.76
CA LYS D 248 25.25 -60.29 -35.17
C LYS D 248 25.76 -61.47 -35.99
N SER D 249 26.69 -61.22 -36.91
CA SER D 249 27.21 -62.27 -37.77
C SER D 249 28.00 -63.32 -37.01
N LEU D 250 28.52 -63.00 -35.82
CA LEU D 250 29.27 -63.95 -35.02
C LEU D 250 28.43 -64.64 -33.96
N SER D 251 27.13 -64.33 -33.90
CA SER D 251 26.21 -64.98 -32.95
C SER D 251 26.63 -64.73 -31.50
N TYR D 252 27.25 -63.57 -31.26
CA TYR D 252 27.50 -63.14 -29.90
C TYR D 252 26.23 -62.62 -29.26
N ASP D 253 26.25 -62.47 -27.94
CA ASP D 253 25.16 -61.87 -27.19
C ASP D 253 25.69 -60.64 -26.48
N SER D 254 25.15 -59.48 -26.83
CA SER D 254 25.52 -58.22 -26.20
C SER D 254 24.39 -57.22 -26.42
N LEU D 255 24.08 -56.46 -25.38
CA LEU D 255 22.98 -55.52 -25.41
C LEU D 255 23.48 -54.19 -25.97
N GLY D 256 23.62 -54.13 -27.29
CA GLY D 256 23.99 -52.89 -27.94
C GLY D 256 22.76 -52.08 -28.31
N THR D 257 22.83 -50.78 -28.02
CA THR D 257 21.78 -49.84 -28.38
C THR D 257 22.40 -48.59 -28.99
N SER D 258 21.66 -47.97 -29.91
CA SER D 258 22.16 -46.83 -30.66
C SER D 258 21.65 -45.55 -30.01
N ASP D 259 22.58 -44.63 -29.72
CA ASP D 259 22.24 -43.35 -29.13
C ASP D 259 23.24 -42.31 -29.60
N ALA D 260 22.83 -41.05 -29.57
CA ALA D 260 23.66 -39.95 -30.05
C ALA D 260 24.56 -39.39 -28.95
N GLY D 261 24.06 -39.28 -27.72
CA GLY D 261 24.86 -38.74 -26.64
C GLY D 261 25.82 -39.73 -26.03
N ALA D 262 25.85 -40.95 -26.54
CA ALA D 262 26.69 -42.01 -25.97
C ALA D 262 28.15 -41.59 -25.90
N ASP D 263 28.62 -40.85 -26.89
CA ASP D 263 30.04 -40.51 -27.00
C ASP D 263 30.42 -39.28 -26.19
N VAL D 264 29.47 -38.66 -25.49
CA VAL D 264 29.75 -37.47 -24.70
C VAL D 264 29.70 -37.81 -23.23
N ASP D 265 28.62 -38.45 -22.80
CA ASP D 265 28.42 -38.79 -21.39
C ASP D 265 28.47 -40.28 -21.10
N PHE D 266 28.65 -41.13 -22.11
CA PHE D 266 28.74 -42.57 -21.89
C PHE D 266 27.50 -43.08 -21.18
N THR D 267 26.37 -43.04 -21.87
CA THR D 267 25.07 -43.35 -21.26
C THR D 267 24.89 -44.83 -21.00
N GLU D 268 25.96 -45.62 -21.10
CA GLU D 268 25.89 -47.01 -20.66
C GLU D 268 25.38 -47.11 -19.23
N GLY D 269 25.73 -46.14 -18.38
CA GLY D 269 25.29 -46.18 -17.01
C GLY D 269 23.77 -46.18 -16.87
N SER D 270 23.08 -45.42 -17.73
CA SER D 270 21.63 -45.35 -17.66
C SER D 270 20.99 -46.72 -17.88
N VAL D 271 21.49 -47.49 -18.84
CA VAL D 271 20.95 -48.83 -19.07
C VAL D 271 21.16 -49.71 -17.85
N ILE D 272 22.36 -49.66 -17.28
CA ILE D 272 22.66 -50.48 -16.10
C ILE D 272 21.82 -50.04 -14.92
N GLY D 273 21.54 -48.74 -14.80
CA GLY D 273 20.73 -48.26 -13.71
C GLY D 273 19.33 -48.83 -13.70
N ALA D 274 18.88 -49.38 -14.82
CA ALA D 274 17.56 -49.99 -14.91
C ALA D 274 17.58 -51.51 -14.84
N MET D 275 18.73 -52.11 -14.54
CA MET D 275 18.84 -53.56 -14.45
C MET D 275 19.59 -54.08 -13.24
N ALA D 276 20.40 -53.26 -12.57
CA ALA D 276 21.25 -53.80 -11.51
C ALA D 276 20.44 -54.44 -10.40
N ALA D 277 19.37 -53.78 -9.96
CA ALA D 277 18.56 -54.26 -8.85
C ALA D 277 17.35 -55.07 -9.32
N ASN D 278 17.24 -55.35 -10.62
CA ASN D 278 16.11 -56.10 -11.16
C ASN D 278 16.40 -57.58 -10.98
N ASP D 279 15.61 -58.25 -10.16
CA ASP D 279 15.84 -59.67 -9.88
C ASP D 279 15.39 -60.52 -11.06
N PRO D 280 16.26 -61.36 -11.62
CA PRO D 280 15.85 -62.18 -12.78
C PRO D 280 14.72 -63.15 -12.48
N SER D 281 14.50 -63.52 -11.22
CA SER D 281 13.52 -64.55 -10.90
C SER D 281 12.10 -64.16 -11.32
N TYR D 282 11.82 -62.88 -11.54
CA TYR D 282 10.49 -62.45 -11.92
C TYR D 282 10.23 -62.57 -13.42
N GLY D 283 11.25 -62.89 -14.22
CA GLY D 283 11.07 -62.89 -15.66
C GLY D 283 10.68 -61.54 -16.21
N ASP D 284 10.99 -60.46 -15.50
CA ASP D 284 10.59 -59.13 -15.93
C ASP D 284 11.41 -58.70 -17.13
N SER D 285 10.74 -58.20 -18.17
CA SER D 285 11.42 -57.76 -19.36
C SER D 285 11.96 -56.34 -19.19
N LEU D 286 12.91 -55.99 -20.06
CA LEU D 286 13.43 -54.63 -20.12
C LEU D 286 12.57 -53.71 -20.97
N HIS D 287 11.50 -54.23 -21.56
CA HIS D 287 10.63 -53.46 -22.43
C HIS D 287 9.95 -52.33 -21.66
N LEU D 288 9.89 -51.16 -22.27
CA LEU D 288 9.12 -50.04 -21.77
C LEU D 288 9.63 -49.46 -20.45
N LYS D 289 10.85 -49.80 -20.06
CA LYS D 289 11.41 -49.21 -18.85
C LYS D 289 12.05 -47.85 -19.17
N THR D 290 11.98 -46.95 -18.20
CA THR D 290 12.51 -45.60 -18.37
C THR D 290 14.02 -45.58 -18.17
N MET D 291 14.68 -44.66 -18.89
CA MET D 291 16.15 -44.54 -18.87
C MET D 291 16.51 -43.11 -18.52
N PRO D 292 16.49 -42.73 -17.24
CA PRO D 292 16.85 -41.36 -16.88
C PRO D 292 18.25 -40.98 -17.33
N GLY D 293 18.35 -40.04 -18.26
CA GLY D 293 19.62 -39.59 -18.79
C GLY D 293 19.74 -39.69 -20.30
N MET D 294 18.90 -40.48 -20.95
CA MET D 294 18.96 -40.64 -22.39
C MET D 294 18.00 -39.66 -23.07
N VAL D 295 18.03 -39.65 -24.40
CA VAL D 295 17.25 -38.71 -25.19
C VAL D 295 16.42 -39.49 -26.21
N PRO D 296 15.21 -39.05 -26.55
CA PRO D 296 14.41 -39.78 -27.54
C PRO D 296 15.11 -39.86 -28.89
N PHE D 297 14.94 -41.00 -29.56
CA PHE D 297 15.52 -41.20 -30.88
C PHE D 297 14.73 -40.40 -31.91
N ALA D 298 15.45 -39.69 -32.79
CA ALA D 298 14.80 -38.74 -33.69
C ALA D 298 14.60 -39.27 -35.10
N GLY D 299 14.91 -40.54 -35.36
CA GLY D 299 14.79 -41.06 -36.71
C GLY D 299 13.34 -41.18 -37.14
N SER D 300 13.15 -41.31 -38.46
CA SER D 300 11.82 -41.45 -39.02
C SER D 300 11.30 -42.88 -38.81
N ASP D 301 10.11 -43.13 -39.37
CA ASP D 301 9.51 -44.46 -39.23
C ASP D 301 10.33 -45.52 -39.92
N THR D 302 10.83 -45.25 -41.13
CA THR D 302 11.63 -46.25 -41.83
C THR D 302 12.93 -46.53 -41.10
N GLN D 303 13.55 -45.50 -40.53
CA GLN D 303 14.81 -45.71 -39.82
C GLN D 303 14.62 -46.65 -38.65
N ARG D 304 13.52 -46.50 -37.91
CA ARG D 304 13.27 -47.40 -36.79
C ARG D 304 13.22 -48.85 -37.25
N SER D 305 12.60 -49.11 -38.39
CA SER D 305 12.55 -50.47 -38.92
C SER D 305 13.96 -50.97 -39.27
N ASN D 306 14.78 -50.11 -39.88
CA ASN D 306 16.12 -50.52 -40.26
C ASN D 306 16.93 -50.93 -39.02
N ALA D 307 16.85 -50.12 -37.96
CA ALA D 307 17.58 -50.45 -36.74
C ALA D 307 17.06 -51.74 -36.12
N TRP D 308 15.75 -51.96 -36.17
CA TRP D 308 15.17 -53.15 -35.59
C TRP D 308 15.75 -54.41 -36.23
N SER D 309 15.78 -54.44 -37.57
CA SER D 309 16.37 -55.59 -38.25
C SER D 309 17.85 -55.72 -37.94
N ARG D 310 18.50 -54.62 -37.55
CA ARG D 310 19.90 -54.65 -37.17
C ARG D 310 20.11 -55.22 -35.77
N ASN D 311 19.03 -55.45 -35.02
CA ASN D 311 19.10 -55.75 -33.59
C ASN D 311 19.79 -54.64 -32.81
N ALA D 312 19.58 -53.39 -33.23
CA ALA D 312 20.11 -52.22 -32.52
C ALA D 312 18.94 -51.55 -31.82
N ASN D 313 18.82 -51.77 -30.52
CA ASN D 313 17.72 -51.22 -29.76
C ASN D 313 17.78 -49.69 -29.77
N ILE D 314 16.64 -49.06 -29.55
CA ILE D 314 16.53 -47.61 -29.52
C ILE D 314 15.70 -47.19 -28.33
N TYR D 315 15.90 -45.95 -27.90
CA TYR D 315 15.14 -45.35 -26.81
C TYR D 315 14.18 -44.33 -27.41
N ARG D 316 12.91 -44.70 -27.52
CA ARG D 316 11.92 -43.91 -28.23
C ARG D 316 10.94 -43.31 -27.24
N GLY D 317 10.61 -42.03 -27.43
CA GLY D 317 9.66 -41.36 -26.56
C GLY D 317 8.25 -41.42 -27.13
N LEU D 318 7.31 -41.81 -26.27
CA LEU D 318 5.91 -41.91 -26.64
C LEU D 318 5.07 -41.22 -25.60
N TYR D 319 4.06 -40.48 -26.05
CA TYR D 319 3.10 -39.84 -25.16
C TYR D 319 3.79 -39.04 -24.07
N GLY D 320 4.82 -38.29 -24.47
CA GLY D 320 5.54 -37.42 -23.57
C GLY D 320 6.69 -38.05 -22.83
N GLY D 321 6.60 -39.33 -22.47
CA GLY D 321 7.65 -40.00 -21.74
C GLY D 321 8.68 -40.63 -22.64
N GLY D 322 9.59 -41.37 -22.02
CA GLY D 322 10.60 -42.11 -22.74
C GLY D 322 10.59 -43.57 -22.35
N SER D 323 10.84 -44.47 -23.30
CA SER D 323 10.71 -45.89 -23.07
C SER D 323 11.69 -46.67 -23.92
N TYR D 324 12.37 -47.63 -23.29
CA TYR D 324 13.20 -48.57 -24.03
C TYR D 324 12.33 -49.49 -24.87
N ILE D 325 12.93 -50.13 -25.87
CA ILE D 325 12.18 -50.91 -26.85
C ILE D 325 12.84 -52.26 -27.08
N GLU D 326 12.17 -53.32 -26.63
CA GLU D 326 12.34 -54.68 -27.14
C GLU D 326 13.60 -55.38 -26.64
N GLY D 327 14.51 -54.64 -26.00
CA GLY D 327 15.62 -55.26 -25.30
C GLY D 327 16.29 -56.43 -26.00
N LYS D 328 16.25 -56.51 -27.32
CA LYS D 328 16.82 -57.66 -28.01
C LYS D 328 18.33 -57.58 -28.07
N THR D 329 18.99 -58.73 -28.10
CA THR D 329 20.44 -58.81 -28.13
C THR D 329 20.93 -58.95 -29.56
N SER D 330 22.25 -59.09 -29.70
CA SER D 330 22.87 -59.15 -31.02
C SER D 330 22.40 -60.37 -31.80
N SER D 331 22.33 -61.53 -31.15
CA SER D 331 21.96 -62.76 -31.83
C SER D 331 20.46 -62.88 -32.07
N GLY D 332 19.66 -61.95 -31.55
CA GLY D 332 18.22 -62.00 -31.70
C GLY D 332 17.49 -62.49 -30.46
N GLN D 333 18.19 -63.10 -29.51
CA GLN D 333 17.55 -63.60 -28.30
C GLN D 333 17.21 -62.45 -27.37
N TYR D 334 16.04 -62.55 -26.73
CA TYR D 334 15.61 -61.53 -25.79
C TYR D 334 16.55 -61.49 -24.59
N VAL D 335 16.81 -60.28 -24.10
CA VAL D 335 17.79 -60.13 -23.02
C VAL D 335 17.32 -60.82 -21.74
N ASP D 336 16.02 -60.73 -21.43
CA ASP D 336 15.55 -61.32 -20.19
C ASP D 336 15.81 -62.82 -20.15
N VAL D 337 15.67 -63.50 -21.30
CA VAL D 337 15.99 -64.91 -21.35
C VAL D 337 17.47 -65.14 -21.07
N ILE D 338 18.32 -64.30 -21.65
CA ILE D 338 19.76 -64.42 -21.41
C ILE D 338 20.06 -64.22 -19.93
N ARG D 339 19.46 -63.19 -19.33
CA ARG D 339 19.66 -62.96 -17.91
C ARG D 339 19.13 -64.12 -17.08
N PHE D 340 17.96 -64.66 -17.45
CA PHE D 340 17.39 -65.76 -16.69
C PHE D 340 18.33 -66.95 -16.66
N SER D 341 18.92 -67.29 -17.81
CA SER D 341 19.79 -68.46 -17.87
C SER D 341 20.99 -68.30 -16.94
N HIS D 342 21.60 -67.12 -16.92
CA HIS D 342 22.74 -66.89 -16.04
C HIS D 342 22.32 -67.00 -14.58
N TRP D 343 21.16 -66.45 -14.22
CA TRP D 343 20.69 -66.53 -12.85
C TRP D 343 20.50 -67.96 -12.41
N VAL D 344 19.93 -68.80 -13.29
CA VAL D 344 19.76 -70.21 -12.96
C VAL D 344 21.10 -70.87 -12.70
N LYS D 345 22.08 -70.61 -13.56
CA LYS D 345 23.39 -71.24 -13.40
C LYS D 345 24.06 -70.79 -12.10
N PHE D 346 24.15 -69.47 -11.90
CA PHE D 346 24.91 -68.97 -10.76
C PHE D 346 24.29 -69.40 -9.44
N ARG D 347 22.97 -69.34 -9.32
CA ARG D 347 22.30 -69.61 -8.07
C ARG D 347 21.87 -71.07 -7.92
N MET D 348 22.27 -71.94 -8.84
CA MET D 348 22.05 -73.37 -8.70
C MET D 348 23.30 -74.08 -8.19
N GLU D 349 24.47 -73.72 -8.72
CA GLU D 349 25.70 -74.29 -8.20
C GLU D 349 25.99 -73.79 -6.80
N GLU D 350 25.58 -72.57 -6.47
CA GLU D 350 25.84 -72.01 -5.15
C GLU D 350 25.12 -72.78 -4.06
N SER D 351 23.84 -73.09 -4.28
CA SER D 351 23.08 -73.82 -3.26
C SER D 351 23.66 -75.21 -3.01
N VAL D 352 24.02 -75.93 -4.08
CA VAL D 352 24.64 -77.23 -3.90
C VAL D 352 25.98 -77.11 -3.19
N PHE D 353 26.79 -76.13 -3.59
CA PHE D 353 28.08 -75.93 -2.94
C PHE D 353 27.92 -75.62 -1.46
N ALA D 354 26.94 -74.75 -1.13
CA ALA D 354 26.75 -74.39 0.26
C ALA D 354 26.36 -75.60 1.11
N TYR D 355 25.50 -76.46 0.59
CA TYR D 355 25.08 -77.63 1.36
C TYR D 355 26.24 -78.58 1.58
N MET D 356 27.07 -78.78 0.55
CA MET D 356 28.23 -79.68 0.70
C MET D 356 29.17 -79.17 1.78
N LYS D 357 29.41 -77.86 1.80
CA LYS D 357 30.34 -77.29 2.77
C LYS D 357 29.84 -77.50 4.20
N ARG D 358 28.55 -77.30 4.44
CA ARG D 358 28.02 -77.49 5.78
C ARG D 358 28.25 -78.92 6.26
N ARG D 359 28.05 -79.90 5.39
CA ARG D 359 28.26 -81.29 5.78
C ARG D 359 29.72 -81.54 6.13
N SER D 360 30.65 -81.01 5.34
CA SER D 360 32.06 -81.25 5.60
C SER D 360 32.54 -80.57 6.88
N ASP D 361 31.94 -79.43 7.23
CA ASP D 361 32.34 -78.74 8.46
C ASP D 361 31.97 -79.55 9.69
N MET D 362 30.92 -80.36 9.61
CA MET D 362 30.54 -81.23 10.71
C MET D 362 31.33 -82.53 10.73
N GLY D 363 32.13 -82.80 9.70
CA GLY D 363 32.88 -84.03 9.64
C GLY D 363 32.15 -85.12 8.87
N LEU D 364 30.84 -84.93 8.68
CA LEU D 364 30.03 -85.90 7.97
C LEU D 364 29.90 -85.53 6.50
N SER D 365 31.03 -85.46 5.79
CA SER D 365 31.00 -85.07 4.39
C SER D 365 30.15 -86.03 3.58
N MET D 366 29.62 -85.53 2.47
CA MET D 366 28.75 -86.34 1.62
C MET D 366 29.52 -87.50 1.02
N LYS D 367 28.83 -88.61 0.80
CA LYS D 367 29.43 -89.81 0.23
C LYS D 367 28.54 -90.33 -0.88
N MET D 368 29.15 -90.85 -1.95
CA MET D 368 28.43 -91.29 -3.13
C MET D 368 27.79 -92.65 -2.85
N SER D 369 26.60 -92.61 -2.25
CA SER D 369 25.83 -93.81 -1.99
C SER D 369 24.36 -93.49 -2.17
N ASP D 370 23.56 -94.54 -2.42
CA ASP D 370 22.15 -94.35 -2.67
C ASP D 370 21.41 -93.77 -1.47
N GLU D 371 22.01 -93.84 -0.27
CA GLU D 371 21.34 -93.35 0.92
C GLU D 371 21.45 -91.84 1.10
N ASP D 372 22.31 -91.16 0.34
CA ASP D 372 22.50 -89.73 0.47
C ASP D 372 22.33 -88.95 -0.81
N LEU D 373 22.58 -89.56 -1.96
CA LEU D 373 22.44 -88.85 -3.24
C LEU D 373 21.04 -88.27 -3.39
N PRO D 374 19.98 -88.99 -3.02
CA PRO D 374 18.62 -88.44 -3.22
C PRO D 374 18.38 -87.11 -2.53
N VAL D 375 19.20 -86.74 -1.54
CA VAL D 375 18.95 -85.51 -0.79
C VAL D 375 19.02 -84.30 -1.71
N LEU D 376 19.77 -84.40 -2.82
CA LEU D 376 19.95 -83.24 -3.68
C LEU D 376 18.64 -82.73 -4.26
N LYS D 377 17.60 -83.56 -4.33
CA LYS D 377 16.30 -83.08 -4.79
C LYS D 377 15.75 -82.00 -3.87
N SER D 378 15.87 -82.19 -2.56
CA SER D 378 15.39 -81.19 -1.62
C SER D 378 16.21 -79.92 -1.70
N VAL D 379 17.52 -80.03 -1.91
CA VAL D 379 18.37 -78.84 -1.98
C VAL D 379 18.03 -78.01 -3.20
N LEU D 380 17.94 -78.65 -4.37
CA LEU D 380 17.64 -77.90 -5.59
C LEU D 380 16.24 -77.31 -5.55
N MET D 381 15.27 -78.05 -5.02
CA MET D 381 13.92 -77.50 -4.94
C MET D 381 13.85 -76.33 -3.97
N ASN D 382 14.85 -76.19 -3.09
CA ASN D 382 14.76 -75.16 -2.06
C ASN D 382 15.18 -73.79 -2.58
N ASN D 383 16.46 -73.62 -2.92
CA ASN D 383 16.96 -72.28 -3.22
C ASN D 383 16.59 -71.83 -4.63
N PRO D 384 16.98 -72.53 -5.68
CA PRO D 384 16.74 -72.00 -7.03
C PRO D 384 15.30 -72.13 -7.50
N ILE D 385 14.63 -73.25 -7.23
CA ILE D 385 13.36 -73.53 -7.88
C ILE D 385 12.21 -72.81 -7.19
N ASN D 386 11.96 -73.14 -5.92
CA ASN D 386 10.78 -72.58 -5.26
C ASN D 386 10.78 -71.06 -5.29
N ILE D 387 11.95 -70.43 -5.23
CA ILE D 387 12.01 -68.97 -5.34
C ILE D 387 11.52 -68.54 -6.72
N GLY D 388 11.83 -69.31 -7.75
CA GLY D 388 11.41 -68.98 -9.09
C GLY D 388 9.96 -69.29 -9.40
N ILE D 389 9.26 -69.96 -8.50
CA ILE D 389 7.85 -70.28 -8.73
C ILE D 389 6.94 -69.26 -8.04
N ARG D 390 7.30 -68.81 -6.84
CA ARG D 390 6.51 -67.78 -6.18
C ARG D 390 6.45 -66.52 -7.01
N ASN D 391 7.59 -66.13 -7.59
CA ASN D 391 7.67 -64.89 -8.34
C ASN D 391 7.14 -65.01 -9.77
N GLY D 392 6.76 -66.22 -10.19
CA GLY D 392 6.16 -66.40 -11.50
C GLY D 392 7.14 -66.57 -12.63
N GLY D 393 8.44 -66.59 -12.36
CA GLY D 393 9.40 -66.77 -13.43
C GLY D 393 9.30 -68.13 -14.10
N ILE D 394 8.94 -69.16 -13.35
CA ILE D 394 8.90 -70.53 -13.84
C ILE D 394 7.45 -70.96 -13.96
N LEU D 395 7.05 -71.41 -15.15
CA LEU D 395 5.69 -71.87 -15.37
C LEU D 395 5.48 -73.25 -14.75
N THR D 396 4.22 -73.56 -14.45
CA THR D 396 3.82 -74.87 -13.99
C THR D 396 2.41 -75.14 -14.48
N GLY D 397 1.94 -76.35 -14.23
CA GLY D 397 0.59 -76.73 -14.62
C GLY D 397 0.55 -77.72 -15.77
N TYR D 398 -0.53 -77.69 -16.54
CA TYR D 398 -0.77 -78.68 -17.59
C TYR D 398 -1.22 -77.96 -18.85
N ASP D 399 -0.70 -78.40 -19.99
CA ASP D 399 -1.05 -77.81 -21.28
C ASP D 399 -1.89 -78.82 -22.06
N THR D 400 -3.00 -78.36 -22.61
CA THR D 400 -3.96 -79.22 -23.28
C THR D 400 -3.75 -79.32 -24.79
N GLU D 401 -2.93 -78.44 -25.38
CA GLU D 401 -2.58 -78.60 -26.79
C GLU D 401 -1.44 -79.60 -26.95
N ASN D 402 -0.33 -79.37 -26.26
CA ASN D 402 0.74 -80.35 -26.26
C ASN D 402 0.37 -81.59 -25.46
N LYS D 403 -0.56 -81.46 -24.52
CA LYS D 403 -0.91 -82.54 -23.59
C LYS D 403 0.32 -82.97 -22.78
N VAL D 404 1.14 -81.99 -22.40
CA VAL D 404 2.35 -82.22 -21.64
C VAL D 404 2.36 -81.33 -20.42
N SER D 405 2.82 -81.87 -19.30
CA SER D 405 2.91 -81.09 -18.07
C SER D 405 4.15 -80.20 -18.10
N TYR D 406 4.16 -79.20 -17.23
CA TYR D 406 5.26 -78.24 -17.15
C TYR D 406 5.99 -78.29 -15.81
N ASP D 407 5.75 -79.30 -14.99
CA ASP D 407 6.37 -79.34 -13.67
C ASP D 407 7.88 -79.62 -13.81
N PRO D 408 8.70 -78.97 -12.99
CA PRO D 408 10.14 -79.28 -13.01
C PRO D 408 10.41 -80.71 -12.60
N THR D 409 11.42 -81.31 -13.21
CA THR D 409 11.83 -82.67 -12.89
C THR D 409 13.33 -82.70 -12.58
N ILE D 410 13.72 -83.66 -11.75
CA ILE D 410 15.11 -83.84 -11.37
C ILE D 410 15.42 -85.34 -11.39
N ILE D 411 16.57 -85.70 -11.94
CA ILE D 411 17.01 -87.09 -12.01
C ILE D 411 18.42 -87.18 -11.46
N ILE D 412 18.67 -88.19 -10.63
CA ILE D 412 19.97 -88.35 -9.98
C ILE D 412 20.48 -89.77 -10.24
N PRO D 413 21.72 -89.94 -10.69
CA PRO D 413 22.23 -91.29 -10.96
C PRO D 413 22.31 -92.12 -9.68
N LYS D 414 22.20 -93.44 -9.83
CA LYS D 414 22.40 -94.35 -8.73
C LYS D 414 23.80 -94.95 -8.80
N ARG D 415 24.25 -95.51 -7.68
CA ARG D 415 25.64 -95.94 -7.57
C ARG D 415 25.99 -97.01 -8.59
N ALA D 416 25.00 -97.72 -9.12
CA ALA D 416 25.24 -98.77 -10.09
C ALA D 416 25.58 -98.24 -11.48
N ASN D 417 25.34 -96.97 -11.74
CA ASN D 417 25.58 -96.39 -13.06
C ASN D 417 26.81 -95.51 -13.14
N ILE D 418 27.51 -95.29 -12.04
CA ILE D 418 28.70 -94.45 -12.04
C ILE D 418 29.88 -95.27 -12.56
N PRO D 419 30.55 -94.85 -13.64
CA PRO D 419 31.70 -95.60 -14.11
C PRO D 419 32.80 -95.66 -13.06
N THR D 420 33.54 -96.77 -13.07
CA THR D 420 34.58 -96.97 -12.07
C THR D 420 35.60 -95.83 -12.08
N ASN D 421 35.86 -95.24 -13.25
CA ASN D 421 36.83 -94.15 -13.31
C ASN D 421 36.38 -92.96 -12.48
N ASP D 422 35.11 -92.59 -12.56
CA ASP D 422 34.62 -91.45 -11.78
C ASP D 422 34.69 -91.70 -10.28
N LEU D 423 34.57 -92.96 -9.85
CA LEU D 423 34.75 -93.26 -8.43
C LEU D 423 36.16 -92.93 -7.98
N ALA D 424 37.16 -93.25 -8.79
CA ALA D 424 38.53 -92.89 -8.47
C ALA D 424 38.69 -91.37 -8.43
N ALA D 425 38.12 -90.67 -9.40
CA ALA D 425 38.24 -89.22 -9.48
C ALA D 425 37.23 -88.50 -8.58
N ARG D 426 36.22 -89.20 -8.07
CA ARG D 426 35.21 -88.59 -7.20
C ARG D 426 34.48 -87.46 -7.92
N ILE D 427 33.82 -87.82 -9.03
CA ILE D 427 33.03 -86.88 -9.82
C ILE D 427 31.66 -87.50 -10.06
N LEU D 428 30.62 -86.70 -9.87
CA LEU D 428 29.25 -87.09 -10.17
C LEU D 428 28.73 -86.20 -11.29
N ARG D 429 28.12 -86.82 -12.30
CA ARG D 429 27.63 -86.09 -13.47
C ARG D 429 26.32 -86.72 -13.93
N ASP D 430 25.78 -86.20 -15.03
CA ASP D 430 24.52 -86.64 -15.61
C ASP D 430 23.32 -86.26 -14.76
N VAL D 431 23.48 -85.36 -13.79
CA VAL D 431 22.34 -84.82 -13.08
C VAL D 431 21.58 -83.90 -14.02
N LYS D 432 20.27 -84.12 -14.15
CA LYS D 432 19.47 -83.44 -15.16
C LYS D 432 18.31 -82.72 -14.52
N VAL D 433 18.02 -81.52 -15.00
CA VAL D 433 16.93 -80.69 -14.51
C VAL D 433 16.14 -80.17 -15.71
N GLU D 434 14.90 -79.76 -15.46
CA GLU D 434 14.02 -79.30 -16.52
C GLU D 434 13.18 -78.15 -16.00
N LEU D 435 13.08 -77.09 -16.81
CA LEU D 435 12.36 -75.88 -16.43
C LEU D 435 11.58 -75.37 -17.63
N VAL D 436 10.59 -74.51 -17.35
CA VAL D 436 9.83 -73.82 -18.38
C VAL D 436 9.82 -72.34 -18.03
N TYR D 437 10.14 -71.49 -19.00
CA TYR D 437 10.21 -70.06 -18.79
C TYR D 437 8.90 -69.39 -19.16
N ASN D 438 8.56 -68.33 -18.42
CA ASN D 438 7.30 -67.62 -18.57
C ASN D 438 7.54 -66.32 -19.31
N ASN D 439 6.81 -66.09 -20.40
CA ASN D 439 7.07 -64.96 -21.26
C ASN D 439 6.26 -63.74 -20.82
N SER D 440 6.84 -62.55 -20.97
CA SER D 440 6.11 -61.32 -20.75
C SER D 440 5.32 -60.95 -21.99
N LEU D 441 4.61 -59.82 -21.91
CA LEU D 441 3.79 -59.32 -23.00
C LEU D 441 4.40 -58.04 -23.55
N HIS D 442 4.50 -57.94 -24.87
CA HIS D 442 5.10 -56.79 -25.54
C HIS D 442 4.13 -56.00 -26.38
N TYR D 443 3.45 -56.63 -27.34
CA TYR D 443 2.59 -55.93 -28.28
C TYR D 443 1.17 -56.46 -28.18
N VAL D 444 0.21 -55.55 -28.27
CA VAL D 444 -1.20 -55.88 -28.20
C VAL D 444 -1.92 -55.19 -29.35
N LYS D 445 -2.90 -55.88 -29.92
CA LYS D 445 -3.68 -55.37 -31.03
C LYS D 445 -5.15 -55.41 -30.68
N ILE D 446 -5.88 -54.38 -31.08
CA ILE D 446 -7.31 -54.25 -30.79
C ILE D 446 -8.07 -54.18 -32.10
N ARG D 447 -9.30 -54.69 -32.08
CA ARG D 447 -10.21 -54.63 -33.23
C ARG D 447 -11.52 -54.04 -32.74
N ALA D 448 -11.61 -52.71 -32.72
CA ALA D 448 -12.83 -52.04 -32.30
C ALA D 448 -13.83 -51.99 -33.45
N SER D 449 -15.09 -51.76 -33.09
CA SER D 449 -16.15 -51.63 -34.07
C SER D 449 -17.20 -50.68 -33.52
N VAL D 450 -17.64 -49.74 -34.36
CA VAL D 450 -18.61 -48.72 -33.98
C VAL D 450 -19.88 -48.97 -34.79
N VAL D 451 -20.98 -49.22 -34.09
CA VAL D 451 -22.26 -49.44 -34.74
C VAL D 451 -22.95 -48.09 -34.91
N LEU D 452 -23.84 -48.00 -35.90
CA LEU D 452 -24.53 -46.76 -36.20
C LEU D 452 -26.05 -46.86 -36.04
N ASP D 453 -26.67 -47.93 -36.53
CA ASP D 453 -28.13 -48.06 -36.54
C ASP D 453 -28.63 -49.02 -35.48
N ARG D 454 -28.12 -50.25 -35.45
CA ARG D 454 -28.61 -51.28 -34.56
C ARG D 454 -27.48 -52.27 -34.28
N PRO D 455 -27.31 -52.71 -33.03
CA PRO D 455 -26.37 -53.80 -32.78
C PRO D 455 -26.76 -55.02 -33.62
N ALA D 456 -25.76 -55.68 -34.19
CA ALA D 456 -26.00 -56.82 -35.06
C ALA D 456 -26.86 -57.85 -34.35
N GLY D 457 -27.94 -58.30 -35.01
CA GLY D 457 -28.79 -59.32 -34.42
C GLY D 457 -28.19 -60.70 -34.57
N GLN D 458 -28.71 -61.62 -33.78
CA GLN D 458 -28.25 -63.01 -33.78
C GLN D 458 -29.43 -63.93 -34.04
N SER D 459 -29.11 -65.14 -34.51
CA SER D 459 -30.14 -66.14 -34.76
C SER D 459 -30.76 -66.58 -33.44
N THR D 460 -32.02 -67.01 -33.51
CA THR D 460 -32.72 -67.52 -32.34
C THR D 460 -32.40 -68.97 -32.05
N ASN D 461 -31.35 -69.53 -32.66
CA ASN D 461 -30.97 -70.92 -32.45
C ASN D 461 -30.38 -71.06 -31.05
N ALA D 462 -31.24 -71.49 -30.12
CA ALA D 462 -30.86 -71.64 -28.72
C ALA D 462 -30.26 -73.01 -28.41
N GLN D 463 -29.98 -73.82 -29.42
CA GLN D 463 -29.37 -75.11 -29.19
C GLN D 463 -27.89 -74.96 -28.87
N THR D 464 -27.36 -75.94 -28.16
CA THR D 464 -25.93 -75.94 -27.86
C THR D 464 -25.14 -76.12 -29.14
N PRO D 465 -24.11 -75.31 -29.39
CA PRO D 465 -23.38 -75.42 -30.66
C PRO D 465 -22.57 -76.70 -30.73
N MET D 466 -22.86 -77.52 -31.75
CA MET D 466 -22.11 -78.75 -31.95
C MET D 466 -20.66 -78.43 -32.28
N SER D 467 -19.75 -79.29 -31.81
CA SER D 467 -18.32 -79.03 -31.91
C SER D 467 -17.66 -79.75 -33.09
N SER D 468 -18.40 -80.57 -33.84
CA SER D 468 -17.79 -81.33 -34.92
C SER D 468 -18.85 -81.72 -35.94
N SER D 469 -18.39 -82.09 -37.13
CA SER D 469 -19.29 -82.54 -38.17
C SER D 469 -19.48 -84.05 -38.11
N ALA D 470 -20.73 -84.50 -38.31
CA ALA D 470 -21.01 -85.93 -38.25
C ALA D 470 -20.33 -86.68 -39.37
N VAL D 471 -20.30 -86.12 -40.58
CA VAL D 471 -19.71 -86.79 -41.73
C VAL D 471 -18.19 -86.72 -41.61
N GLY D 472 -17.54 -87.87 -41.63
CA GLY D 472 -16.10 -87.93 -41.46
C GLY D 472 -15.42 -88.87 -42.42
N VAL D 473 -15.97 -89.00 -43.63
CA VAL D 473 -15.40 -89.88 -44.64
C VAL D 473 -15.37 -89.17 -45.99
N GLU E 3 15.39 -15.55 -8.40
CA GLU E 3 16.09 -14.26 -8.69
C GLU E 3 15.64 -13.19 -7.69
N TYR E 4 16.51 -12.19 -7.48
CA TYR E 4 16.14 -11.10 -6.61
C TYR E 4 14.89 -10.40 -7.12
N GLN E 5 13.94 -10.19 -6.22
CA GLN E 5 12.69 -9.50 -6.53
C GLN E 5 12.62 -8.26 -5.67
N ASP E 6 12.51 -7.09 -6.31
CA ASP E 6 12.58 -5.81 -5.61
C ASP E 6 11.23 -5.36 -5.07
N LYS E 7 10.20 -6.19 -5.15
CA LYS E 7 8.88 -5.82 -4.64
C LYS E 7 8.27 -7.01 -3.93
N VAL E 8 7.57 -6.73 -2.84
CA VAL E 8 6.83 -7.79 -2.16
C VAL E 8 5.68 -8.30 -3.02
N VAL E 9 5.14 -7.45 -3.91
CA VAL E 9 4.10 -7.84 -4.83
C VAL E 9 4.43 -7.27 -6.21
N ASP E 10 4.34 -8.11 -7.23
CA ASP E 10 4.62 -7.70 -8.61
C ASP E 10 3.42 -8.05 -9.46
N VAL E 11 2.72 -7.04 -9.95
CA VAL E 11 1.50 -7.20 -10.74
C VAL E 11 1.79 -6.72 -12.15
N GLU E 12 1.57 -7.59 -13.13
CA GLU E 12 1.68 -7.24 -14.53
C GLU E 12 0.31 -7.36 -15.19
N VAL E 13 -0.15 -6.28 -15.82
CA VAL E 13 -1.38 -6.28 -16.58
C VAL E 13 -1.01 -6.23 -18.05
N SER E 14 -1.35 -7.29 -18.78
CA SER E 14 -0.92 -7.44 -20.16
C SER E 14 -2.03 -8.15 -20.94
N LEU E 15 -1.69 -8.64 -22.13
CA LEU E 15 -2.67 -9.19 -23.04
C LEU E 15 -2.15 -10.48 -23.67
N GLY E 16 -2.96 -11.08 -24.52
CA GLY E 16 -2.52 -12.17 -25.37
C GLY E 16 -2.59 -13.56 -24.76
N THR E 17 -1.73 -13.86 -23.81
CA THR E 17 -1.64 -15.21 -23.27
C THR E 17 -1.20 -15.20 -21.81
N GLY E 24 -8.29 -36.69 -32.34
CA GLY E 24 -8.93 -35.45 -32.72
C GLY E 24 -8.82 -34.38 -31.66
N PHE E 25 -8.35 -33.20 -32.06
CA PHE E 25 -8.24 -32.05 -31.17
C PHE E 25 -8.21 -30.79 -32.01
N GLU E 26 -7.81 -29.67 -31.41
CA GLU E 26 -8.14 -28.36 -31.96
C GLU E 26 -7.19 -27.93 -33.09
N THR E 27 -5.90 -27.80 -32.79
CA THR E 27 -5.03 -26.97 -33.60
C THR E 27 -5.05 -27.37 -35.07
N PRO E 28 -5.38 -26.46 -35.99
CA PRO E 28 -5.27 -26.77 -37.42
C PRO E 28 -3.92 -26.34 -37.98
N MET E 29 -3.58 -26.91 -39.13
CA MET E 29 -2.35 -26.57 -39.83
C MET E 29 -2.72 -26.13 -41.25
N PHE E 30 -2.31 -24.92 -41.61
CA PHE E 30 -2.56 -24.36 -42.93
C PHE E 30 -1.25 -24.36 -43.72
N LEU E 31 -1.20 -25.16 -44.78
CA LEU E 31 0.01 -25.30 -45.58
C LEU E 31 0.04 -24.18 -46.61
N ALA E 32 0.88 -23.17 -46.38
CA ALA E 32 0.90 -21.96 -47.18
C ALA E 32 2.20 -21.87 -47.97
N MET E 33 2.20 -20.95 -48.93
CA MET E 33 3.37 -20.63 -49.74
C MET E 33 3.92 -19.29 -49.27
N HIS E 34 5.18 -19.27 -48.86
CA HIS E 34 5.79 -18.06 -48.33
C HIS E 34 7.25 -18.36 -48.02
N GLY E 35 7.97 -17.31 -47.60
CA GLY E 35 9.33 -17.44 -47.14
C GLY E 35 9.66 -16.59 -45.93
N ASN E 36 8.69 -16.22 -45.11
CA ASN E 36 8.90 -15.30 -44.01
C ASN E 36 9.69 -15.89 -42.86
N PHE E 37 9.92 -17.20 -42.84
CA PHE E 37 10.73 -17.81 -41.80
C PHE E 37 11.35 -19.09 -42.34
N PRO E 38 12.44 -19.57 -41.75
CA PRO E 38 13.12 -20.75 -42.30
C PRO E 38 12.45 -22.07 -41.93
N GLU E 39 11.87 -22.15 -40.74
CA GLU E 39 11.26 -23.40 -40.30
C GLU E 39 10.15 -23.81 -41.24
N ARG E 40 9.68 -25.04 -41.07
CA ARG E 40 8.55 -25.54 -41.85
C ARG E 40 7.21 -25.28 -41.17
N ILE E 41 7.19 -25.17 -39.85
CA ILE E 41 5.96 -24.94 -39.10
C ILE E 41 6.21 -23.84 -38.07
N ARG E 42 5.19 -23.02 -37.84
CA ARG E 42 5.20 -22.03 -36.76
C ARG E 42 3.79 -21.91 -36.19
N PHE E 43 3.70 -21.61 -34.90
CA PHE E 43 2.43 -21.45 -34.23
C PHE E 43 2.18 -19.98 -33.93
N TYR E 44 0.92 -19.57 -34.01
CA TYR E 44 0.52 -18.20 -33.72
C TYR E 44 -0.72 -18.24 -32.85
N VAL E 45 -0.92 -17.15 -32.09
CA VAL E 45 -2.12 -17.01 -31.27
C VAL E 45 -3.05 -15.93 -31.77
N SER E 46 -2.60 -15.08 -32.69
CA SER E 46 -3.46 -14.04 -33.24
C SER E 46 -2.88 -13.58 -34.58
N THR E 47 -3.72 -12.93 -35.38
CA THR E 47 -3.25 -12.40 -36.65
C THR E 47 -2.19 -11.33 -36.45
N ALA E 48 -2.15 -10.71 -35.28
CA ALA E 48 -1.16 -9.67 -35.02
C ALA E 48 0.25 -10.22 -35.17
N GLY E 49 0.51 -11.40 -34.61
CA GLY E 49 1.83 -11.98 -34.73
C GLY E 49 2.26 -12.23 -36.16
N MET E 50 1.34 -12.65 -37.02
CA MET E 50 1.66 -12.89 -38.42
C MET E 50 2.05 -11.62 -39.15
N VAL E 51 1.40 -10.49 -38.83
CA VAL E 51 1.82 -9.22 -39.40
C VAL E 51 3.26 -8.91 -39.01
N ALA E 52 3.60 -9.13 -37.74
CA ALA E 52 4.98 -8.92 -37.31
C ALA E 52 5.96 -9.83 -38.03
N ASP E 53 5.47 -10.92 -38.64
CA ASP E 53 6.30 -11.83 -39.41
C ASP E 53 6.31 -11.47 -40.89
N GLY E 54 5.74 -10.34 -41.27
CA GLY E 54 5.76 -9.91 -42.65
C GLY E 54 4.63 -10.41 -43.50
N PHE E 55 3.55 -10.91 -42.90
CA PHE E 55 2.39 -11.32 -43.67
C PHE E 55 1.58 -10.10 -44.08
N ALA E 56 1.42 -9.92 -45.39
CA ALA E 56 0.66 -8.78 -45.90
C ALA E 56 -0.84 -9.01 -45.71
N VAL E 57 -1.54 -7.95 -45.33
CA VAL E 57 -2.99 -8.06 -45.18
C VAL E 57 -3.59 -8.51 -46.49
N GLY E 58 -4.59 -9.40 -46.40
CA GLY E 58 -5.19 -9.98 -47.59
C GLY E 58 -4.47 -11.19 -48.13
N SER E 59 -3.30 -11.53 -47.57
CA SER E 59 -2.57 -12.68 -48.09
C SER E 59 -3.29 -13.97 -47.73
N PRO E 60 -3.07 -15.04 -48.51
CA PRO E 60 -3.77 -16.30 -48.23
C PRO E 60 -3.74 -16.72 -46.77
N ALA E 61 -2.55 -16.86 -46.18
CA ALA E 61 -2.46 -17.29 -44.80
C ALA E 61 -3.23 -16.35 -43.87
N TYR E 62 -3.16 -15.05 -44.14
CA TYR E 62 -3.84 -14.08 -43.28
C TYR E 62 -5.35 -14.29 -43.32
N GLN E 63 -5.91 -14.55 -44.51
CA GLN E 63 -7.34 -14.77 -44.61
C GLN E 63 -7.78 -15.99 -43.81
N PHE E 64 -7.00 -17.07 -43.88
CA PHE E 64 -7.36 -18.29 -43.14
C PHE E 64 -7.32 -18.03 -41.64
N ALA E 65 -6.23 -17.41 -41.16
CA ALA E 65 -6.09 -17.21 -39.72
C ALA E 65 -7.17 -16.32 -39.15
N THR E 66 -7.48 -15.21 -39.82
CA THR E 66 -8.52 -14.32 -39.31
C THR E 66 -9.89 -14.99 -39.32
N ASN E 67 -10.17 -15.82 -40.31
CA ASN E 67 -11.43 -16.54 -40.34
C ASN E 67 -11.51 -17.59 -39.24
N ALA E 68 -10.42 -18.30 -38.96
CA ALA E 68 -10.44 -19.36 -37.97
C ALA E 68 -10.55 -18.82 -36.55
N PHE E 69 -9.96 -17.66 -36.28
CA PHE E 69 -10.02 -17.07 -34.95
C PHE E 69 -11.35 -16.36 -34.67
N ALA E 70 -12.19 -16.17 -35.69
CA ALA E 70 -13.45 -15.46 -35.51
C ALA E 70 -14.63 -16.38 -35.21
N GLY E 71 -14.44 -17.69 -35.29
CA GLY E 71 -15.54 -18.61 -35.10
C GLY E 71 -15.98 -18.71 -33.65
N ASN E 72 -17.17 -19.27 -33.46
CA ASN E 72 -17.70 -19.49 -32.12
C ASN E 72 -16.89 -20.49 -31.32
N PHE E 73 -16.18 -21.39 -32.00
CA PHE E 73 -15.33 -22.38 -31.35
C PHE E 73 -13.92 -22.29 -31.90
N ALA E 74 -13.40 -21.07 -31.97
CA ALA E 74 -12.12 -20.85 -32.65
C ALA E 74 -11.02 -21.65 -31.97
N PRO E 75 -10.06 -22.18 -32.72
CA PRO E 75 -8.96 -22.91 -32.11
C PRO E 75 -8.07 -21.99 -31.28
N GLN E 76 -7.44 -22.58 -30.27
CA GLN E 76 -6.58 -21.80 -29.38
C GLN E 76 -5.34 -21.28 -30.10
N ARG E 77 -4.80 -22.08 -31.01
CA ARG E 77 -3.49 -21.76 -31.59
C ARG E 77 -3.32 -22.40 -32.96
N VAL E 78 -3.32 -21.58 -34.02
CA VAL E 78 -3.22 -22.09 -35.38
C VAL E 78 -1.76 -22.37 -35.71
N ALA E 79 -1.53 -23.04 -36.84
CA ALA E 79 -0.18 -23.39 -37.29
C ALA E 79 -0.08 -23.11 -38.77
N ILE E 80 1.09 -22.62 -39.19
CA ILE E 80 1.34 -22.24 -40.58
C ILE E 80 2.45 -23.12 -41.12
N GLY E 81 2.16 -23.83 -42.20
CA GLY E 81 3.19 -24.56 -42.92
C GLY E 81 3.83 -23.69 -43.97
N ARG E 82 5.06 -24.04 -44.36
CA ARG E 82 5.83 -23.25 -45.31
C ARG E 82 6.20 -24.12 -46.51
N MET E 83 5.76 -23.69 -47.69
CA MET E 83 6.26 -24.24 -48.94
C MET E 83 6.79 -23.10 -49.80
N SER E 84 7.90 -23.37 -50.48
CA SER E 84 8.66 -22.29 -51.12
C SER E 84 7.84 -21.64 -52.23
N ILE E 85 8.14 -20.36 -52.49
CA ILE E 85 7.54 -19.60 -53.57
C ILE E 85 8.59 -19.36 -54.64
N ASP E 86 8.16 -19.40 -55.89
CA ASP E 86 8.97 -18.94 -57.02
C ASP E 86 8.40 -17.71 -57.69
N SER E 87 7.09 -17.57 -57.75
CA SER E 87 6.44 -16.42 -58.36
C SER E 87 5.04 -16.28 -57.82
N SER E 88 4.48 -15.09 -57.95
CA SER E 88 3.11 -14.82 -57.54
C SER E 88 2.44 -13.98 -58.62
N LYS E 89 1.12 -14.15 -58.75
CA LYS E 89 0.36 -13.49 -59.80
C LYS E 89 -0.79 -12.70 -59.19
N VAL E 90 -1.22 -11.67 -59.91
CA VAL E 90 -2.43 -10.92 -59.60
C VAL E 90 -3.28 -10.94 -60.86
N ASP E 91 -4.44 -11.59 -60.79
CA ASP E 91 -5.29 -11.83 -61.94
C ASP E 91 -6.42 -10.81 -61.96
N PHE E 92 -6.63 -10.20 -63.13
CA PHE E 92 -7.63 -9.14 -63.27
C PHE E 92 -8.68 -9.51 -64.32
N THR E 93 -9.22 -10.72 -64.24
CA THR E 93 -10.24 -11.16 -65.19
C THR E 93 -11.61 -10.57 -64.81
N GLY E 94 -11.61 -9.58 -63.93
CA GLY E 94 -12.82 -8.86 -63.58
C GLY E 94 -12.50 -7.55 -62.89
N THR E 95 -13.24 -6.49 -63.22
CA THR E 95 -12.94 -5.16 -62.69
C THR E 95 -14.23 -4.36 -62.58
N THR E 96 -14.14 -3.22 -61.91
CA THR E 96 -15.27 -2.33 -61.73
C THR E 96 -15.66 -1.69 -63.06
N GLU E 99 -10.67 2.00 -58.19
CA GLU E 99 -9.94 1.66 -56.97
C GLU E 99 -9.69 0.17 -56.88
N GLN E 100 -8.43 -0.23 -57.03
CA GLN E 100 -8.02 -1.63 -56.99
C GLN E 100 -6.80 -1.77 -56.08
N VAL E 101 -6.89 -1.17 -54.89
CA VAL E 101 -5.78 -1.11 -53.95
C VAL E 101 -5.18 -2.50 -53.75
N VAL E 102 -3.85 -2.56 -53.73
CA VAL E 102 -3.12 -3.80 -53.47
C VAL E 102 -2.06 -3.48 -52.41
N VAL E 103 -1.72 -4.48 -51.60
CA VAL E 103 -0.79 -4.32 -50.49
C VAL E 103 0.46 -5.14 -50.75
N ASN E 104 1.62 -4.50 -50.69
CA ASN E 104 2.91 -5.16 -50.84
C ASN E 104 3.76 -4.86 -49.62
N ILE E 105 4.43 -5.88 -49.12
CA ILE E 105 5.36 -5.75 -48.00
C ILE E 105 6.69 -6.38 -48.41
N THR E 106 7.75 -5.58 -48.40
CA THR E 106 9.08 -6.02 -48.78
C THR E 106 10.06 -5.68 -47.67
N LEU E 107 11.07 -6.55 -47.51
CA LEU E 107 12.09 -6.38 -46.48
C LEU E 107 11.46 -6.38 -45.08
N ASN E 108 10.26 -6.95 -44.99
CA ASN E 108 9.55 -7.14 -43.72
C ASN E 108 9.07 -5.83 -43.12
N LYS E 109 9.41 -4.68 -43.73
CA LYS E 109 9.08 -3.40 -43.14
C LYS E 109 8.43 -2.44 -44.14
N VAL E 110 8.74 -2.62 -45.42
CA VAL E 110 8.29 -1.67 -46.44
C VAL E 110 6.85 -1.96 -46.82
N VAL E 111 5.91 -1.29 -46.16
CA VAL E 111 4.49 -1.47 -46.44
C VAL E 111 4.05 -0.46 -47.50
N LYS E 112 4.23 -0.80 -48.78
CA LYS E 112 3.88 0.08 -49.89
C LYS E 112 2.54 -0.38 -50.47
N ALA E 113 1.46 0.25 -50.00
CA ALA E 113 0.11 -0.04 -50.49
C ALA E 113 -0.10 0.70 -51.81
N VAL E 114 0.07 -0.03 -52.91
CA VAL E 114 -0.08 0.54 -54.24
C VAL E 114 -1.56 0.77 -54.52
N LYS E 115 -1.85 1.85 -55.24
CA LYS E 115 -3.22 2.23 -55.58
C LYS E 115 -3.35 2.38 -57.09
N ILE E 116 -4.54 2.05 -57.60
CA ILE E 116 -4.86 2.20 -59.01
C ILE E 116 -6.37 2.35 -59.13
N ASN E 117 -6.81 3.00 -60.20
CA ASN E 117 -8.23 3.26 -60.39
C ASN E 117 -8.53 3.32 -61.88
N VAL E 118 -9.80 3.09 -62.20
CA VAL E 118 -10.27 3.15 -63.58
C VAL E 118 -11.51 4.02 -63.65
N PRO E 124 -9.27 -5.22 -69.09
CA PRO E 124 -8.47 -5.20 -67.85
C PRO E 124 -6.98 -5.03 -68.11
N ALA E 125 -6.59 -5.01 -69.38
CA ALA E 125 -5.18 -4.81 -69.71
C ALA E 125 -4.69 -3.45 -69.23
N GLN E 126 -5.50 -2.41 -69.42
CA GLN E 126 -5.09 -1.08 -68.97
C GLN E 126 -4.74 -1.08 -67.49
N ILE E 127 -5.64 -1.59 -66.65
CA ILE E 127 -5.35 -1.66 -65.23
C ILE E 127 -4.20 -2.62 -64.98
N ALA E 128 -4.18 -3.77 -65.67
CA ALA E 128 -3.09 -4.72 -65.47
C ALA E 128 -1.75 -4.09 -65.77
N THR E 129 -1.61 -3.48 -66.94
CA THR E 129 -0.36 -2.77 -67.27
C THR E 129 -0.16 -1.58 -66.34
N ALA E 130 -1.24 -0.87 -66.01
CA ALA E 130 -1.12 0.26 -65.09
C ALA E 130 -0.58 -0.17 -63.74
N LEU E 131 -1.07 -1.28 -63.19
CA LEU E 131 -0.56 -1.76 -61.91
C LEU E 131 0.92 -2.09 -62.02
N ALA E 132 1.32 -2.78 -63.08
CA ALA E 132 2.74 -3.10 -63.27
C ALA E 132 3.56 -1.83 -63.34
N ASP E 133 3.04 -0.81 -64.03
CA ASP E 133 3.76 0.46 -64.13
C ASP E 133 3.92 1.11 -62.75
N ALA E 134 2.87 1.07 -61.94
CA ALA E 134 2.94 1.67 -60.61
C ALA E 134 3.99 0.99 -59.74
N VAL E 135 4.09 -0.34 -59.80
CA VAL E 135 5.09 -1.03 -59.00
C VAL E 135 6.50 -0.60 -59.42
N THR E 136 6.74 -0.52 -60.74
CA THR E 136 8.05 -0.11 -61.22
C THR E 136 8.40 1.30 -60.75
N ALA E 137 7.40 2.16 -60.55
CA ALA E 137 7.64 3.52 -60.14
C ALA E 137 8.19 3.62 -58.72
N ASP E 138 8.15 2.55 -57.95
CA ASP E 138 8.64 2.56 -56.58
C ASP E 138 10.11 2.98 -56.54
N LEU E 141 10.09 -0.42 -53.00
CA LEU E 141 11.35 -0.09 -53.68
C LEU E 141 11.53 -0.96 -54.91
N THR E 142 11.61 -0.32 -56.08
CA THR E 142 11.76 -1.07 -57.32
C THR E 142 13.09 -1.82 -57.36
N GLY E 143 14.04 -1.44 -56.51
CA GLY E 143 15.33 -2.09 -56.46
C GLY E 143 15.30 -3.42 -55.75
N LYS E 144 14.11 -3.86 -55.34
CA LYS E 144 13.97 -5.13 -54.63
C LYS E 144 12.86 -6.02 -55.15
N ALA E 145 11.96 -5.52 -56.00
CA ALA E 145 10.87 -6.32 -56.54
C ALA E 145 10.66 -5.95 -58.00
N THR E 146 10.01 -6.84 -58.74
CA THR E 146 9.76 -6.64 -60.16
C THR E 146 8.33 -7.00 -60.48
N ALA E 147 7.80 -6.40 -61.55
CA ALA E 147 6.44 -6.67 -61.98
C ALA E 147 6.39 -6.65 -63.50
N VAL E 148 5.44 -7.39 -64.06
CA VAL E 148 5.24 -7.47 -65.51
C VAL E 148 3.84 -7.96 -65.80
N ALA E 149 3.17 -7.30 -66.72
CA ALA E 149 1.84 -7.72 -67.13
C ALA E 149 1.93 -8.68 -68.31
N THR E 150 1.01 -9.64 -68.35
CA THR E 150 0.94 -10.59 -69.46
C THR E 150 -0.48 -10.78 -69.95
N THR E 152 -3.43 -10.58 -69.28
CA THR E 152 -4.32 -9.90 -68.34
C THR E 152 -3.70 -9.83 -66.95
N TYR E 153 -3.22 -10.98 -66.47
CA TYR E 153 -2.62 -11.03 -65.14
C TYR E 153 -1.26 -10.32 -65.15
N VAL E 154 -0.78 -10.02 -63.95
CA VAL E 154 0.52 -9.39 -63.75
C VAL E 154 1.28 -10.21 -62.72
N THR E 155 2.52 -10.57 -63.05
CA THR E 155 3.36 -11.37 -62.17
C THR E 155 4.26 -10.47 -61.34
N VAL E 156 4.44 -10.84 -60.07
CA VAL E 156 5.30 -10.10 -59.15
C VAL E 156 6.35 -11.06 -58.62
N THR E 157 7.62 -10.66 -58.68
CA THR E 157 8.73 -11.49 -58.23
C THR E 157 9.67 -10.64 -57.39
N ALA E 158 10.28 -11.28 -56.39
CA ALA E 158 11.23 -10.61 -55.53
C ALA E 158 12.49 -10.24 -56.30
N SER E 160 15.46 -11.36 -56.43
CA SER E 160 16.38 -10.93 -55.39
C SER E 160 16.08 -11.65 -54.09
N PRO E 161 17.05 -11.71 -53.18
CA PRO E 161 16.82 -12.36 -51.87
C PRO E 161 16.18 -11.43 -50.84
N ASN E 162 14.88 -11.22 -50.99
CA ASN E 162 14.13 -10.34 -50.12
C ASN E 162 12.73 -10.89 -49.92
N VAL E 163 12.29 -10.93 -48.66
CA VAL E 163 10.94 -11.37 -48.36
C VAL E 163 9.95 -10.39 -48.97
N VAL E 164 9.07 -10.88 -49.83
CA VAL E 164 8.05 -10.08 -50.48
C VAL E 164 6.70 -10.74 -50.26
N SER E 165 5.74 -9.95 -49.78
CA SER E 165 4.39 -10.43 -49.51
C SER E 165 3.40 -9.56 -50.27
N VAL E 166 2.47 -10.22 -50.98
CA VAL E 166 1.47 -9.54 -51.78
C VAL E 166 0.09 -10.03 -51.34
N GLY E 167 -0.82 -9.10 -51.13
CA GLY E 167 -2.15 -9.43 -50.66
C GLY E 167 -3.19 -8.52 -51.26
N LYS E 168 -4.43 -9.01 -51.27
CA LYS E 168 -5.56 -8.27 -51.84
C LYS E 168 -6.02 -7.20 -50.86
N GLY E 169 -6.28 -6.00 -51.36
CA GLY E 169 -6.80 -4.92 -50.55
C GLY E 169 -8.25 -4.59 -50.87
N ALA E 170 -8.60 -4.64 -52.15
CA ALA E 170 -9.96 -4.34 -52.60
C ALA E 170 -10.11 -4.92 -54.00
N GLY E 171 -11.20 -4.55 -54.68
CA GLY E 171 -11.39 -4.96 -56.06
C GLY E 171 -11.83 -6.42 -56.17
N VAL E 172 -11.75 -6.92 -57.41
CA VAL E 172 -12.26 -8.25 -57.70
C VAL E 172 -11.12 -9.22 -58.02
N TYR E 173 -9.91 -8.71 -58.24
CA TYR E 173 -8.78 -9.56 -58.56
C TYR E 173 -8.55 -10.61 -57.48
N LYS E 174 -7.82 -11.68 -57.81
CA LYS E 174 -7.51 -12.74 -56.86
C LYS E 174 -6.04 -13.11 -56.97
N ILE E 175 -5.43 -13.37 -55.81
CA ILE E 175 -4.01 -13.72 -55.76
C ILE E 175 -3.85 -15.20 -56.06
N VAL E 176 -2.80 -15.52 -56.82
CA VAL E 176 -2.51 -16.90 -57.20
C VAL E 176 -1.01 -17.11 -57.07
N ASN E 177 -0.59 -17.76 -55.98
CA ASN E 177 0.81 -18.07 -55.79
C ASN E 177 1.18 -19.34 -56.53
N GLU E 178 2.45 -19.41 -56.94
CA GLU E 178 2.96 -20.55 -57.69
C GLU E 178 4.29 -20.98 -57.09
N SER E 179 4.56 -22.28 -57.10
CA SER E 179 5.77 -22.82 -56.50
C SER E 179 6.22 -24.04 -57.29
N SER E 180 7.54 -24.21 -57.38
CA SER E 180 8.12 -25.39 -58.00
C SER E 180 8.01 -26.63 -57.11
N GLU E 181 7.98 -26.44 -55.81
CA GLU E 181 7.85 -27.55 -54.87
C GLU E 181 6.44 -28.13 -54.96
N THR E 182 6.32 -29.38 -54.53
CA THR E 182 5.06 -30.11 -54.61
C THR E 182 4.58 -30.47 -53.22
N VAL E 183 3.26 -30.40 -53.02
CA VAL E 183 2.67 -30.69 -51.70
C VAL E 183 2.98 -32.12 -51.28
N ALA E 184 2.95 -33.05 -52.24
CA ALA E 184 3.12 -34.46 -51.90
C ALA E 184 4.44 -34.73 -51.20
N THR E 185 5.44 -33.87 -51.41
CA THR E 185 6.76 -34.06 -50.82
C THR E 185 6.99 -33.23 -49.57
N VAL E 186 6.36 -32.06 -49.47
CA VAL E 186 6.57 -31.22 -48.29
C VAL E 186 5.92 -31.83 -47.06
N LEU E 187 4.71 -32.39 -47.20
CA LEU E 187 3.98 -32.88 -46.04
C LEU E 187 4.81 -33.86 -45.21
N PRO E 188 5.52 -34.81 -45.80
CA PRO E 188 6.40 -35.66 -44.99
C PRO E 188 7.45 -34.87 -44.23
N SER E 189 7.72 -33.64 -44.65
CA SER E 189 8.72 -32.81 -43.98
C SER E 189 8.12 -32.07 -42.78
N VAL E 190 6.95 -31.45 -42.95
CA VAL E 190 6.37 -30.68 -41.86
C VAL E 190 6.06 -31.57 -40.67
N ILE E 191 5.60 -32.80 -40.91
CA ILE E 191 5.25 -33.69 -39.83
C ILE E 191 6.44 -33.97 -38.93
N ALA E 192 7.63 -34.08 -39.50
CA ALA E 192 8.82 -34.38 -38.70
C ALA E 192 9.07 -33.29 -37.65
N GLU E 193 8.94 -32.02 -38.05
CA GLU E 193 9.18 -30.94 -37.09
C GLU E 193 8.23 -31.02 -35.91
N ASN E 194 6.94 -31.15 -36.18
CA ASN E 194 5.95 -31.26 -35.11
C ASN E 194 4.69 -31.88 -35.68
N HIS E 195 3.91 -32.50 -34.80
CA HIS E 195 2.68 -33.15 -35.21
C HIS E 195 1.53 -32.94 -34.23
N ASN E 196 1.54 -31.85 -33.47
CA ASN E 196 0.42 -31.51 -32.59
C ASN E 196 -0.62 -30.70 -33.34
N TRP E 197 -1.06 -31.25 -34.47
CA TRP E 197 -2.07 -30.60 -35.30
C TRP E 197 -2.95 -31.69 -35.91
N TYR E 198 -4.25 -31.40 -35.97
CA TYR E 198 -5.24 -32.38 -36.40
C TYR E 198 -5.86 -32.05 -37.75
N PHE E 199 -6.28 -30.82 -37.96
CA PHE E 199 -6.87 -30.43 -39.23
C PHE E 199 -5.78 -30.13 -40.26
N LEU E 200 -6.05 -30.47 -41.51
CA LEU E 200 -5.11 -30.26 -42.60
C LEU E 200 -5.81 -29.48 -43.72
N ALA E 201 -5.18 -28.38 -44.13
CA ALA E 201 -5.70 -27.58 -45.23
C ALA E 201 -4.54 -27.11 -46.09
N THR E 202 -4.81 -26.93 -47.37
CA THR E 202 -3.78 -26.60 -48.34
C THR E 202 -4.22 -25.43 -49.20
N GLU E 203 -3.24 -24.74 -49.77
CA GLU E 203 -3.52 -23.59 -50.62
C GLU E 203 -3.61 -23.95 -52.09
N ALA E 204 -2.87 -24.97 -52.54
CA ALA E 204 -2.79 -25.25 -53.97
C ALA E 204 -4.17 -25.45 -54.58
N ARG E 205 -4.98 -26.33 -54.01
CA ARG E 205 -6.36 -26.51 -54.43
C ARG E 205 -6.48 -26.98 -55.87
N SER E 206 -5.39 -27.45 -56.46
CA SER E 206 -5.47 -28.12 -57.74
C SER E 206 -5.93 -29.56 -57.54
N ASP E 207 -6.45 -30.16 -58.61
CA ASP E 207 -6.96 -31.52 -58.50
C ASP E 207 -5.88 -32.48 -58.05
N ALA E 208 -4.67 -32.37 -58.62
CA ALA E 208 -3.57 -33.22 -58.20
C ALA E 208 -3.17 -32.94 -56.76
N ASP E 209 -3.06 -31.67 -56.39
CA ASP E 209 -2.61 -31.33 -55.04
C ASP E 209 -3.61 -31.78 -53.99
N ILE E 210 -4.91 -31.58 -54.24
CA ILE E 210 -5.92 -31.94 -53.26
C ILE E 210 -5.90 -33.44 -53.02
N VAL E 211 -5.85 -34.23 -54.09
CA VAL E 211 -5.88 -35.68 -53.94
C VAL E 211 -4.68 -36.16 -53.15
N ALA E 212 -3.49 -35.63 -53.46
CA ALA E 212 -2.29 -36.04 -52.73
C ALA E 212 -2.43 -35.74 -51.25
N ALA E 213 -3.00 -34.57 -50.91
CA ALA E 213 -3.20 -34.25 -49.50
C ALA E 213 -4.18 -35.21 -48.85
N ALA E 214 -5.23 -35.61 -49.58
CA ALA E 214 -6.22 -36.52 -49.01
C ALA E 214 -5.60 -37.86 -48.65
N GLU E 215 -4.74 -38.39 -49.52
CA GLU E 215 -4.12 -39.69 -49.24
C GLU E 215 -3.21 -39.61 -48.02
N PHE E 216 -2.46 -38.51 -47.87
CA PHE E 216 -1.57 -38.39 -46.73
C PHE E 216 -2.36 -38.36 -45.42
N ALA E 217 -3.50 -37.66 -45.41
CA ALA E 217 -4.28 -37.56 -44.18
C ALA E 217 -4.74 -38.93 -43.69
N LYS E 218 -5.00 -39.87 -44.60
CA LYS E 218 -5.43 -41.19 -44.20
C LYS E 218 -4.37 -41.88 -43.35
N ALA E 219 -3.19 -42.12 -43.93
CA ALA E 219 -2.17 -42.91 -43.27
C ALA E 219 -1.75 -42.31 -41.93
N ASN E 220 -1.92 -41.01 -41.76
CA ASN E 220 -1.51 -40.34 -40.52
C ASN E 220 -2.69 -39.97 -39.64
N TYR E 221 -3.91 -40.34 -40.03
CA TYR E 221 -5.10 -40.06 -39.23
C TYR E 221 -5.25 -38.57 -38.95
N LYS E 222 -5.44 -37.82 -40.03
CA LYS E 222 -5.74 -36.39 -39.97
C LYS E 222 -7.03 -36.14 -40.74
N LEU E 223 -7.68 -35.04 -40.40
CA LEU E 223 -8.94 -34.65 -41.03
C LEU E 223 -8.65 -33.62 -42.11
N HIS E 224 -9.06 -33.92 -43.34
CA HIS E 224 -8.81 -33.04 -44.47
C HIS E 224 -10.01 -32.15 -44.74
N ILE E 225 -9.74 -30.89 -45.07
CA ILE E 225 -10.78 -29.92 -45.37
C ILE E 225 -10.38 -29.14 -46.61
N TYR E 226 -11.35 -28.82 -47.46
CA TYR E 226 -11.07 -28.05 -48.66
C TYR E 226 -12.36 -27.45 -49.19
N ASN E 227 -12.28 -26.19 -49.64
CA ASN E 227 -13.37 -25.52 -50.32
C ASN E 227 -13.01 -25.36 -51.78
N SER E 228 -13.94 -25.71 -52.66
CA SER E 228 -13.70 -25.70 -54.10
C SER E 228 -14.68 -24.77 -54.79
N THR E 229 -14.18 -24.02 -55.77
CA THR E 229 -14.99 -23.12 -56.58
C THR E 229 -15.52 -23.78 -57.85
N ASP E 230 -15.24 -25.06 -58.05
CA ASP E 230 -15.61 -25.72 -59.30
C ASP E 230 -17.12 -25.60 -59.54
N VAL E 231 -17.49 -25.21 -60.76
CA VAL E 231 -18.91 -25.15 -61.12
C VAL E 231 -19.46 -26.54 -61.36
N ASP E 232 -18.59 -27.51 -61.65
CA ASP E 232 -19.05 -28.88 -61.85
C ASP E 232 -19.60 -29.50 -60.58
N ALA E 233 -19.39 -28.87 -59.42
CA ALA E 233 -19.85 -29.45 -58.17
C ALA E 233 -21.36 -29.69 -58.20
N TYR E 234 -22.13 -28.70 -58.67
CA TYR E 234 -23.58 -28.82 -58.74
C TYR E 234 -24.07 -29.12 -60.15
N ALA E 235 -23.18 -29.53 -61.05
CA ALA E 235 -23.62 -29.99 -62.35
C ALA E 235 -24.55 -31.19 -62.20
N PRO E 236 -25.21 -31.60 -63.28
CA PRO E 236 -26.14 -32.73 -63.18
C PRO E 236 -25.43 -33.97 -62.64
N GLU E 237 -26.16 -34.73 -61.81
CA GLU E 237 -25.55 -35.85 -61.09
C GLU E 237 -24.88 -36.83 -62.04
N ASN E 238 -25.46 -37.02 -63.23
CA ASN E 238 -24.89 -37.98 -64.18
C ASN E 238 -23.49 -37.56 -64.63
N SER E 239 -23.12 -36.29 -64.45
CA SER E 239 -21.82 -35.78 -64.90
C SER E 239 -20.84 -35.86 -63.75
N ALA E 240 -19.85 -36.74 -63.88
CA ALA E 240 -18.81 -36.91 -62.88
C ALA E 240 -17.51 -36.33 -63.44
N ALA E 241 -17.24 -35.06 -63.13
CA ALA E 241 -16.04 -34.40 -63.62
C ALA E 241 -15.33 -33.61 -62.53
N SER E 242 -16.01 -33.39 -61.40
CA SER E 242 -15.44 -32.58 -60.34
C SER E 242 -14.54 -33.42 -59.44
N VAL E 243 -13.79 -32.72 -58.58
CA VAL E 243 -12.92 -33.41 -57.63
C VAL E 243 -13.75 -34.32 -56.73
N PHE E 244 -14.93 -33.84 -56.31
CA PHE E 244 -15.75 -34.59 -55.38
C PHE E 244 -16.04 -35.99 -55.90
N ASP E 245 -16.24 -36.12 -57.21
CA ASP E 245 -16.48 -37.44 -57.79
C ASP E 245 -15.26 -38.34 -57.64
N THR E 246 -14.06 -37.79 -57.83
CA THR E 246 -12.85 -38.59 -57.73
C THR E 246 -12.67 -39.12 -56.31
N LEU E 247 -12.82 -38.26 -55.31
CA LEU E 247 -12.69 -38.71 -53.93
C LEU E 247 -13.77 -39.72 -53.56
N LYS E 248 -14.99 -39.50 -54.04
CA LYS E 248 -16.06 -40.47 -53.78
C LYS E 248 -15.70 -41.84 -54.31
N SER E 249 -15.14 -41.91 -55.52
CA SER E 249 -14.74 -43.18 -56.07
C SER E 249 -13.64 -43.85 -55.26
N LEU E 250 -12.68 -43.06 -54.77
CA LEU E 250 -11.56 -43.60 -54.01
C LEU E 250 -11.92 -43.87 -52.55
N SER E 251 -13.12 -43.51 -52.11
CA SER E 251 -13.57 -43.73 -50.74
C SER E 251 -12.63 -43.06 -49.75
N TYR E 252 -12.38 -41.77 -49.98
CA TYR E 252 -11.55 -40.95 -49.11
C TYR E 252 -12.45 -40.14 -48.20
N ASP E 253 -12.01 -39.94 -46.95
CA ASP E 253 -12.73 -39.10 -46.03
C ASP E 253 -12.13 -37.70 -46.02
N SER E 254 -12.86 -36.74 -46.57
CA SER E 254 -12.40 -35.36 -46.62
C SER E 254 -13.61 -34.45 -46.72
N LEU E 255 -13.75 -33.54 -45.75
CA LEU E 255 -14.94 -32.71 -45.64
C LEU E 255 -14.88 -31.65 -46.74
N GLY E 256 -15.38 -32.01 -47.92
CA GLY E 256 -15.44 -31.07 -49.01
C GLY E 256 -16.68 -30.20 -48.97
N THR E 257 -16.61 -29.08 -49.68
CA THR E 257 -17.76 -28.19 -49.80
C THR E 257 -17.51 -27.24 -50.96
N SER E 258 -18.58 -26.62 -51.42
CA SER E 258 -18.54 -25.69 -52.55
C SER E 258 -18.85 -24.28 -52.05
N ASP E 259 -18.04 -23.32 -52.46
CA ASP E 259 -18.24 -21.93 -52.07
C ASP E 259 -17.55 -21.04 -53.09
N ALA E 260 -18.17 -19.88 -53.35
CA ALA E 260 -17.57 -18.92 -54.26
C ALA E 260 -16.39 -18.19 -53.62
N GLY E 261 -16.40 -18.05 -52.30
CA GLY E 261 -15.31 -17.42 -51.60
C GLY E 261 -14.21 -18.39 -51.21
N ALA E 262 -14.30 -19.63 -51.72
CA ALA E 262 -13.27 -20.61 -51.41
C ALA E 262 -11.87 -20.10 -51.73
N ASP E 263 -11.72 -19.36 -52.82
CA ASP E 263 -10.51 -18.61 -53.11
C ASP E 263 -10.69 -17.19 -52.58
N VAL E 264 -9.63 -16.40 -52.69
CA VAL E 264 -9.67 -15.00 -52.24
C VAL E 264 -9.73 -14.95 -50.73
N ASP E 265 -10.72 -15.62 -50.13
CA ASP E 265 -10.94 -15.56 -48.69
C ASP E 265 -10.55 -16.83 -47.94
N PHE E 266 -10.46 -17.97 -48.61
CA PHE E 266 -10.02 -19.21 -47.97
C PHE E 266 -10.89 -19.52 -46.75
N THR E 267 -12.16 -19.80 -47.00
CA THR E 267 -13.14 -19.98 -45.94
C THR E 267 -12.93 -21.26 -45.14
N GLU E 268 -11.87 -22.02 -45.44
CA GLU E 268 -11.59 -23.21 -44.65
C GLU E 268 -11.52 -22.90 -43.17
N GLY E 269 -11.00 -21.73 -42.81
CA GLY E 269 -10.90 -21.38 -41.41
C GLY E 269 -12.25 -21.28 -40.73
N SER E 270 -13.27 -20.82 -41.45
CA SER E 270 -14.59 -20.67 -40.84
C SER E 270 -15.14 -22.01 -40.38
N VAL E 271 -15.03 -23.04 -41.22
CA VAL E 271 -15.53 -24.36 -40.83
C VAL E 271 -14.74 -24.90 -39.65
N ILE E 272 -13.41 -24.80 -39.72
CA ILE E 272 -12.58 -25.25 -38.60
C ILE E 272 -12.93 -24.49 -37.34
N GLY E 273 -13.33 -23.22 -37.49
CA GLY E 273 -13.67 -22.39 -36.36
C GLY E 273 -14.90 -22.87 -35.60
N ALA E 274 -15.71 -23.75 -36.20
CA ALA E 274 -16.92 -24.23 -35.55
C ALA E 274 -16.74 -25.56 -34.84
N MET E 275 -15.67 -26.29 -35.11
CA MET E 275 -15.47 -27.61 -34.53
C MET E 275 -14.32 -27.66 -33.54
N ALA E 276 -13.36 -26.74 -33.64
CA ALA E 276 -12.12 -26.87 -32.89
C ALA E 276 -12.37 -27.00 -31.39
N ALA E 277 -12.90 -25.96 -30.77
CA ALA E 277 -13.08 -25.94 -29.31
C ALA E 277 -14.34 -26.71 -28.92
N ASN E 278 -14.32 -28.00 -29.19
CA ASN E 278 -15.46 -28.86 -28.87
C ASN E 278 -15.01 -30.31 -28.77
N ASP E 279 -15.09 -30.87 -27.57
CA ASP E 279 -14.55 -32.21 -27.34
C ASP E 279 -15.26 -33.22 -28.26
N PRO E 280 -14.54 -34.14 -28.89
CA PRO E 280 -15.20 -35.10 -29.79
C PRO E 280 -16.19 -36.01 -29.09
N SER E 281 -16.10 -36.20 -27.77
CA SER E 281 -16.93 -37.17 -27.10
C SER E 281 -18.38 -36.74 -26.98
N TYR E 282 -18.68 -35.45 -27.20
CA TYR E 282 -20.06 -34.99 -27.08
C TYR E 282 -20.91 -35.34 -28.29
N GLY E 283 -20.30 -35.72 -29.40
CA GLY E 283 -21.06 -36.01 -30.60
C GLY E 283 -21.83 -34.84 -31.14
N ASP E 284 -21.21 -33.65 -31.18
CA ASP E 284 -21.89 -32.43 -31.60
C ASP E 284 -21.92 -32.39 -33.12
N SER E 285 -23.14 -32.47 -33.66
CA SER E 285 -23.32 -32.45 -35.11
C SER E 285 -23.01 -31.07 -35.67
N LEU E 286 -22.67 -31.03 -36.96
CA LEU E 286 -22.34 -29.78 -37.63
C LEU E 286 -23.47 -29.35 -38.56
N HIS E 287 -24.64 -29.97 -38.46
CA HIS E 287 -25.74 -29.77 -39.38
C HIS E 287 -26.08 -28.31 -39.63
N LEU E 288 -26.51 -27.60 -38.59
CA LEU E 288 -27.16 -26.31 -38.75
C LEU E 288 -26.36 -25.16 -38.15
N LYS E 289 -25.07 -25.37 -37.87
CA LYS E 289 -24.27 -24.32 -37.26
C LYS E 289 -24.03 -23.19 -38.25
N THR E 290 -23.83 -21.98 -37.72
CA THR E 290 -23.57 -20.82 -38.54
C THR E 290 -22.07 -20.56 -38.67
N MET E 291 -21.62 -20.35 -39.90
CA MET E 291 -20.22 -20.07 -40.16
C MET E 291 -20.03 -18.62 -40.55
N PRO E 292 -19.44 -17.78 -39.69
CA PRO E 292 -19.16 -16.40 -40.09
C PRO E 292 -18.18 -16.36 -41.27
N GLY E 293 -18.35 -15.36 -42.10
CA GLY E 293 -17.47 -15.18 -43.26
C GLY E 293 -17.98 -15.77 -44.55
N MET E 294 -18.64 -16.93 -44.49
CA MET E 294 -19.16 -17.56 -45.68
C MET E 294 -20.33 -16.75 -46.25
N VAL E 295 -20.65 -17.00 -47.51
CA VAL E 295 -21.74 -16.32 -48.21
C VAL E 295 -22.75 -17.38 -48.64
N PRO E 296 -24.04 -17.08 -48.64
CA PRO E 296 -25.04 -18.11 -48.98
C PRO E 296 -24.87 -18.63 -50.39
N PHE E 297 -25.24 -19.89 -50.59
CA PHE E 297 -25.24 -20.50 -51.91
C PHE E 297 -26.50 -20.09 -52.66
N ALA E 298 -26.35 -19.53 -53.85
CA ALA E 298 -27.46 -18.94 -54.57
C ALA E 298 -28.11 -19.87 -55.60
N GLY E 299 -27.61 -21.08 -55.76
CA GLY E 299 -28.16 -21.97 -56.77
C GLY E 299 -29.62 -22.33 -56.47
N SER E 300 -30.32 -22.76 -57.51
CA SER E 300 -31.73 -23.09 -57.38
C SER E 300 -31.88 -24.44 -56.67
N ASP E 301 -33.15 -24.86 -56.53
CA ASP E 301 -33.43 -26.11 -55.85
C ASP E 301 -32.82 -27.31 -56.58
N THR E 302 -32.92 -27.34 -57.90
CA THR E 302 -32.36 -28.45 -58.66
C THR E 302 -30.85 -28.51 -58.50
N GLN E 303 -30.18 -27.35 -58.51
CA GLN E 303 -28.74 -27.34 -58.33
C GLN E 303 -28.34 -27.90 -56.96
N ARG E 304 -29.05 -27.49 -55.91
CA ARG E 304 -28.72 -27.95 -54.57
C ARG E 304 -28.88 -29.46 -54.47
N SER E 305 -29.94 -30.01 -55.07
CA SER E 305 -30.13 -31.45 -55.07
C SER E 305 -28.97 -32.14 -55.78
N ASN E 306 -28.50 -31.56 -56.89
CA ASN E 306 -27.36 -32.14 -57.59
C ASN E 306 -26.13 -32.17 -56.69
N ALA E 307 -25.80 -31.04 -56.08
CA ALA E 307 -24.63 -30.98 -55.22
C ALA E 307 -24.75 -31.92 -54.03
N TRP E 308 -25.97 -32.12 -53.53
CA TRP E 308 -26.15 -33.02 -52.40
C TRP E 308 -25.74 -34.44 -52.75
N SER E 309 -26.11 -34.90 -53.96
CA SER E 309 -25.70 -36.23 -54.39
C SER E 309 -24.17 -36.32 -54.49
N ARG E 310 -23.50 -35.19 -54.66
CA ARG E 310 -22.05 -35.20 -54.81
C ARG E 310 -21.35 -35.31 -53.46
N ASN E 311 -22.09 -35.22 -52.36
CA ASN E 311 -21.53 -35.03 -51.03
C ASN E 311 -20.73 -33.73 -50.96
N ALA E 312 -21.20 -32.70 -51.63
CA ALA E 312 -20.58 -31.37 -51.61
C ALA E 312 -21.49 -30.46 -50.79
N ASN E 313 -21.12 -30.27 -49.52
CA ASN E 313 -21.94 -29.48 -48.61
C ASN E 313 -21.98 -28.02 -49.04
N ILE E 314 -23.08 -27.34 -48.73
CA ILE E 314 -23.31 -25.96 -49.14
C ILE E 314 -23.74 -25.16 -47.92
N TYR E 315 -23.28 -23.91 -47.85
CA TYR E 315 -23.77 -22.96 -46.86
C TYR E 315 -24.97 -22.22 -47.43
N ARG E 316 -26.10 -22.32 -46.75
CA ARG E 316 -27.37 -21.86 -47.31
C ARG E 316 -27.98 -20.78 -46.45
N GLY E 317 -28.50 -19.75 -47.09
CA GLY E 317 -29.27 -18.74 -46.38
C GLY E 317 -30.68 -19.24 -46.12
N LEU E 318 -30.97 -19.52 -44.86
CA LEU E 318 -32.21 -20.17 -44.47
C LEU E 318 -33.29 -19.14 -44.19
N TYR E 319 -34.49 -19.65 -43.91
CA TYR E 319 -35.62 -18.83 -43.49
C TYR E 319 -35.15 -17.90 -42.37
N GLY E 320 -35.13 -16.60 -42.65
CA GLY E 320 -34.69 -15.64 -41.67
C GLY E 320 -33.28 -15.86 -41.14
N GLY E 321 -32.40 -16.48 -41.93
CA GLY E 321 -31.04 -16.68 -41.47
C GLY E 321 -30.22 -17.47 -42.46
N GLY E 322 -29.01 -17.83 -42.02
CA GLY E 322 -28.10 -18.61 -42.84
C GLY E 322 -27.27 -19.58 -42.02
N SER E 323 -27.15 -20.82 -42.49
CA SER E 323 -26.51 -21.86 -41.70
C SER E 323 -25.99 -22.97 -42.60
N TYR E 324 -25.05 -23.75 -42.08
CA TYR E 324 -24.53 -24.92 -42.76
C TYR E 324 -25.67 -25.92 -42.99
N ILE E 325 -25.38 -26.96 -43.78
CA ILE E 325 -26.41 -27.90 -44.18
C ILE E 325 -26.16 -29.28 -43.60
N GLU E 326 -24.98 -29.85 -43.84
CA GLU E 326 -24.73 -31.22 -43.43
C GLU E 326 -23.23 -31.48 -43.41
N GLY E 327 -22.79 -32.24 -42.41
CA GLY E 327 -21.40 -32.61 -42.30
C GLY E 327 -21.09 -33.95 -42.91
N LYS E 328 -21.43 -34.15 -44.18
CA LYS E 328 -21.17 -35.40 -44.87
C LYS E 328 -19.84 -35.34 -45.59
N THR E 329 -18.96 -36.30 -45.30
CA THR E 329 -17.67 -36.37 -45.96
C THR E 329 -17.83 -36.96 -47.35
N SER E 330 -16.70 -37.04 -48.07
CA SER E 330 -16.74 -37.57 -49.43
C SER E 330 -17.16 -39.03 -49.47
N SER E 331 -16.70 -39.83 -48.51
CA SER E 331 -17.10 -41.25 -48.51
C SER E 331 -18.59 -41.40 -48.30
N GLY E 332 -19.18 -40.61 -47.39
CA GLY E 332 -20.61 -40.67 -47.15
C GLY E 332 -21.00 -40.56 -45.69
N GLN E 333 -20.10 -40.92 -44.79
CA GLN E 333 -20.39 -40.89 -43.36
C GLN E 333 -20.38 -39.45 -42.84
N TYR E 334 -21.24 -39.20 -41.87
CA TYR E 334 -21.31 -37.87 -41.28
C TYR E 334 -20.00 -37.54 -40.57
N VAL E 335 -19.63 -36.26 -40.60
CA VAL E 335 -18.31 -35.87 -40.11
C VAL E 335 -18.16 -36.14 -38.62
N ASP E 336 -19.17 -35.83 -37.82
CA ASP E 336 -19.02 -35.97 -36.38
C ASP E 336 -18.68 -37.40 -35.99
N VAL E 337 -19.10 -38.37 -36.82
CA VAL E 337 -18.72 -39.75 -36.57
C VAL E 337 -17.22 -39.92 -36.74
N ILE E 338 -16.65 -39.31 -37.77
CA ILE E 338 -15.24 -39.52 -38.08
C ILE E 338 -14.37 -39.01 -36.94
N ARG E 339 -14.67 -37.82 -36.41
CA ARG E 339 -13.91 -37.32 -35.28
C ARG E 339 -14.03 -38.26 -34.08
N PHE E 340 -15.23 -38.76 -33.82
CA PHE E 340 -15.42 -39.68 -32.72
C PHE E 340 -14.58 -40.95 -32.92
N SER E 341 -14.59 -41.51 -34.12
CA SER E 341 -13.82 -42.72 -34.37
C SER E 341 -12.33 -42.48 -34.14
N HIS E 342 -11.80 -41.35 -34.60
CA HIS E 342 -10.41 -41.03 -34.32
C HIS E 342 -10.18 -40.82 -32.83
N TRP E 343 -11.11 -40.14 -32.16
CA TRP E 343 -10.94 -39.87 -30.73
C TRP E 343 -10.93 -41.16 -29.93
N VAL E 344 -11.72 -42.15 -30.35
CA VAL E 344 -11.68 -43.45 -29.70
C VAL E 344 -10.34 -44.12 -29.93
N LYS E 345 -9.80 -44.04 -31.14
CA LYS E 345 -8.52 -44.66 -31.44
C LYS E 345 -7.42 -44.11 -30.54
N PHE E 346 -7.34 -42.79 -30.42
CA PHE E 346 -6.24 -42.20 -29.67
C PHE E 346 -6.30 -42.57 -28.20
N ARG E 347 -7.44 -42.35 -27.55
CA ARG E 347 -7.52 -42.55 -26.10
C ARG E 347 -7.38 -44.01 -25.71
N MET E 348 -7.95 -44.93 -26.48
CA MET E 348 -7.78 -46.34 -26.18
C MET E 348 -6.32 -46.74 -26.27
N GLU E 349 -5.60 -46.18 -27.22
CA GLU E 349 -4.19 -46.55 -27.41
C GLU E 349 -3.33 -46.05 -26.27
N GLU E 350 -3.52 -44.80 -25.84
CA GLU E 350 -2.68 -44.24 -24.78
C GLU E 350 -3.01 -44.87 -23.44
N SER E 351 -4.28 -45.14 -23.18
CA SER E 351 -4.69 -45.67 -21.88
C SER E 351 -4.08 -47.04 -21.59
N VAL E 352 -4.13 -47.97 -22.56
CA VAL E 352 -3.55 -49.28 -22.33
C VAL E 352 -2.04 -49.18 -22.18
N PHE E 353 -1.39 -48.40 -23.03
CA PHE E 353 0.04 -48.22 -22.92
C PHE E 353 0.41 -47.62 -21.57
N ALA E 354 -0.32 -46.59 -21.14
CA ALA E 354 -0.01 -45.94 -19.88
C ALA E 354 -0.08 -46.89 -18.70
N TYR E 355 -0.86 -47.97 -18.81
CA TYR E 355 -0.93 -48.96 -17.74
C TYR E 355 0.18 -49.99 -17.82
N MET E 356 0.55 -50.40 -19.04
CA MET E 356 1.63 -51.37 -19.19
C MET E 356 2.94 -50.82 -18.63
N LYS E 357 3.21 -49.54 -18.87
CA LYS E 357 4.44 -48.94 -18.34
C LYS E 357 4.49 -49.05 -16.83
N ARG E 358 3.40 -48.70 -16.14
CA ARG E 358 3.39 -48.79 -14.68
C ARG E 358 3.76 -50.18 -14.22
N ARG E 359 3.12 -51.21 -14.78
CA ARG E 359 3.43 -52.57 -14.37
C ARG E 359 4.88 -52.92 -14.68
N SER E 360 5.36 -52.54 -15.87
CA SER E 360 6.72 -52.89 -16.25
C SER E 360 7.75 -52.02 -15.53
N ASP E 361 7.33 -50.89 -15.00
CA ASP E 361 8.24 -50.00 -14.29
C ASP E 361 8.31 -50.29 -12.80
N MET E 362 7.47 -51.18 -12.29
CA MET E 362 7.58 -51.68 -10.92
C MET E 362 8.30 -53.02 -10.88
N GLY E 363 8.79 -53.50 -12.01
CA GLY E 363 9.41 -54.81 -12.08
C GLY E 363 8.40 -55.91 -12.35
N LEU E 364 7.13 -55.61 -12.15
CA LEU E 364 6.07 -56.59 -12.36
C LEU E 364 5.41 -56.41 -13.72
N SER E 365 6.15 -56.68 -14.80
CA SER E 365 5.61 -56.52 -16.13
C SER E 365 4.48 -57.51 -16.39
N MET E 366 3.54 -57.12 -17.25
CA MET E 366 2.40 -57.96 -17.54
C MET E 366 2.83 -59.25 -18.23
N LYS E 367 2.10 -60.33 -17.97
CA LYS E 367 2.39 -61.63 -18.54
C LYS E 367 1.14 -62.21 -19.18
N MET E 368 1.35 -63.10 -20.15
CA MET E 368 0.25 -63.72 -20.87
C MET E 368 -0.19 -65.00 -20.14
N SER E 369 -0.48 -64.87 -18.84
CA SER E 369 -0.72 -66.02 -17.99
C SER E 369 -2.20 -66.40 -17.88
N ASP E 370 -3.09 -65.64 -18.48
CA ASP E 370 -4.53 -65.92 -18.42
C ASP E 370 -5.08 -65.57 -17.05
N GLU E 371 -4.19 -65.20 -16.11
CA GLU E 371 -4.63 -64.69 -14.83
C GLU E 371 -4.46 -63.19 -14.74
N ASP E 372 -3.75 -62.58 -15.69
CA ASP E 372 -3.53 -61.15 -15.72
C ASP E 372 -4.21 -60.47 -16.89
N LEU E 373 -4.47 -61.17 -17.98
CA LEU E 373 -5.12 -60.58 -19.15
C LEU E 373 -6.48 -59.99 -18.79
N PRO E 374 -7.30 -60.69 -17.99
CA PRO E 374 -8.66 -60.19 -17.74
C PRO E 374 -8.69 -58.77 -17.18
N VAL E 375 -7.59 -58.33 -16.58
CA VAL E 375 -7.57 -56.99 -15.98
C VAL E 375 -7.91 -55.92 -17.01
N LEU E 376 -7.73 -56.22 -18.30
CA LEU E 376 -7.99 -55.22 -19.32
C LEU E 376 -9.45 -54.81 -19.36
N LYS E 377 -10.34 -55.59 -18.73
CA LYS E 377 -11.74 -55.20 -18.66
C LYS E 377 -11.91 -53.86 -17.95
N SER E 378 -11.17 -53.66 -16.87
CA SER E 378 -11.29 -52.44 -16.08
C SER E 378 -10.53 -51.28 -16.73
N VAL E 379 -9.38 -51.56 -17.34
CA VAL E 379 -8.57 -50.49 -17.91
C VAL E 379 -9.30 -49.82 -19.05
N LEU E 380 -9.85 -50.63 -19.97
CA LEU E 380 -10.55 -50.05 -21.12
C LEU E 380 -11.86 -49.41 -20.71
N MET E 381 -12.62 -50.08 -19.83
CA MET E 381 -13.89 -49.51 -19.39
C MET E 381 -13.68 -48.23 -18.61
N ASN E 382 -12.47 -48.02 -18.07
CA ASN E 382 -12.25 -46.88 -17.20
C ASN E 382 -12.06 -45.60 -18.00
N ASN E 383 -10.98 -45.51 -18.78
CA ASN E 383 -10.64 -44.23 -19.37
C ASN E 383 -11.51 -43.90 -20.59
N PRO E 384 -11.47 -44.68 -21.66
CA PRO E 384 -12.25 -44.30 -22.85
C PRO E 384 -13.76 -44.46 -22.68
N ILE E 385 -14.20 -45.64 -22.26
CA ILE E 385 -15.61 -45.99 -22.43
C ILE E 385 -16.50 -45.18 -21.51
N ASN E 386 -16.20 -45.15 -20.21
CA ASN E 386 -17.07 -44.46 -19.28
C ASN E 386 -17.14 -42.97 -19.58
N ILE E 387 -16.00 -42.36 -19.91
CA ILE E 387 -16.02 -40.94 -20.23
C ILE E 387 -16.94 -40.68 -21.42
N GLY E 388 -17.06 -41.65 -22.32
CA GLY E 388 -17.98 -41.49 -23.43
C GLY E 388 -19.44 -41.47 -22.99
N ILE E 389 -19.80 -42.31 -22.02
CA ILE E 389 -21.19 -42.40 -21.59
C ILE E 389 -21.60 -41.15 -20.83
N ARG E 390 -20.75 -40.65 -19.94
CA ARG E 390 -21.11 -39.48 -19.16
C ARG E 390 -21.29 -38.25 -20.03
N ASN E 391 -20.67 -38.23 -21.22
CA ASN E 391 -20.78 -37.10 -22.12
C ASN E 391 -21.89 -37.26 -23.15
N GLY E 392 -22.60 -38.39 -23.15
CA GLY E 392 -23.65 -38.63 -24.10
C GLY E 392 -23.20 -39.14 -25.44
N GLY E 393 -21.89 -39.34 -25.64
CA GLY E 393 -21.41 -39.81 -26.92
C GLY E 393 -21.85 -41.21 -27.27
N ILE E 394 -21.87 -42.11 -26.29
CA ILE E 394 -22.14 -43.53 -26.50
C ILE E 394 -23.54 -43.83 -25.97
N LEU E 395 -24.31 -44.60 -26.74
CA LEU E 395 -25.64 -44.99 -26.32
C LEU E 395 -25.59 -46.11 -25.28
N THR E 396 -26.73 -46.30 -24.61
CA THR E 396 -26.88 -47.38 -23.66
C THR E 396 -28.37 -47.60 -23.42
N GLY E 397 -28.71 -48.85 -23.12
CA GLY E 397 -30.10 -49.20 -22.89
C GLY E 397 -30.51 -50.47 -23.61
N TYR E 398 -31.77 -50.52 -24.04
CA TYR E 398 -32.31 -51.72 -24.68
C TYR E 398 -33.19 -51.30 -25.84
N ASP E 399 -33.33 -52.21 -26.81
CA ASP E 399 -34.11 -51.97 -28.02
C ASP E 399 -35.32 -52.89 -28.03
N THR E 400 -36.50 -52.33 -28.26
CA THR E 400 -37.74 -53.09 -28.12
C THR E 400 -38.10 -53.90 -29.36
N GLU E 401 -37.65 -53.48 -30.54
CA GLU E 401 -38.00 -54.17 -31.78
C GLU E 401 -36.90 -55.10 -32.25
N ASN E 402 -35.64 -54.68 -32.17
CA ASN E 402 -34.53 -55.58 -32.45
C ASN E 402 -34.23 -56.50 -31.28
N LYS E 403 -34.69 -56.14 -30.07
CA LYS E 403 -34.54 -56.94 -28.86
C LYS E 403 -33.09 -57.07 -28.42
N VAL E 404 -32.21 -56.19 -28.90
CA VAL E 404 -30.80 -56.25 -28.50
C VAL E 404 -30.49 -55.07 -27.59
N SER E 405 -29.50 -55.26 -26.73
CA SER E 405 -29.06 -54.20 -25.83
C SER E 405 -27.91 -53.42 -26.45
N TYR E 406 -27.73 -52.20 -25.96
CA TYR E 406 -26.68 -51.31 -26.45
C TYR E 406 -25.46 -51.26 -25.55
N ASP E 407 -25.42 -52.07 -24.50
CA ASP E 407 -24.30 -52.00 -23.57
C ASP E 407 -23.00 -52.39 -24.28
N PRO E 408 -21.91 -51.65 -24.05
CA PRO E 408 -20.63 -52.05 -24.62
C PRO E 408 -20.20 -53.42 -24.11
N THR E 409 -19.50 -54.16 -24.96
CA THR E 409 -19.00 -55.48 -24.61
C THR E 409 -17.51 -55.57 -24.96
N ILE E 410 -16.80 -56.40 -24.21
CA ILE E 410 -15.37 -56.61 -24.41
C ILE E 410 -15.08 -58.10 -24.28
N ILE E 411 -14.28 -58.63 -25.20
CA ILE E 411 -13.95 -60.05 -25.23
C ILE E 411 -12.44 -60.19 -25.34
N ILE E 412 -11.87 -61.11 -24.57
CA ILE E 412 -10.43 -61.30 -24.53
C ILE E 412 -10.12 -62.78 -24.78
N PRO E 413 -9.10 -63.11 -25.56
CA PRO E 413 -8.79 -64.52 -25.80
C PRO E 413 -7.98 -65.12 -24.68
N LYS E 414 -8.15 -66.43 -24.47
CA LYS E 414 -7.44 -67.12 -23.41
C LYS E 414 -6.16 -67.75 -23.94
N ARG E 415 -5.28 -68.12 -23.02
CA ARG E 415 -3.96 -68.62 -23.40
C ARG E 415 -4.06 -69.88 -24.25
N ALA E 416 -5.17 -70.61 -24.11
CA ALA E 416 -5.35 -71.85 -24.86
C ALA E 416 -5.73 -71.61 -26.31
N ASN E 417 -5.74 -70.36 -26.77
CA ASN E 417 -6.05 -70.05 -28.16
C ASN E 417 -4.97 -69.26 -28.87
N ILE E 418 -4.02 -68.66 -28.15
CA ILE E 418 -2.95 -67.88 -28.77
C ILE E 418 -2.01 -68.84 -29.47
N PRO E 419 -1.77 -68.69 -30.78
CA PRO E 419 -0.83 -69.60 -31.45
C PRO E 419 0.58 -69.45 -30.89
N THR E 420 1.34 -70.54 -30.95
CA THR E 420 2.70 -70.52 -30.41
C THR E 420 3.57 -69.50 -31.14
N ASN E 421 3.21 -69.15 -32.38
CA ASN E 421 3.99 -68.14 -33.10
C ASN E 421 3.95 -66.80 -32.37
N ASP E 422 2.78 -66.41 -31.85
CA ASP E 422 2.69 -65.16 -31.13
C ASP E 422 3.49 -65.19 -29.83
N LEU E 423 3.46 -66.30 -29.09
CA LEU E 423 4.20 -66.38 -27.84
C LEU E 423 5.68 -66.15 -28.07
N ALA E 424 6.23 -66.63 -29.19
CA ALA E 424 7.62 -66.34 -29.52
C ALA E 424 7.83 -64.85 -29.74
N ALA E 425 6.88 -64.19 -30.41
CA ALA E 425 6.97 -62.76 -30.66
C ALA E 425 6.35 -61.92 -29.55
N ARG E 426 5.69 -62.54 -28.57
CA ARG E 426 5.11 -61.82 -27.45
C ARG E 426 4.10 -60.76 -27.92
N ILE E 427 3.10 -61.23 -28.67
CA ILE E 427 2.06 -60.37 -29.24
C ILE E 427 0.70 -60.94 -28.86
N LEU E 428 -0.21 -60.06 -28.46
CA LEU E 428 -1.60 -60.41 -28.21
C LEU E 428 -2.48 -59.73 -29.23
N ARG E 429 -3.28 -60.52 -29.94
CA ARG E 429 -4.11 -60.02 -31.02
C ARG E 429 -5.53 -60.51 -30.84
N ASP E 430 -6.44 -59.97 -31.66
CA ASP E 430 -7.82 -60.43 -31.75
C ASP E 430 -8.66 -60.01 -30.54
N VAL E 431 -8.29 -58.93 -29.86
CA VAL E 431 -9.19 -58.35 -28.86
C VAL E 431 -10.27 -57.56 -29.58
N LYS E 432 -11.49 -57.62 -29.05
CA LYS E 432 -12.65 -57.06 -29.73
C LYS E 432 -13.46 -56.20 -28.77
N VAL E 433 -13.99 -55.09 -29.30
CA VAL E 433 -14.80 -54.15 -28.52
C VAL E 433 -16.00 -53.76 -29.35
N GLU E 434 -17.07 -53.34 -28.68
CA GLU E 434 -18.32 -52.99 -29.34
C GLU E 434 -18.87 -51.69 -28.76
N LEU E 435 -19.38 -50.83 -29.65
CA LEU E 435 -19.93 -49.55 -29.25
C LEU E 435 -21.12 -49.22 -30.13
N VAL E 436 -21.97 -48.33 -29.62
CA VAL E 436 -23.10 -47.80 -30.37
C VAL E 436 -23.07 -46.27 -30.23
N TYR E 437 -23.27 -45.58 -31.35
CA TYR E 437 -23.15 -44.14 -31.40
C TYR E 437 -24.52 -43.48 -31.29
N ASN E 438 -24.55 -42.31 -30.67
CA ASN E 438 -25.79 -41.56 -30.46
C ASN E 438 -26.00 -40.62 -31.65
N ASN E 439 -27.06 -40.87 -32.41
CA ASN E 439 -27.30 -40.10 -33.63
C ASN E 439 -28.12 -38.85 -33.33
N SER E 440 -27.76 -37.75 -33.97
CA SER E 440 -28.49 -36.51 -33.82
C SER E 440 -29.70 -36.49 -34.76
N LEU E 441 -30.40 -35.36 -34.76
CA LEU E 441 -31.57 -35.15 -35.62
C LEU E 441 -31.26 -34.08 -36.64
N HIS E 442 -31.69 -34.31 -37.89
CA HIS E 442 -31.42 -33.39 -38.99
C HIS E 442 -32.67 -32.88 -39.69
N TYR E 443 -33.69 -33.72 -39.86
CA TYR E 443 -34.88 -33.32 -40.61
C TYR E 443 -36.12 -33.75 -39.85
N VAL E 444 -37.23 -33.07 -40.14
CA VAL E 444 -38.52 -33.40 -39.57
C VAL E 444 -39.59 -33.09 -40.62
N LYS E 445 -40.58 -34.00 -40.72
CA LYS E 445 -41.61 -33.91 -41.77
C LYS E 445 -42.95 -34.28 -41.16
N ILE E 446 -43.79 -33.26 -40.97
CA ILE E 446 -45.10 -33.48 -40.36
C ILE E 446 -46.09 -33.95 -41.41
N ARG E 447 -47.09 -34.69 -40.97
CA ARG E 447 -48.20 -35.12 -41.82
C ARG E 447 -49.46 -35.15 -40.98
N ALA E 448 -50.53 -34.60 -41.53
CA ALA E 448 -51.78 -34.47 -40.78
C ALA E 448 -52.94 -34.44 -41.76
N SER E 449 -54.15 -34.58 -41.21
CA SER E 449 -55.35 -34.61 -42.03
C SER E 449 -56.53 -34.20 -41.14
N VAL E 450 -57.23 -33.14 -41.52
CA VAL E 450 -58.33 -32.61 -40.73
C VAL E 450 -59.64 -33.28 -41.14
N VAL E 451 -59.92 -34.44 -40.57
CA VAL E 451 -61.20 -35.11 -40.82
C VAL E 451 -62.24 -34.54 -39.86
N LEU E 452 -63.48 -34.45 -40.35
CA LEU E 452 -64.58 -33.90 -39.57
C LEU E 452 -65.57 -35.00 -39.23
N ASP E 453 -66.16 -34.91 -38.05
CA ASP E 453 -67.14 -35.89 -37.61
C ASP E 453 -68.38 -35.83 -38.49
N ARG E 454 -69.16 -36.91 -38.46
CA ARG E 454 -70.43 -36.97 -39.17
C ARG E 454 -71.49 -37.63 -38.32
N ASN F 1 -37.64 -87.89 -15.01
CA ASN F 1 -36.30 -87.74 -15.59
C ASN F 1 -35.24 -88.24 -14.63
N GLN F 2 -34.04 -88.49 -15.14
CA GLN F 2 -32.94 -88.98 -14.33
C GLN F 2 -32.05 -87.82 -13.88
N SER F 3 -30.92 -88.13 -13.27
CA SER F 3 -30.00 -87.11 -12.80
C SER F 3 -29.19 -86.55 -13.96
N LYS F 4 -28.64 -85.35 -13.75
CA LYS F 4 -27.90 -84.67 -14.79
C LYS F 4 -26.82 -83.80 -14.15
N ILE F 5 -25.67 -83.72 -14.80
CA ILE F 5 -24.60 -82.84 -14.37
C ILE F 5 -24.89 -81.43 -14.89
N LEU F 6 -24.90 -80.45 -13.99
CA LEU F 6 -25.25 -79.09 -14.38
C LEU F 6 -24.23 -78.51 -15.34
N THR F 7 -22.94 -78.74 -15.09
CA THR F 7 -21.89 -78.17 -15.93
C THR F 7 -20.93 -79.25 -16.42
N LEU F 8 -19.83 -78.84 -17.03
CA LEU F 8 -18.85 -79.81 -17.53
C LEU F 8 -17.59 -79.77 -16.69
N GLN F 9 -17.15 -78.57 -16.31
CA GLN F 9 -15.99 -78.40 -15.46
C GLN F 9 -16.41 -77.88 -14.09
N ALA F 10 -15.72 -78.33 -13.06
CA ALA F 10 -16.07 -78.04 -11.68
C ALA F 10 -15.74 -76.60 -11.33
N TYR F 11 -16.54 -76.04 -10.42
CA TYR F 11 -16.27 -74.70 -9.92
C TYR F 11 -15.03 -74.71 -9.06
N ASP F 12 -14.12 -73.77 -9.31
CA ASP F 12 -12.83 -73.74 -8.63
C ASP F 12 -12.69 -72.40 -7.93
N PRO F 13 -12.56 -72.36 -6.61
CA PRO F 13 -12.44 -71.07 -5.91
C PRO F 13 -11.23 -70.25 -6.33
N ALA F 14 -10.12 -70.88 -6.68
CA ALA F 14 -8.94 -70.12 -7.08
C ALA F 14 -9.12 -69.46 -8.44
N LYS F 15 -10.05 -69.96 -9.26
CA LYS F 15 -10.30 -69.37 -10.56
C LYS F 15 -11.07 -68.05 -10.47
N VAL F 16 -11.64 -67.73 -9.31
CA VAL F 16 -12.34 -66.47 -9.12
C VAL F 16 -11.29 -65.39 -8.90
N LEU F 17 -11.28 -64.38 -9.77
CA LEU F 17 -10.29 -63.31 -9.73
C LEU F 17 -10.94 -62.05 -9.18
N VAL F 18 -10.28 -61.41 -8.23
CA VAL F 18 -10.74 -60.16 -7.65
C VAL F 18 -9.69 -59.09 -7.94
N PHE F 19 -10.13 -57.99 -8.55
CA PHE F 19 -9.26 -56.88 -8.89
C PHE F 19 -9.74 -55.61 -8.22
N ILE F 20 -8.82 -54.93 -7.53
CA ILE F 20 -9.10 -53.64 -6.90
C ILE F 20 -7.98 -52.70 -7.33
N GLY F 21 -8.34 -51.62 -8.02
CA GLY F 21 -7.40 -50.66 -8.53
C GLY F 21 -6.65 -51.11 -9.78
N GLY F 22 -6.55 -52.41 -10.00
CA GLY F 22 -5.83 -52.94 -11.14
C GLY F 22 -4.87 -54.05 -10.78
N GLN F 23 -4.92 -54.50 -9.53
CA GLN F 23 -4.07 -55.57 -9.05
C GLN F 23 -4.91 -56.69 -8.47
N ARG F 24 -4.51 -57.93 -8.74
CA ARG F 24 -5.20 -59.07 -8.15
C ARG F 24 -4.98 -59.10 -6.65
N VAL F 25 -5.97 -59.60 -5.93
CA VAL F 25 -5.94 -59.62 -4.47
C VAL F 25 -5.74 -61.06 -4.01
N SER F 26 -4.77 -61.25 -3.12
CA SER F 26 -4.48 -62.55 -2.54
C SER F 26 -4.41 -62.45 -1.03
N GLY F 27 -4.83 -63.51 -0.35
CA GLY F 27 -4.80 -63.53 1.09
C GLY F 27 -6.14 -63.84 1.73
N PHE F 28 -7.03 -64.48 0.97
CA PHE F 28 -8.35 -64.80 1.49
C PHE F 28 -8.25 -65.84 2.60
N ALA F 29 -9.33 -65.97 3.36
CA ALA F 29 -9.30 -66.77 4.58
C ALA F 29 -10.61 -67.52 4.76
N ALA F 30 -10.57 -68.50 5.65
CA ALA F 30 -11.73 -69.25 6.15
C ALA F 30 -12.42 -69.92 4.95
N ASP F 31 -13.75 -69.91 4.89
CA ASP F 31 -14.51 -70.61 3.87
C ASP F 31 -15.47 -69.67 3.15
N THR F 32 -15.15 -68.39 3.08
CA THR F 32 -15.97 -67.42 2.36
C THR F 32 -15.06 -66.32 1.85
N LYS F 33 -14.88 -66.25 0.53
CA LYS F 33 -13.97 -65.25 -0.03
C LYS F 33 -14.65 -63.89 -0.09
N ILE F 34 -15.73 -63.77 -0.86
CA ILE F 34 -16.42 -62.51 -1.06
C ILE F 34 -17.92 -62.76 -0.92
N VAL F 35 -18.65 -61.73 -0.50
CA VAL F 35 -20.10 -61.75 -0.43
C VAL F 35 -20.61 -60.45 -1.05
N ILE F 36 -21.42 -60.57 -2.09
CA ILE F 36 -21.99 -59.42 -2.77
C ILE F 36 -23.48 -59.36 -2.48
N THR F 37 -23.94 -58.20 -2.00
CA THR F 37 -25.34 -58.02 -1.63
C THR F 37 -25.79 -56.62 -1.99
N ARG F 38 -27.10 -56.45 -2.10
CA ARG F 38 -27.72 -55.18 -2.38
C ARG F 38 -28.19 -54.54 -1.08
N ASN F 39 -28.62 -53.27 -1.18
CA ASN F 39 -29.13 -52.55 -0.03
C ASN F 39 -30.65 -52.46 0.00
N ASN F 40 -31.30 -52.31 -1.16
CA ASN F 40 -32.75 -52.22 -1.23
C ASN F 40 -33.28 -53.21 -2.25
N ASP F 41 -34.57 -53.50 -2.14
CA ASP F 41 -35.21 -54.39 -3.10
C ASP F 41 -35.37 -53.66 -4.44
N ASN F 42 -35.59 -54.46 -5.49
CA ASN F 42 -35.76 -53.90 -6.82
C ASN F 42 -37.12 -53.24 -7.03
N ILE F 43 -38.17 -53.76 -6.41
CA ILE F 43 -39.52 -53.21 -6.58
C ILE F 43 -40.22 -53.21 -5.23
N SER F 44 -40.94 -52.13 -4.95
CA SER F 44 -41.77 -52.01 -3.76
C SER F 44 -43.23 -52.00 -4.18
N VAL F 45 -44.06 -52.75 -3.46
CA VAL F 45 -45.46 -52.95 -3.81
C VAL F 45 -46.31 -52.12 -2.85
N HIS F 46 -47.44 -51.63 -3.34
CA HIS F 46 -48.42 -50.91 -2.54
C HIS F 46 -49.80 -51.44 -2.81
N ALA F 47 -50.56 -51.68 -1.75
CA ALA F 47 -51.94 -52.13 -1.88
C ALA F 47 -52.85 -50.95 -2.19
N GLY F 48 -53.98 -51.25 -2.81
CA GLY F 48 -54.95 -50.22 -3.13
C GLY F 48 -56.19 -50.33 -2.25
N VAL F 49 -57.19 -49.50 -2.53
CA VAL F 49 -58.45 -49.54 -1.80
C VAL F 49 -59.48 -50.43 -2.50
N ASP F 50 -59.22 -50.81 -3.76
CA ASP F 50 -60.14 -51.74 -4.41
C ASP F 50 -59.31 -52.76 -5.20
N GLY F 51 -58.32 -53.38 -4.56
CA GLY F 51 -57.64 -54.52 -5.14
C GLY F 51 -56.53 -54.23 -6.13
N GLU F 52 -56.37 -52.98 -6.56
CA GLU F 52 -55.30 -52.69 -7.52
C GLU F 52 -53.94 -52.78 -6.85
N ILE F 53 -52.95 -53.26 -7.60
CA ILE F 53 -51.57 -53.34 -7.15
C ILE F 53 -50.74 -52.42 -8.03
N SER F 54 -49.98 -51.52 -7.41
CA SER F 54 -49.10 -50.60 -8.11
C SER F 54 -47.66 -50.92 -7.73
N ASN F 55 -46.82 -51.10 -8.74
CA ASN F 55 -45.41 -51.42 -8.53
C ASN F 55 -44.54 -50.28 -9.01
N ALA F 56 -43.45 -50.03 -8.28
CA ALA F 56 -42.54 -48.93 -8.58
C ALA F 56 -41.12 -49.47 -8.59
N LEU F 57 -40.43 -49.30 -9.72
CA LEU F 57 -39.03 -49.69 -9.81
C LEU F 57 -38.16 -48.79 -8.94
N SER F 58 -37.11 -49.38 -8.37
CA SER F 58 -36.17 -48.62 -7.58
C SER F 58 -35.08 -48.04 -8.45
N ARG F 59 -34.60 -46.86 -8.09
CA ARG F 59 -33.55 -46.17 -8.83
C ARG F 59 -32.24 -46.10 -8.07
N ASP F 60 -32.11 -46.84 -6.96
CA ASP F 60 -30.88 -46.91 -6.19
C ASP F 60 -30.31 -48.31 -6.38
N ASN F 61 -29.02 -48.39 -6.69
CA ASN F 61 -28.39 -49.66 -7.02
C ASN F 61 -27.08 -49.87 -6.27
N THR F 62 -26.84 -49.12 -5.20
CA THR F 62 -25.63 -49.33 -4.42
C THR F 62 -25.69 -50.66 -3.67
N GLY F 63 -24.52 -51.19 -3.35
CA GLY F 63 -24.44 -52.44 -2.63
C GLY F 63 -23.18 -52.51 -1.79
N VAL F 64 -22.95 -53.68 -1.20
CA VAL F 64 -21.82 -53.91 -0.32
C VAL F 64 -21.10 -55.17 -0.78
N MET F 65 -19.79 -55.21 -0.52
CA MET F 65 -18.98 -56.38 -0.88
C MET F 65 -18.03 -56.64 0.28
N THR F 66 -18.22 -57.76 0.96
CA THR F 66 -17.41 -58.10 2.13
C THR F 66 -16.22 -58.94 1.68
N LEU F 67 -15.01 -58.44 1.94
CA LEU F 67 -13.77 -59.14 1.59
C LEU F 67 -13.15 -59.70 2.86
N SER F 68 -12.98 -61.01 2.92
CA SER F 68 -12.43 -61.67 4.08
C SER F 68 -10.95 -61.97 3.85
N LEU F 69 -10.09 -61.46 4.73
CA LEU F 69 -8.65 -61.62 4.61
C LEU F 69 -8.04 -62.01 5.95
N GLN F 70 -6.89 -62.67 5.88
CA GLN F 70 -6.08 -62.92 7.06
C GLN F 70 -5.37 -61.65 7.49
N ASN F 71 -5.05 -61.57 8.78
CA ASN F 71 -4.32 -60.39 9.22
C ASN F 71 -2.85 -60.48 8.98
N THR F 72 -2.40 -61.39 8.10
CA THR F 72 -0.99 -61.51 7.73
C THR F 72 -0.78 -61.17 6.26
N ALA F 73 -1.75 -60.53 5.63
CA ALA F 73 -1.69 -60.21 4.21
C ALA F 73 -1.30 -58.75 4.02
N LYS F 74 -0.52 -58.49 2.98
CA LYS F 74 -0.05 -57.12 2.72
C LYS F 74 -1.17 -56.23 2.21
N TRP F 75 -2.24 -56.83 1.69
CA TRP F 75 -3.33 -56.02 1.17
C TRP F 75 -4.04 -55.27 2.29
N ASN F 76 -3.91 -55.75 3.52
CA ASN F 76 -4.37 -54.98 4.67
C ASN F 76 -3.64 -53.64 4.75
N GLY F 77 -2.31 -53.68 4.65
CA GLY F 77 -1.55 -52.44 4.64
C GLY F 77 -1.87 -51.57 3.44
N TYR F 78 -2.06 -52.19 2.28
CA TYR F 78 -2.44 -51.42 1.10
C TYR F 78 -3.74 -50.65 1.34
N LEU F 79 -4.75 -51.34 1.87
CA LEU F 79 -6.03 -50.70 2.10
C LEU F 79 -5.93 -49.62 3.17
N ALA F 80 -5.14 -49.85 4.22
CA ALA F 80 -4.99 -48.84 5.26
C ALA F 80 -4.34 -47.58 4.71
N GLN F 81 -3.27 -47.76 3.91
CA GLN F 81 -2.61 -46.61 3.31
C GLN F 81 -3.56 -45.86 2.38
N TRP F 82 -4.34 -46.60 1.58
CA TRP F 82 -5.29 -45.96 0.69
C TRP F 82 -6.32 -45.17 1.48
N GLN F 83 -6.79 -45.72 2.61
CA GLN F 83 -7.79 -45.03 3.42
C GLN F 83 -7.21 -43.72 3.96
N ARG F 84 -5.97 -43.76 4.47
CA ARG F 84 -5.36 -42.55 4.98
C ARG F 84 -5.19 -41.51 3.88
N GLN F 85 -4.75 -41.94 2.71
CA GLN F 85 -4.56 -40.99 1.61
C GLN F 85 -5.89 -40.38 1.18
N ALA F 86 -6.93 -41.20 1.09
CA ALA F 86 -8.25 -40.70 0.70
C ALA F 86 -8.77 -39.69 1.71
N ASN F 87 -8.57 -39.97 3.00
CA ASN F 87 -8.98 -39.01 4.02
C ASN F 87 -8.21 -37.70 3.88
N VAL F 88 -6.92 -37.77 3.59
CA VAL F 88 -6.14 -36.54 3.49
C VAL F 88 -6.51 -35.72 2.27
N THR F 89 -6.63 -36.33 1.09
CA THR F 89 -6.85 -35.59 -0.15
C THR F 89 -8.31 -35.51 -0.56
N GLY F 90 -8.96 -36.64 -0.79
CA GLY F 90 -10.36 -36.62 -1.18
C GLY F 90 -10.74 -37.65 -2.22
N LEU F 91 -9.77 -38.19 -2.94
CA LEU F 91 -10.03 -39.21 -3.95
C LEU F 91 -10.32 -40.54 -3.26
N ILE F 92 -11.52 -41.08 -3.49
CA ILE F 92 -11.94 -42.29 -2.78
C ILE F 92 -12.40 -43.37 -3.75
N TYR F 93 -12.61 -43.00 -5.01
CA TYR F 93 -13.22 -43.90 -5.99
C TYR F 93 -12.13 -44.63 -6.78
N LEU F 94 -12.22 -45.95 -6.81
CA LEU F 94 -11.32 -46.81 -7.55
C LEU F 94 -12.12 -47.95 -8.19
N PRO F 95 -11.65 -48.47 -9.32
CA PRO F 95 -12.40 -49.54 -9.99
C PRO F 95 -12.32 -50.86 -9.25
N VAL F 96 -13.39 -51.64 -9.38
CA VAL F 96 -13.50 -52.96 -8.77
C VAL F 96 -14.07 -53.93 -9.79
N GLN F 97 -13.42 -55.08 -9.95
CA GLN F 97 -13.89 -56.10 -10.87
C GLN F 97 -13.74 -57.47 -10.24
N VAL F 98 -14.75 -58.32 -10.42
CA VAL F 98 -14.74 -59.69 -9.93
C VAL F 98 -15.14 -60.59 -11.09
N GLU F 99 -14.26 -61.52 -11.46
CA GLU F 99 -14.52 -62.44 -12.56
C GLU F 99 -14.84 -63.81 -11.97
N GLY F 100 -16.14 -64.14 -11.90
CA GLY F 100 -16.56 -65.39 -11.34
C GLY F 100 -16.35 -66.56 -12.29
N SER F 101 -16.31 -67.76 -11.70
CA SER F 101 -16.15 -69.00 -12.44
C SER F 101 -17.47 -69.76 -12.41
N GLN F 102 -18.02 -70.03 -13.59
CA GLN F 102 -19.32 -70.70 -13.73
C GLN F 102 -20.38 -69.99 -12.89
N GLY F 103 -20.34 -68.66 -12.92
CA GLY F 103 -21.26 -67.87 -12.14
C GLY F 103 -21.25 -66.44 -12.63
N LEU F 104 -22.07 -65.62 -11.97
CA LEU F 104 -22.23 -64.23 -12.34
C LEU F 104 -20.99 -63.43 -11.94
N SER F 105 -20.78 -62.31 -12.62
CA SER F 105 -19.60 -61.48 -12.44
C SER F 105 -20.02 -60.04 -12.19
N LEU F 106 -19.03 -59.19 -11.90
CA LEU F 106 -19.27 -57.80 -11.54
C LEU F 106 -18.19 -56.92 -12.14
N ASN F 107 -18.58 -55.69 -12.50
CA ASN F 107 -17.64 -54.72 -13.04
C ASN F 107 -18.21 -53.33 -12.78
N THR F 108 -17.64 -52.62 -11.81
CA THR F 108 -18.15 -51.31 -11.43
C THR F 108 -17.04 -50.53 -10.71
N ILE F 109 -17.42 -49.43 -10.07
CA ILE F 109 -16.51 -48.57 -9.33
C ILE F 109 -16.89 -48.63 -7.85
N GLY F 110 -15.90 -48.86 -6.99
CA GLY F 110 -16.14 -49.07 -5.58
C GLY F 110 -15.35 -48.11 -4.69
N TRP F 111 -15.59 -48.25 -3.39
CA TRP F 111 -14.92 -47.45 -2.39
C TRP F 111 -14.87 -48.22 -1.08
N ILE F 112 -14.04 -47.76 -0.15
CA ILE F 112 -13.87 -48.40 1.14
C ILE F 112 -14.91 -47.82 2.10
N GLN F 113 -15.73 -48.69 2.69
CA GLN F 113 -16.81 -48.22 3.55
C GLN F 113 -16.43 -48.19 5.02
N LYS F 114 -16.11 -49.35 5.59
CA LYS F 114 -15.86 -49.46 7.03
C LYS F 114 -14.64 -50.32 7.27
N GLN F 115 -13.75 -49.85 8.15
CA GLN F 115 -12.58 -50.61 8.50
C GLN F 115 -12.95 -51.73 9.47
N PRO F 116 -12.43 -52.94 9.27
CA PRO F 116 -12.76 -54.04 10.18
C PRO F 116 -12.13 -53.88 11.55
N ASP F 117 -12.32 -54.87 12.42
CA ASP F 117 -11.80 -54.86 13.77
C ASP F 117 -10.76 -55.95 13.92
N LEU F 118 -9.57 -55.57 14.39
CA LEU F 118 -8.54 -56.54 14.70
C LEU F 118 -8.90 -57.33 15.96
N SER F 119 -8.36 -58.54 16.05
CA SER F 119 -8.56 -59.37 17.24
C SER F 119 -7.36 -60.31 17.35
N TYR F 120 -6.40 -59.94 18.19
CA TYR F 120 -5.24 -60.79 18.43
C TYR F 120 -5.59 -61.84 19.46
N GLY F 121 -5.60 -63.11 19.03
CA GLY F 121 -5.94 -64.21 19.91
C GLY F 121 -4.96 -65.36 19.78
N THR F 122 -5.37 -66.54 20.25
CA THR F 122 -4.48 -67.71 20.17
C THR F 122 -4.24 -68.11 18.72
N GLU F 123 -5.29 -68.14 17.91
CA GLU F 123 -5.18 -68.53 16.51
C GLU F 123 -4.97 -67.30 15.64
N VAL F 124 -4.89 -67.51 14.33
CA VAL F 124 -4.78 -66.39 13.40
C VAL F 124 -6.15 -65.83 13.08
N GLY F 125 -6.29 -64.51 13.24
CA GLY F 125 -7.57 -63.86 13.12
C GLY F 125 -8.03 -63.62 11.70
N GLN F 126 -9.20 -62.99 11.56
CA GLN F 126 -9.80 -62.72 10.25
C GLN F 126 -10.31 -61.29 10.24
N MET F 127 -10.02 -60.57 9.16
CA MET F 127 -10.52 -59.21 8.99
C MET F 127 -11.41 -59.14 7.75
N ASP F 128 -12.57 -58.50 7.89
CA ASP F 128 -13.58 -58.42 6.85
C ASP F 128 -13.75 -56.97 6.43
N TRP F 129 -13.35 -56.65 5.20
CA TRP F 129 -13.49 -55.30 4.66
C TRP F 129 -14.83 -55.17 3.95
N GLU F 130 -15.58 -54.14 4.30
CA GLU F 130 -16.80 -53.79 3.56
C GLU F 130 -16.42 -52.81 2.47
N ILE F 131 -16.56 -53.23 1.21
CA ILE F 131 -16.32 -52.38 0.06
C ILE F 131 -17.66 -52.07 -0.59
N GLY F 132 -18.02 -50.79 -0.63
CA GLY F 132 -19.26 -50.39 -1.27
C GLY F 132 -19.05 -50.15 -2.77
N VAL F 133 -20.04 -50.54 -3.55
CA VAL F 133 -19.95 -50.47 -5.01
C VAL F 133 -21.14 -49.68 -5.55
N LEU F 134 -20.89 -48.90 -6.59
CA LEU F 134 -21.92 -48.08 -7.22
C LEU F 134 -23.05 -48.92 -7.79
N ASP F 135 -22.74 -49.75 -8.78
CA ASP F 135 -23.76 -50.60 -9.37
C ASP F 135 -23.52 -52.05 -8.98
N ALA F 136 -24.61 -52.73 -8.59
CA ALA F 136 -24.51 -54.08 -8.08
C ALA F 136 -25.35 -55.06 -8.90
N TRP F 137 -25.47 -54.82 -10.20
CA TRP F 137 -26.18 -55.74 -11.07
C TRP F 137 -25.21 -56.78 -11.59
N LEU F 138 -25.48 -58.05 -11.33
CA LEU F 138 -24.58 -59.11 -11.76
C LEU F 138 -24.79 -59.41 -13.25
N SER F 139 -23.68 -59.68 -13.95
CA SER F 139 -23.74 -59.85 -15.39
C SER F 139 -23.45 -61.30 -15.79
N PRO F 140 -24.31 -61.90 -16.62
CA PRO F 140 -24.05 -63.27 -17.07
C PRO F 140 -22.73 -63.43 -17.81
N ASP F 141 -22.36 -62.45 -18.64
CA ASP F 141 -21.12 -62.44 -19.40
C ASP F 141 -20.60 -63.80 -19.88
N GLN F 142 -19.71 -64.49 -19.16
CA GLN F 142 -19.11 -65.73 -19.66
C GLN F 142 -20.15 -66.78 -20.05
N ILE F 143 -21.24 -66.87 -19.30
CA ILE F 143 -22.25 -67.87 -19.60
C ILE F 143 -22.80 -67.66 -21.00
N GLN F 144 -22.81 -68.73 -21.80
CA GLN F 144 -23.20 -68.67 -23.18
C GLN F 144 -24.67 -69.05 -23.34
N GLY F 145 -25.24 -68.71 -24.49
CA GLY F 145 -26.62 -69.05 -24.75
C GLY F 145 -27.60 -68.29 -23.88
N ILE F 146 -27.33 -67.03 -23.62
CA ILE F 146 -28.21 -66.19 -22.83
C ILE F 146 -29.03 -65.24 -23.69
N ALA F 147 -28.43 -64.72 -24.77
CA ALA F 147 -29.13 -63.81 -25.65
C ALA F 147 -30.35 -64.48 -26.28
N ALA F 148 -30.18 -65.72 -26.73
CA ALA F 148 -31.30 -66.46 -27.31
C ALA F 148 -32.37 -66.74 -26.26
N GLY F 149 -31.96 -67.09 -25.05
CA GLY F 149 -32.92 -67.41 -24.01
C GLY F 149 -33.76 -66.22 -23.58
N ILE F 150 -33.15 -65.04 -23.58
CA ILE F 150 -33.86 -63.83 -23.14
C ILE F 150 -35.04 -63.54 -24.05
N THR F 151 -34.85 -63.68 -25.36
CA THR F 151 -35.94 -63.43 -26.30
C THR F 151 -37.01 -64.51 -26.24
N GLY F 152 -36.74 -65.63 -25.56
CA GLY F 152 -37.71 -66.70 -25.51
C GLY F 152 -38.84 -66.47 -24.53
N LEU F 153 -38.60 -65.66 -23.51
CA LEU F 153 -39.61 -65.45 -22.47
C LEU F 153 -40.80 -64.67 -23.01
N LEU F 154 -42.00 -65.15 -22.70
CA LEU F 154 -43.24 -64.50 -23.08
C LEU F 154 -43.74 -63.68 -21.89
N GLY F 155 -44.62 -62.72 -22.14
CA GLY F 155 -45.19 -61.91 -21.10
C GLY F 155 -46.09 -60.83 -21.65
N LEU F 156 -47.09 -60.46 -20.85
CA LEU F 156 -48.02 -59.40 -21.22
C LEU F 156 -48.66 -58.81 -19.99
N ASN G 1 -6.37 -118.30 -16.68
CA ASN G 1 -5.60 -117.16 -16.23
C ASN G 1 -4.65 -117.55 -15.10
N GLN G 2 -3.43 -117.02 -15.15
CA GLN G 2 -2.40 -117.32 -14.17
C GLN G 2 -2.10 -116.09 -13.33
N SER G 3 -1.80 -116.31 -12.05
CA SER G 3 -1.43 -115.20 -11.18
C SER G 3 -0.15 -114.54 -11.65
N LYS G 4 -0.10 -113.22 -11.54
CA LYS G 4 1.02 -112.42 -12.01
C LYS G 4 1.63 -111.64 -10.86
N ILE G 5 2.95 -111.65 -10.77
CA ILE G 5 3.64 -110.83 -9.78
C ILE G 5 3.63 -109.37 -10.24
N LEU G 6 3.36 -108.47 -9.29
CA LEU G 6 3.18 -107.07 -9.66
C LEU G 6 4.51 -106.40 -9.97
N THR G 7 5.44 -106.41 -9.03
CA THR G 7 6.71 -105.71 -9.18
C THR G 7 7.87 -106.68 -9.03
N LEU G 8 8.87 -106.52 -9.90
CA LEU G 8 10.02 -107.40 -9.94
C LEU G 8 10.96 -107.22 -8.75
N GLN G 9 10.76 -106.19 -7.93
CA GLN G 9 11.59 -105.95 -6.77
C GLN G 9 10.72 -105.90 -5.53
N ALA G 10 11.15 -106.58 -4.48
CA ALA G 10 10.39 -106.62 -3.24
C ALA G 10 10.40 -105.26 -2.56
N TYR G 11 9.36 -105.01 -1.77
CA TYR G 11 9.25 -103.76 -1.01
C TYR G 11 10.14 -103.86 0.22
N ASP G 12 11.21 -103.07 0.25
CA ASP G 12 12.15 -103.09 1.36
C ASP G 12 11.92 -101.85 2.20
N PRO G 13 11.51 -101.99 3.47
CA PRO G 13 11.28 -100.78 4.29
C PRO G 13 12.53 -99.93 4.49
N ALA G 14 13.72 -100.51 4.41
CA ALA G 14 14.94 -99.73 4.60
C ALA G 14 15.21 -98.79 3.44
N LYS G 15 14.57 -98.98 2.30
CA LYS G 15 14.73 -98.09 1.15
C LYS G 15 13.81 -96.88 1.20
N VAL G 16 12.90 -96.82 2.17
CA VAL G 16 12.03 -95.67 2.34
C VAL G 16 12.75 -94.64 3.20
N LEU G 17 13.54 -93.78 2.57
CA LEU G 17 14.34 -92.80 3.30
C LEU G 17 13.50 -91.59 3.66
N VAL G 18 13.75 -91.04 4.85
CA VAL G 18 13.07 -89.83 5.32
C VAL G 18 14.13 -88.76 5.53
N PHE G 19 13.93 -87.60 4.90
CA PHE G 19 14.86 -86.49 4.99
C PHE G 19 14.13 -85.29 5.56
N ILE G 20 14.59 -84.80 6.71
CA ILE G 20 14.07 -83.59 7.33
C ILE G 20 15.24 -82.62 7.51
N GLY G 21 15.17 -81.47 6.84
CA GLY G 21 16.22 -80.48 6.91
C GLY G 21 17.50 -80.86 6.22
N GLY G 22 17.53 -81.96 5.47
CA GLY G 22 18.73 -82.43 4.82
C GLY G 22 19.45 -83.56 5.50
N GLN G 23 18.94 -84.06 6.63
CA GLN G 23 19.54 -85.16 7.36
C GLN G 23 18.63 -86.37 7.29
N ARG G 24 19.23 -87.55 7.22
CA ARG G 24 18.47 -88.79 7.21
C ARG G 24 18.08 -89.17 8.64
N VAL G 25 16.83 -89.61 8.81
CA VAL G 25 16.29 -89.94 10.11
C VAL G 25 16.41 -91.45 10.33
N SER G 26 16.95 -91.84 11.48
CA SER G 26 17.11 -93.24 11.84
C SER G 26 16.63 -93.45 13.27
N GLY G 27 16.14 -94.67 13.53
CA GLY G 27 15.67 -95.02 14.85
C GLY G 27 14.16 -95.18 14.93
N PHE G 28 13.56 -95.65 13.83
CA PHE G 28 12.12 -95.80 13.78
C PHE G 28 11.66 -96.95 14.68
N ALA G 29 10.40 -96.91 15.08
CA ALA G 29 9.84 -97.89 15.98
C ALA G 29 9.28 -99.07 15.16
N ALA G 30 8.57 -99.97 15.83
CA ALA G 30 8.03 -101.16 15.18
C ALA G 30 6.70 -100.85 14.52
N ASP G 31 6.11 -101.88 13.89
CA ASP G 31 4.82 -101.80 13.20
C ASP G 31 4.94 -100.75 12.10
N THR G 32 4.16 -99.68 12.11
CA THR G 32 4.21 -98.70 11.05
C THR G 32 5.41 -97.78 11.20
N LYS G 33 5.80 -97.16 10.08
CA LYS G 33 6.90 -96.21 10.07
C LYS G 33 6.48 -94.80 9.67
N ILE G 34 5.74 -94.66 8.58
CA ILE G 34 5.27 -93.36 8.11
C ILE G 34 3.78 -93.47 7.81
N VAL G 35 3.02 -92.48 8.28
CA VAL G 35 1.58 -92.38 7.98
C VAL G 35 1.33 -90.99 7.44
N ILE G 36 0.81 -90.92 6.22
CA ILE G 36 0.54 -89.65 5.54
C ILE G 36 -0.95 -89.59 5.24
N THR G 37 -1.61 -88.55 5.72
CA THR G 37 -3.04 -88.35 5.50
C THR G 37 -3.32 -86.89 5.19
N ARG G 38 -4.38 -86.67 4.43
CA ARG G 38 -4.82 -85.31 4.11
C ARG G 38 -5.72 -84.81 5.24
N ASN G 39 -6.36 -83.66 5.03
CA ASN G 39 -7.24 -83.07 6.03
C ASN G 39 -8.67 -82.93 5.59
N ASN G 40 -8.92 -82.64 4.31
CA ASN G 40 -10.27 -82.50 3.78
C ASN G 40 -10.38 -83.27 2.47
N ASP G 41 -11.61 -83.48 2.03
CA ASP G 41 -11.85 -84.18 0.78
C ASP G 41 -11.37 -83.36 -0.41
N ASN G 42 -10.97 -84.05 -1.46
CA ASN G 42 -10.46 -83.40 -2.66
C ASN G 42 -11.57 -82.70 -3.46
N ILE G 43 -12.73 -83.35 -3.59
CA ILE G 43 -13.86 -82.80 -4.32
C ILE G 43 -15.10 -82.88 -3.43
N SER G 44 -15.83 -81.78 -3.33
CA SER G 44 -17.10 -81.74 -2.62
C SER G 44 -18.25 -81.72 -3.62
N VAL G 45 -19.37 -82.30 -3.23
CA VAL G 45 -20.53 -82.46 -4.11
C VAL G 45 -21.73 -81.79 -3.49
N HIS G 46 -22.45 -81.02 -4.29
CA HIS G 46 -23.67 -80.31 -3.87
C HIS G 46 -24.85 -80.99 -4.56
N ALA G 47 -25.51 -81.91 -3.85
CA ALA G 47 -26.63 -82.64 -4.41
C ALA G 47 -27.88 -81.79 -4.40
N GLY G 48 -28.61 -81.81 -5.52
CA GLY G 48 -29.84 -81.06 -5.66
C GLY G 48 -31.07 -81.92 -5.50
N VAL G 49 -32.19 -81.25 -5.22
CA VAL G 49 -33.45 -81.96 -5.04
C VAL G 49 -33.93 -82.56 -6.36
N ASP G 50 -33.90 -81.76 -7.43
CA ASP G 50 -34.36 -82.24 -8.73
C ASP G 50 -33.44 -83.32 -9.28
N GLY G 51 -32.14 -83.17 -9.08
CA GLY G 51 -31.18 -84.14 -9.57
C GLY G 51 -29.89 -83.55 -10.08
N GLU G 52 -29.91 -82.26 -10.40
CA GLU G 52 -28.70 -81.58 -10.84
C GLU G 52 -27.66 -81.60 -9.72
N ILE G 53 -26.42 -81.90 -10.09
CA ILE G 53 -25.31 -81.98 -9.14
C ILE G 53 -24.16 -81.14 -9.67
N SER G 54 -23.47 -80.44 -8.77
CA SER G 54 -22.30 -79.66 -9.11
C SER G 54 -21.20 -79.93 -8.08
N ASN G 55 -19.96 -79.89 -8.54
CA ASN G 55 -18.81 -80.20 -7.72
C ASN G 55 -17.87 -79.01 -7.65
N ALA G 56 -17.07 -78.98 -6.59
CA ALA G 56 -16.08 -77.93 -6.37
C ALA G 56 -14.74 -78.55 -6.04
N LEU G 57 -13.66 -77.89 -6.45
CA LEU G 57 -12.31 -78.37 -6.22
C LEU G 57 -11.74 -77.72 -4.96
N SER G 58 -11.21 -78.55 -4.06
CA SER G 58 -10.63 -78.02 -2.83
C SER G 58 -9.27 -77.38 -3.11
N ARG G 59 -9.04 -76.21 -2.51
CA ARG G 59 -7.79 -75.48 -2.68
C ARG G 59 -6.88 -75.61 -1.47
N ASP G 60 -7.22 -76.48 -0.52
CA ASP G 60 -6.43 -76.67 0.69
C ASP G 60 -5.81 -78.07 0.65
N ASN G 61 -4.48 -78.12 0.82
CA ASN G 61 -3.74 -79.37 0.76
C ASN G 61 -2.99 -79.66 2.05
N THR G 62 -3.41 -79.08 3.17
CA THR G 62 -2.74 -79.32 4.44
C THR G 62 -2.91 -80.78 4.85
N GLY G 63 -1.83 -81.36 5.36
CA GLY G 63 -1.85 -82.75 5.79
C GLY G 63 -1.00 -82.92 7.04
N VAL G 64 -1.08 -84.12 7.61
CA VAL G 64 -0.34 -84.46 8.82
C VAL G 64 0.42 -85.76 8.57
N MET G 65 1.74 -85.72 8.76
CA MET G 65 2.58 -86.89 8.64
C MET G 65 3.05 -87.31 10.03
N THR G 66 2.87 -88.58 10.36
CA THR G 66 3.15 -89.10 11.70
C THR G 66 4.45 -89.90 11.63
N LEU G 67 5.41 -89.53 12.47
CA LEU G 67 6.68 -90.25 12.58
C LEU G 67 6.76 -90.94 13.94
N SER G 68 7.00 -92.23 13.92
CA SER G 68 7.11 -93.02 15.14
C SER G 68 8.57 -93.34 15.41
N LEU G 69 9.06 -93.00 16.60
CA LEU G 69 10.45 -93.17 16.96
C LEU G 69 10.58 -93.77 18.35
N GLN G 70 11.67 -94.48 18.57
CA GLN G 70 11.94 -95.05 19.88
C GLN G 70 12.44 -93.99 20.85
N ASN G 71 12.28 -94.27 22.14
CA ASN G 71 12.70 -93.32 23.18
C ASN G 71 14.21 -93.14 23.24
N THR G 72 14.99 -94.05 22.68
CA THR G 72 16.45 -94.01 22.78
C THR G 72 17.10 -93.42 21.54
N ALA G 73 16.33 -92.81 20.64
CA ALA G 73 16.90 -92.21 19.45
C ALA G 73 17.27 -90.75 19.70
N LYS G 74 18.42 -90.34 19.16
CA LYS G 74 18.86 -88.96 19.31
C LYS G 74 17.94 -87.96 18.61
N TRP G 75 17.17 -88.42 17.62
CA TRP G 75 16.29 -87.51 16.90
C TRP G 75 15.21 -86.93 17.77
N ASN G 76 14.85 -87.58 18.87
CA ASN G 76 13.93 -86.97 19.83
C ASN G 76 14.53 -85.71 20.42
N GLY G 77 15.78 -85.79 20.86
CA GLY G 77 16.47 -84.60 21.35
C GLY G 77 16.64 -83.56 20.26
N TYR G 78 16.94 -84.01 19.04
CA TYR G 78 17.05 -83.08 17.91
C TYR G 78 15.75 -82.29 17.73
N LEU G 79 14.61 -82.99 17.73
CA LEU G 79 13.33 -82.35 17.53
C LEU G 79 12.99 -81.43 18.69
N ALA G 80 13.30 -81.83 19.92
CA ALA G 80 13.04 -80.96 21.08
C ALA G 80 13.84 -79.68 20.99
N GLN G 81 15.13 -79.79 20.65
CA GLN G 81 15.97 -78.60 20.51
C GLN G 81 15.47 -77.70 19.38
N TRP G 82 15.07 -78.31 18.26
CA TRP G 82 14.53 -77.53 17.16
C TRP G 82 13.25 -76.82 17.55
N GLN G 83 12.40 -77.49 18.33
CA GLN G 83 11.16 -76.88 18.81
C GLN G 83 11.47 -75.67 19.67
N ARG G 84 12.40 -75.82 20.61
CA ARG G 84 12.76 -74.71 21.49
C ARG G 84 13.33 -73.54 20.69
N GLN G 85 14.22 -73.83 19.73
CA GLN G 85 14.83 -72.77 18.93
C GLN G 85 13.79 -72.06 18.07
N ALA G 86 12.90 -72.82 17.44
CA ALA G 86 11.85 -72.22 16.64
C ALA G 86 10.93 -71.36 17.49
N ASN G 87 10.67 -71.80 18.73
CA ASN G 87 9.84 -71.02 19.64
C ASN G 87 10.50 -69.69 19.97
N VAL G 88 11.79 -69.72 20.34
CA VAL G 88 12.42 -68.49 20.79
C VAL G 88 12.63 -67.53 19.61
N THR G 89 13.13 -68.02 18.48
CA THR G 89 13.40 -67.11 17.35
C THR G 89 12.15 -66.83 16.53
N GLY G 90 11.57 -67.86 15.92
CA GLY G 90 10.36 -67.67 15.15
C GLY G 90 10.29 -68.45 13.85
N LEU G 91 11.45 -68.80 13.28
CA LEU G 91 11.47 -69.57 12.04
C LEU G 91 11.12 -71.03 12.34
N ILE G 92 10.05 -71.51 11.71
CA ILE G 92 9.50 -72.82 12.04
C ILE G 92 9.40 -73.74 10.82
N TYR G 93 9.81 -73.29 9.64
CA TYR G 93 9.63 -74.05 8.42
C TYR G 93 10.95 -74.69 7.99
N LEU G 94 10.91 -75.98 7.70
CA LEU G 94 12.04 -76.73 7.18
C LEU G 94 11.57 -77.69 6.10
N PRO G 95 12.44 -78.02 5.15
CA PRO G 95 12.03 -78.92 4.07
C PRO G 95 11.85 -80.36 4.55
N VAL G 96 10.93 -81.06 3.90
CA VAL G 96 10.66 -82.47 4.19
C VAL G 96 10.54 -83.21 2.87
N GLN G 97 11.27 -84.31 2.72
CA GLN G 97 11.23 -85.12 1.52
C GLN G 97 11.20 -86.60 1.92
N VAL G 98 10.28 -87.35 1.30
CA VAL G 98 10.13 -88.78 1.55
C VAL G 98 10.24 -89.49 0.21
N GLU G 99 11.12 -90.49 0.13
CA GLU G 99 11.33 -91.27 -1.08
C GLU G 99 10.81 -92.68 -0.85
N GLY G 100 9.84 -93.10 -1.69
CA GLY G 100 9.32 -94.44 -1.58
C GLY G 100 10.18 -95.48 -2.27
N SER G 101 10.02 -96.72 -1.84
CA SER G 101 10.76 -97.83 -2.45
C SER G 101 10.12 -98.24 -3.77
N GLN G 102 8.86 -98.67 -3.72
CA GLN G 102 8.10 -99.05 -4.90
C GLN G 102 6.73 -98.37 -4.89
N GLY G 103 6.64 -97.23 -4.23
CA GLY G 103 5.38 -96.52 -4.13
C GLY G 103 5.48 -95.04 -4.42
N LEU G 104 4.52 -94.27 -3.95
CA LEU G 104 4.49 -92.84 -4.19
C LEU G 104 5.47 -92.13 -3.26
N SER G 105 5.75 -90.86 -3.57
CA SER G 105 6.72 -90.07 -2.83
C SER G 105 6.07 -88.78 -2.36
N LEU G 106 6.86 -87.92 -1.73
CA LEU G 106 6.37 -86.68 -1.17
C LEU G 106 7.54 -85.73 -0.99
N ASN G 107 7.32 -84.45 -1.32
CA ASN G 107 8.37 -83.45 -1.21
C ASN G 107 7.69 -82.09 -1.07
N THR G 108 7.66 -81.57 0.15
CA THR G 108 7.08 -80.25 0.44
C THR G 108 7.84 -79.64 1.61
N ILE G 109 7.26 -78.62 2.22
CA ILE G 109 7.83 -77.96 3.39
C ILE G 109 6.94 -78.28 4.59
N GLY G 110 7.56 -78.69 5.70
CA GLY G 110 6.85 -79.14 6.86
C GLY G 110 7.27 -78.40 8.12
N TRP G 111 6.54 -78.68 9.20
CA TRP G 111 6.80 -78.08 10.50
C TRP G 111 6.34 -79.04 11.57
N ILE G 112 6.86 -78.84 12.78
CA ILE G 112 6.46 -79.65 13.94
C ILE G 112 5.15 -79.07 14.47
N GLN G 113 4.11 -79.91 14.54
CA GLN G 113 2.79 -79.45 14.96
C GLN G 113 2.50 -79.83 16.40
N LYS G 114 2.60 -81.11 16.73
CA LYS G 114 2.29 -81.61 18.07
C LYS G 114 3.43 -82.47 18.59
N GLN G 115 3.78 -82.26 19.86
CA GLN G 115 4.75 -83.12 20.51
C GLN G 115 4.06 -84.35 21.09
N PRO G 116 4.73 -85.49 21.12
CA PRO G 116 4.09 -86.72 21.60
C PRO G 116 4.25 -86.91 23.11
N ASP G 117 3.40 -87.77 23.65
CA ASP G 117 3.52 -88.14 25.05
C ASP G 117 4.73 -89.03 25.27
N LEU G 118 5.23 -89.03 26.50
CA LEU G 118 6.43 -89.78 26.87
C LEU G 118 6.05 -90.71 28.03
N SER G 119 5.95 -91.99 27.73
CA SER G 119 5.63 -92.98 28.75
C SER G 119 6.88 -93.77 29.13
N TYR G 120 6.94 -94.19 30.39
CA TYR G 120 8.05 -95.00 30.90
C TYR G 120 7.47 -96.23 31.56
N GLY G 121 7.87 -97.41 31.08
CA GLY G 121 7.35 -98.65 31.60
C GLY G 121 8.32 -99.81 31.56
N THR G 122 7.79 -101.03 31.64
CA THR G 122 8.66 -102.21 31.66
C THR G 122 9.39 -102.36 30.33
N GLU G 123 8.72 -102.12 29.22
CA GLU G 123 9.31 -102.23 27.89
C GLU G 123 9.65 -100.84 27.36
N VAL G 124 10.44 -100.81 26.29
CA VAL G 124 10.74 -99.54 25.63
C VAL G 124 9.51 -99.08 24.86
N GLY G 125 9.09 -97.84 25.12
CA GLY G 125 7.88 -97.30 24.54
C GLY G 125 8.10 -96.71 23.15
N GLN G 126 7.07 -96.02 22.68
CA GLN G 126 7.07 -95.41 21.37
C GLN G 126 6.47 -94.01 21.44
N MET G 127 7.08 -93.07 20.72
CA MET G 127 6.62 -91.68 20.69
C MET G 127 6.36 -91.30 19.23
N ASP G 128 5.20 -90.72 18.98
CA ASP G 128 4.75 -90.40 17.63
C ASP G 128 4.72 -88.89 17.44
N TRP G 129 5.81 -88.36 16.88
CA TRP G 129 5.84 -86.95 16.52
C TRP G 129 4.92 -86.68 15.34
N GLU G 130 4.11 -85.63 15.45
CA GLU G 130 3.15 -85.27 14.41
C GLU G 130 3.72 -84.09 13.62
N ILE G 131 4.01 -84.33 12.34
CA ILE G 131 4.58 -83.32 11.45
C ILE G 131 3.52 -82.95 10.42
N GLY G 132 3.29 -81.65 10.27
CA GLY G 132 2.34 -81.13 9.29
C GLY G 132 3.07 -80.70 8.03
N VAL G 133 2.40 -80.86 6.89
CA VAL G 133 2.99 -80.53 5.60
C VAL G 133 2.11 -79.53 4.88
N LEU G 134 2.76 -78.66 4.09
CA LEU G 134 2.01 -77.64 3.36
C LEU G 134 1.08 -78.25 2.33
N ASP G 135 1.61 -79.18 1.53
CA ASP G 135 0.83 -79.88 0.52
C ASP G 135 1.04 -81.38 0.71
N ALA G 136 -0.03 -82.15 0.55
CA ALA G 136 0.00 -83.58 0.80
C ALA G 136 -0.26 -84.38 -0.48
N TRP G 137 0.11 -83.84 -1.64
CA TRP G 137 -0.06 -84.55 -2.89
C TRP G 137 1.07 -85.56 -3.07
N LEU G 138 0.70 -86.83 -3.26
CA LEU G 138 1.69 -87.87 -3.49
C LEU G 138 2.08 -87.89 -4.97
N SER G 139 3.37 -88.11 -5.22
CA SER G 139 3.90 -87.98 -6.57
C SER G 139 4.38 -89.32 -7.11
N PRO G 140 3.90 -89.73 -8.29
CA PRO G 140 4.39 -90.99 -8.88
C PRO G 140 5.62 -90.79 -9.75
N ASP G 141 6.68 -90.22 -9.19
CA ASP G 141 7.86 -89.92 -9.99
C ASP G 141 8.69 -91.16 -10.29
N GLN G 142 8.74 -92.10 -9.34
CA GLN G 142 9.62 -93.26 -9.50
C GLN G 142 9.10 -94.22 -10.57
N ILE G 143 7.78 -94.36 -10.68
CA ILE G 143 7.19 -95.29 -11.64
C ILE G 143 7.33 -94.66 -13.02
N GLN G 144 7.60 -95.50 -14.04
CA GLN G 144 7.80 -95.02 -15.39
C GLN G 144 6.56 -95.40 -16.21
N GLY G 145 6.03 -94.42 -16.95
CA GLY G 145 4.88 -94.66 -17.78
C GLY G 145 4.01 -93.43 -17.86
N ILE G 146 3.54 -93.13 -19.07
CA ILE G 146 2.65 -91.99 -19.28
C ILE G 146 1.38 -92.46 -20.00
N ALA G 147 0.36 -92.80 -19.24
CA ALA G 147 -0.91 -93.29 -19.77
C ALA G 147 -2.09 -92.41 -19.38
N ALA G 148 -1.86 -91.35 -18.59
CA ALA G 148 -2.94 -90.44 -18.23
C ALA G 148 -3.55 -89.80 -19.47
N GLY G 149 -2.71 -89.41 -20.43
CA GLY G 149 -3.23 -88.91 -21.69
C GLY G 149 -4.00 -89.97 -22.46
N ILE G 150 -3.51 -91.22 -22.42
CA ILE G 150 -4.19 -92.31 -23.11
C ILE G 150 -5.54 -92.58 -22.47
N THR G 151 -5.57 -92.66 -21.14
CA THR G 151 -6.83 -92.91 -20.44
C THR G 151 -7.74 -91.70 -20.51
N GLY G 152 -9.04 -91.93 -20.38
CA GLY G 152 -9.99 -90.84 -20.33
C GLY G 152 -10.85 -90.71 -21.57
N LEU G 153 -12.10 -91.17 -21.48
CA LEU G 153 -13.08 -90.99 -22.54
C LEU G 153 -14.08 -89.88 -22.22
N LEU G 154 -13.69 -88.90 -21.40
CA LEU G 154 -14.57 -87.82 -21.01
C LEU G 154 -15.08 -87.02 -22.20
N GLU H 3 42.98 -81.40 55.39
CA GLU H 3 42.69 -79.98 55.04
C GLU H 3 41.58 -79.44 55.93
N TYR H 4 41.51 -78.11 56.04
CA TYR H 4 40.46 -77.43 56.77
C TYR H 4 39.67 -76.56 55.81
N GLN H 5 38.35 -76.71 55.81
CA GLN H 5 37.45 -75.96 54.95
C GLN H 5 36.63 -75.03 55.82
N ASP H 6 36.79 -73.71 55.60
CA ASP H 6 36.09 -72.74 56.43
C ASP H 6 34.61 -72.62 56.09
N LYS H 7 34.22 -72.93 54.85
CA LYS H 7 32.84 -72.83 54.42
C LYS H 7 32.33 -74.20 54.02
N VAL H 8 31.12 -74.53 54.47
CA VAL H 8 30.49 -75.78 54.09
C VAL H 8 30.29 -75.85 52.58
N VAL H 9 29.95 -74.74 51.95
CA VAL H 9 29.78 -74.65 50.50
C VAL H 9 30.60 -73.47 50.00
N ASP H 10 31.41 -73.72 48.97
CA ASP H 10 32.27 -72.69 48.40
C ASP H 10 31.95 -72.55 46.91
N VAL H 11 31.91 -71.31 46.45
CA VAL H 11 31.51 -71.02 45.07
C VAL H 11 32.55 -70.11 44.41
N GLU H 12 33.17 -70.61 43.35
CA GLU H 12 34.06 -69.78 42.54
C GLU H 12 33.26 -69.15 41.40
N VAL H 13 33.34 -67.83 41.27
CA VAL H 13 32.61 -67.10 40.24
C VAL H 13 33.64 -66.39 39.36
N SER H 14 33.55 -66.61 38.06
CA SER H 14 34.44 -65.97 37.11
C SER H 14 33.58 -65.32 36.02
N LEU H 15 34.26 -64.64 35.09
CA LEU H 15 33.60 -63.90 34.03
C LEU H 15 34.26 -64.19 32.70
N GLY H 16 33.48 -64.01 31.63
CA GLY H 16 33.97 -64.13 30.27
C GLY H 16 33.46 -65.34 29.51
N THR H 17 33.48 -66.52 30.13
CA THR H 17 33.02 -67.73 29.48
C THR H 17 33.10 -68.89 30.46
N GLN H 18 32.47 -70.00 30.07
CA GLN H 18 32.57 -71.22 30.85
C GLN H 18 33.70 -72.11 30.31
N PRO H 19 34.32 -72.93 31.15
CA PRO H 19 35.42 -73.77 30.66
C PRO H 19 34.96 -74.74 29.58
N ILE H 20 35.86 -75.03 28.66
CA ILE H 20 35.58 -75.95 27.56
C ILE H 20 35.05 -77.28 28.11
N THR H 22 37.44 -82.05 27.07
CA THR H 22 38.37 -83.18 27.12
C THR H 22 37.90 -84.31 26.22
N VAL H 23 38.66 -84.56 25.16
CA VAL H 23 38.36 -85.58 24.17
C VAL H 23 39.66 -86.25 23.76
N GLY H 24 39.55 -87.32 22.98
CA GLY H 24 40.72 -87.97 22.44
C GLY H 24 41.19 -87.26 21.18
N PHE H 25 42.50 -87.04 21.11
CA PHE H 25 43.06 -86.27 20.01
C PHE H 25 44.52 -86.64 19.82
N GLU H 26 45.06 -86.29 18.66
CA GLU H 26 46.45 -86.55 18.32
C GLU H 26 47.23 -85.25 18.38
N THR H 27 48.28 -85.23 19.18
CA THR H 27 49.02 -83.99 19.38
C THR H 27 49.95 -83.74 18.20
N PRO H 28 50.09 -82.49 17.77
CA PRO H 28 51.16 -82.16 16.82
C PRO H 28 52.43 -81.76 17.56
N MET H 29 53.55 -81.85 16.84
CA MET H 29 54.84 -81.45 17.37
C MET H 29 55.45 -80.44 16.41
N PHE H 30 55.91 -79.31 16.95
CA PHE H 30 56.51 -78.24 16.16
C PHE H 30 57.96 -78.10 16.57
N LEU H 31 58.88 -78.29 15.63
CA LEU H 31 60.31 -78.23 15.90
C LEU H 31 60.78 -76.80 15.70
N ALA H 32 60.88 -76.06 16.80
CA ALA H 32 61.28 -74.65 16.76
C ALA H 32 62.73 -74.49 17.18
N MET H 33 63.18 -73.24 17.17
CA MET H 33 64.53 -72.87 17.57
C MET H 33 64.43 -71.93 18.77
N HIS H 34 64.99 -72.34 19.90
CA HIS H 34 64.89 -71.57 21.13
C HIS H 34 65.81 -72.20 22.17
N GLY H 35 65.88 -71.56 23.32
CA GLY H 35 66.67 -72.06 24.43
C GLY H 35 66.00 -71.86 25.78
N ASN H 36 64.66 -71.91 25.79
CA ASN H 36 63.89 -71.60 26.98
C ASN H 36 63.84 -72.73 27.98
N PHE H 37 64.26 -73.94 27.62
CA PHE H 37 64.38 -75.03 28.58
C PHE H 37 65.43 -76.01 28.08
N PRO H 38 66.02 -76.80 28.97
CA PRO H 38 67.05 -77.75 28.55
C PRO H 38 66.49 -79.00 27.90
N GLU H 39 65.22 -79.30 28.19
CA GLU H 39 64.56 -80.46 27.60
C GLU H 39 64.45 -80.28 26.10
N ARG H 40 64.14 -81.36 25.38
CA ARG H 40 63.95 -81.30 23.94
C ARG H 40 62.50 -81.40 23.50
N ILE H 41 61.57 -81.70 24.41
CA ILE H 41 60.15 -81.74 24.10
C ILE H 41 59.37 -81.40 25.36
N ARG H 42 58.34 -80.57 25.21
CA ARG H 42 57.48 -80.20 26.32
C ARG H 42 56.07 -79.97 25.80
N PHE H 43 55.08 -80.32 26.62
CA PHE H 43 53.68 -80.17 26.24
C PHE H 43 53.09 -78.92 26.85
N TYR H 44 52.30 -78.20 26.05
CA TYR H 44 51.62 -76.99 26.51
C TYR H 44 50.14 -77.11 26.20
N VAL H 45 49.32 -76.51 27.08
CA VAL H 45 47.87 -76.58 26.91
C VAL H 45 47.25 -75.27 26.45
N SER H 46 48.00 -74.17 26.48
CA SER H 46 47.46 -72.89 26.04
C SER H 46 48.61 -71.96 25.67
N THR H 47 48.27 -70.92 24.91
CA THR H 47 49.27 -69.93 24.53
C THR H 47 49.82 -69.21 25.76
N ALA H 48 48.94 -68.90 26.71
CA ALA H 48 49.38 -68.22 27.93
C ALA H 48 50.49 -69.01 28.63
N GLY H 49 50.45 -70.34 28.53
CA GLY H 49 51.51 -71.14 29.10
C GLY H 49 52.85 -70.89 28.42
N MET H 50 52.84 -70.64 27.11
CA MET H 50 54.09 -70.42 26.39
C MET H 50 54.78 -69.14 26.86
N VAL H 51 54.04 -68.04 26.94
CA VAL H 51 54.66 -66.77 27.33
C VAL H 51 55.16 -66.84 28.76
N ALA H 52 54.50 -67.62 29.62
CA ALA H 52 54.99 -67.78 30.98
C ALA H 52 56.36 -68.42 31.00
N ASP H 53 56.68 -69.23 29.99
CA ASP H 53 57.99 -69.85 29.87
C ASP H 53 58.99 -68.99 29.13
N GLY H 54 58.72 -67.70 29.00
CA GLY H 54 59.64 -66.79 28.35
C GLY H 54 59.49 -66.66 26.85
N PHE H 55 58.52 -67.33 26.25
CA PHE H 55 58.30 -67.19 24.82
C PHE H 55 57.72 -65.81 24.52
N ALA H 56 58.24 -65.17 23.48
CA ALA H 56 57.81 -63.82 23.14
C ALA H 56 56.58 -63.87 22.24
N VAL H 57 55.65 -62.93 22.47
CA VAL H 57 54.44 -62.86 21.65
C VAL H 57 54.85 -62.63 20.19
N GLY H 58 54.22 -63.37 19.29
CA GLY H 58 54.54 -63.28 17.88
C GLY H 58 55.70 -64.15 17.44
N SER H 59 56.35 -64.86 18.35
CA SER H 59 57.43 -65.76 17.97
C SER H 59 56.87 -66.95 17.20
N PRO H 60 57.71 -67.62 16.40
CA PRO H 60 57.19 -68.74 15.60
C PRO H 60 56.47 -69.80 16.41
N ALA H 61 56.99 -70.15 17.57
CA ALA H 61 56.33 -71.14 18.41
C ALA H 61 54.98 -70.64 18.90
N TYR H 62 54.90 -69.36 19.26
CA TYR H 62 53.64 -68.81 19.75
C TYR H 62 52.60 -68.71 18.64
N GLN H 63 53.03 -68.33 17.44
CA GLN H 63 52.09 -68.19 16.33
C GLN H 63 51.52 -69.55 15.92
N PHE H 64 52.35 -70.58 15.94
CA PHE H 64 51.85 -71.92 15.61
C PHE H 64 50.81 -72.37 16.61
N ALA H 65 51.07 -72.16 17.90
CA ALA H 65 50.15 -72.63 18.93
C ALA H 65 48.80 -71.93 18.84
N THR H 66 48.81 -70.61 18.65
CA THR H 66 47.54 -69.88 18.64
C THR H 66 46.66 -70.29 17.49
N ASN H 67 47.25 -70.61 16.33
CA ASN H 67 46.45 -71.07 15.20
C ASN H 67 45.91 -72.47 15.42
N ALA H 68 46.69 -73.33 16.08
CA ALA H 68 46.24 -74.71 16.31
C ALA H 68 45.01 -74.75 17.20
N PHE H 69 44.98 -73.92 18.26
CA PHE H 69 43.87 -73.92 19.20
C PHE H 69 42.62 -73.24 18.66
N ALA H 70 42.71 -72.57 17.51
CA ALA H 70 41.57 -71.83 16.97
C ALA H 70 40.75 -72.64 15.98
N GLY H 71 41.15 -73.87 15.67
CA GLY H 71 40.42 -74.65 14.69
C GLY H 71 39.14 -75.22 15.26
N ASN H 72 38.29 -75.71 14.35
CA ASN H 72 37.06 -76.38 14.75
C ASN H 72 37.32 -77.78 15.32
N PHE H 73 38.44 -78.38 14.98
CA PHE H 73 38.84 -79.68 15.52
C PHE H 73 40.14 -79.57 16.29
N ALA H 74 40.33 -78.45 16.99
CA ALA H 74 41.63 -78.15 17.56
C ALA H 74 41.94 -79.11 18.71
N PRO H 75 43.21 -79.46 18.90
CA PRO H 75 43.57 -80.25 20.08
C PRO H 75 43.76 -79.35 21.29
N GLN H 76 43.67 -79.96 22.47
CA GLN H 76 43.89 -79.22 23.72
C GLN H 76 45.29 -79.43 24.29
N ARG H 77 46.22 -79.97 23.51
CA ARG H 77 47.59 -80.07 23.98
C ARG H 77 48.57 -80.15 22.81
N VAL H 78 49.47 -79.17 22.70
CA VAL H 78 50.46 -79.15 21.65
C VAL H 78 51.83 -79.50 22.25
N ALA H 79 52.76 -79.87 21.37
CA ALA H 79 54.11 -80.21 21.76
C ALA H 79 55.09 -79.35 20.99
N ILE H 80 56.18 -78.96 21.65
CA ILE H 80 57.18 -78.06 21.08
C ILE H 80 58.55 -78.73 21.16
N GLY H 81 59.25 -78.75 20.02
CA GLY H 81 60.63 -79.20 19.99
C GLY H 81 61.58 -78.11 20.41
N ARG H 82 62.86 -78.36 20.22
CA ARG H 82 63.89 -77.38 20.59
C ARG H 82 65.13 -77.60 19.74
N MET H 83 65.57 -76.55 19.06
CA MET H 83 66.88 -76.51 18.44
C MET H 83 67.63 -75.27 18.93
N SER H 84 68.94 -75.42 19.13
CA SER H 84 69.74 -74.34 19.69
C SER H 84 69.85 -73.19 18.71
N ILE H 85 69.61 -71.98 19.20
CA ILE H 85 69.74 -70.78 18.38
C ILE H 85 71.21 -70.41 18.27
N ASP H 86 71.63 -70.02 17.07
CA ASP H 86 72.93 -69.40 16.87
C ASP H 86 72.79 -67.88 16.77
N SER H 87 71.70 -67.41 16.20
CA SER H 87 71.42 -65.99 16.06
C SER H 87 69.97 -65.82 15.60
N SER H 88 69.60 -64.58 15.31
CA SER H 88 68.27 -64.29 14.78
C SER H 88 68.37 -63.05 13.91
N LYS H 89 67.40 -62.91 13.00
CA LYS H 89 67.38 -61.82 12.04
C LYS H 89 66.01 -61.18 11.99
N VAL H 90 65.99 -59.90 11.65
CA VAL H 90 64.77 -59.17 11.34
C VAL H 90 64.97 -58.52 9.98
N ASP H 91 64.24 -59.00 8.98
CA ASP H 91 64.48 -58.66 7.58
C ASP H 91 63.44 -57.64 7.13
N PHE H 92 63.91 -56.55 6.52
CA PHE H 92 63.05 -55.48 6.04
C PHE H 92 63.13 -55.32 4.52
N THR H 93 63.12 -56.42 3.78
CA THR H 93 63.12 -56.34 2.33
C THR H 93 61.71 -56.13 1.81
N GLY H 94 61.03 -55.10 2.34
CA GLY H 94 59.67 -54.81 1.94
C GLY H 94 59.20 -53.49 2.51
N THR H 95 58.39 -52.76 1.75
CA THR H 95 57.97 -51.42 2.13
C THR H 95 57.03 -51.46 3.33
N THR H 96 57.17 -50.47 4.20
CA THR H 96 56.33 -50.34 5.38
C THR H 96 56.25 -48.86 5.76
N ASN H 97 55.07 -48.44 6.19
CA ASN H 97 54.81 -47.03 6.46
C ASN H 97 54.01 -46.88 7.75
N THR H 98 54.41 -47.61 8.80
CA THR H 98 53.76 -47.51 10.10
C THR H 98 54.75 -47.95 11.16
N GLU H 99 54.47 -47.53 12.40
CA GLU H 99 55.35 -47.85 13.52
C GLU H 99 55.50 -49.36 13.65
N GLN H 100 56.73 -49.80 13.92
CA GLN H 100 57.04 -51.22 14.10
C GLN H 100 57.16 -51.50 15.59
N VAL H 101 56.16 -52.19 16.13
CA VAL H 101 56.18 -52.61 17.52
C VAL H 101 56.82 -53.98 17.58
N VAL H 102 58.16 -54.02 17.63
CA VAL H 102 58.89 -55.28 17.66
C VAL H 102 59.03 -55.74 19.10
N VAL H 103 58.19 -56.71 19.50
CA VAL H 103 58.28 -57.24 20.85
C VAL H 103 59.61 -57.97 21.02
N ASN H 104 60.19 -57.85 22.21
CA ASN H 104 61.48 -58.48 22.51
C ASN H 104 61.54 -58.76 24.00
N ILE H 105 61.99 -59.96 24.37
CA ILE H 105 61.98 -60.41 25.75
C ILE H 105 63.36 -60.96 26.10
N THR H 106 63.86 -60.57 27.27
CA THR H 106 65.10 -61.12 27.81
C THR H 106 64.82 -61.78 29.15
N LEU H 107 65.33 -63.01 29.31
CA LEU H 107 65.14 -63.76 30.54
C LEU H 107 63.67 -63.85 30.92
N VAL H 111 61.47 -58.34 28.52
CA VAL H 111 60.00 -58.29 28.60
C VAL H 111 59.50 -56.93 28.11
N LYS H 112 60.25 -56.34 27.17
CA LYS H 112 59.95 -55.02 26.65
C LYS H 112 59.37 -55.12 25.24
N ALA H 113 59.05 -53.97 24.67
CA ALA H 113 58.49 -53.87 23.32
C ALA H 113 59.19 -52.71 22.62
N VAL H 114 60.19 -53.02 21.78
CA VAL H 114 60.92 -51.97 21.09
C VAL H 114 59.97 -51.18 20.19
N LYS H 115 60.29 -49.89 20.04
CA LYS H 115 59.49 -48.97 19.25
C LYS H 115 60.32 -48.44 18.09
N ILE H 116 59.71 -48.37 16.91
CA ILE H 116 60.35 -47.82 15.73
C ILE H 116 59.36 -46.89 15.04
N ASN H 117 59.89 -45.93 14.28
CA ASN H 117 59.07 -44.97 13.57
C ASN H 117 59.55 -44.84 12.14
N VAL H 118 58.61 -44.52 11.24
CA VAL H 118 58.92 -44.39 9.82
C VAL H 118 58.19 -43.17 9.27
N ASN H 122 60.41 -42.75 3.35
CA ASN H 122 61.50 -43.40 4.06
C ASN H 122 61.91 -44.68 3.34
N THR H 123 62.99 -45.32 3.77
CA THR H 123 63.53 -46.48 3.08
C THR H 123 63.80 -47.57 4.11
N PRO H 124 63.87 -48.83 3.68
CA PRO H 124 64.19 -49.91 4.62
C PRO H 124 65.52 -49.73 5.33
N ALA H 125 66.52 -49.16 4.65
CA ALA H 125 67.83 -49.00 5.27
C ALA H 125 67.74 -48.11 6.52
N GLN H 126 67.00 -47.02 6.43
CA GLN H 126 66.88 -46.12 7.57
C GLN H 126 66.17 -46.78 8.74
N ILE H 127 65.03 -47.42 8.48
CA ILE H 127 64.28 -48.04 9.57
C ILE H 127 65.08 -49.17 10.21
N ALA H 128 65.77 -49.99 9.41
CA ALA H 128 66.60 -51.04 9.98
C ALA H 128 67.68 -50.47 10.88
N THR H 129 68.35 -49.41 10.43
CA THR H 129 69.38 -48.77 11.26
C THR H 129 68.77 -48.18 12.52
N ALA H 130 67.58 -47.58 12.39
CA ALA H 130 66.93 -46.97 13.54
C ALA H 130 66.64 -48.00 14.62
N LEU H 131 66.19 -49.19 14.23
CA LEU H 131 65.87 -50.23 15.20
C LEU H 131 67.12 -50.62 15.99
N ALA H 132 68.24 -50.83 15.28
CA ALA H 132 69.47 -51.20 15.98
C ALA H 132 69.89 -50.14 16.97
N ASP H 133 69.66 -48.87 16.64
CA ASP H 133 70.02 -47.79 17.54
C ASP H 133 69.26 -47.90 18.86
N ALA H 134 67.96 -48.21 18.79
CA ALA H 134 67.13 -48.35 19.98
C ALA H 134 67.46 -49.59 20.78
N VAL H 135 67.87 -50.68 20.12
CA VAL H 135 68.25 -51.88 20.86
C VAL H 135 69.45 -51.59 21.76
N THR H 136 70.48 -50.95 21.21
CA THR H 136 71.59 -50.51 22.03
C THR H 136 71.17 -49.35 22.91
N ALA H 137 71.77 -49.26 24.10
CA ALA H 137 71.45 -48.20 25.05
C ALA H 137 69.97 -48.27 25.45
N ASP H 138 69.39 -49.47 25.39
CA ASP H 138 67.99 -49.66 25.75
C ASP H 138 67.87 -50.18 27.18
N THR H 142 70.47 -52.50 29.25
CA THR H 142 70.29 -53.84 28.73
C THR H 142 71.50 -54.26 27.89
N GLY H 143 72.68 -53.83 28.32
CA GLY H 143 73.90 -54.11 27.58
C GLY H 143 74.36 -55.54 27.70
N LYS H 144 73.50 -56.49 27.35
CA LYS H 144 73.87 -57.91 27.33
C LYS H 144 73.29 -58.61 26.11
N ALA H 145 72.69 -57.84 25.21
CA ALA H 145 72.21 -58.36 23.94
C ALA H 145 72.92 -57.67 22.78
N THR H 146 73.08 -58.41 21.68
CA THR H 146 73.79 -57.93 20.50
C THR H 146 72.79 -57.52 19.44
N ALA H 147 73.03 -56.35 18.82
CA ALA H 147 72.21 -55.87 17.74
C ALA H 147 73.06 -55.05 16.78
N VAL H 148 73.01 -55.42 15.51
CA VAL H 148 73.79 -54.72 14.48
C VAL H 148 73.04 -54.79 13.16
N ALA H 149 72.78 -53.64 12.55
CA ALA H 149 72.14 -53.61 11.25
C ALA H 149 73.16 -53.87 10.15
N THR H 150 72.68 -54.45 9.05
CA THR H 150 73.55 -54.75 7.91
C THR H 150 72.75 -54.59 6.64
N GLY H 151 72.81 -53.41 6.04
CA GLY H 151 72.19 -53.18 4.75
C GLY H 151 70.69 -53.00 4.82
N THR H 152 69.98 -54.12 5.03
CA THR H 152 68.52 -54.05 5.08
C THR H 152 67.92 -54.97 6.14
N TYR H 153 68.69 -55.41 7.12
CA TYR H 153 68.19 -56.28 8.18
C TYR H 153 69.07 -56.12 9.41
N VAL H 154 68.53 -56.57 10.55
CA VAL H 154 69.20 -56.47 11.84
C VAL H 154 69.37 -57.89 12.39
N THR H 155 70.55 -58.17 12.91
CA THR H 155 70.87 -59.46 13.52
C THR H 155 70.88 -59.29 15.03
N VAL H 156 70.12 -60.13 15.73
CA VAL H 156 70.01 -60.08 17.18
C VAL H 156 70.57 -61.38 17.75
N THR H 157 71.46 -61.26 18.72
CA THR H 157 72.12 -62.42 19.30
C THR H 157 72.36 -62.17 20.78
N ALA H 158 72.31 -63.24 21.57
CA ALA H 158 72.56 -63.14 23.00
C ALA H 158 74.05 -63.18 23.28
N VAL H 159 74.52 -62.28 24.14
CA VAL H 159 75.93 -62.23 24.49
C VAL H 159 76.31 -63.28 25.52
N SER H 160 75.32 -63.80 26.26
CA SER H 160 75.59 -64.64 27.41
C SER H 160 74.52 -65.73 27.45
N PRO H 161 74.65 -66.71 28.35
CA PRO H 161 73.57 -67.68 28.51
C PRO H 161 72.35 -67.02 29.13
N ASN H 162 71.65 -66.22 28.32
CA ASN H 162 70.48 -65.49 28.77
C ASN H 162 69.41 -65.63 27.70
N VAL H 163 68.20 -66.02 28.09
CA VAL H 163 67.15 -66.27 27.12
C VAL H 163 66.77 -64.97 26.43
N VAL H 164 66.80 -65.00 25.10
CA VAL H 164 66.40 -63.85 24.27
C VAL H 164 65.36 -64.33 23.27
N SER H 165 64.27 -63.58 23.14
CA SER H 165 63.16 -63.96 22.28
C SER H 165 62.66 -62.71 21.58
N VAL H 166 62.64 -62.73 20.25
CA VAL H 166 62.17 -61.61 19.43
C VAL H 166 60.76 -61.95 18.93
N GLY H 167 59.86 -61.00 19.07
CA GLY H 167 58.45 -61.21 18.77
C GLY H 167 58.06 -60.63 17.41
N LYS H 168 56.91 -59.96 17.37
CA LYS H 168 56.36 -59.45 16.14
C LYS H 168 55.12 -58.63 16.46
N GLY H 169 54.80 -57.68 15.58
CA GLY H 169 53.58 -56.92 15.71
C GLY H 169 53.63 -55.53 15.08
N ALA H 170 52.54 -55.16 14.41
CA ALA H 170 52.32 -53.79 13.95
C ALA H 170 53.24 -53.41 12.80
N GLY H 171 54.07 -54.35 12.33
CA GLY H 171 54.99 -54.06 11.25
C GLY H 171 54.79 -55.00 10.07
N VAL H 172 55.60 -54.76 9.04
CA VAL H 172 55.63 -55.58 7.83
C VAL H 172 57.04 -56.10 7.65
N TYR H 173 57.30 -57.30 8.17
CA TYR H 173 58.61 -57.92 8.08
C TYR H 173 58.46 -59.37 8.54
N LYS H 174 59.58 -60.07 8.63
CA LYS H 174 59.59 -61.46 9.06
C LYS H 174 60.80 -61.70 9.96
N ILE H 175 60.68 -62.72 10.80
CA ILE H 175 61.74 -63.14 11.70
C ILE H 175 62.29 -64.46 11.20
N VAL H 176 63.61 -64.55 11.08
CA VAL H 176 64.28 -65.73 10.55
C VAL H 176 65.30 -66.18 11.59
N ASN H 177 64.95 -67.18 12.38
CA ASN H 177 65.88 -67.78 13.32
C ASN H 177 66.84 -68.71 12.58
N GLU H 178 68.03 -68.87 13.15
CA GLU H 178 69.07 -69.68 12.55
C GLU H 178 69.68 -70.60 13.60
N SER H 179 70.21 -71.73 13.14
CA SER H 179 70.80 -72.71 14.04
C SER H 179 71.80 -73.56 13.26
N SER H 180 72.74 -74.17 14.00
CA SER H 180 73.74 -75.02 13.37
C SER H 180 73.33 -76.49 13.36
N GLU H 181 72.36 -76.88 14.18
CA GLU H 181 71.94 -78.28 14.25
C GLU H 181 71.01 -78.59 13.09
N THR H 182 71.39 -79.57 12.28
CA THR H 182 70.56 -79.97 11.16
C THR H 182 69.35 -80.77 11.64
N VAL H 183 68.26 -80.69 10.87
CA VAL H 183 67.04 -81.39 11.24
C VAL H 183 67.28 -82.90 11.24
N ALA H 184 68.03 -83.39 10.25
CA ALA H 184 68.22 -84.82 10.10
C ALA H 184 68.81 -85.45 11.35
N THR H 185 69.58 -84.69 12.13
CA THR H 185 70.23 -85.22 13.31
C THR H 185 69.46 -84.94 14.60
N VAL H 186 68.67 -83.87 14.63
CA VAL H 186 67.91 -83.56 15.84
C VAL H 186 66.78 -84.56 16.06
N LEU H 187 66.08 -84.92 14.99
CA LEU H 187 64.87 -85.73 15.14
C LEU H 187 65.09 -87.03 15.89
N PRO H 188 66.17 -87.79 15.66
CA PRO H 188 66.38 -89.01 16.46
C PRO H 188 66.48 -88.74 17.94
N SER H 189 66.83 -87.52 18.36
CA SER H 189 66.96 -87.22 19.77
C SER H 189 65.62 -86.88 20.40
N VAL H 190 64.80 -86.09 19.72
CA VAL H 190 63.51 -85.69 20.30
C VAL H 190 62.60 -86.90 20.46
N ILE H 191 62.60 -87.83 19.50
CA ILE H 191 61.77 -89.01 19.61
C ILE H 191 62.16 -89.86 20.80
N ALA H 192 63.39 -89.74 21.28
CA ALA H 192 63.83 -90.55 22.42
C ALA H 192 63.08 -90.17 23.69
N GLU H 193 62.94 -88.87 23.96
CA GLU H 193 62.27 -88.44 25.19
C GLU H 193 60.81 -88.87 25.20
N ASN H 194 60.11 -88.70 24.08
CA ASN H 194 58.69 -89.03 24.02
C ASN H 194 58.29 -89.29 22.58
N HIS H 195 57.33 -90.19 22.40
CA HIS H 195 56.82 -90.54 21.09
C HIS H 195 55.31 -90.36 20.98
N ASN H 196 54.67 -89.66 21.92
CA ASN H 196 53.23 -89.45 21.86
C ASN H 196 52.88 -88.21 21.05
N TRP H 197 53.19 -88.23 19.75
CA TRP H 197 52.78 -87.16 18.86
C TRP H 197 52.71 -87.71 17.45
N TYR H 198 51.72 -87.24 16.70
CA TYR H 198 51.42 -87.79 15.38
C TYR H 198 51.79 -86.85 14.24
N PHE H 199 51.40 -85.59 14.29
CA PHE H 199 51.71 -84.64 13.24
C PHE H 199 53.08 -84.02 13.47
N LEU H 200 53.82 -83.81 12.38
CA LEU H 200 55.18 -83.29 12.43
C LEU H 200 55.25 -82.02 11.62
N ALA H 201 55.71 -80.94 12.24
CA ALA H 201 55.91 -79.66 11.57
C ALA H 201 57.27 -79.12 11.96
N THR H 202 57.89 -78.38 11.04
CA THR H 202 59.25 -77.92 11.23
C THR H 202 59.34 -76.43 10.92
N GLU H 203 60.05 -75.69 11.77
CA GLU H 203 60.25 -74.26 11.54
C GLU H 203 61.28 -74.02 10.44
N ALA H 204 62.37 -74.78 10.42
CA ALA H 204 63.41 -74.61 9.42
C ALA H 204 62.86 -75.05 8.07
N ARG H 205 62.66 -74.09 7.17
CA ARG H 205 61.98 -74.32 5.91
C ARG H 205 62.94 -74.24 4.72
N SER H 206 64.15 -74.74 4.88
CA SER H 206 65.06 -74.89 3.76
C SER H 206 64.66 -76.10 2.93
N ASP H 207 65.11 -76.11 1.67
CA ASP H 207 64.74 -77.21 0.78
C ASP H 207 65.27 -78.54 1.30
N ALA H 208 66.52 -78.55 1.77
CA ALA H 208 67.11 -79.80 2.26
C ALA H 208 66.53 -80.22 3.59
N ASP H 209 66.24 -79.26 4.48
CA ASP H 209 65.71 -79.61 5.80
C ASP H 209 64.35 -80.27 5.69
N ILE H 210 63.48 -79.74 4.82
CA ILE H 210 62.14 -80.28 4.66
C ILE H 210 62.21 -81.72 4.16
N VAL H 211 63.06 -81.98 3.17
CA VAL H 211 63.16 -83.32 2.61
C VAL H 211 63.65 -84.30 3.66
N ALA H 212 64.57 -83.86 4.51
CA ALA H 212 65.08 -84.75 5.56
C ALA H 212 63.97 -85.18 6.51
N ALA H 213 63.12 -84.24 6.91
CA ALA H 213 62.01 -84.59 7.81
C ALA H 213 61.03 -85.53 7.12
N ALA H 214 60.77 -85.30 5.83
CA ALA H 214 59.82 -86.16 5.12
C ALA H 214 60.28 -87.60 5.11
N GLU H 215 61.58 -87.83 4.87
CA GLU H 215 62.09 -89.19 4.90
C GLU H 215 61.96 -89.80 6.29
N PHE H 216 62.23 -89.02 7.34
CA PHE H 216 62.14 -89.54 8.70
C PHE H 216 60.70 -89.92 9.04
N ALA H 217 59.75 -89.04 8.72
CA ALA H 217 58.36 -89.31 9.08
C ALA H 217 57.84 -90.57 8.40
N LYS H 218 58.21 -90.76 7.13
CA LYS H 218 57.75 -91.94 6.40
C LYS H 218 58.17 -93.23 7.09
N ALA H 219 59.41 -93.27 7.59
CA ALA H 219 59.92 -94.47 8.23
C ALA H 219 59.41 -94.64 9.65
N ASN H 220 58.82 -93.61 10.24
CA ASN H 220 58.32 -93.66 11.61
C ASN H 220 56.81 -93.55 11.68
N TYR H 221 56.11 -93.65 10.54
CA TYR H 221 54.65 -93.61 10.52
C TYR H 221 54.11 -92.37 11.21
N LYS H 222 54.75 -91.24 10.96
CA LYS H 222 54.22 -89.93 11.32
C LYS H 222 53.68 -89.25 10.07
N LEU H 223 52.94 -88.16 10.28
CA LEU H 223 52.38 -87.39 9.18
C LEU H 223 53.08 -86.04 9.13
N HIS H 224 53.56 -85.68 7.94
CA HIS H 224 54.36 -84.48 7.75
C HIS H 224 53.54 -83.41 7.04
N ILE H 225 53.56 -82.19 7.58
CA ILE H 225 52.84 -81.07 7.01
C ILE H 225 53.79 -79.89 6.92
N TYR H 226 53.67 -79.11 5.85
CA TYR H 226 54.54 -77.96 5.64
C TYR H 226 53.87 -76.96 4.71
N ASN H 227 54.00 -75.68 5.05
CA ASN H 227 53.60 -74.60 4.16
C ASN H 227 54.81 -74.07 3.41
N SER H 228 54.55 -73.32 2.35
CA SER H 228 55.63 -72.78 1.53
C SER H 228 55.16 -71.52 0.82
N THR H 229 56.03 -70.51 0.79
CA THR H 229 55.76 -69.27 0.05
C THR H 229 56.35 -69.29 -1.34
N ASP H 230 56.93 -70.42 -1.78
CA ASP H 230 57.65 -70.46 -3.05
C ASP H 230 56.73 -70.04 -4.20
N VAL H 231 57.22 -69.12 -5.03
CA VAL H 231 56.47 -68.70 -6.20
C VAL H 231 56.48 -69.80 -7.26
N ASP H 232 57.49 -70.67 -7.24
CA ASP H 232 57.57 -71.74 -8.23
C ASP H 232 56.46 -72.76 -8.05
N ALA H 233 55.74 -72.71 -6.93
CA ALA H 233 54.69 -73.69 -6.68
C ALA H 233 53.65 -73.68 -7.79
N TYR H 234 53.22 -72.50 -8.23
CA TYR H 234 52.25 -72.37 -9.31
C TYR H 234 52.90 -71.98 -10.63
N ALA H 235 54.22 -72.07 -10.75
CA ALA H 235 54.93 -71.76 -11.98
C ALA H 235 54.54 -72.73 -13.08
N PRO H 236 54.94 -72.50 -14.33
CA PRO H 236 54.58 -73.43 -15.40
C PRO H 236 55.09 -74.83 -15.13
N GLU H 237 54.35 -75.82 -15.64
CA GLU H 237 54.63 -77.22 -15.31
C GLU H 237 56.06 -77.61 -15.65
N ASN H 238 56.66 -76.99 -16.67
CA ASN H 238 57.99 -77.38 -17.08
C ASN H 238 59.04 -77.08 -16.02
N SER H 239 58.87 -76.00 -15.27
CA SER H 239 59.89 -75.56 -14.31
C SER H 239 59.77 -76.41 -13.05
N ALA H 240 60.66 -77.40 -12.94
CA ALA H 240 60.71 -78.25 -11.76
C ALA H 240 61.72 -77.73 -10.75
N ALA H 241 61.57 -76.46 -10.37
CA ALA H 241 62.51 -75.82 -9.45
C ALA H 241 61.95 -75.67 -8.03
N SER H 242 60.80 -76.25 -7.74
CA SER H 242 60.15 -76.09 -6.45
C SER H 242 60.35 -77.34 -5.61
N VAL H 243 60.20 -77.18 -4.29
CA VAL H 243 60.29 -78.32 -3.38
C VAL H 243 59.20 -79.34 -3.67
N PHE H 244 58.03 -78.86 -4.12
CA PHE H 244 56.94 -79.78 -4.43
C PHE H 244 57.34 -80.78 -5.50
N ASP H 245 58.07 -80.32 -6.52
CA ASP H 245 58.51 -81.22 -7.58
C ASP H 245 59.44 -82.30 -7.04
N THR H 246 60.36 -81.92 -6.15
CA THR H 246 61.32 -82.89 -5.64
C THR H 246 60.63 -84.01 -4.88
N LEU H 247 59.66 -83.67 -4.03
CA LEU H 247 58.94 -84.70 -3.29
C LEU H 247 58.13 -85.60 -4.21
N LYS H 248 57.50 -85.02 -5.23
CA LYS H 248 56.71 -85.83 -6.15
C LYS H 248 57.58 -86.89 -6.82
N SER H 249 58.79 -86.52 -7.23
CA SER H 249 59.68 -87.49 -7.86
C SER H 249 60.07 -88.61 -6.89
N LEU H 250 60.31 -88.27 -5.63
CA LEU H 250 60.72 -89.25 -4.63
C LEU H 250 59.58 -90.15 -4.18
N SER H 251 58.34 -89.84 -4.58
CA SER H 251 57.18 -90.65 -4.20
C SER H 251 56.95 -90.64 -2.69
N TYR H 252 57.35 -89.55 -2.04
CA TYR H 252 57.07 -89.40 -0.62
C TYR H 252 55.62 -88.99 -0.40
N ASP H 253 55.15 -89.14 0.83
CA ASP H 253 53.79 -88.79 1.22
C ASP H 253 53.84 -87.68 2.26
N SER H 254 53.50 -86.47 1.84
CA SER H 254 53.46 -85.32 2.74
C SER H 254 52.44 -84.33 2.20
N LEU H 255 51.73 -83.67 3.11
CA LEU H 255 50.70 -82.72 2.75
C LEU H 255 51.29 -81.31 2.77
N GLY H 256 51.45 -80.74 1.58
CA GLY H 256 51.96 -79.40 1.43
C GLY H 256 50.95 -78.51 0.72
N THR H 257 50.89 -77.25 1.13
CA THR H 257 50.00 -76.27 0.53
C THR H 257 50.71 -74.93 0.45
N SER H 258 50.52 -74.24 -0.68
CA SER H 258 51.16 -72.95 -0.91
C SER H 258 50.37 -71.86 -0.19
N ASP H 259 51.07 -70.99 0.52
CA ASP H 259 50.43 -69.90 1.25
C ASP H 259 51.44 -68.77 1.40
N ALA H 260 50.98 -67.54 1.27
CA ALA H 260 51.85 -66.37 1.34
C ALA H 260 52.35 -66.07 2.74
N GLY H 261 51.60 -66.40 3.77
CA GLY H 261 52.01 -66.17 5.14
C GLY H 261 52.74 -67.33 5.79
N ALA H 262 53.17 -68.31 5.01
CA ALA H 262 53.79 -69.51 5.57
C ALA H 262 55.00 -69.19 6.44
N ASP H 263 55.69 -68.08 6.16
CA ASP H 263 56.87 -67.69 6.93
C ASP H 263 56.64 -66.50 7.84
N VAL H 264 55.42 -65.97 7.90
CA VAL H 264 55.13 -64.85 8.80
C VAL H 264 54.10 -65.23 9.85
N ASP H 265 53.28 -66.23 9.59
CA ASP H 265 52.24 -66.64 10.54
C ASP H 265 52.34 -68.12 10.88
N PHE H 266 53.07 -68.89 10.08
CA PHE H 266 53.23 -70.33 10.30
C PHE H 266 51.87 -71.00 10.37
N THR H 267 51.17 -70.94 9.22
CA THR H 267 49.79 -71.40 9.13
C THR H 267 49.65 -72.91 9.23
N GLU H 268 50.73 -73.66 9.46
CA GLU H 268 50.60 -75.09 9.65
C GLU H 268 49.63 -75.39 10.78
N GLY H 269 49.60 -74.55 11.81
CA GLY H 269 48.68 -74.79 12.92
C GLY H 269 47.23 -74.78 12.49
N SER H 270 46.86 -73.88 11.59
CA SER H 270 45.49 -73.85 11.11
C SER H 270 45.12 -75.14 10.39
N VAL H 271 46.03 -75.68 9.59
CA VAL H 271 45.75 -76.95 8.90
C VAL H 271 45.59 -78.06 9.90
N ILE H 272 46.49 -78.14 10.89
CA ILE H 272 46.40 -79.18 11.91
C ILE H 272 45.15 -79.00 12.75
N GLY H 273 44.74 -77.75 12.99
CA GLY H 273 43.57 -77.51 13.82
C GLY H 273 42.30 -78.11 13.27
N ALA H 274 42.29 -78.47 11.99
CA ALA H 274 41.12 -79.07 11.36
C ALA H 274 41.25 -80.57 11.18
N MET H 275 42.23 -81.20 11.83
CA MET H 275 42.44 -82.64 11.67
C MET H 275 42.66 -83.34 13.01
N ALA H 276 43.05 -82.61 14.04
CA ALA H 276 43.47 -83.25 15.28
C ALA H 276 42.37 -84.11 15.88
N ALA H 277 41.14 -83.59 15.93
CA ALA H 277 40.03 -84.30 16.56
C ALA H 277 39.18 -85.06 15.56
N ASN H 278 39.57 -85.09 14.29
CA ASN H 278 38.80 -85.75 13.24
C ASN H 278 39.26 -87.21 13.15
N ASP H 279 38.51 -88.11 13.76
CA ASP H 279 38.87 -89.52 13.72
C ASP H 279 38.73 -90.05 12.30
N PRO H 280 39.72 -90.80 11.78
CA PRO H 280 39.63 -91.25 10.40
C PRO H 280 38.49 -92.20 10.12
N SER H 281 37.88 -92.79 11.14
CA SER H 281 36.90 -93.85 10.92
C SER H 281 35.66 -93.38 10.15
N TYR H 282 35.42 -92.08 10.05
CA TYR H 282 34.29 -91.58 9.28
C TYR H 282 34.59 -91.41 7.80
N GLY H 283 35.86 -91.53 7.40
CA GLY H 283 36.19 -91.33 6.00
C GLY H 283 36.03 -89.91 5.50
N ASP H 284 35.93 -88.93 6.39
CA ASP H 284 35.81 -87.56 5.97
C ASP H 284 37.17 -87.04 5.48
N SER H 285 37.13 -86.05 4.60
CA SER H 285 38.33 -85.53 3.95
C SER H 285 38.47 -84.05 4.26
N LEU H 286 39.53 -83.43 3.71
CA LEU H 286 39.81 -82.02 3.91
C LEU H 286 39.18 -81.13 2.86
N HIS H 287 38.37 -81.68 1.97
CA HIS H 287 37.73 -80.86 0.94
C HIS H 287 36.73 -79.90 1.56
N LEU H 288 36.84 -78.63 1.19
CA LEU H 288 35.87 -77.59 1.57
C LEU H 288 35.93 -77.24 3.05
N LYS H 289 36.88 -77.81 3.79
CA LYS H 289 37.00 -77.46 5.20
C LYS H 289 37.54 -76.04 5.36
N THR H 290 37.14 -75.39 6.45
CA THR H 290 37.50 -73.99 6.67
C THR H 290 38.74 -73.90 7.55
N MET H 291 39.72 -73.15 7.09
CA MET H 291 40.93 -72.90 7.86
C MET H 291 40.86 -71.49 8.44
N PRO H 292 40.69 -71.33 9.75
CA PRO H 292 40.56 -69.98 10.35
C PRO H 292 41.89 -69.26 10.57
N GLY H 293 42.32 -68.51 9.54
CA GLY H 293 43.53 -67.73 9.65
C GLY H 293 44.32 -67.64 8.37
N MET H 294 44.09 -68.58 7.44
CA MET H 294 44.74 -68.51 6.15
C MET H 294 44.06 -67.48 5.27
N VAL H 295 44.69 -67.12 4.17
CA VAL H 295 44.21 -66.10 3.25
C VAL H 295 43.91 -66.76 1.90
N PRO H 296 42.84 -66.37 1.21
CA PRO H 296 42.53 -67.01 -0.08
C PRO H 296 43.64 -66.84 -1.10
N PHE H 297 43.80 -67.85 -1.95
CA PHE H 297 44.77 -67.79 -3.03
C PHE H 297 44.32 -66.80 -4.10
N ALA H 298 45.27 -66.07 -4.68
CA ALA H 298 44.92 -64.95 -5.55
C ALA H 298 45.31 -65.20 -7.00
N GLY H 299 46.31 -66.05 -7.23
CA GLY H 299 46.87 -66.20 -8.57
C GLY H 299 45.82 -66.62 -9.58
N SER H 300 45.41 -65.70 -10.44
CA SER H 300 44.52 -65.92 -11.59
C SER H 300 43.72 -67.22 -11.53
N ASP H 301 43.67 -67.94 -12.65
CA ASP H 301 43.01 -69.25 -12.69
C ASP H 301 43.95 -70.29 -13.28
N THR H 302 44.75 -69.88 -14.27
CA THR H 302 45.77 -70.79 -14.80
C THR H 302 46.79 -71.15 -13.73
N GLN H 303 47.19 -70.17 -12.92
CA GLN H 303 48.11 -70.47 -11.82
C GLN H 303 47.53 -71.54 -10.91
N ARG H 304 46.21 -71.53 -10.70
CA ARG H 304 45.59 -72.59 -9.94
C ARG H 304 45.77 -73.94 -10.64
N SER H 305 45.67 -73.95 -11.96
CA SER H 305 45.87 -75.19 -12.70
C SER H 305 47.28 -75.74 -12.51
N ASN H 306 48.29 -74.86 -12.54
CA ASN H 306 49.66 -75.30 -12.39
C ASN H 306 49.88 -75.93 -11.02
N ALA H 307 49.35 -75.31 -9.97
CA ALA H 307 49.53 -75.84 -8.63
C ALA H 307 48.89 -77.22 -8.49
N TRP H 308 47.72 -77.41 -9.10
CA TRP H 308 47.04 -78.70 -8.97
C TRP H 308 47.88 -79.82 -9.54
N SER H 309 48.48 -79.62 -10.71
CA SER H 309 49.37 -80.64 -11.26
C SER H 309 50.59 -80.83 -10.39
N ARG H 310 50.91 -79.85 -9.56
CA ARG H 310 52.07 -79.93 -8.68
C ARG H 310 51.78 -80.69 -7.39
N ASN H 311 50.52 -81.09 -7.18
CA ASN H 311 50.08 -81.62 -5.89
C ASN H 311 50.36 -80.60 -4.78
N ALA H 312 50.16 -79.33 -5.09
CA ALA H 312 50.33 -78.23 -4.14
C ALA H 312 48.95 -77.64 -3.86
N ASN H 313 48.34 -78.05 -2.76
CA ASN H 313 47.01 -77.60 -2.42
C ASN H 313 47.00 -76.11 -2.11
N ILE H 314 45.84 -75.48 -2.32
CA ILE H 314 45.69 -74.05 -2.13
C ILE H 314 44.45 -73.77 -1.29
N TYR H 315 44.46 -72.64 -0.60
CA TYR H 315 43.30 -72.14 0.12
C TYR H 315 42.59 -71.14 -0.78
N ARG H 316 41.34 -71.44 -1.14
CA ARG H 316 40.61 -70.66 -2.12
C ARG H 316 39.30 -70.18 -1.54
N GLY H 317 38.98 -68.93 -1.80
CA GLY H 317 37.76 -68.33 -1.28
C GLY H 317 36.65 -68.30 -2.31
N LEU H 318 35.47 -68.75 -1.90
CA LEU H 318 34.30 -68.78 -2.77
C LEU H 318 33.08 -68.42 -1.96
N TYR H 319 32.19 -67.65 -2.57
CA TYR H 319 30.90 -67.31 -1.97
C TYR H 319 31.10 -66.69 -0.58
N GLY H 320 32.08 -65.80 -0.46
CA GLY H 320 32.31 -65.08 0.76
C GLY H 320 33.18 -65.77 1.78
N GLY H 321 33.24 -67.10 1.77
CA GLY H 321 34.03 -67.85 2.72
C GLY H 321 35.33 -68.36 2.13
N GLY H 322 36.05 -69.10 2.96
CA GLY H 322 37.29 -69.75 2.55
C GLY H 322 37.13 -71.25 2.58
N SER H 323 37.69 -71.92 1.57
CA SER H 323 37.53 -73.37 1.44
C SER H 323 38.85 -73.99 1.00
N TYR H 324 39.27 -75.02 1.74
CA TYR H 324 40.44 -75.80 1.36
C TYR H 324 40.05 -76.81 0.30
N ILE H 325 40.78 -76.84 -0.81
CA ILE H 325 40.41 -77.62 -1.98
C ILE H 325 41.37 -78.78 -2.14
N GLU H 326 40.86 -80.00 -1.95
CA GLU H 326 41.60 -81.22 -2.20
C GLU H 326 42.82 -81.36 -1.31
N GLY H 327 42.95 -82.50 -0.64
CA GLY H 327 44.10 -82.77 0.19
C GLY H 327 45.04 -83.78 -0.42
N LYS H 328 45.25 -83.70 -1.72
CA LYS H 328 46.17 -84.63 -2.40
C LYS H 328 47.55 -84.52 -1.78
N THR H 329 48.17 -85.66 -1.51
CA THR H 329 49.52 -85.69 -0.99
C THR H 329 50.53 -85.58 -2.12
N SER H 330 51.82 -85.56 -1.75
CA SER H 330 52.87 -85.39 -2.74
C SER H 330 52.84 -86.49 -3.79
N SER H 331 52.49 -87.71 -3.40
CA SER H 331 52.48 -88.83 -4.34
C SER H 331 51.21 -88.86 -5.19
N GLY H 332 50.19 -88.10 -4.84
CA GLY H 332 48.94 -88.07 -5.56
C GLY H 332 47.79 -88.75 -4.85
N GLN H 333 48.07 -89.57 -3.84
CA GLN H 333 47.01 -90.20 -3.07
C GLN H 333 46.33 -89.17 -2.16
N TYR H 334 45.02 -89.29 -2.04
CA TYR H 334 44.26 -88.39 -1.20
C TYR H 334 44.65 -88.60 0.27
N VAL H 335 44.63 -87.50 1.04
CA VAL H 335 45.07 -87.57 2.42
C VAL H 335 44.17 -88.47 3.24
N ASP H 336 42.85 -88.40 3.04
CA ASP H 336 41.94 -89.19 3.87
C ASP H 336 42.23 -90.68 3.74
N VAL H 337 42.72 -91.12 2.58
CA VAL H 337 43.09 -92.51 2.43
C VAL H 337 44.31 -92.83 3.26
N ILE H 338 45.31 -91.93 3.26
CA ILE H 338 46.54 -92.17 4.01
C ILE H 338 46.24 -92.24 5.51
N ARG H 339 45.44 -91.32 6.02
CA ARG H 339 45.09 -91.36 7.43
C ARG H 339 44.34 -92.63 7.77
N PHE H 340 43.47 -93.11 6.88
CA PHE H 340 42.77 -94.35 7.14
C PHE H 340 43.74 -95.52 7.27
N SER H 341 44.75 -95.59 6.41
CA SER H 341 45.71 -96.68 6.48
C SER H 341 46.43 -96.69 7.82
N HIS H 342 46.88 -95.52 8.28
CA HIS H 342 47.52 -95.45 9.59
C HIS H 342 46.54 -95.78 10.70
N TRP H 343 45.28 -95.35 10.58
CA TRP H 343 44.28 -95.69 11.58
C TRP H 343 44.07 -97.19 11.65
N VAL H 344 44.02 -97.86 10.49
CA VAL H 344 43.84 -99.31 10.49
C VAL H 344 45.02 -99.99 11.17
N LYS H 345 46.24 -99.56 10.87
CA LYS H 345 47.42 -100.18 11.46
C LYS H 345 47.41 -100.04 12.98
N PHE H 346 47.25 -98.80 13.47
CA PHE H 346 47.39 -98.57 14.90
C PHE H 346 46.31 -99.28 15.70
N ARG H 347 45.06 -99.27 15.24
CA ARG H 347 43.97 -99.82 16.03
C ARG H 347 43.88 -101.33 15.96
N MET H 348 44.64 -101.98 15.07
CA MET H 348 44.69 -103.44 15.05
C MET H 348 45.81 -103.97 15.94
N GLU H 349 46.92 -103.23 16.04
CA GLU H 349 47.98 -103.64 16.96
C GLU H 349 47.51 -103.58 18.40
N GLU H 350 46.89 -102.47 18.80
CA GLU H 350 46.44 -102.33 20.18
C GLU H 350 45.39 -103.37 20.52
N SER H 351 44.45 -103.62 19.61
CA SER H 351 43.39 -104.57 19.88
C SER H 351 43.91 -105.97 20.12
N VAL H 352 44.81 -106.47 19.26
CA VAL H 352 45.37 -107.80 19.49
C VAL H 352 46.30 -107.80 20.68
N PHE H 353 47.14 -106.77 20.80
CA PHE H 353 48.06 -106.70 21.94
C PHE H 353 47.29 -106.66 23.25
N ALA H 354 46.26 -105.82 23.33
CA ALA H 354 45.47 -105.71 24.55
C ALA H 354 44.78 -107.00 24.94
N TYR H 355 44.49 -107.88 23.97
CA TYR H 355 43.87 -109.16 24.27
C TYR H 355 44.86 -110.16 24.85
N MET H 356 46.09 -110.17 24.32
CA MET H 356 47.10 -111.10 24.83
C MET H 356 47.48 -110.77 26.27
N LYS H 357 47.54 -109.49 26.62
CA LYS H 357 47.90 -109.12 27.98
C LYS H 357 46.81 -109.52 28.97
N ARG H 358 45.54 -109.48 28.56
CA ARG H 358 44.46 -109.89 29.45
C ARG H 358 44.53 -111.38 29.72
N ARG H 359 45.24 -112.12 28.86
CA ARG H 359 45.38 -113.56 29.02
C ARG H 359 46.71 -113.90 29.68
N SER H 360 47.73 -113.08 29.42
CA SER H 360 49.04 -113.34 30.02
C SER H 360 49.05 -113.00 31.50
N ASP H 361 48.25 -112.03 31.91
CA ASP H 361 48.18 -111.62 33.30
C ASP H 361 47.26 -112.50 34.14
N MET H 362 46.47 -113.37 33.51
CA MET H 362 45.64 -114.33 34.21
C MET H 362 46.34 -115.66 34.41
N GLY H 363 47.56 -115.80 33.90
CA GLY H 363 48.28 -117.06 33.98
C GLY H 363 47.98 -117.97 32.82
N LEU H 364 46.86 -117.73 32.15
CA LEU H 364 46.44 -118.55 31.02
C LEU H 364 46.85 -117.92 29.70
N SER H 365 48.17 -117.84 29.47
CA SER H 365 48.66 -117.21 28.26
C SER H 365 48.16 -117.96 27.03
N MET H 366 47.99 -117.22 25.94
CA MET H 366 47.48 -117.80 24.71
C MET H 366 48.48 -118.78 24.13
N LYS H 367 47.97 -119.85 23.52
CA LYS H 367 48.79 -120.93 23.01
C LYS H 367 48.44 -121.21 21.56
N MET H 368 49.42 -121.71 20.81
CA MET H 368 49.28 -121.95 19.37
C MET H 368 48.63 -123.31 19.15
N SER H 369 47.30 -123.29 19.01
CA SER H 369 46.55 -124.50 18.72
C SER H 369 45.26 -124.10 18.00
N ASP H 370 44.67 -125.07 17.31
CA ASP H 370 43.44 -124.82 16.56
C ASP H 370 42.25 -124.50 17.44
N GLU H 371 42.35 -124.75 18.75
CA GLU H 371 41.26 -124.44 19.67
C GLU H 371 41.34 -123.03 20.23
N ASP H 372 42.40 -122.29 19.93
CA ASP H 372 42.59 -120.94 20.44
C ASP H 372 42.78 -119.90 19.35
N LEU H 373 43.49 -120.24 18.27
CA LEU H 373 43.71 -119.27 17.20
C LEU H 373 42.42 -118.72 16.61
N PRO H 374 41.36 -119.50 16.37
CA PRO H 374 40.17 -118.94 15.72
C PRO H 374 39.53 -117.79 16.48
N VAL H 375 39.83 -117.63 17.77
CA VAL H 375 39.16 -116.60 18.55
C VAL H 375 39.46 -115.20 18.01
N LEU H 376 40.58 -115.05 17.30
CA LEU H 376 40.97 -113.73 16.81
C LEU H 376 39.90 -113.08 15.96
N LYS H 377 39.06 -113.87 15.27
CA LYS H 377 38.03 -113.28 14.44
C LYS H 377 37.07 -112.45 15.27
N SER H 378 36.83 -112.86 16.52
CA SER H 378 35.98 -112.06 17.41
C SER H 378 36.70 -110.82 17.91
N VAL H 379 38.02 -110.87 18.03
CA VAL H 379 38.78 -109.72 18.51
C VAL H 379 38.89 -108.67 17.42
N LEU H 380 39.39 -109.07 16.24
CA LEU H 380 39.56 -108.12 15.15
C LEU H 380 38.23 -107.54 14.69
N MET H 381 37.19 -108.37 14.59
CA MET H 381 35.90 -107.86 14.16
C MET H 381 35.32 -106.88 15.20
N ASN H 382 35.80 -106.96 16.44
CA ASN H 382 35.18 -106.18 17.51
C ASN H 382 35.68 -104.75 17.52
N ASN H 383 36.95 -104.55 17.81
CA ASN H 383 37.43 -103.18 18.05
C ASN H 383 37.63 -102.41 16.75
N PRO H 384 38.53 -102.84 15.86
CA PRO H 384 38.78 -102.02 14.64
C PRO H 384 37.64 -102.06 13.63
N ILE H 385 37.22 -103.26 13.25
CA ILE H 385 36.33 -103.39 12.08
C ILE H 385 34.95 -102.83 12.39
N ASN H 386 34.36 -103.23 13.51
CA ASN H 386 32.98 -102.87 13.78
C ASN H 386 32.81 -101.36 13.90
N ILE H 387 33.81 -100.67 14.46
CA ILE H 387 33.72 -99.22 14.57
C ILE H 387 33.63 -98.58 13.20
N GLY H 388 34.44 -99.05 12.25
CA GLY H 388 34.42 -98.48 10.91
C GLY H 388 33.05 -98.58 10.27
N ILE H 389 32.43 -99.75 10.36
CA ILE H 389 31.12 -99.96 9.74
C ILE H 389 30.08 -99.04 10.37
N ARG H 390 30.11 -98.90 11.69
CA ARG H 390 29.14 -98.05 12.37
C ARG H 390 29.25 -96.61 11.90
N ASN H 391 30.48 -96.11 11.74
CA ASN H 391 30.71 -94.73 11.35
C ASN H 391 30.65 -94.50 9.85
N GLY H 392 30.49 -95.56 9.05
CA GLY H 392 30.36 -95.43 7.62
C GLY H 392 31.66 -95.43 6.85
N GLY H 393 32.79 -95.62 7.51
CA GLY H 393 34.07 -95.61 6.82
C GLY H 393 34.36 -96.85 6.01
N ILE H 394 33.65 -97.95 6.25
CA ILE H 394 33.89 -99.22 5.56
C ILE H 394 32.63 -99.63 4.84
N LEU H 395 32.74 -99.88 3.54
CA LEU H 395 31.61 -100.31 2.74
C LEU H 395 31.25 -101.76 3.03
N THR H 396 29.97 -102.08 2.89
CA THR H 396 29.48 -103.44 3.02
C THR H 396 28.29 -103.62 2.09
N GLY H 397 28.03 -104.88 1.74
CA GLY H 397 26.89 -105.19 0.89
C GLY H 397 27.25 -106.04 -0.32
N TYR H 398 26.79 -105.60 -1.49
CA TYR H 398 26.96 -106.37 -2.72
C TYR H 398 27.21 -105.40 -3.87
N ASP H 399 27.91 -105.89 -4.89
CA ASP H 399 28.21 -105.12 -6.09
C ASP H 399 27.44 -105.72 -7.25
N THR H 400 26.68 -104.88 -7.95
CA THR H 400 25.81 -105.37 -9.01
C THR H 400 26.50 -105.50 -10.36
N GLU H 401 27.72 -104.96 -10.50
CA GLU H 401 28.45 -105.02 -11.77
C GLU H 401 29.56 -106.05 -11.72
N ASN H 402 30.48 -105.93 -10.76
CA ASN H 402 31.52 -106.94 -10.60
C ASN H 402 30.97 -108.24 -10.03
N LYS H 403 29.78 -108.19 -9.41
CA LYS H 403 29.13 -109.35 -8.81
C LYS H 403 29.90 -109.92 -7.64
N VAL H 404 30.56 -109.07 -6.84
CA VAL H 404 31.30 -109.51 -5.66
C VAL H 404 30.73 -108.83 -4.44
N SER H 405 30.98 -109.41 -3.28
CA SER H 405 30.51 -108.85 -2.01
C SER H 405 31.64 -108.10 -1.31
N TYR H 406 31.26 -107.05 -0.58
CA TYR H 406 32.25 -106.20 0.08
C TYR H 406 32.50 -106.58 1.53
N ASP H 407 31.85 -107.62 2.03
CA ASP H 407 31.97 -107.93 3.44
C ASP H 407 33.42 -108.23 3.79
N PRO H 408 33.94 -107.69 4.91
CA PRO H 408 35.32 -107.98 5.29
C PRO H 408 35.57 -109.46 5.54
N THR H 409 36.74 -109.94 5.12
CA THR H 409 37.09 -111.34 5.34
C THR H 409 38.33 -111.43 6.23
N ILE H 410 38.38 -112.49 7.04
CA ILE H 410 39.49 -112.76 7.93
C ILE H 410 39.84 -114.24 7.80
N ILE H 411 41.09 -114.54 7.48
CA ILE H 411 41.56 -115.90 7.30
C ILE H 411 42.68 -116.15 8.30
N ILE H 412 42.58 -117.26 9.03
CA ILE H 412 43.58 -117.63 10.04
C ILE H 412 44.12 -119.01 9.68
N PRO H 413 45.44 -119.24 9.80
CA PRO H 413 45.98 -120.56 9.42
C PRO H 413 45.69 -121.63 10.46
N LYS H 414 46.23 -122.83 10.24
CA LYS H 414 46.07 -123.95 11.15
C LYS H 414 47.44 -124.43 11.62
N ARG H 415 47.46 -125.03 12.82
CA ARG H 415 48.73 -125.47 13.39
C ARG H 415 49.47 -126.39 12.44
N ALA H 416 48.75 -127.28 11.74
CA ALA H 416 49.39 -128.17 10.79
C ALA H 416 50.02 -127.42 9.62
N ASN H 417 49.66 -126.17 9.40
CA ASN H 417 50.15 -125.39 8.28
C ASN H 417 51.26 -124.42 8.66
N ILE H 418 51.77 -124.51 9.88
CA ILE H 418 52.81 -123.61 10.38
C ILE H 418 54.15 -124.35 10.29
N PRO H 419 55.18 -123.75 9.69
CA PRO H 419 56.47 -124.44 9.62
C PRO H 419 57.05 -124.69 11.00
N THR H 420 57.83 -125.77 11.11
CA THR H 420 58.43 -126.12 12.39
C THR H 420 59.28 -124.99 12.93
N ASN H 421 59.92 -124.21 12.04
CA ASN H 421 60.78 -123.13 12.49
C ASN H 421 59.99 -122.08 13.27
N ASP H 422 58.80 -121.71 12.80
CA ASP H 422 58.01 -120.69 13.47
C ASP H 422 57.57 -121.12 14.86
N LEU H 423 57.24 -122.40 15.06
CA LEU H 423 56.87 -122.86 16.39
C LEU H 423 58.02 -122.66 17.38
N ALA H 424 59.26 -122.86 16.93
CA ALA H 424 60.41 -122.62 17.79
C ALA H 424 60.50 -121.14 18.16
N ALA H 425 60.28 -120.25 17.18
CA ALA H 425 60.35 -118.83 17.45
C ALA H 425 59.09 -118.31 18.13
N ARG H 426 58.00 -119.07 18.11
CA ARG H 426 56.76 -118.68 18.76
C ARG H 426 56.17 -117.42 18.12
N ILE H 427 56.13 -117.39 16.79
CA ILE H 427 55.58 -116.26 16.05
C ILE H 427 54.62 -116.78 14.99
N LEU H 428 53.43 -116.19 14.92
CA LEU H 428 52.45 -116.52 13.90
C LEU H 428 52.58 -115.57 12.73
N ARG H 429 52.21 -116.05 11.55
CA ARG H 429 52.34 -115.27 10.33
C ARG H 429 51.19 -115.58 9.39
N ASP H 430 51.05 -114.74 8.36
CA ASP H 430 50.14 -114.99 7.24
C ASP H 430 48.67 -114.83 7.63
N VAL H 431 48.40 -113.96 8.61
CA VAL H 431 47.01 -113.56 8.85
C VAL H 431 46.63 -112.50 7.85
N LYS H 432 45.51 -112.71 7.14
CA LYS H 432 45.12 -111.87 6.03
C LYS H 432 43.75 -111.26 6.29
N VAL H 433 43.59 -110.00 5.91
CA VAL H 433 42.33 -109.27 6.11
C VAL H 433 42.06 -108.46 4.85
N GLU H 434 40.78 -108.22 4.58
CA GLU H 434 40.35 -107.42 3.44
C GLU H 434 39.31 -106.41 3.88
N LEU H 435 39.35 -105.22 3.27
CA LEU H 435 38.42 -104.16 3.56
C LEU H 435 38.14 -103.38 2.29
N VAL H 436 37.05 -102.63 2.30
CA VAL H 436 36.68 -101.73 1.21
C VAL H 436 36.52 -100.34 1.78
N TYR H 437 37.16 -99.36 1.15
CA TYR H 437 37.06 -97.98 1.60
C TYR H 437 35.87 -97.28 0.98
N ASN H 438 35.34 -96.29 1.69
CA ASN H 438 34.21 -95.51 1.23
C ASN H 438 34.69 -94.11 0.84
N ASN H 439 34.44 -93.73 -0.41
CA ASN H 439 34.99 -92.50 -0.97
C ASN H 439 33.97 -91.37 -0.87
N SER H 440 34.44 -90.22 -0.39
CA SER H 440 33.59 -89.02 -0.31
C SER H 440 33.35 -88.45 -1.69
N LEU H 441 32.55 -87.39 -1.77
CA LEU H 441 32.21 -86.73 -3.02
C LEU H 441 32.92 -85.39 -3.10
N HIS H 442 33.57 -85.13 -4.23
CA HIS H 442 34.34 -83.90 -4.41
C HIS H 442 33.79 -82.99 -5.50
N TYR H 443 33.37 -83.54 -6.63
CA TYR H 443 32.94 -82.75 -7.76
C TYR H 443 31.60 -83.26 -8.26
N VAL H 444 30.82 -82.33 -8.83
CA VAL H 444 29.50 -82.65 -9.35
C VAL H 444 29.25 -81.81 -10.61
N LYS H 445 28.53 -82.40 -11.55
CA LYS H 445 28.19 -81.74 -12.80
C LYS H 445 26.70 -81.83 -13.03
N ILE H 446 26.15 -80.80 -13.68
CA ILE H 446 24.72 -80.70 -13.92
C ILE H 446 24.49 -80.29 -15.37
N ARG H 447 23.39 -80.79 -15.94
CA ARG H 447 22.98 -80.44 -17.30
C ARG H 447 21.54 -79.96 -17.26
N ALA H 448 21.36 -78.66 -16.99
CA ALA H 448 20.03 -78.08 -16.95
C ALA H 448 19.56 -77.75 -18.36
N SER H 449 18.26 -77.54 -18.49
CA SER H 449 17.67 -77.18 -19.78
C SER H 449 16.51 -76.23 -19.54
N VAL H 450 16.21 -75.42 -20.55
CA VAL H 450 15.16 -74.43 -20.48
C VAL H 450 14.29 -74.53 -21.73
N VAL H 451 12.98 -74.50 -21.51
CA VAL H 451 12.00 -74.56 -22.59
C VAL H 451 11.33 -73.20 -22.69
N LEU H 452 11.19 -72.71 -23.92
CA LEU H 452 10.67 -71.37 -24.17
C LEU H 452 9.18 -71.31 -24.41
N ASP H 453 8.61 -72.23 -25.20
CA ASP H 453 7.19 -72.16 -25.50
C ASP H 453 6.71 -73.48 -26.09
N ARG H 454 5.69 -74.05 -25.44
CA ARG H 454 4.91 -75.16 -25.96
C ARG H 454 5.77 -76.23 -26.61
N PRO H 455 6.50 -77.03 -25.83
CA PRO H 455 7.23 -78.16 -26.43
C PRO H 455 6.28 -79.12 -27.12
N ALA H 456 6.78 -79.74 -28.19
CA ALA H 456 5.93 -80.60 -29.01
C ALA H 456 5.47 -81.82 -28.22
N GLY H 457 4.31 -82.34 -28.60
CA GLY H 457 3.74 -83.50 -27.95
C GLY H 457 4.66 -84.70 -27.96
N GLN H 458 4.73 -85.43 -26.85
CA GLN H 458 5.65 -86.55 -26.74
C GLN H 458 5.06 -87.81 -27.37
N SER H 459 5.91 -88.81 -27.54
CA SER H 459 5.47 -90.08 -28.12
C SER H 459 4.42 -90.73 -27.22
N THR H 460 3.46 -91.41 -27.85
CA THR H 460 2.34 -91.98 -27.12
C THR H 460 2.57 -93.44 -26.76
N ASN H 461 3.78 -93.95 -27.01
CA ASN H 461 4.07 -95.35 -26.74
C ASN H 461 3.83 -95.66 -25.27
N ALA H 462 3.10 -96.74 -25.00
CA ALA H 462 2.71 -97.10 -23.64
C ALA H 462 3.10 -98.55 -23.30
N GLN H 463 4.12 -99.09 -23.95
CA GLN H 463 4.60 -100.43 -23.67
C GLN H 463 5.83 -100.37 -22.77
N THR H 464 6.11 -101.49 -22.11
CA THR H 464 7.32 -101.59 -21.33
C THR H 464 8.52 -101.56 -22.27
N PRO H 465 9.52 -100.70 -22.04
CA PRO H 465 10.63 -100.59 -22.98
C PRO H 465 11.48 -101.85 -22.99
N MET H 466 11.56 -102.50 -24.16
CA MET H 466 12.42 -103.67 -24.30
C MET H 466 13.86 -103.26 -24.03
N SER H 467 14.57 -104.09 -23.26
CA SER H 467 15.90 -103.74 -22.79
C SER H 467 17.02 -104.22 -23.72
N SER H 468 16.70 -104.93 -24.79
CA SER H 468 17.73 -105.42 -25.69
C SER H 468 17.13 -105.69 -27.06
N SER H 469 17.96 -105.50 -28.08
CA SER H 469 17.55 -105.79 -29.44
C SER H 469 17.51 -107.30 -29.68
N ALA H 470 16.48 -107.75 -30.39
CA ALA H 470 16.31 -109.18 -30.64
C ALA H 470 17.47 -109.75 -31.44
N VAL H 471 17.92 -109.05 -32.46
CA VAL H 471 18.96 -109.55 -33.35
C VAL H 471 20.32 -109.36 -32.69
N GLY H 472 20.97 -110.47 -32.35
CA GLY H 472 22.31 -110.43 -31.78
C GLY H 472 23.18 -111.56 -32.26
N VAL H 473 22.69 -112.33 -33.22
CA VAL H 473 23.42 -113.48 -33.75
C VAL H 473 23.40 -113.43 -35.27
N GLU I 3 -1.31 -58.83 82.97
CA GLU I 3 -1.43 -57.35 83.01
C GLU I 3 -2.88 -56.90 83.07
N TYR I 4 -3.12 -55.75 83.71
CA TYR I 4 -4.45 -55.20 83.88
C TYR I 4 -4.66 -54.05 82.91
N GLN I 5 -5.81 -54.06 82.23
CA GLN I 5 -6.16 -53.01 81.26
C GLN I 5 -7.49 -52.40 81.69
N ASP I 6 -7.44 -51.17 82.20
CA ASP I 6 -8.66 -50.49 82.62
C ASP I 6 -9.58 -50.27 81.44
N LYS I 7 -9.03 -49.86 80.30
CA LYS I 7 -9.84 -49.53 79.13
C LYS I 7 -10.08 -50.79 78.31
N VAL I 8 -11.35 -51.13 78.10
CA VAL I 8 -11.67 -52.27 77.23
C VAL I 8 -11.17 -52.01 75.82
N VAL I 9 -11.40 -50.81 75.31
CA VAL I 9 -10.88 -50.38 74.01
C VAL I 9 -10.04 -49.15 74.24
N ASP I 10 -8.81 -49.18 73.73
CA ASP I 10 -7.86 -48.10 73.93
C ASP I 10 -7.47 -47.49 72.59
N VAL I 11 -7.50 -46.17 72.51
CA VAL I 11 -7.19 -45.45 71.28
C VAL I 11 -6.27 -44.28 71.60
N GLU I 12 -4.99 -44.41 71.29
CA GLU I 12 -4.02 -43.34 71.50
C GLU I 12 -3.84 -42.59 70.20
N VAL I 13 -4.11 -41.28 70.22
CA VAL I 13 -3.99 -40.47 69.02
C VAL I 13 -2.64 -39.78 69.00
N SER I 14 -2.08 -39.63 67.79
CA SER I 14 -0.84 -38.90 67.58
C SER I 14 -1.01 -37.96 66.40
N LEU I 15 -0.23 -36.89 66.40
CA LEU I 15 -0.38 -35.83 65.42
C LEU I 15 0.92 -35.61 64.65
N GLY I 16 0.78 -35.48 63.33
CA GLY I 16 1.87 -35.11 62.47
C GLY I 16 2.75 -36.24 61.95
N THR I 17 2.62 -37.44 62.49
CA THR I 17 3.47 -38.55 62.06
C THR I 17 3.14 -38.98 60.64
N GLY I 24 14.51 -58.24 54.97
CA GLY I 24 15.74 -57.66 55.45
C GLY I 24 16.49 -56.89 54.39
N PHE I 25 17.51 -56.14 54.80
CA PHE I 25 18.32 -55.35 53.89
C PHE I 25 19.78 -55.48 54.30
N GLU I 26 20.67 -55.07 53.39
CA GLU I 26 22.11 -55.17 53.61
C GLU I 26 22.55 -53.97 54.44
N THR I 27 22.82 -54.20 55.71
CA THR I 27 23.21 -53.12 56.61
C THR I 27 24.68 -52.74 56.37
N PRO I 28 24.99 -51.45 56.27
CA PRO I 28 26.38 -51.04 56.15
C PRO I 28 27.07 -50.96 57.50
N MET I 29 28.38 -50.73 57.45
CA MET I 29 29.19 -50.56 58.65
C MET I 29 30.15 -49.40 58.45
N PHE I 30 30.12 -48.43 59.36
CA PHE I 30 30.98 -47.25 59.29
C PHE I 30 31.96 -47.31 60.46
N LEU I 31 33.25 -47.27 60.13
CA LEU I 31 34.31 -47.41 61.13
C LEU I 31 34.73 -46.02 61.58
N ALA I 32 34.21 -45.59 62.73
CA ALA I 32 34.49 -44.26 63.25
C ALA I 32 35.55 -44.33 64.35
N MET I 33 36.12 -43.17 64.66
CA MET I 33 37.06 -43.03 65.76
C MET I 33 36.32 -42.41 66.94
N HIS I 34 36.18 -43.16 68.03
CA HIS I 34 35.46 -42.68 69.20
C HIS I 34 35.62 -43.69 70.32
N GLY I 35 35.03 -43.36 71.47
CA GLY I 35 35.03 -44.21 72.64
C GLY I 35 33.73 -44.24 73.41
N ASN I 36 32.59 -44.04 72.74
CA ASN I 36 31.30 -43.93 73.43
C ASN I 36 30.80 -45.25 74.00
N PHE I 37 31.40 -46.37 73.64
CA PHE I 37 31.03 -47.67 74.22
C PHE I 37 32.22 -48.59 74.13
N PRO I 38 32.25 -49.66 74.94
CA PRO I 38 33.42 -50.55 74.94
C PRO I 38 33.44 -51.53 73.79
N GLU I 39 32.26 -51.92 73.29
CA GLU I 39 32.18 -52.88 72.20
C GLU I 39 32.83 -52.30 70.94
N ARG I 40 32.97 -53.12 69.90
CA ARG I 40 33.54 -52.66 68.64
C ARG I 40 32.52 -52.59 67.51
N ILE I 41 31.31 -53.11 67.70
CA ILE I 41 30.23 -52.97 66.73
C ILE I 41 28.92 -52.82 67.48
N ARG I 42 28.14 -51.82 67.10
CA ARG I 42 26.81 -51.61 67.64
C ARG I 42 25.86 -51.26 66.51
N PHE I 43 24.61 -51.72 66.62
CA PHE I 43 23.61 -51.53 65.60
C PHE I 43 22.60 -50.49 66.08
N TYR I 44 22.34 -49.49 65.23
CA TYR I 44 21.38 -48.44 65.51
C TYR I 44 20.30 -48.45 64.44
N VAL I 45 19.08 -48.10 64.83
CA VAL I 45 17.94 -48.06 63.91
C VAL I 45 17.50 -46.64 63.59
N SER I 46 18.11 -45.62 64.21
CA SER I 46 17.78 -44.24 63.90
C SER I 46 18.80 -43.35 64.58
N THR I 47 18.92 -42.12 64.05
CA THR I 47 19.85 -41.17 64.64
C THR I 47 19.49 -40.86 66.09
N ALA I 48 18.20 -40.96 66.44
CA ALA I 48 17.80 -40.71 67.82
C ALA I 48 18.45 -41.69 68.78
N GLY I 49 18.79 -42.89 68.29
CA GLY I 49 19.50 -43.83 69.14
C GLY I 49 20.96 -43.47 69.34
N MET I 50 21.56 -42.80 68.35
CA MET I 50 22.97 -42.43 68.46
C MET I 50 23.19 -41.29 69.43
N VAL I 51 22.26 -40.32 69.46
CA VAL I 51 22.43 -39.18 70.36
C VAL I 51 22.37 -39.65 71.81
N ALA I 52 21.50 -40.61 72.12
CA ALA I 52 21.41 -41.12 73.48
C ALA I 52 22.75 -41.70 73.94
N ASP I 53 23.51 -42.27 73.01
CA ASP I 53 24.80 -42.87 73.32
C ASP I 53 25.93 -41.84 73.37
N GLY I 54 25.60 -40.55 73.36
CA GLY I 54 26.62 -39.52 73.51
C GLY I 54 27.30 -39.09 72.24
N PHE I 55 26.67 -39.29 71.08
CA PHE I 55 27.26 -38.84 69.83
C PHE I 55 26.87 -37.38 69.57
N ALA I 56 27.88 -36.53 69.38
CA ALA I 56 27.63 -35.12 69.15
C ALA I 56 26.95 -34.91 67.80
N VAL I 57 26.00 -33.98 67.76
CA VAL I 57 25.33 -33.66 66.50
C VAL I 57 26.33 -33.08 65.54
N GLY I 58 26.25 -33.53 64.28
CA GLY I 58 27.20 -33.09 63.28
C GLY I 58 28.54 -33.81 63.31
N SER I 59 28.69 -34.81 64.18
CA SER I 59 29.91 -35.60 64.23
C SER I 59 29.98 -36.55 63.04
N PRO I 60 31.17 -37.06 62.72
CA PRO I 60 31.28 -37.94 61.55
C PRO I 60 30.26 -39.06 61.53
N ALA I 61 30.07 -39.76 62.65
CA ALA I 61 29.10 -40.84 62.68
C ALA I 61 27.69 -40.31 62.47
N TYR I 62 27.36 -39.18 63.08
CA TYR I 62 26.02 -38.63 62.97
C TYR I 62 25.68 -38.26 61.53
N GLN I 63 26.62 -37.63 60.82
CA GLN I 63 26.36 -37.24 59.44
C GLN I 63 26.17 -38.45 58.56
N PHE I 64 26.98 -39.49 58.76
CA PHE I 64 26.84 -40.69 57.94
C PHE I 64 25.48 -41.35 58.16
N ALA I 65 25.04 -41.42 59.42
CA ALA I 65 23.79 -42.11 59.71
C ALA I 65 22.60 -41.40 59.07
N THR I 66 22.55 -40.07 59.16
CA THR I 66 21.39 -39.35 58.64
C THR I 66 21.32 -39.41 57.11
N ASN I 67 22.46 -39.39 56.44
CA ASN I 67 22.45 -39.50 54.98
C ASN I 67 21.93 -40.86 54.55
N ALA I 68 22.34 -41.92 55.24
CA ALA I 68 21.94 -43.27 54.84
C ALA I 68 20.43 -43.46 54.92
N PHE I 69 19.79 -42.98 55.97
CA PHE I 69 18.36 -43.16 56.16
C PHE I 69 17.52 -42.28 55.25
N ALA I 70 18.13 -41.32 54.55
CA ALA I 70 17.39 -40.36 53.75
C ALA I 70 17.23 -40.78 52.29
N GLY I 71 17.80 -41.90 51.88
CA GLY I 71 17.75 -42.34 50.50
C GLY I 71 16.51 -43.16 50.20
N ASN I 72 16.23 -43.30 48.91
CA ASN I 72 15.09 -44.11 48.46
C ASN I 72 15.28 -45.58 48.80
N PHE I 73 16.50 -46.01 49.11
CA PHE I 73 16.81 -47.39 49.43
C PHE I 73 17.50 -47.51 50.78
N ALA I 74 16.96 -46.84 51.80
CA ALA I 74 17.63 -46.79 53.09
C ALA I 74 17.75 -48.20 53.68
N PRO I 75 18.83 -48.50 54.41
CA PRO I 75 19.00 -49.85 54.95
C PRO I 75 18.14 -50.15 56.17
N GLN I 76 17.69 -49.12 56.89
CA GLN I 76 16.89 -49.24 58.10
C GLN I 76 17.63 -49.90 59.25
N ARG I 77 18.95 -50.06 59.13
CA ARG I 77 19.79 -50.48 60.27
C ARG I 77 21.26 -50.31 59.89
N VAL I 78 22.03 -49.65 60.75
CA VAL I 78 23.42 -49.32 60.45
C VAL I 78 24.31 -49.78 61.60
N ALA I 79 25.54 -50.15 61.25
CA ALA I 79 26.53 -50.58 62.23
C ALA I 79 27.63 -49.53 62.33
N ILE I 80 28.13 -49.31 63.54
CA ILE I 80 29.19 -48.34 63.79
C ILE I 80 30.39 -49.08 64.37
N GLY I 81 31.53 -48.95 63.71
CA GLY I 81 32.77 -49.47 64.25
C GLY I 81 33.39 -48.50 65.24
N ARG I 82 34.29 -49.02 66.07
CA ARG I 82 34.91 -48.24 67.13
C ARG I 82 36.43 -48.29 66.98
N MET I 83 37.06 -47.13 67.00
CA MET I 83 38.50 -47.00 67.10
C MET I 83 38.85 -45.97 68.17
N SER I 84 39.91 -46.25 68.93
CA SER I 84 40.32 -45.38 70.01
C SER I 84 40.69 -44.00 69.48
N ILE I 85 40.34 -42.98 70.25
CA ILE I 85 40.62 -41.59 69.90
C ILE I 85 41.63 -41.04 70.89
N ASP I 86 42.73 -40.49 70.38
CA ASP I 86 43.72 -39.84 71.24
C ASP I 86 43.65 -38.33 71.16
N SER I 87 43.20 -37.78 70.04
CA SER I 87 43.07 -36.34 69.89
C SER I 87 42.13 -36.04 68.73
N SER I 88 41.50 -34.87 68.79
CA SER I 88 40.67 -34.39 67.71
C SER I 88 41.11 -32.98 67.38
N LYS I 89 41.12 -32.66 66.08
CA LYS I 89 41.66 -31.40 65.59
C LYS I 89 40.59 -30.69 64.78
N VAL I 90 40.31 -29.44 65.14
CA VAL I 90 39.36 -28.61 64.43
C VAL I 90 40.14 -27.56 63.64
N ASP I 91 40.01 -27.58 62.33
CA ASP I 91 40.76 -26.70 61.45
C ASP I 91 39.85 -25.59 60.96
N PHE I 92 40.26 -24.34 61.16
CA PHE I 92 39.52 -23.17 60.74
C PHE I 92 40.08 -22.55 59.46
N THR I 93 40.93 -23.28 58.74
CA THR I 93 41.49 -22.76 57.50
C THR I 93 40.37 -22.41 56.53
N GLY I 94 40.55 -21.32 55.80
CA GLY I 94 39.51 -20.77 54.95
C GLY I 94 38.75 -19.65 55.65
N THR I 95 38.25 -18.73 54.84
CA THR I 95 37.61 -17.51 55.34
C THR I 95 36.22 -17.84 55.86
N THR I 96 35.88 -17.28 57.01
CA THR I 96 34.57 -17.49 57.62
C THR I 96 34.20 -16.34 58.55
N GLU I 99 29.30 -16.00 62.46
CA GLU I 99 29.11 -16.91 63.58
C GLU I 99 29.63 -18.30 63.25
N GLN I 100 30.31 -18.92 64.22
CA GLN I 100 30.89 -20.27 64.04
C GLN I 100 30.63 -21.07 65.32
N VAL I 101 29.51 -21.80 65.32
CA VAL I 101 29.15 -22.62 66.47
C VAL I 101 29.82 -23.98 66.36
N VAL I 102 30.40 -24.44 67.46
CA VAL I 102 30.99 -25.76 67.56
C VAL I 102 30.24 -26.51 68.65
N VAL I 103 29.66 -27.66 68.28
CA VAL I 103 28.88 -28.45 69.22
C VAL I 103 29.80 -29.45 69.90
N ASN I 104 29.74 -29.49 71.23
CA ASN I 104 30.55 -30.40 72.03
C ASN I 104 29.67 -31.13 73.03
N ILE I 105 30.09 -32.35 73.37
CA ILE I 105 29.44 -33.14 74.41
C ILE I 105 30.54 -33.78 75.25
N THR I 106 30.44 -33.59 76.58
CA THR I 106 31.45 -34.11 77.50
C THR I 106 30.75 -34.90 78.60
N LEU I 107 31.43 -35.95 79.05
CA LEU I 107 30.91 -36.82 80.12
C LEU I 107 29.53 -37.37 79.77
N ASN I 108 29.18 -37.36 78.48
CA ASN I 108 27.92 -37.90 78.00
C ASN I 108 26.73 -37.33 78.77
N LYS I 109 26.86 -36.12 79.31
CA LYS I 109 25.81 -35.54 80.13
C LYS I 109 25.57 -34.06 79.89
N VAL I 110 26.23 -33.45 78.92
CA VAL I 110 26.07 -32.02 78.67
C VAL I 110 26.29 -31.75 77.19
N VAL I 111 25.52 -30.80 76.65
CA VAL I 111 25.67 -30.35 75.28
C VAL I 111 26.23 -28.94 75.36
N LYS I 112 27.54 -28.82 75.31
CA LYS I 112 28.22 -27.52 75.41
C LYS I 112 28.41 -26.97 74.01
N ALA I 113 27.41 -26.22 73.55
CA ALA I 113 27.44 -25.61 72.23
C ALA I 113 28.17 -24.28 72.26
N VAL I 114 29.49 -24.30 72.44
CA VAL I 114 30.24 -23.06 72.50
C VAL I 114 30.02 -22.27 71.22
N LYS I 115 30.18 -20.94 71.33
CA LYS I 115 29.90 -20.04 70.23
C LYS I 115 31.04 -19.05 70.08
N ILE I 116 31.32 -18.66 68.84
CA ILE I 116 32.26 -17.61 68.51
C ILE I 116 31.64 -16.74 67.42
N ASN I 117 32.10 -15.50 67.34
CA ASN I 117 31.53 -14.51 66.41
C ASN I 117 32.67 -13.67 65.85
N VAL I 118 32.89 -13.78 64.54
CA VAL I 118 33.93 -13.00 63.87
C VAL I 118 33.82 -13.19 62.37
N GLY I 121 40.34 -7.67 61.66
CA GLY I 121 40.42 -8.66 60.60
C GLY I 121 39.48 -9.82 60.81
N ASN I 122 39.55 -10.81 59.93
CA ASN I 122 38.71 -12.00 60.04
C ASN I 122 39.50 -13.26 59.68
N THR I 123 40.80 -13.27 59.97
CA THR I 123 41.64 -14.40 59.61
C THR I 123 41.34 -15.61 60.48
N PRO I 124 41.69 -16.81 60.01
CA PRO I 124 41.49 -18.00 60.85
C PRO I 124 42.21 -17.92 62.18
N ALA I 125 43.40 -17.33 62.21
CA ALA I 125 44.17 -17.26 63.44
C ALA I 125 43.39 -16.58 64.57
N GLN I 126 42.63 -15.54 64.25
CA GLN I 126 41.83 -14.88 65.28
C GLN I 126 40.81 -15.84 65.89
N ILE I 127 40.03 -16.50 65.03
CA ILE I 127 39.03 -17.45 65.53
C ILE I 127 39.71 -18.69 66.09
N ALA I 128 40.85 -19.08 65.52
CA ALA I 128 41.54 -20.26 66.00
C ALA I 128 41.87 -20.14 67.48
N THR I 129 42.51 -19.04 67.87
CA THR I 129 42.84 -18.83 69.29
C THR I 129 41.60 -18.45 70.09
N ALA I 130 40.68 -17.72 69.46
CA ALA I 130 39.50 -17.26 70.19
C ALA I 130 38.68 -18.42 70.72
N LEU I 131 38.47 -19.47 69.91
CA LEU I 131 37.71 -20.61 70.36
C LEU I 131 38.42 -21.31 71.51
N ALA I 132 39.74 -21.48 71.41
CA ALA I 132 40.50 -22.12 72.48
C ALA I 132 40.30 -21.37 73.79
N ASP I 133 40.35 -20.03 73.73
CA ASP I 133 40.09 -19.24 74.92
C ASP I 133 38.67 -19.46 75.43
N ALA I 134 37.71 -19.50 74.50
CA ALA I 134 36.32 -19.74 74.90
C ALA I 134 36.14 -21.12 75.53
N VAL I 135 36.97 -22.08 75.13
CA VAL I 135 36.85 -23.44 75.66
C VAL I 135 37.12 -23.48 77.16
N THR I 136 37.92 -22.53 77.67
CA THR I 136 38.30 -22.54 79.08
C THR I 136 37.12 -22.13 79.96
N ALA I 137 36.56 -23.08 80.71
CA ALA I 137 35.53 -22.79 81.69
C ALA I 137 34.24 -22.30 81.03
N ASP I 138 34.09 -22.56 79.74
CA ASP I 138 32.89 -22.16 79.01
C ASP I 138 31.64 -22.73 79.68
N LEU I 141 31.51 -28.92 84.38
CA LEU I 141 31.45 -28.03 83.23
C LEU I 141 32.54 -28.42 82.23
N THR I 142 33.30 -27.42 81.76
CA THR I 142 34.34 -27.69 80.77
C THR I 142 35.69 -28.00 81.41
N GLY I 143 35.76 -28.04 82.74
CA GLY I 143 37.01 -28.30 83.42
C GLY I 143 37.46 -29.74 83.38
N LYS I 144 36.87 -30.53 82.47
CA LYS I 144 37.23 -31.94 82.29
C LYS I 144 37.79 -32.19 80.89
N ALA I 145 38.20 -31.14 80.19
CA ALA I 145 38.76 -31.27 78.86
C ALA I 145 39.67 -30.07 78.61
N THR I 146 40.51 -30.20 77.58
CA THR I 146 41.50 -29.18 77.29
C THR I 146 41.47 -28.84 75.81
N ALA I 147 41.86 -27.61 75.50
CA ALA I 147 41.99 -27.13 74.13
C ALA I 147 43.21 -26.23 74.03
N VAL I 148 44.02 -26.45 73.00
CA VAL I 148 45.24 -25.68 72.78
C VAL I 148 45.25 -25.18 71.35
N ALA I 149 45.46 -23.87 71.17
CA ALA I 149 45.47 -23.28 69.85
C ALA I 149 46.83 -23.46 69.18
N THR I 150 46.87 -23.18 67.88
CA THR I 150 48.10 -23.29 67.12
C THR I 150 47.87 -22.81 65.69
N THR I 152 45.45 -21.44 63.33
CA THR I 152 44.58 -21.90 62.25
C THR I 152 43.68 -23.03 62.72
N TYR I 153 44.19 -23.85 63.63
CA TYR I 153 43.47 -25.00 64.13
C TYR I 153 43.72 -25.16 65.61
N VAL I 154 42.82 -25.88 66.28
CA VAL I 154 42.88 -26.10 67.71
C VAL I 154 42.85 -27.60 67.98
N THR I 155 43.70 -28.04 68.90
CA THR I 155 43.75 -29.43 69.31
C THR I 155 42.95 -29.61 70.60
N VAL I 156 42.08 -30.61 70.61
CA VAL I 156 41.19 -30.88 71.73
C VAL I 156 41.44 -32.31 72.21
N THR I 157 41.45 -32.49 73.53
CA THR I 157 41.65 -33.81 74.11
C THR I 157 40.86 -33.90 75.41
N ALA I 158 40.44 -35.11 75.75
CA ALA I 158 39.69 -35.34 76.97
C ALA I 158 40.55 -35.03 78.20
N SER I 160 41.87 -37.83 80.43
CA SER I 160 40.96 -38.32 81.47
C SER I 160 39.90 -39.22 80.85
N PRO I 161 39.38 -40.18 81.63
CA PRO I 161 38.36 -41.11 81.12
C PRO I 161 36.99 -40.43 80.97
N ASN I 162 36.95 -39.41 80.12
CA ASN I 162 35.73 -38.65 79.87
C ASN I 162 35.37 -38.74 78.39
N VAL I 163 34.13 -39.11 78.11
CA VAL I 163 33.66 -39.18 76.73
C VAL I 163 33.52 -37.77 76.19
N VAL I 164 34.32 -37.43 75.19
CA VAL I 164 34.33 -36.10 74.59
C VAL I 164 34.02 -36.24 73.11
N SER I 165 33.03 -35.50 72.63
CA SER I 165 32.64 -35.53 71.22
C SER I 165 32.55 -34.10 70.71
N VAL I 166 33.00 -33.89 69.47
CA VAL I 166 32.99 -32.59 68.83
C VAL I 166 32.33 -32.74 67.46
N GLY I 167 31.44 -31.81 67.14
CA GLY I 167 30.74 -31.85 65.87
C GLY I 167 30.54 -30.46 65.31
N LYS I 168 30.52 -30.39 63.98
CA LYS I 168 30.35 -29.11 63.30
C LYS I 168 28.94 -28.56 63.53
N GLY I 169 28.86 -27.24 63.71
CA GLY I 169 27.58 -26.59 63.91
C GLY I 169 27.30 -25.49 62.90
N ALA I 170 28.36 -24.92 62.33
CA ALA I 170 28.24 -23.84 61.35
C ALA I 170 29.63 -23.53 60.81
N GLY I 171 29.73 -22.45 60.05
CA GLY I 171 31.02 -21.99 59.59
C GLY I 171 31.60 -22.87 58.49
N VAL I 172 32.91 -22.68 58.27
CA VAL I 172 33.59 -23.38 57.19
C VAL I 172 34.56 -24.43 57.75
N TYR I 173 34.84 -24.37 59.05
CA TYR I 173 35.79 -25.28 59.66
C TYR I 173 35.41 -26.75 59.43
N LYS I 174 36.37 -27.63 59.65
CA LYS I 174 36.19 -29.07 59.47
C LYS I 174 36.77 -29.80 60.67
N ILE I 175 36.35 -31.06 60.84
CA ILE I 175 36.75 -31.88 61.97
C ILE I 175 37.68 -32.97 61.49
N VAL I 176 38.81 -33.12 62.17
CA VAL I 176 39.80 -34.13 61.81
C VAL I 176 40.17 -34.94 63.04
N ASN I 177 39.51 -36.07 63.23
CA ASN I 177 39.85 -36.95 64.35
C ASN I 177 41.19 -37.63 64.09
N GLU I 178 41.87 -38.00 65.18
CA GLU I 178 43.18 -38.62 65.10
C GLU I 178 43.24 -39.78 66.08
N SER I 179 44.04 -40.79 65.73
CA SER I 179 44.18 -41.96 66.58
C SER I 179 45.44 -42.71 66.18
N SER I 180 46.11 -43.29 67.17
CA SER I 180 47.32 -44.06 66.91
C SER I 180 47.02 -45.48 66.43
N GLU I 181 45.78 -45.94 66.61
CA GLU I 181 45.42 -47.29 66.21
C GLU I 181 45.28 -47.36 64.70
N THR I 182 45.91 -48.37 64.09
CA THR I 182 45.95 -48.49 62.64
C THR I 182 44.77 -49.32 62.14
N VAL I 183 44.17 -48.91 61.03
CA VAL I 183 42.99 -49.56 60.48
C VAL I 183 43.32 -51.00 60.11
N ALA I 184 44.50 -51.22 59.54
CA ALA I 184 44.83 -52.55 59.03
C ALA I 184 44.74 -53.63 60.10
N THR I 185 44.92 -53.28 61.37
CA THR I 185 44.82 -54.26 62.45
C THR I 185 43.44 -54.28 63.09
N VAL I 186 42.70 -53.18 63.02
CA VAL I 186 41.38 -53.14 63.64
C VAL I 186 40.38 -53.99 62.86
N LEU I 187 40.43 -53.94 61.53
CA LEU I 187 39.41 -54.63 60.73
C LEU I 187 39.32 -56.11 61.08
N PRO I 188 40.41 -56.86 61.25
CA PRO I 188 40.27 -58.25 61.69
C PRO I 188 39.51 -58.38 63.01
N SER I 189 39.66 -57.42 63.92
CA SER I 189 38.98 -57.51 65.20
C SER I 189 37.47 -57.38 65.03
N VAL I 190 37.02 -56.47 64.17
CA VAL I 190 35.59 -56.22 64.02
C VAL I 190 34.89 -57.28 63.20
N ILE I 191 35.62 -58.03 62.36
CA ILE I 191 35.03 -59.15 61.64
C ILE I 191 35.01 -60.42 62.47
N ALA I 192 35.98 -60.63 63.36
CA ALA I 192 35.88 -61.71 64.32
C ALA I 192 34.62 -61.57 65.16
N GLU I 193 34.21 -60.34 65.42
CA GLU I 193 32.93 -60.07 66.04
C GLU I 193 31.83 -60.11 64.97
N ASN I 194 30.59 -59.84 65.39
CA ASN I 194 29.44 -59.94 64.49
C ASN I 194 29.80 -59.47 63.09
N HIS I 195 29.46 -60.30 62.10
CA HIS I 195 29.86 -60.09 60.71
C HIS I 195 28.67 -59.88 59.79
N ASN I 196 27.51 -59.50 60.31
CA ASN I 196 26.32 -59.28 59.48
C ASN I 196 26.31 -57.85 58.92
N TRP I 197 27.25 -57.58 58.02
CA TRP I 197 27.31 -56.30 57.34
C TRP I 197 27.99 -56.50 55.99
N TYR I 198 27.62 -55.65 55.04
CA TYR I 198 28.07 -55.79 53.66
C TYR I 198 28.93 -54.61 53.20
N PHE I 199 28.43 -53.38 53.34
CA PHE I 199 29.16 -52.22 52.88
C PHE I 199 30.19 -51.80 53.92
N LEU I 200 31.38 -51.43 53.45
CA LEU I 200 32.50 -51.04 54.31
C LEU I 200 32.83 -49.58 54.08
N ALA I 201 32.87 -48.80 55.16
CA ALA I 201 33.20 -47.39 55.08
C ALA I 201 34.07 -47.01 56.28
N THR I 202 34.87 -45.97 56.10
CA THR I 202 35.79 -45.52 57.13
C THR I 202 35.93 -44.01 57.04
N GLU I 203 36.45 -43.42 58.12
CA GLU I 203 36.76 -41.99 58.14
C GLU I 203 38.25 -41.71 58.10
N ALA I 204 39.10 -42.73 58.18
CA ALA I 204 40.55 -42.56 58.04
C ALA I 204 40.91 -42.32 56.58
N ARG I 205 40.79 -41.07 56.17
CA ARG I 205 40.88 -40.71 54.75
C ARG I 205 42.32 -40.48 54.30
N SER I 206 43.28 -41.01 55.05
CA SER I 206 44.66 -41.00 54.60
C SER I 206 44.82 -41.96 53.42
N ASP I 207 45.87 -41.71 52.61
CA ASP I 207 46.09 -42.56 51.44
C ASP I 207 46.35 -44.00 51.84
N ALA I 208 47.16 -44.23 52.89
CA ALA I 208 47.46 -45.60 53.30
C ALA I 208 46.21 -46.31 53.79
N ASP I 209 45.38 -45.61 54.58
CA ASP I 209 44.20 -46.25 55.16
C ASP I 209 43.23 -46.74 54.08
N ILE I 210 43.02 -45.94 53.03
CA ILE I 210 42.09 -46.34 51.99
C ILE I 210 42.55 -47.62 51.30
N VAL I 211 43.85 -47.67 50.96
CA VAL I 211 44.36 -48.86 50.29
C VAL I 211 44.24 -50.09 51.17
N ALA I 212 44.57 -49.95 52.45
CA ALA I 212 44.49 -51.09 53.36
C ALA I 212 43.07 -51.62 53.46
N ALA I 213 42.09 -50.72 53.58
CA ALA I 213 40.70 -51.15 53.62
C ALA I 213 40.29 -51.84 52.34
N ALA I 214 40.73 -51.32 51.20
CA ALA I 214 40.37 -51.92 49.91
C ALA I 214 40.92 -53.34 49.81
N GLU I 215 42.16 -53.55 50.25
CA GLU I 215 42.74 -54.90 50.19
C GLU I 215 41.95 -55.87 51.07
N PHE I 216 41.58 -55.43 52.28
CA PHE I 216 40.82 -56.29 53.17
C PHE I 216 39.44 -56.59 52.59
N ALA I 217 38.81 -55.60 51.96
CA ALA I 217 37.44 -55.75 51.50
C ALA I 217 37.31 -56.89 50.50
N LYS I 218 38.24 -56.99 49.55
CA LYS I 218 38.16 -58.01 48.53
C LYS I 218 38.53 -59.39 49.05
N ALA I 219 39.26 -59.47 50.16
CA ALA I 219 39.60 -60.77 50.73
C ALA I 219 38.43 -61.40 51.46
N ASN I 220 37.59 -60.58 52.11
CA ASN I 220 36.44 -61.07 52.86
C ASN I 220 35.14 -60.87 52.09
N TYR I 221 35.21 -60.50 50.82
CA TYR I 221 34.02 -60.37 49.97
C TYR I 221 33.04 -59.35 50.53
N LYS I 222 33.56 -58.20 50.91
CA LYS I 222 32.75 -57.03 51.22
C LYS I 222 32.88 -56.00 50.11
N LEU I 223 32.10 -54.93 50.22
CA LEU I 223 32.10 -53.86 49.23
C LEU I 223 32.64 -52.60 49.88
N HIS I 224 33.64 -52.00 49.24
CA HIS I 224 34.34 -50.84 49.80
C HIS I 224 33.88 -49.58 49.09
N ILE I 225 33.42 -48.60 49.87
CA ILE I 225 32.93 -47.33 49.34
C ILE I 225 33.69 -46.21 50.03
N TYR I 226 34.07 -45.19 49.27
CA TYR I 226 34.81 -44.07 49.82
C TYR I 226 34.63 -42.85 48.94
N ASN I 227 34.88 -41.68 49.52
CA ASN I 227 34.85 -40.41 48.80
C ASN I 227 36.18 -39.71 48.97
N SER I 228 36.56 -38.91 48.00
CA SER I 228 37.82 -38.17 48.03
C SER I 228 37.60 -36.74 47.60
N THR I 229 38.17 -35.81 48.35
CA THR I 229 38.18 -34.41 47.97
C THR I 229 39.45 -34.03 47.20
N ASP I 230 40.32 -35.00 46.92
CA ASP I 230 41.59 -34.71 46.28
C ASP I 230 41.36 -34.07 44.92
N VAL I 231 42.08 -32.98 44.66
CA VAL I 231 41.99 -32.30 43.38
C VAL I 231 42.67 -33.09 42.26
N ASP I 232 43.62 -33.96 42.61
CA ASP I 232 44.30 -34.74 41.59
C ASP I 232 43.37 -35.71 40.88
N ALA I 233 42.16 -35.93 41.41
CA ALA I 233 41.23 -36.84 40.76
C ALA I 233 41.00 -36.46 39.31
N TYR I 234 40.66 -35.20 39.06
CA TYR I 234 40.47 -34.68 37.72
C TYR I 234 41.65 -33.87 37.21
N ALA I 235 42.86 -34.21 37.63
CA ALA I 235 44.05 -33.64 37.03
C ALA I 235 44.21 -34.20 35.62
N PRO I 236 45.04 -33.57 34.78
CA PRO I 236 45.20 -34.04 33.41
C PRO I 236 45.41 -35.55 33.35
N GLU I 237 44.96 -36.14 32.23
CA GLU I 237 44.89 -37.59 32.11
C GLU I 237 46.26 -38.27 32.22
N ASN I 238 47.35 -37.56 31.98
CA ASN I 238 48.66 -38.18 32.02
C ASN I 238 49.27 -38.19 33.42
N SER I 239 48.70 -37.46 34.36
CA SER I 239 49.27 -37.34 35.71
C SER I 239 48.58 -38.35 36.63
N ALA I 240 49.39 -39.20 37.26
CA ALA I 240 48.89 -40.15 38.25
C ALA I 240 49.45 -39.78 39.62
N ALA I 241 48.63 -39.11 40.43
CA ALA I 241 49.07 -38.65 41.75
C ALA I 241 47.99 -38.82 42.80
N SER I 242 46.88 -39.45 42.43
CA SER I 242 45.73 -39.59 43.31
C SER I 242 45.58 -41.03 43.78
N VAL I 243 44.70 -41.22 44.75
CA VAL I 243 44.39 -42.56 45.26
C VAL I 243 43.79 -43.37 44.13
N PHE I 244 42.96 -42.72 43.30
CA PHE I 244 42.32 -43.42 42.20
C PHE I 244 43.34 -44.12 41.33
N ASP I 245 44.52 -43.54 41.16
CA ASP I 245 45.57 -44.17 40.36
C ASP I 245 46.08 -45.44 41.03
N THR I 246 46.37 -45.36 42.33
CA THR I 246 46.94 -46.51 43.02
C THR I 246 45.98 -47.69 43.03
N LEU I 247 44.70 -47.43 43.35
CA LEU I 247 43.71 -48.51 43.35
C LEU I 247 43.54 -49.08 41.95
N LYS I 248 43.49 -48.21 40.94
CA LYS I 248 43.36 -48.69 39.57
C LYS I 248 44.56 -49.54 39.17
N SER I 249 45.76 -49.10 39.54
CA SER I 249 46.97 -49.82 39.17
C SER I 249 47.07 -51.19 39.83
N LEU I 250 46.38 -51.41 40.95
CA LEU I 250 46.41 -52.69 41.63
C LEU I 250 45.24 -53.60 41.26
N SER I 251 44.36 -53.15 40.35
CA SER I 251 43.24 -53.96 39.89
C SER I 251 42.29 -54.33 41.03
N TYR I 252 42.21 -53.45 42.03
CA TYR I 252 41.19 -53.60 43.06
C TYR I 252 39.83 -53.16 42.52
N ASP I 253 38.79 -53.53 43.26
CA ASP I 253 37.43 -53.10 42.97
C ASP I 253 36.90 -52.31 44.16
N SER I 254 36.61 -51.03 43.94
CA SER I 254 36.05 -50.18 44.97
C SER I 254 35.34 -49.01 44.30
N LEU I 255 34.18 -48.65 44.83
CA LEU I 255 33.34 -47.61 44.24
C LEU I 255 33.78 -46.27 44.81
N GLY I 256 34.89 -45.74 44.27
CA GLY I 256 35.33 -44.42 44.66
C GLY I 256 34.71 -43.36 43.77
N THR I 257 34.24 -42.29 44.39
CA THR I 257 33.70 -41.14 43.69
C THR I 257 34.26 -39.86 44.29
N SER I 258 34.40 -38.84 43.46
CA SER I 258 35.03 -37.58 43.86
C SER I 258 33.94 -36.57 44.21
N ASP I 259 34.05 -35.98 45.40
CA ASP I 259 33.10 -34.99 45.86
C ASP I 259 33.82 -34.01 46.76
N ALA I 260 33.27 -32.80 46.87
CA ALA I 260 33.89 -31.75 47.67
C ALA I 260 33.45 -31.76 49.12
N GLY I 261 32.16 -32.06 49.37
CA GLY I 261 31.66 -32.08 50.73
C GLY I 261 31.96 -33.36 51.47
N ALA I 262 32.66 -34.30 50.84
CA ALA I 262 32.94 -35.59 51.44
C ALA I 262 33.65 -35.46 52.78
N ASP I 263 34.53 -34.47 52.91
CA ASP I 263 35.36 -34.34 54.09
C ASP I 263 34.67 -33.56 55.22
N VAL I 264 33.44 -33.13 55.02
CA VAL I 264 32.71 -32.36 56.03
C VAL I 264 31.62 -33.23 56.62
N ASP I 265 30.79 -33.82 55.76
CA ASP I 265 29.65 -34.61 56.19
C ASP I 265 29.78 -36.10 55.87
N PHE I 266 30.87 -36.53 55.23
CA PHE I 266 31.08 -37.94 54.93
C PHE I 266 29.90 -38.48 54.13
N THR I 267 29.77 -38.02 52.89
CA THR I 267 28.61 -38.33 52.06
C THR I 267 28.63 -39.77 51.56
N GLU I 268 29.52 -40.62 52.10
CA GLU I 268 29.44 -42.04 51.79
C GLU I 268 28.05 -42.58 52.06
N GLY I 269 27.38 -42.07 53.09
CA GLY I 269 26.05 -42.55 53.41
C GLY I 269 25.06 -42.36 52.28
N SER I 270 25.16 -41.26 51.54
CA SER I 270 24.24 -41.01 50.45
C SER I 270 24.34 -42.07 49.37
N VAL I 271 25.56 -42.50 49.03
CA VAL I 271 25.72 -43.55 48.03
C VAL I 271 25.08 -44.85 48.52
N ILE I 272 25.34 -45.20 49.79
CA ILE I 272 24.77 -46.43 50.34
C ILE I 272 23.26 -46.34 50.40
N GLY I 273 22.71 -45.16 50.68
CA GLY I 273 21.27 -45.00 50.74
C GLY I 273 20.58 -45.33 49.43
N ALA I 274 21.31 -45.35 48.33
CA ALA I 274 20.75 -45.66 47.02
C ALA I 274 21.05 -47.08 46.57
N MET I 275 21.62 -47.93 47.44
CA MET I 275 21.94 -49.30 47.07
C MET I 275 21.54 -50.34 48.11
N ALA I 276 21.31 -49.97 49.36
CA ALA I 276 21.10 -50.97 50.41
C ALA I 276 19.90 -51.85 50.09
N ALA I 277 18.79 -51.26 49.68
CA ALA I 277 17.56 -51.99 49.42
C ALA I 277 17.39 -52.37 47.95
N ASN I 278 18.40 -52.13 47.12
CA ASN I 278 18.34 -52.45 45.70
C ASN I 278 18.71 -53.92 45.53
N ASP I 279 17.74 -54.72 45.08
CA ASP I 279 17.98 -56.15 44.94
C ASP I 279 18.83 -56.42 43.70
N PRO I 280 19.96 -57.11 43.83
CA PRO I 280 20.81 -57.37 42.65
C PRO I 280 20.14 -58.20 41.57
N SER I 281 19.10 -58.98 41.91
CA SER I 281 18.52 -59.89 40.94
C SER I 281 17.93 -59.18 39.73
N TYR I 282 17.65 -57.87 39.83
CA TYR I 282 17.08 -57.14 38.70
C TYR I 282 18.12 -56.65 37.72
N GLY I 283 19.40 -56.80 38.01
CA GLY I 283 20.42 -56.23 37.15
C GLY I 283 20.33 -54.73 37.01
N ASP I 284 19.72 -54.06 37.98
CA ASP I 284 19.52 -52.62 37.89
C ASP I 284 20.84 -51.90 38.09
N SER I 285 21.15 -50.96 37.20
CA SER I 285 22.38 -50.20 37.30
C SER I 285 22.25 -49.06 38.29
N LEU I 286 23.40 -48.54 38.73
CA LEU I 286 23.45 -47.36 39.57
C LEU I 286 23.40 -46.07 38.76
N HIS I 287 23.36 -46.17 37.44
CA HIS I 287 23.36 -45.01 36.56
C HIS I 287 22.10 -44.17 36.79
N LEU I 288 22.28 -42.86 36.83
CA LEU I 288 21.19 -41.89 36.83
C LEU I 288 20.34 -41.92 38.09
N LYS I 289 20.82 -42.57 39.15
CA LYS I 289 20.06 -42.56 40.40
C LYS I 289 20.38 -41.31 41.20
N THR I 290 19.40 -40.83 41.95
CA THR I 290 19.53 -39.60 42.72
C THR I 290 20.25 -39.88 44.03
N MET I 291 20.99 -38.88 44.52
CA MET I 291 21.80 -39.00 45.73
C MET I 291 21.43 -37.87 46.68
N PRO I 292 20.33 -38.00 47.43
CA PRO I 292 19.94 -36.92 48.35
C PRO I 292 21.04 -36.62 49.36
N GLY I 293 21.61 -35.42 49.30
CA GLY I 293 22.67 -35.00 50.19
C GLY I 293 23.94 -34.55 49.51
N MET I 294 24.13 -34.91 48.24
CA MET I 294 25.33 -34.53 47.51
C MET I 294 25.07 -33.23 46.75
N VAL I 295 26.13 -32.73 46.11
CA VAL I 295 26.08 -31.46 45.40
C VAL I 295 26.57 -31.67 43.97
N PRO I 296 26.02 -30.95 42.98
CA PRO I 296 26.49 -31.14 41.60
C PRO I 296 27.98 -30.81 41.45
N PHE I 297 28.66 -31.58 40.60
CA PHE I 297 30.06 -31.35 40.33
C PHE I 297 30.24 -30.12 39.45
N ALA I 298 31.18 -29.25 39.82
CA ALA I 298 31.30 -27.95 39.18
C ALA I 298 32.40 -27.88 38.13
N GLY I 299 33.07 -28.99 37.82
CA GLY I 299 34.16 -28.95 36.87
C GLY I 299 33.68 -28.68 35.46
N SER I 300 34.62 -28.28 34.61
CA SER I 300 34.32 -28.00 33.21
C SER I 300 34.18 -29.29 32.43
N ASP I 301 33.97 -29.15 31.12
CA ASP I 301 33.80 -30.32 30.26
C ASP I 301 35.06 -31.17 30.21
N THR I 302 36.24 -30.54 30.10
CA THR I 302 37.48 -31.31 30.05
C THR I 302 37.72 -32.04 31.36
N GLN I 303 37.42 -31.40 32.49
CA GLN I 303 37.65 -32.04 33.79
C GLN I 303 36.82 -33.31 33.91
N ARG I 304 35.58 -33.29 33.44
CA ARG I 304 34.75 -34.49 33.50
C ARG I 304 35.42 -35.64 32.75
N SER I 305 36.00 -35.36 31.59
CA SER I 305 36.69 -36.40 30.84
C SER I 305 37.89 -36.94 31.62
N ASN I 306 38.66 -36.05 32.26
CA ASN I 306 39.83 -36.49 33.01
C ASN I 306 39.43 -37.43 34.13
N ALA I 307 38.37 -37.08 34.87
CA ALA I 307 37.91 -37.95 35.95
C ALA I 307 37.42 -39.28 35.42
N TRP I 308 36.73 -39.26 34.27
CA TRP I 308 36.21 -40.50 33.70
C TRP I 308 37.34 -41.48 33.42
N SER I 309 38.40 -41.03 32.76
CA SER I 309 39.54 -41.90 32.51
C SER I 309 40.18 -42.36 33.81
N ARG I 310 40.01 -41.60 34.88
CA ARG I 310 40.54 -41.98 36.18
C ARG I 310 39.69 -43.05 36.86
N ASN I 311 38.54 -43.39 36.30
CA ASN I 311 37.53 -44.20 36.97
C ASN I 311 37.08 -43.58 38.27
N ALA I 312 37.00 -42.25 38.32
CA ALA I 312 36.49 -41.52 39.48
C ALA I 312 35.11 -40.99 39.13
N ASN I 313 34.07 -41.67 39.62
CA ASN I 313 32.71 -41.27 39.30
C ASN I 313 32.42 -39.88 39.86
N ILE I 314 31.44 -39.22 39.26
CA ILE I 314 31.04 -37.88 39.67
C ILE I 314 29.52 -37.82 39.76
N TYR I 315 29.03 -36.87 40.55
CA TYR I 315 27.60 -36.62 40.68
C TYR I 315 27.27 -35.32 39.96
N ARG I 316 26.70 -35.43 38.76
CA ARG I 316 26.51 -34.28 37.89
C ARG I 316 25.02 -33.96 37.79
N GLY I 317 24.70 -32.68 37.87
CA GLY I 317 23.32 -32.25 37.76
C GLY I 317 22.95 -31.87 36.34
N LEU I 318 21.81 -32.41 35.88
CA LEU I 318 21.32 -32.15 34.55
C LEU I 318 19.84 -31.78 34.63
N TYR I 319 19.45 -30.79 33.84
CA TYR I 319 18.04 -30.39 33.73
C TYR I 319 17.43 -30.17 35.10
N GLY I 320 18.17 -29.48 35.98
CA GLY I 320 17.69 -29.13 37.29
C GLY I 320 17.92 -30.16 38.37
N GLY I 321 17.88 -31.45 38.04
CA GLY I 321 18.07 -32.49 39.03
C GLY I 321 19.52 -32.88 39.19
N GLY I 322 19.73 -33.94 39.98
CA GLY I 322 21.05 -34.50 40.18
C GLY I 322 21.06 -35.98 39.87
N SER I 323 22.14 -36.47 39.30
CA SER I 323 22.20 -37.85 38.84
C SER I 323 23.62 -38.40 38.93
N TYR I 324 23.75 -39.60 39.47
CA TYR I 324 25.01 -40.30 39.45
C TYR I 324 25.37 -40.71 38.02
N ILE I 325 26.64 -41.02 37.79
CA ILE I 325 27.14 -41.25 36.44
C ILE I 325 28.01 -42.51 36.41
N GLU I 326 27.50 -43.53 35.73
CA GLU I 326 28.30 -44.62 35.17
C GLU I 326 28.80 -45.64 36.19
N GLY I 327 28.67 -45.34 37.48
CA GLY I 327 28.91 -46.33 38.51
C GLY I 327 30.11 -47.24 38.31
N LYS I 328 31.13 -46.81 37.58
CA LYS I 328 32.26 -47.70 37.30
C LYS I 328 33.17 -47.83 38.52
N THR I 329 33.83 -48.97 38.63
CA THR I 329 34.72 -49.24 39.74
C THR I 329 36.16 -48.91 39.37
N SER I 330 37.07 -49.19 40.31
CA SER I 330 38.48 -48.84 40.13
C SER I 330 39.09 -49.60 38.96
N SER I 331 38.79 -50.89 38.84
CA SER I 331 39.38 -51.70 37.79
C SER I 331 38.72 -51.51 36.43
N GLY I 332 37.65 -50.73 36.36
CA GLY I 332 36.92 -50.51 35.12
C GLY I 332 35.64 -51.30 35.00
N GLN I 333 35.45 -52.32 35.83
CA GLN I 333 34.24 -53.12 35.75
C GLN I 333 33.05 -52.37 36.33
N TYR I 334 31.91 -52.53 35.69
CA TYR I 334 30.69 -51.88 36.16
C TYR I 334 30.29 -52.43 37.52
N VAL I 335 29.79 -51.55 38.39
CA VAL I 335 29.48 -51.95 39.75
C VAL I 335 28.36 -52.99 39.79
N ASP I 336 27.34 -52.84 38.94
CA ASP I 336 26.23 -53.78 38.99
C ASP I 336 26.69 -55.19 38.71
N VAL I 337 27.65 -55.37 37.80
CA VAL I 337 28.20 -56.70 37.55
C VAL I 337 28.89 -57.22 38.80
N ILE I 338 29.66 -56.37 39.47
CA ILE I 338 30.33 -56.79 40.70
C ILE I 338 29.31 -57.19 41.74
N ARG I 339 28.26 -56.39 41.91
CA ARG I 339 27.21 -56.74 42.86
C ARG I 339 26.51 -58.03 42.46
N PHE I 340 26.24 -58.21 41.17
CA PHE I 340 25.56 -59.42 40.73
C PHE I 340 26.36 -60.67 41.10
N SER I 341 27.68 -60.63 40.87
CA SER I 341 28.48 -61.81 41.15
C SER I 341 28.42 -62.20 42.62
N HIS I 342 28.50 -61.21 43.52
CA HIS I 342 28.42 -61.50 44.94
C HIS I 342 27.07 -62.08 45.30
N TRP I 343 25.99 -61.53 44.74
CA TRP I 343 24.66 -62.05 45.03
C TRP I 343 24.54 -63.50 44.61
N VAL I 344 25.07 -63.85 43.44
CA VAL I 344 25.01 -65.24 43.00
C VAL I 344 25.74 -66.14 43.98
N LYS I 345 26.94 -65.72 44.41
CA LYS I 345 27.71 -66.57 45.33
C LYS I 345 26.99 -66.73 46.66
N PHE I 346 26.60 -65.62 47.29
CA PHE I 346 26.03 -65.69 48.63
C PHE I 346 24.75 -66.49 48.65
N ARG I 347 23.87 -66.29 47.67
CA ARG I 347 22.56 -66.89 47.67
C ARG I 347 22.52 -68.22 46.92
N MET I 348 23.67 -68.74 46.49
CA MET I 348 23.73 -70.07 45.90
C MET I 348 24.22 -71.09 46.91
N GLU I 349 25.25 -70.74 47.70
CA GLU I 349 25.69 -71.64 48.76
C GLU I 349 24.65 -71.75 49.86
N GLU I 350 23.89 -70.68 50.11
CA GLU I 350 22.88 -70.71 51.16
C GLU I 350 21.78 -71.71 50.88
N SER I 351 21.27 -71.73 49.64
CA SER I 351 20.20 -72.66 49.29
C SER I 351 20.65 -74.11 49.43
N VAL I 352 21.84 -74.43 48.94
CA VAL I 352 22.36 -75.78 49.08
C VAL I 352 22.56 -76.13 50.55
N PHE I 353 23.13 -75.20 51.32
CA PHE I 353 23.34 -75.47 52.74
C PHE I 353 22.02 -75.69 53.46
N ALA I 354 21.00 -74.89 53.14
CA ALA I 354 19.71 -75.04 53.80
C ALA I 354 19.09 -76.41 53.51
N TYR I 355 19.18 -76.88 52.27
CA TYR I 355 18.61 -78.17 51.93
C TYR I 355 19.32 -79.31 52.65
N MET I 356 20.66 -79.23 52.74
CA MET I 356 21.40 -80.27 53.43
C MET I 356 21.01 -80.34 54.89
N LYS I 357 20.83 -79.19 55.53
CA LYS I 357 20.49 -79.17 56.95
C LYS I 357 19.15 -79.83 57.20
N ARG I 358 18.15 -79.54 56.36
CA ARG I 358 16.84 -80.14 56.54
C ARG I 358 16.91 -81.65 56.50
N ARG I 359 17.70 -82.20 55.56
CA ARG I 359 17.83 -83.64 55.46
C ARG I 359 18.46 -84.23 56.72
N SER I 360 19.50 -83.59 57.25
CA SER I 360 20.17 -84.12 58.42
C SER I 360 19.30 -84.03 59.67
N ASP I 361 18.43 -83.02 59.75
CA ASP I 361 17.55 -82.92 60.92
C ASP I 361 16.55 -84.07 60.97
N MET I 362 16.18 -84.62 59.82
CA MET I 362 15.29 -85.78 59.78
C MET I 362 16.03 -87.08 59.98
N GLY I 363 17.35 -87.07 60.01
CA GLY I 363 18.12 -88.28 60.17
C GLY I 363 18.53 -88.89 58.84
N LEU I 364 17.88 -88.44 57.76
CA LEU I 364 18.18 -88.95 56.43
C LEU I 364 19.17 -88.04 55.72
N SER I 365 20.36 -87.88 56.28
CA SER I 365 21.35 -87.00 55.70
C SER I 365 21.71 -87.45 54.28
N MET I 366 22.15 -86.49 53.47
CA MET I 366 22.49 -86.79 52.09
C MET I 366 23.67 -87.74 52.01
N LYS I 367 23.68 -88.58 50.98
CA LYS I 367 24.74 -89.56 50.77
C LYS I 367 25.21 -89.47 49.33
N MET I 368 26.51 -89.65 49.12
CA MET I 368 27.11 -89.51 47.79
C MET I 368 26.82 -90.76 46.98
N SER I 369 25.66 -90.76 46.33
CA SER I 369 25.27 -91.85 45.45
C SER I 369 24.47 -91.27 44.29
N ASP I 370 24.45 -92.01 43.18
CA ASP I 370 23.78 -91.54 41.98
C ASP I 370 22.28 -91.34 42.19
N GLU I 371 21.70 -91.95 43.25
CA GLU I 371 20.27 -91.84 43.47
C GLU I 371 19.86 -90.55 44.15
N ASP I 372 20.81 -89.78 44.69
CA ASP I 372 20.49 -88.54 45.39
C ASP I 372 21.22 -87.31 44.87
N LEU I 373 22.41 -87.48 44.28
CA LEU I 373 23.15 -86.34 43.78
C LEU I 373 22.33 -85.53 42.77
N PRO I 374 21.59 -86.17 41.88
CA PRO I 374 20.83 -85.40 40.88
C PRO I 374 19.86 -84.40 41.47
N VAL I 375 19.48 -84.56 42.74
CA VAL I 375 18.48 -83.67 43.33
C VAL I 375 18.96 -82.23 43.32
N LEU I 376 20.28 -82.02 43.34
CA LEU I 376 20.80 -80.66 43.44
C LEU I 376 20.38 -79.79 42.27
N LYS I 377 20.00 -80.37 41.14
CA LYS I 377 19.50 -79.56 40.03
C LYS I 377 18.22 -78.83 40.41
N SER I 378 17.31 -79.52 41.10
CA SER I 378 16.08 -78.88 41.52
C SER I 378 16.33 -77.79 42.56
N VAL I 379 17.29 -78.02 43.46
CA VAL I 379 17.57 -77.04 44.50
C VAL I 379 18.14 -75.77 43.89
N LEU I 380 19.15 -75.90 43.02
CA LEU I 380 19.75 -74.72 42.42
C LEU I 380 18.78 -73.98 41.53
N MET I 381 17.96 -74.71 40.77
CA MET I 381 16.98 -74.04 39.91
C MET I 381 15.92 -73.32 40.74
N ASN I 382 15.78 -73.66 42.02
CA ASN I 382 14.70 -73.09 42.81
C ASN I 382 15.06 -71.71 43.34
N ASN I 383 16.02 -71.62 44.26
CA ASN I 383 16.24 -70.36 44.95
C ASN I 383 17.02 -69.36 44.10
N PRO I 384 18.24 -69.68 43.65
CA PRO I 384 19.03 -68.64 42.95
C PRO I 384 18.59 -68.37 41.53
N ILE I 385 18.23 -69.40 40.76
CA ILE I 385 18.07 -69.23 39.32
C ILE I 385 16.70 -68.65 38.98
N ASN I 386 15.63 -69.38 39.32
CA ASN I 386 14.30 -68.95 38.89
C ASN I 386 13.99 -67.54 39.38
N ILE I 387 14.49 -67.16 40.55
CA ILE I 387 14.28 -65.80 41.04
C ILE I 387 14.97 -64.81 40.11
N GLY I 388 16.13 -65.18 39.57
CA GLY I 388 16.87 -64.31 38.68
C GLY I 388 16.33 -64.26 37.27
N ILE I 389 15.37 -65.11 36.92
CA ILE I 389 14.79 -65.10 35.59
C ILE I 389 13.49 -64.29 35.54
N ARG I 390 12.67 -64.38 36.59
CA ARG I 390 11.46 -63.57 36.63
C ARG I 390 11.80 -62.10 36.59
N ASN I 391 12.82 -61.69 37.33
CA ASN I 391 13.18 -60.28 37.44
C ASN I 391 14.01 -59.79 36.26
N GLY I 392 14.38 -60.67 35.34
CA GLY I 392 15.10 -60.27 34.14
C GLY I 392 16.60 -60.14 34.30
N GLY I 393 17.14 -60.47 35.47
CA GLY I 393 18.58 -60.37 35.64
C GLY I 393 19.35 -61.34 34.76
N ILE I 394 18.78 -62.52 34.51
CA ILE I 394 19.45 -63.58 33.77
C ILE I 394 18.79 -63.71 32.41
N LEU I 395 19.59 -63.62 31.36
CA LEU I 395 19.07 -63.77 30.01
C LEU I 395 18.78 -65.23 29.68
N THR I 396 17.87 -65.43 28.73
CA THR I 396 17.57 -66.75 28.20
C THR I 396 17.20 -66.60 26.73
N GLY I 397 16.99 -67.74 26.07
CA GLY I 397 16.60 -67.74 24.68
C GLY I 397 17.69 -68.20 23.74
N TYR I 398 17.66 -67.73 22.51
CA TYR I 398 18.55 -68.20 21.46
C TYR I 398 19.11 -67.01 20.71
N ASP I 399 20.41 -67.06 20.41
CA ASP I 399 21.08 -66.00 19.68
C ASP I 399 21.43 -66.50 18.28
N THR I 400 21.10 -65.70 17.27
CA THR I 400 21.26 -66.10 15.88
C THR I 400 22.58 -65.66 15.27
N GLU I 401 23.32 -64.77 15.91
CA GLU I 401 24.66 -64.42 15.44
C GLU I 401 25.68 -65.44 15.92
N ASN I 402 25.73 -65.67 17.23
CA ASN I 402 26.58 -66.73 17.76
C ASN I 402 26.01 -68.11 17.45
N LYS I 403 24.70 -68.19 17.23
CA LYS I 403 24.02 -69.47 17.06
C LYS I 403 24.20 -70.35 18.29
N VAL I 404 24.16 -69.72 19.46
CA VAL I 404 24.34 -70.40 20.74
C VAL I 404 23.18 -70.03 21.65
N SER I 405 22.70 -71.02 22.40
CA SER I 405 21.62 -70.78 23.35
C SER I 405 22.16 -70.14 24.61
N TYR I 406 21.26 -69.55 25.40
CA TYR I 406 21.63 -68.87 26.64
C TYR I 406 21.02 -69.52 27.88
N ASP I 407 20.47 -70.71 27.76
CA ASP I 407 19.82 -71.34 28.90
C ASP I 407 20.85 -71.76 29.94
N PRO I 408 20.55 -71.59 31.23
CA PRO I 408 21.48 -72.08 32.26
C PRO I 408 21.63 -73.59 32.21
N THR I 409 22.84 -74.07 32.51
CA THR I 409 23.13 -75.50 32.54
C THR I 409 23.77 -75.86 33.87
N ILE I 410 23.56 -77.11 34.29
CA ILE I 410 24.12 -77.62 35.53
C ILE I 410 24.64 -79.02 35.26
N ILE I 411 25.83 -79.33 35.78
CA ILE I 411 26.45 -80.64 35.64
C ILE I 411 26.86 -81.13 37.01
N ILE I 412 26.59 -82.41 37.28
CA ILE I 412 26.87 -83.00 38.58
C ILE I 412 27.70 -84.27 38.39
N PRO I 413 28.81 -84.44 39.10
CA PRO I 413 29.60 -85.66 38.91
C PRO I 413 28.84 -86.90 39.35
N LYS I 414 29.20 -88.04 38.75
CA LYS I 414 28.65 -89.31 39.16
C LYS I 414 29.67 -90.04 40.04
N ARG I 415 29.17 -91.04 40.77
CA ARG I 415 29.99 -91.69 41.79
C ARG I 415 31.23 -92.34 41.20
N ALA I 416 31.23 -92.64 39.90
CA ALA I 416 32.36 -93.29 39.27
C ALA I 416 33.52 -92.33 39.01
N ASN I 417 33.30 -91.03 39.12
CA ASN I 417 34.35 -90.05 38.84
C ASN I 417 34.93 -89.39 40.08
N ILE I 418 34.43 -89.70 41.27
CA ILE I 418 34.93 -89.11 42.50
C ILE I 418 36.21 -89.84 42.90
N PRO I 419 37.34 -89.15 43.02
CA PRO I 419 38.57 -89.85 43.45
C PRO I 419 38.39 -90.45 44.84
N THR I 420 39.08 -91.57 45.06
CA THR I 420 38.95 -92.28 46.34
C THR I 420 39.30 -91.40 47.52
N ASN I 421 40.23 -90.45 47.34
CA ASN I 421 40.60 -89.57 48.44
C ASN I 421 39.43 -88.73 48.90
N ASP I 422 38.66 -88.17 47.98
CA ASP I 422 37.52 -87.35 48.36
C ASP I 422 36.45 -88.15 49.07
N LEU I 423 36.31 -89.44 48.77
CA LEU I 423 35.39 -90.27 49.52
C LEU I 423 35.78 -90.35 50.99
N ALA I 424 37.08 -90.49 51.26
CA ALA I 424 37.53 -90.48 52.66
C ALA I 424 37.25 -89.13 53.31
N ALA I 425 37.53 -88.05 52.60
CA ALA I 425 37.33 -86.71 53.14
C ALA I 425 35.89 -86.23 53.02
N ARG I 426 35.05 -86.90 52.24
CA ARG I 426 33.65 -86.53 52.08
C ARG I 426 33.53 -85.12 51.51
N ILE I 427 34.10 -84.93 50.31
CA ILE I 427 34.04 -83.66 49.59
C ILE I 427 33.57 -83.93 48.17
N LEU I 428 32.63 -83.11 47.71
CA LEU I 428 32.15 -83.15 46.33
C LEU I 428 32.53 -81.84 45.65
N ARG I 429 33.10 -81.94 44.44
CA ARG I 429 33.55 -80.76 43.72
C ARG I 429 33.29 -80.97 42.23
N ASP I 430 33.72 -80.00 41.43
CA ASP I 430 33.55 -80.00 39.98
C ASP I 430 32.09 -79.79 39.58
N VAL I 431 31.23 -79.35 40.49
CA VAL I 431 29.88 -78.96 40.10
C VAL I 431 29.97 -77.65 39.34
N LYS I 432 29.36 -77.60 38.16
CA LYS I 432 29.54 -76.49 37.25
C LYS I 432 28.18 -75.90 36.87
N VAL I 433 28.13 -74.57 36.80
CA VAL I 433 26.92 -73.84 36.46
C VAL I 433 27.28 -72.80 35.40
N GLU I 434 26.28 -72.34 34.67
CA GLU I 434 26.49 -71.37 33.59
C GLU I 434 25.34 -70.39 33.57
N LEU I 435 25.67 -69.10 33.43
CA LEU I 435 24.68 -68.03 33.45
C LEU I 435 25.06 -66.99 32.40
N VAL I 436 24.07 -66.17 32.03
CA VAL I 436 24.27 -65.04 31.15
C VAL I 436 23.66 -63.81 31.80
N TYR I 437 24.42 -62.72 31.86
CA TYR I 437 23.97 -61.50 32.50
C TYR I 437 23.34 -60.56 31.49
N ASN I 438 22.34 -59.81 31.95
CA ASN I 438 21.56 -58.92 31.10
C ASN I 438 21.99 -57.48 31.37
N ASN I 439 22.36 -56.76 30.31
CA ASN I 439 22.93 -55.44 30.47
C ASN I 439 21.84 -54.37 30.44
N SER I 440 22.04 -53.31 31.23
CA SER I 440 21.16 -52.16 31.17
C SER I 440 21.59 -51.22 30.04
N LEU I 441 20.86 -50.12 29.89
CA LEU I 441 21.12 -49.14 28.86
C LEU I 441 21.61 -47.85 29.49
N HIS I 442 22.69 -47.28 28.94
CA HIS I 442 23.30 -46.08 29.48
C HIS I 442 23.22 -44.88 28.55
N TYR I 443 23.71 -45.00 27.32
CA TYR I 443 23.79 -43.88 26.39
C TYR I 443 23.00 -44.20 25.13
N VAL I 444 22.29 -43.19 24.63
CA VAL I 444 21.50 -43.31 23.41
C VAL I 444 21.82 -42.14 22.50
N LYS I 445 21.84 -42.41 21.21
CA LYS I 445 22.15 -41.41 20.19
C LYS I 445 21.03 -41.36 19.18
N ILE I 446 20.69 -40.15 18.73
CA ILE I 446 19.60 -39.94 17.79
C ILE I 446 20.15 -39.27 16.55
N ARG I 447 19.53 -39.55 15.41
CA ARG I 447 19.88 -38.94 14.13
C ARG I 447 18.61 -38.38 13.52
N ALA I 448 18.25 -37.16 13.90
CA ALA I 448 17.06 -36.52 13.37
C ALA I 448 17.36 -35.91 12.01
N SER I 449 16.29 -35.64 11.25
CA SER I 449 16.41 -34.98 9.97
C SER I 449 15.16 -34.16 9.72
N VAL I 450 15.35 -32.93 9.27
CA VAL I 450 14.26 -32.00 9.02
C VAL I 450 14.21 -31.74 7.52
N VAL I 451 13.08 -32.06 6.90
CA VAL I 451 12.88 -31.81 5.48
C VAL I 451 12.31 -30.41 5.29
N LEU I 452 12.54 -29.84 4.13
CA LEU I 452 12.10 -28.48 3.82
C LEU I 452 11.11 -28.41 2.68
N ASP I 453 11.38 -29.11 1.57
CA ASP I 453 10.55 -29.01 0.37
C ASP I 453 9.65 -30.21 0.16
N ARG I 454 10.20 -31.42 0.17
CA ARG I 454 9.44 -32.63 -0.10
C ARG I 454 10.10 -33.79 0.60
N PRO I 455 9.32 -34.71 1.21
CA PRO I 455 9.93 -35.94 1.72
C PRO I 455 10.62 -36.68 0.59
N ALA I 456 11.81 -37.22 0.89
CA ALA I 456 12.60 -37.90 -0.13
C ALA I 456 11.78 -38.98 -0.81
N GLY I 457 11.76 -38.98 -2.15
CA GLY I 457 11.03 -40.01 -2.86
C GLY I 457 11.81 -41.31 -2.93
N GLN I 458 11.08 -42.38 -3.25
CA GLN I 458 11.66 -43.71 -3.35
C GLN I 458 11.39 -44.29 -4.74
N SER I 459 12.21 -45.25 -5.11
CA SER I 459 12.03 -45.92 -6.39
C SER I 459 10.74 -46.74 -6.39
N THR I 460 10.14 -46.92 -7.56
CA THR I 460 8.94 -47.72 -7.71
C THR I 460 9.22 -49.21 -7.79
N ASN I 461 10.43 -49.63 -7.44
CA ASN I 461 10.81 -51.05 -7.50
C ASN I 461 10.08 -51.78 -6.38
N ALA I 462 8.96 -52.40 -6.73
CA ALA I 462 8.12 -53.11 -5.78
C ALA I 462 8.53 -54.57 -5.61
N GLN I 463 9.66 -54.97 -6.16
CA GLN I 463 10.12 -56.34 -6.00
C GLN I 463 10.70 -56.54 -4.60
N THR I 464 10.68 -57.79 -4.14
CA THR I 464 11.28 -58.11 -2.86
C THR I 464 12.79 -57.92 -2.93
N PRO I 465 13.40 -57.23 -1.96
CA PRO I 465 14.84 -56.96 -2.05
C PRO I 465 15.66 -58.23 -1.87
N MET I 466 16.46 -58.55 -2.88
CA MET I 466 17.33 -59.72 -2.80
C MET I 466 18.37 -59.53 -1.69
N SER I 467 18.71 -60.63 -1.02
CA SER I 467 19.58 -60.56 0.15
C SER I 467 21.04 -60.88 -0.15
N SER I 468 21.38 -61.23 -1.39
CA SER I 468 22.75 -61.62 -1.70
C SER I 468 23.01 -61.45 -3.19
N SER I 469 24.29 -61.40 -3.53
CA SER I 469 24.69 -61.29 -4.93
C SER I 469 24.86 -62.67 -5.55
N ALA I 470 24.39 -62.82 -6.80
CA ALA I 470 24.50 -64.11 -7.47
C ALA I 470 25.95 -64.48 -7.75
N VAL I 471 26.77 -63.53 -8.13
CA VAL I 471 28.17 -63.80 -8.46
C VAL I 471 28.94 -64.00 -7.17
N GLY I 472 29.59 -65.15 -7.04
CA GLY I 472 30.32 -65.48 -5.83
C GLY I 472 31.67 -66.08 -6.09
N VAL I 473 32.32 -65.67 -7.17
CA VAL I 473 33.64 -66.18 -7.51
C VAL I 473 34.56 -65.03 -7.94
N GLU J 3 6.73 -16.20 60.09
CA GLU J 3 7.07 -15.02 60.94
C GLU J 3 5.81 -14.36 61.45
N TYR J 4 5.93 -13.65 62.56
CA TYR J 4 4.78 -12.91 63.09
C TYR J 4 4.29 -11.89 62.06
N GLN J 5 2.99 -11.90 61.82
CA GLN J 5 2.35 -10.97 60.90
C GLN J 5 1.36 -10.13 61.70
N ASP J 6 1.54 -8.81 61.68
CA ASP J 6 0.75 -7.92 62.51
C ASP J 6 -0.56 -7.50 61.85
N LYS J 7 -0.92 -8.08 60.70
CA LYS J 7 -2.16 -7.74 60.04
C LYS J 7 -2.81 -9.01 59.51
N VAL J 8 -4.14 -9.05 59.59
CA VAL J 8 -4.87 -10.16 58.98
C VAL J 8 -4.75 -10.12 57.47
N VAL J 9 -4.56 -8.95 56.88
CA VAL J 9 -4.36 -8.80 55.44
C VAL J 9 -3.23 -7.82 55.22
N ASP J 10 -2.28 -8.18 54.36
CA ASP J 10 -1.15 -7.34 54.02
C ASP J 10 -1.10 -7.16 52.51
N VAL J 11 -1.36 -5.94 52.05
CA VAL J 11 -1.41 -5.62 50.63
C VAL J 11 -0.24 -4.69 50.31
N GLU J 12 0.59 -5.09 49.35
CA GLU J 12 1.67 -4.26 48.85
C GLU J 12 1.41 -3.93 47.40
N VAL J 13 1.39 -2.64 47.08
CA VAL J 13 1.25 -2.16 45.71
C VAL J 13 2.62 -1.63 45.29
N SER J 14 3.22 -2.27 44.30
CA SER J 14 4.60 -1.95 43.90
C SER J 14 4.70 -2.15 42.39
N LEU J 15 5.94 -2.21 41.90
CA LEU J 15 6.21 -2.22 40.46
C LEU J 15 7.29 -3.25 40.15
N GLY J 16 7.61 -3.37 38.87
CA GLY J 16 8.77 -4.11 38.43
C GLY J 16 8.57 -5.59 38.20
N THR J 17 8.41 -6.36 39.27
CA THR J 17 8.33 -7.80 39.17
C THR J 17 7.44 -8.41 40.25
N GLY J 24 16.33 -23.10 22.13
CA GLY J 24 15.96 -21.72 21.84
C GLY J 24 14.96 -21.15 22.81
N PHE J 25 15.28 -19.99 23.38
CA PHE J 25 14.39 -19.30 24.30
C PHE J 25 14.79 -17.83 24.33
N GLU J 26 14.29 -17.08 25.33
CA GLU J 26 14.25 -15.63 25.23
C GLU J 26 15.59 -14.97 25.55
N THR J 27 16.08 -15.14 26.78
CA THR J 27 17.03 -14.20 27.35
C THR J 27 18.26 -14.02 26.46
N PRO J 28 18.58 -12.80 26.03
CA PRO J 28 19.83 -12.56 25.32
C PRO J 28 20.96 -12.17 26.25
N MET J 29 22.18 -12.31 25.76
CA MET J 29 23.37 -11.92 26.50
C MET J 29 24.18 -10.94 25.65
N PHE J 30 24.43 -9.75 26.20
CA PHE J 30 25.19 -8.71 25.52
C PHE J 30 26.56 -8.61 26.16
N LEU J 31 27.60 -8.95 25.40
CA LEU J 31 28.96 -8.96 25.92
C LEU J 31 29.53 -7.56 25.80
N ALA J 32 29.61 -6.85 26.92
CA ALA J 32 29.99 -5.45 26.95
C ALA J 32 31.33 -5.25 27.62
N MET J 33 31.88 -4.05 27.45
CA MET J 33 33.12 -3.64 28.08
C MET J 33 32.78 -2.67 29.20
N HIS J 34 33.19 -2.99 30.43
CA HIS J 34 32.87 -2.17 31.58
C HIS J 34 33.54 -2.78 32.80
N GLY J 35 33.40 -2.08 33.93
CA GLY J 35 33.87 -2.57 35.21
C GLY J 35 32.93 -2.31 36.36
N ASN J 36 31.64 -2.12 36.12
CA ASN J 36 30.69 -1.72 37.15
C ASN J 36 30.38 -2.82 38.16
N PHE J 37 30.79 -4.05 37.92
CA PHE J 37 30.59 -5.13 38.89
C PHE J 37 31.67 -6.18 38.67
N PRO J 38 31.95 -7.00 39.69
CA PRO J 38 33.03 -7.98 39.55
C PRO J 38 32.64 -9.22 38.76
N GLU J 39 31.40 -9.67 38.87
CA GLU J 39 30.98 -10.88 38.19
C GLU J 39 31.15 -10.74 36.68
N ARG J 40 31.03 -11.86 35.98
CA ARG J 40 31.09 -11.86 34.53
C ARG J 40 29.72 -11.66 33.89
N ILE J 41 28.64 -12.05 34.57
CA ILE J 41 27.28 -11.94 34.05
C ILE J 41 26.39 -11.35 35.12
N ARG J 42 25.43 -10.53 34.70
CA ARG J 42 24.38 -10.04 35.57
C ARG J 42 23.08 -9.94 34.78
N PHE J 43 21.96 -10.13 35.46
CA PHE J 43 20.65 -10.03 34.83
C PHE J 43 19.94 -8.76 35.28
N TYR J 44 19.18 -8.18 34.37
CA TYR J 44 18.41 -6.97 34.65
C TYR J 44 17.01 -7.14 34.09
N VAL J 45 16.07 -6.40 34.66
CA VAL J 45 14.70 -6.40 34.18
C VAL J 45 14.30 -5.07 33.54
N SER J 46 15.09 -4.02 33.71
CA SER J 46 14.79 -2.74 33.10
C SER J 46 16.07 -1.91 33.05
N THR J 47 16.06 -0.89 32.19
CA THR J 47 17.21 0.00 32.10
C THR J 47 17.43 0.75 33.41
N ALA J 48 16.39 0.87 34.24
CA ALA J 48 16.55 1.58 35.51
C ALA J 48 17.61 0.93 36.38
N GLY J 49 17.59 -0.40 36.48
CA GLY J 49 18.58 -1.10 37.27
C GLY J 49 20.00 -0.85 36.81
N MET J 50 20.23 -0.77 35.51
CA MET J 50 21.57 -0.52 34.98
C MET J 50 22.08 0.85 35.34
N VAL J 51 21.20 1.86 35.37
CA VAL J 51 21.61 3.19 35.84
C VAL J 51 22.07 3.10 37.29
N ALA J 52 21.33 2.38 38.13
CA ALA J 52 21.75 2.21 39.51
C ALA J 52 23.09 1.50 39.62
N ASP J 53 23.51 0.79 38.57
CA ASP J 53 24.81 0.13 38.54
C ASP J 53 25.90 1.01 37.93
N GLY J 54 25.60 2.27 37.65
CA GLY J 54 26.59 3.18 37.14
C GLY J 54 26.71 3.20 35.63
N PHE J 55 25.72 2.68 34.91
CA PHE J 55 25.74 2.76 33.46
C PHE J 55 25.32 4.16 33.01
N ALA J 56 26.20 4.83 32.28
CA ALA J 56 25.90 6.18 31.81
C ALA J 56 24.94 6.12 30.63
N VAL J 57 23.99 7.05 30.61
CA VAL J 57 23.05 7.12 29.50
C VAL J 57 23.82 7.28 28.21
N GLY J 58 23.39 6.59 27.16
CA GLY J 58 24.08 6.59 25.90
C GLY J 58 25.19 5.58 25.80
N SER J 59 25.52 4.88 26.88
CA SER J 59 26.60 3.91 26.82
C SER J 59 26.18 2.70 26.00
N PRO J 60 27.16 1.99 25.42
CA PRO J 60 26.81 0.83 24.59
C PRO J 60 25.79 -0.11 25.20
N ALA J 61 26.05 -0.62 26.40
CA ALA J 61 25.11 -1.55 27.02
C ALA J 61 23.74 -0.92 27.19
N TYR J 62 23.69 0.36 27.55
CA TYR J 62 22.41 1.03 27.76
C TYR J 62 21.61 1.08 26.47
N GLN J 63 22.27 1.36 25.34
CA GLN J 63 21.56 1.41 24.06
C GLN J 63 20.95 0.06 23.72
N PHE J 64 21.70 -1.02 23.92
CA PHE J 64 21.19 -2.35 23.61
C PHE J 64 19.99 -2.68 24.47
N ALA J 65 20.10 -2.46 25.79
CA ALA J 65 19.03 -2.83 26.70
C ALA J 65 17.75 -2.07 26.42
N THR J 66 17.84 -0.76 26.20
CA THR J 66 16.64 0.02 25.93
C THR J 66 15.99 -0.39 24.62
N ASN J 67 16.79 -0.72 23.61
CA ASN J 67 16.23 -1.19 22.35
C ASN J 67 15.56 -2.54 22.48
N ALA J 68 16.15 -3.46 23.26
CA ALA J 68 15.58 -4.81 23.38
C ALA J 68 14.30 -4.82 24.19
N PHE J 69 14.16 -3.94 25.18
CA PHE J 69 12.97 -3.89 26.00
C PHE J 69 11.83 -3.15 25.32
N ALA J 70 12.08 -2.48 24.20
CA ALA J 70 11.04 -1.71 23.53
C ALA J 70 10.33 -2.48 22.43
N GLY J 71 10.80 -3.68 22.10
CA GLY J 71 10.21 -4.42 21.01
C GLY J 71 8.84 -4.99 21.35
N ASN J 72 8.12 -5.40 20.31
CA ASN J 72 6.81 -6.02 20.48
C ASN J 72 6.89 -7.36 21.19
N PHE J 73 8.03 -8.04 21.12
CA PHE J 73 8.24 -9.31 21.79
C PHE J 73 9.47 -9.23 22.67
N ALA J 74 9.57 -8.18 23.46
CA ALA J 74 10.79 -7.91 24.21
C ALA J 74 11.08 -9.05 25.17
N PRO J 75 12.34 -9.40 25.38
CA PRO J 75 12.67 -10.47 26.33
C PRO J 75 12.34 -10.06 27.75
N GLN J 76 12.05 -11.08 28.57
CA GLN J 76 11.68 -10.82 29.95
C GLN J 76 12.85 -10.27 30.75
N ARG J 77 14.07 -10.73 30.47
CA ARG J 77 15.20 -10.43 31.33
C ARG J 77 16.52 -10.52 30.56
N VAL J 78 17.15 -9.38 30.30
CA VAL J 78 18.40 -9.34 29.54
C VAL J 78 19.57 -9.69 30.44
N ALA J 79 20.73 -9.94 29.84
CA ALA J 79 21.94 -10.28 30.57
C ALA J 79 23.11 -9.49 30.00
N ILE J 80 24.00 -9.05 30.89
CA ILE J 80 25.14 -8.23 30.52
C ILE J 80 26.41 -9.00 30.84
N GLY J 81 27.25 -9.20 29.83
CA GLY J 81 28.57 -9.76 30.05
C GLY J 81 29.58 -8.66 30.33
N ARG J 82 30.67 -9.02 30.98
CA ARG J 82 31.68 -8.06 31.39
C ARG J 82 33.03 -8.46 30.80
N MET J 83 33.61 -7.56 30.00
CA MET J 83 34.99 -7.67 29.58
C MET J 83 35.73 -6.38 29.95
N SER J 84 36.97 -6.54 30.42
CA SER J 84 37.66 -5.43 31.06
C SER J 84 37.90 -4.30 30.06
N ILE J 85 38.00 -3.08 30.60
CA ILE J 85 38.32 -1.88 29.83
C ILE J 85 39.72 -1.43 30.22
N ASP J 86 40.46 -0.92 29.23
CA ASP J 86 41.70 -0.22 29.47
C ASP J 86 41.63 1.25 29.09
N SER J 87 40.87 1.60 28.04
CA SER J 87 40.71 2.98 27.63
C SER J 87 39.44 3.10 26.82
N SER J 88 38.94 4.33 26.71
CA SER J 88 37.77 4.64 25.90
C SER J 88 38.04 5.90 25.11
N LYS J 89 37.41 5.99 23.94
CA LYS J 89 37.63 7.10 23.03
C LYS J 89 36.31 7.77 22.68
N VAL J 90 36.39 9.05 22.33
CA VAL J 90 35.27 9.79 21.76
C VAL J 90 35.76 10.38 20.44
N ASP J 91 35.18 9.93 19.34
CA ASP J 91 35.64 10.27 18.00
C ASP J 91 34.76 11.38 17.43
N PHE J 92 35.41 12.41 16.88
CA PHE J 92 34.71 13.57 16.36
C PHE J 92 35.00 13.79 14.88
N THR J 93 34.89 12.72 14.08
CA THR J 93 35.13 12.84 12.65
C THR J 93 33.91 13.43 11.94
N GLY J 94 33.00 14.01 12.71
CA GLY J 94 31.86 14.73 12.15
C GLY J 94 31.22 15.62 13.20
N THR J 95 30.80 16.82 12.81
CA THR J 95 30.28 17.79 13.75
C THR J 95 29.25 18.67 13.04
N THR J 96 28.52 19.44 13.84
CA THR J 96 27.53 20.38 13.32
C THR J 96 28.20 21.52 12.56
N GLU J 99 26.48 22.33 20.21
CA GLU J 99 26.03 21.47 21.29
C GLU J 99 26.44 20.02 21.03
N GLN J 100 27.38 19.52 21.84
CA GLN J 100 27.90 18.17 21.71
C GLN J 100 27.94 17.52 23.10
N VAL J 101 26.83 17.64 23.82
CA VAL J 101 26.72 17.17 25.20
C VAL J 101 27.23 15.74 25.31
N VAL J 102 28.00 15.47 26.36
CA VAL J 102 28.49 14.13 26.67
C VAL J 102 28.21 13.86 28.14
N VAL J 103 28.00 12.60 28.49
CA VAL J 103 27.65 12.20 29.85
C VAL J 103 28.76 11.36 30.42
N ASN J 104 29.24 11.75 31.60
CA ASN J 104 30.26 11.01 32.33
C ASN J 104 29.74 10.70 33.73
N ILE J 105 29.97 9.46 34.18
CA ILE J 105 29.61 9.03 35.52
C ILE J 105 30.85 8.42 36.16
N THR J 106 31.28 8.99 37.29
CA THR J 106 32.45 8.53 38.01
C THR J 106 32.09 8.27 39.46
N LEU J 107 32.74 7.27 40.05
CA LEU J 107 32.49 6.89 41.44
C LEU J 107 31.04 6.46 41.63
N ASN J 108 30.39 6.08 40.54
CA ASN J 108 29.03 5.54 40.55
C ASN J 108 27.98 6.60 40.90
N LYS J 109 28.40 7.81 41.26
CA LYS J 109 27.46 8.83 41.71
C LYS J 109 27.66 10.17 41.01
N VAL J 110 28.88 10.44 40.55
CA VAL J 110 29.19 11.76 40.01
C VAL J 110 28.72 11.85 38.56
N VAL J 111 27.51 12.35 38.37
CA VAL J 111 26.93 12.52 37.04
C VAL J 111 27.28 13.90 36.50
N LYS J 112 28.47 14.03 35.89
CA LYS J 112 28.92 15.30 35.34
C LYS J 112 28.70 15.30 33.83
N ALA J 113 27.57 15.87 33.41
CA ALA J 113 27.23 15.98 32.00
C ALA J 113 27.96 17.19 31.42
N VAL J 114 29.08 16.90 30.75
CA VAL J 114 29.91 17.94 30.15
C VAL J 114 29.21 18.47 28.92
N LYS J 115 29.37 19.78 28.67
CA LYS J 115 28.74 20.46 27.55
C LYS J 115 29.81 21.18 26.73
N ILE J 116 29.60 21.24 25.42
CA ILE J 116 30.48 21.95 24.50
C ILE J 116 29.64 22.37 23.29
N ASN J 117 30.08 23.43 22.63
CA ASN J 117 29.35 23.94 21.48
C ASN J 117 30.31 24.61 20.51
N VAL J 118 29.88 24.70 19.25
CA VAL J 118 30.68 25.33 18.21
C VAL J 118 29.80 26.35 17.48
N PRO J 124 37.43 19.58 13.45
CA PRO J 124 36.92 19.02 14.71
C PRO J 124 37.95 19.05 15.83
N ALA J 125 39.16 19.49 15.52
CA ALA J 125 40.21 19.57 16.53
C ALA J 125 39.81 20.57 17.63
N GLN J 126 39.25 21.71 17.24
CA GLN J 126 38.84 22.71 18.23
C GLN J 126 37.89 22.10 19.25
N ILE J 127 36.83 21.46 18.79
CA ILE J 127 35.90 20.81 19.70
C ILE J 127 36.59 19.66 20.43
N ALA J 128 37.40 18.87 19.72
CA ALA J 128 38.09 17.77 20.37
C ALA J 128 38.97 18.26 21.50
N THR J 129 39.83 19.23 21.24
CA THR J 129 40.64 19.81 22.29
C THR J 129 39.78 20.52 23.32
N ALA J 130 38.73 21.21 22.86
CA ALA J 130 37.84 21.88 23.79
C ALA J 130 37.20 20.91 24.77
N LEU J 131 36.73 19.76 24.27
CA LEU J 131 36.13 18.77 25.16
C LEU J 131 37.16 18.28 26.17
N ALA J 132 38.38 17.98 25.73
CA ALA J 132 39.41 17.56 26.66
C ALA J 132 39.66 18.63 27.72
N ASP J 133 39.67 19.89 27.30
CA ASP J 133 39.88 20.99 28.23
C ASP J 133 38.77 21.04 29.27
N ALA J 134 37.52 20.85 28.82
CA ALA J 134 36.39 20.90 29.74
C ALA J 134 36.48 19.81 30.80
N VAL J 135 36.87 18.60 30.41
CA VAL J 135 37.00 17.50 31.37
C VAL J 135 38.05 17.85 32.42
N THR J 136 39.19 18.37 31.99
CA THR J 136 40.25 18.74 32.94
C THR J 136 39.77 19.80 33.92
N ALA J 137 38.85 20.66 33.50
CA ALA J 137 38.36 21.72 34.37
C ALA J 137 37.54 21.20 35.54
N ASP J 138 37.16 19.93 35.53
CA ASP J 138 36.38 19.36 36.62
C ASP J 138 37.11 19.50 37.96
N LEU J 141 35.09 15.09 38.58
CA LEU J 141 36.28 15.44 39.35
C LEU J 141 37.54 15.07 38.58
N THR J 142 38.35 16.09 38.27
CA THR J 142 39.59 15.85 37.52
C THR J 142 40.55 14.98 38.32
N GLY J 143 40.36 14.87 39.63
CA GLY J 143 41.24 14.06 40.46
C GLY J 143 40.95 12.58 40.35
N LYS J 144 40.03 12.20 39.46
CA LYS J 144 39.67 10.79 39.28
C LYS J 144 39.63 10.35 37.83
N ALA J 145 39.67 11.25 36.85
CA ALA J 145 39.63 10.88 35.45
C ALA J 145 40.56 11.79 34.67
N THR J 146 40.96 11.35 33.48
CA THR J 146 41.88 12.10 32.64
C THR J 146 41.37 12.10 31.21
N ALA J 147 41.76 13.13 30.46
CA ALA J 147 41.36 13.25 29.06
C ALA J 147 42.52 13.84 28.27
N VAL J 148 42.56 13.52 26.98
CA VAL J 148 43.60 14.01 26.08
C VAL J 148 43.11 13.88 24.65
N ALA J 149 43.29 14.94 23.87
CA ALA J 149 42.93 14.90 22.46
C ALA J 149 44.13 14.45 21.61
N THR J 150 43.83 13.72 20.54
CA THR J 150 44.87 13.28 19.63
C THR J 150 44.46 13.50 18.17
N THR J 152 42.16 13.87 16.23
CA THR J 152 40.76 14.27 16.20
C THR J 152 40.03 13.72 17.42
N TYR J 153 40.19 12.42 17.67
CA TYR J 153 39.52 11.80 18.79
C TYR J 153 40.16 12.24 20.11
N VAL J 154 39.43 12.00 21.20
CA VAL J 154 39.89 12.30 22.55
C VAL J 154 39.72 11.05 23.39
N THR J 155 40.78 10.67 24.10
CA THR J 155 40.76 9.48 24.94
C THR J 155 40.44 9.87 26.38
N VAL J 156 39.63 9.02 27.04
CA VAL J 156 39.26 9.23 28.43
C VAL J 156 39.67 7.99 29.22
N THR J 157 40.36 8.20 30.33
CA THR J 157 40.84 7.10 31.16
C THR J 157 40.54 7.41 32.62
N ALA J 158 40.27 6.37 33.39
CA ALA J 158 40.00 6.52 34.81
C ALA J 158 41.26 6.96 35.55
N SER J 160 43.35 5.54 37.48
CA SER J 160 42.98 5.40 38.88
C SER J 160 41.93 4.30 39.05
N PRO J 161 41.81 3.76 40.27
CA PRO J 161 40.80 2.70 40.52
C PRO J 161 39.41 3.28 40.84
N ASN J 162 38.73 3.72 39.78
CA ASN J 162 37.41 4.32 39.93
C ASN J 162 36.56 3.94 38.72
N VAL J 163 35.33 3.52 38.99
CA VAL J 163 34.41 3.19 37.91
C VAL J 163 34.08 4.47 37.15
N VAL J 164 34.36 4.47 35.84
CA VAL J 164 34.08 5.60 34.98
C VAL J 164 33.27 5.12 33.79
N SER J 165 32.16 5.80 33.53
CA SER J 165 31.27 5.46 32.42
C SER J 165 31.10 6.69 31.54
N VAL J 166 31.25 6.48 30.23
CA VAL J 166 31.14 7.56 29.25
C VAL J 166 30.10 7.16 28.21
N GLY J 167 29.20 8.07 27.90
CA GLY J 167 28.12 7.78 26.97
C GLY J 167 27.77 8.99 26.13
N LYS J 168 27.17 8.73 24.97
CA LYS J 168 26.80 9.79 24.04
C LYS J 168 25.52 10.48 24.52
N GLY J 169 25.50 11.81 24.46
CA GLY J 169 24.32 12.57 24.82
C GLY J 169 23.65 13.21 23.61
N ALA J 170 24.45 13.70 22.67
CA ALA J 170 23.95 14.34 21.47
C ALA J 170 25.08 14.36 20.44
N GLY J 171 24.89 15.11 19.36
CA GLY J 171 25.95 15.27 18.38
C GLY J 171 26.11 14.05 17.49
N VAL J 172 27.23 14.04 16.76
CA VAL J 172 27.46 13.00 15.76
C VAL J 172 28.59 12.06 16.18
N TYR J 173 29.35 12.43 17.20
CA TYR J 173 30.46 11.60 17.67
C TYR J 173 29.97 10.20 18.04
N LYS J 174 30.90 9.24 18.10
CA LYS J 174 30.57 7.87 18.47
C LYS J 174 31.59 7.36 19.47
N ILE J 175 31.11 6.60 20.45
CA ILE J 175 31.97 6.04 21.48
C ILE J 175 32.64 4.77 20.97
N VAL J 176 33.92 4.60 21.31
CA VAL J 176 34.70 3.44 20.90
C VAL J 176 35.50 2.97 22.09
N ASN J 177 35.04 1.91 22.75
CA ASN J 177 35.78 1.34 23.87
C ASN J 177 36.87 0.40 23.37
N GLU J 178 37.94 0.30 24.14
CA GLU J 178 39.09 -0.53 23.80
C GLU J 178 39.48 -1.35 25.02
N SER J 179 39.94 -2.58 24.78
CA SER J 179 40.29 -3.48 25.87
C SER J 179 41.45 -4.37 25.43
N SER J 180 42.32 -4.69 26.39
CA SER J 180 43.40 -5.63 26.13
C SER J 180 42.93 -7.07 26.08
N GLU J 181 41.85 -7.38 26.78
CA GLU J 181 41.29 -8.72 26.77
C GLU J 181 40.66 -9.02 25.40
N THR J 182 40.53 -10.31 25.11
CA THR J 182 40.03 -10.76 23.82
C THR J 182 38.74 -11.54 24.02
N VAL J 183 37.80 -11.36 23.08
CA VAL J 183 36.50 -12.01 23.17
C VAL J 183 36.66 -13.52 23.15
N ALA J 184 37.60 -14.01 22.34
CA ALA J 184 37.75 -15.46 22.16
C ALA J 184 38.03 -16.15 23.49
N THR J 185 38.58 -15.45 24.47
CA THR J 185 38.94 -16.05 25.75
C THR J 185 37.92 -15.77 26.85
N VAL J 186 37.21 -14.66 26.78
CA VAL J 186 36.23 -14.36 27.81
C VAL J 186 35.01 -15.28 27.71
N LEU J 187 34.55 -15.55 26.49
CA LEU J 187 33.32 -16.33 26.33
C LEU J 187 33.38 -17.65 27.07
N PRO J 188 34.47 -18.42 27.04
CA PRO J 188 34.54 -19.63 27.86
C PRO J 188 34.37 -19.35 29.34
N SER J 189 34.60 -18.10 29.75
CA SER J 189 34.47 -17.73 31.16
C SER J 189 33.01 -17.42 31.54
N VAL J 190 32.33 -16.61 30.72
CA VAL J 190 30.97 -16.23 31.07
C VAL J 190 30.06 -17.44 31.13
N ILE J 191 30.25 -18.40 30.21
CA ILE J 191 29.39 -19.59 30.17
C ILE J 191 29.45 -20.35 31.48
N ALA J 192 30.62 -20.42 32.12
CA ALA J 192 30.75 -21.15 33.36
C ALA J 192 29.84 -20.59 34.45
N GLU J 193 29.79 -19.27 34.58
CA GLU J 193 28.94 -18.67 35.61
C GLU J 193 27.48 -19.04 35.42
N ASN J 194 26.97 -18.87 34.21
CA ASN J 194 25.58 -19.22 33.92
C ASN J 194 25.43 -19.39 32.42
N HIS J 195 24.42 -20.17 32.04
CA HIS J 195 24.17 -20.42 30.62
C HIS J 195 22.69 -20.43 30.27
N ASN J 196 21.85 -19.71 31.03
CA ASN J 196 20.43 -19.56 30.68
C ASN J 196 20.24 -18.38 29.75
N TRP J 197 21.00 -18.40 28.65
CA TRP J 197 20.89 -17.35 27.64
C TRP J 197 21.11 -17.98 26.27
N TYR J 198 20.33 -17.49 25.30
CA TYR J 198 20.31 -18.09 23.97
C TYR J 198 20.93 -17.20 22.91
N PHE J 199 20.57 -15.91 22.87
CA PHE J 199 21.13 -15.01 21.90
C PHE J 199 22.50 -14.51 22.35
N LEU J 200 23.40 -14.32 21.39
CA LEU J 200 24.75 -13.85 21.67
C LEU J 200 25.05 -12.62 20.82
N ALA J 201 25.48 -11.55 21.47
CA ALA J 201 25.85 -10.33 20.78
C ALA J 201 27.10 -9.75 21.43
N THR J 202 27.91 -9.07 20.63
CA THR J 202 29.19 -8.56 21.08
C THR J 202 29.34 -7.10 20.69
N GLU J 203 30.21 -6.40 21.42
CA GLU J 203 30.45 -4.99 21.17
C GLU J 203 31.62 -4.76 20.22
N ALA J 204 32.63 -5.63 20.26
CA ALA J 204 33.86 -5.37 19.50
C ALA J 204 33.57 -5.12 18.03
N ARG J 205 32.86 -6.02 17.37
CA ARG J 205 32.41 -5.82 16.00
C ARG J 205 33.58 -5.70 15.03
N SER J 206 34.79 -6.07 15.45
CA SER J 206 35.89 -6.19 14.51
C SER J 206 35.78 -7.51 13.76
N ASP J 207 36.45 -7.59 12.62
CA ASP J 207 36.37 -8.80 11.80
C ASP J 207 36.87 -10.01 12.58
N ALA J 208 37.98 -9.87 13.29
CA ALA J 208 38.48 -10.98 14.09
C ALA J 208 37.55 -11.32 15.23
N ASP J 209 37.02 -10.31 15.93
CA ASP J 209 36.15 -10.57 17.07
C ASP J 209 34.85 -11.22 16.65
N ILE J 210 34.25 -10.75 15.57
CA ILE J 210 32.97 -11.29 15.13
C ILE J 210 33.13 -12.76 14.75
N VAL J 211 34.18 -13.09 13.99
CA VAL J 211 34.36 -14.47 13.56
C VAL J 211 34.56 -15.38 14.76
N ALA J 212 35.37 -14.96 15.73
CA ALA J 212 35.59 -15.78 16.90
C ALA J 212 34.29 -16.05 17.65
N ALA J 213 33.43 -15.02 17.75
CA ALA J 213 32.13 -15.21 18.40
C ALA J 213 31.27 -16.18 17.62
N ALA J 214 31.32 -16.13 16.29
CA ALA J 214 30.51 -17.03 15.48
C ALA J 214 30.89 -18.48 15.71
N GLU J 215 32.19 -18.78 15.78
CA GLU J 215 32.61 -20.15 15.98
C GLU J 215 32.17 -20.67 17.34
N PHE J 216 32.26 -19.84 18.38
CA PHE J 216 31.85 -20.28 19.71
C PHE J 216 30.37 -20.63 19.74
N ALA J 217 29.54 -19.83 19.07
CA ALA J 217 28.09 -20.08 19.09
C ALA J 217 27.75 -21.44 18.52
N LYS J 218 28.52 -21.92 17.55
CA LYS J 218 28.24 -23.23 16.95
C LYS J 218 28.37 -24.33 18.00
N ALA J 219 29.56 -24.49 18.56
CA ALA J 219 29.81 -25.62 19.45
C ALA J 219 28.88 -25.64 20.66
N ASN J 220 28.34 -24.49 21.05
CA ASN J 220 27.47 -24.39 22.21
C ASN J 220 26.02 -24.21 21.84
N TYR J 221 25.68 -24.22 20.56
CA TYR J 221 24.30 -24.09 20.09
C TYR J 221 23.67 -22.80 20.60
N LYS J 222 24.23 -21.68 20.16
CA LYS J 222 23.69 -20.36 20.43
C LYS J 222 23.48 -19.64 19.12
N LEU J 223 22.59 -18.66 19.12
CA LEU J 223 22.27 -17.90 17.93
C LEU J 223 23.05 -16.58 17.96
N HIS J 224 23.84 -16.34 16.92
CA HIS J 224 24.66 -15.15 16.86
C HIS J 224 23.98 -14.06 16.05
N ILE J 225 24.10 -12.82 16.53
CA ILE J 225 23.51 -11.66 15.88
C ILE J 225 24.56 -10.55 15.83
N TYR J 226 24.58 -9.80 14.74
CA TYR J 226 25.50 -8.69 14.61
C TYR J 226 25.02 -7.73 13.52
N ASN J 227 25.14 -6.44 13.79
CA ASN J 227 24.89 -5.41 12.80
C ASN J 227 26.21 -4.75 12.41
N SER J 228 26.44 -4.61 11.10
CA SER J 228 27.70 -4.11 10.59
C SER J 228 27.46 -2.84 9.77
N THR J 229 28.35 -1.87 9.92
CA THR J 229 28.30 -0.63 9.17
C THR J 229 29.13 -0.67 7.90
N ASP J 230 29.74 -1.80 7.58
CA ASP J 230 30.64 -1.89 6.43
C ASP J 230 29.92 -1.47 5.16
N VAL J 231 30.57 -0.60 4.39
CA VAL J 231 30.02 -0.20 3.09
C VAL J 231 30.19 -1.30 2.06
N ASP J 232 31.14 -2.22 2.29
CA ASP J 232 31.33 -3.32 1.36
C ASP J 232 30.16 -4.29 1.35
N ALA J 233 29.24 -4.17 2.31
CA ALA J 233 28.12 -5.10 2.37
C ALA J 233 27.31 -5.08 1.08
N TYR J 234 27.02 -3.89 0.55
CA TYR J 234 26.25 -3.76 -0.67
C TYR J 234 27.12 -3.43 -1.87
N ALA J 235 28.44 -3.61 -1.76
CA ALA J 235 29.31 -3.46 -2.91
C ALA J 235 28.91 -4.48 -3.97
N PRO J 236 29.46 -4.35 -5.19
CA PRO J 236 29.08 -5.31 -6.25
C PRO J 236 29.35 -6.73 -5.83
N GLU J 237 28.46 -7.64 -6.26
CA GLU J 237 28.50 -9.01 -5.77
C GLU J 237 29.85 -9.66 -6.05
N ASN J 238 30.48 -9.31 -7.17
CA ASN J 238 31.77 -9.91 -7.50
C ASN J 238 32.84 -9.57 -6.48
N SER J 239 32.64 -8.54 -5.67
CA SER J 239 33.63 -8.09 -4.70
C SER J 239 33.33 -8.74 -3.35
N ALA J 240 34.20 -9.65 -2.93
CA ALA J 240 34.07 -10.33 -1.65
C ALA J 240 35.13 -9.78 -0.69
N ALA J 241 34.76 -8.78 0.10
CA ALA J 241 35.70 -8.17 1.03
C ALA J 241 35.09 -7.95 2.41
N SER J 242 33.76 -8.07 2.50
CA SER J 242 33.09 -7.81 3.76
C SER J 242 33.09 -9.05 4.65
N VAL J 243 32.71 -8.85 5.91
CA VAL J 243 32.61 -9.96 6.86
C VAL J 243 31.63 -11.01 6.33
N PHE J 244 30.52 -10.54 5.77
CA PHE J 244 29.47 -11.46 5.33
C PHE J 244 30.03 -12.51 4.37
N ASP J 245 30.96 -12.11 3.50
CA ASP J 245 31.57 -13.07 2.58
C ASP J 245 32.37 -14.12 3.33
N THR J 246 33.09 -13.72 4.37
CA THR J 246 33.90 -14.67 5.13
C THR J 246 33.02 -15.72 5.80
N LEU J 247 31.95 -15.29 6.47
CA LEU J 247 31.05 -16.23 7.12
C LEU J 247 30.36 -17.13 6.10
N LYS J 248 29.97 -16.57 4.95
CA LYS J 248 29.36 -17.39 3.92
C LYS J 248 30.29 -18.51 3.48
N SER J 249 31.57 -18.20 3.30
CA SER J 249 32.53 -19.22 2.90
C SER J 249 32.68 -20.30 3.97
N LEU J 250 32.69 -19.91 5.25
CA LEU J 250 32.86 -20.85 6.34
C LEU J 250 31.57 -21.59 6.69
N SER J 251 30.45 -21.24 6.08
CA SER J 251 29.17 -21.88 6.33
C SER J 251 28.79 -21.78 7.81
N TYR J 252 28.83 -20.56 8.32
CA TYR J 252 28.46 -20.25 9.69
C TYR J 252 27.04 -19.71 9.71
N ASP J 253 26.28 -20.06 10.74
CA ASP J 253 24.94 -19.53 10.91
C ASP J 253 24.97 -18.34 11.87
N SER J 254 24.77 -17.15 11.32
CA SER J 254 24.77 -15.93 12.14
C SER J 254 23.93 -14.88 11.43
N LEU J 255 22.89 -14.39 12.10
CA LEU J 255 21.94 -13.49 11.49
C LEU J 255 22.59 -12.12 11.34
N GLY J 256 23.30 -11.93 10.22
CA GLY J 256 23.91 -10.65 9.95
C GLY J 256 22.96 -9.70 9.26
N THR J 257 23.30 -8.41 9.35
CA THR J 257 22.53 -7.38 8.67
C THR J 257 23.36 -6.11 8.60
N SER J 258 22.96 -5.20 7.72
CA SER J 258 23.66 -3.95 7.51
C SER J 258 22.77 -2.80 7.97
N ASP J 259 23.36 -1.89 8.73
CA ASP J 259 22.62 -0.73 9.24
C ASP J 259 23.62 0.37 9.57
N ALA J 260 23.21 1.61 9.34
CA ALA J 260 24.05 2.75 9.68
C ALA J 260 24.08 3.00 11.17
N GLY J 261 23.01 2.63 11.88
CA GLY J 261 22.96 2.79 13.32
C GLY J 261 23.51 1.59 14.06
N ALA J 262 24.14 0.66 13.33
CA ALA J 262 24.71 -0.52 13.98
C ALA J 262 25.67 -0.13 15.10
N ASP J 263 26.44 0.93 14.92
CA ASP J 263 27.20 1.54 16.00
C ASP J 263 26.38 2.67 16.59
N VAL J 264 26.90 3.28 17.65
CA VAL J 264 26.21 4.39 18.31
C VAL J 264 24.98 3.89 19.04
N ASP J 265 24.08 3.19 18.32
CA ASP J 265 22.82 2.75 18.89
C ASP J 265 22.75 1.25 19.14
N PHE J 266 23.58 0.44 18.50
CA PHE J 266 23.61 -1.00 18.76
C PHE J 266 22.22 -1.61 18.57
N THR J 267 21.73 -1.58 17.33
CA THR J 267 20.37 -1.99 17.02
C THR J 267 20.16 -3.49 17.17
N GLU J 268 21.18 -4.23 17.61
CA GLU J 268 21.00 -5.66 17.82
C GLU J 268 19.81 -5.94 18.73
N GLY J 269 19.58 -5.09 19.72
CA GLY J 269 18.46 -5.29 20.62
C GLY J 269 17.13 -5.27 19.92
N SER J 270 16.98 -4.42 18.90
CA SER J 270 15.71 -4.32 18.20
C SER J 270 15.32 -5.64 17.54
N VAL J 271 16.27 -6.28 16.86
CA VAL J 271 15.97 -7.56 16.22
C VAL J 271 15.63 -8.62 17.26
N ILE J 272 16.43 -8.69 18.31
CA ILE J 272 16.15 -9.65 19.39
C ILE J 272 14.78 -9.36 20.00
N GLY J 273 14.39 -8.09 20.03
CA GLY J 273 13.12 -7.71 20.59
C GLY J 273 11.92 -8.24 19.83
N ALA J 274 12.11 -8.69 18.61
CA ALA J 274 11.00 -9.20 17.80
C ALA J 274 10.85 -10.70 17.85
N MET J 275 11.86 -11.43 18.33
CA MET J 275 11.81 -12.89 18.33
C MET J 275 11.71 -13.48 19.73
N ALA J 276 12.16 -12.74 20.75
CA ALA J 276 12.32 -13.33 22.08
C ALA J 276 11.03 -13.97 22.57
N ALA J 277 10.00 -13.17 22.82
CA ALA J 277 8.76 -13.66 23.42
C ALA J 277 7.89 -14.32 22.35
N ASN J 278 8.40 -15.42 21.79
CA ASN J 278 7.68 -16.15 20.76
C ASN J 278 8.18 -17.58 20.68
N ASP J 279 7.32 -18.53 21.04
CA ASP J 279 7.76 -19.92 21.12
C ASP J 279 8.28 -20.39 19.77
N PRO J 280 9.41 -21.12 19.72
CA PRO J 280 9.93 -21.56 18.42
C PRO J 280 9.01 -22.51 17.67
N SER J 281 8.08 -23.18 18.35
CA SER J 281 7.27 -24.21 17.70
C SER J 281 6.25 -23.63 16.74
N TYR J 282 5.96 -22.32 16.82
CA TYR J 282 4.96 -21.74 15.94
C TYR J 282 5.49 -21.49 14.54
N GLY J 283 6.81 -21.52 14.33
CA GLY J 283 7.36 -21.22 13.03
C GLY J 283 7.05 -19.82 12.54
N ASP J 284 7.18 -18.81 13.42
CA ASP J 284 6.85 -17.43 13.07
C ASP J 284 8.01 -16.83 12.29
N SER J 285 7.74 -16.52 11.02
CA SER J 285 8.76 -15.94 10.16
C SER J 285 9.07 -14.50 10.59
N LEU J 286 10.27 -14.05 10.23
CA LEU J 286 10.70 -12.70 10.57
C LEU J 286 10.68 -11.78 9.35
N HIS J 287 10.04 -12.21 8.26
CA HIS J 287 10.08 -11.52 6.97
C HIS J 287 9.75 -10.04 7.07
N LEU J 288 8.53 -9.71 7.49
CA LEU J 288 7.98 -8.38 7.32
C LEU J 288 7.73 -7.67 8.65
N LYS J 289 8.31 -8.16 9.75
CA LYS J 289 8.07 -7.55 11.04
C LYS J 289 8.73 -6.17 11.12
N THR J 290 8.16 -5.30 11.95
CA THR J 290 8.70 -3.96 12.13
C THR J 290 9.61 -3.91 13.35
N MET J 291 10.80 -3.32 13.17
CA MET J 291 11.76 -3.18 14.24
C MET J 291 11.84 -1.73 14.69
N PRO J 292 11.33 -1.37 15.86
CA PRO J 292 11.50 0.00 16.35
C PRO J 292 12.97 0.33 16.56
N GLY J 293 13.32 1.59 16.35
CA GLY J 293 14.69 2.05 16.52
C GLY J 293 15.53 2.06 15.27
N MET J 294 15.35 1.08 14.39
CA MET J 294 16.12 1.03 13.16
C MET J 294 15.70 2.15 12.22
N VAL J 295 16.55 2.44 11.25
CA VAL J 295 16.31 3.49 10.25
C VAL J 295 16.30 2.83 8.88
N PRO J 296 15.47 3.30 7.95
CA PRO J 296 15.39 2.64 6.64
C PRO J 296 16.70 2.66 5.88
N PHE J 297 16.92 1.63 5.07
CA PHE J 297 18.09 1.56 4.20
C PHE J 297 17.84 2.41 2.96
N ALA J 298 18.75 3.34 2.68
CA ALA J 298 18.53 4.32 1.62
C ALA J 298 19.15 3.95 0.28
N GLY J 299 19.84 2.81 0.19
CA GLY J 299 20.50 2.47 -1.06
C GLY J 299 19.50 2.24 -2.18
N SER J 300 20.00 2.35 -3.41
CA SER J 300 19.15 2.20 -4.57
C SER J 300 18.80 0.73 -4.80
N ASP J 301 18.05 0.48 -5.87
CA ASP J 301 17.63 -0.88 -6.18
C ASP J 301 18.82 -1.79 -6.46
N THR J 302 19.80 -1.30 -7.22
CA THR J 302 20.97 -2.12 -7.51
C THR J 302 21.76 -2.47 -6.25
N GLN J 303 21.88 -1.51 -5.33
CA GLN J 303 22.59 -1.78 -4.09
C GLN J 303 21.88 -2.85 -3.27
N ARG J 304 20.55 -2.76 -3.18
CA ARG J 304 19.80 -3.75 -2.40
C ARG J 304 19.96 -5.15 -2.98
N SER J 305 19.93 -5.26 -4.31
CA SER J 305 20.15 -6.55 -4.94
C SER J 305 21.53 -7.08 -4.59
N ASN J 306 22.54 -6.22 -4.60
CA ASN J 306 23.88 -6.66 -4.22
C ASN J 306 23.91 -7.21 -2.81
N ALA J 307 23.37 -6.44 -1.85
CA ALA J 307 23.36 -6.88 -0.47
C ALA J 307 22.58 -8.18 -0.29
N TRP J 308 21.52 -8.36 -1.08
CA TRP J 308 20.72 -9.58 -0.96
C TRP J 308 21.56 -10.81 -1.28
N SER J 309 22.39 -10.73 -2.34
CA SER J 309 23.27 -11.84 -2.66
C SER J 309 24.25 -12.12 -1.53
N ARG J 310 24.53 -11.12 -0.70
CA ARG J 310 25.49 -11.28 0.38
C ARG J 310 24.87 -12.00 1.58
N ASN J 311 23.56 -12.22 1.57
CA ASN J 311 22.81 -12.62 2.75
C ASN J 311 22.93 -11.59 3.86
N ALA J 312 22.95 -10.30 3.49
CA ALA J 312 22.99 -9.20 4.44
C ALA J 312 21.62 -8.54 4.43
N ASN J 313 20.81 -8.89 5.42
CA ASN J 313 19.44 -8.38 5.48
C ASN J 313 19.44 -6.88 5.73
N ILE J 314 18.40 -6.21 5.24
CA ILE J 314 18.26 -4.76 5.32
C ILE J 314 16.89 -4.40 5.85
N TYR J 315 16.83 -3.36 6.67
CA TYR J 315 15.56 -2.79 7.08
C TYR J 315 15.13 -1.72 6.10
N ARG J 316 13.96 -1.89 5.50
CA ARG J 316 13.56 -1.08 4.36
C ARG J 316 12.29 -0.32 4.67
N GLY J 317 12.26 0.94 4.27
CA GLY J 317 11.04 1.72 4.35
C GLY J 317 10.12 1.38 3.20
N LEU J 318 9.03 0.68 3.50
CA LEU J 318 8.14 0.14 2.48
C LEU J 318 7.06 1.14 2.10
N TYR J 319 6.25 0.74 1.12
CA TYR J 319 5.08 1.50 0.71
C TYR J 319 4.28 1.88 1.94
N GLY J 320 4.22 3.17 2.25
CA GLY J 320 3.49 3.61 3.43
C GLY J 320 3.96 3.00 4.74
N GLY J 321 5.22 2.59 4.85
CA GLY J 321 5.70 2.03 6.08
C GLY J 321 7.13 1.56 5.99
N GLY J 322 7.58 0.89 7.05
CA GLY J 322 8.92 0.35 7.11
C GLY J 322 8.98 -0.98 7.85
N SER J 323 9.69 -1.95 7.30
CA SER J 323 9.68 -3.29 7.86
C SER J 323 10.93 -4.06 7.44
N TYR J 324 11.24 -5.10 8.20
CA TYR J 324 12.34 -5.99 7.88
C TYR J 324 12.08 -6.66 6.52
N ILE J 325 13.10 -7.37 6.02
CA ILE J 325 13.02 -7.92 4.67
C ILE J 325 13.02 -9.44 4.70
N GLU J 326 14.02 -10.04 5.33
CA GLU J 326 14.16 -11.50 5.29
C GLU J 326 15.07 -11.96 6.40
N GLY J 327 14.72 -13.09 6.99
CA GLY J 327 15.53 -13.68 8.04
C GLY J 327 16.49 -14.73 7.53
N LYS J 328 17.33 -14.37 6.56
CA LYS J 328 18.29 -15.32 6.00
C LYS J 328 19.61 -15.18 6.72
N THR J 329 20.11 -16.31 7.24
CA THR J 329 21.40 -16.33 7.92
C THR J 329 22.53 -16.32 6.90
N SER J 330 23.76 -16.28 7.41
CA SER J 330 24.92 -16.26 6.53
C SER J 330 25.03 -17.51 5.68
N SER J 331 24.72 -18.69 6.26
CA SER J 331 24.81 -19.91 5.47
C SER J 331 23.81 -19.91 4.33
N GLY J 332 22.59 -19.45 4.58
CA GLY J 332 21.58 -19.38 3.55
C GLY J 332 20.18 -19.75 4.01
N GLN J 333 20.09 -20.56 5.05
CA GLN J 333 18.79 -21.02 5.54
C GLN J 333 18.08 -19.91 6.29
N TYR J 334 16.75 -19.89 6.17
CA TYR J 334 15.96 -18.89 6.86
C TYR J 334 16.10 -19.05 8.37
N VAL J 335 16.05 -17.93 9.08
CA VAL J 335 16.35 -17.95 10.51
C VAL J 335 15.33 -18.76 11.28
N ASP J 336 14.04 -18.63 10.98
CA ASP J 336 13.03 -19.32 11.78
C ASP J 336 13.25 -20.82 11.76
N VAL J 337 13.87 -21.34 10.69
CA VAL J 337 14.21 -22.76 10.66
C VAL J 337 15.26 -23.07 11.71
N ILE J 338 16.27 -22.21 11.85
CA ILE J 338 17.37 -22.51 12.76
C ILE J 338 16.87 -22.60 14.20
N ARG J 339 16.02 -21.66 14.61
CA ARG J 339 15.47 -21.74 15.97
C ARG J 339 14.67 -23.02 16.15
N PHE J 340 13.88 -23.40 15.15
CA PHE J 340 13.11 -24.63 15.24
C PHE J 340 14.03 -25.84 15.39
N SER J 341 15.09 -25.90 14.59
CA SER J 341 16.01 -27.03 14.67
C SER J 341 16.65 -27.11 16.06
N HIS J 342 17.06 -25.99 16.63
CA HIS J 342 17.59 -26.01 17.99
C HIS J 342 16.51 -26.41 18.99
N TRP J 343 15.29 -25.89 18.81
CA TRP J 343 14.22 -26.21 19.75
C TRP J 343 13.89 -27.69 19.73
N VAL J 344 13.97 -28.33 18.57
CA VAL J 344 13.77 -29.77 18.49
C VAL J 344 14.88 -30.50 19.22
N LYS J 345 16.13 -30.05 19.07
CA LYS J 345 17.25 -30.70 19.73
C LYS J 345 17.07 -30.70 21.24
N PHE J 346 16.73 -29.54 21.81
CA PHE J 346 16.65 -29.44 23.26
C PHE J 346 15.56 -30.32 23.83
N ARG J 347 14.34 -30.19 23.31
CA ARG J 347 13.20 -30.90 23.90
C ARG J 347 13.30 -32.41 23.73
N MET J 348 13.78 -32.87 22.58
CA MET J 348 13.94 -34.31 22.39
C MET J 348 14.96 -34.86 23.38
N GLU J 349 16.02 -34.10 23.67
CA GLU J 349 17.05 -34.57 24.57
C GLU J 349 16.56 -34.67 26.00
N GLU J 350 15.83 -33.66 26.49
CA GLU J 350 15.37 -33.67 27.86
C GLU J 350 14.27 -34.70 28.07
N SER J 351 13.38 -34.85 27.08
CA SER J 351 12.25 -35.76 27.24
C SER J 351 12.70 -37.21 27.41
N VAL J 352 13.62 -37.69 26.57
CA VAL J 352 14.08 -39.07 26.71
C VAL J 352 14.81 -39.26 28.03
N PHE J 353 15.69 -38.31 28.38
CA PHE J 353 16.40 -38.41 29.65
C PHE J 353 15.42 -38.42 30.81
N ALA J 354 14.43 -37.54 30.79
CA ALA J 354 13.48 -37.45 31.89
C ALA J 354 12.73 -38.75 32.09
N TYR J 355 12.61 -39.59 31.07
CA TYR J 355 11.94 -40.88 31.22
C TYR J 355 12.89 -41.95 31.72
N MET J 356 14.14 -41.93 31.26
CA MET J 356 15.11 -42.92 31.73
C MET J 356 15.31 -42.83 33.23
N LYS J 357 15.37 -41.61 33.76
CA LYS J 357 15.54 -41.43 35.20
C LYS J 357 14.42 -42.12 35.97
N ARG J 358 13.18 -41.88 35.55
CA ARG J 358 12.05 -42.50 36.25
C ARG J 358 12.20 -44.01 36.31
N ARG J 359 12.50 -44.65 35.18
CA ARG J 359 12.67 -46.10 35.17
C ARG J 359 13.84 -46.51 36.05
N SER J 360 14.95 -45.79 35.97
CA SER J 360 16.13 -46.17 36.75
C SER J 360 15.97 -45.81 38.22
N ASP J 361 15.06 -44.89 38.53
CA ASP J 361 14.83 -44.48 39.91
C ASP J 361 13.78 -45.32 40.62
N MET J 362 13.08 -46.20 39.90
CA MET J 362 12.21 -47.18 40.51
C MET J 362 12.88 -48.53 40.67
N GLY J 363 14.16 -48.63 40.31
CA GLY J 363 14.87 -49.89 40.34
C GLY J 363 14.74 -50.65 39.04
N LEU J 364 13.76 -50.26 38.22
CA LEU J 364 13.53 -50.92 36.94
C LEU J 364 14.17 -50.15 35.80
N SER J 365 15.50 -50.11 35.76
CA SER J 365 16.19 -49.37 34.71
C SER J 365 15.95 -50.02 33.35
N MET J 366 16.00 -49.21 32.30
CA MET J 366 15.74 -49.69 30.95
C MET J 366 16.82 -50.68 30.53
N LYS J 367 16.43 -51.65 29.71
CA LYS J 367 17.33 -52.68 29.22
C LYS J 367 17.24 -52.79 27.71
N MET J 368 18.31 -53.26 27.10
CA MET J 368 18.37 -53.41 25.64
C MET J 368 17.82 -54.77 25.24
N SER J 369 16.61 -55.09 25.69
CA SER J 369 16.08 -56.44 25.54
C SER J 369 15.20 -56.61 24.30
N ASP J 370 14.97 -55.54 23.53
CA ASP J 370 14.16 -55.61 22.32
C ASP J 370 12.69 -55.73 22.70
N GLU J 371 12.39 -55.87 23.98
CA GLU J 371 11.02 -55.81 24.46
C GLU J 371 10.70 -54.50 25.14
N ASP J 372 11.74 -53.70 25.43
CA ASP J 372 11.57 -52.41 26.07
C ASP J 372 11.94 -51.23 25.17
N LEU J 373 12.79 -51.44 24.18
CA LEU J 373 13.18 -50.37 23.28
C LEU J 373 11.98 -49.77 22.57
N PRO J 374 11.03 -50.58 22.08
CA PRO J 374 9.93 -50.00 21.28
C PRO J 374 9.16 -48.92 22.01
N VAL J 375 9.25 -48.88 23.34
CA VAL J 375 8.49 -47.89 24.11
C VAL J 375 8.86 -46.48 23.69
N LEU J 376 10.03 -46.30 23.08
CA LEU J 376 10.46 -44.96 22.69
C LEU J 376 9.54 -44.36 21.64
N LYS J 377 8.71 -45.18 20.99
CA LYS J 377 7.75 -44.63 20.03
C LYS J 377 6.81 -43.65 20.71
N SER J 378 6.34 -43.98 21.91
CA SER J 378 5.38 -43.12 22.61
C SER J 378 6.07 -41.95 23.28
N VAL J 379 7.28 -42.15 23.80
CA VAL J 379 7.95 -41.08 24.52
C VAL J 379 8.27 -39.92 23.58
N LEU J 380 8.85 -40.23 22.42
CA LEU J 380 9.22 -39.17 21.48
C LEU J 380 7.98 -38.55 20.84
N MET J 381 7.01 -39.37 20.46
CA MET J 381 5.80 -38.82 19.86
C MET J 381 5.02 -37.98 20.85
N ASN J 382 5.26 -38.18 22.15
CA ASN J 382 4.46 -37.48 23.16
C ASN J 382 4.90 -36.04 23.32
N ASN J 383 6.12 -35.83 23.83
CA ASN J 383 6.49 -34.48 24.23
C ASN J 383 6.87 -33.60 23.04
N PRO J 384 7.90 -33.92 22.27
CA PRO J 384 8.29 -33.01 21.18
C PRO J 384 7.32 -32.99 20.01
N ILE J 385 6.99 -34.18 19.47
CA ILE J 385 6.38 -34.22 18.14
C ILE J 385 4.96 -33.67 18.17
N ASN J 386 4.11 -34.19 19.06
CA ASN J 386 2.72 -33.77 19.05
C ASN J 386 2.59 -32.29 19.36
N ILE J 387 3.37 -31.77 20.30
CA ILE J 387 3.30 -30.34 20.61
C ILE J 387 3.62 -29.54 19.36
N GLY J 388 4.48 -30.06 18.49
CA GLY J 388 4.76 -29.37 17.24
C GLY J 388 3.57 -29.30 16.32
N ILE J 389 2.80 -30.37 16.23
CA ILE J 389 1.66 -30.41 15.31
C ILE J 389 0.55 -29.48 15.77
N ARG J 390 0.25 -29.49 17.07
CA ARG J 390 -0.84 -28.65 17.57
C ARG J 390 -0.54 -27.17 17.40
N ASN J 391 0.74 -26.80 17.30
CA ASN J 391 1.13 -25.42 17.15
C ASN J 391 1.33 -25.01 15.68
N GLY J 392 1.16 -25.93 14.74
CA GLY J 392 1.34 -25.65 13.34
C GLY J 392 2.78 -25.68 12.87
N GLY J 393 3.73 -25.99 13.74
CA GLY J 393 5.12 -26.01 13.32
C GLY J 393 5.45 -27.10 12.33
N ILE J 394 4.87 -28.29 12.51
CA ILE J 394 5.19 -29.46 11.71
C ILE J 394 4.03 -29.74 10.76
N LEU J 395 4.36 -30.04 9.51
CA LEU J 395 3.33 -30.34 8.51
C LEU J 395 2.80 -31.76 8.70
N THR J 396 1.66 -32.02 8.08
CA THR J 396 1.06 -33.34 8.07
C THR J 396 0.07 -33.42 6.93
N GLY J 397 -0.10 -34.61 6.38
CA GLY J 397 -1.01 -34.81 5.27
C GLY J 397 -0.41 -35.65 4.16
N TYR J 398 -0.79 -35.35 2.91
CA TYR J 398 -0.34 -36.12 1.77
C TYR J 398 -0.04 -35.18 0.63
N ASP J 399 0.83 -35.62 -0.28
CA ASP J 399 1.26 -34.84 -1.43
C ASP J 399 0.77 -35.51 -2.70
N THR J 400 0.14 -34.72 -3.58
CA THR J 400 -0.52 -35.28 -4.74
C THR J 400 0.42 -35.50 -5.93
N GLU J 401 1.52 -34.75 -6.03
CA GLU J 401 2.43 -34.87 -7.16
C GLU J 401 3.65 -35.71 -6.82
N ASN J 402 4.22 -35.54 -5.63
CA ASN J 402 5.30 -36.43 -5.20
C ASN J 402 4.76 -37.75 -4.67
N LYS J 403 3.47 -37.81 -4.32
CA LYS J 403 2.79 -39.00 -3.86
C LYS J 403 3.32 -39.51 -2.52
N VAL J 404 4.02 -38.66 -1.76
CA VAL J 404 4.54 -39.07 -0.46
C VAL J 404 3.75 -38.37 0.64
N SER J 405 3.69 -39.02 1.80
CA SER J 405 3.01 -38.45 2.95
C SER J 405 3.99 -37.67 3.83
N TYR J 406 3.44 -36.76 4.62
CA TYR J 406 4.23 -35.93 5.51
C TYR J 406 4.24 -36.41 6.95
N ASP J 407 3.62 -37.55 7.24
CA ASP J 407 3.54 -37.99 8.62
C ASP J 407 4.93 -38.27 9.17
N PRO J 408 5.22 -37.84 10.40
CA PRO J 408 6.51 -38.20 11.01
C PRO J 408 6.67 -39.70 11.15
N THR J 409 7.90 -40.17 11.03
CA THR J 409 8.22 -41.59 11.17
C THR J 409 9.37 -41.77 12.14
N ILE J 410 9.39 -42.91 12.81
CA ILE J 410 10.43 -43.24 13.79
C ILE J 410 10.83 -44.69 13.59
N ILE J 411 12.13 -44.96 13.59
CA ILE J 411 12.67 -46.29 13.36
C ILE J 411 13.66 -46.60 14.47
N ILE J 412 13.60 -47.82 14.99
CA ILE J 412 14.46 -48.22 16.10
C ILE J 412 15.15 -49.53 15.72
N PRO J 413 16.44 -49.69 16.04
CA PRO J 413 17.12 -50.95 15.68
C PRO J 413 16.85 -52.04 16.71
N LYS J 414 16.88 -53.28 16.23
CA LYS J 414 16.62 -54.42 17.09
C LYS J 414 17.93 -54.98 17.65
N ARG J 415 17.80 -55.80 18.69
CA ARG J 415 18.98 -56.31 19.38
C ARG J 415 19.86 -57.14 18.45
N ALA J 416 19.27 -57.69 17.40
CA ALA J 416 20.02 -58.52 16.46
C ALA J 416 20.89 -57.71 15.50
N ASN J 417 20.96 -56.38 15.69
CA ASN J 417 21.80 -55.53 14.85
C ASN J 417 22.82 -54.71 15.63
N ILE J 418 22.66 -54.57 16.94
CA ILE J 418 23.59 -53.79 17.74
C ILE J 418 24.91 -54.54 17.83
N PRO J 419 26.03 -53.96 17.41
CA PRO J 419 27.31 -54.67 17.52
C PRO J 419 27.66 -54.95 18.97
N THR J 420 28.39 -56.05 19.18
CA THR J 420 28.76 -56.43 20.54
C THR J 420 29.62 -55.36 21.21
N ASN J 421 30.29 -54.52 20.42
CA ASN J 421 31.08 -53.44 21.02
C ASN J 421 30.20 -52.48 21.80
N ASP J 422 29.02 -52.15 21.27
CA ASP J 422 28.12 -51.25 21.97
C ASP J 422 27.58 -51.89 23.25
N LEU J 423 27.23 -53.17 23.22
CA LEU J 423 26.71 -53.82 24.41
C LEU J 423 27.70 -53.75 25.57
N ALA J 424 29.00 -53.85 25.27
CA ALA J 424 30.01 -53.68 26.31
C ALA J 424 29.97 -52.27 26.87
N ALA J 425 29.79 -51.27 26.00
CA ALA J 425 29.72 -49.88 26.42
C ALA J 425 28.31 -49.42 26.76
N ARG J 426 27.30 -50.26 26.52
CA ARG J 426 25.91 -49.93 26.86
C ARG J 426 25.47 -48.64 26.18
N ILE J 427 25.57 -48.63 24.84
CA ILE J 427 25.21 -47.48 24.02
C ILE J 427 24.25 -47.94 22.93
N LEU J 428 23.21 -47.15 22.70
CA LEU J 428 22.28 -47.36 21.60
C LEU J 428 22.42 -46.22 20.62
N ARG J 429 22.67 -46.55 19.36
CA ARG J 429 22.93 -45.57 18.31
C ARG J 429 22.06 -45.88 17.11
N ASP J 430 22.05 -44.95 16.16
CA ASP J 430 21.41 -45.12 14.85
C ASP J 430 19.89 -45.06 14.92
N VAL J 431 19.33 -44.38 15.93
CA VAL J 431 17.90 -44.10 15.91
C VAL J 431 17.65 -42.94 14.95
N LYS J 432 16.54 -43.01 14.22
CA LYS J 432 16.27 -42.06 13.13
C LYS J 432 14.86 -41.52 13.26
N VAL J 433 14.71 -40.23 12.94
CA VAL J 433 13.42 -39.54 13.01
C VAL J 433 13.29 -38.68 11.76
N GLU J 434 12.04 -38.39 11.38
CA GLU J 434 11.75 -37.64 10.17
C GLU J 434 10.69 -36.59 10.45
N LEU J 435 10.89 -35.39 9.89
CA LEU J 435 9.97 -34.28 10.08
C LEU J 435 9.88 -33.47 8.80
N VAL J 436 8.80 -32.72 8.68
CA VAL J 436 8.60 -31.78 7.58
C VAL J 436 8.18 -30.45 8.18
N TYR J 437 8.78 -29.37 7.69
CA TYR J 437 8.58 -28.04 8.25
C TYR J 437 7.54 -27.28 7.43
N ASN J 438 6.77 -26.43 8.11
CA ASN J 438 5.72 -25.64 7.47
C ASN J 438 6.32 -24.30 7.03
N ASN J 439 6.34 -24.08 5.72
CA ASN J 439 6.99 -22.90 5.17
C ASN J 439 6.00 -21.74 5.07
N SER J 440 6.46 -20.55 5.42
CA SER J 440 5.63 -19.35 5.32
C SER J 440 5.66 -18.80 3.89
N LEU J 441 5.01 -17.67 3.71
CA LEU J 441 4.94 -16.99 2.42
C LEU J 441 5.68 -15.66 2.50
N HIS J 442 6.44 -15.34 1.47
CA HIS J 442 7.26 -14.14 1.44
C HIS J 442 6.98 -13.22 0.26
N TYR J 443 6.70 -13.76 -0.92
CA TYR J 443 6.50 -12.94 -2.11
C TYR J 443 5.28 -13.44 -2.87
N VAL J 444 4.70 -12.55 -3.67
CA VAL J 444 3.57 -12.87 -4.52
C VAL J 444 3.70 -12.04 -5.80
N LYS J 445 3.41 -12.68 -6.95
CA LYS J 445 3.61 -12.05 -8.26
C LYS J 445 2.43 -12.41 -9.16
N ILE J 446 1.55 -11.43 -9.38
CA ILE J 446 0.37 -11.66 -10.20
C ILE J 446 0.73 -11.55 -11.67
N ARG J 447 -0.05 -12.24 -12.50
CA ARG J 447 0.07 -12.16 -13.95
C ARG J 447 -1.31 -12.32 -14.56
N ALA J 448 -1.65 -11.43 -15.49
CA ALA J 448 -2.97 -11.42 -16.07
C ALA J 448 -2.90 -10.86 -17.49
N SER J 449 -4.00 -10.99 -18.21
CA SER J 449 -4.07 -10.54 -19.60
C SER J 449 -5.53 -10.32 -19.95
N VAL J 450 -5.88 -9.10 -20.35
CA VAL J 450 -7.26 -8.75 -20.65
C VAL J 450 -7.55 -9.01 -22.12
N VAL J 451 -7.91 -10.25 -22.45
CA VAL J 451 -8.31 -10.57 -23.81
C VAL J 451 -9.79 -10.25 -23.99
N LEU J 452 -10.15 -9.80 -25.18
CA LEU J 452 -11.52 -9.42 -25.49
C LEU J 452 -12.12 -10.41 -26.48
N ASP J 453 -13.41 -10.68 -26.32
CA ASP J 453 -14.09 -11.60 -27.21
C ASP J 453 -14.15 -11.03 -28.63
N ARG J 454 -14.39 -11.92 -29.59
CA ARG J 454 -14.56 -11.51 -30.97
C ARG J 454 -15.71 -12.28 -31.62
N ASN K 1 -2.92 -72.08 -9.78
CA ASN K 1 -1.72 -71.93 -8.96
C ASN K 1 -1.74 -72.92 -7.80
N GLN K 2 -0.58 -73.12 -7.18
CA GLN K 2 -0.46 -74.05 -6.06
C GLN K 2 -0.56 -73.27 -4.74
N SER K 3 -0.31 -73.96 -3.64
CA SER K 3 -0.37 -73.35 -2.32
C SER K 3 0.89 -72.52 -2.07
N LYS K 4 0.77 -71.58 -1.13
CA LYS K 4 1.88 -70.69 -0.82
C LYS K 4 1.80 -70.28 0.65
N ILE K 5 2.97 -70.13 1.27
CA ILE K 5 3.06 -69.65 2.64
C ILE K 5 2.99 -68.13 2.61
N LEU K 6 2.05 -67.57 3.39
CA LEU K 6 1.85 -66.13 3.36
C LEU K 6 3.08 -65.39 3.90
N THR K 7 3.68 -65.88 4.97
CA THR K 7 4.82 -65.21 5.58
C THR K 7 6.00 -66.15 5.73
N LEU K 8 7.04 -65.72 6.44
CA LEU K 8 8.21 -66.55 6.65
C LEU K 8 8.28 -67.03 8.10
N GLN K 9 7.98 -66.14 9.04
CA GLN K 9 7.95 -66.47 10.45
C GLN K 9 6.51 -66.44 10.96
N ALA K 10 6.22 -67.34 11.89
CA ALA K 10 4.87 -67.54 12.39
C ALA K 10 4.47 -66.40 13.32
N TYR K 11 3.17 -66.11 13.32
CA TYR K 11 2.63 -65.11 14.24
C TYR K 11 2.69 -65.64 15.66
N ASP K 12 3.21 -64.82 16.57
CA ASP K 12 3.43 -65.23 17.95
C ASP K 12 2.66 -64.29 18.86
N PRO K 13 1.70 -64.78 19.65
CA PRO K 13 0.93 -63.87 20.52
C PRO K 13 1.78 -63.14 21.54
N ALA K 14 2.84 -63.76 22.05
CA ALA K 14 3.68 -63.08 23.04
C ALA K 14 4.49 -61.95 22.44
N LYS K 15 4.69 -61.95 21.12
CA LYS K 15 5.43 -60.89 20.46
C LYS K 15 4.62 -59.61 20.35
N VAL K 16 3.31 -59.67 20.58
CA VAL K 16 2.47 -58.47 20.54
C VAL K 16 2.67 -57.71 21.84
N LEU K 17 3.13 -56.47 21.75
CA LEU K 17 3.44 -55.66 22.93
C LEU K 17 2.36 -54.61 23.10
N VAL K 18 1.85 -54.49 24.33
CA VAL K 18 0.84 -53.48 24.66
C VAL K 18 1.44 -52.55 25.71
N PHE K 19 1.42 -51.25 25.43
CA PHE K 19 1.96 -50.24 26.32
C PHE K 19 0.86 -49.26 26.71
N ILE K 20 0.70 -49.03 28.00
CA ILE K 20 -0.23 -48.04 28.53
C ILE K 20 0.55 -47.19 29.51
N GLY K 21 0.63 -45.88 29.24
CA GLY K 21 1.37 -44.97 30.07
C GLY K 21 2.88 -45.01 29.89
N GLY K 22 3.39 -46.14 29.41
CA GLY K 22 4.83 -46.29 29.25
C GLY K 22 5.35 -47.59 29.82
N GLN K 23 4.45 -48.47 30.25
CA GLN K 23 4.81 -49.76 30.83
C GLN K 23 4.11 -50.88 30.06
N ARG K 24 4.84 -51.97 29.83
CA ARG K 24 4.23 -53.12 29.19
C ARG K 24 3.20 -53.75 30.11
N VAL K 25 2.16 -54.32 29.51
CA VAL K 25 1.05 -54.89 30.26
C VAL K 25 1.12 -56.41 30.18
N SER K 26 1.04 -57.07 31.32
CA SER K 26 1.05 -58.52 31.40
C SER K 26 -0.11 -59.00 32.26
N GLY K 27 -0.64 -60.17 31.92
CA GLY K 27 -1.75 -60.73 32.65
C GLY K 27 -2.96 -61.03 31.80
N PHE K 28 -2.75 -61.21 30.50
CA PHE K 28 -3.85 -61.50 29.58
C PHE K 28 -4.43 -62.89 29.88
N ALA K 29 -5.63 -63.13 29.35
CA ALA K 29 -6.39 -64.31 29.72
C ALA K 29 -7.12 -64.87 28.51
N ALA K 30 -7.57 -66.12 28.67
CA ALA K 30 -8.47 -66.81 27.73
C ALA K 30 -7.80 -66.88 26.36
N ASP K 31 -8.53 -66.64 25.28
CA ASP K 31 -8.01 -66.79 23.92
C ASP K 31 -8.22 -65.53 23.10
N THR K 32 -8.26 -64.37 23.76
CA THR K 32 -8.40 -63.09 23.06
C THR K 32 -7.71 -62.04 23.91
N LYS K 33 -6.59 -61.49 23.41
CA LYS K 33 -5.85 -60.51 24.18
C LYS K 33 -6.51 -59.13 24.08
N ILE K 34 -6.56 -58.57 22.88
CA ILE K 34 -7.10 -57.25 22.64
C ILE K 34 -8.02 -57.30 21.44
N VAL K 35 -9.00 -56.40 21.41
CA VAL K 35 -9.89 -56.23 20.27
C VAL K 35 -10.01 -54.74 19.99
N ILE K 36 -9.64 -54.33 18.79
CA ILE K 36 -9.69 -52.94 18.38
C ILE K 36 -10.81 -52.76 17.36
N THR K 37 -11.70 -51.82 17.62
CA THR K 37 -12.84 -51.59 16.74
C THR K 37 -13.15 -50.10 16.67
N ARG K 38 -13.85 -49.71 15.62
CA ARG K 38 -14.29 -48.34 15.42
C ARG K 38 -15.72 -48.17 15.92
N ASN K 39 -16.17 -46.92 15.95
CA ASN K 39 -17.54 -46.60 16.35
C ASN K 39 -18.46 -46.30 15.19
N ASN K 40 -17.97 -45.65 14.13
CA ASN K 40 -18.78 -45.31 12.99
C ASN K 40 -18.07 -45.76 11.71
N ASP K 41 -18.85 -45.88 10.65
CA ASP K 41 -18.27 -46.23 9.35
C ASP K 41 -17.48 -45.05 8.79
N ASN K 42 -16.62 -45.35 7.82
CA ASN K 42 -15.80 -44.31 7.21
C ASN K 42 -16.57 -43.42 6.25
N ILE K 43 -17.56 -43.98 5.54
CA ILE K 43 -18.34 -43.21 4.57
C ILE K 43 -19.80 -43.60 4.68
N SER K 44 -20.68 -42.61 4.62
CA SER K 44 -22.12 -42.83 4.58
C SER K 44 -22.65 -42.44 3.21
N VAL K 45 -23.52 -43.27 2.66
CA VAL K 45 -24.04 -43.11 1.30
C VAL K 45 -25.46 -42.59 1.38
N HIS K 46 -25.84 -41.79 0.39
CA HIS K 46 -27.21 -41.27 0.27
C HIS K 46 -27.68 -41.47 -1.17
N ALA K 47 -28.90 -41.96 -1.32
CA ALA K 47 -29.50 -42.11 -2.62
C ALA K 47 -30.06 -40.78 -3.12
N GLY K 48 -30.15 -40.66 -4.43
CA GLY K 48 -30.71 -39.45 -5.02
C GLY K 48 -32.09 -39.68 -5.60
N VAL K 49 -32.65 -38.68 -6.27
CA VAL K 49 -33.95 -38.80 -6.91
C VAL K 49 -33.80 -39.20 -8.38
N ASP K 50 -32.59 -39.12 -8.94
CA ASP K 50 -32.40 -39.57 -10.31
C ASP K 50 -31.07 -40.35 -10.39
N GLY K 51 -30.85 -41.31 -9.49
CA GLY K 51 -29.75 -42.24 -9.62
C GLY K 51 -28.40 -41.76 -9.13
N GLU K 52 -28.24 -40.48 -8.80
CA GLU K 52 -26.93 -40.01 -8.33
C GLU K 52 -26.65 -40.55 -6.94
N ILE K 53 -25.38 -40.85 -6.68
CA ILE K 53 -24.90 -41.31 -5.38
C ILE K 53 -23.93 -40.26 -4.85
N SER K 54 -24.18 -39.79 -3.63
CA SER K 54 -23.32 -38.81 -2.97
C SER K 54 -22.70 -39.46 -1.74
N ASN K 55 -21.38 -39.37 -1.63
CA ASN K 55 -20.65 -39.96 -0.52
C ASN K 55 -20.02 -38.87 0.32
N ALA K 56 -20.02 -39.08 1.64
CA ALA K 56 -19.49 -38.09 2.58
C ALA K 56 -18.55 -38.79 3.54
N LEU K 57 -17.29 -38.32 3.57
CA LEU K 57 -16.32 -38.86 4.51
C LEU K 57 -16.68 -38.48 5.94
N SER K 58 -16.40 -39.39 6.87
CA SER K 58 -16.64 -39.14 8.27
C SER K 58 -15.43 -38.45 8.90
N ARG K 59 -15.71 -37.57 9.86
CA ARG K 59 -14.67 -36.82 10.55
C ARG K 59 -14.52 -37.24 12.01
N ASP K 60 -15.13 -38.34 12.42
CA ASP K 60 -15.01 -38.88 13.76
C ASP K 60 -14.21 -40.17 13.65
N ASN K 61 -13.20 -40.33 14.49
CA ASN K 61 -12.29 -41.46 14.41
C ASN K 61 -12.05 -42.13 15.76
N THR K 62 -12.92 -41.88 16.74
CA THR K 62 -12.78 -42.55 18.02
C THR K 62 -13.10 -44.04 17.90
N GLY K 63 -12.55 -44.81 18.83
CA GLY K 63 -12.79 -46.24 18.83
C GLY K 63 -12.69 -46.80 20.23
N VAL K 64 -12.76 -48.13 20.31
CA VAL K 64 -12.74 -48.84 21.59
C VAL K 64 -11.67 -49.93 21.51
N MET K 65 -11.10 -50.25 22.66
CA MET K 65 -10.09 -51.31 22.75
C MET K 65 -10.38 -52.13 24.00
N THR K 66 -10.77 -53.38 23.81
CA THR K 66 -11.14 -54.26 24.93
C THR K 66 -9.90 -55.03 25.37
N LEU K 67 -9.52 -54.86 26.63
CA LEU K 67 -8.37 -55.55 27.21
C LEU K 67 -8.86 -56.62 28.16
N SER K 68 -8.51 -57.87 27.89
CA SER K 68 -8.95 -59.01 28.69
C SER K 68 -7.84 -59.41 29.65
N LEU K 69 -8.14 -59.40 30.95
CA LEU K 69 -7.16 -59.72 31.98
C LEU K 69 -7.77 -60.66 33.01
N GLN K 70 -6.90 -61.41 33.68
CA GLN K 70 -7.29 -62.21 34.82
C GLN K 70 -7.51 -61.32 36.03
N ASN K 71 -8.34 -61.76 36.95
CA ASN K 71 -8.52 -60.95 38.15
C ASN K 71 -7.44 -61.18 39.18
N THR K 72 -6.30 -61.74 38.80
CA THR K 72 -5.17 -61.93 39.68
C THR K 72 -3.96 -61.10 39.24
N ALA K 73 -4.18 -60.13 38.36
CA ALA K 73 -3.11 -59.31 37.81
C ALA K 73 -3.07 -57.96 38.52
N LYS K 74 -1.85 -57.45 38.71
CA LYS K 74 -1.68 -56.18 39.41
C LYS K 74 -2.13 -55.00 38.55
N TRP K 75 -2.22 -55.19 37.23
CA TRP K 75 -2.63 -54.09 36.38
C TRP K 75 -4.08 -53.72 36.63
N ASN K 76 -4.87 -54.64 37.19
CA ASN K 76 -6.21 -54.30 37.65
C ASN K 76 -6.14 -53.21 38.73
N GLY K 77 -5.28 -53.41 39.72
CA GLY K 77 -5.10 -52.39 40.74
C GLY K 77 -4.55 -51.09 40.18
N TYR K 78 -3.61 -51.21 39.23
CA TYR K 78 -3.08 -50.00 38.60
C TYR K 78 -4.20 -49.19 37.94
N LEU K 79 -5.05 -49.86 37.17
CA LEU K 79 -6.13 -49.17 36.48
C LEU K 79 -7.14 -48.59 37.45
N ALA K 80 -7.45 -49.33 38.52
CA ALA K 80 -8.40 -48.81 39.51
C ALA K 80 -7.86 -47.54 40.18
N GLN K 81 -6.58 -47.57 40.57
CA GLN K 81 -5.98 -46.39 41.18
C GLN K 81 -5.97 -45.22 40.21
N TRP K 82 -5.65 -45.48 38.94
CA TRP K 82 -5.65 -44.41 37.94
C TRP K 82 -7.05 -43.83 37.78
N GLN K 83 -8.08 -44.68 37.79
CA GLN K 83 -9.44 -44.21 37.64
C GLN K 83 -9.83 -43.30 38.80
N ARG K 84 -9.49 -43.72 40.02
CA ARG K 84 -9.80 -42.89 41.19
C ARG K 84 -9.08 -41.55 41.12
N GLN K 85 -7.80 -41.57 40.74
CA GLN K 85 -7.04 -40.32 40.65
C GLN K 85 -7.62 -39.40 39.59
N ALA K 86 -7.98 -39.97 38.43
CA ALA K 86 -8.55 -39.17 37.35
C ALA K 86 -9.87 -38.54 37.78
N ASN K 87 -10.70 -39.30 38.49
CA ASN K 87 -11.95 -38.75 38.99
C ASN K 87 -11.68 -37.61 39.98
N VAL K 88 -10.69 -37.76 40.84
CA VAL K 88 -10.42 -36.73 41.83
C VAL K 88 -9.88 -35.45 41.19
N THR K 89 -8.90 -35.56 40.30
CA THR K 89 -8.21 -34.38 39.76
C THR K 89 -8.76 -33.93 38.41
N GLY K 90 -8.71 -34.79 37.40
CA GLY K 90 -9.23 -34.41 36.10
C GLY K 90 -8.41 -34.91 34.92
N LEU K 91 -7.16 -35.28 35.17
CA LEU K 91 -6.30 -35.79 34.10
C LEU K 91 -6.71 -37.22 33.77
N ILE K 92 -7.11 -37.46 32.52
CA ILE K 92 -7.64 -38.77 32.14
C ILE K 92 -6.91 -39.32 30.91
N TYR K 93 -6.13 -38.49 30.24
CA TYR K 93 -5.52 -38.85 28.97
C TYR K 93 -4.11 -39.38 29.19
N LEU K 94 -3.84 -40.57 28.67
CA LEU K 94 -2.54 -41.22 28.72
C LEU K 94 -2.26 -41.89 27.39
N PRO K 95 -0.99 -42.02 27.01
CA PRO K 95 -0.65 -42.63 25.73
C PRO K 95 -0.90 -44.14 25.71
N VAL K 96 -1.25 -44.64 24.53
CA VAL K 96 -1.50 -46.06 24.31
C VAL K 96 -0.81 -46.48 23.02
N GLN K 97 -0.06 -47.57 23.07
CA GLN K 97 0.62 -48.09 21.89
C GLN K 97 0.52 -49.60 21.87
N VAL K 98 0.26 -50.16 20.69
CA VAL K 98 0.19 -51.60 20.49
C VAL K 98 1.06 -51.94 19.28
N GLU K 99 2.07 -52.77 19.48
CA GLU K 99 2.98 -53.17 18.42
C GLU K 99 2.63 -54.60 17.99
N GLY K 100 1.91 -54.71 16.89
CA GLY K 100 1.50 -56.02 16.42
C GLY K 100 2.63 -56.77 15.72
N SER K 101 2.45 -58.08 15.65
CA SER K 101 3.39 -58.96 14.97
C SER K 101 2.78 -59.49 13.69
N GLN K 102 3.44 -59.21 12.57
CA GLN K 102 2.94 -59.57 11.24
C GLN K 102 1.51 -59.08 11.05
N GLY K 103 1.27 -57.85 11.51
CA GLY K 103 -0.07 -57.28 11.44
C GLY K 103 0.00 -55.79 11.67
N LEU K 104 -1.18 -55.18 11.63
CA LEU K 104 -1.29 -53.73 11.79
C LEU K 104 -1.05 -53.34 13.24
N SER K 105 -0.65 -52.08 13.44
CA SER K 105 -0.28 -51.57 14.75
C SER K 105 -1.05 -50.28 15.02
N LEU K 106 -0.89 -49.77 16.25
CA LEU K 106 -1.63 -48.60 16.69
C LEU K 106 -0.73 -47.72 17.55
N ASN K 107 -0.93 -46.41 17.47
CA ASN K 107 -0.18 -45.45 18.28
C ASN K 107 -1.03 -44.19 18.42
N THR K 108 -1.62 -43.99 19.59
CA THR K 108 -2.51 -42.85 19.82
C THR K 108 -2.58 -42.57 21.32
N ILE K 109 -3.55 -41.76 21.71
CA ILE K 109 -3.80 -41.39 23.10
C ILE K 109 -5.15 -41.93 23.52
N GLY K 110 -5.20 -42.61 24.66
CA GLY K 110 -6.39 -43.29 25.11
C GLY K 110 -6.84 -42.87 26.51
N TRP K 111 -7.96 -43.45 26.92
CA TRP K 111 -8.54 -43.18 28.23
C TRP K 111 -9.36 -44.40 28.66
N ILE K 112 -9.70 -44.43 29.94
CA ILE K 112 -10.47 -45.53 30.51
C ILE K 112 -11.95 -45.20 30.36
N GLN K 113 -12.69 -46.09 29.70
CA GLN K 113 -14.10 -45.83 29.42
C GLN K 113 -15.04 -46.42 30.47
N LYS K 114 -15.03 -47.73 30.64
CA LYS K 114 -15.99 -48.40 31.51
C LYS K 114 -15.27 -49.47 32.33
N GLN K 115 -15.54 -49.49 33.62
CA GLN K 115 -14.95 -50.50 34.49
C GLN K 115 -15.68 -51.83 34.31
N PRO K 116 -14.95 -52.95 34.21
CA PRO K 116 -15.61 -54.25 34.03
C PRO K 116 -16.34 -54.70 35.28
N ASP K 117 -16.91 -55.90 35.22
CA ASP K 117 -17.67 -56.48 36.32
C ASP K 117 -16.94 -57.69 36.87
N LEU K 118 -16.70 -57.70 38.17
CA LEU K 118 -16.11 -58.86 38.83
C LEU K 118 -17.13 -59.98 38.90
N SER K 119 -16.62 -61.21 38.97
CA SER K 119 -17.48 -62.39 39.13
C SER K 119 -16.66 -63.47 39.83
N TYR K 120 -16.83 -63.58 41.14
CA TYR K 120 -16.16 -64.63 41.91
C TYR K 120 -16.93 -65.93 41.78
N GLY K 121 -16.32 -66.93 41.14
CA GLY K 121 -16.96 -68.21 40.95
C GLY K 121 -16.03 -69.36 41.27
N THR K 122 -16.37 -70.56 40.79
CA THR K 122 -15.54 -71.72 41.05
C THR K 122 -14.17 -71.59 40.40
N GLU K 123 -14.14 -71.16 39.14
CA GLU K 123 -12.90 -71.01 38.39
C GLU K 123 -12.37 -69.58 38.53
N VAL K 124 -11.26 -69.30 37.87
CA VAL K 124 -10.71 -67.95 37.88
C VAL K 124 -11.40 -67.11 36.81
N GLY K 125 -11.88 -65.94 37.22
CA GLY K 125 -12.68 -65.11 36.35
C GLY K 125 -11.90 -64.29 35.35
N GLN K 126 -12.60 -63.48 34.57
CA GLN K 126 -12.00 -62.66 33.52
C GLN K 126 -12.61 -61.27 33.59
N MET K 127 -11.76 -60.25 33.52
CA MET K 127 -12.22 -58.86 33.49
C MET K 127 -11.79 -58.21 32.18
N ASP K 128 -12.72 -57.49 31.55
CA ASP K 128 -12.52 -56.88 30.24
C ASP K 128 -12.61 -55.37 30.39
N TRP K 129 -11.50 -54.68 30.20
CA TRP K 129 -11.45 -53.23 30.27
C TRP K 129 -11.70 -52.64 28.89
N GLU K 130 -12.65 -51.71 28.80
CA GLU K 130 -12.86 -50.93 27.58
C GLU K 130 -12.00 -49.68 27.66
N ILE K 131 -11.01 -49.58 26.77
CA ILE K 131 -10.16 -48.40 26.68
C ILE K 131 -10.51 -47.68 25.39
N GLY K 132 -10.97 -46.44 25.51
CA GLY K 132 -11.27 -45.65 24.33
C GLY K 132 -10.05 -44.90 23.83
N VAL K 133 -9.93 -44.82 22.51
CA VAL K 133 -8.76 -44.22 21.88
C VAL K 133 -9.21 -43.12 20.93
N LEU K 134 -8.41 -42.06 20.87
CA LEU K 134 -8.71 -40.91 20.02
C LEU K 134 -8.74 -41.30 18.55
N ASP K 135 -7.61 -41.73 18.01
CA ASP K 135 -7.55 -42.14 16.61
C ASP K 135 -7.39 -43.65 16.51
N ALA K 136 -8.18 -44.25 15.62
CA ALA K 136 -8.20 -45.70 15.50
C ALA K 136 -7.85 -46.15 14.09
N TRP K 137 -6.95 -45.43 13.42
CA TRP K 137 -6.48 -45.84 12.10
C TRP K 137 -5.27 -46.74 12.28
N LEU K 138 -5.35 -47.96 11.76
CA LEU K 138 -4.26 -48.91 11.91
C LEU K 138 -3.15 -48.60 10.89
N SER K 139 -1.90 -48.75 11.34
CA SER K 139 -0.77 -48.36 10.52
C SER K 139 0.03 -49.58 10.07
N PRO K 140 0.31 -49.68 8.76
CA PRO K 140 1.13 -50.82 8.28
C PRO K 140 2.51 -50.89 8.91
N ASP K 141 3.15 -49.73 9.11
CA ASP K 141 4.47 -49.63 9.73
C ASP K 141 5.45 -50.77 9.44
N GLN K 142 5.56 -51.80 10.29
CA GLN K 142 6.58 -52.83 10.10
C GLN K 142 6.52 -53.49 8.73
N ILE K 143 5.31 -53.70 8.19
CA ILE K 143 5.17 -54.35 6.90
C ILE K 143 5.91 -53.55 5.84
N GLN K 144 6.76 -54.23 5.07
CA GLN K 144 7.61 -53.60 4.08
C GLN K 144 6.95 -53.66 2.71
N GLY K 145 7.45 -52.85 1.79
CA GLY K 145 6.91 -52.84 0.44
C GLY K 145 5.49 -52.33 0.34
N ILE K 146 5.16 -51.30 1.13
CA ILE K 146 3.84 -50.71 1.10
C ILE K 146 3.83 -49.39 0.33
N ALA K 147 4.91 -48.61 0.44
CA ALA K 147 4.98 -47.34 -0.25
C ALA K 147 4.91 -47.53 -1.76
N ALA K 148 5.63 -48.53 -2.27
CA ALA K 148 5.59 -48.82 -3.70
C ALA K 148 4.21 -49.30 -4.13
N GLY K 149 3.59 -50.15 -3.31
CA GLY K 149 2.28 -50.68 -3.67
C GLY K 149 1.21 -49.63 -3.72
N ILE K 150 1.29 -48.63 -2.84
CA ILE K 150 0.26 -47.60 -2.77
C ILE K 150 0.21 -46.80 -4.07
N THR K 151 1.38 -46.47 -4.63
CA THR K 151 1.43 -45.73 -5.88
C THR K 151 1.00 -46.58 -7.08
N GLY K 152 0.87 -47.90 -6.90
CA GLY K 152 0.50 -48.76 -8.00
C GLY K 152 -0.98 -48.74 -8.33
N LEU K 153 -1.82 -48.42 -7.36
CA LEU K 153 -3.26 -48.47 -7.57
C LEU K 153 -3.70 -47.38 -8.54
N LEU K 154 -4.55 -47.74 -9.49
CA LEU K 154 -5.12 -46.83 -10.46
C LEU K 154 -6.52 -46.43 -9.99
N GLY K 155 -7.04 -45.33 -10.50
CA GLY K 155 -8.38 -44.89 -10.15
C GLY K 155 -8.71 -43.56 -10.78
N LEU K 156 -10.00 -43.37 -11.05
CA LEU K 156 -10.49 -42.13 -11.63
C LEU K 156 -11.97 -41.95 -11.32
N ASN L 1 23.37 -103.98 4.18
CA ASN L 1 23.21 -103.22 5.41
C ASN L 1 22.99 -104.15 6.60
N GLN L 2 23.61 -103.82 7.72
CA GLN L 2 23.52 -104.61 8.94
C GLN L 2 22.76 -103.84 10.01
N SER L 3 21.99 -104.56 10.82
CA SER L 3 21.27 -103.93 11.92
C SER L 3 22.24 -103.35 12.93
N LYS L 4 21.88 -102.18 13.46
CA LYS L 4 22.74 -101.45 14.38
C LYS L 4 22.02 -101.25 15.71
N ILE L 5 22.72 -101.49 16.81
CA ILE L 5 22.17 -101.22 18.13
C ILE L 5 22.20 -99.71 18.38
N LEU L 6 21.10 -99.19 18.93
CA LEU L 6 20.96 -97.74 19.08
C LEU L 6 21.85 -97.21 20.21
N THR L 7 21.66 -97.70 21.43
CA THR L 7 22.34 -97.21 22.60
C THR L 7 23.13 -98.33 23.27
N LEU L 8 24.36 -98.01 23.68
CA LEU L 8 25.26 -98.97 24.29
C LEU L 8 24.84 -99.39 25.69
N GLN L 9 23.86 -98.72 26.30
CA GLN L 9 23.38 -99.06 27.62
C GLN L 9 21.89 -99.34 27.56
N ALA L 10 21.47 -100.43 28.20
CA ALA L 10 20.07 -100.81 28.20
C ALA L 10 19.24 -99.82 29.01
N TYR L 11 17.96 -99.72 28.66
CA TYR L 11 17.03 -98.85 29.37
C TYR L 11 16.60 -99.53 30.66
N ASP L 12 17.03 -98.98 31.79
CA ASP L 12 16.72 -99.56 33.10
C ASP L 12 15.66 -98.70 33.75
N PRO L 13 14.46 -99.24 34.01
CA PRO L 13 13.41 -98.41 34.65
C PRO L 13 13.78 -97.89 36.02
N ALA L 14 14.67 -98.57 36.75
CA ALA L 14 15.07 -98.11 38.06
C ALA L 14 15.93 -96.85 38.03
N LYS L 15 16.48 -96.51 36.87
CA LYS L 15 17.28 -95.29 36.73
C LYS L 15 16.43 -94.06 36.42
N VAL L 16 15.13 -94.23 36.20
CA VAL L 16 14.22 -93.11 35.97
C VAL L 16 13.75 -92.60 37.32
N LEU L 17 14.51 -91.69 37.93
CA LEU L 17 14.19 -91.19 39.26
C LEU L 17 13.16 -90.09 39.17
N VAL L 18 12.25 -90.05 40.14
CA VAL L 18 11.22 -89.03 40.25
C VAL L 18 11.43 -88.29 41.56
N PHE L 19 11.55 -86.97 41.47
CA PHE L 19 11.78 -86.11 42.63
C PHE L 19 10.64 -85.12 42.74
N ILE L 20 9.90 -85.17 43.85
CA ILE L 20 8.85 -84.22 44.15
C ILE L 20 9.17 -83.57 45.49
N GLY L 21 9.39 -82.26 45.49
CA GLY L 21 9.73 -81.54 46.70
C GLY L 21 11.11 -81.82 47.25
N GLY L 22 11.95 -82.55 46.52
CA GLY L 22 13.27 -82.91 47.00
C GLY L 22 13.40 -84.32 47.52
N GLN L 23 12.33 -85.11 47.53
CA GLN L 23 12.37 -86.48 47.99
C GLN L 23 12.15 -87.43 46.83
N ARG L 24 12.82 -88.58 46.89
CA ARG L 24 12.66 -89.60 45.86
C ARG L 24 11.40 -90.41 46.13
N VAL L 25 10.63 -90.69 45.08
CA VAL L 25 9.37 -91.41 45.19
C VAL L 25 9.61 -92.89 44.89
N SER L 26 9.12 -93.75 45.77
CA SER L 26 9.24 -95.19 45.61
C SER L 26 7.90 -95.85 45.87
N GLY L 27 7.68 -96.98 45.20
CA GLY L 27 6.44 -97.72 45.37
C GLY L 27 5.55 -97.67 44.15
N PHE L 28 6.15 -97.61 42.96
CA PHE L 28 5.38 -97.51 41.73
C PHE L 28 4.67 -98.83 41.44
N ALA L 29 3.61 -98.75 40.65
CA ALA L 29 2.80 -99.90 40.31
C ALA L 29 3.37 -100.59 39.07
N ALA L 30 2.64 -101.56 38.53
CA ALA L 30 3.09 -102.33 37.38
C ALA L 30 2.76 -101.59 36.09
N ASP L 31 3.14 -102.22 34.96
CA ASP L 31 2.91 -101.69 33.61
C ASP L 31 3.60 -100.34 33.50
N THR L 32 2.89 -99.24 33.26
CA THR L 32 3.53 -97.96 33.08
C THR L 32 3.92 -97.36 34.43
N LYS L 33 4.87 -96.43 34.38
CA LYS L 33 5.33 -95.72 35.57
C LYS L 33 5.07 -94.22 35.50
N ILE L 34 5.47 -93.57 34.42
CA ILE L 34 5.27 -92.13 34.24
C ILE L 34 4.64 -91.90 32.87
N VAL L 35 3.63 -91.05 32.82
CA VAL L 35 2.99 -90.65 31.57
C VAL L 35 2.97 -89.12 31.56
N ILE L 36 3.59 -88.52 30.56
CA ILE L 36 3.68 -87.07 30.42
C ILE L 36 3.03 -86.69 29.10
N THR L 37 2.04 -85.81 29.16
CA THR L 37 1.34 -85.34 27.99
C THR L 37 1.09 -83.83 28.10
N ARG L 38 1.02 -83.18 26.94
CA ARG L 38 0.71 -81.76 26.88
C ARG L 38 -0.81 -81.58 26.91
N ASN L 39 -1.28 -80.36 26.68
CA ASN L 39 -2.70 -80.07 26.67
C ASN L 39 -3.22 -79.56 25.35
N ASN L 40 -2.43 -78.78 24.60
CA ASN L 40 -2.83 -78.25 23.31
C ASN L 40 -1.70 -78.45 22.31
N ASP L 41 -2.04 -78.29 21.03
CA ASP L 41 -1.05 -78.44 19.98
C ASP L 41 -0.02 -77.31 20.05
N ASN L 42 1.19 -77.61 19.60
CA ASN L 42 2.27 -76.63 19.63
C ASN L 42 2.08 -75.55 18.58
N ILE L 43 1.66 -75.91 17.37
CA ILE L 43 1.44 -74.95 16.29
C ILE L 43 0.06 -75.19 15.72
N SER L 44 -0.70 -74.11 15.55
CA SER L 44 -2.00 -74.14 14.91
C SER L 44 -1.90 -73.58 13.50
N VAL L 45 -2.72 -74.09 12.60
CA VAL L 45 -2.67 -73.73 11.18
C VAL L 45 -4.02 -73.17 10.76
N HIS L 46 -4.00 -72.05 10.04
CA HIS L 46 -5.18 -71.39 9.52
C HIS L 46 -5.19 -71.57 8.00
N ALA L 47 -5.91 -72.58 7.53
CA ALA L 47 -5.97 -72.88 6.11
C ALA L 47 -6.90 -71.90 5.39
N GLY L 48 -6.45 -71.40 4.24
CA GLY L 48 -7.21 -70.47 3.45
C GLY L 48 -7.87 -71.14 2.25
N VAL L 49 -8.91 -70.46 1.72
CA VAL L 49 -9.62 -70.99 0.57
C VAL L 49 -8.73 -70.98 -0.67
N ASP L 50 -8.05 -69.84 -0.92
CA ASP L 50 -7.21 -69.73 -2.09
C ASP L 50 -5.99 -70.65 -2.00
N GLY L 51 -5.42 -70.79 -0.81
CA GLY L 51 -4.27 -71.64 -0.63
C GLY L 51 -3.25 -71.10 0.35
N GLU L 52 -3.30 -69.79 0.61
CA GLU L 52 -2.40 -69.19 1.59
C GLU L 52 -2.65 -69.77 2.97
N ILE L 53 -1.57 -70.11 3.68
CA ILE L 53 -1.66 -70.70 5.00
C ILE L 53 -0.76 -69.90 5.94
N SER L 54 -1.22 -69.71 7.17
CA SER L 54 -0.44 -69.04 8.21
C SER L 54 -0.54 -69.84 9.50
N ASN L 55 0.54 -69.81 10.28
CA ASN L 55 0.63 -70.59 11.51
C ASN L 55 0.86 -69.65 12.69
N ALA L 56 0.50 -70.14 13.88
CA ALA L 56 0.67 -69.40 15.11
C ALA L 56 1.34 -70.30 16.15
N LEU L 57 2.14 -69.71 17.03
CA LEU L 57 2.86 -70.44 18.06
C LEU L 57 2.06 -70.40 19.36
N SER L 58 1.84 -71.56 19.96
CA SER L 58 1.11 -71.62 21.22
C SER L 58 1.98 -71.14 22.37
N ARG L 59 1.39 -70.33 23.25
CA ARG L 59 2.08 -69.78 24.40
C ARG L 59 1.70 -70.49 25.70
N ASP L 60 0.96 -71.58 25.61
CA ASP L 60 0.51 -72.33 26.78
C ASP L 60 1.21 -73.68 26.79
N ASN L 61 1.88 -74.00 27.90
CA ASN L 61 2.63 -75.24 28.04
C ASN L 61 2.13 -76.10 29.20
N THR L 62 0.89 -75.91 29.62
CA THR L 62 0.33 -76.71 30.71
C THR L 62 0.24 -78.18 30.30
N GLY L 63 0.59 -79.06 31.22
CA GLY L 63 0.56 -80.48 30.96
C GLY L 63 0.13 -81.24 32.20
N VAL L 64 -0.11 -82.54 32.02
CA VAL L 64 -0.55 -83.41 33.11
C VAL L 64 0.38 -84.61 33.16
N MET L 65 1.00 -84.85 34.31
CA MET L 65 1.84 -86.01 34.53
C MET L 65 1.12 -86.98 35.47
N THR L 66 1.04 -88.24 35.06
CA THR L 66 0.29 -89.26 35.78
C THR L 66 1.27 -90.16 36.52
N LEU L 67 1.10 -90.28 37.83
CA LEU L 67 1.91 -91.16 38.66
C LEU L 67 1.04 -92.30 39.17
N SER L 68 1.48 -93.53 38.91
CA SER L 68 0.77 -94.73 39.36
C SER L 68 1.50 -95.33 40.55
N LEU L 69 0.77 -95.53 41.64
CA LEU L 69 1.35 -96.03 42.88
C LEU L 69 0.46 -97.12 43.47
N GLN L 70 1.09 -98.02 44.22
CA GLN L 70 0.35 -99.08 44.91
C GLN L 70 -0.35 -98.53 46.13
N ASN L 71 -1.39 -99.25 46.58
CA ASN L 71 -2.17 -98.83 47.74
C ASN L 71 -1.38 -98.91 49.04
N THR L 72 -0.27 -99.66 49.07
CA THR L 72 0.47 -99.87 50.31
C THR L 72 1.70 -98.98 50.40
N ALA L 73 1.82 -97.96 49.55
CA ALA L 73 2.95 -97.05 49.60
C ALA L 73 2.63 -95.87 50.51
N LYS L 74 3.65 -95.45 51.29
CA LYS L 74 3.48 -94.31 52.18
C LYS L 74 3.26 -93.01 51.43
N TRP L 75 3.69 -92.94 50.17
CA TRP L 75 3.55 -91.71 49.41
C TRP L 75 2.09 -91.34 49.17
N ASN L 76 1.17 -92.29 49.22
CA ASN L 76 -0.25 -91.96 49.16
C ASN L 76 -0.64 -91.11 50.37
N GLY L 77 -0.24 -91.53 51.56
CA GLY L 77 -0.48 -90.73 52.75
C GLY L 77 0.24 -89.39 52.70
N TYR L 78 1.46 -89.39 52.17
CA TYR L 78 2.20 -88.14 52.00
C TYR L 78 1.41 -87.16 51.14
N LEU L 79 0.90 -87.64 50.00
CA LEU L 79 0.17 -86.77 49.09
C LEU L 79 -1.15 -86.31 49.70
N ALA L 80 -1.83 -87.19 50.43
CA ALA L 80 -3.07 -86.78 51.09
C ALA L 80 -2.83 -85.69 52.13
N GLN L 81 -1.79 -85.86 52.94
CA GLN L 81 -1.46 -84.85 53.94
C GLN L 81 -1.06 -83.54 53.28
N TRP L 82 -0.29 -83.62 52.19
CA TRP L 82 0.09 -82.40 51.48
C TRP L 82 -1.13 -81.71 50.88
N GLN L 83 -2.08 -82.49 50.37
CA GLN L 83 -3.31 -81.92 49.83
C GLN L 83 -4.09 -81.18 50.91
N ARG L 84 -4.23 -81.81 52.08
CA ARG L 84 -4.95 -81.16 53.17
C ARG L 84 -4.26 -79.89 53.61
N GLN L 85 -2.92 -79.93 53.74
CA GLN L 85 -2.19 -78.76 54.20
C GLN L 85 -2.28 -77.63 53.17
N ALA L 86 -2.13 -77.95 51.89
CA ALA L 86 -2.25 -76.94 50.84
C ALA L 86 -3.65 -76.33 50.82
N ASN L 87 -4.66 -77.16 51.10
CA ASN L 87 -6.03 -76.68 51.14
C ASN L 87 -6.20 -75.68 52.29
N VAL L 88 -5.73 -76.02 53.49
CA VAL L 88 -5.98 -75.16 54.63
C VAL L 88 -5.17 -73.87 54.54
N THR L 89 -3.88 -73.98 54.20
CA THR L 89 -3.04 -72.77 54.16
C THR L 89 -3.19 -72.02 52.84
N GLY L 90 -2.83 -72.65 51.72
CA GLY L 90 -2.97 -71.99 50.43
C GLY L 90 -1.82 -72.21 49.47
N LEU L 91 -0.62 -72.50 49.99
CA LEU L 91 0.52 -72.75 49.13
C LEU L 91 0.41 -74.13 48.51
N ILE L 92 0.38 -74.19 47.18
CA ILE L 92 0.11 -75.43 46.46
C ILE L 92 1.20 -75.80 45.48
N TYR L 93 2.25 -75.00 45.35
CA TYR L 93 3.28 -75.22 44.35
C TYR L 93 4.51 -75.84 44.97
N LEU L 94 5.01 -76.91 44.35
CA LEU L 94 6.24 -77.58 44.75
C LEU L 94 7.03 -77.99 43.51
N PRO L 95 8.36 -78.06 43.62
CA PRO L 95 9.16 -78.42 42.44
C PRO L 95 8.99 -79.88 42.07
N VAL L 96 9.13 -80.16 40.77
CA VAL L 96 9.05 -81.50 40.24
C VAL L 96 10.17 -81.67 39.22
N GLN L 97 10.97 -82.74 39.36
CA GLN L 97 12.06 -83.03 38.46
C GLN L 97 12.06 -84.52 38.13
N VAL L 98 12.17 -84.84 36.85
CA VAL L 98 12.21 -86.22 36.37
C VAL L 98 13.47 -86.39 35.54
N GLU L 99 14.27 -87.40 35.87
CA GLU L 99 15.51 -87.70 35.17
C GLU L 99 15.35 -88.99 34.40
N GLY L 100 15.53 -88.93 33.08
CA GLY L 100 15.43 -90.11 32.26
C GLY L 100 16.71 -90.93 32.25
N SER L 101 16.55 -92.21 31.92
CA SER L 101 17.71 -93.10 31.84
C SER L 101 18.46 -92.89 30.52
N GLN L 102 17.78 -93.12 29.40
CA GLN L 102 18.34 -92.91 28.08
C GLN L 102 17.39 -92.09 27.22
N GLY L 103 16.55 -91.28 27.86
CA GLY L 103 15.59 -90.48 27.13
C GLY L 103 15.54 -89.03 27.58
N LEU L 104 14.44 -88.35 27.29
CA LEU L 104 14.29 -86.95 27.64
C LEU L 104 13.98 -86.80 29.12
N SER L 105 14.11 -85.56 29.61
CA SER L 105 13.93 -85.26 31.02
C SER L 105 12.89 -84.16 31.16
N LEU L 106 12.67 -83.73 32.41
CA LEU L 106 11.67 -82.72 32.71
C LEU L 106 11.99 -82.09 34.06
N ASN L 107 11.85 -80.77 34.13
CA ASN L 107 12.15 -80.05 35.37
C ASN L 107 11.34 -78.76 35.35
N THR L 108 10.25 -78.73 36.10
CA THR L 108 9.39 -77.55 36.23
C THR L 108 8.80 -77.53 37.64
N ILE L 109 7.74 -76.73 37.82
CA ILE L 109 7.01 -76.66 39.08
C ILE L 109 5.63 -77.26 38.87
N GLY L 110 5.23 -78.14 39.77
CA GLY L 110 4.00 -78.88 39.63
C GLY L 110 3.10 -78.74 40.86
N TRP L 111 1.89 -79.29 40.72
CA TRP L 111 0.90 -79.26 41.78
C TRP L 111 0.00 -80.48 41.64
N ILE L 112 -0.69 -80.82 42.72
CA ILE L 112 -1.64 -81.93 42.70
C ILE L 112 -2.95 -81.40 42.12
N GLN L 113 -3.42 -82.04 41.05
CA GLN L 113 -4.62 -81.58 40.36
C GLN L 113 -5.84 -82.43 40.72
N LYS L 114 -5.76 -83.73 40.54
CA LYS L 114 -6.86 -84.64 40.79
C LYS L 114 -6.42 -85.80 41.68
N GLN L 115 -7.25 -86.13 42.66
CA GLN L 115 -6.99 -87.30 43.47
C GLN L 115 -7.58 -88.54 42.80
N PRO L 116 -6.96 -89.71 42.96
CA PRO L 116 -7.43 -90.91 42.29
C PRO L 116 -8.47 -91.67 43.11
N ASP L 117 -9.20 -92.53 42.42
CA ASP L 117 -10.15 -93.41 43.08
C ASP L 117 -9.41 -94.49 43.87
N LEU L 118 -10.08 -95.02 44.89
CA LEU L 118 -9.50 -96.03 45.78
C LEU L 118 -10.42 -97.24 45.74
N SER L 119 -9.97 -98.30 45.08
CA SER L 119 -10.72 -99.54 45.02
C SER L 119 -10.11 -100.59 45.93
N TYR L 120 -10.97 -101.46 46.46
CA TYR L 120 -10.54 -102.54 47.34
C TYR L 120 -11.11 -103.84 46.79
N GLY L 121 -10.24 -104.80 46.49
CA GLY L 121 -10.69 -106.05 45.91
C GLY L 121 -9.83 -107.24 46.28
N THR L 122 -9.93 -108.32 45.50
CA THR L 122 -9.17 -109.52 45.79
C THR L 122 -7.67 -109.28 45.67
N GLU L 123 -7.25 -108.54 44.64
CA GLU L 123 -5.84 -108.23 44.42
C GLU L 123 -5.55 -106.82 44.89
N VAL L 124 -4.25 -106.50 44.99
CA VAL L 124 -3.84 -105.15 45.32
C VAL L 124 -4.06 -104.26 44.11
N GLY L 125 -4.78 -103.15 44.33
CA GLY L 125 -5.16 -102.26 43.26
C GLY L 125 -4.09 -101.24 42.93
N GLN L 126 -4.47 -100.27 42.10
CA GLN L 126 -3.58 -99.22 41.64
C GLN L 126 -4.30 -97.89 41.68
N MET L 127 -3.59 -96.85 42.10
CA MET L 127 -4.13 -95.49 42.19
C MET L 127 -3.24 -94.56 41.38
N ASP L 128 -3.86 -93.75 40.53
CA ASP L 128 -3.12 -92.90 39.59
C ASP L 128 -3.34 -91.44 39.98
N TRP L 129 -2.37 -90.90 40.74
CA TRP L 129 -2.39 -89.49 41.07
C TRP L 129 -2.07 -88.66 39.83
N GLU L 130 -2.86 -87.63 39.58
CA GLU L 130 -2.69 -86.76 38.42
C GLU L 130 -2.00 -85.47 38.87
N ILE L 131 -0.78 -85.26 38.38
CA ILE L 131 0.02 -84.09 38.72
C ILE L 131 0.13 -83.20 37.50
N GLY L 132 -0.18 -81.92 37.66
CA GLY L 132 -0.09 -80.94 36.59
C GLY L 132 1.23 -80.19 36.69
N VAL L 133 1.76 -79.80 35.53
CA VAL L 133 3.05 -79.12 35.46
C VAL L 133 2.86 -77.79 34.74
N LEU L 134 3.66 -76.80 35.15
CA LEU L 134 3.57 -75.48 34.53
C LEU L 134 3.98 -75.52 33.07
N ASP L 135 5.11 -76.15 32.77
CA ASP L 135 5.60 -76.29 31.41
C ASP L 135 5.91 -77.76 31.18
N ALA L 136 5.58 -78.25 29.99
CA ALA L 136 5.73 -79.66 29.65
C ALA L 136 6.75 -79.88 28.53
N TRP L 137 7.74 -79.00 28.44
CA TRP L 137 8.78 -79.17 27.42
C TRP L 137 9.81 -80.19 27.90
N LEU L 138 10.02 -81.23 27.09
CA LEU L 138 11.01 -82.24 27.42
C LEU L 138 12.39 -81.77 26.97
N SER L 139 13.40 -82.06 27.81
CA SER L 139 14.72 -81.52 27.59
C SER L 139 15.73 -82.62 27.26
N PRO L 140 16.47 -82.50 26.15
CA PRO L 140 17.49 -83.49 25.82
C PRO L 140 18.85 -83.17 26.43
N ASP L 141 18.90 -83.01 27.75
CA ASP L 141 20.14 -82.61 28.40
C ASP L 141 21.13 -83.78 28.48
N GLN L 142 20.63 -85.00 28.69
CA GLN L 142 21.53 -86.12 28.92
C GLN L 142 22.28 -86.53 27.65
N ILE L 143 21.62 -86.41 26.50
CA ILE L 143 22.23 -86.82 25.22
C ILE L 143 23.26 -85.76 24.86
N GLN L 144 24.38 -86.18 24.29
CA GLN L 144 25.46 -85.27 23.93
C GLN L 144 25.46 -85.12 22.40
N GLY L 145 25.51 -83.88 21.93
CA GLY L 145 25.55 -83.60 20.51
C GLY L 145 24.82 -82.32 20.20
N ILE L 146 25.42 -81.52 19.32
CA ILE L 146 24.80 -80.27 18.87
C ILE L 146 24.75 -80.24 17.35
N ALA L 147 23.62 -80.69 16.80
CA ALA L 147 23.41 -80.74 15.37
C ALA L 147 22.21 -79.91 14.92
N ALA L 148 21.51 -79.27 15.85
CA ALA L 148 20.39 -78.41 15.47
C ALA L 148 20.85 -77.27 14.57
N GLY L 149 22.01 -76.68 14.89
CA GLY L 149 22.58 -75.67 14.01
C GLY L 149 22.97 -76.24 12.67
N ILE L 150 23.51 -77.46 12.66
CA ILE L 150 23.89 -78.11 11.40
C ILE L 150 22.65 -78.39 10.55
N THR L 151 21.61 -78.95 11.16
CA THR L 151 20.40 -79.27 10.44
C THR L 151 19.64 -77.99 10.08
N GLY L 152 18.84 -78.06 9.02
CA GLY L 152 18.00 -76.94 8.66
C GLY L 152 18.44 -76.22 7.38
N LEU L 153 17.74 -76.49 6.29
CA LEU L 153 17.95 -75.78 5.04
C LEU L 153 16.87 -74.74 4.77
N LEU L 154 16.25 -74.20 5.81
CA LEU L 154 15.18 -73.22 5.67
C LEU L 154 15.64 -71.97 4.94
N ILE M 8 -40.30 -7.78 66.02
CA ILE M 8 -39.09 -7.08 65.63
C ILE M 8 -38.27 -6.73 66.86
N SER M 9 -37.01 -6.34 66.64
CA SER M 9 -36.09 -5.99 67.72
C SER M 9 -34.99 -5.12 67.15
N PRO M 10 -34.32 -4.32 67.98
CA PRO M 10 -33.20 -3.52 67.47
C PRO M 10 -32.14 -4.35 66.78
N ALA M 11 -31.87 -5.56 67.29
CA ALA M 11 -30.90 -6.43 66.64
C ALA M 11 -31.35 -6.81 65.24
N GLN M 12 -32.64 -7.08 65.07
CA GLN M 12 -33.16 -7.44 63.75
C GLN M 12 -32.98 -6.33 62.73
N GLN M 13 -32.85 -5.08 63.17
CA GLN M 13 -32.60 -4.00 62.23
C GLN M 13 -31.26 -4.20 61.52
N ALA M 14 -30.24 -4.66 62.24
CA ALA M 14 -28.98 -4.96 61.60
C ALA M 14 -29.13 -6.03 60.54
N GLN M 15 -29.90 -7.09 60.83
CA GLN M 15 -30.13 -8.12 59.84
C GLN M 15 -30.82 -7.56 58.60
N ALA M 16 -31.80 -6.68 58.80
CA ALA M 16 -32.47 -6.05 57.67
C ALA M 16 -31.49 -5.23 56.85
N ASP M 17 -30.57 -4.52 57.51
CA ASP M 17 -29.59 -3.72 56.80
C ASP M 17 -28.69 -4.57 55.92
N LYS M 18 -28.36 -5.78 56.37
CA LYS M 18 -27.49 -6.65 55.57
C LYS M 18 -28.14 -6.96 54.23
N ARG M 19 -29.45 -7.24 54.23
CA ARG M 19 -30.14 -7.54 52.98
C ARG M 19 -29.98 -6.41 51.98
N ALA M 20 -30.21 -5.17 52.43
CA ALA M 20 -30.13 -4.03 51.52
C ALA M 20 -28.72 -3.88 50.97
N ARG M 21 -27.71 -4.02 51.82
CA ARG M 21 -26.34 -3.80 51.37
C ARG M 21 -25.88 -4.90 50.42
N ASP M 22 -25.90 -6.15 50.88
CA ASP M 22 -25.40 -7.25 50.07
C ASP M 22 -26.16 -7.38 48.75
N ALA M 23 -27.49 -7.29 48.79
CA ALA M 23 -28.27 -7.34 47.56
C ALA M 23 -27.93 -6.16 46.65
N ALA M 24 -27.83 -4.96 47.23
CA ALA M 24 -27.47 -3.79 46.42
C ALA M 24 -26.05 -3.89 45.90
N ALA M 25 -25.11 -4.36 46.72
CA ALA M 25 -23.72 -4.45 46.29
C ALA M 25 -23.58 -5.43 45.13
N ALA M 26 -24.42 -6.45 45.08
CA ALA M 26 -24.34 -7.44 44.01
C ALA M 26 -24.59 -6.81 42.65
N LYS M 27 -25.64 -5.99 42.54
CA LYS M 27 -25.96 -5.39 41.25
C LYS M 27 -24.94 -4.34 40.84
N ARG M 28 -24.30 -3.68 41.80
CA ARG M 28 -23.27 -2.70 41.46
C ARG M 28 -22.12 -3.35 40.72
N LYS M 29 -21.67 -4.53 41.17
CA LYS M 29 -20.60 -5.22 40.47
C LYS M 29 -21.03 -5.60 39.06
N GLN M 30 -22.25 -6.11 38.90
CA GLN M 30 -22.74 -6.46 37.58
C GLN M 30 -22.96 -5.20 36.73
N ASP M 31 -23.62 -4.19 37.30
CA ASP M 31 -23.91 -2.99 36.54
C ASP M 31 -22.68 -2.21 36.10
N THR M 32 -21.70 -2.03 36.99
CA THR M 32 -20.49 -1.30 36.61
C THR M 32 -19.72 -2.03 35.53
N GLU M 33 -19.61 -3.35 35.64
CA GLU M 33 -18.88 -4.12 34.64
C GLU M 33 -19.53 -3.97 33.27
N VAL M 34 -20.85 -4.02 33.21
CA VAL M 34 -21.54 -3.81 31.93
C VAL M 34 -21.30 -2.40 31.44
N SER M 35 -21.27 -1.42 32.35
CA SER M 35 -21.00 -0.05 31.95
C SER M 35 -19.61 0.10 31.37
N ASN M 36 -18.63 -0.66 31.88
CA ASN M 36 -17.30 -0.65 31.28
C ASN M 36 -17.32 -1.10 29.82
N ALA M 37 -18.10 -2.14 29.51
CA ALA M 37 -18.39 -2.44 28.13
C ALA M 37 -19.33 -1.38 27.57
N LYS M 38 -19.31 -1.25 26.23
CA LYS M 38 -20.02 -0.17 25.54
C LYS M 38 -19.26 1.14 25.70
N SER M 39 -18.19 1.13 26.51
CA SER M 39 -17.29 2.27 26.61
C SER M 39 -15.96 2.00 25.92
N ARG M 40 -15.52 0.74 25.91
CA ARG M 40 -14.34 0.37 25.15
C ARG M 40 -14.73 0.05 23.72
N GLU M 41 -14.24 0.86 22.78
CA GLU M 41 -14.49 0.63 21.36
C GLU M 41 -13.31 0.00 20.64
N ASP M 42 -12.19 -0.19 21.31
CA ASP M 42 -11.01 -0.79 20.68
C ASP M 42 -10.93 -2.28 20.98
N ILE M 43 -12.07 -2.89 21.27
CA ILE M 43 -12.12 -4.31 21.61
C ILE M 43 -13.10 -4.99 20.66
N GLN M 44 -12.70 -6.15 20.15
CA GLN M 44 -13.51 -6.93 19.23
C GLN M 44 -13.50 -8.39 19.67
N TYR M 45 -14.67 -9.04 19.57
CA TYR M 45 -14.83 -10.43 19.96
C TYR M 45 -15.13 -11.27 18.74
N THR M 46 -14.44 -12.40 18.62
CA THR M 46 -14.61 -13.33 17.52
C THR M 46 -14.80 -14.74 18.07
N MET M 47 -15.71 -15.49 17.46
CA MET M 47 -15.99 -16.86 17.85
C MET M 47 -15.62 -17.80 16.72
N PHE M 48 -14.82 -18.82 17.03
CA PHE M 48 -14.39 -19.80 16.03
C PHE M 48 -15.25 -21.06 16.15
N VAL M 49 -16.38 -21.02 15.44
CA VAL M 49 -17.29 -22.16 15.47
C VAL M 49 -16.64 -23.38 14.85
N SER M 50 -15.98 -23.23 13.71
CA SER M 50 -15.33 -24.35 13.04
C SER M 50 -14.29 -23.87 12.05
N GLY M 51 -13.59 -24.79 11.40
CA GLY M 51 -12.63 -24.44 10.38
C GLY M 51 -11.24 -24.18 10.91
N LEU M 52 -11.10 -24.16 12.24
CA LEU M 52 -9.82 -23.85 12.87
C LEU M 52 -8.70 -24.72 12.30
N ARG M 53 -8.96 -26.01 12.16
CA ARG M 53 -7.95 -26.94 11.68
C ARG M 53 -7.91 -27.04 10.17
N ARG M 54 -8.66 -26.21 9.44
CA ARG M 54 -8.67 -26.25 7.97
C ARG M 54 -8.69 -24.81 7.45
N GLY M 55 -7.51 -24.27 7.19
CA GLY M 55 -7.39 -22.98 6.55
C GLY M 55 -7.55 -21.79 7.48
N ARG M 56 -8.54 -21.84 8.37
CA ARG M 56 -8.86 -20.69 9.20
C ARG M 56 -7.84 -20.49 10.32
N LEU M 57 -6.83 -21.37 10.40
CA LEU M 57 -5.77 -21.17 11.38
C LEU M 57 -5.05 -19.85 11.15
N ASN M 58 -5.10 -19.33 9.92
CA ASN M 58 -4.48 -18.05 9.61
C ASN M 58 -5.06 -16.90 10.42
N GLU M 59 -6.38 -16.91 10.66
CA GLU M 59 -7.02 -15.86 11.44
C GLU M 59 -6.84 -16.00 12.94
N PHE M 60 -6.66 -17.22 13.44
CA PHE M 60 -6.48 -17.40 14.87
C PHE M 60 -5.12 -16.91 15.35
N GLU M 61 -4.16 -16.75 14.44
CA GLU M 61 -2.83 -16.30 14.83
C GLU M 61 -2.76 -14.79 14.99
N ARG M 62 -3.77 -14.07 14.49
CA ARG M 62 -3.72 -12.61 14.46
C ARG M 62 -4.22 -11.97 15.74
N LYS M 63 -4.64 -12.75 16.74
CA LYS M 63 -5.31 -12.23 17.92
C LYS M 63 -4.37 -12.29 19.11
N ASN M 64 -4.31 -11.18 19.86
CA ASN M 64 -3.22 -10.93 20.81
C ASN M 64 -3.65 -11.02 22.27
N ARG M 65 -4.86 -11.49 22.55
CA ARG M 65 -5.30 -11.71 23.93
C ARG M 65 -5.53 -10.41 24.69
N THR M 66 -5.37 -9.26 24.02
CA THR M 66 -5.51 -7.96 24.68
C THR M 66 -6.66 -7.15 24.12
N ASP M 67 -6.76 -7.01 22.80
CA ASP M 67 -7.87 -6.30 22.19
C ASP M 67 -8.61 -7.11 21.13
N ASP M 68 -8.00 -8.14 20.55
CA ASP M 68 -8.67 -9.08 19.67
C ASP M 68 -8.73 -10.42 20.40
N LEU M 69 -9.94 -10.90 20.66
CA LEU M 69 -10.15 -12.07 21.50
C LEU M 69 -10.87 -13.15 20.70
N ALA M 70 -10.53 -14.40 20.97
CA ALA M 70 -11.08 -15.55 20.26
C ALA M 70 -11.86 -16.41 21.26
N ILE M 71 -13.02 -16.89 20.84
CA ILE M 71 -13.82 -17.82 21.63
C ILE M 71 -13.79 -19.18 20.93
N LEU M 72 -13.19 -20.16 21.58
CA LEU M 72 -13.19 -21.53 21.09
C LEU M 72 -14.03 -22.40 22.03
N PHE M 73 -14.58 -23.47 21.48
CA PHE M 73 -15.43 -24.38 22.23
C PHE M 73 -14.86 -25.78 22.15
N ASP M 74 -14.93 -26.50 23.28
CA ASP M 74 -14.39 -27.85 23.33
C ASP M 74 -15.04 -28.75 22.29
N SER M 75 -16.28 -28.47 21.92
CA SER M 75 -16.96 -29.24 20.89
C SER M 75 -18.19 -28.47 20.42
N VAL M 76 -18.39 -28.47 19.11
CA VAL M 76 -19.55 -27.85 18.49
C VAL M 76 -20.33 -28.94 17.77
N THR M 77 -21.49 -29.31 18.33
CA THR M 77 -22.25 -30.44 17.77
C THR M 77 -22.79 -30.13 16.39
N THR M 78 -23.48 -29.00 16.22
CA THR M 78 -24.04 -28.63 14.92
C THR M 78 -24.15 -27.12 14.85
N HIS M 79 -24.14 -26.61 13.62
CA HIS M 79 -24.40 -25.21 13.34
C HIS M 79 -25.18 -25.10 12.04
N THR M 80 -26.00 -24.06 11.94
CA THR M 80 -26.88 -23.90 10.79
C THR M 80 -26.96 -22.42 10.41
N TYR M 81 -27.31 -22.17 9.16
CA TYR M 81 -27.42 -20.82 8.62
C TYR M 81 -28.61 -20.78 7.67
N THR M 82 -29.51 -19.84 7.89
CA THR M 82 -30.75 -19.76 7.12
C THR M 82 -31.10 -18.29 6.88
N LYS M 83 -31.07 -17.88 5.61
CA LYS M 83 -31.55 -16.56 5.22
C LYS M 83 -32.96 -16.68 4.66
N ASP M 84 -33.71 -15.59 4.74
CA ASP M 84 -35.12 -15.61 4.37
C ASP M 84 -35.43 -14.38 3.51
N TYR M 85 -36.49 -14.51 2.72
CA TYR M 85 -36.95 -13.42 1.86
C TYR M 85 -38.47 -13.40 1.88
N ASN M 86 -39.03 -12.23 1.59
CA ASN M 86 -40.48 -12.04 1.61
C ASN M 86 -40.94 -11.64 0.20
N LYS M 87 -42.06 -12.22 -0.22
CA LYS M 87 -42.61 -11.99 -1.55
C LYS M 87 -44.04 -11.48 -1.42
N SER M 88 -44.31 -10.34 -2.03
CA SER M 88 -45.66 -9.79 -2.02
C SER M 88 -46.45 -10.34 -3.22
N SER M 89 -47.78 -10.21 -3.12
CA SER M 89 -48.66 -10.75 -4.17
C SER M 89 -49.97 -9.99 -4.13
N TYR M 90 -50.45 -9.58 -5.30
CA TYR M 90 -51.73 -8.90 -5.45
C TYR M 90 -52.60 -9.65 -6.45
N ALA M 91 -53.91 -9.49 -6.29
CA ALA M 91 -54.89 -10.22 -7.08
C ALA M 91 -55.23 -9.43 -8.34
N VAL M 92 -55.64 -10.16 -9.38
CA VAL M 92 -56.02 -9.57 -10.66
C VAL M 92 -57.44 -10.00 -10.99
N GLU M 93 -58.04 -9.30 -11.96
CA GLU M 93 -59.44 -9.57 -12.31
C GLU M 93 -59.59 -10.92 -13.01
N SER M 94 -58.48 -11.56 -13.38
CA SER M 94 -58.53 -12.86 -14.05
C SER M 94 -58.66 -14.00 -13.06
N LYS M 95 -59.05 -13.69 -11.82
CA LYS M 95 -59.18 -14.70 -10.77
C LYS M 95 -57.85 -15.44 -10.56
N ALA M 96 -56.76 -14.68 -10.62
CA ALA M 96 -55.43 -15.19 -10.34
C ALA M 96 -54.68 -14.14 -9.52
N LYS M 97 -53.44 -14.47 -9.14
CA LYS M 97 -52.62 -13.59 -8.34
C LYS M 97 -51.28 -13.35 -9.03
N ALA M 98 -50.84 -12.10 -9.02
CA ALA M 98 -49.56 -11.69 -9.58
C ALA M 98 -48.59 -11.37 -8.44
N SER M 99 -47.41 -10.87 -8.79
CA SER M 99 -46.37 -10.61 -7.81
C SER M 99 -45.81 -9.22 -8.01
N ASP M 100 -45.25 -8.68 -6.93
CA ASP M 100 -44.67 -7.33 -6.90
C ASP M 100 -43.29 -7.42 -6.27
N HIS M 101 -42.66 -6.31 -5.90
CA HIS M 101 -41.30 -6.34 -5.37
C HIS M 101 -41.19 -7.32 -4.21
N VAL M 102 -39.95 -7.71 -3.92
CA VAL M 102 -39.63 -8.62 -2.83
C VAL M 102 -38.59 -7.95 -1.93
N THR M 103 -38.42 -8.51 -0.73
CA THR M 103 -37.51 -7.94 0.26
C THR M 103 -36.68 -9.05 0.86
N THR M 104 -35.54 -8.67 1.43
CA THR M 104 -34.61 -9.60 2.06
C THR M 104 -34.62 -9.39 3.57
N GLN M 105 -34.86 -10.48 4.29
CA GLN M 105 -34.98 -10.41 5.75
C GLN M 105 -33.69 -10.86 6.43
N ASP M 106 -32.70 -9.96 6.51
CA ASP M 106 -31.49 -10.14 7.29
C ASP M 106 -30.94 -11.57 7.23
N GLY M 107 -30.91 -12.28 8.37
CA GLY M 107 -30.37 -13.63 8.40
C GLY M 107 -30.12 -14.10 9.82
N LYS M 108 -30.23 -15.40 10.04
CA LYS M 108 -30.14 -15.97 11.38
C LYS M 108 -29.13 -17.11 11.41
N PHE M 109 -28.44 -17.24 12.55
CA PHE M 109 -27.44 -18.27 12.74
C PHE M 109 -27.56 -18.84 14.14
N THR M 110 -27.40 -20.17 14.25
CA THR M 110 -27.46 -20.85 15.53
C THR M 110 -26.46 -21.99 15.55
N PHE M 111 -26.03 -22.37 16.75
CA PHE M 111 -25.12 -23.48 16.92
C PHE M 111 -25.22 -24.00 18.34
N SER M 112 -24.76 -25.23 18.54
CA SER M 112 -24.76 -25.87 19.84
C SER M 112 -23.35 -26.37 20.16
N GLY M 113 -22.97 -26.28 21.42
CA GLY M 113 -21.65 -26.69 21.82
C GLY M 113 -21.63 -27.15 23.26
N THR M 114 -20.44 -27.58 23.69
CA THR M 114 -20.26 -28.10 25.04
C THR M 114 -18.91 -27.66 25.57
N VAL M 115 -18.87 -27.29 26.85
CA VAL M 115 -17.63 -26.99 27.56
C VAL M 115 -17.48 -28.02 28.67
N THR M 116 -16.36 -28.73 28.65
CA THR M 116 -16.12 -29.86 29.54
C THR M 116 -15.16 -29.45 30.65
N ASP M 117 -15.33 -30.07 31.81
CA ASP M 117 -14.46 -29.83 32.97
C ASP M 117 -13.24 -30.74 32.97
N SER M 118 -12.91 -31.33 31.81
CA SER M 118 -11.74 -32.18 31.66
C SER M 118 -11.19 -31.98 30.25
N PRO M 119 -10.62 -30.82 29.95
CA PRO M 119 -10.26 -30.49 28.57
C PRO M 119 -9.12 -31.34 28.06
N TYR M 120 -9.08 -31.48 26.73
CA TYR M 120 -8.00 -32.18 26.05
C TYR M 120 -6.99 -31.19 25.47
N LEU M 121 -7.48 -30.18 24.74
CA LEU M 121 -6.62 -29.20 24.07
C LEU M 121 -6.74 -27.88 24.81
N ILE M 122 -5.77 -27.64 25.70
CA ILE M 122 -5.71 -26.39 26.46
C ILE M 122 -4.75 -25.43 25.77
N ASP M 123 -5.27 -24.63 24.86
CA ASP M 123 -4.44 -23.65 24.16
C ASP M 123 -4.51 -22.30 24.86
N PRO M 124 -3.41 -21.76 25.38
CA PRO M 124 -3.49 -20.48 26.09
C PRO M 124 -3.98 -19.33 25.23
N ARG M 125 -3.80 -19.39 23.91
CA ARG M 125 -4.27 -18.30 23.06
C ARG M 125 -5.78 -18.11 23.15
N ASN M 126 -6.52 -19.18 23.39
CA ASN M 126 -7.96 -19.06 23.61
C ASN M 126 -8.22 -18.21 24.84
N MET M 127 -9.17 -17.28 24.72
CA MET M 127 -9.41 -16.32 25.79
C MET M 127 -10.11 -16.95 26.99
N ILE M 128 -10.74 -18.12 26.82
CA ILE M 128 -11.30 -18.83 27.96
C ILE M 128 -10.18 -19.34 28.86
N ASP M 129 -9.07 -19.76 28.26
CA ASP M 129 -7.97 -20.39 29.00
C ASP M 129 -6.95 -19.36 29.47
N ARG M 130 -7.41 -18.13 29.72
CA ARG M 130 -6.48 -17.09 30.16
C ARG M 130 -5.78 -17.48 31.45
N ASP M 131 -6.51 -18.05 32.40
CA ASP M 131 -5.97 -18.29 33.74
C ASP M 131 -6.04 -19.76 34.13
N THR M 132 -6.59 -20.61 33.26
CA THR M 132 -6.73 -22.02 33.58
C THR M 132 -5.38 -22.64 33.89
N ASP M 133 -5.33 -23.46 34.94
CA ASP M 133 -4.08 -24.13 35.31
C ASP M 133 -3.79 -25.28 34.36
N LYS M 134 -2.54 -25.40 33.94
CA LYS M 134 -2.17 -26.41 32.96
C LYS M 134 -2.30 -27.82 33.54
N GLU M 135 -1.84 -28.02 34.77
CA GLU M 135 -1.72 -29.35 35.34
C GLU M 135 -2.86 -29.72 36.30
N ASN M 136 -3.75 -28.79 36.61
CA ASN M 136 -4.87 -29.08 37.48
C ASN M 136 -6.15 -28.51 36.88
N PRO M 137 -6.67 -29.12 35.81
CA PRO M 137 -7.79 -28.50 35.07
C PRO M 137 -9.11 -28.49 35.83
N MET M 138 -9.50 -29.60 36.43
CA MET M 138 -10.84 -29.70 37.01
C MET M 138 -11.08 -28.72 38.14
N LEU M 139 -10.03 -28.32 38.86
CA LEU M 139 -10.21 -27.32 39.91
C LEU M 139 -10.18 -25.90 39.37
N ALA M 140 -9.82 -25.72 38.09
CA ALA M 140 -9.79 -24.40 37.50
C ALA M 140 -11.17 -23.83 37.19
N ARG M 141 -12.22 -24.66 37.29
CA ARG M 141 -13.58 -24.18 37.08
C ARG M 141 -13.77 -23.63 35.67
N ARG M 142 -13.42 -24.42 34.66
CA ARG M 142 -13.62 -24.01 33.27
C ARG M 142 -15.10 -23.80 32.98
N PRO M 143 -15.98 -24.74 33.32
CA PRO M 143 -17.41 -24.53 33.00
C PRO M 143 -17.97 -23.25 33.57
N ALA M 144 -17.59 -22.88 34.80
CA ALA M 144 -18.05 -21.63 35.37
C ALA M 144 -17.42 -20.45 34.67
N LYS M 145 -16.12 -20.53 34.40
CA LYS M 145 -15.38 -19.41 33.83
C LYS M 145 -15.92 -18.98 32.46
N ALA M 146 -16.66 -19.85 31.77
CA ALA M 146 -17.20 -19.54 30.45
C ALA M 146 -18.51 -18.76 30.53
N ILE M 147 -19.27 -18.94 31.62
CA ILE M 147 -20.57 -18.28 31.71
C ILE M 147 -20.41 -16.78 31.93
N GLU M 148 -19.53 -16.39 32.86
CA GLU M 148 -19.36 -14.97 33.16
C GLU M 148 -18.67 -14.20 32.03
N ILE M 149 -18.06 -14.88 31.08
CA ILE M 149 -17.48 -14.22 29.91
C ILE M 149 -18.46 -14.21 28.74
N LEU M 150 -19.21 -15.30 28.54
CA LEU M 150 -20.24 -15.31 27.52
C LEU M 150 -21.37 -14.33 27.85
N GLU M 151 -21.77 -14.28 29.11
CA GLU M 151 -22.84 -13.37 29.51
C GLU M 151 -22.42 -11.91 29.34
N LEU M 152 -21.16 -11.59 29.65
CA LEU M 152 -20.69 -10.21 29.50
C LEU M 152 -20.78 -9.76 28.05
N ILE M 153 -20.44 -10.65 27.11
CA ILE M 153 -20.50 -10.29 25.70
C ILE M 153 -21.94 -10.00 25.28
N ALA M 154 -22.88 -10.85 25.70
CA ALA M 154 -24.25 -10.73 25.24
C ALA M 154 -24.93 -9.49 25.83
N ASP M 155 -24.82 -9.30 27.14
CA ASP M 155 -25.51 -8.20 27.80
C ASP M 155 -24.89 -6.84 27.51
N SER M 156 -23.72 -6.79 26.91
CA SER M 156 -23.10 -5.53 26.51
C SER M 156 -23.35 -5.21 25.03
N HIS M 157 -24.11 -6.06 24.33
CA HIS M 157 -24.53 -5.78 22.95
C HIS M 157 -23.34 -5.67 22.01
N GLN M 158 -22.35 -6.53 22.18
CA GLN M 158 -21.21 -6.53 21.27
C GLN M 158 -21.63 -7.01 19.88
N LEU M 159 -20.96 -6.48 18.87
CA LEU M 159 -21.15 -6.95 17.49
C LEU M 159 -20.14 -8.06 17.23
N VAL M 160 -20.63 -9.30 17.22
CA VAL M 160 -19.74 -10.45 17.14
C VAL M 160 -19.44 -10.79 15.69
N THR M 161 -18.27 -11.38 15.46
CA THR M 161 -17.85 -11.88 14.16
C THR M 161 -17.61 -13.38 14.28
N LEU M 162 -18.23 -14.15 13.38
CA LEU M 162 -18.15 -15.60 13.42
C LEU M 162 -17.25 -16.08 12.29
N VAL M 163 -16.26 -16.90 12.62
CA VAL M 163 -15.34 -17.48 11.66
C VAL M 163 -15.70 -18.95 11.50
N THR M 164 -16.55 -19.25 10.53
CA THR M 164 -16.94 -20.62 10.24
C THR M 164 -16.09 -21.16 9.09
N GLU M 165 -16.03 -22.49 9.00
CA GLU M 165 -15.26 -23.11 7.93
C GLU M 165 -15.80 -22.76 6.56
N ASP M 166 -17.13 -22.73 6.41
CA ASP M 166 -17.72 -22.47 5.08
C ASP M 166 -17.53 -21.03 4.66
N ASN M 167 -17.76 -20.09 5.59
CA ASN M 167 -17.71 -18.67 5.25
C ASN M 167 -17.44 -17.88 6.54
N ILE M 168 -17.38 -16.55 6.41
CA ILE M 168 -17.14 -15.66 7.54
C ILE M 168 -18.29 -14.67 7.60
N LEU M 169 -18.87 -14.51 8.80
CA LEU M 169 -20.01 -13.64 9.02
C LEU M 169 -19.62 -12.52 9.97
N SER M 170 -20.18 -11.34 9.75
CA SER M 170 -19.86 -10.17 10.56
C SER M 170 -21.13 -9.41 10.90
N ASN M 171 -21.07 -8.65 11.99
CA ASN M 171 -22.19 -7.82 12.44
C ASN M 171 -23.38 -8.70 12.85
N TYR M 172 -23.12 -9.64 13.74
CA TYR M 172 -24.15 -10.51 14.29
C TYR M 172 -24.30 -10.24 15.78
N VAL M 173 -25.55 -10.20 16.25
CA VAL M 173 -25.87 -9.88 17.64
C VAL M 173 -26.53 -11.09 18.28
N ILE M 174 -26.02 -11.48 19.45
CA ILE M 174 -26.60 -12.61 20.17
C ILE M 174 -27.98 -12.25 20.67
N THR M 175 -28.90 -13.22 20.61
CA THR M 175 -30.28 -13.01 21.04
C THR M 175 -30.68 -13.88 22.21
N SER M 176 -30.12 -15.08 22.35
CA SER M 176 -30.47 -15.95 23.47
C SER M 176 -29.41 -17.03 23.59
N PHE M 177 -29.37 -17.67 24.75
CA PHE M 177 -28.47 -18.78 24.99
C PHE M 177 -28.97 -19.58 26.18
N GLN M 178 -28.48 -20.82 26.28
CA GLN M 178 -28.92 -21.75 27.31
C GLN M 178 -27.72 -22.46 27.92
N VAL M 179 -27.89 -22.91 29.17
CA VAL M 179 -26.88 -23.67 29.88
C VAL M 179 -27.58 -24.74 30.71
N ASP M 180 -27.33 -26.01 30.37
CA ASP M 180 -28.02 -27.14 30.99
C ASP M 180 -27.02 -28.09 31.61
N ARG M 181 -27.07 -28.23 32.92
CA ARG M 181 -26.28 -29.23 33.64
C ARG M 181 -27.15 -30.44 33.94
N SER M 182 -27.58 -31.11 32.88
CA SER M 182 -28.40 -32.31 33.04
C SER M 182 -27.58 -33.43 33.63
N SER M 183 -28.25 -34.32 34.36
CA SER M 183 -27.59 -35.47 34.95
C SER M 183 -27.13 -36.48 33.90
N GLU M 184 -27.56 -36.34 32.65
CA GLU M 184 -27.18 -37.28 31.61
C GLU M 184 -25.67 -37.31 31.39
N ALA M 185 -25.01 -36.14 31.40
CA ALA M 185 -23.58 -36.07 31.14
C ALA M 185 -22.81 -35.69 32.38
N GLY M 186 -23.16 -34.56 32.99
CA GLY M 186 -22.44 -34.13 34.17
C GLY M 186 -21.00 -33.75 33.85
N SER M 187 -20.43 -32.98 34.77
CA SER M 187 -19.05 -32.51 34.63
C SER M 187 -18.88 -31.69 33.36
N SER M 188 -19.98 -31.18 32.82
CA SER M 188 -19.94 -30.38 31.60
C SER M 188 -21.23 -29.60 31.48
N ILE M 189 -21.23 -28.61 30.61
CA ILE M 189 -22.39 -27.75 30.38
C ILE M 189 -22.73 -27.79 28.90
N ASN M 190 -24.01 -28.01 28.60
CA ASN M 190 -24.49 -27.96 27.22
C ASN M 190 -24.92 -26.53 26.91
N VAL M 191 -24.36 -25.96 25.84
CA VAL M 191 -24.53 -24.55 25.53
C VAL M 191 -25.13 -24.43 24.13
N GLN M 192 -26.16 -23.60 24.00
CA GLN M 192 -26.77 -23.27 22.73
C GLN M 192 -26.86 -21.77 22.60
N VAL M 193 -26.69 -21.26 21.39
CA VAL M 193 -26.64 -19.82 21.14
C VAL M 193 -27.35 -19.52 19.82
N THR M 194 -27.89 -18.31 19.72
CA THR M 194 -28.54 -17.81 18.52
C THR M 194 -28.07 -16.40 18.22
N LEU M 195 -27.95 -16.09 16.93
CA LEU M 195 -27.50 -14.78 16.50
C LEU M 195 -28.28 -14.36 15.26
N GLU M 196 -28.33 -13.06 15.02
CA GLU M 196 -28.98 -12.49 13.84
C GLU M 196 -28.13 -11.34 13.31
N GLU M 197 -28.30 -11.06 12.01
CA GLU M 197 -27.51 -10.04 11.34
C GLU M 197 -28.07 -8.64 11.62
N PHE M 198 -27.27 -7.81 12.30
CA PHE M 198 -27.65 -6.43 12.59
C PHE M 198 -27.21 -5.54 11.42
N ARG M 199 -27.89 -5.75 10.29
CA ARG M 199 -27.50 -5.08 9.06
C ARG M 199 -27.74 -3.58 9.17
N PHE M 200 -26.72 -2.79 8.84
CA PHE M 200 -26.82 -1.34 8.88
C PHE M 200 -27.50 -0.82 7.63
N ARG M 210 -17.00 14.81 19.14
CA ARG M 210 -16.21 13.67 18.69
C ARG M 210 -14.85 14.10 18.16
N THR M 211 -13.97 13.11 17.97
CA THR M 211 -12.67 13.34 17.37
C THR M 211 -12.75 13.14 15.86
N SER M 212 -11.60 12.99 15.20
CA SER M 212 -11.49 12.71 13.78
C SER M 212 -11.22 13.98 12.98
N ASP M 213 -10.71 13.82 11.76
CA ASP M 213 -10.24 14.96 10.99
C ASP M 213 -11.40 15.90 10.67
N PRO M 214 -11.20 17.21 10.79
CA PRO M 214 -12.24 18.14 10.31
C PRO M 214 -12.54 17.99 8.83
N LYS M 215 -11.56 17.55 8.04
CA LYS M 215 -11.79 17.40 6.60
C LYS M 215 -12.90 16.40 6.32
N LYS M 216 -12.89 15.26 7.03
CA LYS M 216 -13.88 14.22 6.79
C LYS M 216 -15.21 14.50 7.49
N ALA M 217 -15.21 15.30 8.54
CA ALA M 217 -16.44 15.62 9.24
C ALA M 217 -17.34 16.49 8.38
N LYS M 218 -18.66 16.30 8.54
CA LYS M 218 -19.65 17.11 7.84
C LYS M 218 -20.54 17.79 8.87
N ASN M 219 -21.46 18.61 8.37
CA ASN M 219 -22.34 19.39 9.23
C ASN M 219 -23.22 18.49 10.09
N ALA M 220 -23.07 18.58 11.41
CA ALA M 220 -23.91 17.84 12.33
C ALA M 220 -25.01 18.74 12.89
N ASN M 221 -25.84 18.17 13.75
CA ASN M 221 -26.93 18.89 14.39
C ASN M 221 -27.06 18.40 15.83
N THR M 222 -27.59 19.26 16.70
CA THR M 222 -27.75 18.91 18.10
C THR M 222 -29.13 19.30 18.62
N GLY M 223 -29.86 20.11 17.85
CA GLY M 223 -31.17 20.54 18.30
C GLY M 223 -31.09 21.64 19.34
N THR M 224 -32.25 21.95 19.91
CA THR M 224 -32.33 23.00 20.91
C THR M 224 -31.49 22.66 22.14
N LYS M 225 -30.85 23.68 22.71
CA LYS M 225 -29.94 23.51 23.84
C LYS M 225 -30.33 24.50 24.93
N GLN M 226 -30.47 24.00 26.15
CA GLN M 226 -30.74 24.84 27.31
C GLN M 226 -29.41 25.24 27.96
N THR M 227 -29.50 25.94 29.09
CA THR M 227 -28.30 26.37 29.79
C THR M 227 -27.49 25.16 30.23
N ALA M 228 -26.16 25.28 30.14
CA ALA M 228 -25.28 24.20 30.56
C ALA M 228 -25.51 23.90 32.04
N GLU M 229 -25.54 22.60 32.37
CA GLU M 229 -25.85 22.17 33.72
C GLU M 229 -24.61 22.04 34.61
N ASP M 230 -23.43 22.35 34.09
CA ASP M 230 -22.19 22.20 34.85
C ASP M 230 -21.68 23.52 35.42
N GLY M 231 -22.39 24.63 35.18
CA GLY M 231 -21.89 25.93 35.62
C GLY M 231 -23.03 26.79 36.12
N ALA M 232 -22.67 28.01 36.52
CA ALA M 232 -23.62 28.91 37.15
C ALA M 232 -24.84 29.12 36.26
N VAL M 233 -25.88 29.73 36.85
CA VAL M 233 -27.18 30.00 36.22
C VAL M 233 -28.09 28.80 36.44
N ASP M 234 -27.54 27.60 36.48
CA ASP M 234 -28.33 26.44 36.89
C ASP M 234 -28.52 26.44 38.41
N ASP M 235 -27.50 26.88 39.14
CA ASP M 235 -27.61 26.97 40.60
C ASP M 235 -28.71 27.94 40.99
N SER M 236 -28.81 29.07 40.28
CA SER M 236 -29.91 30.00 40.51
C SER M 236 -31.26 29.36 40.20
N ALA M 237 -31.32 28.45 39.23
CA ALA M 237 -32.53 27.68 38.98
C ALA M 237 -32.71 26.56 39.99
N LYS M 238 -31.63 25.82 40.28
CA LYS M 238 -31.66 24.79 41.30
C LYS M 238 -31.56 25.35 42.71
N GLN M 239 -31.40 26.67 42.85
CA GLN M 239 -31.34 27.33 44.15
C GLN M 239 -30.16 26.80 44.98
N LYS M 240 -28.97 27.06 44.45
CA LYS M 240 -27.74 26.62 45.10
C LYS M 240 -26.76 27.78 45.22
N ARG M 241 -25.53 27.49 45.65
CA ARG M 241 -24.51 28.50 45.89
C ARG M 241 -23.52 28.54 44.73
N GLN M 242 -23.11 29.76 44.37
CA GLN M 242 -22.05 29.92 43.39
C GLN M 242 -20.70 29.57 44.01
N THR M 243 -19.83 28.98 43.20
CA THR M 243 -18.54 28.50 43.68
C THR M 243 -17.57 29.67 43.84
N PRO M 244 -16.99 29.88 45.02
CA PRO M 244 -16.01 30.97 45.16
C PRO M 244 -14.78 30.75 44.29
N TYR M 245 -14.17 31.85 43.90
CA TYR M 245 -12.95 31.81 43.10
C TYR M 245 -11.75 31.50 43.99
N ILE M 246 -10.63 31.14 43.36
CA ILE M 246 -9.47 30.66 44.10
C ILE M 246 -8.45 31.78 44.30
N GLY M 247 -8.89 33.02 44.14
CA GLY M 247 -8.08 34.15 44.55
C GLY M 247 -7.02 34.59 43.57
N LYS M 248 -6.38 33.65 42.87
CA LYS M 248 -5.24 33.97 42.03
C LYS M 248 -5.58 35.06 41.03
N ASN M 249 -4.67 36.02 40.89
CA ASN M 249 -4.87 37.16 39.99
C ASN M 249 -6.09 37.98 40.38
N ALA M 250 -6.28 38.15 41.70
CA ALA M 250 -7.37 38.98 42.18
C ALA M 250 -7.09 40.45 41.89
N GLU M 251 -8.16 41.25 41.84
CA GLU M 251 -8.08 42.67 41.57
C GLU M 251 -7.81 42.93 40.10
N THR M 252 -7.56 41.88 39.32
CA THR M 252 -7.49 42.01 37.87
C THR M 252 -8.73 41.43 37.23
N LYS M 253 -9.12 40.23 37.63
CA LYS M 253 -10.39 39.66 37.20
C LYS M 253 -11.55 40.48 37.70
N GLU M 254 -11.66 40.62 39.02
CA GLU M 254 -12.90 41.10 39.62
C GLU M 254 -13.35 42.42 39.01
N ARG M 255 -12.40 43.31 38.67
CA ARG M 255 -12.78 44.57 38.05
C ARG M 255 -13.44 44.35 36.70
N TRP M 256 -13.00 43.33 35.96
CA TRP M 256 -13.46 43.19 34.58
C TRP M 256 -14.75 42.39 34.47
N GLU M 257 -14.79 41.17 35.02
CA GLU M 257 -16.03 40.39 34.94
C GLU M 257 -17.19 41.12 35.61
N ASN M 258 -16.93 41.72 36.78
CA ASN M 258 -18.01 42.43 37.46
C ASN M 258 -18.58 43.55 36.61
N ALA M 259 -17.78 44.13 35.72
CA ALA M 259 -18.25 45.20 34.84
C ALA M 259 -18.76 44.68 33.51
N ALA M 260 -18.13 43.64 32.96
CA ALA M 260 -18.48 43.15 31.64
C ALA M 260 -19.45 41.97 31.68
N ILE M 261 -19.52 41.26 32.80
CA ILE M 261 -20.38 40.08 32.94
C ILE M 261 -21.46 40.30 33.98
N GLY M 262 -21.11 40.90 35.12
CA GLY M 262 -22.06 41.09 36.19
C GLY M 262 -22.32 39.79 36.94
N THR M 263 -23.31 39.85 37.82
CA THR M 263 -23.68 38.73 38.66
C THR M 263 -25.16 38.42 38.48
N THR M 264 -25.50 37.13 38.62
CA THR M 264 -26.88 36.68 38.48
C THR M 264 -27.66 37.11 39.72
N ASP M 265 -28.44 38.18 39.58
CA ASP M 265 -29.23 38.70 40.70
C ASP M 265 -30.54 39.29 40.19
N ILE N 8 -7.62 5.69 28.52
CA ILE N 8 -7.38 5.49 27.10
C ILE N 8 -6.05 6.10 26.70
N SER N 9 -5.68 5.91 25.44
CA SER N 9 -4.42 6.41 24.91
C SER N 9 -4.53 6.46 23.40
N PRO N 10 -3.68 7.24 22.73
CA PRO N 10 -3.73 7.28 21.26
C PRO N 10 -3.53 5.92 20.62
N ALA N 11 -2.82 5.00 21.30
CA ALA N 11 -2.64 3.67 20.75
C ALA N 11 -3.96 2.96 20.48
N GLN N 12 -4.98 3.18 21.31
CA GLN N 12 -6.29 2.60 21.08
C GLN N 12 -7.06 3.32 19.98
N GLN N 13 -6.92 4.64 19.86
CA GLN N 13 -7.57 5.36 18.77
C GLN N 13 -7.06 4.85 17.42
N ALA N 14 -5.82 4.41 17.37
CA ALA N 14 -5.26 3.82 16.16
C ALA N 14 -5.73 2.37 16.02
N GLN N 15 -6.41 1.87 17.03
CA GLN N 15 -6.97 0.52 17.03
C GLN N 15 -8.47 0.51 16.76
N ALA N 16 -9.21 1.47 17.33
CA ALA N 16 -10.63 1.57 17.03
C ALA N 16 -10.86 1.86 15.56
N ASP N 17 -10.00 2.67 14.96
CA ASP N 17 -10.12 2.97 13.53
C ASP N 17 -9.99 1.69 12.70
N LYS N 18 -9.03 0.83 13.07
CA LYS N 18 -8.87 -0.43 12.37
C LYS N 18 -10.12 -1.28 12.49
N ARG N 19 -10.73 -1.30 13.68
CA ARG N 19 -11.96 -2.05 13.89
C ARG N 19 -13.08 -1.51 13.02
N ALA N 20 -13.17 -0.18 12.89
CA ALA N 20 -14.20 0.41 12.04
C ALA N 20 -13.88 0.28 10.56
N ARG N 21 -12.60 0.43 10.19
CA ARG N 21 -12.23 0.40 8.77
C ARG N 21 -12.45 -0.97 8.17
N ASP N 22 -11.93 -2.02 8.81
CA ASP N 22 -12.06 -3.37 8.26
C ASP N 22 -13.52 -3.80 8.22
N ALA N 23 -14.28 -3.50 9.28
CA ALA N 23 -15.68 -3.86 9.29
C ALA N 23 -16.44 -3.14 8.18
N ALA N 24 -16.15 -1.86 7.98
CA ALA N 24 -16.81 -1.12 6.91
C ALA N 24 -16.44 -1.67 5.54
N ALA N 25 -15.22 -2.19 5.39
CA ALA N 25 -14.80 -2.73 4.10
C ALA N 25 -15.66 -3.93 3.70
N ALA N 26 -16.21 -4.65 4.68
CA ALA N 26 -17.03 -5.82 4.37
C ALA N 26 -18.28 -5.49 3.56
N LYS N 27 -18.98 -4.42 3.93
CA LYS N 27 -20.16 -4.02 3.17
C LYS N 27 -19.80 -3.61 1.75
N ARG N 28 -18.69 -2.88 1.59
CA ARG N 28 -18.29 -2.45 0.26
C ARG N 28 -18.05 -3.65 -0.65
N LYS N 29 -17.66 -4.80 -0.10
CA LYS N 29 -17.49 -5.99 -0.91
C LYS N 29 -18.83 -6.66 -1.20
N GLN N 30 -19.55 -7.06 -0.15
CA GLN N 30 -20.83 -7.74 -0.34
C GLN N 30 -21.86 -6.81 -0.97
N ASP N 31 -22.00 -5.60 -0.43
CA ASP N 31 -23.00 -4.68 -0.95
C ASP N 31 -22.78 -4.27 -2.40
N THR N 32 -21.51 -4.23 -2.84
CA THR N 32 -21.23 -3.85 -4.21
C THR N 32 -21.59 -4.97 -5.18
N GLU N 33 -21.29 -6.22 -4.81
CA GLU N 33 -21.52 -7.33 -5.72
C GLU N 33 -22.99 -7.46 -6.10
N VAL N 34 -23.89 -7.33 -5.12
CA VAL N 34 -25.31 -7.42 -5.42
C VAL N 34 -25.75 -6.28 -6.31
N SER N 35 -25.15 -5.09 -6.14
CA SER N 35 -25.56 -3.94 -6.94
C SER N 35 -25.34 -4.18 -8.42
N ASN N 36 -24.14 -4.64 -8.80
CA ASN N 36 -23.88 -4.91 -10.21
C ASN N 36 -24.63 -6.14 -10.69
N ALA N 37 -24.82 -7.13 -9.82
CA ALA N 37 -25.59 -8.31 -10.21
C ALA N 37 -27.01 -7.97 -10.60
N LYS N 38 -27.56 -6.87 -10.07
CA LYS N 38 -28.89 -6.41 -10.45
C LYS N 38 -28.85 -5.41 -11.60
N SER N 39 -27.67 -4.91 -11.94
CA SER N 39 -27.54 -3.87 -12.97
C SER N 39 -27.38 -4.48 -14.35
N ARG N 40 -27.44 -5.81 -14.46
CA ARG N 40 -27.33 -6.48 -15.76
C ARG N 40 -28.32 -7.63 -15.77
N GLU N 41 -29.31 -7.56 -16.65
CA GLU N 41 -30.38 -8.55 -16.74
C GLU N 41 -30.12 -9.62 -17.78
N ASP N 42 -28.97 -9.59 -18.47
CA ASP N 42 -28.71 -10.58 -19.52
C ASP N 42 -28.55 -11.98 -18.93
N ILE N 43 -27.84 -12.08 -17.80
CA ILE N 43 -27.56 -13.39 -17.22
C ILE N 43 -28.86 -14.05 -16.81
N GLN N 44 -28.95 -15.37 -17.01
CA GLN N 44 -30.11 -16.17 -16.66
C GLN N 44 -29.62 -17.42 -15.94
N TYR N 45 -30.04 -17.57 -14.67
CA TYR N 45 -29.65 -18.72 -13.89
C TYR N 45 -30.67 -19.85 -14.07
N THR N 46 -30.19 -21.09 -13.99
CA THR N 46 -31.05 -22.27 -14.09
C THR N 46 -30.55 -23.32 -13.11
N MET N 47 -31.49 -24.17 -12.67
CA MET N 47 -31.18 -25.25 -11.75
C MET N 47 -31.71 -26.57 -12.31
N PHE N 48 -30.90 -27.63 -12.17
CA PHE N 48 -31.23 -28.95 -12.67
C PHE N 48 -31.45 -29.88 -11.48
N VAL N 49 -32.71 -30.06 -11.10
CA VAL N 49 -33.08 -30.99 -10.04
C VAL N 49 -33.61 -32.26 -10.69
N SER N 50 -32.84 -33.33 -10.59
CA SER N 50 -33.17 -34.62 -11.23
C SER N 50 -33.29 -34.35 -12.73
N GLY N 51 -34.14 -35.07 -13.46
CA GLY N 51 -34.39 -34.76 -14.85
C GLY N 51 -33.28 -35.12 -15.81
N LEU N 52 -32.04 -34.84 -15.42
CA LEU N 52 -30.91 -34.83 -16.34
C LEU N 52 -30.89 -36.04 -17.27
N ARG N 53 -30.78 -37.25 -16.71
CA ARG N 53 -30.45 -38.41 -17.53
C ARG N 53 -31.64 -38.95 -18.32
N ARG N 54 -32.85 -38.46 -18.07
CA ARG N 54 -34.01 -38.86 -18.86
C ARG N 54 -34.25 -37.92 -20.03
N GLY N 55 -33.23 -37.66 -20.84
CA GLY N 55 -33.36 -36.84 -22.01
C GLY N 55 -33.31 -35.35 -21.77
N ARG N 56 -33.22 -34.90 -20.52
CA ARG N 56 -33.04 -33.48 -20.26
C ARG N 56 -31.66 -32.98 -20.64
N LEU N 57 -30.73 -33.90 -20.96
CA LEU N 57 -29.43 -33.49 -21.49
C LEU N 57 -29.56 -32.68 -22.76
N ASN N 58 -30.69 -32.82 -23.46
CA ASN N 58 -30.89 -32.07 -24.71
C ASN N 58 -30.76 -30.57 -24.49
N GLU N 59 -31.22 -30.06 -23.34
CA GLU N 59 -31.16 -28.64 -23.04
C GLU N 59 -30.02 -28.29 -22.09
N PHE N 60 -29.45 -29.28 -21.38
CA PHE N 60 -28.30 -29.00 -20.52
C PHE N 60 -27.09 -28.57 -21.35
N GLU N 61 -26.91 -29.19 -22.52
CA GLU N 61 -25.80 -28.84 -23.40
C GLU N 61 -25.93 -27.44 -24.00
N ARG N 62 -27.13 -26.85 -23.95
CA ARG N 62 -27.31 -25.50 -24.48
C ARG N 62 -26.65 -24.45 -23.59
N LYS N 63 -26.43 -24.78 -22.33
CA LYS N 63 -25.96 -23.79 -21.36
C LYS N 63 -24.48 -23.48 -21.60
N ASN N 64 -24.17 -22.20 -21.81
CA ASN N 64 -22.78 -21.77 -21.96
C ASN N 64 -22.22 -21.40 -20.59
N ARG N 65 -21.03 -20.78 -20.56
CA ARG N 65 -20.38 -20.42 -19.31
C ARG N 65 -20.43 -18.92 -19.03
N THR N 66 -21.21 -18.15 -19.80
CA THR N 66 -21.26 -16.71 -19.61
C THR N 66 -22.66 -16.14 -19.42
N ASP N 67 -23.70 -16.70 -20.06
CA ASP N 67 -25.04 -16.12 -19.99
C ASP N 67 -26.01 -17.08 -19.30
N ASP N 68 -26.12 -18.30 -19.79
CA ASP N 68 -27.05 -19.28 -19.25
C ASP N 68 -26.31 -20.21 -18.28
N LEU N 69 -26.04 -19.67 -17.09
CA LEU N 69 -25.36 -20.43 -16.06
C LEU N 69 -26.28 -21.52 -15.54
N ALA N 70 -25.71 -22.69 -15.25
CA ALA N 70 -26.45 -23.85 -14.76
C ALA N 70 -25.85 -24.30 -13.43
N ILE N 71 -26.69 -24.84 -12.56
CA ILE N 71 -26.27 -25.32 -11.24
C ILE N 71 -26.72 -26.77 -11.09
N LEU N 72 -25.79 -27.63 -10.68
CA LEU N 72 -26.08 -29.02 -10.40
C LEU N 72 -25.58 -29.38 -9.00
N PHE N 73 -26.43 -30.01 -8.21
CA PHE N 73 -26.06 -30.45 -6.88
C PHE N 73 -25.52 -31.88 -6.93
N ASP N 74 -24.63 -32.17 -5.98
CA ASP N 74 -24.04 -33.50 -5.91
C ASP N 74 -25.10 -34.58 -5.66
N SER N 75 -26.24 -34.21 -5.09
CA SER N 75 -27.31 -35.16 -4.86
C SER N 75 -28.55 -34.40 -4.42
N VAL N 76 -29.71 -34.84 -4.92
CA VAL N 76 -31.00 -34.31 -4.54
C VAL N 76 -31.84 -35.46 -4.00
N THR N 77 -32.33 -35.32 -2.77
CA THR N 77 -33.04 -36.41 -2.12
C THR N 77 -34.53 -36.40 -2.42
N THR N 78 -35.19 -35.26 -2.24
CA THR N 78 -36.62 -35.16 -2.50
C THR N 78 -36.94 -33.77 -3.01
N HIS N 79 -37.95 -33.67 -3.87
CA HIS N 79 -38.50 -32.40 -4.31
C HIS N 79 -40.00 -32.52 -4.45
N THR N 80 -40.71 -31.48 -4.03
CA THR N 80 -42.17 -31.50 -4.00
C THR N 80 -42.71 -30.23 -4.64
N TYR N 81 -43.85 -30.37 -5.32
CA TYR N 81 -44.51 -29.28 -6.00
C TYR N 81 -45.98 -29.26 -5.60
N THR N 82 -46.52 -28.07 -5.35
CA THR N 82 -47.87 -27.96 -4.82
C THR N 82 -48.48 -26.64 -5.24
N LYS N 83 -49.80 -26.67 -5.45
CA LYS N 83 -50.59 -25.49 -5.74
C LYS N 83 -51.79 -25.46 -4.80
N ASP N 84 -52.38 -24.28 -4.65
CA ASP N 84 -53.49 -24.09 -3.73
C ASP N 84 -54.57 -23.23 -4.37
N TYR N 85 -55.81 -23.45 -3.94
CA TYR N 85 -56.95 -22.66 -4.36
C TYR N 85 -57.85 -22.43 -3.16
N ASN N 86 -58.70 -21.41 -3.25
CA ASN N 86 -59.64 -21.11 -2.18
C ASN N 86 -60.99 -20.76 -2.80
N LYS N 87 -62.04 -20.93 -2.00
CA LYS N 87 -63.40 -20.67 -2.45
C LYS N 87 -64.19 -20.05 -1.31
N SER N 88 -65.28 -19.37 -1.68
CA SER N 88 -66.17 -18.80 -0.68
C SER N 88 -66.75 -19.90 0.21
N SER N 89 -66.79 -19.61 1.51
CA SER N 89 -67.31 -20.56 2.50
C SER N 89 -68.81 -20.40 2.74
N TYR N 90 -69.45 -19.49 2.00
CA TYR N 90 -70.88 -19.24 2.13
C TYR N 90 -71.58 -19.73 0.88
N ALA N 91 -72.80 -20.23 1.04
CA ALA N 91 -73.55 -20.74 -0.11
C ALA N 91 -73.71 -19.65 -1.15
N VAL N 92 -73.45 -20.01 -2.40
CA VAL N 92 -73.53 -19.04 -3.50
C VAL N 92 -74.99 -18.86 -3.91
N GLU N 93 -75.24 -17.78 -4.65
CA GLU N 93 -76.60 -17.43 -5.06
C GLU N 93 -76.98 -18.10 -6.37
N SER N 94 -76.08 -18.91 -6.92
CA SER N 94 -76.33 -19.60 -8.19
C SER N 94 -76.53 -18.59 -9.32
N LYS N 97 -74.36 -19.99 -14.17
CA LYS N 97 -73.75 -20.52 -12.97
C LYS N 97 -72.68 -19.58 -12.44
N ALA N 98 -72.72 -19.33 -11.13
CA ALA N 98 -71.74 -18.44 -10.50
C ALA N 98 -70.49 -19.23 -10.11
N SER N 99 -69.73 -19.67 -11.11
CA SER N 99 -68.50 -20.41 -10.89
C SER N 99 -67.28 -19.52 -10.73
N ASP N 100 -67.49 -18.21 -10.55
CA ASP N 100 -66.37 -17.28 -10.40
C ASP N 100 -65.89 -17.14 -8.97
N HIS N 101 -66.51 -17.84 -8.02
CA HIS N 101 -66.14 -17.74 -6.61
C HIS N 101 -64.94 -18.61 -6.25
N VAL N 102 -63.84 -18.49 -6.98
CA VAL N 102 -62.62 -19.24 -6.69
C VAL N 102 -61.43 -18.42 -7.16
N THR N 103 -60.30 -18.59 -6.47
CA THR N 103 -59.08 -17.88 -6.79
C THR N 103 -57.91 -18.85 -6.78
N THR N 104 -56.86 -18.50 -7.50
CA THR N 104 -55.67 -19.34 -7.64
C THR N 104 -54.52 -18.72 -6.87
N GLN N 105 -53.82 -19.52 -6.08
CA GLN N 105 -52.65 -19.06 -5.34
C GLN N 105 -51.38 -19.38 -6.12
N ASP N 106 -50.24 -18.94 -5.59
CA ASP N 106 -48.97 -19.20 -6.23
C ASP N 106 -48.45 -20.59 -5.86
N GLY N 107 -47.98 -21.32 -6.87
CA GLY N 107 -47.46 -22.65 -6.63
C GLY N 107 -46.11 -22.60 -5.91
N LYS N 108 -45.90 -23.56 -5.02
CA LYS N 108 -44.67 -23.65 -4.24
C LYS N 108 -43.85 -24.83 -4.71
N PHE N 109 -42.53 -24.72 -4.56
CA PHE N 109 -41.59 -25.79 -4.89
C PHE N 109 -40.47 -25.81 -3.88
N THR N 110 -40.15 -26.99 -3.37
CA THR N 110 -39.09 -27.16 -2.39
C THR N 110 -38.36 -28.46 -2.67
N PHE N 111 -37.10 -28.51 -2.24
CA PHE N 111 -36.31 -29.72 -2.41
C PHE N 111 -35.15 -29.69 -1.42
N SER N 112 -34.55 -30.86 -1.21
CA SER N 112 -33.40 -31.03 -0.34
C SER N 112 -32.24 -31.61 -1.13
N GLY N 113 -31.04 -31.14 -0.81
CA GLY N 113 -29.86 -31.58 -1.54
C GLY N 113 -28.67 -31.64 -0.62
N THR N 114 -27.50 -31.89 -1.23
CA THR N 114 -26.26 -32.02 -0.49
C THR N 114 -25.09 -31.69 -1.39
N VAL N 115 -24.06 -31.09 -0.80
CA VAL N 115 -22.80 -30.80 -1.48
C VAL N 115 -21.67 -31.40 -0.65
N THR N 116 -20.80 -32.16 -1.30
CA THR N 116 -19.81 -32.99 -0.61
C THR N 116 -18.41 -32.60 -1.03
N ASP N 117 -17.44 -32.85 -0.14
CA ASP N 117 -16.04 -32.63 -0.43
C ASP N 117 -15.44 -33.71 -1.32
N SER N 118 -16.18 -34.78 -1.60
CA SER N 118 -15.69 -35.92 -2.37
C SER N 118 -16.66 -36.17 -3.51
N PRO N 119 -16.66 -35.28 -4.51
CA PRO N 119 -17.60 -35.44 -5.62
C PRO N 119 -17.26 -36.64 -6.50
N TYR N 120 -18.30 -37.21 -7.11
CA TYR N 120 -18.13 -38.31 -8.05
C TYR N 120 -18.13 -37.83 -9.50
N LEU N 121 -18.80 -36.72 -9.79
CA LEU N 121 -18.85 -36.20 -11.15
C LEU N 121 -18.50 -34.72 -11.10
N ILE N 122 -17.51 -34.30 -11.89
CA ILE N 122 -16.98 -32.95 -11.83
C ILE N 122 -17.11 -32.29 -13.20
N ASP N 123 -18.17 -32.62 -13.93
CA ASP N 123 -18.41 -32.04 -15.24
C ASP N 123 -18.19 -30.53 -15.18
N PRO N 124 -17.25 -29.97 -15.97
CA PRO N 124 -16.96 -28.53 -15.86
C PRO N 124 -18.10 -27.63 -16.28
N ARG N 125 -19.09 -28.12 -17.02
CA ARG N 125 -20.20 -27.26 -17.42
C ARG N 125 -20.95 -26.72 -16.22
N ASN N 126 -20.94 -27.44 -15.10
CA ASN N 126 -21.56 -26.95 -13.89
C ASN N 126 -20.84 -25.69 -13.41
N MET N 127 -21.61 -24.67 -13.03
CA MET N 127 -21.01 -23.42 -12.59
C MET N 127 -20.37 -23.56 -11.21
N ILE N 128 -20.75 -24.59 -10.45
CA ILE N 128 -20.07 -24.85 -9.18
C ILE N 128 -18.63 -25.24 -9.43
N ASP N 129 -18.37 -25.95 -10.53
CA ASP N 129 -17.04 -26.44 -10.88
C ASP N 129 -16.35 -25.55 -11.91
N ARG N 130 -16.54 -24.23 -11.82
CA ARG N 130 -15.93 -23.32 -12.79
C ARG N 130 -14.42 -23.52 -12.86
N ASP N 131 -13.75 -23.48 -11.71
CA ASP N 131 -12.30 -23.56 -11.66
C ASP N 131 -11.87 -24.51 -10.54
N THR N 132 -12.50 -25.68 -10.47
CA THR N 132 -12.18 -26.68 -9.47
C THR N 132 -11.04 -27.57 -9.97
N ASP N 133 -10.11 -27.88 -9.07
CA ASP N 133 -9.00 -28.73 -9.42
C ASP N 133 -9.47 -30.15 -9.72
N LYS N 134 -8.84 -30.76 -10.71
CA LYS N 134 -9.25 -32.09 -11.16
C LYS N 134 -8.82 -33.18 -10.20
N GLU N 135 -7.61 -33.06 -9.63
CA GLU N 135 -7.03 -34.14 -8.84
C GLU N 135 -7.16 -33.95 -7.33
N ASN N 136 -7.50 -32.76 -6.86
CA ASN N 136 -7.66 -32.54 -5.42
C ASN N 136 -8.97 -31.83 -5.14
N PRO N 137 -10.10 -32.53 -5.22
CA PRO N 137 -11.40 -31.86 -5.03
C PRO N 137 -11.59 -31.24 -3.65
N MET N 138 -11.01 -31.81 -2.60
CA MET N 138 -11.23 -31.31 -1.25
C MET N 138 -10.49 -30.01 -0.97
N LEU N 139 -9.34 -29.78 -1.60
CA LEU N 139 -8.67 -28.48 -1.47
C LEU N 139 -9.40 -27.38 -2.21
N ALA N 140 -10.17 -27.71 -3.23
CA ALA N 140 -10.97 -26.71 -3.93
C ALA N 140 -12.08 -26.12 -3.06
N ARG N 141 -12.44 -26.79 -1.96
CA ARG N 141 -13.44 -26.29 -1.03
C ARG N 141 -14.77 -26.05 -1.74
N ARG N 142 -15.28 -27.10 -2.38
CA ARG N 142 -16.50 -26.98 -3.15
C ARG N 142 -17.70 -26.48 -2.34
N PRO N 143 -17.94 -26.96 -1.12
CA PRO N 143 -19.12 -26.45 -0.38
C PRO N 143 -19.12 -24.94 -0.21
N ALA N 144 -17.94 -24.34 0.01
CA ALA N 144 -17.87 -22.89 0.10
C ALA N 144 -18.19 -22.23 -1.24
N LYS N 145 -17.83 -22.89 -2.34
CA LYS N 145 -18.16 -22.34 -3.66
C LYS N 145 -19.66 -22.27 -3.86
N ALA N 146 -20.41 -23.29 -3.42
CA ALA N 146 -21.84 -23.32 -3.62
C ALA N 146 -22.54 -22.22 -2.83
N ILE N 147 -22.16 -22.01 -1.57
CA ILE N 147 -22.84 -21.02 -0.75
C ILE N 147 -22.63 -19.63 -1.32
N GLU N 148 -21.41 -19.31 -1.75
CA GLU N 148 -21.15 -18.00 -2.33
C GLU N 148 -22.07 -17.76 -3.53
N ILE N 149 -22.27 -18.79 -4.35
CA ILE N 149 -23.19 -18.67 -5.48
C ILE N 149 -24.62 -18.50 -5.00
N LEU N 150 -25.01 -19.28 -3.99
CA LEU N 150 -26.41 -19.33 -3.59
C LEU N 150 -26.90 -17.99 -3.04
N GLU N 151 -26.10 -17.35 -2.19
CA GLU N 151 -26.52 -16.08 -1.60
C GLU N 151 -26.66 -15.00 -2.67
N LEU N 152 -25.75 -14.97 -3.63
CA LEU N 152 -25.81 -13.94 -4.67
C LEU N 152 -27.08 -14.06 -5.50
N ILE N 153 -27.47 -15.29 -5.86
CA ILE N 153 -28.69 -15.47 -6.64
C ILE N 153 -29.91 -15.01 -5.86
N ALA N 154 -29.99 -15.40 -4.59
CA ALA N 154 -31.14 -15.02 -3.77
C ALA N 154 -31.16 -13.53 -3.50
N ASP N 155 -30.00 -12.96 -3.16
CA ASP N 155 -29.94 -11.54 -2.80
C ASP N 155 -30.34 -10.65 -3.97
N SER N 156 -29.90 -10.96 -5.17
CA SER N 156 -30.21 -10.14 -6.34
C SER N 156 -31.62 -10.36 -6.86
N HIS N 157 -32.37 -11.33 -6.33
CA HIS N 157 -33.76 -11.56 -6.71
C HIS N 157 -33.87 -12.02 -8.17
N GLN N 158 -33.02 -12.96 -8.57
CA GLN N 158 -33.08 -13.48 -9.93
C GLN N 158 -34.34 -14.32 -10.12
N LEU N 159 -34.90 -14.26 -11.32
CA LEU N 159 -36.02 -15.12 -11.70
C LEU N 159 -35.44 -16.45 -12.21
N VAL N 160 -35.41 -17.45 -11.35
CA VAL N 160 -34.75 -18.71 -11.64
C VAL N 160 -35.70 -19.60 -12.44
N THR N 161 -35.11 -20.51 -13.20
CA THR N 161 -35.85 -21.50 -13.99
C THR N 161 -35.48 -22.89 -13.50
N LEU N 162 -36.48 -23.70 -13.21
CA LEU N 162 -36.28 -25.05 -12.68
C LEU N 162 -36.57 -26.08 -13.75
N VAL N 163 -35.62 -26.98 -13.97
CA VAL N 163 -35.78 -28.13 -14.86
C VAL N 163 -35.94 -29.37 -13.99
N THR N 164 -37.09 -30.03 -14.10
CA THR N 164 -37.47 -31.11 -13.20
C THR N 164 -37.72 -32.38 -14.00
N GLU N 165 -38.03 -33.45 -13.26
CA GLU N 165 -38.38 -34.72 -13.88
C GLU N 165 -39.46 -34.55 -14.94
N ASP N 166 -40.61 -34.01 -14.56
CA ASP N 166 -41.79 -34.05 -15.42
C ASP N 166 -41.91 -32.77 -16.24
N ASN N 167 -42.00 -31.63 -15.57
CA ASN N 167 -42.31 -30.36 -16.21
C ASN N 167 -41.16 -29.39 -16.00
N ILE N 168 -41.30 -28.19 -16.58
CA ILE N 168 -40.33 -27.12 -16.46
C ILE N 168 -41.04 -25.90 -15.92
N LEU N 169 -40.45 -25.27 -14.90
CA LEU N 169 -41.03 -24.12 -14.23
C LEU N 169 -40.15 -22.91 -14.44
N SER N 170 -40.78 -21.75 -14.63
CA SER N 170 -40.07 -20.51 -14.93
C SER N 170 -40.63 -19.38 -14.07
N ASN N 171 -39.81 -18.36 -13.87
CA ASN N 171 -40.18 -17.19 -13.07
C ASN N 171 -40.42 -17.57 -11.60
N TYR N 172 -39.45 -18.25 -11.00
CA TYR N 172 -39.51 -18.66 -9.61
C TYR N 172 -38.41 -17.96 -8.84
N VAL N 173 -38.76 -17.38 -7.70
CA VAL N 173 -37.83 -16.65 -6.85
C VAL N 173 -37.61 -17.43 -5.57
N ILE N 174 -36.40 -17.31 -5.02
CA ILE N 174 -36.05 -18.01 -3.78
C ILE N 174 -36.49 -17.15 -2.61
N THR N 175 -37.22 -17.78 -1.68
CA THR N 175 -37.70 -17.08 -0.48
C THR N 175 -37.00 -17.52 0.80
N SER N 176 -36.34 -18.67 0.81
CA SER N 176 -35.65 -19.12 2.00
C SER N 176 -34.82 -20.35 1.66
N PHE N 177 -33.69 -20.49 2.37
CA PHE N 177 -32.85 -21.67 2.26
C PHE N 177 -32.12 -21.86 3.57
N GLN N 178 -31.68 -23.08 3.82
CA GLN N 178 -31.04 -23.45 5.07
C GLN N 178 -29.79 -24.28 4.79
N VAL N 179 -28.77 -24.05 5.61
CA VAL N 179 -27.50 -24.77 5.51
C VAL N 179 -27.07 -25.18 6.90
N ASP N 180 -26.55 -26.41 7.02
CA ASP N 180 -26.09 -26.90 8.30
C ASP N 180 -25.01 -27.96 8.07
N ARG N 181 -24.17 -28.16 9.10
CA ARG N 181 -23.11 -29.15 9.09
C ARG N 181 -23.21 -29.95 10.39
N SER N 182 -24.02 -31.00 10.36
CA SER N 182 -24.24 -31.83 11.54
C SER N 182 -23.03 -32.73 11.79
N SER N 183 -22.98 -33.35 12.97
CA SER N 183 -21.88 -34.27 13.26
C SER N 183 -21.86 -35.45 12.30
N GLU N 184 -23.02 -36.02 12.00
CA GLU N 184 -23.12 -37.06 10.99
C GLU N 184 -22.99 -36.45 9.60
N ALA N 185 -22.59 -37.28 8.64
CA ALA N 185 -22.36 -36.82 7.27
C ALA N 185 -21.33 -35.69 7.23
N GLY N 186 -20.24 -35.85 7.97
CA GLY N 186 -19.20 -34.84 7.98
C GLY N 186 -18.59 -34.66 6.61
N SER N 187 -17.93 -33.52 6.38
CA SER N 187 -17.35 -33.18 5.09
C SER N 187 -18.41 -32.95 4.01
N SER N 188 -19.61 -32.53 4.41
CA SER N 188 -20.70 -32.26 3.48
C SER N 188 -21.70 -31.34 4.17
N ILE N 189 -22.61 -30.77 3.39
CA ILE N 189 -23.60 -29.83 3.90
C ILE N 189 -24.96 -30.19 3.32
N ASN N 190 -25.99 -30.16 4.17
CA ASN N 190 -27.35 -30.34 3.72
C ASN N 190 -27.98 -28.99 3.39
N VAL N 191 -28.68 -28.94 2.27
CA VAL N 191 -29.23 -27.70 1.75
C VAL N 191 -30.71 -27.88 1.46
N GLN N 192 -31.52 -26.90 1.85
CA GLN N 192 -32.94 -26.86 1.55
C GLN N 192 -33.27 -25.53 0.89
N VAL N 193 -34.18 -25.57 -0.08
CA VAL N 193 -34.56 -24.39 -0.83
C VAL N 193 -36.08 -24.36 -0.98
N THR N 194 -36.63 -23.15 -1.15
CA THR N 194 -38.05 -22.95 -1.37
C THR N 194 -38.24 -21.86 -2.42
N LEU N 195 -39.17 -22.10 -3.35
CA LEU N 195 -39.43 -21.19 -4.44
C LEU N 195 -40.93 -21.02 -4.65
N GLU N 196 -41.31 -19.87 -5.19
CA GLU N 196 -42.71 -19.58 -5.48
C GLU N 196 -42.81 -18.90 -6.84
N GLU N 197 -43.97 -19.04 -7.47
CA GLU N 197 -44.22 -18.44 -8.77
C GLU N 197 -44.15 -16.91 -8.67
N PHE N 198 -44.00 -16.27 -9.82
CA PHE N 198 -43.93 -14.81 -9.91
C PHE N 198 -44.77 -14.38 -11.11
N ARG N 199 -45.95 -13.82 -10.84
CA ARG N 199 -46.86 -13.38 -11.89
C ARG N 199 -46.46 -12.03 -12.47
N PHE N 200 -45.22 -11.91 -12.97
CA PHE N 200 -44.75 -10.64 -13.50
C PHE N 200 -45.56 -10.24 -14.72
N LYS N 201 -45.86 -8.95 -14.82
CA LYS N 201 -46.59 -8.40 -15.96
C LYS N 201 -45.87 -7.18 -16.53
N ARG N 210 -35.25 4.25 -21.72
CA ARG N 210 -35.09 2.90 -22.26
C ARG N 210 -34.71 2.95 -23.73
N THR N 211 -34.16 1.84 -24.24
CA THR N 211 -33.88 1.68 -25.65
C THR N 211 -34.91 0.72 -26.24
N SER N 212 -35.92 1.28 -26.91
CA SER N 212 -37.02 0.49 -27.42
C SER N 212 -37.38 0.96 -28.82
N ASP N 213 -37.92 0.06 -29.62
CA ASP N 213 -38.33 0.38 -30.97
C ASP N 213 -39.46 1.40 -30.92
N PRO N 214 -39.36 2.53 -31.65
CA PRO N 214 -40.46 3.51 -31.62
C PRO N 214 -41.78 2.93 -32.05
N LYS N 215 -41.75 1.90 -32.90
CA LYS N 215 -42.97 1.25 -33.34
C LYS N 215 -43.68 0.51 -32.20
N LYS N 216 -42.96 0.11 -31.16
CA LYS N 216 -43.55 -0.53 -30.00
C LYS N 216 -43.85 0.44 -28.88
N ALA N 217 -43.50 1.72 -29.04
CA ALA N 217 -43.67 2.68 -27.97
C ALA N 217 -45.14 2.93 -27.68
N LYS N 218 -45.42 3.27 -26.43
CA LYS N 218 -46.77 3.61 -25.98
C LYS N 218 -46.69 4.88 -25.14
N ASN N 219 -47.75 5.68 -25.19
CA ASN N 219 -47.79 6.91 -24.40
C ASN N 219 -47.59 6.59 -22.92
N ALA N 220 -46.68 7.32 -22.30
CA ALA N 220 -46.33 7.09 -20.90
C ALA N 220 -46.53 8.39 -20.13
N ASN N 221 -46.19 8.36 -18.85
CA ASN N 221 -46.34 9.53 -17.99
C ASN N 221 -45.24 9.51 -16.94
N THR N 222 -44.90 10.69 -16.44
CA THR N 222 -43.93 10.83 -15.37
C THR N 222 -44.40 11.74 -14.26
N GLY N 223 -45.66 12.19 -14.28
CA GLY N 223 -46.15 13.08 -13.26
C GLY N 223 -45.49 14.45 -13.35
N THR N 224 -45.72 15.24 -12.30
CA THR N 224 -45.09 16.55 -12.21
C THR N 224 -43.58 16.37 -12.02
N LYS N 225 -42.82 17.26 -12.65
CA LYS N 225 -41.36 17.21 -12.57
C LYS N 225 -40.84 18.60 -12.24
N GLN N 226 -39.70 18.62 -11.55
CA GLN N 226 -39.02 19.84 -11.15
C GLN N 226 -37.70 19.96 -11.90
N THR N 227 -36.91 20.95 -11.53
CA THR N 227 -35.57 21.12 -12.11
C THR N 227 -34.80 19.81 -12.01
N ALA N 228 -34.22 19.39 -13.12
CA ALA N 228 -33.64 18.06 -13.24
C ALA N 228 -32.14 18.12 -12.99
N GLU N 229 -31.68 17.36 -12.00
CA GLU N 229 -30.25 17.16 -11.77
C GLU N 229 -29.57 18.47 -11.41
N ASP N 230 -28.33 18.39 -10.91
CA ASP N 230 -27.55 19.58 -10.55
C ASP N 230 -27.13 20.28 -11.84
N GLY N 231 -27.95 21.26 -12.24
CA GLY N 231 -27.67 22.07 -13.40
C GLY N 231 -27.20 23.46 -13.01
N ALA N 232 -27.16 24.32 -14.02
CA ALA N 232 -26.70 25.70 -13.82
C ALA N 232 -27.66 26.49 -12.94
N VAL N 233 -28.90 25.99 -12.81
CA VAL N 233 -29.93 26.64 -11.99
C VAL N 233 -30.10 25.93 -10.67
N ASP N 234 -30.05 24.59 -10.67
CA ASP N 234 -30.15 23.85 -9.42
C ASP N 234 -28.97 24.14 -8.51
N ASP N 235 -27.81 24.46 -9.07
CA ASP N 235 -26.65 24.82 -8.27
C ASP N 235 -26.92 26.04 -7.41
N SER N 236 -27.60 27.03 -8.00
CA SER N 236 -27.94 28.23 -7.25
C SER N 236 -28.86 27.91 -6.07
N ALA N 237 -29.82 27.00 -6.28
CA ALA N 237 -30.73 26.64 -5.20
C ALA N 237 -29.99 26.05 -4.02
N LYS N 238 -29.01 25.20 -4.27
CA LYS N 238 -28.18 24.62 -3.22
C LYS N 238 -26.98 25.49 -2.87
N GLN N 239 -26.92 26.71 -3.40
CA GLN N 239 -25.86 27.67 -3.09
C GLN N 239 -24.49 27.23 -3.63
N LYS N 240 -24.47 26.20 -4.48
CA LYS N 240 -23.22 25.82 -5.13
C LYS N 240 -22.80 26.88 -6.13
N ARG N 241 -21.49 27.04 -6.30
CA ARG N 241 -20.97 28.02 -7.24
C ARG N 241 -21.05 27.49 -8.66
N GLN N 242 -21.37 28.38 -9.59
CA GLN N 242 -21.59 27.97 -10.98
C GLN N 242 -20.34 27.31 -11.54
N THR N 243 -20.54 26.27 -12.33
CA THR N 243 -19.42 25.55 -12.93
C THR N 243 -18.75 26.41 -13.99
N PRO N 244 -17.44 26.66 -13.89
CA PRO N 244 -16.78 27.46 -14.94
C PRO N 244 -16.87 26.77 -16.29
N TYR N 245 -16.99 27.59 -17.33
CA TYR N 245 -17.06 27.07 -18.69
C TYR N 245 -15.66 26.84 -19.24
N ILE N 246 -15.46 25.67 -19.85
CA ILE N 246 -14.17 25.34 -20.46
C ILE N 246 -14.06 26.12 -21.77
N GLY N 247 -12.97 26.85 -21.93
CA GLY N 247 -12.83 27.77 -23.05
C GLY N 247 -12.45 27.13 -24.36
N LYS N 248 -13.22 26.13 -24.81
CA LYS N 248 -13.04 25.62 -26.16
C LYS N 248 -13.37 26.70 -27.19
N ASN N 249 -14.40 27.50 -26.93
CA ASN N 249 -14.74 28.65 -27.75
C ASN N 249 -15.52 29.64 -26.90
N ALA N 250 -15.07 30.89 -26.89
CA ALA N 250 -15.66 31.93 -26.07
C ALA N 250 -15.83 33.22 -26.86
N GLU N 251 -16.10 33.08 -28.16
CA GLU N 251 -16.25 34.23 -29.03
C GLU N 251 -17.65 34.26 -29.65
N THR N 252 -18.17 33.09 -30.02
CA THR N 252 -19.48 33.00 -30.64
C THR N 252 -20.62 32.97 -29.63
N LYS N 253 -20.61 31.98 -28.73
CA LYS N 253 -21.73 31.82 -27.80
C LYS N 253 -21.83 32.98 -26.83
N GLU N 254 -20.67 33.55 -26.45
CA GLU N 254 -20.66 34.54 -25.37
C GLU N 254 -21.58 35.73 -25.66
N ARG N 255 -21.50 36.29 -26.87
CA ARG N 255 -22.33 37.44 -27.19
C ARG N 255 -23.81 37.07 -27.20
N TRP N 256 -24.12 35.81 -27.55
CA TRP N 256 -25.52 35.40 -27.67
C TRP N 256 -26.03 34.74 -26.40
N GLU N 257 -25.17 33.96 -25.72
CA GLU N 257 -25.62 33.20 -24.56
C GLU N 257 -26.18 34.11 -23.48
N ASN N 258 -25.43 35.16 -23.10
CA ASN N 258 -25.87 36.06 -22.05
C ASN N 258 -27.04 36.92 -22.49
N ALA N 259 -27.11 37.30 -23.76
CA ALA N 259 -28.18 38.18 -24.22
C ALA N 259 -29.51 37.46 -24.33
N ALA N 260 -29.50 36.18 -24.72
CA ALA N 260 -30.73 35.43 -24.96
C ALA N 260 -31.14 34.54 -23.81
N ILE N 261 -30.18 33.96 -23.09
CA ILE N 261 -30.49 33.01 -22.03
C ILE N 261 -30.32 33.68 -20.68
N GLY N 262 -29.47 34.70 -20.62
CA GLY N 262 -29.24 35.38 -19.36
C GLY N 262 -28.46 34.49 -18.39
N THR N 263 -28.48 34.88 -17.13
CA THR N 263 -27.77 34.15 -16.08
C THR N 263 -28.68 34.02 -14.86
N THR N 264 -28.53 32.92 -14.14
CA THR N 264 -29.31 32.68 -12.93
C THR N 264 -28.89 33.68 -11.85
N ASP N 265 -29.79 34.57 -11.50
CA ASP N 265 -29.49 35.61 -10.51
C ASP N 265 -30.77 36.35 -10.11
N MET O 1 -31.33 -11.48 -14.76
CA MET O 1 -32.78 -11.18 -14.63
C MET O 1 -33.08 -10.61 -13.25
N ARG O 2 -33.94 -9.60 -13.19
CA ARG O 2 -34.32 -8.95 -11.95
C ARG O 2 -35.75 -9.33 -11.61
N ALA O 3 -36.24 -8.78 -10.51
CA ALA O 3 -37.65 -8.78 -10.18
C ALA O 3 -38.19 -7.36 -10.35
N MET O 4 -39.46 -7.16 -10.06
CA MET O 4 -40.09 -5.84 -10.10
C MET O 4 -40.26 -5.35 -8.67
N GLU O 5 -39.34 -4.52 -8.20
CA GLU O 5 -39.30 -4.11 -6.81
C GLU O 5 -39.62 -2.63 -6.68
N ARG O 6 -40.15 -2.26 -5.52
CA ARG O 6 -40.58 -0.89 -5.26
C ARG O 6 -39.40 0.00 -4.93
N THR O 7 -39.59 1.31 -5.13
CA THR O 7 -38.61 2.31 -4.73
C THR O 7 -39.34 3.60 -4.37
N TYR O 8 -38.68 4.43 -3.56
CA TYR O 8 -39.27 5.68 -3.14
C TYR O 8 -38.17 6.62 -2.63
N THR O 9 -38.54 7.89 -2.48
CA THR O 9 -37.64 8.90 -1.95
C THR O 9 -38.46 9.95 -1.22
N LEU O 10 -37.91 10.45 -0.11
CA LEU O 10 -38.57 11.46 0.72
C LEU O 10 -37.58 12.58 0.98
N VAL O 11 -38.02 13.82 0.78
CA VAL O 11 -37.15 14.99 0.85
C VAL O 11 -37.74 15.99 1.84
N ILE O 12 -36.86 16.66 2.58
CA ILE O 12 -37.26 17.66 3.58
C ILE O 12 -36.45 18.92 3.31
N GLY O 13 -37.13 20.06 3.26
CA GLY O 13 -36.48 21.30 2.90
C GLY O 13 -36.59 22.40 3.94
N ARG O 14 -36.48 23.64 3.50
CA ARG O 14 -36.50 24.78 4.39
C ARG O 14 -37.93 25.08 4.85
N PRO O 15 -38.08 25.87 5.91
CA PRO O 15 -39.42 26.32 6.30
C PRO O 15 -40.10 27.10 5.19
N VAL O 16 -41.41 26.93 5.06
CA VAL O 16 -42.19 27.63 4.05
C VAL O 16 -42.55 29.00 4.59
N VAL O 17 -42.32 30.05 3.78
CA VAL O 17 -42.65 31.42 4.13
C VAL O 17 -43.53 31.99 3.04
N ILE O 18 -44.73 32.45 3.43
CA ILE O 18 -45.66 33.04 2.47
C ILE O 18 -45.29 34.50 2.28
N GLY O 19 -45.33 34.95 1.03
CA GLY O 19 -44.98 36.31 0.70
C GLY O 19 -46.05 36.97 -0.13
N GLU O 20 -45.61 37.81 -1.07
CA GLU O 20 -46.51 38.56 -1.94
C GLU O 20 -46.53 38.01 -3.36
N LYS O 21 -46.40 36.70 -3.52
CA LYS O 21 -46.47 36.07 -4.83
C LYS O 21 -46.85 34.62 -4.65
N PRO O 22 -47.27 33.93 -5.70
CA PRO O 22 -47.72 32.54 -5.56
C PRO O 22 -46.64 31.66 -4.95
N VAL O 23 -47.07 30.75 -4.07
CA VAL O 23 -46.13 29.89 -3.36
C VAL O 23 -45.85 28.63 -4.18
N ASN O 24 -44.58 28.30 -4.33
CA ASN O 24 -44.15 27.08 -4.99
C ASN O 24 -43.28 26.28 -4.03
N ILE O 25 -43.76 25.10 -3.63
CA ILE O 25 -43.03 24.29 -2.68
C ILE O 25 -41.72 23.78 -3.29
N GLU O 26 -41.61 23.83 -4.62
CA GLU O 26 -40.41 23.32 -5.29
C GLU O 26 -39.16 24.05 -4.84
N LYS O 27 -39.22 25.37 -4.74
CA LYS O 27 -38.04 26.19 -4.50
C LYS O 27 -37.55 26.13 -3.06
N PHE O 28 -38.33 25.53 -2.14
CA PHE O 28 -37.90 25.40 -0.75
C PHE O 28 -37.22 24.08 -0.45
N ALA O 29 -37.00 23.23 -1.46
CA ALA O 29 -36.44 21.92 -1.21
C ALA O 29 -35.03 22.01 -0.64
N ASN O 30 -34.21 22.90 -1.20
CA ASN O 30 -32.80 22.98 -0.80
C ASN O 30 -32.68 23.55 0.61
N THR O 31 -31.83 22.94 1.42
CA THR O 31 -31.57 23.42 2.77
C THR O 31 -30.40 24.39 2.76
N SER O 32 -30.18 25.07 3.90
CA SER O 32 -29.07 26.00 4.00
C SER O 32 -27.75 25.35 3.62
N LYS O 33 -27.56 24.08 3.96
CA LYS O 33 -26.36 23.35 3.56
C LYS O 33 -26.35 23.02 2.07
N GLY O 34 -27.47 23.22 1.37
CA GLY O 34 -27.58 22.79 -0.01
C GLY O 34 -28.48 21.59 -0.16
N ASP O 35 -27.89 20.41 -0.36
CA ASP O 35 -28.67 19.21 -0.57
C ASP O 35 -29.55 18.92 0.64
N ALA O 36 -30.74 18.39 0.37
CA ALA O 36 -31.72 18.14 1.42
C ALA O 36 -31.53 16.76 2.05
N TYR O 37 -32.20 16.54 3.17
CA TYR O 37 -32.16 15.27 3.87
C TYR O 37 -33.00 14.26 3.11
N GLU O 38 -32.36 13.37 2.36
CA GLU O 38 -33.08 12.36 1.60
C GLU O 38 -33.05 11.02 2.33
N ILE O 39 -34.22 10.37 2.36
CA ILE O 39 -34.39 9.08 3.03
C ILE O 39 -34.92 8.08 2.01
N LYS O 40 -34.12 7.06 1.72
CA LYS O 40 -34.49 6.11 0.67
C LYS O 40 -34.75 4.70 1.20
N ASP O 41 -33.76 4.10 1.86
CA ASP O 41 -33.83 2.69 2.23
C ASP O 41 -34.19 2.51 3.71
N LEU O 42 -35.40 2.92 4.05
CA LEU O 42 -35.95 2.69 5.38
C LEU O 42 -37.42 2.36 5.27
N HIS O 43 -37.85 1.33 6.00
CA HIS O 43 -39.24 0.92 5.95
C HIS O 43 -40.15 2.09 6.26
N ILE O 44 -41.11 2.33 5.36
CA ILE O 44 -42.00 3.48 5.46
C ILE O 44 -43.43 3.03 5.20
N GLU O 45 -44.36 3.56 5.99
CA GLU O 45 -45.79 3.35 5.79
C GLU O 45 -46.45 4.70 5.67
N PHE O 46 -47.27 4.87 4.62
CA PHE O 46 -47.89 6.16 4.37
C PHE O 46 -49.30 5.96 3.83
N ASN O 47 -50.14 6.96 4.07
CA ASN O 47 -51.50 6.99 3.55
C ASN O 47 -51.82 8.43 3.14
N VAL O 48 -52.21 8.61 1.89
CA VAL O 48 -52.43 9.94 1.32
C VAL O 48 -53.79 9.94 0.63
N LYS O 49 -54.72 10.72 1.17
CA LYS O 49 -56.03 10.88 0.54
C LYS O 49 -56.11 12.22 -0.18
N LYS O 50 -56.81 12.22 -1.32
CA LYS O 50 -57.02 13.42 -2.10
C LYS O 50 -58.48 13.51 -2.52
N ASP O 51 -58.94 14.74 -2.73
CA ASP O 51 -60.35 14.98 -3.04
C ASP O 51 -60.47 16.33 -3.74
N ASN O 52 -61.69 16.64 -4.16
CA ASN O 52 -62.02 17.91 -4.80
C ASN O 52 -63.05 18.61 -3.91
N SER O 53 -62.56 19.35 -2.93
CA SER O 53 -63.44 20.04 -1.99
C SER O 53 -62.65 21.19 -1.37
N LYS O 54 -63.30 21.90 -0.44
CA LYS O 54 -62.63 23.02 0.23
C LYS O 54 -61.40 22.56 0.99
N GLU O 55 -61.51 21.46 1.73
CA GLU O 55 -60.45 21.02 2.61
C GLU O 55 -59.21 20.63 1.82
N PRO O 56 -58.03 20.84 2.39
CA PRO O 56 -56.81 20.41 1.69
C PRO O 56 -56.63 18.90 1.74
N ASN O 57 -55.79 18.39 0.84
CA ASN O 57 -55.47 16.98 0.84
C ASN O 57 -54.38 16.71 1.88
N LYS O 58 -54.60 15.70 2.71
CA LYS O 58 -53.69 15.39 3.82
C LYS O 58 -53.18 13.97 3.71
N GLY O 59 -51.93 13.78 4.07
CA GLY O 59 -51.30 12.48 4.01
C GLY O 59 -50.50 12.20 5.25
N TYR O 60 -50.45 10.92 5.63
CA TYR O 60 -49.80 10.47 6.84
C TYR O 60 -48.61 9.59 6.46
N VAL O 61 -47.57 9.61 7.29
CA VAL O 61 -46.33 8.90 7.01
C VAL O 61 -45.73 8.41 8.33
N THR O 62 -45.01 7.29 8.26
CA THR O 62 -44.32 6.73 9.40
C THR O 62 -42.98 6.16 8.95
N VAL O 63 -41.94 6.44 9.73
CA VAL O 63 -40.58 5.99 9.42
C VAL O 63 -39.97 5.38 10.67
N TYR O 64 -39.25 4.26 10.50
CA TYR O 64 -38.71 3.50 11.61
C TYR O 64 -37.20 3.62 11.64
N ASN O 65 -36.65 3.83 12.84
CA ASN O 65 -35.21 3.82 13.07
C ASN O 65 -34.50 4.94 12.32
N LEU O 66 -34.97 6.18 12.48
CA LEU O 66 -34.29 7.31 11.87
C LEU O 66 -33.02 7.65 12.66
N SER O 67 -32.04 8.20 11.96
CA SER O 67 -30.81 8.64 12.62
C SER O 67 -31.10 9.83 13.53
N ASP O 68 -30.29 9.96 14.57
CA ASP O 68 -30.54 11.00 15.57
C ASP O 68 -30.40 12.39 14.98
N GLU O 69 -29.48 12.58 14.03
CA GLU O 69 -29.32 13.89 13.41
C GLU O 69 -30.60 14.38 12.75
N VAL O 70 -31.26 13.53 11.97
CA VAL O 70 -32.48 13.96 11.29
C VAL O 70 -33.56 14.31 12.30
N VAL O 71 -33.73 13.48 13.33
CA VAL O 71 -34.73 13.78 14.36
C VAL O 71 -34.40 15.09 15.05
N ASN O 72 -33.11 15.35 15.28
CA ASN O 72 -32.73 16.62 15.89
C ASN O 72 -33.13 17.79 15.02
N TYR O 73 -32.94 17.69 13.70
CA TYR O 73 -33.32 18.75 12.80
C TYR O 73 -34.81 19.03 12.83
N LEU O 74 -35.63 18.04 13.21
CA LEU O 74 -37.07 18.24 13.33
C LEU O 74 -37.49 18.62 14.73
N SER O 75 -36.72 18.27 15.75
CA SER O 75 -36.95 18.85 17.08
C SER O 75 -36.86 20.36 17.01
N VAL O 76 -35.87 20.88 16.30
CA VAL O 76 -35.90 22.27 15.88
C VAL O 76 -36.87 22.41 14.72
N ASN O 77 -37.29 23.65 14.46
CA ASN O 77 -38.28 23.97 13.43
C ASN O 77 -39.68 23.50 13.82
N GLN O 78 -39.86 23.04 15.06
CA GLN O 78 -41.18 22.62 15.51
C GLN O 78 -42.17 23.78 15.52
N ARG O 79 -41.68 25.02 15.49
CA ARG O 79 -42.54 26.19 15.35
C ARG O 79 -42.78 26.54 13.89
N GLU O 80 -42.11 25.88 12.96
CA GLU O 80 -42.09 26.27 11.57
C GLU O 80 -42.64 25.16 10.67
N SER O 81 -42.90 25.51 9.42
CA SER O 81 -43.52 24.60 8.47
C SER O 81 -42.51 24.17 7.41
N LEU O 82 -41.89 23.02 7.67
CA LEU O 82 -40.92 22.47 6.74
C LEU O 82 -41.61 21.92 5.50
N ALA O 83 -41.00 22.17 4.34
CA ALA O 83 -41.54 21.64 3.08
C ALA O 83 -41.07 20.21 2.87
N VAL O 84 -41.98 19.36 2.39
CA VAL O 84 -41.71 17.95 2.20
C VAL O 84 -42.29 17.50 0.87
N MET O 85 -41.54 16.64 0.17
CA MET O 85 -41.99 16.02 -1.07
C MET O 85 -41.81 14.52 -0.95
N LEU O 86 -42.68 13.77 -1.62
CA LEU O 86 -42.65 12.32 -1.59
C LEU O 86 -42.70 11.77 -3.00
N HIS O 87 -41.91 10.75 -3.28
CA HIS O 87 -41.84 10.13 -4.60
C HIS O 87 -42.00 8.62 -4.46
N ALA O 88 -42.57 7.99 -5.47
CA ALA O 88 -42.74 6.54 -5.47
C ALA O 88 -42.84 6.04 -6.91
N GLY O 89 -42.56 4.76 -7.09
CA GLY O 89 -42.59 4.15 -8.40
C GLY O 89 -42.10 2.72 -8.38
N TYR O 90 -41.50 2.26 -9.50
CA TYR O 90 -41.01 0.88 -9.60
C TYR O 90 -39.62 0.88 -10.24
N ASN O 91 -38.60 1.07 -9.38
CA ASN O 91 -37.19 0.71 -9.64
C ASN O 91 -36.61 1.40 -10.87
N GLY O 92 -37.39 2.22 -11.58
CA GLY O 92 -36.88 2.86 -12.78
C GLY O 92 -37.26 4.33 -12.87
N ASP O 93 -38.18 4.76 -12.01
CA ASP O 93 -38.67 6.12 -12.03
C ASP O 93 -39.57 6.32 -10.82
N GLU O 94 -39.71 7.57 -10.40
CA GLU O 94 -40.53 7.90 -9.25
C GLU O 94 -41.30 9.17 -9.56
N LYS O 95 -42.63 9.09 -9.43
CA LYS O 95 -43.52 10.19 -9.74
C LYS O 95 -43.88 10.93 -8.47
N LEU O 96 -43.97 12.26 -8.57
CA LEU O 96 -44.38 13.05 -7.42
C LEU O 96 -45.75 12.58 -6.95
N ILE O 97 -45.86 12.33 -5.64
CA ILE O 97 -47.09 11.79 -5.07
C ILE O 97 -47.70 12.70 -4.02
N PHE O 98 -46.94 13.60 -3.41
CA PHE O 98 -47.49 14.55 -2.46
C PHE O 98 -46.47 15.65 -2.23
N SER O 99 -46.97 16.85 -1.90
CA SER O 99 -46.12 17.97 -1.57
C SER O 99 -46.91 18.94 -0.70
N GLY O 100 -46.31 19.32 0.43
CA GLY O 100 -47.01 20.18 1.37
C GLY O 100 -46.11 20.55 2.52
N THR O 101 -46.74 20.81 3.66
CA THR O 101 -46.05 21.26 4.86
C THR O 101 -46.29 20.29 6.00
N VAL O 102 -45.31 20.16 6.88
CA VAL O 102 -45.40 19.26 8.02
C VAL O 102 -46.27 19.90 9.10
N GLU O 103 -47.54 19.49 9.15
CA GLU O 103 -48.44 20.05 10.15
C GLU O 103 -48.10 19.55 11.55
N TYR O 104 -47.77 18.27 11.68
CA TYR O 104 -47.55 17.65 12.98
C TYR O 104 -46.37 16.70 12.90
N VAL O 105 -45.72 16.47 14.04
CA VAL O 105 -44.58 15.56 14.13
C VAL O 105 -44.42 15.14 15.58
N GLU O 106 -44.23 13.84 15.81
CA GLU O 106 -44.02 13.33 17.16
C GLU O 106 -43.16 12.08 17.08
N ASP O 107 -42.45 11.80 18.17
CA ASP O 107 -41.53 10.67 18.25
C ASP O 107 -41.83 9.86 19.49
N ASP O 108 -41.96 8.54 19.32
CA ASP O 108 -42.06 7.60 20.42
C ASP O 108 -41.00 6.53 20.23
N PHE O 109 -40.20 6.29 21.26
CA PHE O 109 -39.06 5.37 21.18
C PHE O 109 -39.11 4.39 22.35
N PRO O 110 -40.09 3.51 22.37
CA PRO O 110 -40.16 2.48 23.42
C PRO O 110 -39.22 1.33 23.13
N GLU O 111 -38.19 1.20 23.95
CA GLU O 111 -37.23 0.10 23.86
C GLU O 111 -36.66 -0.11 22.45
N GLU O 112 -37.19 -1.05 21.67
CA GLU O 112 -36.46 -1.58 20.53
C GLU O 112 -36.43 -0.64 19.33
N THR O 113 -37.54 0.03 19.02
CA THR O 113 -37.65 0.71 17.73
C THR O 113 -38.32 2.06 17.92
N ARG O 114 -37.70 3.12 17.39
CA ARG O 114 -38.33 4.42 17.32
C ARG O 114 -39.26 4.48 16.12
N THR O 115 -40.34 5.27 16.26
CA THR O 115 -41.36 5.40 15.21
C THR O 115 -41.74 6.88 15.11
N THR O 116 -41.28 7.51 14.03
CA THR O 116 -41.63 8.90 13.78
C THR O 116 -42.97 9.00 13.05
N LYS O 117 -43.73 10.04 13.35
CA LYS O 117 -45.04 10.26 12.76
C LYS O 117 -45.09 11.63 12.10
N PHE O 118 -45.86 11.72 11.02
CA PHE O 118 -46.06 12.99 10.31
C PHE O 118 -47.52 13.14 9.93
N ILE O 119 -47.95 14.40 9.84
CA ILE O 119 -49.22 14.75 9.21
C ILE O 119 -48.94 15.93 8.29
N LEU O 120 -49.23 15.75 7.00
CA LEU O 120 -48.87 16.73 5.98
C LEU O 120 -50.14 17.33 5.40
N GLY O 121 -50.09 18.62 5.10
CA GLY O 121 -51.22 19.32 4.50
C GLY O 121 -50.84 19.94 3.19
N ASP O 122 -51.73 19.81 2.21
CA ASP O 122 -51.50 20.35 0.87
C ASP O 122 -52.03 21.77 0.83
N GLY O 123 -51.14 22.74 1.05
CA GLY O 123 -51.54 24.13 1.05
C GLY O 123 -52.41 24.54 2.21
N THR O 124 -52.27 23.89 3.36
CA THR O 124 -53.13 24.20 4.50
C THR O 124 -52.95 25.64 4.96
N LEU O 125 -51.70 26.12 4.97
CA LEU O 125 -51.43 27.44 5.51
C LEU O 125 -52.12 28.53 4.70
N ASN O 126 -52.08 28.43 3.37
CA ASN O 126 -52.68 29.46 2.54
C ASN O 126 -54.20 29.42 2.62
N LEU O 127 -54.78 28.22 2.54
CA LEU O 127 -56.23 28.09 2.49
C LEU O 127 -56.91 28.54 3.78
N THR O 128 -56.17 28.61 4.89
CA THR O 128 -56.78 28.88 6.19
C THR O 128 -56.37 30.23 6.76
N THR O 129 -55.63 31.05 6.03
CA THR O 129 -55.23 32.36 6.52
C THR O 129 -55.36 33.49 5.50
N ALA O 130 -55.67 33.19 4.24
CA ALA O 130 -55.75 34.23 3.21
C ALA O 130 -57.02 35.04 3.36
N THR O 131 -56.93 36.20 4.00
CA THR O 131 -58.09 37.06 4.19
C THR O 131 -58.36 37.87 2.93
N THR O 132 -59.59 38.36 2.82
CA THR O 132 -60.02 39.17 1.69
C THR O 132 -61.01 40.23 2.16
N ALA O 133 -61.14 41.29 1.36
CA ALA O 133 -62.16 42.32 1.60
C ALA O 133 -62.46 42.98 0.25
N ARG O 134 -63.55 42.56 -0.38
CA ARG O 134 -63.89 43.00 -1.72
C ARG O 134 -65.39 43.26 -1.81
N SER O 135 -65.77 44.09 -2.78
CA SER O 135 -67.17 44.40 -3.02
C SER O 135 -67.35 44.74 -4.49
N TYR O 136 -68.59 44.63 -4.96
CA TYR O 136 -68.93 44.93 -6.34
C TYR O 136 -70.36 45.41 -6.42
N ARG O 137 -70.66 46.15 -7.49
CA ARG O 137 -71.98 46.72 -7.68
C ARG O 137 -72.77 45.92 -8.72
N LYS O 138 -74.07 46.20 -8.80
CA LYS O 138 -74.92 45.63 -9.82
C LYS O 138 -74.33 45.90 -11.21
N GLY O 139 -74.29 44.87 -12.05
CA GLY O 139 -73.81 44.98 -13.40
C GLY O 139 -72.38 44.50 -13.60
N THR O 140 -71.64 44.26 -12.53
CA THR O 140 -70.27 43.81 -12.67
C THR O 140 -70.24 42.44 -13.34
N PRO O 141 -69.31 42.18 -14.26
CA PRO O 141 -69.22 40.85 -14.88
C PRO O 141 -68.66 39.84 -13.89
N VAL O 142 -69.35 38.70 -13.77
CA VAL O 142 -68.95 37.69 -12.80
C VAL O 142 -67.56 37.16 -13.11
N ASN O 143 -67.16 37.15 -14.38
CA ASN O 143 -65.84 36.67 -14.75
C ASN O 143 -64.73 37.48 -14.10
N SER O 144 -64.98 38.75 -13.80
CA SER O 144 -63.99 39.58 -13.12
C SER O 144 -63.90 39.26 -11.63
N VAL O 145 -65.03 38.94 -11.00
CA VAL O 145 -65.02 38.62 -9.58
C VAL O 145 -64.18 37.36 -9.32
N LEU O 146 -64.35 36.34 -10.16
CA LEU O 146 -63.64 35.09 -9.96
C LEU O 146 -62.13 35.30 -9.99
N ASN O 147 -61.63 36.00 -11.01
CA ASN O 147 -60.19 36.22 -11.12
C ASN O 147 -59.65 37.04 -9.96
N ASP O 148 -60.42 38.01 -9.48
CA ASP O 148 -59.97 38.86 -8.39
C ASP O 148 -59.76 38.05 -7.12
N LEU O 149 -60.69 37.14 -6.81
CA LEU O 149 -60.60 36.38 -5.58
C LEU O 149 -59.47 35.34 -5.63
N ILE O 150 -59.28 34.68 -6.77
CA ILE O 150 -58.21 33.69 -6.87
C ILE O 150 -56.83 34.31 -6.69
N ALA O 151 -56.59 35.47 -7.30
CA ALA O 151 -55.29 36.13 -7.13
C ALA O 151 -55.02 36.42 -5.66
N ASP O 152 -56.07 36.69 -4.88
CA ASP O 152 -55.91 36.92 -3.46
C ASP O 152 -55.38 35.66 -2.77
N LEU O 153 -55.84 34.49 -3.20
CA LEU O 153 -55.47 33.24 -2.55
C LEU O 153 -53.98 32.92 -2.66
N LYS O 154 -53.28 33.53 -3.61
CA LYS O 154 -51.83 33.34 -3.76
C LYS O 154 -51.48 31.87 -3.99
N LEU O 155 -51.97 31.31 -5.08
CA LEU O 155 -51.60 29.98 -5.51
C LEU O 155 -51.61 29.93 -7.03
N PRO O 156 -50.80 29.07 -7.64
CA PRO O 156 -50.80 28.97 -9.10
C PRO O 156 -52.14 28.45 -9.62
N LYS O 157 -52.53 28.92 -10.80
CA LYS O 157 -53.80 28.52 -11.39
C LYS O 157 -53.61 27.26 -12.24
N GLY O 158 -54.01 26.10 -11.69
CA GLY O 158 -53.89 24.87 -12.45
C GLY O 158 -54.78 24.86 -13.68
N ARG O 159 -56.05 25.24 -13.52
CA ARG O 159 -57.00 25.24 -14.62
C ARG O 159 -58.28 25.94 -14.18
N VAL O 160 -58.81 26.79 -15.05
CA VAL O 160 -60.02 27.55 -14.76
C VAL O 160 -60.89 27.59 -16.00
N ILE O 161 -62.20 27.56 -15.78
CA ILE O 161 -63.20 27.67 -16.84
C ILE O 161 -63.99 28.94 -16.56
N ASP O 162 -63.74 29.99 -17.33
CA ASP O 162 -64.38 31.27 -17.11
C ASP O 162 -65.88 31.18 -17.37
N PHE O 163 -66.62 32.16 -16.85
CA PHE O 163 -68.08 32.15 -16.89
C PHE O 163 -68.64 32.72 -18.18
N GLY O 164 -67.83 33.37 -19.00
CA GLY O 164 -68.37 33.98 -20.20
C GLY O 164 -68.80 35.42 -19.95
N ASN O 165 -70.04 35.73 -20.34
CA ASN O 165 -70.57 37.07 -20.21
C ASN O 165 -71.53 37.18 -19.04
N GLN O 166 -71.38 36.31 -18.05
CA GLN O 166 -72.23 36.38 -16.87
C GLN O 166 -72.01 37.69 -16.12
N THR O 167 -73.07 38.21 -15.52
CA THR O 167 -73.01 39.45 -14.77
C THR O 167 -73.73 39.28 -13.44
N LEU O 168 -73.23 39.97 -12.41
CA LEU O 168 -73.84 39.92 -11.09
C LEU O 168 -75.26 40.50 -11.16
N GLN O 169 -76.19 39.88 -10.44
CA GLN O 169 -77.55 40.37 -10.36
C GLN O 169 -77.78 41.28 -9.16
N THR O 170 -76.99 41.12 -8.11
CA THR O 170 -77.09 41.94 -6.90
C THR O 170 -75.71 42.29 -6.40
N SER O 171 -75.63 43.37 -5.62
CA SER O 171 -74.37 43.77 -5.02
C SER O 171 -73.85 42.67 -4.11
N MET O 172 -72.52 42.52 -4.09
CA MET O 172 -71.88 41.45 -3.34
C MET O 172 -70.75 42.03 -2.51
N ALA O 173 -70.53 41.41 -1.35
CA ALA O 173 -69.41 41.74 -0.48
C ALA O 173 -68.79 40.44 0.02
N PHE O 174 -67.47 40.43 0.12
CA PHE O 174 -66.73 39.25 0.54
C PHE O 174 -65.70 39.63 1.58
N THR O 175 -65.65 38.86 2.66
CA THR O 175 -64.65 39.05 3.70
C THR O 175 -64.25 37.68 4.25
N GLY O 176 -63.41 37.70 5.28
CA GLY O 176 -62.95 36.46 5.86
C GLY O 176 -61.98 35.74 4.94
N ASN O 177 -61.84 34.43 5.16
CA ASN O 177 -60.94 33.64 4.34
C ASN O 177 -61.44 33.60 2.90
N ALA O 178 -60.52 33.78 1.95
CA ALA O 178 -60.91 33.79 0.54
C ALA O 178 -61.44 32.43 0.12
N SER O 179 -60.87 31.35 0.64
CA SER O 179 -61.30 30.02 0.25
C SER O 179 -62.78 29.80 0.57
N GLN O 180 -63.21 30.22 1.75
CA GLN O 180 -64.60 30.05 2.13
C GLN O 180 -65.54 30.80 1.20
N ASN O 181 -65.19 32.03 0.83
CA ASN O 181 -66.04 32.79 -0.07
C ASN O 181 -66.15 32.12 -1.43
N LEU O 182 -65.02 31.64 -1.97
CA LEU O 182 -65.06 30.96 -3.25
C LEU O 182 -65.91 29.69 -3.19
N ALA O 183 -65.76 28.92 -2.12
CA ALA O 183 -66.56 27.71 -1.96
C ALA O 183 -68.05 28.00 -1.91
N ASN O 184 -68.45 29.18 -1.46
CA ASN O 184 -69.85 29.58 -1.50
C ASN O 184 -70.31 29.95 -2.91
N LEU O 185 -69.43 30.59 -3.69
CA LEU O 185 -69.78 30.90 -5.08
C LEU O 185 -69.94 29.62 -5.89
N ALA O 186 -69.34 28.52 -5.44
CA ALA O 186 -69.47 27.25 -6.14
C ALA O 186 -70.92 26.76 -6.13
N LYS O 187 -71.58 26.87 -4.98
CA LYS O 187 -72.93 26.31 -4.86
C LYS O 187 -73.91 26.99 -5.80
N ASN O 188 -73.82 28.31 -5.92
CA ASN O 188 -74.80 29.10 -6.65
C ASN O 188 -74.49 29.21 -8.13
N THR O 189 -73.42 28.57 -8.62
CA THR O 189 -73.08 28.67 -10.04
C THR O 189 -72.65 27.32 -10.62
N GLY O 190 -72.83 26.22 -9.89
CA GLY O 190 -72.50 24.92 -10.43
C GLY O 190 -71.06 24.74 -10.83
N SER O 191 -70.12 25.21 -10.00
CA SER O 191 -68.70 25.11 -10.27
C SER O 191 -68.01 24.41 -9.11
N THR O 192 -66.96 23.66 -9.41
CA THR O 192 -66.18 22.95 -8.41
C THR O 192 -64.86 23.65 -8.21
N PHE O 193 -64.53 23.96 -6.95
CA PHE O 193 -63.29 24.62 -6.59
C PHE O 193 -62.56 23.74 -5.58
N SER O 194 -61.28 23.48 -5.84
CA SER O 194 -60.48 22.66 -4.95
C SER O 194 -59.01 22.81 -5.30
N VAL O 195 -58.20 23.07 -4.28
CA VAL O 195 -56.76 23.12 -4.47
C VAL O 195 -56.16 21.73 -4.29
N GLN O 196 -55.11 21.44 -5.04
CA GLN O 196 -54.49 20.12 -5.00
C GLN O 196 -53.05 20.26 -5.46
N ASP O 197 -52.14 19.59 -4.74
CA ASP O 197 -50.69 19.65 -4.94
C ASP O 197 -50.25 21.05 -5.40
N GLY O 198 -50.79 22.06 -4.72
CA GLY O 198 -50.43 23.43 -4.95
C GLY O 198 -51.13 24.11 -6.11
N ALA O 199 -51.93 23.36 -6.88
CA ALA O 199 -52.55 23.89 -8.09
C ALA O 199 -54.02 24.19 -7.81
N VAL O 200 -54.48 25.34 -8.29
CA VAL O 200 -55.89 25.72 -8.15
C VAL O 200 -56.67 25.17 -9.34
N TYR O 201 -57.74 24.44 -9.07
CA TYR O 201 -58.59 23.87 -10.11
C TYR O 201 -60.00 24.40 -9.93
N TRP O 202 -60.52 25.06 -10.97
CA TRP O 202 -61.90 25.55 -11.00
C TRP O 202 -62.57 24.98 -12.23
N THR O 203 -63.54 24.10 -12.03
CA THR O 203 -64.25 23.43 -13.11
C THR O 203 -65.74 23.51 -12.85
N LYS O 204 -66.51 22.92 -13.77
CA LYS O 204 -67.96 22.93 -13.69
C LYS O 204 -68.48 21.51 -13.46
N GLU O 205 -69.44 21.39 -12.54
CA GLU O 205 -69.98 20.11 -12.14
C GLU O 205 -70.75 19.48 -13.30
N GLY O 206 -70.70 18.15 -13.37
CA GLY O 206 -71.42 17.41 -14.38
C GLY O 206 -70.63 17.19 -15.65
N SER O 207 -69.90 18.22 -16.09
CA SER O 207 -69.11 18.11 -17.30
C SER O 207 -67.72 17.57 -16.97
N ARG O 208 -67.04 17.09 -18.00
CA ARG O 208 -65.70 16.52 -17.84
C ARG O 208 -64.85 16.95 -19.03
N PHE O 209 -63.53 16.85 -18.85
CA PHE O 209 -62.59 17.16 -19.92
C PHE O 209 -62.74 16.15 -21.05
N ASN O 211 -60.44 13.95 -23.16
CA ASN O 211 -59.64 12.88 -23.74
C ASN O 211 -59.47 11.74 -22.75
N VAL O 212 -59.08 10.58 -23.25
CA VAL O 212 -58.76 9.45 -22.39
C VAL O 212 -57.33 9.63 -21.90
N MET O 213 -57.17 10.33 -20.79
CA MET O 213 -55.83 10.56 -20.26
C MET O 213 -55.29 9.34 -19.53
N PHE O 214 -56.16 8.39 -19.18
CA PHE O 214 -55.72 7.15 -18.56
C PHE O 214 -56.68 6.04 -18.95
N GLU O 215 -56.13 4.85 -19.18
CA GLU O 215 -56.91 3.68 -19.53
C GLU O 215 -56.61 2.57 -18.52
N ILE O 216 -57.65 1.94 -18.02
CA ILE O 216 -57.54 0.90 -17.00
C ILE O 216 -57.91 -0.43 -17.62
N SER O 217 -57.03 -1.42 -17.48
CA SER O 217 -57.25 -2.76 -18.00
C SER O 217 -56.27 -3.69 -17.29
N GLU O 218 -56.46 -5.00 -17.50
CA GLU O 218 -55.57 -5.97 -16.87
C GLU O 218 -54.11 -5.72 -17.21
N GLU O 219 -53.83 -5.18 -18.39
CA GLU O 219 -52.46 -4.81 -18.73
C GLU O 219 -52.00 -3.61 -17.90
N GLY O 220 -52.92 -2.71 -17.58
CA GLY O 220 -52.59 -1.53 -16.81
C GLY O 220 -52.55 -1.76 -15.32
N GLY O 221 -52.24 -2.99 -14.91
CA GLY O 221 -52.08 -3.29 -13.50
C GLY O 221 -53.32 -3.12 -12.67
N MET O 222 -54.50 -3.37 -13.24
CA MET O 222 -55.72 -3.32 -12.45
C MET O 222 -55.68 -4.39 -11.37
N VAL O 223 -56.48 -4.17 -10.33
CA VAL O 223 -56.55 -5.10 -9.20
C VAL O 223 -58.01 -5.40 -8.89
N GLY O 224 -58.51 -6.53 -9.37
CA GLY O 224 -59.88 -6.90 -9.16
C GLY O 224 -60.82 -6.17 -10.10
N THR O 225 -62.05 -6.65 -10.13
CA THR O 225 -63.04 -6.07 -11.04
C THR O 225 -63.62 -4.79 -10.44
N PRO O 226 -64.07 -3.86 -11.27
CA PRO O 226 -64.77 -2.67 -10.72
C PRO O 226 -66.09 -3.07 -10.10
N THR O 227 -66.51 -2.32 -9.10
CA THR O 227 -67.77 -2.53 -8.41
C THR O 227 -68.48 -1.19 -8.27
N PRO O 228 -69.82 -1.19 -8.32
CA PRO O 228 -70.56 0.07 -8.21
C PRO O 228 -70.73 0.48 -6.76
N LYS O 229 -70.30 1.70 -6.45
CA LYS O 229 -70.41 2.24 -5.10
C LYS O 229 -70.95 3.66 -5.18
N GLN O 230 -71.88 3.97 -4.30
CA GLN O 230 -72.52 5.28 -4.31
C GLN O 230 -71.49 6.35 -3.95
N PRO O 231 -71.49 7.50 -4.61
CA PRO O 231 -70.46 8.52 -4.34
C PRO O 231 -70.69 9.36 -3.10
N SER O 232 -71.77 9.13 -2.35
CA SER O 232 -72.05 9.89 -1.16
C SER O 232 -72.75 8.99 -0.15
N SER O 233 -72.62 9.32 1.13
CA SER O 233 -73.15 8.48 2.19
C SER O 233 -74.60 8.79 2.49
N SER O 234 -75.27 9.56 1.62
CA SER O 234 -76.67 9.90 1.82
C SER O 234 -77.30 10.16 0.47
N LYS O 235 -78.63 10.10 0.45
CA LYS O 235 -79.42 10.31 -0.76
C LYS O 235 -80.20 11.61 -0.66
N LYS O 236 -80.29 12.32 -1.79
CA LYS O 236 -80.99 13.59 -1.84
C LYS O 236 -82.37 13.42 -2.45
N LEU O 237 -83.28 14.30 -2.07
CA LEU O 237 -84.61 14.31 -2.68
C LEU O 237 -84.50 14.85 -4.10
N ILE O 238 -85.28 14.25 -5.01
CA ILE O 238 -85.20 14.58 -6.43
C ILE O 238 -86.60 14.85 -6.96
N LYS O 239 -86.65 15.57 -8.08
CA LYS O 239 -87.92 16.04 -8.64
C LYS O 239 -88.68 14.92 -9.34
N ALA O 240 -88.06 13.76 -9.49
CA ALA O 240 -88.70 12.62 -10.14
C ALA O 240 -90.12 12.40 -9.65
N HIS O 264 -79.76 21.21 -9.87
CA HIS O 264 -79.70 21.02 -11.31
C HIS O 264 -79.50 19.55 -11.64
N ASP O 265 -80.27 19.06 -12.63
CA ASP O 265 -80.24 17.64 -12.95
C ASP O 265 -78.84 17.18 -13.35
N ILE O 266 -77.99 18.10 -13.80
CA ILE O 266 -76.69 17.74 -14.36
C ILE O 266 -75.73 17.21 -13.30
N LYS O 267 -76.09 17.28 -12.02
CA LYS O 267 -75.12 17.07 -10.96
C LYS O 267 -74.92 15.59 -10.65
N GLU O 268 -73.72 15.07 -10.96
CA GLU O 268 -73.15 13.87 -10.37
C GLU O 268 -74.20 12.80 -10.07
N ASP O 269 -74.33 12.36 -8.82
CA ASP O 269 -75.33 11.42 -8.30
C ASP O 269 -75.04 9.95 -8.57
N VAL O 270 -73.97 9.59 -9.28
CA VAL O 270 -73.66 8.19 -9.56
C VAL O 270 -72.15 8.02 -9.60
N GLY O 271 -71.69 6.79 -9.44
CA GLY O 271 -70.26 6.54 -9.48
C GLY O 271 -69.94 5.06 -9.42
N MET O 272 -68.63 4.79 -9.38
CA MET O 272 -68.10 3.43 -9.38
C MET O 272 -66.76 3.48 -8.63
N THR O 273 -66.15 2.31 -8.44
CA THR O 273 -64.88 2.22 -7.74
C THR O 273 -63.93 1.30 -8.48
N VAL O 274 -62.64 1.62 -8.42
CA VAL O 274 -61.59 0.84 -9.06
C VAL O 274 -60.33 0.95 -8.20
N SER O 275 -59.45 -0.05 -8.33
CA SER O 275 -58.17 -0.06 -7.65
C SER O 275 -57.07 -0.41 -8.63
N THR O 276 -55.88 0.15 -8.41
CA THR O 276 -54.76 -0.03 -9.32
C THR O 276 -53.46 0.09 -8.56
N LEU O 277 -52.39 -0.43 -9.16
CA LEU O 277 -51.06 -0.28 -8.59
C LEU O 277 -50.71 1.20 -8.50
N LEU O 278 -49.85 1.53 -7.53
CA LEU O 278 -49.56 2.91 -7.23
C LEU O 278 -49.12 3.65 -8.48
N ASN O 279 -49.73 4.81 -8.71
CA ASN O 279 -49.43 5.64 -9.88
C ASN O 279 -49.76 7.09 -9.51
N GLY O 280 -48.73 7.87 -9.22
CA GLY O 280 -48.92 9.23 -8.76
C GLY O 280 -49.32 10.21 -9.83
N ALA O 281 -49.26 9.82 -11.10
CA ALA O 281 -49.62 10.72 -12.18
C ALA O 281 -51.12 10.72 -12.42
N ILE O 282 -51.90 10.92 -11.36
CA ILE O 282 -53.35 11.00 -11.45
C ILE O 282 -53.83 12.04 -10.46
N LEU O 283 -54.90 12.75 -10.81
CA LEU O 283 -55.43 13.81 -9.98
C LEU O 283 -56.95 13.70 -9.90
N PRO O 284 -57.56 14.21 -8.84
CA PRO O 284 -59.02 14.07 -8.68
C PRO O 284 -59.83 14.62 -9.85
N GLU O 285 -59.38 15.70 -10.48
CA GLU O 285 -60.18 16.34 -11.51
C GLU O 285 -59.94 15.78 -12.91
N SER O 286 -59.13 14.73 -13.03
CA SER O 286 -58.80 14.18 -14.35
C SER O 286 -59.96 13.33 -14.87
N THR O 287 -59.71 12.66 -15.99
CA THR O 287 -60.68 11.78 -16.63
C THR O 287 -60.00 10.47 -16.97
N VAL O 288 -60.74 9.37 -16.84
CA VAL O 288 -60.19 8.04 -17.05
C VAL O 288 -61.15 7.23 -17.91
N TYR O 289 -60.59 6.26 -18.63
CA TYR O 289 -61.35 5.32 -19.44
C TYR O 289 -61.19 3.93 -18.85
N LEU O 290 -62.32 3.23 -18.71
CA LEU O 290 -62.37 1.95 -18.00
C LEU O 290 -62.60 0.85 -19.02
N ASN O 291 -61.53 0.12 -19.36
CA ASN O 291 -61.60 -0.97 -20.32
C ASN O 291 -61.52 -2.31 -19.57
N THR O 292 -62.69 -2.76 -19.12
CA THR O 292 -62.83 -4.06 -18.49
C THR O 292 -63.74 -4.94 -19.34
N ARG O 293 -64.03 -6.14 -18.85
CA ARG O 293 -64.88 -7.05 -19.60
C ARG O 293 -66.37 -6.86 -19.30
N TYR O 294 -66.71 -6.35 -18.11
CA TYR O 294 -68.10 -6.02 -17.80
C TYR O 294 -68.38 -4.54 -18.05
N HIS O 295 -67.64 -3.66 -17.38
CA HIS O 295 -67.90 -2.22 -17.49
C HIS O 295 -66.99 -1.58 -18.51
N LYS O 296 -67.57 -0.71 -19.34
CA LYS O 296 -66.83 0.05 -20.34
C LYS O 296 -67.44 1.44 -20.47
N GLY O 297 -66.59 2.44 -20.52
CA GLY O 297 -67.05 3.81 -20.66
C GLY O 297 -66.07 4.78 -20.06
N PHE O 298 -66.49 6.04 -20.01
CA PHE O 298 -65.69 7.13 -19.49
C PHE O 298 -66.25 7.59 -18.16
N TYR O 299 -65.37 7.99 -17.25
CA TYR O 299 -65.77 8.45 -15.94
C TYR O 299 -64.88 9.60 -15.50
N LYS O 300 -65.43 10.42 -14.61
CA LYS O 300 -64.64 11.40 -13.88
C LYS O 300 -63.97 10.72 -12.69
N VAL O 301 -63.00 11.43 -12.11
CA VAL O 301 -62.40 11.01 -10.84
C VAL O 301 -62.92 11.94 -9.76
N ALA O 302 -63.10 11.40 -8.55
CA ALA O 302 -63.66 12.19 -7.46
C ALA O 302 -62.82 12.11 -6.20
N GLU O 303 -62.12 11.00 -6.01
CA GLU O 303 -61.35 10.76 -4.80
C GLU O 303 -60.18 9.84 -5.09
N LEU O 304 -59.08 10.06 -4.38
CA LEU O 304 -57.89 9.22 -4.46
C LEU O 304 -57.40 8.87 -3.06
N THR O 305 -56.83 7.69 -2.93
CA THR O 305 -56.16 7.25 -1.72
C THR O 305 -54.95 6.42 -2.09
N HIS O 306 -53.77 6.89 -1.69
CA HIS O 306 -52.53 6.19 -1.95
C HIS O 306 -52.05 5.52 -0.67
N ARG O 307 -51.79 4.22 -0.75
CA ARG O 307 -51.30 3.46 0.38
C ARG O 307 -49.95 2.86 0.02
N GLY O 308 -49.16 2.54 1.04
CA GLY O 308 -47.84 2.00 0.79
C GLY O 308 -47.18 1.39 2.00
N GLY O 309 -46.68 0.17 1.85
CA GLY O 309 -45.80 -0.43 2.82
C GLY O 309 -44.55 -0.94 2.14
N TYR O 310 -43.41 -0.31 2.41
CA TYR O 310 -42.20 -0.62 1.65
C TYR O 310 -41.81 -2.08 1.80
N GLU O 311 -41.46 -2.49 3.02
CA GLU O 311 -41.07 -3.88 3.24
C GLU O 311 -42.27 -4.81 3.21
N THR O 312 -43.37 -4.41 3.86
CA THR O 312 -44.57 -5.23 3.91
C THR O 312 -45.78 -4.33 3.79
N GLY O 313 -46.70 -4.71 2.91
CA GLY O 313 -47.93 -3.97 2.70
C GLY O 313 -48.21 -3.74 1.23
N ASP O 314 -49.36 -3.11 0.99
CA ASP O 314 -49.80 -2.84 -0.37
C ASP O 314 -49.03 -1.66 -0.95
N TRP O 315 -49.09 -1.54 -2.28
CA TRP O 315 -48.44 -0.45 -3.01
C TRP O 315 -49.40 0.04 -4.09
N ILE O 316 -50.67 0.21 -3.71
CA ILE O 316 -51.76 0.41 -4.68
C ILE O 316 -52.42 1.77 -4.45
N THR O 317 -53.27 2.15 -5.39
CA THR O 317 -54.05 3.37 -5.35
C THR O 317 -55.51 3.04 -5.61
N GLU O 318 -56.40 3.75 -4.94
CA GLU O 318 -57.84 3.54 -5.08
C GLU O 318 -58.49 4.80 -5.64
N LEU O 319 -59.34 4.61 -6.65
CA LEU O 319 -60.00 5.72 -7.34
C LEU O 319 -61.51 5.59 -7.15
N GLY O 320 -62.15 6.70 -6.79
CA GLY O 320 -63.60 6.75 -6.75
C GLY O 320 -64.12 7.53 -7.94
N LEU O 321 -64.79 6.84 -8.86
CA LEU O 321 -65.24 7.42 -10.11
C LEU O 321 -66.68 7.90 -9.97
N VAL O 322 -67.04 8.88 -10.79
CA VAL O 322 -68.38 9.44 -10.81
C VAL O 322 -68.83 9.59 -12.25
N GLU O 323 -70.05 9.15 -12.53
CA GLU O 323 -70.63 9.27 -13.87
C GLU O 323 -70.87 10.74 -14.19
N THR O 324 -70.83 11.06 -15.49
CA THR O 324 -70.99 12.42 -15.97
C THR O 324 -72.14 12.48 -16.96
N ARG O 325 -72.81 13.63 -17.00
CA ARG O 325 -73.96 13.81 -17.89
C ARG O 325 -73.96 15.17 -18.58
N GLY O 326 -72.91 15.96 -18.43
CA GLY O 326 -72.86 17.29 -19.01
C GLY O 326 -72.13 17.33 -20.34
N GLU O 327 -71.84 18.55 -20.78
CA GLU O 327 -71.11 18.75 -22.02
C GLU O 327 -69.64 18.39 -21.84
N LEU O 328 -68.96 18.14 -22.96
CA LEU O 328 -67.55 17.77 -22.95
C LEU O 328 -66.67 19.01 -23.00
N ILE O 329 -66.58 19.69 -21.87
CA ILE O 329 -65.76 20.88 -21.76
C ILE O 329 -64.31 20.55 -22.08
N TYR P 3 -56.16 21.55 26.94
CA TYR P 3 -55.76 22.64 26.07
C TYR P 3 -56.27 22.40 24.65
N ALA P 4 -55.77 21.32 24.04
CA ALA P 4 -56.26 20.87 22.75
C ALA P 4 -56.43 19.36 22.72
N ASP P 5 -56.49 18.72 23.88
CA ASP P 5 -56.57 17.26 23.97
C ASP P 5 -58.01 16.76 24.06
N ARG P 6 -58.85 17.45 24.83
CA ARG P 6 -60.23 17.06 24.98
C ARG P 6 -60.93 17.09 23.63
N TYR P 7 -62.00 16.29 23.54
CA TYR P 7 -62.78 16.25 22.30
C TYR P 7 -63.69 17.46 22.18
N ASP P 8 -64.08 18.06 23.32
CA ASP P 8 -65.01 19.17 23.31
C ASP P 8 -64.32 20.47 22.90
N ALA P 9 -63.05 20.63 23.29
CA ALA P 9 -62.32 21.85 22.94
C ALA P 9 -62.18 22.00 21.43
N ALA P 10 -62.05 20.88 20.71
CA ALA P 10 -61.97 20.95 19.25
C ALA P 10 -63.23 21.55 18.66
N PHE P 11 -64.40 21.08 19.11
CA PHE P 11 -65.65 21.67 18.63
C PHE P 11 -65.77 23.12 19.07
N GLY P 12 -65.29 23.44 20.28
CA GLY P 12 -65.34 24.83 20.71
C GLY P 12 -64.59 25.74 19.76
N ILE P 13 -63.35 25.36 19.42
CA ILE P 13 -62.55 26.20 18.52
C ILE P 13 -63.16 26.21 17.12
N TYR P 14 -63.69 25.08 16.67
CA TYR P 14 -64.27 25.03 15.33
C TYR P 14 -65.49 25.94 15.23
N ILE P 15 -66.34 25.93 16.26
CA ILE P 15 -67.51 26.80 16.26
C ILE P 15 -67.09 28.27 16.36
N SER P 16 -66.10 28.55 17.21
CA SER P 16 -65.63 29.92 17.33
C SER P 16 -65.09 30.45 16.01
N ARG P 17 -64.35 29.62 15.28
CA ARG P 17 -63.83 30.03 13.98
C ARG P 17 -64.91 30.10 12.92
N PHE P 18 -65.93 29.23 13.01
CA PHE P 18 -67.00 29.25 12.03
C PHE P 18 -67.80 30.56 12.09
N LEU P 19 -68.09 31.03 13.31
CA LEU P 19 -68.83 32.28 13.43
C LEU P 19 -68.02 33.46 12.91
N ARG P 20 -66.68 33.36 12.94
CA ARG P 20 -65.86 34.48 12.50
C ARG P 20 -66.09 34.83 11.03
N ASN P 21 -66.32 33.84 10.18
CA ASN P 21 -66.45 34.05 8.75
C ASN P 21 -67.90 34.09 8.28
N ASN P 22 -68.86 33.99 9.21
CA ASN P 22 -70.27 33.98 8.85
C ASN P 22 -71.07 34.60 9.98
N VAL P 23 -72.39 34.46 9.92
CA VAL P 23 -73.27 34.84 11.02
C VAL P 23 -73.08 36.31 11.33
N HIS P 24 -73.04 37.16 10.31
CA HIS P 24 -72.99 38.59 10.52
C HIS P 24 -74.39 39.12 10.84
N THR P 25 -74.52 39.82 11.96
CA THR P 25 -75.82 40.27 12.43
C THR P 25 -75.94 41.80 12.41
N ASN P 26 -75.04 42.48 13.11
CA ASN P 26 -75.09 43.93 13.20
C ASN P 26 -73.67 44.48 13.29
N ILE P 27 -73.50 45.73 12.86
CA ILE P 27 -72.20 46.38 12.87
C ILE P 27 -72.41 47.87 12.67
N ARG P 28 -71.52 48.67 13.23
CA ARG P 28 -71.54 50.11 13.03
C ARG P 28 -70.78 50.46 11.76
N GLY P 29 -71.00 51.67 11.27
CA GLY P 29 -70.34 52.11 10.05
C GLY P 29 -70.48 53.60 9.85
N LYS P 30 -69.94 54.07 8.73
CA LYS P 30 -70.00 55.47 8.35
C LYS P 30 -70.39 55.58 6.89
N VAL P 31 -71.28 56.51 6.58
CA VAL P 31 -71.73 56.70 5.21
C VAL P 31 -70.64 57.37 4.39
N VAL P 32 -70.38 56.83 3.19
CA VAL P 32 -69.36 57.38 2.31
C VAL P 32 -69.98 57.73 0.97
N GLY P 33 -71.05 57.04 0.61
CA GLY P 33 -71.75 57.31 -0.63
C GLY P 33 -73.24 57.39 -0.39
N VAL P 34 -73.86 58.44 -0.93
CA VAL P 34 -75.26 58.76 -0.67
C VAL P 34 -75.98 58.88 -2.01
N ASN P 35 -77.14 58.25 -2.10
CA ASN P 35 -78.03 58.38 -3.26
C ASN P 35 -79.34 58.99 -2.78
N TYR P 36 -79.72 60.11 -3.38
CA TYR P 36 -80.90 60.85 -2.93
C TYR P 36 -82.18 60.40 -3.61
N SER P 37 -82.10 59.81 -4.80
CA SER P 37 -83.27 59.24 -5.48
C SER P 37 -83.34 57.77 -5.09
N GLY P 38 -84.39 57.40 -4.36
CA GLY P 38 -84.47 56.08 -3.80
C GLY P 38 -83.45 55.92 -2.69
N PRO P 39 -83.66 56.64 -1.58
CA PRO P 39 -82.60 56.78 -0.56
C PRO P 39 -81.84 55.50 -0.26
N SER P 40 -80.53 55.54 -0.50
CA SER P 40 -79.63 54.44 -0.17
C SER P 40 -78.26 55.02 0.13
N VAL P 41 -77.48 54.29 0.91
CA VAL P 41 -76.19 54.78 1.40
C VAL P 41 -75.16 53.67 1.35
N ASP P 42 -73.91 54.05 1.10
CA ASP P 42 -72.80 53.11 1.15
C ASP P 42 -72.13 53.18 2.52
N VAL P 43 -71.91 52.01 3.12
CA VAL P 43 -71.46 51.92 4.51
C VAL P 43 -70.07 51.31 4.53
N GLN P 44 -69.19 51.90 5.35
CA GLN P 44 -67.85 51.37 5.57
C GLN P 44 -67.74 50.95 7.03
N PRO P 45 -67.84 49.67 7.36
CA PRO P 45 -67.76 49.27 8.77
C PRO P 45 -66.44 49.70 9.39
N MET P 46 -66.50 50.05 10.68
CA MET P 46 -65.35 50.62 11.36
C MET P 46 -64.53 49.60 12.13
N ALA P 47 -65.16 48.55 12.65
CA ALA P 47 -64.48 47.62 13.54
C ALA P 47 -63.55 46.69 12.74
N TYR P 48 -62.51 46.22 13.41
CA TYR P 48 -61.56 45.29 12.83
C TYR P 48 -60.75 44.69 13.95
N THR P 49 -60.01 43.64 13.63
CA THR P 49 -59.16 42.98 14.61
C THR P 49 -57.85 42.56 13.96
N GLU P 50 -56.81 42.46 14.79
CA GLU P 50 -55.49 42.03 14.37
C GLU P 50 -55.10 40.78 15.14
N PHE P 51 -54.86 39.69 14.43
CA PHE P 51 -54.47 38.44 15.06
C PHE P 51 -53.00 38.49 15.48
N PRO P 52 -52.60 37.60 16.38
CA PRO P 52 -51.18 37.58 16.80
C PRO P 52 -50.21 37.28 15.66
N SER P 53 -50.66 36.65 14.59
CA SER P 53 -49.79 36.33 13.47
C SER P 53 -49.53 37.52 12.55
N GLY P 54 -49.82 38.74 12.98
CA GLY P 54 -49.63 39.90 12.13
C GLY P 54 -50.55 39.90 10.93
N THR P 55 -51.81 39.55 11.15
CA THR P 55 -52.80 39.54 10.08
C THR P 55 -54.02 40.32 10.54
N THR P 56 -54.69 40.94 9.58
CA THR P 56 -55.79 41.86 9.87
C THR P 56 -57.02 41.45 9.09
N ASP P 57 -58.19 41.81 9.63
CA ASP P 57 -59.48 41.52 9.02
C ASP P 57 -60.21 42.83 8.81
N ARG P 58 -60.50 43.16 7.54
CA ARG P 58 -61.18 44.39 7.18
C ARG P 58 -62.48 44.06 6.46
N TYR P 59 -63.58 44.67 6.91
CA TYR P 59 -64.82 44.58 6.17
C TYR P 59 -64.72 45.41 4.89
N PRO P 60 -65.30 44.95 3.79
CA PRO P 60 -65.29 45.74 2.56
C PRO P 60 -66.45 46.74 2.54
N VAL P 61 -66.40 47.64 1.55
CA VAL P 61 -67.47 48.61 1.40
C VAL P 61 -68.73 47.88 0.95
N ILE P 62 -69.86 48.24 1.57
CA ILE P 62 -71.15 47.62 1.29
C ILE P 62 -72.00 48.64 0.52
N TYR P 63 -72.60 48.18 -0.58
CA TYR P 63 -73.28 49.08 -1.50
C TYR P 63 -74.79 49.03 -1.35
N ASP P 64 -75.40 50.21 -1.39
CA ASP P 64 -76.86 50.35 -1.52
C ASP P 64 -77.61 49.67 -0.38
N VAL P 65 -77.42 50.17 0.83
CA VAL P 65 -78.23 49.73 1.97
C VAL P 65 -79.42 50.67 2.10
N PRO P 66 -80.66 50.18 2.05
CA PRO P 66 -81.80 51.09 2.19
C PRO P 66 -81.80 51.80 3.53
N VAL P 67 -82.27 53.05 3.51
CA VAL P 67 -82.27 53.90 4.70
C VAL P 67 -83.71 54.00 5.21
N LEU P 68 -83.87 53.87 6.52
CA LEU P 68 -85.19 53.96 7.13
C LEU P 68 -85.44 55.38 7.63
N LEU P 69 -86.68 55.84 7.50
CA LEU P 69 -87.12 57.10 8.05
C LEU P 69 -88.51 56.92 8.65
N PRO P 70 -88.85 57.68 9.69
CA PRO P 70 -90.21 57.57 10.24
C PRO P 70 -91.23 58.04 9.22
N SER P 71 -92.06 57.11 8.76
CA SER P 71 -93.00 57.40 7.70
C SER P 71 -94.17 56.43 7.79
N GLY P 72 -95.21 56.72 7.03
CA GLY P 72 -96.38 55.88 7.02
C GLY P 72 -97.34 56.29 5.93
N ALA P 73 -98.55 55.72 5.98
CA ALA P 73 -99.60 56.04 5.02
C ALA P 73 -99.16 55.78 3.59
N GLY P 74 -98.30 54.79 3.38
CA GLY P 74 -97.83 54.47 2.05
C GLY P 74 -96.79 55.44 1.55
N GLY P 75 -95.99 55.99 2.46
CA GLY P 75 -94.94 56.91 2.09
C GLY P 75 -95.41 58.34 1.85
N LYS P 76 -96.67 58.64 2.11
CA LYS P 76 -97.15 60.01 1.93
C LYS P 76 -96.69 60.93 3.06
N ALA P 77 -96.46 60.37 4.25
CA ALA P 77 -95.97 61.13 5.39
C ALA P 77 -94.59 60.59 5.75
N ARG P 78 -93.59 61.48 5.81
CA ARG P 78 -92.23 61.05 6.06
C ARG P 78 -91.39 62.25 6.47
N LEU P 79 -90.42 62.03 7.35
CA LEU P 79 -89.52 63.08 7.81
C LEU P 79 -88.15 62.88 7.14
N THR P 80 -88.02 63.47 5.96
CA THR P 80 -86.81 63.29 5.14
C THR P 80 -85.78 64.34 5.54
N MET P 81 -84.85 63.92 6.40
CA MET P 81 -83.77 64.79 6.81
C MET P 81 -82.63 64.76 5.79
N PRO P 82 -81.81 65.81 5.75
CA PRO P 82 -80.73 65.86 4.75
C PRO P 82 -79.50 65.08 5.15
N ILE P 83 -79.45 63.80 4.81
CA ILE P 83 -78.27 62.96 5.09
C ILE P 83 -77.09 63.45 4.26
N LYS P 84 -75.89 63.36 4.82
CA LYS P 84 -74.66 63.72 4.14
C LYS P 84 -73.67 62.60 4.28
N PRO P 85 -72.65 62.54 3.43
CA PRO P 85 -71.57 61.57 3.63
C PRO P 85 -70.83 61.84 4.94
N GLY P 86 -70.34 60.77 5.56
CA GLY P 86 -69.61 60.85 6.80
C GLY P 86 -70.43 60.64 8.06
N ASP P 87 -71.76 60.64 7.93
CA ASP P 87 -72.61 60.42 9.09
C ASP P 87 -72.42 59.01 9.63
N VAL P 88 -72.34 58.89 10.95
CA VAL P 88 -72.16 57.59 11.60
C VAL P 88 -73.53 56.94 11.77
N VAL P 89 -73.67 55.71 11.26
CA VAL P 89 -74.92 54.98 11.32
C VAL P 89 -74.64 53.53 11.69
N GLY P 90 -75.67 52.87 12.20
CA GLY P 90 -75.61 51.45 12.50
C GLY P 90 -76.21 50.64 11.35
N LEU P 91 -75.64 49.47 11.12
CA LEU P 91 -75.98 48.64 9.98
C LEU P 91 -76.51 47.29 10.46
N SER P 92 -77.48 46.75 9.74
CA SER P 92 -78.06 45.45 10.04
C SER P 92 -78.03 44.57 8.80
N PHE P 93 -77.80 43.28 9.01
CA PHE P 93 -77.67 42.31 7.93
C PHE P 93 -78.87 41.36 7.96
N SER P 94 -79.44 41.11 6.79
CA SER P 94 -80.59 40.23 6.69
C SER P 94 -80.15 38.77 6.64
N GLU P 95 -81.04 37.89 7.10
CA GLU P 95 -80.74 36.46 7.10
C GLU P 95 -80.55 35.92 5.70
N ARG P 96 -81.39 36.33 4.76
CA ARG P 96 -81.38 35.80 3.41
C ARG P 96 -81.20 36.94 2.42
N ASN P 97 -80.72 36.61 1.23
CA ASN P 97 -80.50 37.59 0.17
C ASN P 97 -81.84 38.03 -0.38
N GLU P 98 -82.40 39.08 0.21
CA GLU P 98 -83.71 39.56 -0.17
C GLU P 98 -83.78 40.00 -1.63
N GLY P 99 -82.64 40.25 -2.27
CA GLY P 99 -82.64 40.58 -3.68
C GLY P 99 -82.70 39.40 -4.63
N ASP P 100 -82.58 38.18 -4.11
CA ASP P 100 -82.62 36.98 -4.96
C ASP P 100 -83.32 35.86 -4.19
N ASN P 101 -83.91 34.94 -4.94
CA ASN P 101 -84.63 33.82 -4.36
C ASN P 101 -83.96 32.48 -4.56
N ASN P 102 -82.75 32.44 -5.14
CA ASN P 102 -82.06 31.19 -5.40
C ASN P 102 -80.78 31.01 -4.59
N ASP P 103 -80.36 32.03 -3.85
CA ASP P 103 -79.13 31.91 -3.08
C ASP P 103 -79.25 30.84 -2.01
N GLN P 104 -78.19 30.03 -1.89
CA GLN P 104 -78.17 28.94 -0.93
C GLN P 104 -77.55 29.31 0.41
N ASN P 105 -76.85 30.44 0.48
CA ASN P 105 -76.17 30.82 1.71
C ASN P 105 -77.12 31.60 2.62
N THR P 106 -76.62 31.92 3.82
CA THR P 106 -77.39 32.70 4.78
C THR P 106 -76.42 33.56 5.60
N HIS P 107 -76.85 34.77 5.92
CA HIS P 107 -76.11 35.73 6.73
C HIS P 107 -74.82 36.19 6.07
N GLN P 108 -74.69 36.03 4.75
CA GLN P 108 -73.44 36.35 4.07
C GLN P 108 -73.40 37.84 3.68
N LEU P 109 -73.43 38.72 4.68
CA LEU P 109 -73.33 40.16 4.45
C LEU P 109 -74.45 40.68 3.54
N PHE P 110 -75.66 40.17 3.70
CA PHE P 110 -76.82 40.69 2.98
C PHE P 110 -77.34 41.91 3.73
N ALA P 111 -76.96 43.10 3.27
CA ALA P 111 -77.36 44.31 3.96
C ALA P 111 -78.88 44.42 4.02
N GLY P 112 -79.41 44.67 5.21
CA GLY P 112 -80.83 44.80 5.41
C GLY P 112 -81.31 46.24 5.35
N TRP P 113 -80.69 47.10 6.15
CA TRP P 113 -81.10 48.50 6.21
C TRP P 113 -80.13 49.23 7.15
N ALA P 114 -80.24 50.55 7.15
CA ALA P 114 -79.40 51.41 7.99
C ALA P 114 -80.27 52.43 8.71
N VAL P 115 -79.83 52.82 9.90
CA VAL P 115 -80.54 53.79 10.73
C VAL P 115 -80.01 55.19 10.40
N THR P 116 -80.80 56.21 10.72
CA THR P 116 -80.45 57.56 10.30
C THR P 116 -79.11 58.01 10.87
N GLN P 117 -78.94 57.90 12.19
CA GLN P 117 -77.67 58.29 12.80
C GLN P 117 -77.62 57.77 14.22
N ILE P 118 -76.41 57.55 14.71
CA ILE P 118 -76.15 57.08 16.06
C ILE P 118 -75.10 57.99 16.69
N PHE P 119 -75.35 58.42 17.92
CA PHE P 119 -74.47 59.37 18.60
C PHE P 119 -73.52 58.60 19.51
N THR P 120 -72.35 58.29 18.97
CA THR P 120 -71.31 57.58 19.70
C THR P 120 -70.23 58.56 20.17
N ASP P 121 -69.19 58.00 20.77
CA ASP P 121 -68.07 58.82 21.21
C ASP P 121 -67.37 59.43 20.00
N GLY P 122 -66.93 60.68 20.14
CA GLY P 122 -66.28 61.38 19.06
C GLY P 122 -67.19 62.21 18.19
N ASN P 123 -68.50 61.97 18.25
CA ASN P 123 -69.49 62.80 17.56
C ASN P 123 -70.71 63.04 18.43
N SER P 124 -70.55 63.06 19.74
CA SER P 124 -71.68 63.14 20.67
C SER P 124 -72.14 64.59 20.76
N LYS P 125 -73.25 64.89 20.07
CA LYS P 125 -73.87 66.20 20.22
C LYS P 125 -74.63 66.28 21.53
N ALA P 126 -74.76 67.50 22.05
CA ALA P 126 -75.48 67.71 23.30
C ALA P 126 -76.97 67.51 23.09
N ILE P 127 -77.65 67.15 24.17
CA ILE P 127 -79.10 66.92 24.16
C ILE P 127 -79.74 67.75 25.25
N HIS P 128 -80.85 68.39 24.91
CA HIS P 128 -81.58 69.18 25.89
C HIS P 128 -82.25 68.26 26.90
N PRO P 129 -82.08 68.47 28.20
CA PRO P 129 -82.67 67.55 29.17
C PRO P 129 -84.16 67.36 29.01
N ASP P 130 -84.91 68.43 28.74
CA ASP P 130 -86.36 68.32 28.54
C ASP P 130 -86.86 69.29 27.48
N ASN P 131 -86.87 68.86 26.22
CA ASN P 131 -87.43 69.66 25.14
C ASN P 131 -87.41 68.84 23.86
N VAL P 132 -88.50 68.90 23.11
CA VAL P 132 -88.56 68.27 21.78
C VAL P 132 -88.16 69.30 20.74
N VAL P 133 -86.87 69.38 20.45
CA VAL P 133 -86.34 70.40 19.55
C VAL P 133 -86.09 69.78 18.18
N LEU P 134 -86.80 70.28 17.16
CA LEU P 134 -86.53 69.93 15.78
C LEU P 134 -85.74 71.07 15.15
N GLU P 135 -84.51 70.78 14.73
CA GLU P 135 -83.54 71.83 14.45
C GLU P 135 -82.90 71.61 13.10
N ASN P 136 -82.55 72.71 12.45
CA ASN P 136 -81.79 72.72 11.20
C ASN P 136 -80.61 73.66 11.40
N ASP P 137 -79.78 73.79 10.36
CA ASP P 137 -78.56 74.58 10.44
C ASP P 137 -78.75 75.86 11.25
N LYS P 138 -79.79 76.63 10.93
CA LYS P 138 -80.06 77.86 11.67
C LYS P 138 -81.55 78.07 11.90
N ALA P 139 -82.38 77.08 11.59
CA ALA P 139 -83.83 77.16 11.80
C ALA P 139 -84.20 76.16 12.89
N ILE P 140 -84.87 76.64 13.93
CA ILE P 140 -85.15 75.84 15.12
C ILE P 140 -86.65 75.88 15.40
N ILE P 141 -87.20 74.72 15.76
CA ILE P 141 -88.59 74.61 16.19
C ILE P 141 -88.55 73.94 17.57
N THR P 142 -88.98 74.68 18.59
CA THR P 142 -88.92 74.21 19.97
C THR P 142 -90.32 74.16 20.56
N LEU P 143 -90.71 72.99 21.05
CA LEU P 143 -91.94 72.82 21.82
C LEU P 143 -91.58 72.40 23.23
N LYS P 144 -92.10 73.14 24.21
CA LYS P 144 -91.84 72.85 25.62
C LYS P 144 -93.09 72.25 26.25
N PRO P 145 -92.95 71.42 27.29
CA PRO P 145 -94.15 70.77 27.86
C PRO P 145 -95.20 71.75 28.34
N ASP P 146 -94.78 72.92 28.81
CA ASP P 146 -95.72 73.89 29.36
C ASP P 146 -96.41 74.73 28.28
N GLY P 147 -96.90 74.08 27.24
CA GLY P 147 -97.68 74.79 26.22
C GLY P 147 -96.89 75.62 25.22
N ASP P 148 -95.86 76.32 25.69
CA ASP P 148 -95.14 77.26 24.84
C ASP P 148 -94.53 76.56 23.64
N THR P 149 -94.67 77.20 22.47
CA THR P 149 -94.02 76.77 21.25
C THR P 149 -93.36 77.97 20.61
N SER P 150 -92.28 77.74 19.87
CA SER P 150 -91.50 78.83 19.33
C SER P 150 -90.80 78.42 18.05
N LEU P 151 -90.86 79.30 17.05
CA LEU P 151 -90.06 79.18 15.83
C LEU P 151 -89.05 80.32 15.82
N GLN P 152 -87.78 79.97 15.62
CA GLN P 152 -86.69 80.93 15.73
C GLN P 152 -85.81 80.87 14.49
N ASN P 153 -85.19 82.01 14.19
CA ASN P 153 -84.16 82.10 13.16
C ASN P 153 -83.43 83.42 13.40
N PRO P 154 -82.24 83.58 12.83
CA PRO P 154 -81.38 84.70 13.27
C PRO P 154 -81.97 86.09 13.03
N LYS P 155 -83.14 86.20 12.39
CA LYS P 155 -83.75 87.52 12.20
C LYS P 155 -85.27 87.53 12.40
N VAL P 156 -85.87 86.40 12.77
CA VAL P 156 -87.32 86.33 12.99
C VAL P 156 -87.58 85.46 14.21
N THR P 157 -88.76 85.63 14.80
CA THR P 157 -89.19 84.83 15.94
C THR P 157 -90.70 84.82 15.99
N VAL P 158 -91.28 83.62 16.06
CA VAL P 158 -92.73 83.47 16.18
C VAL P 158 -93.02 82.55 17.36
N GLU P 159 -93.31 83.14 18.51
CA GLU P 159 -93.58 82.36 19.72
C GLU P 159 -95.05 82.47 20.10
N ALA P 160 -95.62 81.34 20.52
CA ALA P 160 -96.97 81.28 21.07
C ALA P 160 -96.87 80.69 22.47
N LEU P 161 -96.98 81.54 23.49
CA LEU P 161 -96.77 81.11 24.86
C LEU P 161 -98.06 80.53 25.43
N ALA P 162 -97.93 79.95 26.64
CA ALA P 162 -99.07 79.31 27.28
C ALA P 162 -100.15 80.32 27.60
N ASP P 163 -99.78 81.49 28.10
CA ASP P 163 -100.74 82.49 28.57
C ASP P 163 -101.31 83.35 27.46
N GLY P 164 -101.83 82.73 26.40
CA GLY P 164 -102.51 83.46 25.36
C GLY P 164 -101.66 84.53 24.70
N ASN P 165 -100.34 84.44 24.85
CA ASN P 165 -99.47 85.45 24.28
C ASN P 165 -98.99 85.04 22.90
N VAL P 166 -99.20 85.93 21.93
CA VAL P 166 -98.65 85.80 20.59
C VAL P 166 -97.75 87.00 20.35
N LYS P 167 -96.51 86.74 19.95
CA LYS P 167 -95.52 87.80 19.84
C LYS P 167 -94.74 87.68 18.53
N ILE P 168 -95.47 87.54 17.41
CA ILE P 168 -94.83 87.50 16.10
C ILE P 168 -93.93 88.72 15.99
N SER P 169 -92.64 88.50 15.79
CA SER P 169 -91.65 89.57 15.88
C SER P 169 -90.67 89.48 14.72
N ASN P 170 -90.01 90.61 14.47
CA ASN P 170 -89.02 90.71 13.40
C ASN P 170 -88.07 91.85 13.74
N GLY P 171 -86.92 91.87 13.09
CA GLY P 171 -85.98 92.95 13.30
C GLY P 171 -86.54 94.31 12.93
N THR P 172 -87.36 94.37 11.88
CA THR P 172 -87.93 95.64 11.44
C THR P 172 -89.18 96.03 12.21
N GLY P 173 -89.72 95.15 13.04
CA GLY P 173 -90.91 95.45 13.78
C GLY P 173 -91.46 94.19 14.43
N GLU P 174 -92.59 94.36 15.11
CA GLU P 174 -93.20 93.24 15.81
C GLU P 174 -94.71 93.44 15.89
N PHE P 175 -95.42 92.32 16.05
CA PHE P 175 -96.86 92.30 16.23
C PHE P 175 -97.16 91.33 17.36
N THR P 176 -98.06 91.73 18.27
CA THR P 176 -98.29 90.94 19.46
C THR P 176 -99.75 91.03 19.88
N MET P 177 -100.20 89.99 20.60
CA MET P 177 -101.52 89.94 21.20
C MET P 177 -101.39 89.50 22.65
N SER P 178 -101.95 90.29 23.56
CA SER P 178 -101.90 89.97 24.98
C SER P 178 -103.05 89.05 25.36
N PRO P 179 -102.92 88.34 26.48
CA PRO P 179 -104.07 87.53 26.95
C PRO P 179 -105.31 88.36 27.21
N SER P 180 -105.16 89.65 27.52
CA SER P 180 -106.29 90.53 27.75
C SER P 180 -106.99 90.95 26.48
N GLY P 181 -106.66 90.34 25.33
CA GLY P 181 -107.33 90.66 24.09
C GLY P 181 -106.75 91.84 23.35
N GLU P 182 -105.63 92.40 23.81
CA GLU P 182 -105.03 93.51 23.12
C GLU P 182 -104.40 93.06 21.80
N ILE P 183 -104.42 93.95 20.82
CA ILE P 183 -103.78 93.74 19.54
C ILE P 183 -102.95 94.97 19.23
N LYS P 184 -101.65 94.78 18.99
CA LYS P 184 -100.73 95.90 18.78
C LYS P 184 -99.82 95.59 17.60
N GLY P 185 -99.33 96.66 16.97
CA GLY P 185 -98.35 96.53 15.92
C GLY P 185 -97.13 97.39 16.20
N GLY P 186 -95.98 96.76 16.41
CA GLY P 186 -94.77 97.49 16.73
C GLY P 186 -94.14 98.12 15.50
N ASN P 187 -94.79 99.15 14.96
CA ASN P 187 -94.27 99.81 13.77
C ASN P 187 -92.96 100.52 14.03
N ARG P 188 -92.58 100.72 15.29
CA ARG P 188 -91.33 101.38 15.66
C ARG P 188 -91.27 102.78 15.04
N GLY P 189 -92.22 103.59 15.50
CA GLY P 189 -92.53 104.87 14.89
C GLY P 189 -94.02 104.98 14.65
N GLY P 190 -94.76 103.98 15.12
CA GLY P 190 -96.21 103.96 15.00
C GLY P 190 -96.75 102.78 15.77
N SER P 191 -98.07 102.74 15.88
CA SER P 191 -98.73 101.68 16.63
C SER P 191 -100.18 101.56 16.19
N PHE P 192 -100.54 100.40 15.67
CA PHE P 192 -101.93 100.08 15.35
C PHE P 192 -102.65 99.45 16.53
N THR P 193 -102.58 100.09 17.69
CA THR P 193 -103.01 99.46 18.93
C THR P 193 -104.51 99.36 19.04
N LEU P 194 -105.00 98.22 19.53
CA LEU P 194 -106.39 98.03 19.90
C LEU P 194 -106.45 97.59 21.35
N GLN P 195 -107.09 98.41 22.18
CA GLN P 195 -107.14 98.15 23.62
C GLN P 195 -108.24 97.15 23.96
N PRO P 196 -108.18 96.55 25.15
CA PRO P 196 -109.20 95.55 25.50
C PRO P 196 -110.62 96.09 25.48
N SER P 197 -110.80 97.37 25.82
CA SER P 197 -112.13 97.97 25.84
C SER P 197 -112.65 98.28 24.44
N GLY P 198 -111.94 97.91 23.39
CA GLY P 198 -112.38 98.16 22.04
C GLY P 198 -112.06 99.54 21.51
N GLN P 199 -111.25 100.32 22.22
CA GLN P 199 -110.91 101.68 21.78
C GLN P 199 -109.73 101.60 20.83
N LEU P 200 -110.00 101.75 19.54
CA LEU P 200 -108.94 101.79 18.55
C LEU P 200 -108.03 102.99 18.80
N MET P 201 -106.73 102.81 18.59
CA MET P 201 -105.77 103.87 18.81
C MET P 201 -104.69 103.82 17.75
N CYS P 202 -104.13 104.99 17.44
CA CYS P 202 -103.02 105.11 16.50
C CYS P 202 -102.27 106.39 16.82
N ASN P 203 -101.13 106.26 17.49
CA ASN P 203 -100.30 107.40 17.86
C ASN P 203 -101.06 108.43 18.71
N GLY P 204 -101.98 107.96 19.55
CA GLY P 204 -102.76 108.81 20.42
C GLY P 204 -104.17 109.07 19.93
N ALA P 205 -104.38 109.21 18.62
CA ALA P 205 -105.72 109.39 18.10
C ALA P 205 -106.56 108.16 18.41
N ARG P 206 -107.79 108.39 18.87
CA ARG P 206 -108.66 107.32 19.34
C ARG P 206 -109.95 107.30 18.54
N ILE P 207 -110.47 106.09 18.36
CA ILE P 207 -111.80 105.87 17.79
C ILE P 207 -112.58 105.05 18.81
N THR P 208 -113.50 105.69 19.51
CA THR P 208 -114.23 105.01 20.58
C THR P 208 -115.12 103.92 20.01
N THR P 209 -115.65 103.09 20.91
CA THR P 209 -116.56 102.02 20.50
C THR P 209 -117.75 102.58 19.73
N SER P 210 -118.18 103.79 20.07
CA SER P 210 -119.31 104.43 19.43
C SER P 210 -118.92 105.13 18.13
N GLY P 211 -117.67 105.00 17.69
CA GLY P 211 -117.23 105.59 16.46
C GLY P 211 -116.85 107.06 16.53
N ARG P 212 -116.75 107.63 17.73
CA ARG P 212 -116.33 109.02 17.85
C ARG P 212 -114.84 109.14 17.58
N ILE P 213 -114.49 109.93 16.57
CA ILE P 213 -113.10 110.07 16.15
C ILE P 213 -112.46 111.19 16.97
N ILE P 214 -111.85 110.82 18.10
CA ILE P 214 -111.19 111.79 18.96
C ILE P 214 -109.76 111.95 18.48
N THR P 215 -109.49 113.03 17.74
CA THR P 215 -108.15 113.26 17.24
C THR P 215 -107.21 113.56 18.41
N ALA P 216 -105.91 113.33 18.16
CA ALA P 216 -104.91 113.50 19.21
C ALA P 216 -104.95 114.91 19.81
N ASN P 217 -105.42 115.89 19.05
CA ASN P 217 -105.51 117.25 19.53
C ASN P 217 -106.74 117.50 20.39
N GLY P 218 -107.52 116.46 20.68
CA GLY P 218 -108.69 116.57 21.52
C GLY P 218 -109.96 116.97 20.82
N VAL P 219 -109.90 117.31 19.53
CA VAL P 219 -111.08 117.75 18.81
C VAL P 219 -111.94 116.54 18.45
N ASP P 220 -113.21 116.59 18.81
CA ASP P 220 -114.18 115.59 18.38
C ASP P 220 -114.90 116.07 17.14
N MET P 221 -115.02 115.18 16.16
CA MET P 221 -115.58 115.58 14.87
C MET P 221 -117.00 116.08 15.02
N ASP P 222 -117.83 115.39 15.81
CA ASP P 222 -119.21 115.83 16.02
C ASP P 222 -119.25 117.16 16.75
N ASP P 223 -118.38 117.36 17.74
CA ASP P 223 -118.33 118.64 18.43
C ASP P 223 -117.97 119.78 17.49
N PHE P 224 -116.97 119.59 16.65
CA PHE P 224 -116.59 120.62 15.69
C PHE P 224 -117.72 120.86 14.69
N TYR P 225 -118.41 119.79 14.30
CA TYR P 225 -119.53 119.94 13.37
C TYR P 225 -120.66 120.76 13.98
N GLN P 226 -120.92 120.56 15.28
CA GLN P 226 -122.01 121.26 15.94
C GLN P 226 -121.79 122.78 15.95
N LYS P 227 -120.57 123.24 16.21
CA LYS P 227 -120.28 124.67 16.15
C LYS P 227 -120.53 125.22 14.75
N TYR P 228 -120.12 124.47 13.72
CA TYR P 228 -120.55 124.79 12.37
C TYR P 228 -122.05 124.53 12.26
N MET P 229 -122.67 125.17 11.26
CA MET P 229 -124.10 125.05 10.98
C MET P 229 -124.95 125.81 11.99
N SER P 230 -124.34 126.35 13.03
CA SER P 230 -125.07 127.14 14.02
C SER P 230 -125.79 128.32 13.37
N LEU Q 1 -19.76 12.86 -43.21
CA LEU Q 1 -19.90 11.43 -43.46
C LEU Q 1 -21.36 11.08 -43.78
N LYS Q 2 -22.28 11.94 -43.35
CA LYS Q 2 -23.69 11.76 -43.62
C LYS Q 2 -24.30 13.11 -43.99
N ASP Q 3 -25.29 13.06 -44.88
CA ASP Q 3 -26.00 14.27 -45.27
C ASP Q 3 -26.93 14.73 -44.15
N VAL Q 4 -26.96 16.04 -43.92
CA VAL Q 4 -27.83 16.57 -42.87
C VAL Q 4 -29.28 16.58 -43.33
N ASN Q 5 -29.52 16.75 -44.63
CA ASN Q 5 -30.88 16.79 -45.16
C ASN Q 5 -31.39 15.36 -45.28
N HIS Q 6 -32.33 15.00 -44.41
CA HIS Q 6 -32.88 13.65 -44.39
C HIS Q 6 -34.00 13.44 -45.40
N ILE Q 7 -34.45 14.48 -46.08
CA ILE Q 7 -35.54 14.36 -47.04
C ILE Q 7 -34.98 13.80 -48.34
N HIS Q 8 -35.05 12.48 -48.49
CA HIS Q 8 -34.60 11.79 -49.68
C HIS Q 8 -35.50 10.60 -49.92
N PRO Q 9 -35.59 10.13 -51.17
CA PRO Q 9 -36.35 8.90 -51.42
C PRO Q 9 -35.76 7.74 -50.63
N LEU Q 10 -36.63 6.94 -50.05
CA LEU Q 10 -36.16 5.85 -49.19
C LEU Q 10 -35.42 4.83 -50.03
N PRO Q 11 -34.16 4.52 -49.70
CA PRO Q 11 -33.40 3.59 -50.54
C PRO Q 11 -33.97 2.19 -50.48
N ASP Q 12 -34.13 1.57 -51.65
CA ASP Q 12 -34.63 0.20 -51.78
C ASP Q 12 -35.95 0.00 -51.02
N PHE Q 13 -36.91 0.89 -51.23
CA PHE Q 13 -38.17 0.81 -50.48
C PHE Q 13 -38.88 -0.52 -50.73
N VAL Q 14 -38.89 -0.98 -51.99
CA VAL Q 14 -39.66 -2.17 -52.33
C VAL Q 14 -39.18 -3.43 -51.62
N ARG Q 15 -37.88 -3.72 -51.63
CA ARG Q 15 -37.41 -4.95 -51.02
C ARG Q 15 -37.65 -4.97 -49.51
N GLY Q 16 -37.67 -3.79 -48.88
CA GLY Q 16 -38.17 -3.73 -47.52
C GLY Q 16 -39.65 -4.08 -47.46
N GLY Q 17 -40.07 -4.52 -46.28
CA GLY Q 17 -41.42 -5.07 -46.17
C GLY Q 17 -41.49 -6.51 -46.62
N PHE Q 18 -41.02 -6.79 -47.84
CA PHE Q 18 -40.83 -8.18 -48.24
C PHE Q 18 -39.91 -8.90 -47.25
N ASP Q 19 -39.00 -8.16 -46.63
CA ASP Q 19 -38.10 -8.71 -45.64
C ASP Q 19 -38.88 -9.17 -44.40
N TYR Q 20 -40.12 -8.72 -44.26
CA TYR Q 20 -40.95 -9.06 -43.11
C TYR Q 20 -41.82 -10.29 -43.35
N VAL Q 21 -41.69 -10.95 -44.50
CA VAL Q 21 -42.31 -12.25 -44.68
C VAL Q 21 -41.64 -13.19 -43.69
N PRO Q 22 -42.37 -13.91 -42.85
CA PRO Q 22 -41.75 -14.51 -41.66
C PRO Q 22 -40.59 -15.47 -41.94
N SER Q 23 -40.85 -16.57 -42.63
CA SER Q 23 -39.84 -17.62 -42.81
C SER Q 23 -39.88 -18.16 -44.23
N ASP Q 24 -39.99 -17.27 -45.22
CA ASP Q 24 -40.03 -17.67 -46.62
C ASP Q 24 -41.20 -18.63 -46.89
N ILE Q 25 -42.23 -18.58 -46.06
CA ILE Q 25 -43.37 -19.49 -46.19
C ILE Q 25 -44.05 -19.29 -47.54
N PHE Q 26 -44.25 -18.02 -47.92
CA PHE Q 26 -44.92 -17.70 -49.17
C PHE Q 26 -43.95 -17.48 -50.33
N SER Q 27 -42.68 -17.19 -50.04
CA SER Q 27 -41.74 -16.90 -51.10
C SER Q 27 -41.67 -18.06 -52.08
N GLY Q 28 -41.57 -17.74 -53.36
CA GLY Q 28 -41.53 -18.76 -54.39
C GLY Q 28 -42.90 -19.34 -54.73
N LYS Q 29 -43.98 -18.66 -54.35
CA LYS Q 29 -45.32 -19.11 -54.70
C LYS Q 29 -45.91 -18.29 -55.83
N GLU Q 30 -45.30 -17.16 -56.19
CA GLU Q 30 -45.64 -16.36 -57.36
C GLU Q 30 -47.12 -15.97 -57.43
N ASN Q 31 -47.89 -16.25 -56.38
CA ASN Q 31 -49.27 -15.79 -56.34
C ASN Q 31 -49.47 -14.73 -55.28
N PHE Q 32 -48.85 -14.90 -54.10
CA PHE Q 32 -48.94 -13.91 -53.05
C PHE Q 32 -48.00 -12.75 -53.32
N GLU Q 33 -46.84 -13.03 -53.92
CA GLU Q 33 -45.87 -11.97 -54.16
C GLU Q 33 -46.44 -10.89 -55.06
N GLN Q 34 -47.07 -11.28 -56.17
CA GLN Q 34 -47.61 -10.30 -57.10
C GLN Q 34 -48.67 -9.44 -56.42
N THR Q 35 -49.53 -10.06 -55.62
CA THR Q 35 -50.55 -9.29 -54.91
C THR Q 35 -49.91 -8.27 -53.97
N LEU Q 36 -48.88 -8.68 -53.24
CA LEU Q 36 -48.20 -7.75 -52.34
C LEU Q 36 -47.42 -6.70 -53.10
N ARG Q 37 -46.72 -7.12 -54.16
CA ARG Q 37 -45.92 -6.18 -54.94
C ARG Q 37 -46.78 -5.10 -55.56
N ILE Q 38 -47.94 -5.49 -56.10
CA ILE Q 38 -48.82 -4.52 -56.74
C ILE Q 38 -49.24 -3.43 -55.77
N LEU Q 39 -49.56 -3.81 -54.53
CA LEU Q 39 -49.97 -2.82 -53.54
C LEU Q 39 -48.79 -1.96 -53.11
N LEU Q 40 -47.66 -2.57 -52.79
CA LEU Q 40 -46.52 -1.81 -52.28
C LEU Q 40 -46.01 -0.83 -53.31
N GLU Q 41 -45.90 -1.26 -54.57
CA GLU Q 41 -45.36 -0.38 -55.60
C GLU Q 41 -46.18 0.89 -55.78
N ARG Q 42 -47.45 0.90 -55.38
CA ARG Q 42 -48.22 2.13 -55.41
C ARG Q 42 -47.63 3.16 -54.46
N LEU Q 43 -47.21 2.73 -53.27
CA LEU Q 43 -46.60 3.65 -52.33
C LEU Q 43 -45.30 4.22 -52.87
N GLU Q 44 -44.62 3.47 -53.75
CA GLU Q 44 -43.39 3.97 -54.36
C GLU Q 44 -43.64 5.31 -55.02
N PHE Q 45 -44.68 5.38 -55.85
CA PHE Q 45 -44.98 6.63 -56.55
C PHE Q 45 -45.27 7.75 -55.57
N ILE Q 46 -46.13 7.49 -54.58
CA ILE Q 46 -46.44 8.52 -53.60
C ILE Q 46 -45.19 8.92 -52.82
N ASP Q 47 -44.39 7.93 -52.42
CA ASP Q 47 -43.18 8.23 -51.67
C ASP Q 47 -42.25 9.13 -52.49
N GLN Q 48 -42.12 8.85 -53.79
CA GLN Q 48 -41.27 9.68 -54.63
C GLN Q 48 -41.76 11.11 -54.70
N LYS Q 49 -43.06 11.32 -54.94
CA LYS Q 49 -43.60 12.66 -55.08
C LYS Q 49 -43.58 13.45 -53.79
N MET Q 50 -43.41 12.80 -52.64
CA MET Q 50 -43.29 13.53 -51.38
C MET Q 50 -42.10 14.47 -51.40
N VAL Q 51 -41.05 14.11 -52.15
CA VAL Q 51 -39.85 14.93 -52.18
C VAL Q 51 -40.06 16.17 -53.03
N GLU Q 52 -40.52 15.98 -54.28
CA GLU Q 52 -40.72 17.12 -55.16
C GLU Q 52 -41.68 18.14 -54.55
N LEU Q 53 -42.64 17.67 -53.75
CA LEU Q 53 -43.53 18.60 -53.06
C LEU Q 53 -42.74 19.53 -52.13
N ALA Q 54 -41.56 19.11 -51.70
CA ALA Q 54 -40.67 19.94 -50.88
C ALA Q 54 -39.49 20.46 -51.69
N GLU Q 55 -38.90 19.61 -52.54
CA GLU Q 55 -37.74 20.03 -53.33
C GLU Q 55 -38.11 21.15 -54.28
N LEU Q 56 -39.19 20.97 -55.05
CA LEU Q 56 -39.53 21.94 -56.09
C LEU Q 56 -40.04 23.26 -55.55
N ARG Q 57 -40.42 23.34 -54.28
CA ARG Q 57 -40.92 24.59 -53.74
C ARG Q 57 -39.80 25.54 -53.32
N THR Q 58 -38.54 25.12 -53.37
CA THR Q 58 -37.43 26.00 -53.08
C THR Q 58 -37.25 27.00 -54.21
N THR Q 59 -36.81 28.20 -53.86
CA THR Q 59 -36.68 29.26 -54.85
C THR Q 59 -35.66 28.93 -55.94
N LEU Q 60 -34.66 28.11 -55.64
CA LEU Q 60 -33.65 27.79 -56.65
C LEU Q 60 -34.26 27.04 -57.84
N ASN Q 61 -35.14 26.08 -57.57
CA ASN Q 61 -35.70 25.23 -58.61
C ASN Q 61 -37.17 25.51 -58.91
N ALA Q 62 -37.81 26.43 -58.18
CA ALA Q 62 -39.22 26.68 -58.37
C ALA Q 62 -39.53 27.10 -59.80
N GLU Q 63 -40.51 26.47 -60.42
CA GLU Q 63 -40.93 26.83 -61.76
C GLU Q 63 -41.77 28.11 -61.72
N ASP Q 64 -41.86 28.78 -62.87
CA ASP Q 64 -42.58 30.04 -62.95
C ASP Q 64 -44.03 29.93 -62.48
N ALA Q 65 -44.69 28.80 -62.73
CA ALA Q 65 -46.08 28.66 -62.33
C ALA Q 65 -46.27 28.87 -60.83
N ILE Q 66 -45.29 28.47 -60.02
CA ILE Q 66 -45.36 28.65 -58.57
C ILE Q 66 -44.35 29.66 -58.06
N LEU Q 67 -43.28 29.95 -58.81
CA LEU Q 67 -42.33 30.96 -58.37
C LEU Q 67 -43.04 32.28 -58.10
N ASP Q 68 -44.08 32.57 -58.88
CA ASP Q 68 -44.89 33.76 -58.62
C ASP Q 68 -45.41 33.79 -57.19
N GLU Q 69 -45.81 32.63 -56.66
CA GLU Q 69 -46.28 32.59 -55.28
C GLU Q 69 -45.17 33.00 -54.32
N ILE Q 70 -43.95 32.50 -54.54
CA ILE Q 70 -42.83 32.89 -53.69
C ILE Q 70 -42.58 34.40 -53.80
N GLY Q 71 -42.57 34.92 -55.02
CA GLY Q 71 -42.37 36.35 -55.20
C GLY Q 71 -43.50 37.16 -54.59
N ARG Q 72 -44.72 36.64 -54.68
CA ARG Q 72 -45.87 37.38 -54.16
C ARG Q 72 -45.73 37.65 -52.67
N GLN Q 73 -45.29 36.64 -51.92
CA GLN Q 73 -45.10 36.83 -50.48
C GLN Q 73 -44.09 37.93 -50.18
N LEU Q 74 -43.13 38.14 -51.06
CA LEU Q 74 -42.08 39.14 -50.86
C LEU Q 74 -42.40 40.48 -51.51
N GLY Q 75 -43.52 40.59 -52.21
CA GLY Q 75 -43.88 41.82 -52.87
C GLY Q 75 -43.21 42.05 -54.22
N ILE Q 76 -42.46 41.08 -54.73
CA ILE Q 76 -41.76 41.22 -56.01
C ILE Q 76 -42.68 40.59 -57.06
N TYR Q 77 -43.39 41.45 -57.78
CA TYR Q 77 -44.32 40.97 -58.80
C TYR Q 77 -43.59 40.70 -60.12
N ARG Q 78 -44.18 39.81 -60.92
CA ARG Q 78 -43.55 39.41 -62.17
C ARG Q 78 -43.36 40.59 -63.11
N ASN Q 79 -44.40 41.43 -63.25
CA ASN Q 79 -44.41 42.52 -64.22
C ASN Q 79 -44.21 41.89 -65.60
N GLY Q 80 -43.22 42.30 -66.38
CA GLY Q 80 -42.94 41.69 -67.66
C GLY Q 80 -41.75 40.75 -67.67
N LEU Q 81 -41.20 40.41 -66.51
CA LEU Q 81 -40.00 39.57 -66.47
C LEU Q 81 -40.33 38.14 -66.89
N ASN Q 82 -39.33 37.47 -67.45
CA ASN Q 82 -39.44 36.06 -67.82
C ASN Q 82 -38.76 35.20 -66.75
N ASP Q 83 -38.99 33.89 -66.86
CA ASP Q 83 -38.58 32.99 -65.76
C ASP Q 83 -37.09 33.09 -65.46
N PRO Q 84 -36.17 32.98 -66.43
CA PRO Q 84 -34.75 32.91 -66.06
C PRO Q 84 -34.26 34.12 -65.29
N GLU Q 85 -34.72 35.32 -65.64
CA GLU Q 85 -34.28 36.51 -64.94
C GLU Q 85 -35.19 36.88 -63.78
N TYR Q 86 -36.46 36.47 -63.81
CA TYR Q 86 -37.31 36.68 -62.64
C TYR Q 86 -36.70 36.05 -61.41
N ARG Q 87 -36.05 34.91 -61.57
CA ARG Q 87 -35.31 34.31 -60.46
C ARG Q 87 -34.22 35.25 -59.97
N ALA Q 88 -33.50 35.89 -60.91
CA ALA Q 88 -32.39 36.76 -60.53
C ALA Q 88 -32.86 37.94 -59.70
N VAL Q 89 -33.91 38.63 -60.16
CA VAL Q 89 -34.38 39.81 -59.44
C VAL Q 89 -34.79 39.43 -58.02
N ILE Q 90 -35.44 38.28 -57.86
CA ILE Q 90 -35.86 37.85 -56.53
C ILE Q 90 -34.65 37.72 -55.61
N MET Q 91 -33.58 37.10 -56.12
CA MET Q 91 -32.36 36.98 -55.33
C MET Q 91 -31.76 38.35 -55.03
N ILE Q 92 -31.71 39.23 -56.04
CA ILE Q 92 -31.03 40.51 -55.86
C ILE Q 92 -31.73 41.34 -54.80
N LEU Q 93 -33.04 41.49 -54.91
CA LEU Q 93 -33.77 42.33 -53.95
C LEU Q 93 -33.67 41.76 -52.54
N THR Q 94 -33.83 40.45 -52.39
CA THR Q 94 -33.75 39.84 -51.07
C THR Q 94 -32.36 40.06 -50.47
N GLY Q 95 -31.31 39.89 -51.26
CA GLY Q 95 -29.97 40.08 -50.76
C GLY Q 95 -29.66 41.51 -50.37
N ASN Q 96 -30.46 42.47 -50.85
CA ASN Q 96 -30.19 43.87 -50.58
C ASN Q 96 -30.43 44.24 -49.11
N ASN Q 97 -31.17 43.42 -48.38
CA ASN Q 97 -31.60 43.76 -47.03
C ASN Q 97 -30.48 43.68 -46.00
N SER Q 98 -29.29 43.19 -46.38
CA SER Q 98 -28.18 43.07 -45.46
C SER Q 98 -26.92 43.60 -46.13
N LYS Q 99 -27.02 44.79 -46.71
CA LYS Q 99 -25.97 45.34 -47.55
C LYS Q 99 -25.63 46.75 -47.09
N SER Q 100 -24.46 47.22 -47.52
CA SER Q 100 -24.06 48.59 -47.21
C SER Q 100 -23.49 49.32 -48.41
N GLY Q 101 -23.49 48.73 -49.60
CA GLY Q 101 -23.04 49.41 -50.79
C GLY Q 101 -21.57 49.76 -50.79
N THR Q 102 -20.72 48.95 -50.19
CA THR Q 102 -19.29 49.18 -50.24
C THR Q 102 -18.70 48.58 -51.53
N ARG Q 103 -17.50 49.04 -51.88
CA ARG Q 103 -16.87 48.57 -53.10
C ARG Q 103 -16.72 47.06 -53.09
N ALA Q 104 -16.21 46.50 -51.99
CA ALA Q 104 -16.12 45.06 -51.88
C ALA Q 104 -17.51 44.41 -51.92
N ASP Q 105 -18.48 45.04 -51.28
CA ASP Q 105 -19.83 44.48 -51.26
C ASP Q 105 -20.45 44.47 -52.65
N ILE Q 106 -20.32 45.57 -53.41
CA ILE Q 106 -20.95 45.64 -54.72
C ILE Q 106 -20.41 44.56 -55.63
N ILE Q 107 -19.10 44.30 -55.57
CA ILE Q 107 -18.52 43.26 -56.41
C ILE Q 107 -19.17 41.92 -56.12
N ALA Q 108 -19.45 41.64 -54.85
CA ALA Q 108 -20.04 40.36 -54.48
C ALA Q 108 -21.40 40.14 -55.12
N THR Q 109 -22.27 41.14 -55.12
CA THR Q 109 -23.59 40.95 -55.70
C THR Q 109 -23.52 40.78 -57.21
N LEU Q 110 -22.68 41.56 -57.88
CA LEU Q 110 -22.52 41.40 -59.32
C LEU Q 110 -21.88 40.06 -59.66
N LYS Q 111 -21.19 39.45 -58.70
CA LYS Q 111 -20.51 38.19 -58.95
C LYS Q 111 -21.48 37.07 -59.31
N GLN Q 112 -22.68 37.08 -58.74
CA GLN Q 112 -23.65 36.01 -58.98
C GLN Q 112 -24.34 36.12 -60.33
N LEU Q 113 -24.18 37.24 -61.05
CA LEU Q 113 -24.87 37.44 -62.31
C LEU Q 113 -23.97 37.32 -63.53
N PHE Q 114 -22.64 37.37 -63.38
CA PHE Q 114 -21.76 37.36 -64.53
C PHE Q 114 -20.55 36.45 -64.35
N GLY Q 115 -20.65 35.40 -63.52
CA GLY Q 115 -19.52 34.53 -63.35
C GLY Q 115 -18.39 35.21 -62.59
N GLU Q 116 -17.20 34.63 -62.69
CA GLU Q 116 -16.05 35.14 -61.94
C GLU Q 116 -15.40 36.34 -62.60
N ASP Q 117 -15.10 36.26 -63.90
CA ASP Q 117 -14.38 37.32 -64.58
C ASP Q 117 -15.26 38.18 -65.48
N GLY Q 118 -16.58 38.01 -65.40
CA GLY Q 118 -17.47 38.71 -66.30
C GLY Q 118 -17.76 40.16 -65.95
N VAL Q 119 -17.25 40.67 -64.83
CA VAL Q 119 -17.59 42.02 -64.38
C VAL Q 119 -16.36 42.67 -63.78
N THR Q 120 -16.27 43.99 -63.96
CA THR Q 120 -15.23 44.81 -63.35
C THR Q 120 -15.82 46.19 -63.10
N THR Q 121 -15.20 46.93 -62.18
CA THR Q 121 -15.75 48.21 -61.72
C THR Q 121 -14.63 49.24 -61.60
N TYR Q 122 -14.74 50.32 -62.35
CA TYR Q 122 -13.86 51.47 -62.19
C TYR Q 122 -14.48 52.50 -61.26
N LYS Q 123 -13.62 53.30 -60.63
CA LYS Q 123 -14.05 54.29 -59.65
C LYS Q 123 -13.52 55.65 -60.05
N GLY Q 124 -14.28 56.70 -59.71
CA GLY Q 124 -13.90 58.06 -60.08
C GLY Q 124 -13.88 58.99 -58.89
N TYR Q 125 -13.25 60.16 -59.07
CA TYR Q 125 -13.02 61.06 -57.95
C TYR Q 125 -14.30 61.68 -57.41
N ASN Q 126 -15.15 62.22 -58.30
CA ASN Q 126 -16.35 62.93 -57.89
C ASN Q 126 -17.56 62.02 -58.05
N TYR Q 127 -17.69 61.07 -57.13
CA TYR Q 127 -18.85 60.19 -57.02
C TYR Q 127 -19.05 59.31 -58.25
N ARG Q 128 -18.12 59.34 -59.21
CA ARG Q 128 -18.28 58.55 -60.41
C ARG Q 128 -17.96 57.08 -60.15
N LEU Q 129 -18.83 56.21 -60.64
CA LEU Q 129 -18.61 54.77 -60.61
C LEU Q 129 -18.99 54.19 -61.96
N ASP Q 130 -18.29 53.13 -62.37
CA ASP Q 130 -18.50 52.50 -63.67
C ASP Q 130 -18.64 51.00 -63.49
N ILE Q 131 -19.50 50.40 -64.31
CA ILE Q 131 -19.73 48.96 -64.31
C ILE Q 131 -19.44 48.43 -65.70
N ASN Q 132 -18.68 47.35 -65.76
CA ASN Q 132 -18.28 46.71 -67.01
C ASN Q 132 -18.78 45.28 -67.00
N ILE Q 133 -19.34 44.82 -68.12
CA ILE Q 133 -19.89 43.48 -68.25
C ILE Q 133 -19.23 42.80 -69.44
N PHE Q 134 -18.81 41.54 -69.24
CA PHE Q 134 -18.12 40.79 -70.28
C PHE Q 134 -18.84 39.52 -70.69
N ASN Q 135 -19.58 38.86 -69.80
CA ASN Q 135 -20.17 37.57 -70.10
C ASN Q 135 -21.62 37.50 -69.66
N THR Q 136 -22.41 38.51 -70.01
CA THR Q 136 -23.82 38.51 -69.66
C THR Q 136 -24.53 37.32 -70.27
N CYS Q 137 -25.38 36.66 -69.48
CA CYS Q 137 -26.19 35.56 -69.93
C CYS Q 137 -27.68 35.89 -69.97
N MET Q 138 -28.05 37.12 -69.61
CA MET Q 138 -29.44 37.55 -69.63
C MET Q 138 -29.49 39.00 -70.11
N GLU Q 139 -30.66 39.39 -70.60
CA GLU Q 139 -30.84 40.76 -71.08
C GLU Q 139 -30.86 41.72 -69.89
N VAL Q 140 -30.08 42.80 -69.98
CA VAL Q 140 -29.76 43.60 -68.81
C VAL Q 140 -30.71 44.76 -68.57
N THR Q 141 -31.42 45.24 -69.60
CA THR Q 141 -32.23 46.44 -69.42
C THR Q 141 -33.30 46.24 -68.36
N ASP Q 142 -33.91 45.06 -68.34
CA ASP Q 142 -34.93 44.75 -67.35
C ASP Q 142 -34.34 44.54 -65.96
N ILE Q 143 -33.08 44.12 -65.87
CA ILE Q 143 -32.43 43.97 -64.57
C ILE Q 143 -31.89 45.30 -64.07
N LEU Q 144 -31.72 46.28 -64.97
CA LEU Q 144 -31.08 47.54 -64.60
C LEU Q 144 -31.71 48.22 -63.40
N PRO Q 145 -33.04 48.31 -63.27
CA PRO Q 145 -33.60 49.10 -62.16
C PRO Q 145 -33.08 48.68 -60.80
N GLU Q 146 -32.90 47.37 -60.57
CA GLU Q 146 -32.36 46.91 -59.31
C GLU Q 146 -30.89 47.29 -59.14
N ILE Q 147 -30.10 47.20 -60.21
CA ILE Q 147 -28.68 47.52 -60.13
C ILE Q 147 -28.43 48.92 -59.58
N ILE Q 148 -29.42 49.81 -59.69
CA ILE Q 148 -29.31 51.15 -59.11
C ILE Q 148 -29.60 51.12 -57.62
N ASP Q 149 -30.51 50.24 -57.19
CA ASP Q 149 -31.03 50.31 -55.84
C ASP Q 149 -29.98 50.03 -54.78
N MET Q 150 -29.03 49.14 -55.02
CA MET Q 150 -28.05 48.77 -54.00
C MET Q 150 -26.81 49.64 -54.03
N LEU Q 151 -26.93 50.89 -54.49
CA LEU Q 151 -25.82 51.82 -54.53
C LEU Q 151 -26.08 52.99 -53.59
N PRO Q 152 -25.02 53.67 -53.13
CA PRO Q 152 -25.23 54.79 -52.20
C PRO Q 152 -26.21 55.81 -52.75
N LEU Q 153 -26.67 56.69 -51.87
CA LEU Q 153 -27.73 57.64 -52.21
C LEU Q 153 -27.30 58.64 -53.26
N VAL Q 154 -25.98 58.80 -53.46
CA VAL Q 154 -25.45 59.87 -54.30
C VAL Q 154 -24.55 59.34 -55.41
N THR Q 155 -24.69 58.07 -55.78
CA THR Q 155 -23.81 57.49 -56.79
C THR Q 155 -24.08 58.11 -58.16
N HIS Q 156 -23.02 58.21 -58.96
CA HIS Q 156 -23.11 58.58 -60.36
C HIS Q 156 -22.59 57.41 -61.18
N LEU Q 157 -23.46 56.82 -61.99
CA LEU Q 157 -23.21 55.49 -62.54
C LEU Q 157 -23.24 55.51 -64.07
N ARG Q 158 -22.31 54.75 -64.66
CA ARG Q 158 -22.34 54.42 -66.08
C ARG Q 158 -22.38 52.91 -66.25
N VAL Q 159 -23.09 52.46 -67.28
CA VAL Q 159 -23.26 51.04 -67.56
C VAL Q 159 -22.86 50.78 -69.01
N VAL Q 160 -21.91 49.87 -69.19
CA VAL Q 160 -21.46 49.46 -70.51
C VAL Q 160 -21.33 47.95 -70.54
N GLU Q 161 -21.88 47.33 -71.58
CA GLU Q 161 -21.91 45.88 -71.69
C GLU Q 161 -21.32 45.47 -73.03
N ASN Q 162 -20.50 44.42 -73.00
CA ASN Q 162 -19.90 43.88 -74.21
C ASN Q 162 -19.58 42.41 -73.96
N GLN Q 163 -19.39 41.67 -75.05
CA GLN Q 163 -19.06 40.25 -74.98
C GLN Q 163 -17.54 40.09 -75.02
N GLY Q 164 -16.99 39.42 -74.02
CA GLY Q 164 -15.56 39.24 -73.93
C GLY Q 164 -14.86 40.50 -73.47
N TYR Q 165 -13.52 40.49 -73.48
CA TYR Q 165 -12.75 41.66 -73.06
C TYR Q 165 -12.76 42.73 -74.14
N GLU R 3 -48.43 10.59 -63.70
CA GLU R 3 -47.51 11.70 -63.83
C GLU R 3 -48.25 13.02 -63.63
N ASN R 4 -49.55 13.01 -63.90
CA ASN R 4 -50.38 14.20 -63.79
C ASN R 4 -50.85 14.47 -62.37
N TYR R 5 -50.13 13.95 -61.37
CA TYR R 5 -50.55 14.05 -59.97
C TYR R 5 -49.45 14.72 -59.16
N GLY R 6 -49.85 15.54 -58.20
CA GLY R 6 -48.91 16.25 -57.36
C GLY R 6 -48.57 17.62 -57.91
N LEU R 7 -47.51 18.20 -57.35
CA LEU R 7 -47.04 19.50 -57.81
C LEU R 7 -46.61 19.40 -59.27
N THR R 8 -47.06 20.37 -60.07
CA THR R 8 -46.79 20.36 -61.50
C THR R 8 -46.40 21.71 -62.07
N GLY R 9 -46.12 22.71 -61.24
CA GLY R 9 -45.75 24.02 -61.74
C GLY R 9 -46.96 24.87 -62.06
N SER R 10 -47.89 24.32 -62.84
CA SER R 10 -49.15 25.02 -63.09
C SER R 10 -50.06 25.01 -61.88
N GLY R 11 -49.78 24.17 -60.89
CA GLY R 11 -50.63 24.08 -59.71
C GLY R 11 -50.43 22.76 -59.01
N PHE R 12 -51.44 22.36 -58.25
CA PHE R 12 -51.46 21.08 -57.57
C PHE R 12 -52.70 20.30 -57.97
N ASN R 13 -52.50 19.04 -58.36
CA ASN R 13 -53.57 18.19 -58.85
C ASN R 13 -53.80 17.04 -57.89
N LEU R 14 -55.06 16.81 -57.54
CA LEU R 14 -55.44 15.75 -56.62
C LEU R 14 -56.33 14.74 -57.33
N PRO R 15 -55.99 13.45 -57.31
CA PRO R 15 -56.83 12.45 -57.97
C PRO R 15 -58.07 12.15 -57.13
N PRO R 16 -59.23 11.99 -57.77
CA PRO R 16 -60.43 11.63 -56.99
C PRO R 16 -60.38 10.20 -56.49
N MET R 17 -61.38 9.80 -55.69
CA MET R 17 -61.41 8.44 -55.17
C MET R 17 -61.56 7.41 -56.29
N ASP R 18 -62.44 7.67 -57.24
CA ASP R 18 -62.79 6.66 -58.22
C ASP R 18 -61.60 6.24 -59.07
N ASP R 19 -60.82 7.19 -59.58
CA ASP R 19 -59.78 6.83 -60.54
C ASP R 19 -58.76 5.88 -59.92
N LEU R 20 -58.29 6.17 -58.70
CA LEU R 20 -57.25 5.36 -58.09
C LEU R 20 -57.62 3.88 -58.13
N VAL R 21 -58.90 3.59 -57.92
CA VAL R 21 -59.37 2.20 -58.03
C VAL R 21 -59.18 1.69 -59.45
N GLN R 22 -59.42 2.55 -60.44
CA GLN R 22 -59.50 2.08 -61.82
C GLN R 22 -58.17 1.48 -62.27
N GLU R 23 -57.07 2.23 -62.13
CA GLU R 23 -55.80 1.67 -62.58
C GLU R 23 -55.28 0.59 -61.64
N THR R 24 -55.61 0.67 -60.35
CA THR R 24 -55.22 -0.40 -59.44
C THR R 24 -55.82 -1.73 -59.86
N LYS R 25 -57.10 -1.72 -60.23
CA LYS R 25 -57.73 -2.92 -60.77
C LYS R 25 -57.11 -3.29 -62.12
N LYS R 26 -56.86 -2.28 -62.95
CA LYS R 26 -56.32 -2.56 -64.28
C LYS R 26 -54.96 -3.26 -64.19
N THR R 27 -54.02 -2.67 -63.44
CA THR R 27 -52.73 -3.31 -63.27
C THR R 27 -52.89 -4.64 -62.55
N PHE R 28 -53.75 -4.68 -61.53
CA PHE R 28 -53.99 -5.93 -60.83
C PHE R 28 -54.56 -6.99 -61.77
N LYS R 29 -55.46 -6.58 -62.66
CA LYS R 29 -55.97 -7.50 -63.67
C LYS R 29 -54.88 -7.96 -64.62
N SER R 30 -53.95 -7.07 -64.95
CA SER R 30 -52.90 -7.43 -65.91
C SER R 30 -52.07 -8.61 -65.45
N ALA R 31 -51.97 -8.84 -64.14
CA ALA R 31 -51.14 -9.91 -63.63
C ALA R 31 -51.86 -11.25 -63.61
N PHE R 32 -53.16 -11.29 -63.94
CA PHE R 32 -53.91 -12.53 -63.90
C PHE R 32 -54.88 -12.70 -65.05
N GLY R 33 -54.91 -11.79 -66.02
CA GLY R 33 -55.78 -11.92 -67.17
C GLY R 33 -57.17 -11.36 -66.95
N GLU R 34 -57.92 -11.28 -68.03
CA GLU R 34 -59.25 -10.70 -67.98
C GLU R 34 -60.19 -11.54 -67.14
N ASP R 35 -60.12 -12.86 -67.27
CA ASP R 35 -61.05 -13.76 -66.58
C ASP R 35 -60.68 -13.78 -65.11
N PHE R 36 -61.00 -12.68 -64.44
CA PHE R 36 -60.72 -12.54 -63.01
C PHE R 36 -61.80 -11.63 -62.42
N ASN R 37 -62.69 -12.21 -61.62
CA ASN R 37 -63.81 -11.46 -61.10
C ASN R 37 -63.33 -10.27 -60.28
N THR R 38 -63.83 -9.08 -60.63
CA THR R 38 -63.55 -7.88 -59.86
C THR R 38 -64.79 -6.99 -59.77
N GLU R 39 -65.97 -7.59 -59.93
CA GLU R 39 -67.21 -6.83 -59.92
C GLU R 39 -67.63 -6.50 -58.50
N SER R 40 -68.71 -5.74 -58.39
CA SER R 40 -69.15 -5.21 -57.10
C SER R 40 -69.42 -6.32 -56.10
N ASN R 41 -69.01 -6.07 -54.85
CA ASN R 41 -69.27 -6.98 -53.73
C ASN R 41 -68.43 -8.24 -53.81
N SER R 42 -67.59 -8.36 -54.84
CA SER R 42 -66.67 -9.49 -54.91
C SER R 42 -65.61 -9.35 -53.82
N VAL R 43 -65.12 -10.49 -53.33
CA VAL R 43 -64.15 -10.46 -52.26
C VAL R 43 -62.91 -9.67 -52.66
N ALA R 44 -62.43 -9.87 -53.88
CA ALA R 44 -61.25 -9.14 -54.34
C ALA R 44 -61.51 -7.65 -54.36
N ASP R 45 -62.66 -7.23 -54.89
CA ASP R 45 -62.97 -5.81 -54.95
C ASP R 45 -63.06 -5.21 -53.55
N LYS R 46 -63.69 -5.93 -52.62
CA LYS R 46 -63.78 -5.42 -51.25
C LYS R 46 -62.40 -5.13 -50.68
N LEU R 47 -61.45 -6.04 -50.90
CA LEU R 47 -60.10 -5.84 -50.39
C LEU R 47 -59.46 -4.62 -51.02
N ILE R 48 -59.63 -4.44 -52.34
CA ILE R 48 -59.00 -3.32 -53.02
C ILE R 48 -59.49 -2.00 -52.45
N GLN R 49 -60.80 -1.90 -52.19
CA GLN R 49 -61.36 -0.65 -51.71
C GLN R 49 -60.73 -0.23 -50.39
N ILE R 50 -60.51 -1.19 -49.49
CA ILE R 50 -59.96 -0.83 -48.18
C ILE R 50 -58.59 -0.19 -48.31
N PHE R 51 -57.72 -0.79 -49.13
CA PHE R 51 -56.36 -0.28 -49.26
C PHE R 51 -56.33 1.07 -49.95
N ASN R 52 -57.11 1.23 -51.02
CA ASN R 52 -57.14 2.51 -51.73
C ASN R 52 -57.65 3.64 -50.85
N GLU R 53 -58.69 3.38 -50.04
CA GLU R 53 -59.20 4.42 -49.16
C GLU R 53 -58.12 4.87 -48.18
N ARG R 54 -57.40 3.90 -47.59
CA ARG R 54 -56.29 4.27 -46.72
C ARG R 54 -55.21 5.03 -47.46
N GLU R 55 -54.96 4.67 -48.73
CA GLU R 55 -53.98 5.37 -49.53
C GLU R 55 -54.47 6.75 -49.93
N TYR R 56 -55.79 6.89 -50.17
CA TYR R 56 -56.32 8.14 -50.67
C TYR R 56 -56.07 9.27 -49.67
N GLN R 57 -56.18 8.97 -48.37
CA GLN R 57 -55.96 10.00 -47.36
C GLN R 57 -54.58 10.64 -47.52
N LEU R 58 -53.60 9.88 -48.00
CA LEU R 58 -52.26 10.44 -48.17
C LEU R 58 -52.28 11.56 -49.19
N TRP R 59 -52.96 11.37 -50.32
CA TRP R 59 -53.07 12.45 -51.30
C TRP R 59 -53.78 13.65 -50.71
N LEU R 60 -54.88 13.42 -49.98
CA LEU R 60 -55.61 14.53 -49.40
C LEU R 60 -54.76 15.29 -48.40
N LEU R 61 -53.98 14.56 -47.59
CA LEU R 61 -53.10 15.22 -46.64
C LEU R 61 -52.07 16.09 -47.35
N MET R 62 -51.49 15.57 -48.43
CA MET R 62 -50.50 16.35 -49.17
C MET R 62 -51.11 17.64 -49.72
N GLY R 63 -52.31 17.54 -50.31
CA GLY R 63 -52.96 18.74 -50.82
C GLY R 63 -53.24 19.75 -49.73
N SER R 64 -53.68 19.29 -48.56
CA SER R 64 -53.94 20.20 -47.47
C SER R 64 -52.66 20.89 -47.02
N VAL R 65 -51.56 20.15 -46.94
CA VAL R 65 -50.30 20.77 -46.52
C VAL R 65 -49.88 21.86 -47.48
N TYR R 66 -49.95 21.60 -48.78
CA TYR R 66 -49.59 22.62 -49.76
C TYR R 66 -50.50 23.83 -49.64
N TYR R 67 -51.81 23.60 -49.56
CA TYR R 67 -52.74 24.71 -49.47
C TYR R 67 -52.57 25.48 -48.16
N ALA R 68 -52.30 24.76 -47.08
CA ALA R 68 -52.14 25.43 -45.79
C ALA R 68 -50.99 26.41 -45.78
N GLN R 69 -49.96 26.19 -46.61
CA GLN R 69 -48.78 27.04 -46.62
C GLN R 69 -48.84 28.16 -47.65
N THR R 70 -49.87 28.21 -48.48
CA THR R 70 -49.98 29.32 -49.43
C THR R 70 -50.60 30.53 -48.74
N MET R 71 -50.35 31.70 -49.33
CA MET R 71 -50.85 32.94 -48.73
C MET R 71 -52.37 32.95 -48.68
N GLN R 72 -53.02 32.49 -49.75
CA GLN R 72 -54.48 32.55 -49.79
C GLN R 72 -55.10 31.67 -48.71
N GLY R 73 -54.55 30.49 -48.47
CA GLY R 73 -55.12 29.55 -47.53
C GLY R 73 -54.63 29.66 -46.11
N ALA R 74 -53.92 30.73 -45.78
CA ALA R 74 -53.35 30.91 -44.44
C ALA R 74 -54.46 31.31 -43.48
N GLU R 75 -54.63 30.53 -42.42
CA GLU R 75 -55.66 30.79 -41.42
C GLU R 75 -55.14 30.48 -40.02
N GLY R 76 -55.52 31.32 -39.07
CA GLY R 76 -55.20 31.04 -37.67
C GLY R 76 -53.72 30.89 -37.44
N ILE R 77 -53.35 29.85 -36.70
CA ILE R 77 -51.94 29.61 -36.37
C ILE R 77 -51.12 29.46 -37.63
N TYR R 78 -51.65 28.75 -38.63
CA TYR R 78 -50.90 28.56 -39.87
C TYR R 78 -50.51 29.90 -40.49
N LEU R 79 -51.35 30.92 -40.34
CA LEU R 79 -50.97 32.24 -40.79
C LEU R 79 -49.76 32.76 -40.04
N ASP R 80 -49.71 32.52 -38.73
CA ASP R 80 -48.59 33.00 -37.93
C ASP R 80 -47.28 32.38 -38.41
N ASP R 81 -47.30 31.09 -38.73
CA ASP R 81 -46.07 30.42 -39.18
C ASP R 81 -45.56 31.02 -40.48
N LEU R 82 -46.45 31.24 -41.44
CA LEU R 82 -46.02 31.71 -42.76
C LEU R 82 -45.36 33.08 -42.66
N LEU R 83 -46.02 34.05 -42.04
CA LEU R 83 -45.40 35.36 -41.88
C LEU R 83 -44.30 35.32 -40.83
N GLY R 84 -44.31 34.33 -39.94
CA GLY R 84 -43.19 34.13 -39.06
C GLY R 84 -41.91 33.81 -39.81
N LYS R 85 -42.05 33.09 -40.93
CA LYS R 85 -40.87 32.77 -41.74
C LYS R 85 -40.17 34.04 -42.20
N ARG R 86 -40.91 35.14 -42.31
CA ARG R 86 -40.34 36.43 -42.70
C ARG R 86 -39.63 37.14 -41.54
N GLY R 87 -39.77 36.63 -40.31
CA GLY R 87 -39.10 37.21 -39.17
C GLY R 87 -39.92 38.19 -38.36
N ILE R 88 -41.24 38.24 -38.58
CA ILE R 88 -42.12 39.15 -37.84
C ILE R 88 -43.24 38.32 -37.21
N TYR R 89 -43.76 38.83 -36.10
CA TYR R 89 -44.76 38.13 -35.30
C TYR R 89 -45.89 39.07 -34.92
N ARG R 90 -47.07 38.50 -34.70
CA ARG R 90 -48.22 39.31 -34.35
C ARG R 90 -48.03 39.94 -32.97
N LEU R 91 -48.68 41.08 -32.76
CA LEU R 91 -48.58 41.80 -31.50
C LEU R 91 -49.48 41.16 -30.46
N GLY R 92 -49.35 41.65 -29.22
CA GLY R 92 -50.13 41.16 -28.11
C GLY R 92 -50.87 42.29 -27.41
N LYS R 93 -51.28 42.00 -26.17
CA LYS R 93 -51.99 42.98 -25.36
C LYS R 93 -51.18 44.27 -25.26
N THR R 94 -51.73 45.36 -25.78
CA THR R 94 -51.06 46.64 -25.84
C THR R 94 -51.70 47.60 -24.82
N ARG R 95 -50.90 48.57 -24.36
CA ARG R 95 -51.27 49.42 -23.25
C ARG R 95 -51.43 50.87 -23.71
N SER R 96 -52.29 51.60 -23.01
CA SER R 96 -52.58 52.99 -23.38
C SER R 96 -51.50 53.93 -22.88
N THR R 97 -51.38 55.08 -23.54
CA THR R 97 -50.46 56.13 -23.15
C THR R 97 -51.21 57.45 -23.02
N GLY R 98 -51.01 58.15 -21.91
CA GLY R 98 -51.71 59.39 -21.66
C GLY R 98 -50.77 60.56 -21.37
N THR R 99 -51.31 61.64 -20.81
CA THR R 99 -50.53 62.82 -20.49
C THR R 99 -51.08 63.48 -19.23
N VAL R 100 -50.18 64.02 -18.43
CA VAL R 100 -50.57 64.71 -17.19
C VAL R 100 -51.50 65.87 -17.51
N ASP R 124 -56.14 52.70 -12.13
CA ASP R 124 -56.23 52.22 -13.51
C ASP R 124 -55.00 52.64 -14.30
N TYR R 125 -54.45 53.79 -13.97
CA TYR R 125 -53.29 54.35 -14.67
C TYR R 125 -52.19 54.65 -13.68
N GLU R 126 -50.97 54.78 -14.20
CA GLU R 126 -49.83 55.12 -13.37
C GLU R 126 -48.85 55.94 -14.20
N LEU R 127 -47.99 56.68 -13.51
CA LEU R 127 -46.99 57.50 -14.20
C LEU R 127 -45.95 56.60 -14.86
N SER R 128 -45.55 56.98 -16.08
CA SER R 128 -44.59 56.21 -16.84
C SER R 128 -43.16 56.36 -16.31
N SER R 129 -42.83 57.48 -15.69
CA SER R 129 -41.50 57.68 -15.13
C SER R 129 -41.57 58.83 -14.13
N ASP R 130 -40.50 58.97 -13.35
CA ASP R 130 -40.44 60.02 -12.36
C ASP R 130 -40.50 61.39 -13.03
N VAL R 131 -41.06 62.37 -12.31
CA VAL R 131 -41.23 63.71 -12.83
C VAL R 131 -40.74 64.71 -11.79
N GLN R 132 -40.47 65.92 -12.25
CA GLN R 132 -39.99 66.99 -11.38
C GLN R 132 -40.34 68.32 -12.02
N VAL R 133 -39.99 69.40 -11.33
CA VAL R 133 -40.26 70.75 -11.81
C VAL R 133 -39.76 70.92 -13.23
N ASP R 244 -44.44 59.63 -18.81
CA ASP R 244 -45.55 60.57 -18.64
C ASP R 244 -46.71 59.91 -17.90
N VAL R 245 -47.56 59.20 -18.64
CA VAL R 245 -48.66 58.45 -18.05
C VAL R 245 -48.76 57.11 -18.77
N ARG R 246 -48.89 56.05 -17.98
CA ARG R 246 -48.92 54.69 -18.50
C ARG R 246 -50.07 53.94 -17.84
N SER R 247 -50.74 53.11 -18.64
CA SER R 247 -51.86 52.34 -18.12
C SER R 247 -51.36 51.16 -17.28
N ILE R 248 -52.05 50.91 -16.17
CA ILE R 248 -51.71 49.78 -15.33
C ILE R 248 -52.26 48.48 -15.91
N GLU R 249 -53.47 48.54 -16.48
CA GLU R 249 -54.09 47.35 -17.01
C GLU R 249 -53.33 46.84 -18.22
N PRO R 250 -53.38 45.54 -18.48
CA PRO R 250 -52.55 44.98 -19.56
C PRO R 250 -53.03 45.32 -20.97
N GLY R 251 -54.28 45.74 -21.12
CA GLY R 251 -54.84 45.86 -22.46
C GLY R 251 -56.02 46.79 -22.59
N TYR R 252 -57.04 46.34 -23.34
CA TYR R 252 -58.20 47.16 -23.69
C TYR R 252 -58.66 48.03 -22.54
N ILE R 253 -58.85 49.32 -22.80
CA ILE R 253 -59.38 50.22 -21.79
C ILE R 253 -60.14 51.35 -22.49
N ARG R 255 -62.66 56.23 -18.76
CA ARG R 255 -61.48 56.91 -18.25
C ARG R 255 -60.57 57.28 -19.42
N ASP R 256 -61.17 57.54 -20.57
CA ASP R 256 -60.41 57.78 -21.79
C ASP R 256 -61.01 58.92 -22.60
N VAL R 257 -61.42 59.99 -21.91
CA VAL R 257 -62.09 61.12 -22.55
C VAL R 257 -61.40 62.40 -22.12
N HIS R 258 -61.55 63.45 -22.93
CA HIS R 258 -60.96 64.74 -22.62
C HIS R 258 -61.54 65.30 -21.33
N SER R 259 -60.68 65.92 -20.52
CA SER R 259 -61.11 66.69 -19.35
C SER R 259 -61.98 65.86 -18.41
N VAL R 260 -61.49 64.68 -18.01
CA VAL R 260 -62.18 63.88 -17.01
C VAL R 260 -61.70 64.28 -15.63
N PHE R 279 -54.02 59.45 -24.56
CA PHE R 279 -54.78 58.22 -24.33
C PHE R 279 -54.99 57.46 -25.63
N ILE R 280 -54.56 56.21 -25.65
CA ILE R 280 -54.74 55.34 -26.81
C ILE R 280 -55.44 54.07 -26.35
N ASP R 281 -56.66 53.84 -26.83
CA ASP R 281 -57.50 52.77 -26.32
C ASP R 281 -57.43 51.54 -27.22
N GLY R 282 -58.08 50.48 -26.76
CA GLY R 282 -58.18 49.27 -27.58
C GLY R 282 -56.88 48.52 -27.60
N SER R 283 -56.58 47.90 -28.75
CA SER R 283 -55.31 47.22 -28.97
C SER R 283 -55.16 46.00 -28.06
N ASP R 284 -56.16 45.11 -28.12
CA ASP R 284 -56.11 43.88 -27.33
C ASP R 284 -55.30 42.81 -28.06
N VAL R 285 -55.74 42.42 -29.25
CA VAL R 285 -55.07 41.38 -30.03
C VAL R 285 -55.03 41.82 -31.48
N GLU R 286 -53.89 41.58 -32.11
CA GLU R 286 -53.68 42.08 -33.46
C GLU R 286 -54.18 41.06 -34.48
N SER R 287 -55.34 41.35 -35.06
CA SER R 287 -56.06 40.35 -35.85
C SER R 287 -55.42 40.15 -37.21
N ASP R 288 -55.83 39.08 -37.88
CA ASP R 288 -55.19 38.62 -39.10
C ASP R 288 -55.25 39.69 -40.19
N ASN R 289 -56.39 40.33 -40.37
CA ASN R 289 -56.54 41.28 -41.47
C ASN R 289 -55.49 42.39 -41.40
N GLU R 290 -55.39 43.05 -40.25
CA GLU R 290 -54.33 44.03 -40.08
C GLU R 290 -52.96 43.37 -39.99
N TYR R 291 -52.92 42.11 -39.53
CA TYR R 291 -51.66 41.38 -39.49
C TYR R 291 -51.11 41.18 -40.90
N ARG R 292 -51.99 40.85 -41.85
CA ARG R 292 -51.58 40.81 -43.25
C ARG R 292 -51.09 42.18 -43.70
N ILE R 293 -51.79 43.24 -43.31
CA ILE R 293 -51.39 44.59 -43.71
C ILE R 293 -50.02 44.92 -43.15
N ARG R 294 -49.79 44.64 -41.87
CA ARG R 294 -48.51 44.98 -41.26
C ARG R 294 -47.36 44.24 -41.93
N ALA R 295 -47.64 43.08 -42.53
CA ALA R 295 -46.60 42.32 -43.22
C ALA R 295 -46.15 43.00 -44.51
N ALA R 296 -46.92 43.97 -45.01
CA ALA R 296 -46.56 44.63 -46.25
C ALA R 296 -45.24 45.38 -46.15
N THR R 297 -44.84 45.78 -44.94
CA THR R 297 -43.58 46.50 -44.78
C THR R 297 -42.41 45.54 -44.99
N SER R 298 -41.20 46.11 -44.91
CA SER R 298 -39.97 45.34 -45.04
C SER R 298 -39.00 45.80 -43.98
N ILE R 299 -38.09 44.90 -43.61
CA ILE R 299 -37.07 45.18 -42.61
C ILE R 299 -35.73 44.65 -43.09
N SER R 300 -34.68 45.44 -42.85
CA SER R 300 -33.33 45.04 -43.22
C SER R 300 -32.34 45.83 -42.38
N GLU R 301 -31.12 45.30 -42.28
CA GLU R 301 -30.05 45.94 -41.54
C GLU R 301 -29.17 46.80 -42.43
N GLY R 302 -29.49 46.94 -43.71
CA GLY R 302 -28.65 47.69 -44.61
C GLY R 302 -28.62 49.17 -44.29
N LYS R 303 -27.65 49.85 -44.89
CA LYS R 303 -27.45 51.28 -44.68
C LYS R 303 -26.99 51.94 -45.98
N ALA R 304 -27.22 53.25 -46.05
CA ALA R 304 -26.69 54.07 -47.14
C ALA R 304 -27.39 53.81 -48.47
N THR R 305 -28.40 52.96 -48.47
CA THR R 305 -29.15 52.68 -49.69
C THR R 305 -30.62 53.05 -49.51
N ARG R 306 -31.27 53.38 -50.63
CA ARG R 306 -32.64 53.88 -50.60
C ARG R 306 -33.60 52.98 -49.82
N PRO R 307 -33.66 51.67 -50.06
CA PRO R 307 -34.53 50.83 -49.23
C PRO R 307 -34.17 50.88 -47.75
N ALA R 308 -32.88 50.98 -47.43
CA ALA R 308 -32.46 51.02 -46.03
C ALA R 308 -33.03 52.25 -45.33
N ILE R 309 -32.94 53.41 -45.98
CA ILE R 309 -33.44 54.64 -45.38
C ILE R 309 -34.93 54.51 -45.09
N LEU R 310 -35.68 54.00 -46.06
CA LEU R 310 -37.12 53.84 -45.87
C LEU R 310 -37.41 52.87 -44.75
N ALA R 311 -36.70 51.74 -44.72
CA ALA R 311 -36.98 50.72 -43.71
C ALA R 311 -36.75 51.25 -42.31
N ALA R 312 -35.61 51.93 -42.09
CA ALA R 312 -35.29 52.41 -40.75
C ALA R 312 -36.32 53.42 -40.26
N LEU R 313 -36.72 54.35 -41.12
CA LEU R 313 -37.62 55.41 -40.70
C LEU R 313 -38.96 54.84 -40.23
N LEU R 314 -39.50 53.88 -40.98
CA LEU R 314 -40.80 53.31 -40.64
C LEU R 314 -40.76 52.46 -39.38
N ASN R 315 -39.57 52.13 -38.86
CA ASN R 315 -39.46 51.30 -37.68
C ASN R 315 -39.03 52.06 -36.43
N LYS R 316 -38.30 53.16 -36.58
CA LYS R 316 -37.77 53.91 -35.44
C LYS R 316 -38.50 55.22 -35.19
N VAL R 317 -38.76 56.00 -36.22
CA VAL R 317 -39.40 57.30 -36.04
C VAL R 317 -40.84 57.07 -35.59
N GLU R 318 -41.16 57.54 -34.39
CA GLU R 318 -42.51 57.39 -33.87
C GLU R 318 -43.48 58.29 -34.65
N GLY R 319 -44.68 57.77 -34.89
CA GLY R 319 -45.71 58.55 -35.54
C GLY R 319 -45.55 58.72 -37.04
N ILE R 320 -44.60 58.01 -37.65
CA ILE R 320 -44.39 58.10 -39.08
C ILE R 320 -45.47 57.27 -39.78
N GLU R 321 -45.99 57.80 -40.89
CA GLU R 321 -47.06 57.15 -41.63
C GLU R 321 -46.70 56.92 -43.10
N LYS R 322 -45.97 57.85 -43.71
CA LYS R 322 -45.55 57.70 -45.09
C LYS R 322 -44.23 58.41 -45.29
N VAL R 323 -43.52 58.02 -46.34
CA VAL R 323 -42.22 58.59 -46.65
C VAL R 323 -41.87 58.29 -48.10
N ARG R 324 -41.13 59.21 -48.72
CA ARG R 324 -40.62 59.00 -50.06
C ARG R 324 -39.33 59.79 -50.21
N ILE R 325 -38.49 59.35 -51.16
CA ILE R 325 -37.20 59.98 -51.40
C ILE R 325 -37.07 60.28 -52.88
N PHE R 326 -36.55 61.47 -53.17
CA PHE R 326 -36.27 61.90 -54.54
C PHE R 326 -34.77 62.06 -54.70
N ASN R 327 -34.25 61.61 -55.83
CA ASN R 327 -32.82 61.57 -56.08
C ASN R 327 -32.45 62.44 -57.28
N ASN R 328 -31.35 63.19 -57.11
CA ASN R 328 -30.73 63.95 -58.20
C ASN R 328 -29.24 63.63 -58.20
N ASN R 329 -28.89 62.51 -58.83
CA ASN R 329 -27.49 62.09 -58.96
C ASN R 329 -26.88 62.51 -60.29
N THR R 330 -26.86 63.81 -60.58
CA THR R 330 -26.33 64.32 -61.82
C THR R 330 -25.48 65.56 -61.53
N ASP R 331 -25.03 66.20 -62.60
CA ASP R 331 -24.15 67.36 -62.46
C ASP R 331 -24.92 68.66 -62.32
N LYS R 332 -26.14 68.72 -62.86
CA LYS R 332 -26.88 69.97 -62.94
C LYS R 332 -28.25 69.79 -62.31
N THR R 333 -28.80 70.89 -61.79
CA THR R 333 -30.04 70.83 -61.04
C THR R 333 -31.15 70.18 -61.84
N ASN R 334 -31.90 69.30 -61.18
CA ASN R 334 -32.97 68.56 -61.84
C ASN R 334 -34.18 69.46 -62.08
N SER R 335 -35.26 68.85 -62.58
CA SER R 335 -36.49 69.58 -62.84
C SER R 335 -37.18 69.98 -61.54
N LEU R 336 -36.76 69.38 -60.42
CA LEU R 336 -37.33 69.68 -59.12
C LEU R 336 -36.46 70.66 -58.33
N GLY R 337 -35.44 71.23 -58.97
CA GLY R 337 -34.62 72.22 -58.33
C GLY R 337 -33.64 71.70 -57.30
N ILE R 338 -33.46 70.39 -57.20
CA ILE R 338 -32.53 69.81 -56.24
C ILE R 338 -31.11 70.19 -56.65
N PRO R 339 -30.28 70.70 -55.75
CA PRO R 339 -28.90 71.01 -56.12
C PRO R 339 -28.18 69.75 -56.57
N PRO R 340 -27.21 69.86 -57.48
CA PRO R 340 -26.55 68.68 -58.00
C PRO R 340 -25.84 67.88 -56.92
N TYR R 341 -25.81 66.57 -57.09
CA TYR R 341 -25.18 65.66 -56.13
C TYR R 341 -25.77 65.84 -54.74
N ARG R 342 -27.10 65.86 -54.66
CA ARG R 342 -27.80 65.89 -53.39
C ARG R 342 -29.16 65.23 -53.58
N PHE R 343 -29.74 64.78 -52.48
CA PHE R 343 -31.02 64.10 -52.49
C PHE R 343 -31.90 64.67 -51.39
N MET R 344 -33.21 64.57 -51.60
CA MET R 344 -34.20 65.17 -50.71
C MET R 344 -35.07 64.07 -50.12
N VAL R 345 -35.45 64.24 -48.85
CA VAL R 345 -36.32 63.30 -48.16
C VAL R 345 -37.56 64.06 -47.70
N VAL R 346 -38.73 63.54 -48.04
CA VAL R 346 -40.01 64.12 -47.65
C VAL R 346 -40.79 63.08 -46.87
N CYS R 347 -41.34 63.49 -45.73
CA CYS R 347 -42.06 62.58 -44.86
C CYS R 347 -43.37 63.23 -44.41
N TYR R 348 -44.28 62.39 -43.94
CA TYR R 348 -45.59 62.84 -43.46
C TYR R 348 -45.76 62.36 -42.02
N GLY R 349 -46.04 63.30 -41.13
CA GLY R 349 -46.10 62.99 -39.73
C GLY R 349 -44.71 62.91 -39.11
N GLY R 350 -44.68 62.48 -37.85
CA GLY R 350 -43.42 62.28 -37.15
C GLY R 350 -42.83 63.57 -36.61
N GLY R 351 -41.80 63.46 -35.78
CA GLY R 351 -41.17 64.61 -35.18
C GLY R 351 -40.15 65.27 -36.09
N THR R 352 -39.31 66.14 -35.53
CA THR R 352 -38.34 66.87 -36.33
C THR R 352 -36.92 66.64 -35.81
N ALA R 353 -36.75 66.60 -34.49
CA ALA R 353 -35.44 66.40 -33.89
C ALA R 353 -35.16 64.93 -33.58
N GLU R 354 -35.92 64.03 -34.19
CA GLU R 354 -35.79 62.60 -33.94
C GLU R 354 -35.46 61.89 -35.25
N ILE R 355 -36.21 62.23 -36.31
CA ILE R 355 -35.91 61.69 -37.63
C ILE R 355 -34.49 62.05 -38.03
N SER R 356 -34.07 63.28 -37.70
CA SER R 356 -32.69 63.67 -37.98
C SER R 356 -31.71 62.74 -37.28
N GLN R 357 -31.98 62.42 -36.02
CA GLN R 357 -31.14 61.47 -35.30
C GLN R 357 -31.12 60.12 -36.02
N VAL R 358 -32.30 59.63 -36.41
CA VAL R 358 -32.37 58.36 -37.11
C VAL R 358 -31.64 58.44 -38.44
N LEU R 359 -31.85 59.52 -39.19
CA LEU R 359 -31.18 59.65 -40.48
C LEU R 359 -29.67 59.64 -40.33
N TYR R 360 -29.15 60.33 -39.31
CA TYR R 360 -27.71 60.43 -39.12
C TYR R 360 -27.09 59.05 -38.99
N ASP R 361 -27.76 58.14 -38.27
CA ASP R 361 -27.21 56.81 -38.04
C ASP R 361 -27.26 55.92 -39.28
N THR R 362 -27.95 56.34 -40.34
CA THR R 362 -28.16 55.45 -41.47
C THR R 362 -27.70 56.00 -42.81
N ILE R 363 -27.38 57.29 -42.92
CA ILE R 363 -26.88 57.84 -44.18
C ILE R 363 -25.38 57.62 -44.26
N ALA R 364 -24.82 57.74 -45.46
CA ALA R 364 -23.38 57.60 -45.61
C ALA R 364 -22.66 58.78 -44.94
N THR R 365 -21.33 58.69 -44.89
CA THR R 365 -20.51 59.73 -44.28
C THR R 365 -20.28 60.88 -45.26
N SER R 366 -21.39 61.36 -45.83
CA SER R 366 -21.36 62.50 -46.74
C SER R 366 -22.75 63.12 -46.70
N ASN R 367 -22.89 64.23 -45.99
CA ASN R 367 -24.21 64.80 -45.71
C ASN R 367 -24.75 65.42 -47.01
N ASN R 368 -25.42 64.58 -47.79
CA ASN R 368 -26.00 64.99 -49.06
C ASN R 368 -27.47 65.35 -48.93
N THR R 369 -27.95 65.64 -47.74
CA THR R 369 -29.37 65.94 -47.56
C THR R 369 -29.69 67.35 -48.02
N TYR R 370 -30.95 67.56 -48.37
CA TYR R 370 -31.45 68.86 -48.79
C TYR R 370 -32.94 68.88 -48.55
N GLY R 371 -33.44 70.04 -48.14
CA GLY R 371 -34.84 70.17 -47.82
C GLY R 371 -35.16 71.55 -47.27
N ASP R 372 -36.42 71.67 -46.82
CA ASP R 372 -36.93 72.97 -46.39
C ASP R 372 -36.37 73.36 -45.02
N THR R 373 -36.36 72.41 -44.08
CA THR R 373 -35.99 72.72 -42.70
C THR R 373 -34.79 71.88 -42.32
N PHE R 374 -34.02 72.39 -41.35
CA PHE R 374 -32.80 71.75 -40.89
C PHE R 374 -32.80 71.66 -39.38
N TYR R 375 -31.97 70.78 -38.86
CA TYR R 375 -31.79 70.63 -37.43
C TYR R 375 -30.38 70.11 -37.16
N ASP R 376 -29.60 70.87 -36.40
CA ASP R 376 -28.20 70.52 -36.16
C ASP R 376 -28.08 69.37 -35.18
N ILE R 377 -27.08 68.54 -35.39
CA ILE R 377 -26.75 67.43 -34.49
C ILE R 377 -25.23 67.37 -34.35
N THR R 378 -24.78 66.68 -33.31
CA THR R 378 -23.36 66.63 -33.00
C THR R 378 -23.01 65.25 -32.45
N THR R 379 -21.72 64.94 -32.50
CA THR R 379 -21.20 63.68 -31.98
C THR R 379 -19.81 63.87 -31.37
N GLN R 383 -17.80 67.66 -33.18
CA GLN R 383 -18.21 67.85 -34.56
C GLN R 383 -19.71 68.07 -34.64
N VAL R 384 -20.14 68.97 -35.52
CA VAL R 384 -21.55 69.33 -35.63
C VAL R 384 -21.93 69.41 -37.11
N GLU R 385 -23.13 68.94 -37.41
CA GLU R 385 -23.70 69.03 -38.76
C GLU R 385 -25.21 69.11 -38.65
N ARG R 386 -25.88 69.25 -39.78
CA ARG R 386 -27.33 69.41 -39.81
C ARG R 386 -27.93 68.59 -40.94
N ILE R 387 -29.20 68.22 -40.77
CA ILE R 387 -29.90 67.33 -41.69
C ILE R 387 -31.19 68.03 -42.13
N TRP R 388 -31.56 67.83 -43.39
CA TRP R 388 -32.71 68.50 -43.98
C TRP R 388 -33.84 67.52 -44.27
N HIS R 389 -35.08 68.03 -44.26
CA HIS R 389 -36.24 67.23 -44.59
C HIS R 389 -37.43 68.17 -44.83
N THR R 390 -38.55 67.58 -45.24
CA THR R 390 -39.75 68.33 -45.60
C THR R 390 -40.99 67.60 -45.11
N LYS R 391 -42.11 68.32 -45.12
CA LYS R 391 -43.41 67.78 -44.71
C LYS R 391 -44.47 68.22 -45.70
N ALA R 392 -45.40 67.30 -46.04
CA ALA R 392 -46.27 67.52 -47.19
C ALA R 392 -47.72 67.68 -46.76
N ALA R 393 -48.33 66.68 -46.14
CA ALA R 393 -49.77 66.70 -45.78
C ALA R 393 -50.54 67.35 -46.94
N ALA R 394 -51.51 68.23 -46.66
CA ALA R 394 -52.01 69.23 -47.59
C ALA R 394 -52.93 68.72 -48.70
N ARG R 395 -53.77 67.70 -48.46
CA ARG R 395 -54.87 67.45 -49.38
C ARG R 395 -55.89 66.48 -48.78
N GLN R 396 -57.16 66.73 -49.10
CA GLN R 396 -58.27 65.84 -48.82
C GLN R 396 -59.15 65.80 -50.06
N LEU R 397 -59.67 64.62 -50.39
CA LEU R 397 -60.41 64.45 -51.64
C LEU R 397 -61.89 64.18 -51.36
N ALA R 398 -62.67 64.11 -52.42
CA ALA R 398 -64.08 63.74 -52.35
C ALA R 398 -64.42 62.94 -53.60
N ILE R 399 -65.34 61.99 -53.45
CA ILE R 399 -65.62 61.02 -54.49
C ILE R 399 -67.13 60.83 -54.63
N ARG R 400 -67.56 60.63 -55.87
CA ARG R 400 -68.92 60.25 -56.19
C ARG R 400 -68.89 59.06 -57.14
N VAL R 401 -69.91 58.21 -57.06
CA VAL R 401 -69.99 56.99 -57.87
C VAL R 401 -71.39 56.89 -58.47
N ARG R 402 -71.46 56.54 -59.74
CA ARG R 402 -72.71 56.35 -60.47
C ARG R 402 -72.72 54.96 -61.06
N TYR R 403 -73.88 54.29 -61.00
CA TYR R 403 -73.99 52.92 -61.46
C TYR R 403 -75.41 52.65 -61.93
N ARG R 404 -75.56 51.60 -62.73
CA ARG R 404 -76.85 51.16 -63.23
C ARG R 404 -77.07 49.70 -62.82
N GLY R 405 -78.22 49.41 -62.23
CA GLY R 405 -78.58 48.05 -61.91
C GLY R 405 -79.42 47.89 -60.67
N ARG R 406 -79.06 46.90 -59.85
CA ARG R 406 -79.79 46.55 -58.64
C ARG R 406 -79.23 47.32 -57.46
N PRO R 407 -80.01 48.19 -56.81
CA PRO R 407 -79.44 49.02 -55.74
C PRO R 407 -78.77 48.19 -54.67
N LEU R 408 -77.75 48.78 -54.04
CA LEU R 408 -76.83 48.08 -53.16
C LEU R 408 -77.22 48.19 -51.69
N SER R 409 -78.51 48.30 -51.39
CA SER R 409 -78.96 48.35 -50.00
C SER R 409 -78.21 49.42 -49.21
N LEU R 410 -77.69 49.07 -48.03
CA LEU R 410 -76.88 50.01 -47.26
C LEU R 410 -75.56 49.37 -46.85
N THR R 411 -75.59 48.06 -46.59
CA THR R 411 -74.38 47.38 -46.13
C THR R 411 -73.30 47.37 -47.20
N GLU R 412 -73.68 47.13 -48.46
CA GLU R 412 -72.69 47.05 -49.53
C GLU R 412 -71.97 48.38 -49.72
N GLU R 413 -72.72 49.49 -49.70
CA GLU R 413 -72.09 50.80 -49.83
C GLU R 413 -70.96 50.95 -48.80
N THR R 414 -71.19 50.50 -47.58
CA THR R 414 -70.12 50.52 -46.59
C THR R 414 -68.96 49.63 -47.04
N ALA R 415 -69.27 48.45 -47.57
CA ALA R 415 -68.22 47.58 -48.09
C ALA R 415 -67.52 48.22 -49.27
N ILE R 416 -68.28 48.86 -50.16
CA ILE R 416 -67.66 49.54 -51.30
C ILE R 416 -66.89 50.76 -50.82
N ALA R 417 -67.51 51.57 -49.95
CA ALA R 417 -66.90 52.83 -49.56
C ALA R 417 -65.58 52.62 -48.83
N ASN R 418 -65.59 51.78 -47.80
CA ASN R 418 -64.36 51.58 -47.03
C ASN R 418 -63.26 50.98 -47.88
N GLY R 419 -63.62 50.09 -48.80
CA GLY R 419 -62.64 49.49 -49.69
C GLY R 419 -61.92 50.52 -50.53
N LEU R 420 -62.68 51.49 -51.06
CA LEU R 420 -62.07 52.54 -51.86
C LEU R 420 -61.10 53.36 -51.03
N ALA R 421 -61.46 53.66 -49.78
CA ALA R 421 -60.59 54.46 -48.93
C ALA R 421 -59.20 53.85 -48.79
N THR R 422 -59.10 52.53 -48.81
CA THR R 422 -57.78 51.89 -48.71
C THR R 422 -56.94 52.19 -49.94
N ALA R 423 -57.50 51.99 -51.13
CA ALA R 423 -56.72 52.17 -52.35
C ALA R 423 -56.25 53.61 -52.49
N VAL R 424 -57.15 54.57 -52.28
CA VAL R 424 -56.76 55.98 -52.40
C VAL R 424 -55.70 56.33 -51.36
N ASN R 425 -55.91 55.86 -50.13
CA ASN R 425 -54.99 56.21 -49.05
C ASN R 425 -53.60 55.65 -49.29
N GLY R 426 -53.51 54.43 -49.83
CA GLY R 426 -52.22 53.80 -50.00
C GLY R 426 -51.32 54.46 -51.02
N THR R 427 -51.86 55.40 -51.80
CA THR R 427 -51.07 56.04 -52.84
C THR R 427 -49.81 56.66 -52.27
N MET R 428 -48.77 56.70 -53.10
CA MET R 428 -47.49 57.24 -52.69
C MET R 428 -47.53 58.77 -52.64
N ILE R 429 -46.50 59.35 -52.04
CA ILE R 429 -46.39 60.80 -52.00
C ILE R 429 -46.17 61.30 -53.42
N ALA R 430 -46.91 62.33 -53.80
CA ALA R 430 -46.84 62.88 -55.14
C ALA R 430 -47.10 61.80 -56.18
N GLY R 431 -48.07 60.93 -55.88
CA GLY R 431 -48.47 59.87 -56.79
C GLY R 431 -49.54 60.32 -57.76
N THR R 432 -50.17 59.34 -58.40
CA THR R 432 -51.24 59.60 -59.35
C THR R 432 -52.32 58.55 -59.17
N LEU R 433 -53.58 58.98 -59.25
CA LEU R 433 -54.72 58.09 -59.19
C LEU R 433 -55.24 57.83 -60.60
N TYR R 434 -55.53 56.57 -60.91
CA TYR R 434 -56.01 56.17 -62.21
C TYR R 434 -57.48 55.79 -62.10
N ASN R 435 -58.32 56.43 -62.92
CA ASN R 435 -59.75 56.17 -62.86
C ASN R 435 -60.04 54.69 -63.06
N VAL R 436 -59.27 54.04 -63.94
CA VAL R 436 -59.50 52.62 -64.21
C VAL R 436 -59.29 51.80 -62.96
N ARG R 437 -58.24 52.10 -62.18
CA ARG R 437 -57.98 51.33 -60.96
C ARG R 437 -59.15 51.47 -59.98
N LEU R 438 -59.70 52.68 -59.84
CA LEU R 438 -60.82 52.87 -58.93
C LEU R 438 -62.00 51.99 -59.33
N VAL R 439 -62.29 51.92 -60.63
CA VAL R 439 -63.38 51.07 -61.10
C VAL R 439 -63.11 49.62 -60.73
N GLY R 440 -61.86 49.17 -60.94
CA GLY R 440 -61.53 47.78 -60.65
C GLY R 440 -61.81 47.40 -59.22
N THR R 441 -61.52 48.31 -58.28
CA THR R 441 -61.78 48.02 -56.87
C THR R 441 -63.26 47.76 -56.61
N VAL R 442 -64.14 48.57 -57.22
CA VAL R 442 -65.56 48.38 -57.00
C VAL R 442 -66.01 47.02 -57.55
N MET R 443 -65.46 46.60 -58.68
CA MET R 443 -65.79 45.30 -59.23
C MET R 443 -65.24 44.15 -58.40
N SER R 444 -64.31 44.42 -57.48
CA SER R 444 -63.70 43.36 -56.67
C SER R 444 -64.07 43.42 -55.20
N SER R 445 -64.50 44.55 -54.68
CA SER R 445 -64.94 44.65 -53.29
C SER R 445 -66.31 44.07 -53.08
N THR R 446 -66.98 43.68 -54.16
CA THR R 446 -68.28 43.02 -54.09
C THR R 446 -68.32 41.96 -55.18
N SER R 447 -69.33 41.09 -55.09
CA SER R 447 -69.46 40.03 -56.07
C SER R 447 -69.70 40.61 -57.46
N PRO R 448 -69.13 40.02 -58.50
CA PRO R 448 -69.41 40.50 -59.85
C PRO R 448 -70.88 40.36 -60.23
N ASP R 449 -71.23 40.80 -61.43
CA ASP R 449 -72.59 40.64 -61.93
C ASP R 449 -73.58 41.42 -61.08
N ARG R 450 -73.27 42.70 -60.81
CA ARG R 450 -74.16 43.56 -60.05
C ARG R 450 -74.34 44.91 -60.73
N PHE R 451 -73.49 45.22 -61.72
CA PHE R 451 -73.54 46.49 -62.42
C PHE R 451 -73.39 46.26 -63.92
N THR R 452 -74.01 47.13 -64.71
CA THR R 452 -73.78 47.18 -66.14
C THR R 452 -72.90 48.35 -66.56
N GLN R 453 -72.94 49.45 -65.81
CA GLN R 453 -72.07 50.59 -66.06
C GLN R 453 -71.60 51.13 -64.72
N VAL R 454 -70.46 51.83 -64.75
CA VAL R 454 -69.90 52.41 -63.54
C VAL R 454 -69.07 53.62 -63.91
N TYR R 455 -69.13 54.65 -63.08
CA TYR R 455 -68.31 55.84 -63.23
C TYR R 455 -67.98 56.38 -61.85
N VAL R 456 -66.82 57.02 -61.74
CA VAL R 456 -66.38 57.64 -60.51
C VAL R 456 -65.93 59.06 -60.81
N ASP R 457 -66.25 59.97 -59.89
CA ASP R 457 -65.91 61.37 -60.02
C ASP R 457 -65.17 61.83 -58.78
N ILE R 458 -64.15 62.66 -58.97
CA ILE R 458 -63.25 63.08 -57.90
C ILE R 458 -63.22 64.60 -57.85
N LYS R 459 -63.28 65.14 -56.63
CA LYS R 459 -63.15 66.58 -56.42
C LYS R 459 -62.65 66.82 -55.01
N ASN R 460 -62.01 67.97 -54.82
CA ASN R 460 -61.54 68.36 -53.49
C ASN R 460 -62.70 68.86 -52.64
N LYS R 461 -62.55 68.72 -51.33
CA LYS R 461 -63.60 69.09 -50.39
C LYS R 461 -63.96 70.57 -50.54
N GLY R 462 -65.24 70.89 -50.48
CA GLY R 462 -65.70 72.26 -50.52
C GLY R 462 -65.94 72.79 -51.91
N GLN R 463 -65.40 72.10 -52.92
CA GLN R 463 -65.57 72.56 -54.28
C GLN R 463 -67.03 72.43 -54.71
N PRO R 464 -67.46 73.22 -55.69
CA PRO R 464 -68.83 73.10 -56.18
C PRO R 464 -69.03 71.76 -56.89
N ASP R 465 -70.29 71.31 -56.87
CA ASP R 465 -70.61 70.01 -57.47
C ASP R 465 -70.21 69.96 -58.94
N SER R 466 -70.21 71.11 -59.61
CA SER R 466 -69.83 71.15 -61.02
C SER R 466 -68.37 70.79 -61.23
N ALA R 467 -67.56 70.77 -60.18
CA ALA R 467 -66.14 70.50 -60.29
C ALA R 467 -65.81 69.02 -60.41
N TYR R 468 -66.80 68.13 -60.33
CA TYR R 468 -66.54 66.71 -60.42
C TYR R 468 -65.90 66.38 -61.78
N VAL R 469 -64.82 65.59 -61.75
CA VAL R 469 -64.12 65.19 -62.96
C VAL R 469 -63.82 63.70 -62.86
N ASN R 470 -63.65 63.07 -64.02
CA ASN R 470 -63.34 61.66 -64.12
C ASN R 470 -61.93 61.38 -64.59
N THR R 471 -61.17 62.42 -64.96
CA THR R 471 -59.80 62.22 -65.41
C THR R 471 -58.91 61.84 -64.23
N ASP R 472 -57.78 61.21 -64.55
CA ASP R 472 -56.81 60.86 -63.53
C ASP R 472 -56.29 62.12 -62.84
N VAL R 473 -55.96 61.98 -61.56
CA VAL R 473 -55.53 63.11 -60.74
C VAL R 473 -54.21 62.76 -60.08
N THR R 474 -53.33 63.75 -59.99
CA THR R 474 -52.05 63.60 -59.32
C THR R 474 -51.91 64.62 -58.21
N ALA R 475 -50.75 64.68 -57.58
CA ALA R 475 -50.52 65.59 -56.47
C ALA R 475 -49.13 66.20 -56.60
N SER R 476 -48.97 67.38 -56.04
CA SER R 476 -47.68 68.06 -56.08
C SER R 476 -46.66 67.30 -55.24
N THR R 477 -45.44 67.85 -55.21
CA THR R 477 -44.37 67.21 -54.44
C THR R 477 -44.71 67.14 -52.97
N THR R 478 -45.29 68.21 -52.41
CA THR R 478 -45.58 68.29 -50.99
C THR R 478 -47.06 68.09 -50.68
N GLN R 479 -47.71 67.17 -51.38
CA GLN R 479 -49.12 66.88 -51.17
C GLN R 479 -49.31 65.38 -50.98
N VAL R 480 -50.25 65.01 -50.11
CA VAL R 480 -50.57 63.61 -49.84
C VAL R 480 -52.08 63.44 -49.99
N LEU R 481 -52.48 62.44 -50.79
CA LEU R 481 -53.88 62.17 -51.04
C LEU R 481 -54.51 61.52 -49.81
N SER R 482 -55.73 61.92 -49.49
CA SER R 482 -56.44 61.37 -48.35
C SER R 482 -57.94 61.38 -48.62
N LEU R 483 -58.61 60.38 -48.06
CA LEU R 483 -60.06 60.23 -48.21
C LEU R 483 -60.64 59.79 -46.87
N GLU R 484 -61.91 60.14 -46.67
CA GLU R 484 -62.60 59.85 -45.42
C GLU R 484 -64.08 59.57 -45.67
N LEU R 485 -64.88 59.56 -44.62
CA LEU R 485 -66.32 59.38 -44.75
C LEU R 485 -66.98 60.72 -45.00
N GLU R 486 -68.31 60.78 -44.89
CA GLU R 486 -69.06 61.95 -45.33
C GLU R 486 -68.74 62.19 -46.79
N ASP R 487 -68.37 61.12 -47.49
CA ASP R 487 -67.93 61.18 -48.87
C ASP R 487 -68.46 59.93 -49.58
N VAL R 488 -68.18 59.83 -50.88
CA VAL R 488 -68.57 58.67 -51.66
C VAL R 488 -70.08 58.73 -51.87
N ILE R 489 -70.52 59.64 -52.73
CA ILE R 489 -71.94 59.84 -52.98
C ILE R 489 -72.43 58.78 -53.97
N PHE R 490 -73.22 57.84 -53.48
CA PHE R 490 -73.79 56.82 -54.35
C PHE R 490 -75.02 57.34 -55.05
N SER R 491 -75.28 56.82 -56.25
CA SER R 491 -76.43 57.25 -57.03
C SER R 491 -76.69 56.24 -58.13
N GLN R 492 -77.95 56.19 -58.56
CA GLN R 492 -78.37 55.34 -59.67
C GLN R 492 -78.67 56.21 -60.87
N ILE R 493 -78.08 55.87 -62.02
CA ILE R 493 -78.31 56.63 -63.23
C ILE R 493 -79.71 56.32 -63.76
N LEU S 1 6.91 28.00 24.03
CA LEU S 1 7.35 26.82 23.30
C LEU S 1 6.82 26.83 21.87
N LYS S 2 5.75 27.59 21.64
CA LYS S 2 5.19 27.75 20.31
C LYS S 2 4.82 29.21 20.08
N ASP S 3 4.94 29.64 18.83
CA ASP S 3 4.56 31.00 18.48
C ASP S 3 3.05 31.14 18.45
N VAL S 4 2.55 32.26 18.98
CA VAL S 4 1.12 32.49 18.99
C VAL S 4 0.62 32.88 17.60
N ASN S 5 1.46 33.56 16.82
CA ASN S 5 1.07 33.99 15.48
C ASN S 5 1.18 32.80 14.53
N HIS S 6 0.04 32.29 14.09
CA HIS S 6 0.01 31.12 13.22
C HIS S 6 0.19 31.47 11.75
N ILE S 7 0.21 32.75 11.40
CA ILE S 7 0.36 33.16 10.01
C ILE S 7 1.83 33.05 9.61
N HIS S 8 2.20 31.91 9.04
CA HIS S 8 3.55 31.66 8.58
C HIS S 8 3.48 30.79 7.34
N PRO S 9 4.50 30.83 6.48
CA PRO S 9 4.53 29.91 5.34
C PRO S 9 4.51 28.48 5.82
N LEU S 10 3.73 27.65 5.14
CA LEU S 10 3.58 26.27 5.58
C LEU S 10 4.90 25.53 5.42
N PRO S 11 5.45 24.94 6.48
CA PRO S 11 6.76 24.29 6.37
C PRO S 11 6.69 23.07 5.47
N ASP S 12 7.64 22.96 4.55
CA ASP S 12 7.76 21.85 3.62
C ASP S 12 6.45 21.57 2.88
N PHE S 13 5.84 22.59 2.30
CA PHE S 13 4.55 22.43 1.66
C PHE S 13 4.63 21.42 0.53
N VAL S 14 5.69 21.47 -0.27
CA VAL S 14 5.79 20.62 -1.45
C VAL S 14 5.80 19.13 -1.14
N ARG S 15 6.63 18.68 -0.21
CA ARG S 15 6.69 17.25 0.08
C ARG S 15 5.39 16.72 0.62
N GLY S 16 4.62 17.53 1.32
CA GLY S 16 3.25 17.18 1.62
C GLY S 16 2.42 17.04 0.36
N GLY S 17 1.36 16.26 0.45
CA GLY S 17 0.59 15.92 -0.74
C GLY S 17 1.23 14.78 -1.50
N PHE S 18 2.52 14.91 -1.84
CA PHE S 18 3.26 13.76 -2.35
C PHE S 18 3.19 12.60 -1.36
N ASP S 19 3.06 12.91 -0.07
CA ASP S 19 2.93 11.89 0.96
C ASP S 19 1.61 11.13 0.80
N TYR S 20 0.68 11.67 0.03
CA TYR S 20 -0.62 11.06 -0.17
C TYR S 20 -0.66 10.15 -1.39
N VAL S 21 0.45 9.96 -2.08
CA VAL S 21 0.53 8.92 -3.11
C VAL S 21 0.36 7.60 -2.38
N PRO S 22 -0.57 6.72 -2.80
CA PRO S 22 -1.00 5.63 -1.91
C PRO S 22 0.11 4.70 -1.44
N SER S 23 0.74 3.99 -2.35
CA SER S 23 1.70 2.94 -1.98
C SER S 23 2.92 2.98 -2.91
N ASP S 24 3.42 4.18 -3.20
CA ASP S 24 4.58 4.34 -4.08
C ASP S 24 4.33 3.75 -5.47
N ILE S 25 3.06 3.64 -5.85
CA ILE S 25 2.71 3.02 -7.13
C ILE S 25 3.32 3.81 -8.28
N PHE S 26 3.22 5.14 -8.20
CA PHE S 26 3.73 6.00 -9.26
C PHE S 26 5.15 6.49 -9.00
N SER S 27 5.59 6.47 -7.74
CA SER S 27 6.92 6.99 -7.42
C SER S 27 7.98 6.27 -8.24
N GLY S 28 8.96 7.04 -8.70
CA GLY S 28 10.01 6.48 -9.53
C GLY S 28 9.62 6.27 -10.97
N LYS S 29 8.53 6.92 -11.43
CA LYS S 29 8.13 6.83 -12.82
C LYS S 29 8.48 8.10 -13.58
N GLU S 30 8.86 9.18 -12.89
CA GLU S 30 9.40 10.40 -13.50
C GLU S 30 8.50 11.00 -14.57
N ASN S 31 7.30 10.46 -14.75
CA ASN S 31 6.36 11.07 -15.69
C ASN S 31 5.17 11.68 -14.95
N PHE S 32 4.66 10.98 -13.94
CA PHE S 32 3.56 11.51 -13.15
C PHE S 32 4.06 12.54 -12.14
N GLU S 33 5.26 12.34 -11.61
CA GLU S 33 5.79 13.25 -10.60
C GLU S 33 5.91 14.66 -11.15
N GLN S 34 6.49 14.81 -12.34
CA GLN S 34 6.69 16.13 -12.90
C GLN S 34 5.35 16.83 -13.12
N THR S 35 4.35 16.09 -13.62
CA THR S 35 3.04 16.68 -13.83
C THR S 35 2.46 17.17 -12.50
N LEU S 36 2.58 16.37 -11.44
CA LEU S 36 2.06 16.78 -10.14
C LEU S 36 2.88 17.91 -9.55
N ARG S 37 4.21 17.82 -9.67
CA ARG S 37 5.07 18.84 -9.10
C ARG S 37 4.81 20.20 -9.74
N ILE S 38 4.64 20.23 -11.07
CA ILE S 38 4.42 21.48 -11.77
C ILE S 38 3.16 22.18 -11.25
N LEU S 39 2.10 21.42 -11.01
CA LEU S 39 0.87 22.01 -10.52
C LEU S 39 1.01 22.47 -9.07
N LEU S 40 1.56 21.60 -8.21
CA LEU S 40 1.66 21.95 -6.79
C LEU S 40 2.55 23.17 -6.57
N GLU S 41 3.69 23.22 -7.25
CA GLU S 41 4.62 24.32 -7.05
C GLU S 41 3.99 25.67 -7.37
N ARG S 42 2.94 25.72 -8.18
CA ARG S 42 2.24 26.98 -8.39
C ARG S 42 1.60 27.48 -7.10
N LEU S 43 1.01 26.57 -6.32
CA LEU S 43 0.43 26.97 -5.05
C LEU S 43 1.49 27.50 -4.10
N GLU S 44 2.74 27.04 -4.25
CA GLU S 44 3.82 27.55 -3.40
C GLU S 44 3.90 29.06 -3.48
N PHE S 45 3.92 29.60 -4.70
CA PHE S 45 4.02 31.04 -4.88
C PHE S 45 2.82 31.75 -4.25
N ILE S 46 1.61 31.27 -4.51
CA ILE S 46 0.43 31.88 -3.94
C ILE S 46 0.46 31.77 -2.42
N ASP S 47 0.84 30.60 -1.90
CA ASP S 47 0.90 30.43 -0.46
C ASP S 47 1.87 31.41 0.17
N GLN S 48 3.02 31.62 -0.47
CA GLN S 48 3.99 32.56 0.07
C GLN S 48 3.43 33.98 0.12
N LYS S 49 2.83 34.44 -0.97
CA LYS S 49 2.32 35.80 -1.03
C LYS S 49 1.13 36.04 -0.10
N MET S 50 0.50 34.99 0.40
CA MET S 50 -0.58 35.18 1.36
C MET S 50 -0.08 35.87 2.62
N VAL S 51 1.18 35.66 2.97
CA VAL S 51 1.74 36.24 4.18
C VAL S 51 2.00 37.73 4.00
N GLU S 52 2.74 38.09 2.95
CA GLU S 52 3.06 39.49 2.72
C GLU S 52 1.80 40.34 2.60
N LEU S 53 0.71 39.76 2.08
CA LEU S 53 -0.55 40.48 2.03
C LEU S 53 -1.02 40.87 3.43
N ALA S 54 -0.58 40.15 4.45
CA ALA S 54 -0.87 40.47 5.84
C ALA S 54 0.32 41.07 6.56
N GLU S 55 1.52 40.53 6.32
CA GLU S 55 2.71 41.03 6.99
C GLU S 55 3.00 42.48 6.59
N LEU S 56 3.00 42.76 5.29
CA LEU S 56 3.41 44.07 4.81
C LEU S 56 2.39 45.17 5.13
N ARG S 57 1.16 44.82 5.48
CA ARG S 57 0.15 45.83 5.78
C ARG S 57 0.27 46.38 7.19
N THR S 58 1.14 45.82 8.02
CA THR S 58 1.37 46.36 9.35
C THR S 58 2.14 47.66 9.27
N THR S 59 1.85 48.57 10.21
CA THR S 59 2.46 49.89 10.17
C THR S 59 3.98 49.85 10.33
N LEU S 60 4.52 48.83 10.99
CA LEU S 60 5.96 48.76 11.18
C LEU S 60 6.70 48.61 9.86
N ASN S 61 6.20 47.77 8.97
CA ASN S 61 6.87 47.47 7.71
C ASN S 61 6.18 48.05 6.48
N ALA S 62 5.04 48.71 6.65
CA ALA S 62 4.30 49.23 5.50
C ALA S 62 5.15 50.20 4.69
N GLU S 63 5.20 49.98 3.38
CA GLU S 63 5.92 50.89 2.50
C GLU S 63 5.11 52.16 2.26
N ASP S 64 5.81 53.22 1.85
CA ASP S 64 5.17 54.51 1.65
C ASP S 64 3.98 54.45 0.70
N ALA S 65 4.04 53.61 -0.34
CA ALA S 65 2.94 53.53 -1.29
C ALA S 65 1.62 53.19 -0.62
N ILE S 66 1.64 52.39 0.43
CA ILE S 66 0.43 52.02 1.16
C ILE S 66 0.40 52.60 2.57
N LEU S 67 1.54 52.97 3.15
CA LEU S 67 1.53 53.61 4.46
C LEU S 67 0.61 54.82 4.46
N ASP S 68 0.53 55.54 3.34
CA ASP S 68 -0.39 56.65 3.23
C ASP S 68 -1.82 56.21 3.53
N GLU S 69 -2.21 55.01 3.09
CA GLU S 69 -3.55 54.52 3.40
C GLU S 69 -3.75 54.37 4.90
N ILE S 70 -2.75 53.83 5.60
CA ILE S 70 -2.85 53.70 7.04
C ILE S 70 -2.96 55.08 7.69
N GLY S 71 -2.10 56.01 7.26
CA GLY S 71 -2.18 57.35 7.81
C GLY S 71 -3.49 58.04 7.49
N ARG S 72 -4.02 57.78 6.29
CA ARG S 72 -5.26 58.45 5.88
C ARG S 72 -6.40 58.10 6.82
N GLN S 73 -6.51 56.83 7.22
CA GLN S 73 -7.56 56.44 8.16
C GLN S 73 -7.45 57.19 9.47
N LEU S 74 -6.24 57.57 9.88
CA LEU S 74 -6.02 58.25 11.15
C LEU S 74 -5.99 59.77 11.02
N GLY S 75 -6.13 60.30 9.80
CA GLY S 75 -6.09 61.73 9.59
C GLY S 75 -4.71 62.33 9.53
N ILE S 76 -3.65 61.52 9.56
CA ILE S 76 -2.28 62.04 9.51
C ILE S 76 -1.85 61.98 8.05
N TYR S 77 -1.89 63.14 7.40
CA TYR S 77 -1.53 63.23 6.00
C TYR S 77 -0.02 63.37 5.83
N ARG S 78 0.46 62.95 4.66
CA ARG S 78 1.90 62.94 4.40
C ARG S 78 2.47 64.35 4.47
N ASN S 79 1.79 65.31 3.86
CA ASN S 79 2.30 66.69 3.73
C ASN S 79 3.63 66.59 2.98
N GLY S 80 4.73 67.12 3.52
CA GLY S 80 6.03 66.99 2.89
C GLY S 80 6.94 65.96 3.53
N LEU S 81 6.44 65.12 4.43
CA LEU S 81 7.28 64.17 5.13
C LEU S 81 7.74 63.07 4.18
N ASN S 82 8.91 62.50 4.47
CA ASN S 82 9.44 61.38 3.73
C ASN S 82 9.20 60.09 4.51
N ASP S 83 9.45 58.95 3.85
CA ASP S 83 9.04 57.68 4.43
C ASP S 83 9.65 57.43 5.80
N PRO S 84 10.96 57.54 6.00
CA PRO S 84 11.52 57.13 7.30
C PRO S 84 10.93 57.88 8.48
N GLU S 85 10.67 59.17 8.34
CA GLU S 85 10.12 59.95 9.45
C GLU S 85 8.60 59.97 9.43
N TYR S 86 7.98 59.80 8.26
CA TYR S 86 6.51 59.70 8.22
C TYR S 86 6.05 58.56 9.13
N ARG S 87 6.82 57.47 9.18
CA ARG S 87 6.50 56.41 10.13
C ARG S 87 6.56 56.92 11.56
N ALA S 88 7.56 57.76 11.88
CA ALA S 88 7.72 58.23 13.23
C ALA S 88 6.52 59.08 13.67
N VAL S 89 6.12 60.04 12.84
CA VAL S 89 5.02 60.92 13.22
C VAL S 89 3.76 60.11 13.48
N ILE S 90 3.52 59.09 12.65
CA ILE S 90 2.33 58.26 12.83
C ILE S 90 2.34 57.63 14.22
N MET S 91 3.50 57.08 14.61
CA MET S 91 3.63 56.50 15.95
C MET S 91 3.44 57.55 17.03
N ILE S 92 4.06 58.72 16.87
CA ILE S 92 4.02 59.73 17.92
C ILE S 92 2.61 60.19 18.19
N LEU S 93 1.89 60.58 17.13
CA LEU S 93 0.53 61.09 17.31
C LEU S 93 -0.39 60.03 17.90
N THR S 94 -0.30 58.80 17.40
CA THR S 94 -1.14 57.74 17.93
C THR S 94 -0.86 57.50 19.40
N GLY S 95 0.41 57.49 19.80
CA GLY S 95 0.76 57.27 21.18
C GLY S 95 0.31 58.39 22.10
N ASN S 96 0.00 59.56 21.55
CA ASN S 96 -0.35 60.71 22.36
C ASN S 96 -1.72 60.54 23.03
N ASN S 97 -2.54 59.62 22.53
CA ASN S 97 -3.93 59.49 22.97
C ASN S 97 -4.05 58.86 24.36
N SER S 98 -2.96 58.38 24.95
CA SER S 98 -3.00 57.76 26.26
C SER S 98 -1.86 58.31 27.12
N LYS S 99 -1.74 59.64 27.14
CA LYS S 99 -0.58 60.29 27.75
C LYS S 99 -1.07 61.37 28.71
N SER S 100 -0.16 61.78 29.59
CA SER S 100 -0.47 62.86 30.53
C SER S 100 0.65 63.90 30.62
N GLY S 101 1.70 63.79 29.82
CA GLY S 101 2.74 64.80 29.82
C GLY S 101 3.52 64.91 31.11
N THR S 102 3.73 63.80 31.81
CA THR S 102 4.56 63.82 33.00
C THR S 102 6.03 63.67 32.63
N ARG S 103 6.90 64.04 33.57
CA ARG S 103 8.34 63.97 33.30
C ARG S 103 8.76 62.56 32.93
N ALA S 104 8.31 61.56 33.69
CA ALA S 104 8.60 60.19 33.33
C ALA S 104 7.97 59.82 31.99
N ASP S 105 6.76 60.30 31.75
CA ASP S 105 6.09 59.99 30.49
C ASP S 105 6.81 60.59 29.29
N ILE S 106 7.23 61.85 29.40
CA ILE S 106 7.87 62.51 28.26
C ILE S 106 9.14 61.77 27.87
N ILE S 107 9.91 61.31 28.85
CA ILE S 107 11.14 60.59 28.55
C ILE S 107 10.83 59.35 27.73
N ALA S 108 9.74 58.67 28.06
CA ALA S 108 9.40 57.44 27.35
C ALA S 108 9.16 57.68 25.86
N THR S 109 8.42 58.73 25.50
CA THR S 109 8.13 58.97 24.08
C THR S 109 9.40 59.36 23.33
N LEU S 110 10.24 60.21 23.93
CA LEU S 110 11.49 60.57 23.27
C LEU S 110 12.43 59.38 23.17
N LYS S 111 12.22 58.36 24.00
CA LYS S 111 13.10 57.19 24.00
C LYS S 111 13.06 56.46 22.68
N GLN S 112 11.91 56.42 22.00
CA GLN S 112 11.77 55.68 20.75
C GLN S 112 12.40 56.39 19.56
N LEU S 113 12.81 57.65 19.70
CA LEU S 113 13.35 58.42 18.59
C LEU S 113 14.85 58.64 18.65
N PHE S 114 15.49 58.42 19.81
CA PHE S 114 16.91 58.71 19.93
C PHE S 114 17.68 57.62 20.68
N GLY S 115 17.21 56.38 20.67
CA GLY S 115 17.93 55.34 21.36
C GLY S 115 17.84 55.52 22.87
N GLU S 116 18.74 54.84 23.58
CA GLU S 116 18.72 54.85 25.04
C GLU S 116 19.34 56.11 25.63
N ASP S 117 20.54 56.47 25.20
CA ASP S 117 21.27 57.59 25.78
C ASP S 117 21.25 58.84 24.91
N GLY S 118 20.46 58.86 23.86
CA GLY S 118 20.49 59.97 22.92
C GLY S 118 19.72 61.21 23.35
N VAL S 119 19.04 61.18 24.49
CA VAL S 119 18.19 62.29 24.89
C VAL S 119 18.28 62.49 26.39
N THR S 120 18.18 63.75 26.81
CA THR S 120 18.13 64.12 28.22
C THR S 120 17.28 65.37 28.34
N THR S 121 16.76 65.62 29.54
CA THR S 121 15.79 66.70 29.76
C THR S 121 16.12 67.43 31.06
N TYR S 122 16.40 68.72 30.95
CA TYR S 122 16.54 69.58 32.12
C TYR S 122 15.21 70.25 32.44
N LYS S 123 15.04 70.63 33.70
CA LYS S 123 13.81 71.24 34.18
C LYS S 123 14.12 72.56 34.87
N GLY S 124 13.19 73.51 34.78
CA GLY S 124 13.38 74.82 35.34
C GLY S 124 12.26 75.23 36.28
N TYR S 125 12.50 76.28 37.07
CA TYR S 125 11.57 76.65 38.12
C TYR S 125 10.25 77.20 37.57
N ASN S 126 10.33 78.16 36.64
CA ASN S 126 9.15 78.83 36.11
C ASN S 126 8.78 78.24 34.76
N TYR S 127 8.19 77.05 34.81
CA TYR S 127 7.64 76.37 33.64
C TYR S 127 8.68 76.06 32.58
N ARG S 128 9.95 76.31 32.85
CA ARG S 128 10.98 76.05 31.85
C ARG S 128 11.29 74.56 31.74
N LEU S 129 11.36 74.07 30.51
CA LEU S 129 11.80 72.71 30.22
C LEU S 129 12.76 72.75 29.05
N ASP S 130 13.72 71.83 29.05
CA ASP S 130 14.75 71.77 28.02
C ASP S 130 14.87 70.35 27.50
N ILE S 131 15.14 70.23 26.20
CA ILE S 131 15.32 68.95 25.54
C ILE S 131 16.70 68.94 24.90
N ASN S 132 17.44 67.85 25.12
CA ASN S 132 18.78 67.68 24.58
C ASN S 132 18.80 66.43 23.72
N ILE S 133 19.45 66.52 22.56
CA ILE S 133 19.54 65.42 21.60
C ILE S 133 21.00 65.14 21.31
N PHE S 134 21.37 63.87 21.32
CA PHE S 134 22.75 63.45 21.11
C PHE S 134 22.94 62.55 19.89
N ASN S 135 21.96 61.73 19.54
CA ASN S 135 22.14 60.74 18.48
C ASN S 135 20.97 60.73 17.51
N THR S 136 20.56 61.91 17.04
CA THR S 136 19.45 61.98 16.10
C THR S 136 19.79 61.23 14.82
N CYS S 137 18.81 60.46 14.33
CA CYS S 137 18.94 59.73 13.08
C CYS S 137 18.03 60.27 11.99
N MET S 138 17.26 61.32 12.28
CA MET S 138 16.37 61.93 11.30
C MET S 138 16.39 63.44 11.51
N GLU S 139 16.01 64.16 10.46
CA GLU S 139 15.96 65.62 10.53
C GLU S 139 14.81 66.04 11.44
N VAL S 140 15.10 66.96 12.37
CA VAL S 140 14.19 67.21 13.48
C VAL S 140 13.19 68.33 13.23
N THR S 141 13.47 69.25 12.31
CA THR S 141 12.58 70.41 12.16
C THR S 141 11.18 69.97 11.77
N ASP S 142 11.07 68.99 10.89
CA ASP S 142 9.77 68.49 10.48
C ASP S 142 9.07 67.69 11.57
N ILE S 143 9.83 67.08 12.48
CA ILE S 143 9.23 66.37 13.60
C ILE S 143 8.87 67.32 14.73
N LEU S 144 9.45 68.51 14.74
CA LEU S 144 9.25 69.44 15.85
C LEU S 144 7.79 69.71 16.18
N PRO S 145 6.90 69.94 15.22
CA PRO S 145 5.53 70.33 15.59
C PRO S 145 4.87 69.35 16.55
N GLU S 146 5.08 68.06 16.36
CA GLU S 146 4.50 67.08 17.28
C GLU S 146 5.16 67.14 18.66
N ILE S 147 6.47 67.35 18.72
CA ILE S 147 7.16 67.40 20.01
C ILE S 147 6.57 68.44 20.94
N ILE S 148 5.87 69.44 20.40
CA ILE S 148 5.19 70.42 21.23
C ILE S 148 3.87 69.89 21.73
N ASP S 149 3.20 69.06 20.92
CA ASP S 149 1.82 68.69 21.21
C ASP S 149 1.66 67.89 22.49
N MET S 150 2.61 67.02 22.83
CA MET S 150 2.47 66.15 23.99
C MET S 150 3.02 66.79 25.26
N LEU S 151 3.02 68.12 25.35
CA LEU S 151 3.50 68.81 26.53
C LEU S 151 2.35 69.56 27.18
N PRO S 152 2.45 69.87 28.48
CA PRO S 152 1.36 70.58 29.16
C PRO S 152 0.99 71.87 28.44
N LEU S 153 -0.16 72.41 28.80
CA LEU S 153 -0.73 73.56 28.12
C LEU S 153 0.12 74.81 28.27
N VAL S 154 1.01 74.83 29.26
CA VAL S 154 1.73 76.04 29.63
C VAL S 154 3.24 75.83 29.62
N THR S 155 3.73 74.84 28.90
CA THR S 155 5.16 74.56 28.90
C THR S 155 5.94 75.67 28.19
N HIS S 156 7.15 75.91 28.68
CA HIS S 156 8.11 76.78 28.02
C HIS S 156 9.32 75.93 27.64
N LEU S 157 9.59 75.83 26.34
CA LEU S 157 10.45 74.78 25.82
C LEU S 157 11.62 75.37 25.05
N ARG S 158 12.80 74.77 25.23
CA ARG S 158 13.96 74.99 24.39
C ARG S 158 14.41 73.68 23.77
N VAL S 159 14.89 73.76 22.54
CA VAL S 159 15.34 72.59 21.78
C VAL S 159 16.76 72.83 21.30
N VAL S 160 17.67 71.93 21.66
CA VAL S 160 19.05 71.98 21.21
C VAL S 160 19.47 70.58 20.80
N GLU S 161 20.11 70.48 19.64
CA GLU S 161 20.51 69.21 19.07
C GLU S 161 21.99 69.24 18.73
N ASN S 162 22.68 68.15 19.05
CA ASN S 162 24.09 68.01 18.75
C ASN S 162 24.41 66.52 18.63
N GLN S 163 25.54 66.22 18.00
CA GLN S 163 26.00 64.85 17.82
C GLN S 163 26.95 64.50 18.94
N GLY S 164 26.64 63.43 19.67
CA GLY S 164 27.45 63.02 20.80
C GLY S 164 27.22 63.90 22.02
N TYR S 165 28.00 63.69 23.06
CA TYR S 165 27.87 64.49 24.28
C TYR S 165 28.46 65.88 24.10
N GLU T 3 6.69 37.86 -9.90
CA GLU T 3 7.08 38.79 -8.84
C GLU T 3 6.20 40.02 -8.90
N ASN T 4 5.65 40.31 -10.08
CA ASN T 4 4.81 41.48 -10.29
C ASN T 4 3.37 41.27 -9.86
N TYR T 5 3.12 40.32 -8.95
CA TYR T 5 1.77 39.94 -8.57
C TYR T 5 1.63 40.08 -7.05
N GLY T 6 0.46 40.54 -6.62
CA GLY T 6 0.19 40.73 -5.21
C GLY T 6 0.52 42.14 -4.75
N LEU T 7 0.56 42.31 -3.43
CA LEU T 7 0.90 43.59 -2.86
C LEU T 7 2.31 43.99 -3.27
N THR T 8 2.47 45.24 -3.71
CA THR T 8 3.74 45.73 -4.21
C THR T 8 4.11 47.13 -3.75
N GLY T 9 3.41 47.68 -2.76
CA GLY T 9 3.72 49.02 -2.28
C GLY T 9 3.07 50.09 -3.13
N SER T 10 3.26 50.03 -4.44
CA SER T 10 2.56 50.93 -5.34
C SER T 10 1.09 50.62 -5.47
N GLY T 11 0.67 49.43 -5.02
CA GLY T 11 -0.72 49.04 -5.14
C GLY T 11 -0.86 47.54 -5.07
N PHE T 12 -1.96 47.04 -5.64
CA PHE T 12 -2.20 45.61 -5.73
C PHE T 12 -2.43 45.24 -7.19
N ASN T 13 -1.75 44.20 -7.64
CA ASN T 13 -1.80 43.76 -9.03
C ASN T 13 -2.43 42.38 -9.11
N LEU T 14 -3.38 42.23 -10.02
CA LEU T 14 -4.09 40.98 -10.22
C LEU T 14 -3.83 40.45 -11.63
N PRO T 15 -3.35 39.22 -11.77
CA PRO T 15 -3.10 38.67 -13.10
C PRO T 15 -4.40 38.26 -13.77
N PRO T 16 -4.56 38.53 -15.07
CA PRO T 16 -5.78 38.08 -15.77
C PRO T 16 -5.82 36.58 -15.96
N MET T 17 -6.94 36.06 -16.48
CA MET T 17 -7.05 34.63 -16.70
C MET T 17 -6.04 34.13 -17.72
N ASP T 18 -5.88 34.86 -18.82
CA ASP T 18 -5.08 34.34 -19.93
C ASP T 18 -3.63 34.10 -19.55
N ASP T 19 -2.99 35.04 -18.85
CA ASP T 19 -1.56 34.91 -18.62
C ASP T 19 -1.23 33.66 -17.82
N LEU T 20 -1.98 33.41 -16.74
CA LEU T 20 -1.66 32.28 -15.88
C LEU T 20 -1.53 31.00 -16.68
N VAL T 21 -2.36 30.84 -17.70
CA VAL T 21 -2.25 29.68 -18.58
C VAL T 21 -0.91 29.72 -19.32
N GLN T 22 -0.47 30.92 -19.72
CA GLN T 22 0.66 31.01 -20.63
C GLN T 22 1.93 30.43 -20.00
N GLU T 23 2.30 30.89 -18.80
CA GLU T 23 3.52 30.35 -18.19
C GLU T 23 3.32 28.94 -17.67
N THR T 24 2.11 28.58 -17.26
CA THR T 24 1.86 27.21 -16.85
C THR T 24 2.13 26.24 -17.99
N LYS T 25 1.67 26.58 -19.19
CA LYS T 25 2.00 25.77 -20.36
C LYS T 25 3.49 25.85 -20.66
N LYS T 26 4.07 27.05 -20.55
CA LYS T 26 5.49 27.20 -20.88
C LYS T 26 6.36 26.33 -19.98
N THR T 27 6.19 26.45 -18.66
CA THR T 27 6.95 25.60 -17.76
C THR T 27 6.60 24.15 -17.96
N PHE T 28 5.31 23.84 -18.16
CA PHE T 28 4.90 22.47 -18.41
C PHE T 28 5.54 21.96 -19.69
N LYS T 29 5.62 22.80 -20.72
CA LYS T 29 6.31 22.40 -21.95
C LYS T 29 7.79 22.18 -21.70
N SER T 30 8.40 22.96 -20.83
CA SER T 30 9.84 22.85 -20.59
C SER T 30 10.23 21.47 -20.08
N ALA T 31 9.31 20.76 -19.42
CA ALA T 31 9.63 19.45 -18.87
C ALA T 31 9.51 18.33 -19.89
N PHE T 32 9.01 18.62 -21.09
CA PHE T 32 8.82 17.58 -22.09
C PHE T 32 9.20 18.00 -23.50
N GLY T 33 9.73 19.20 -23.70
CA GLY T 33 10.15 19.62 -25.02
C GLY T 33 9.03 20.26 -25.82
N GLU T 34 9.44 20.86 -26.95
CA GLU T 34 8.48 21.57 -27.79
C GLU T 34 7.47 20.62 -28.40
N ASP T 35 7.91 19.44 -28.84
CA ASP T 35 7.03 18.50 -29.55
C ASP T 35 6.09 17.89 -28.51
N PHE T 36 5.13 18.69 -28.07
CA PHE T 36 4.15 18.25 -27.08
C PHE T 36 2.87 19.01 -27.35
N ASN T 37 1.86 18.32 -27.85
CA ASN T 37 0.61 18.98 -28.24
C ASN T 37 -0.01 19.69 -27.04
N THR T 38 -0.29 20.98 -27.21
CA THR T 38 -1.00 21.77 -26.21
C THR T 38 -1.99 22.72 -26.86
N GLU T 39 -2.42 22.41 -28.09
CA GLU T 39 -3.32 23.28 -28.82
C GLU T 39 -4.75 23.11 -28.33
N SER T 40 -5.64 23.94 -28.88
CA SER T 40 -7.02 24.01 -28.42
C SER T 40 -7.71 22.66 -28.48
N ASN T 41 -8.50 22.35 -27.46
CA ASN T 41 -9.32 21.14 -27.40
C ASN T 41 -8.48 19.89 -27.20
N SER T 42 -7.16 20.04 -27.09
CA SER T 42 -6.33 18.90 -26.76
C SER T 42 -6.58 18.46 -25.32
N VAL T 43 -6.42 17.17 -25.08
CA VAL T 43 -6.70 16.64 -23.74
C VAL T 43 -5.85 17.33 -22.69
N ALA T 44 -4.56 17.54 -22.99
CA ALA T 44 -3.68 18.20 -22.03
C ALA T 44 -4.15 19.62 -21.75
N ASP T 45 -4.51 20.37 -22.80
CA ASP T 45 -4.95 21.73 -22.60
C ASP T 45 -6.23 21.77 -21.77
N LYS T 46 -7.16 20.86 -22.03
CA LYS T 46 -8.40 20.82 -21.26
C LYS T 46 -8.11 20.67 -19.79
N LEU T 47 -7.18 19.78 -19.44
CA LEU T 47 -6.84 19.57 -18.03
C LEU T 47 -6.24 20.83 -17.42
N ILE T 48 -5.36 21.51 -18.16
CA ILE T 48 -4.70 22.70 -17.63
C ILE T 48 -5.74 23.77 -17.30
N GLN T 49 -6.71 23.95 -18.18
CA GLN T 49 -7.70 25.01 -17.97
C GLN T 49 -8.45 24.80 -16.66
N ILE T 50 -8.81 23.56 -16.34
CA ILE T 50 -9.60 23.30 -15.14
C ILE T 50 -8.84 23.74 -13.90
N PHE T 51 -7.55 23.38 -13.81
CA PHE T 51 -6.78 23.68 -12.61
C PHE T 51 -6.52 25.17 -12.49
N ASN T 52 -6.18 25.83 -13.60
CA ASN T 52 -5.93 27.27 -13.55
C ASN T 52 -7.17 28.05 -13.14
N GLU T 53 -8.34 27.68 -13.65
CA GLU T 53 -9.56 28.37 -13.27
C GLU T 53 -9.80 28.26 -11.77
N ARG T 54 -9.63 27.05 -11.21
CA ARG T 54 -9.74 26.89 -9.77
C ARG T 54 -8.70 27.71 -9.03
N GLU T 55 -7.49 27.81 -9.58
CA GLU T 55 -6.43 28.60 -8.96
C GLU T 55 -6.72 30.09 -9.10
N TYR T 56 -7.34 30.50 -10.22
CA TYR T 56 -7.54 31.92 -10.48
C TYR T 56 -8.43 32.54 -9.41
N GLN T 57 -9.44 31.80 -8.94
CA GLN T 57 -10.32 32.33 -7.92
C GLN T 57 -9.55 32.77 -6.68
N LEU T 58 -8.42 32.10 -6.40
CA LEU T 58 -7.63 32.48 -5.23
C LEU T 58 -7.10 33.90 -5.37
N TRP T 59 -6.57 34.24 -6.55
CA TRP T 59 -6.12 35.61 -6.76
C TRP T 59 -7.26 36.60 -6.63
N LEU T 60 -8.41 36.28 -7.23
CA LEU T 60 -9.55 37.19 -7.15
C LEU T 60 -10.00 37.38 -5.71
N LEU T 61 -10.01 36.30 -4.93
CA LEU T 61 -10.39 36.41 -3.53
C LEU T 61 -9.43 37.32 -2.77
N MET T 62 -8.12 37.17 -3.02
CA MET T 62 -7.15 38.02 -2.34
C MET T 62 -7.37 39.48 -2.68
N GLY T 63 -7.58 39.79 -3.96
CA GLY T 63 -7.83 41.17 -4.33
C GLY T 63 -9.06 41.74 -3.67
N SER T 64 -10.14 40.94 -3.60
CA SER T 64 -11.36 41.41 -2.94
C SER T 64 -11.11 41.69 -1.46
N VAL T 65 -10.36 40.81 -0.79
CA VAL T 65 -10.10 41.03 0.63
C VAL T 65 -9.34 42.33 0.84
N TYR T 66 -8.30 42.58 0.05
CA TYR T 66 -7.56 43.83 0.19
C TYR T 66 -8.46 45.03 -0.07
N TYR T 67 -9.23 44.98 -1.16
CA TYR T 67 -10.09 46.11 -1.49
C TYR T 67 -11.18 46.29 -0.44
N ALA T 68 -11.72 45.19 0.09
CA ALA T 68 -12.78 45.30 1.07
C ALA T 68 -12.33 46.03 2.33
N GLN T 69 -11.04 45.99 2.65
CA GLN T 69 -10.53 46.58 3.88
C GLN T 69 -10.02 48.00 3.70
N THR T 70 -9.98 48.52 2.47
CA THR T 70 -9.55 49.89 2.27
C THR T 70 -10.70 50.85 2.53
N MET T 71 -10.37 52.10 2.83
CA MET T 71 -11.40 53.08 3.14
C MET T 71 -12.34 53.29 1.96
N GLN T 72 -11.79 53.38 0.75
CA GLN T 72 -12.61 53.66 -0.41
C GLN T 72 -13.63 52.55 -0.67
N GLY T 73 -13.22 51.29 -0.51
CA GLY T 73 -14.08 50.17 -0.81
C GLY T 73 -14.92 49.67 0.34
N ALA T 74 -15.01 50.41 1.43
CA ALA T 74 -15.76 49.99 2.61
C ALA T 74 -17.25 50.17 2.34
N GLU T 75 -18.01 49.08 2.48
CA GLU T 75 -19.44 49.09 2.25
C GLU T 75 -20.16 48.22 3.26
N GLY T 76 -21.31 48.69 3.72
CA GLY T 76 -22.16 47.86 4.57
C GLY T 76 -21.44 47.41 5.82
N ILE T 77 -21.57 46.12 6.14
CA ILE T 77 -20.95 45.59 7.35
C ILE T 77 -19.45 45.80 7.32
N TYR T 78 -18.82 45.60 6.16
CA TYR T 78 -17.38 45.77 6.07
C TYR T 78 -16.97 47.17 6.52
N LEU T 79 -17.80 48.16 6.27
CA LEU T 79 -17.52 49.50 6.79
C LEU T 79 -17.51 49.51 8.30
N ASP T 80 -18.45 48.79 8.92
CA ASP T 80 -18.53 48.77 10.38
C ASP T 80 -17.25 48.18 10.98
N ASP T 81 -16.71 47.12 10.37
CA ASP T 81 -15.52 46.50 10.90
C ASP T 81 -14.33 47.45 10.85
N LEU T 82 -14.15 48.15 9.73
CA LEU T 82 -12.98 49.01 9.58
C LEU T 82 -12.97 50.12 10.62
N LEU T 83 -14.06 50.88 10.72
CA LEU T 83 -14.12 51.93 11.74
C LEU T 83 -14.28 51.34 13.13
N GLY T 84 -14.77 50.10 13.22
CA GLY T 84 -14.77 49.42 14.50
C GLY T 84 -13.36 49.22 15.03
N LYS T 85 -12.41 48.99 14.13
CA LYS T 85 -11.01 48.83 14.55
C LYS T 85 -10.53 50.06 15.31
N ARG T 86 -11.12 51.22 15.04
CA ARG T 86 -10.77 52.46 15.73
C ARG T 86 -11.41 52.56 17.10
N GLY T 87 -12.33 51.67 17.44
CA GLY T 87 -12.97 51.68 18.74
C GLY T 87 -14.30 52.39 18.81
N ILE T 88 -14.92 52.72 17.67
CA ILE T 88 -16.21 53.39 17.65
C ILE T 88 -17.16 52.57 16.79
N TYR T 89 -18.46 52.70 17.09
CA TYR T 89 -19.50 51.91 16.47
C TYR T 89 -20.66 52.80 16.07
N ARG T 90 -21.41 52.37 15.05
CA ARG T 90 -22.54 53.15 14.58
C ARG T 90 -23.64 53.19 15.63
N LEU T 91 -24.43 54.26 15.59
CA LEU T 91 -25.51 54.42 16.55
C LEU T 91 -26.71 53.58 16.14
N GLY T 92 -27.72 53.55 17.02
CA GLY T 92 -28.94 52.80 16.80
C GLY T 92 -30.17 53.68 16.93
N LYS T 93 -31.30 53.02 17.13
CA LYS T 93 -32.57 53.71 17.29
C LYS T 93 -32.46 54.73 18.42
N THR T 94 -32.62 56.00 18.08
CA THR T 94 -32.48 57.11 19.02
C THR T 94 -33.85 57.70 19.35
N ARG T 95 -33.96 58.29 20.53
CA ARG T 95 -35.24 58.71 21.07
C ARG T 95 -35.30 60.23 21.20
N SER T 96 -36.51 60.78 21.11
CA SER T 96 -36.69 62.22 21.16
C SER T 96 -36.67 62.74 22.59
N THR T 97 -36.34 64.01 22.74
CA THR T 97 -36.33 64.70 24.02
C THR T 97 -37.18 65.97 23.92
N GLY T 98 -38.08 66.16 24.88
CA GLY T 98 -38.96 67.31 24.85
C GLY T 98 -38.90 68.14 26.14
N THR T 99 -39.90 68.99 26.34
CA THR T 99 -39.96 69.85 27.53
C THR T 99 -41.41 70.06 27.93
N VAL T 100 -41.64 70.12 29.24
CA VAL T 100 -42.98 70.34 29.77
C VAL T 100 -43.53 71.66 29.26
N ASP T 124 -47.49 58.27 23.85
CA ASP T 124 -46.36 58.37 22.93
C ASP T 124 -45.11 58.87 23.65
N TYR T 125 -45.31 59.72 24.65
CA TYR T 125 -44.22 60.33 25.40
C TYR T 125 -44.42 60.06 26.88
N GLU T 126 -43.33 60.19 27.64
CA GLU T 126 -43.38 60.03 29.09
C GLU T 126 -42.34 60.94 29.72
N LEU T 127 -42.56 61.25 31.00
CA LEU T 127 -41.62 62.08 31.73
C LEU T 127 -40.29 61.36 31.92
N SER T 128 -39.20 62.11 31.77
CA SER T 128 -37.86 61.54 31.90
C SER T 128 -37.47 61.26 33.34
N SER T 129 -38.03 62.01 34.30
CA SER T 129 -37.72 61.79 35.71
C SER T 129 -38.80 62.48 36.54
N ASP T 130 -38.81 62.16 37.83
CA ASP T 130 -39.79 62.74 38.72
C ASP T 130 -39.61 64.25 38.79
N VAL T 131 -40.72 64.96 39.03
CA VAL T 131 -40.71 66.42 39.09
C VAL T 131 -41.46 66.86 40.33
N GLN T 132 -41.22 68.11 40.73
CA GLN T 132 -41.86 68.69 41.89
C GLN T 132 -41.86 70.20 41.75
N VAL T 133 -42.43 70.87 42.73
CA VAL T 133 -42.53 72.33 42.72
C VAL T 133 -41.15 72.95 42.48
N ASP T 244 -37.00 65.39 32.17
CA ASP T 244 -37.99 66.35 31.69
C ASP T 244 -39.09 65.64 30.91
N VAL T 245 -38.86 65.39 29.61
CA VAL T 245 -39.79 64.65 28.78
C VAL T 245 -38.99 63.70 27.89
N ARG T 246 -39.44 62.46 27.82
CA ARG T 246 -38.75 61.42 27.09
C ARG T 246 -39.77 60.65 26.26
N SER T 247 -39.35 60.28 25.05
CA SER T 247 -40.24 59.56 24.16
C SER T 247 -40.34 58.09 24.58
N ILE T 248 -41.55 57.55 24.49
CA ILE T 248 -41.76 56.14 24.81
C ILE T 248 -41.34 55.27 23.65
N GLU T 249 -41.61 55.70 22.42
CA GLU T 249 -41.30 54.90 21.26
C GLU T 249 -39.79 54.78 21.09
N PRO T 250 -39.32 53.69 20.49
CA PRO T 250 -37.87 53.46 20.41
C PRO T 250 -37.13 54.37 19.44
N GLY T 251 -37.83 55.00 18.51
CA GLY T 251 -37.14 55.69 17.43
C GLY T 251 -37.94 56.77 16.73
N TYR T 252 -37.85 56.78 15.41
CA TYR T 252 -38.42 57.83 14.57
C TYR T 252 -39.80 58.27 15.06
N ILE T 253 -39.98 59.58 15.22
CA ILE T 253 -41.28 60.11 15.59
C ILE T 253 -41.44 61.52 15.02
N ARG T 255 -46.91 64.96 16.50
CA ARG T 255 -46.77 65.22 17.93
C ARG T 255 -45.41 65.86 18.20
N ASP T 256 -44.92 66.62 17.23
CA ASP T 256 -43.58 67.18 17.30
C ASP T 256 -43.56 68.61 16.81
N VAL T 257 -44.57 69.40 17.17
CA VAL T 257 -44.71 70.77 16.70
C VAL T 257 -44.93 71.68 17.90
N HIS T 258 -44.62 72.96 17.71
CA HIS T 258 -44.81 73.94 18.78
C HIS T 258 -46.28 74.07 19.14
N SER T 259 -46.54 74.21 20.44
CA SER T 259 -47.88 74.53 20.95
C SER T 259 -48.94 73.55 20.44
N VAL T 260 -48.70 72.26 20.64
CA VAL T 260 -49.70 71.25 20.31
C VAL T 260 -50.59 71.03 21.53
N PHE T 279 -38.06 68.79 21.57
CA PHE T 279 -38.41 67.69 20.68
C PHE T 279 -37.35 67.51 19.60
N ILE T 280 -36.79 66.31 19.51
CA ILE T 280 -35.80 65.97 18.50
C ILE T 280 -36.29 64.74 17.75
N ASP T 281 -36.57 64.91 16.45
CA ASP T 281 -37.22 63.86 15.69
C ASP T 281 -36.21 63.05 14.87
N GLY T 282 -36.71 62.01 14.23
CA GLY T 282 -35.85 61.23 13.34
C GLY T 282 -34.90 60.34 14.13
N SER T 283 -33.71 60.16 13.58
CA SER T 283 -32.64 59.43 14.26
C SER T 283 -32.99 57.96 14.41
N ASP T 284 -33.34 57.32 13.29
CA ASP T 284 -33.64 55.89 13.32
C ASP T 284 -32.37 55.05 13.24
N VAL T 285 -31.59 55.21 12.17
CA VAL T 285 -30.37 54.44 11.96
C VAL T 285 -29.30 55.39 11.41
N GLU T 286 -28.09 55.24 11.91
CA GLU T 286 -27.03 56.17 11.60
C GLU T 286 -26.31 55.69 10.34
N SER T 287 -26.58 56.35 9.21
CA SER T 287 -26.17 55.83 7.91
C SER T 287 -24.68 56.05 7.68
N ASP T 288 -24.17 55.39 6.65
CA ASP T 288 -22.73 55.34 6.40
C ASP T 288 -22.15 56.72 6.17
N ASN T 289 -22.83 57.55 5.38
CA ASN T 289 -22.26 58.85 5.02
C ASN T 289 -21.95 59.67 6.26
N GLU T 290 -22.93 59.85 7.15
CA GLU T 290 -22.67 60.53 8.40
C GLU T 290 -21.80 59.68 9.32
N TYR T 291 -21.85 58.36 9.16
CA TYR T 291 -20.98 57.49 9.95
C TYR T 291 -19.52 57.74 9.61
N ARG T 292 -19.22 57.92 8.32
CA ARG T 292 -17.87 58.34 7.94
C ARG T 292 -17.54 59.69 8.55
N ILE T 293 -18.50 60.63 8.55
CA ILE T 293 -18.25 61.95 9.11
C ILE T 293 -17.96 61.84 10.60
N ARG T 294 -18.76 61.08 11.34
CA ARG T 294 -18.56 60.97 12.78
C ARG T 294 -17.21 60.37 13.11
N ALA T 295 -16.65 59.58 12.19
CA ALA T 295 -15.34 58.98 12.43
C ALA T 295 -14.22 60.01 12.36
N ALA T 296 -14.49 61.21 11.83
CA ALA T 296 -13.45 62.23 11.71
C ALA T 296 -12.94 62.67 13.08
N THR T 297 -13.74 62.54 14.13
CA THR T 297 -13.29 62.94 15.46
C THR T 297 -12.22 61.97 15.96
N SER T 298 -11.71 62.28 17.15
CA SER T 298 -10.72 61.43 17.81
C SER T 298 -11.08 61.32 19.29
N ILE T 299 -10.63 60.22 19.90
CA ILE T 299 -10.89 59.96 21.30
C ILE T 299 -9.61 59.45 21.95
N SER T 300 -9.36 59.93 23.17
CA SER T 300 -8.20 59.50 23.93
C SER T 300 -8.46 59.76 25.40
N GLU T 301 -7.71 59.05 26.25
CA GLU T 301 -7.80 59.21 27.70
C GLU T 301 -6.77 60.20 28.25
N GLY T 302 -6.01 60.85 27.39
CA GLY T 302 -4.97 61.74 27.86
C GLY T 302 -5.54 62.98 28.54
N LYS T 303 -4.65 63.69 29.24
CA LYS T 303 -5.02 64.88 29.99
C LYS T 303 -3.90 65.90 29.92
N ALA T 304 -4.25 67.16 30.14
CA ALA T 304 -3.28 68.24 30.29
C ALA T 304 -2.60 68.60 28.98
N THR T 305 -3.00 67.97 27.89
CA THR T 305 -2.41 68.29 26.58
C THR T 305 -3.50 68.79 25.63
N ARG T 306 -3.07 69.59 24.65
CA ARG T 306 -4.02 70.25 23.74
C ARG T 306 -4.98 69.28 23.07
N PRO T 307 -4.54 68.17 22.45
CA PRO T 307 -5.51 67.22 21.90
C PRO T 307 -6.46 66.67 22.95
N ALA T 308 -5.98 66.45 24.17
CA ALA T 308 -6.84 65.89 25.22
C ALA T 308 -7.99 66.84 25.53
N ILE T 309 -7.69 68.13 25.65
CA ILE T 309 -8.73 69.11 25.97
C ILE T 309 -9.79 69.10 24.89
N LEU T 310 -9.35 69.12 23.62
CA LEU T 310 -10.29 69.11 22.51
C LEU T 310 -11.14 67.84 22.52
N ALA T 311 -10.49 66.69 22.74
CA ALA T 311 -11.22 65.42 22.67
C ALA T 311 -12.30 65.35 23.73
N ALA T 312 -11.95 65.72 24.97
CA ALA T 312 -12.92 65.61 26.07
C ALA T 312 -14.13 66.50 25.83
N LEU T 313 -13.89 67.74 25.38
CA LEU T 313 -14.99 68.68 25.23
C LEU T 313 -16.01 68.19 24.21
N LEU T 314 -15.52 67.67 23.08
CA LEU T 314 -16.42 67.22 22.02
C LEU T 314 -17.19 65.96 22.40
N ASN T 315 -16.83 65.28 23.50
CA ASN T 315 -17.51 64.07 23.91
C ASN T 315 -18.39 64.23 25.13
N LYS T 316 -18.10 65.19 26.00
CA LYS T 316 -18.85 65.37 27.24
C LYS T 316 -19.77 66.58 27.23
N VAL T 317 -19.29 67.73 26.77
CA VAL T 317 -20.09 68.95 26.78
C VAL T 317 -21.23 68.78 25.79
N GLU T 318 -22.47 68.80 26.28
CA GLU T 318 -23.61 68.69 25.40
C GLU T 318 -23.77 69.94 24.55
N GLY T 319 -24.17 69.73 23.30
CA GLY T 319 -24.44 70.84 22.41
C GLY T 319 -23.21 71.52 21.84
N ILE T 320 -22.03 70.97 22.07
CA ILE T 320 -20.80 71.56 21.53
C ILE T 320 -20.70 71.22 20.06
N GLU T 321 -20.26 72.19 19.25
CA GLU T 321 -20.16 72.03 17.81
C GLU T 321 -18.76 72.32 17.29
N LYS T 322 -18.06 73.28 17.87
CA LYS T 322 -16.70 73.61 17.47
C LYS T 322 -15.94 74.13 18.67
N VAL T 323 -14.61 74.06 18.57
CA VAL T 323 -13.73 74.52 19.65
C VAL T 323 -12.34 74.72 19.10
N ARG T 324 -11.63 75.68 19.68
CA ARG T 324 -10.23 75.92 19.35
C ARG T 324 -9.54 76.50 20.57
N ILE T 325 -8.23 76.34 20.61
CA ILE T 325 -7.41 76.80 21.74
C ILE T 325 -6.25 77.62 21.20
N PHE T 326 -5.98 78.74 21.87
CA PHE T 326 -4.85 79.60 21.55
C PHE T 326 -3.88 79.58 22.73
N ASN T 327 -2.59 79.52 22.41
CA ASN T 327 -1.56 79.37 23.43
C ASN T 327 -0.60 80.55 23.41
N ASN T 328 -0.25 81.02 24.62
CA ASN T 328 0.78 82.02 24.82
C ASN T 328 1.73 81.50 25.91
N ASN T 329 2.67 80.66 25.50
CA ASN T 329 3.68 80.13 26.41
C ASN T 329 4.99 80.91 26.37
N THR T 330 4.93 82.20 26.67
CA THR T 330 6.09 83.06 26.65
C THR T 330 6.09 83.96 27.88
N ASP T 331 7.04 84.88 27.92
CA ASP T 331 7.18 85.76 29.08
C ASP T 331 6.33 87.02 28.97
N LYS T 332 6.03 87.45 27.75
CA LYS T 332 5.38 88.74 27.53
C LYS T 332 4.13 88.53 26.69
N THR T 333 3.16 89.42 26.88
CA THR T 333 1.85 89.28 26.25
C THR T 333 1.99 89.15 24.74
N ASN T 334 1.24 88.22 24.17
CA ASN T 334 1.29 87.93 22.75
C ASN T 334 0.56 89.02 21.96
N SER T 335 0.46 88.82 20.65
CA SER T 335 -0.21 89.77 19.78
C SER T 335 -1.72 89.75 20.01
N LEU T 336 -2.21 88.72 20.70
CA LEU T 336 -3.63 88.60 21.01
C LEU T 336 -3.96 89.06 22.42
N GLY T 337 -2.99 89.67 23.11
CA GLY T 337 -3.24 90.22 24.42
C GLY T 337 -3.35 89.21 25.54
N ILE T 338 -3.03 87.94 25.29
CA ILE T 338 -3.11 86.93 26.33
C ILE T 338 -2.04 87.22 27.38
N PRO T 339 -2.38 87.22 28.66
CA PRO T 339 -1.35 87.43 29.69
C PRO T 339 -0.29 86.34 29.62
N PRO T 340 0.94 86.65 29.98
CA PRO T 340 2.02 85.65 29.84
C PRO T 340 1.75 84.42 30.69
N TYR T 341 2.20 83.27 30.18
CA TYR T 341 2.03 81.99 30.86
C TYR T 341 0.55 81.71 31.15
N ARG T 342 -0.29 81.91 30.14
CA ARG T 342 -1.70 81.56 30.21
C ARG T 342 -2.19 81.24 28.81
N PHE T 343 -3.29 80.49 28.76
CA PHE T 343 -3.88 80.07 27.50
C PHE T 343 -5.37 80.31 27.54
N MET T 344 -5.96 80.49 26.36
CA MET T 344 -7.37 80.85 26.22
C MET T 344 -8.08 79.76 25.45
N VAL T 345 -9.33 79.49 25.83
CA VAL T 345 -10.18 78.51 25.17
C VAL T 345 -11.42 79.21 24.67
N VAL T 346 -11.73 79.04 23.39
CA VAL T 346 -12.91 79.61 22.76
C VAL T 346 -13.74 78.48 22.18
N CYS T 347 -15.04 78.51 22.44
CA CYS T 347 -15.95 77.47 22.00
C CYS T 347 -17.20 78.09 21.40
N TYR T 348 -17.91 77.29 20.62
CA TYR T 348 -19.14 77.70 19.98
C TYR T 348 -20.26 76.76 20.39
N GLY T 349 -21.34 77.33 20.93
CA GLY T 349 -22.40 76.53 21.49
C GLY T 349 -22.04 76.02 22.87
N GLY T 350 -22.91 75.15 23.38
CA GLY T 350 -22.68 74.52 24.67
C GLY T 350 -23.04 75.41 25.84
N GLY T 351 -23.07 74.84 27.05
CA GLY T 351 -23.43 75.58 28.23
C GLY T 351 -22.27 76.37 28.81
N THR T 352 -22.41 76.84 30.05
CA THR T 352 -21.38 77.66 30.68
C THR T 352 -20.91 77.04 31.99
N ALA T 353 -21.83 76.48 32.77
CA ALA T 353 -21.49 75.88 34.06
C ALA T 353 -21.25 74.38 33.95
N GLU T 354 -21.02 73.89 32.72
CA GLU T 354 -20.81 72.47 32.49
C GLU T 354 -19.44 72.27 31.84
N ILE T 355 -19.12 73.08 30.85
CA ILE T 355 -17.80 73.03 30.23
C ILE T 355 -16.74 73.31 31.28
N SER T 356 -17.01 74.25 32.20
CA SER T 356 -16.09 74.50 33.30
C SER T 356 -15.85 73.24 34.11
N GLN T 357 -16.93 72.51 34.42
CA GLN T 357 -16.78 71.25 35.13
C GLN T 357 -15.91 70.29 34.34
N VAL T 358 -16.19 70.16 33.04
CA VAL T 358 -15.39 69.26 32.21
C VAL T 358 -13.95 69.73 32.15
N LEU T 359 -13.71 71.03 31.97
CA LEU T 359 -12.35 71.53 31.90
C LEU T 359 -11.59 71.24 33.19
N TYR T 360 -12.24 71.43 34.33
CA TYR T 360 -11.57 71.22 35.61
C TYR T 360 -11.00 69.80 35.71
N ASP T 361 -11.74 68.81 35.24
CA ASP T 361 -11.30 67.43 35.34
C ASP T 361 -10.17 67.08 34.39
N THR T 362 -9.84 67.97 33.45
CA THR T 362 -8.88 67.60 32.41
C THR T 362 -7.69 68.54 32.29
N ILE T 363 -7.70 69.72 32.93
CA ILE T 363 -6.55 70.62 32.87
C ILE T 363 -5.57 70.22 33.97
N ALA T 364 -4.33 70.69 33.85
CA ALA T 364 -3.34 70.42 34.88
C ALA T 364 -3.69 71.14 36.17
N THR T 365 -2.94 70.84 37.23
CA THR T 365 -3.18 71.44 38.55
C THR T 365 -2.54 72.83 38.62
N SER T 366 -2.85 73.63 37.61
CA SER T 366 -2.37 75.01 37.55
C SER T 366 -3.35 75.77 36.67
N ASN T 367 -4.24 76.55 37.29
CA ASN T 367 -5.35 77.16 36.57
C ASN T 367 -4.80 78.29 35.70
N ASN T 368 -4.38 77.92 34.49
CA ASN T 368 -3.82 78.86 33.53
C ASN T 368 -4.87 79.36 32.53
N THR T 369 -6.14 79.24 32.85
CA THR T 369 -7.17 79.66 31.90
C THR T 369 -7.32 81.18 31.90
N TYR T 370 -7.82 81.69 30.77
CA TYR T 370 -8.08 83.11 30.61
C TYR T 370 -9.15 83.27 29.54
N GLY T 371 -10.02 84.25 29.74
CA GLY T 371 -11.12 84.45 28.82
C GLY T 371 -12.04 85.55 29.29
N ASP T 372 -13.15 85.69 28.56
CA ASP T 372 -14.08 86.78 28.81
C ASP T 372 -14.91 86.55 30.06
N THR T 373 -15.42 85.33 30.24
CA THR T 373 -16.35 85.04 31.32
C THR T 373 -15.76 83.94 32.19
N PHE T 374 -16.19 83.94 33.45
CA PHE T 374 -15.68 83.01 34.44
C PHE T 374 -16.84 82.36 35.17
N TYR T 375 -16.57 81.23 35.81
CA TYR T 375 -17.55 80.53 36.63
C TYR T 375 -16.82 79.75 37.71
N ASP T 376 -17.13 80.04 38.96
CA ASP T 376 -16.42 79.43 40.08
C ASP T 376 -16.86 77.98 40.28
N ILE T 377 -15.91 77.15 40.70
CA ILE T 377 -16.18 75.76 41.03
C ILE T 377 -15.40 75.42 42.30
N THR T 378 -15.79 74.34 42.96
CA THR T 378 -15.19 73.95 44.23
C THR T 378 -15.10 72.44 44.33
N THR T 379 -14.24 71.99 45.22
CA THR T 379 -14.07 70.57 45.48
C THR T 379 -13.78 70.30 46.95
N GLN T 383 -12.04 74.15 48.93
CA GLN T 383 -11.23 74.90 47.96
C GLN T 383 -12.11 75.35 46.79
N VAL T 384 -11.87 76.56 46.31
CA VAL T 384 -12.68 77.16 45.26
C VAL T 384 -11.77 77.83 44.25
N GLU T 385 -12.13 77.70 42.97
CA GLU T 385 -11.43 78.37 41.88
C GLU T 385 -12.42 78.62 40.75
N ARG T 386 -11.96 79.27 39.69
CA ARG T 386 -12.81 79.64 38.57
C ARG T 386 -12.10 79.41 37.26
N ILE T 387 -12.88 79.19 36.20
CA ILE T 387 -12.38 78.83 34.88
C ILE T 387 -12.94 79.82 33.87
N TRP T 388 -12.13 80.16 32.87
CA TRP T 388 -12.49 81.17 31.88
C TRP T 388 -12.71 80.55 30.50
N HIS T 389 -13.55 81.19 29.70
CA HIS T 389 -13.80 80.75 28.33
C HIS T 389 -14.51 81.88 27.58
N THR T 390 -14.70 81.67 26.28
CA THR T 390 -15.30 82.67 25.40
C THR T 390 -16.24 82.00 24.41
N LYS T 391 -17.05 82.82 23.74
CA LYS T 391 -18.00 82.37 22.73
C LYS T 391 -17.95 83.30 21.53
N ALA T 392 -18.02 82.73 20.32
CA ALA T 392 -17.68 83.48 19.13
C ALA T 392 -18.90 83.70 18.24
N ALA T 393 -19.51 82.63 17.72
CA ALA T 393 -20.64 82.73 16.77
C ALA T 393 -20.33 83.87 15.79
N ALA T 394 -21.31 84.71 15.45
CA ALA T 394 -21.10 86.05 14.91
C ALA T 394 -20.66 86.14 13.44
N ARG T 395 -21.10 85.24 12.56
CA ARG T 395 -20.97 85.51 11.14
C ARG T 395 -21.81 84.56 10.30
N GLN T 396 -22.36 85.11 9.21
CA GLN T 396 -23.04 84.34 8.16
C GLN T 396 -22.56 84.90 6.83
N LEU T 397 -22.35 84.02 5.86
CA LEU T 397 -21.77 84.44 4.58
C LEU T 397 -22.80 84.30 3.46
N ALA T 398 -22.40 84.76 2.26
CA ALA T 398 -23.19 84.60 1.06
C ALA T 398 -22.24 84.38 -0.10
N ILE T 399 -22.68 83.60 -1.08
CA ILE T 399 -21.82 83.13 -2.16
C ILE T 399 -22.55 83.25 -3.49
N ARG T 400 -21.78 83.59 -4.53
CA ARG T 400 -22.24 83.56 -5.90
C ARG T 400 -21.21 82.82 -6.75
N VAL T 401 -21.68 82.16 -7.80
CA VAL T 401 -20.83 81.37 -8.68
C VAL T 401 -21.16 81.70 -10.13
N ARG T 402 -20.12 81.87 -10.94
CA ARG T 402 -20.24 82.16 -12.37
C ARG T 402 -19.47 81.10 -13.14
N TYR T 403 -20.05 80.64 -14.24
CA TYR T 403 -19.43 79.58 -15.04
C TYR T 403 -19.85 79.71 -16.49
N ARG T 404 -19.07 79.07 -17.36
CA ARG T 404 -19.34 79.04 -18.80
C ARG T 404 -19.46 77.59 -19.24
N GLY T 405 -20.54 77.28 -19.96
CA GLY T 405 -20.68 75.96 -20.55
C GLY T 405 -22.11 75.47 -20.65
N ARG T 406 -22.32 74.21 -20.29
CA ARG T 406 -23.60 73.54 -20.38
C ARG T 406 -24.37 73.73 -19.09
N PRO T 407 -25.54 74.41 -19.09
CA PRO T 407 -26.22 74.68 -17.83
C PRO T 407 -26.47 73.41 -17.03
N LEU T 408 -26.50 73.57 -15.70
CA LEU T 408 -26.50 72.46 -14.76
C LEU T 408 -27.89 72.08 -14.29
N SER T 409 -28.91 72.25 -15.14
CA SER T 409 -30.27 71.84 -14.79
C SER T 409 -30.68 72.42 -13.44
N LEU T 410 -31.21 71.59 -12.55
CA LEU T 410 -31.57 72.03 -11.21
C LEU T 410 -30.98 71.10 -10.16
N THR T 411 -30.90 69.80 -10.48
CA THR T 411 -30.40 68.83 -9.53
C THR T 411 -28.93 69.06 -9.19
N GLU T 412 -28.12 69.36 -10.21
CA GLU T 412 -26.69 69.55 -9.99
C GLU T 412 -26.42 70.73 -9.06
N GLU T 413 -27.11 71.85 -9.27
CA GLU T 413 -26.94 73.00 -8.40
C GLU T 413 -27.12 72.61 -6.94
N THR T 414 -28.11 71.76 -6.66
CA THR T 414 -28.26 71.24 -5.30
C THR T 414 -27.03 70.43 -4.90
N ALA T 415 -26.53 69.59 -5.80
CA ALA T 415 -25.33 68.83 -5.51
C ALA T 415 -24.13 69.75 -5.34
N ILE T 416 -24.02 70.78 -6.17
CA ILE T 416 -22.93 71.74 -6.02
C ILE T 416 -23.13 72.57 -4.75
N ALA T 417 -24.35 73.07 -4.54
CA ALA T 417 -24.58 73.99 -3.44
C ALA T 417 -24.33 73.34 -2.10
N ASN T 418 -24.95 72.18 -1.86
CA ASN T 418 -24.80 71.52 -0.56
C ASN T 418 -23.35 71.13 -0.32
N GLY T 419 -22.64 70.71 -1.36
CA GLY T 419 -21.24 70.34 -1.23
C GLY T 419 -20.40 71.50 -0.74
N LEU T 420 -20.65 72.70 -1.28
CA LEU T 420 -19.90 73.88 -0.84
C LEU T 420 -20.16 74.16 0.63
N ALA T 421 -21.42 74.02 1.07
CA ALA T 421 -21.76 74.31 2.46
C ALA T 421 -20.92 73.49 3.43
N THR T 422 -20.54 72.27 3.06
CA THR T 422 -19.71 71.46 3.94
C THR T 422 -18.33 72.07 4.11
N ALA T 423 -17.68 72.41 2.99
CA ALA T 423 -16.31 72.92 3.07
C ALA T 423 -16.25 74.22 3.85
N VAL T 424 -17.15 75.15 3.56
CA VAL T 424 -17.14 76.43 4.27
C VAL T 424 -17.42 76.20 5.76
N ASN T 425 -18.40 75.35 6.06
CA ASN T 425 -18.78 75.12 7.44
C ASN T 425 -17.66 74.49 8.25
N GLY T 426 -16.91 73.57 7.65
CA GLY T 426 -15.89 72.86 8.39
C GLY T 426 -14.71 73.72 8.81
N THR T 427 -14.63 74.95 8.31
CA THR T 427 -13.50 75.81 8.62
C THR T 427 -13.34 75.96 10.13
N MET T 428 -12.10 76.16 10.56
CA MET T 428 -11.79 76.31 11.96
C MET T 428 -12.20 77.69 12.46
N ILE T 429 -12.20 77.84 13.78
CA ILE T 429 -12.49 79.14 14.37
C ILE T 429 -11.37 80.10 14.01
N ALA T 430 -11.74 81.30 13.57
CA ALA T 430 -10.77 82.30 13.13
C ALA T 430 -9.87 81.73 12.04
N GLY T 431 -10.47 80.97 11.14
CA GLY T 431 -9.75 80.40 10.01
C GLY T 431 -9.73 81.34 8.82
N THR T 432 -9.38 80.77 7.67
CA THR T 432 -9.32 81.52 6.41
C THR T 432 -9.84 80.65 5.29
N LEU T 433 -10.62 81.26 4.40
CA LEU T 433 -11.13 80.59 3.21
C LEU T 433 -10.28 80.96 2.00
N TYR T 434 -9.93 79.97 1.21
CA TYR T 434 -9.09 80.15 0.02
C TYR T 434 -9.95 79.99 -1.21
N ASN T 435 -9.95 81.01 -2.07
CA ASN T 435 -10.77 80.96 -3.28
C ASN T 435 -10.44 79.72 -4.10
N VAL T 436 -9.17 79.34 -4.16
CA VAL T 436 -8.78 78.17 -4.94
C VAL T 436 -9.45 76.91 -4.42
N ARG T 437 -9.51 76.75 -3.10
CA ARG T 437 -10.15 75.56 -2.54
C ARG T 437 -11.61 75.49 -2.93
N LEU T 438 -12.31 76.62 -2.90
CA LEU T 438 -13.72 76.62 -3.27
C LEU T 438 -13.90 76.14 -4.71
N VAL T 439 -13.04 76.60 -5.61
CA VAL T 439 -13.12 76.16 -7.00
C VAL T 439 -12.93 74.66 -7.08
N GLY T 440 -11.94 74.14 -6.35
CA GLY T 440 -11.65 72.71 -6.41
C GLY T 440 -12.86 71.87 -6.04
N THR T 441 -13.62 72.30 -5.03
CA THR T 441 -14.80 71.55 -4.63
C THR T 441 -15.81 71.44 -5.76
N VAL T 442 -16.04 72.53 -6.50
CA VAL T 442 -16.99 72.49 -7.60
C VAL T 442 -16.53 71.53 -8.68
N MET T 443 -15.23 71.48 -8.94
CA MET T 443 -14.69 70.54 -9.92
C MET T 443 -14.77 69.09 -9.45
N SER T 444 -15.00 68.86 -8.16
CA SER T 444 -15.04 67.50 -7.61
C SER T 444 -16.41 67.06 -7.15
N SER T 445 -17.33 67.97 -6.86
CA SER T 445 -18.69 67.61 -6.48
C SER T 445 -19.53 67.19 -7.67
N THR T 446 -18.99 67.35 -8.87
CA THR T 446 -19.66 66.91 -10.09
C THR T 446 -18.60 66.36 -11.03
N SER T 447 -19.05 65.68 -12.08
CA SER T 447 -18.13 65.08 -13.02
C SER T 447 -17.32 66.18 -13.72
N PRO T 448 -16.04 65.93 -13.99
CA PRO T 448 -15.25 66.93 -14.72
C PRO T 448 -15.79 67.15 -16.13
N ASP T 449 -15.15 68.06 -16.87
CA ASP T 449 -15.51 68.31 -18.26
C ASP T 449 -16.93 68.84 -18.36
N ARG T 450 -17.24 69.86 -17.55
CA ARG T 450 -18.55 70.50 -17.59
C ARG T 450 -18.43 72.02 -17.62
N PHE T 451 -17.23 72.54 -17.35
CA PHE T 451 -16.99 73.97 -17.31
C PHE T 451 -15.69 74.30 -18.00
N THR T 452 -15.63 75.49 -18.61
CA THR T 452 -14.39 76.03 -19.13
C THR T 452 -13.81 77.12 -18.24
N GLN T 453 -14.66 77.87 -17.54
CA GLN T 453 -14.21 78.87 -16.58
C GLN T 453 -15.11 78.80 -15.36
N VAL T 454 -14.58 79.28 -14.23
CA VAL T 454 -15.32 79.27 -12.97
C VAL T 454 -14.81 80.40 -12.10
N TYR T 455 -15.74 81.05 -11.39
CA TYR T 455 -15.40 82.06 -10.41
C TYR T 455 -16.41 82.00 -9.28
N VAL T 456 -15.96 82.38 -8.08
CA VAL T 456 -16.81 82.40 -6.90
C VAL T 456 -16.62 83.74 -6.22
N ASP T 457 -17.73 84.28 -5.71
CA ASP T 457 -17.75 85.58 -5.04
C ASP T 457 -18.39 85.42 -3.68
N ILE T 458 -17.83 86.10 -2.69
CA ILE T 458 -18.23 85.96 -1.29
C ILE T 458 -18.60 87.32 -0.73
N LYS T 459 -19.70 87.37 0.02
CA LYS T 459 -20.11 88.59 0.70
C LYS T 459 -20.97 88.20 1.89
N ASN T 460 -21.02 89.09 2.88
CA ASN T 460 -21.86 88.88 4.05
C ASN T 460 -23.30 89.20 3.72
N LYS T 461 -24.21 88.55 4.44
CA LYS T 461 -25.64 88.70 4.19
C LYS T 461 -26.07 90.16 4.34
N GLY T 462 -26.93 90.62 3.45
CA GLY T 462 -27.48 91.96 3.53
C GLY T 462 -26.65 93.00 2.81
N GLN T 463 -25.40 92.66 2.51
CA GLN T 463 -24.53 93.61 1.85
C GLN T 463 -25.02 93.88 0.42
N PRO T 464 -24.69 95.04 -0.15
CA PRO T 464 -25.07 95.31 -1.53
C PRO T 464 -24.35 94.38 -2.50
N ASP T 465 -24.98 94.14 -3.64
CA ASP T 465 -24.41 93.23 -4.63
C ASP T 465 -23.02 93.68 -5.06
N SER T 466 -22.75 94.99 -5.01
CA SER T 466 -21.45 95.49 -5.40
C SER T 466 -20.34 95.02 -4.46
N ALA T 467 -20.69 94.48 -3.30
CA ALA T 467 -19.71 94.06 -2.30
C ALA T 467 -19.10 92.70 -2.60
N TYR T 468 -19.54 92.02 -3.64
CA TYR T 468 -18.99 90.70 -3.96
C TYR T 468 -17.49 90.81 -4.24
N VAL T 469 -16.71 89.92 -3.63
CA VAL T 469 -15.27 89.89 -3.81
C VAL T 469 -14.83 88.46 -4.02
N ASN T 470 -13.67 88.30 -4.67
CA ASN T 470 -13.11 86.98 -4.95
C ASN T 470 -11.86 86.70 -4.14
N THR T 471 -11.36 87.68 -3.38
CA THR T 471 -10.16 87.45 -2.58
C THR T 471 -10.48 86.53 -1.40
N ASP T 472 -9.43 85.91 -0.87
CA ASP T 472 -9.58 85.06 0.30
C ASP T 472 -10.10 85.87 1.48
N VAL T 473 -10.89 85.23 2.33
CA VAL T 473 -11.51 85.89 3.47
C VAL T 473 -11.18 85.12 4.73
N THR T 474 -10.96 85.88 5.82
CA THR T 474 -10.70 85.29 7.12
C THR T 474 -11.72 85.79 8.12
N ALA T 475 -11.55 85.43 9.40
CA ALA T 475 -12.49 85.83 10.44
C ALA T 475 -11.71 86.21 11.68
N SER T 476 -12.32 87.07 12.50
CA SER T 476 -11.68 87.52 13.73
C SER T 476 -11.57 86.35 14.71
N THR T 477 -11.01 86.66 15.88
CA THR T 477 -10.84 85.64 16.91
C THR T 477 -12.18 85.06 17.35
N THR T 478 -13.18 85.93 17.52
CA THR T 478 -14.48 85.51 18.03
C THR T 478 -15.54 85.42 16.94
N GLN T 479 -15.17 84.95 15.75
CA GLN T 479 -16.10 84.80 14.63
C GLN T 479 -16.02 83.39 14.08
N VAL T 480 -17.16 82.87 13.64
CA VAL T 480 -17.24 81.54 13.06
C VAL T 480 -17.96 81.66 11.71
N LEU T 481 -17.35 81.11 10.67
CA LEU T 481 -17.92 81.16 9.33
C LEU T 481 -19.09 80.20 9.23
N SER T 482 -20.15 80.63 8.55
CA SER T 482 -21.34 79.81 8.37
C SER T 482 -21.99 80.13 7.03
N LEU T 483 -22.61 79.11 6.44
CA LEU T 483 -23.30 79.24 5.17
C LEU T 483 -24.58 78.43 5.22
N GLU T 484 -25.56 78.86 4.42
CA GLU T 484 -26.87 78.23 4.41
C GLU T 484 -27.48 78.29 3.01
N LEU T 485 -28.77 78.00 2.90
CA LEU T 485 -29.46 78.10 1.62
C LEU T 485 -29.96 79.53 1.41
N GLU T 486 -30.83 79.74 0.42
CA GLU T 486 -31.18 81.09 0.00
C GLU T 486 -29.90 81.80 -0.41
N ASP T 487 -28.91 81.02 -0.81
CA ASP T 487 -27.58 81.53 -1.13
C ASP T 487 -27.06 80.73 -2.32
N VAL T 488 -25.87 81.08 -2.78
CA VAL T 488 -25.22 80.37 -3.88
C VAL T 488 -25.95 80.73 -5.17
N ILE T 489 -25.74 81.95 -5.64
CA ILE T 489 -26.42 82.44 -6.84
C ILE T 489 -25.69 81.91 -8.07
N PHE T 490 -26.32 80.98 -8.78
CA PHE T 490 -25.75 80.45 -10.00
C PHE T 490 -26.04 81.39 -11.17
N SER T 491 -25.14 81.38 -12.15
CA SER T 491 -25.29 82.25 -13.31
C SER T 491 -24.37 81.76 -14.42
N GLN T 492 -24.75 82.07 -15.65
CA GLN T 492 -23.94 81.77 -16.82
C GLN T 492 -23.37 83.07 -17.38
N ILE T 493 -22.06 83.09 -17.59
CA ILE T 493 -21.41 84.27 -18.13
C ILE T 493 -21.74 84.39 -19.62
N ARG U 1 -35.09 43.59 -23.25
CA ARG U 1 -35.85 42.44 -22.74
C ARG U 1 -34.98 41.56 -21.85
N THR U 2 -34.77 42.01 -20.61
CA THR U 2 -33.97 41.24 -19.67
C THR U 2 -34.68 39.93 -19.33
N VAL U 3 -33.90 38.85 -19.28
CA VAL U 3 -34.43 37.51 -19.02
C VAL U 3 -33.47 36.78 -18.11
N VAL U 4 -34.01 35.90 -17.27
CA VAL U 4 -33.21 35.14 -16.31
C VAL U 4 -33.54 33.66 -16.44
N ARG U 5 -32.51 32.83 -16.43
CA ARG U 5 -32.69 31.38 -16.50
C ARG U 5 -33.42 30.89 -15.26
N THR U 6 -34.45 30.07 -15.47
CA THR U 6 -35.27 29.62 -14.35
C THR U 6 -35.71 28.16 -14.43
N PHE U 7 -35.29 27.39 -15.43
CA PHE U 7 -35.73 26.01 -15.53
C PHE U 7 -34.92 25.29 -16.60
N ASP U 8 -34.67 24.00 -16.37
CA ASP U 8 -33.94 23.14 -17.29
C ASP U 8 -34.67 21.82 -17.44
N PHE U 9 -34.48 21.16 -18.57
CA PHE U 9 -35.19 19.94 -18.91
C PHE U 9 -34.20 18.79 -19.12
N GLU U 10 -34.71 17.57 -19.02
CA GLU U 10 -33.97 16.37 -19.35
C GLU U 10 -34.92 15.35 -19.97
N LEU U 11 -34.38 14.53 -20.87
CA LEU U 11 -35.16 13.51 -21.56
C LEU U 11 -34.48 12.15 -21.40
N SER U 12 -35.28 11.14 -21.10
CA SER U 12 -34.75 9.80 -20.89
C SER U 12 -34.56 9.04 -22.21
N GLY U 13 -35.02 9.60 -23.31
CA GLY U 13 -34.88 8.95 -24.60
C GLY U 13 -36.06 8.07 -25.01
N TYR U 14 -37.03 7.88 -24.13
CA TYR U 14 -38.20 7.11 -24.50
C TYR U 14 -38.96 7.84 -25.60
N PRO U 15 -39.39 7.14 -26.66
CA PRO U 15 -39.91 7.85 -27.85
C PRO U 15 -41.25 8.55 -27.64
N ASP U 16 -41.96 8.29 -26.55
CA ASP U 16 -43.29 8.88 -26.35
C ASP U 16 -43.42 9.40 -24.92
N GLU U 17 -42.42 10.14 -24.46
CA GLU U 17 -42.48 10.71 -23.12
C GLU U 17 -43.59 11.75 -23.02
N THR U 18 -44.21 11.83 -21.84
CA THR U 18 -45.23 12.84 -21.56
C THR U 18 -45.23 13.13 -20.07
N PHE U 19 -45.13 14.40 -19.71
CA PHE U 19 -45.06 14.79 -18.31
C PHE U 19 -45.57 16.21 -18.16
N ARG U 20 -45.80 16.60 -16.91
CA ARG U 20 -46.35 17.91 -16.58
C ARG U 20 -45.26 18.77 -15.94
N VAL U 21 -45.21 20.05 -16.32
CA VAL U 21 -44.22 20.99 -15.82
C VAL U 21 -44.92 22.27 -15.42
N VAL U 22 -44.27 23.02 -14.53
CA VAL U 22 -44.80 24.28 -14.02
C VAL U 22 -43.81 25.38 -14.41
N LEU U 23 -44.31 26.42 -15.08
CA LEU U 23 -43.49 27.52 -15.52
C LEU U 23 -44.22 28.83 -15.26
N ASP U 24 -43.50 29.81 -14.70
CA ASP U 24 -44.05 31.12 -14.38
C ASP U 24 -45.26 31.03 -13.47
N SER U 25 -45.29 30.02 -12.59
CA SER U 25 -46.39 29.73 -11.68
C SER U 25 -47.58 29.10 -12.37
N VAL U 26 -47.54 28.94 -13.70
CA VAL U 26 -48.61 28.28 -14.44
C VAL U 26 -48.16 26.85 -14.75
N THR U 27 -49.11 25.96 -14.99
CA THR U 27 -48.82 24.56 -15.23
C THR U 27 -49.19 24.18 -16.65
N TYR U 28 -48.34 23.38 -17.29
CA TYR U 28 -48.57 22.91 -18.65
C TYR U 28 -48.17 21.45 -18.73
N GLU U 29 -48.69 20.77 -19.77
CA GLU U 29 -48.34 19.39 -20.06
C GLU U 29 -47.61 19.33 -21.40
N LEU U 30 -46.56 18.53 -21.46
CA LEU U 30 -45.71 18.45 -22.63
C LEU U 30 -45.66 17.01 -23.15
N ARG U 31 -45.58 16.87 -24.47
CA ARG U 31 -45.41 15.59 -25.12
C ARG U 31 -44.23 15.67 -26.07
N PHE U 32 -43.40 14.63 -26.07
CA PHE U 32 -42.23 14.54 -26.93
C PHE U 32 -42.32 13.25 -27.73
N MET U 33 -42.24 13.36 -29.05
CA MET U 33 -42.29 12.22 -29.95
C MET U 33 -41.03 12.21 -30.81
N TRP U 34 -40.44 11.02 -30.96
CA TRP U 34 -39.21 10.86 -31.73
C TRP U 34 -39.55 10.44 -33.15
N ASN U 35 -38.97 11.13 -34.13
CA ASN U 35 -39.19 10.85 -35.54
C ASN U 35 -37.98 10.09 -36.07
N GLU U 36 -38.23 8.95 -36.70
CA GLU U 36 -37.14 8.10 -37.18
C GLU U 36 -36.47 8.70 -38.41
N ARG U 37 -37.24 8.91 -39.48
CA ARG U 37 -36.66 9.37 -40.73
C ARG U 37 -35.98 10.73 -40.57
N ASP U 38 -36.57 11.64 -39.82
CA ASP U 38 -36.03 12.98 -39.63
C ASP U 38 -35.14 13.08 -38.39
N GLU U 39 -34.99 11.99 -37.63
CA GLU U 39 -34.16 11.96 -36.42
C GLU U 39 -34.25 13.26 -35.64
N SER U 40 -35.46 13.65 -35.23
CA SER U 40 -35.65 14.88 -34.48
C SER U 40 -36.80 14.71 -33.50
N TRP U 41 -36.80 15.57 -32.48
CA TRP U 41 -37.85 15.53 -31.46
C TRP U 41 -39.00 16.46 -31.85
N PHE U 42 -40.22 15.96 -31.72
CA PHE U 42 -41.42 16.76 -31.93
C PHE U 42 -42.06 17.08 -30.59
N MET U 43 -42.26 18.36 -30.31
CA MET U 43 -42.78 18.81 -29.03
C MET U 43 -44.18 19.37 -29.22
N SER U 44 -45.10 18.95 -28.34
CA SER U 44 -46.46 19.45 -28.30
C SER U 44 -46.72 20.06 -26.93
N LEU U 45 -47.36 21.23 -26.93
CA LEU U 45 -47.62 21.98 -25.71
C LEU U 45 -49.11 22.28 -25.63
N GLY U 46 -49.66 22.15 -24.43
CA GLY U 46 -51.07 22.45 -24.22
C GLY U 46 -51.39 22.53 -22.76
N ASP U 47 -52.65 22.88 -22.49
CA ASP U 47 -53.14 23.01 -21.12
C ASP U 47 -53.42 21.63 -20.53
N ILE U 48 -53.51 21.60 -19.20
CA ILE U 48 -53.76 20.34 -18.51
C ILE U 48 -55.14 19.84 -18.88
N GLY U 49 -55.22 18.58 -19.30
CA GLY U 49 -56.49 17.99 -19.67
C GLY U 49 -57.13 18.56 -20.91
N ALA U 50 -56.36 19.28 -21.73
CA ALA U 50 -56.91 19.86 -22.95
C ALA U 50 -57.18 18.76 -23.97
N GLN U 51 -58.21 18.99 -24.78
CA GLN U 51 -58.56 18.02 -25.81
C GLN U 51 -57.46 17.89 -26.85
N ARG U 52 -56.86 19.00 -27.28
CA ARG U 52 -55.82 19.00 -28.28
C ARG U 52 -54.70 19.93 -27.85
N PRO U 53 -53.47 19.69 -28.28
CA PRO U 53 -52.37 20.58 -27.90
C PRO U 53 -52.51 21.95 -28.56
N THR U 54 -52.05 22.97 -27.85
CA THR U 54 -52.11 24.32 -28.37
C THR U 54 -51.03 24.58 -29.42
N ILE U 55 -49.82 24.07 -29.20
CA ILE U 55 -48.69 24.33 -30.07
C ILE U 55 -47.94 23.03 -30.34
N THR U 56 -47.54 22.85 -31.59
CA THR U 56 -46.67 21.74 -31.98
C THR U 56 -45.57 22.28 -32.87
N SER U 57 -44.35 21.84 -32.61
CA SER U 57 -43.19 22.36 -33.34
C SER U 57 -42.08 21.33 -33.29
N LYS U 58 -41.07 21.53 -34.14
CA LYS U 58 -39.90 20.67 -34.22
C LYS U 58 -38.73 21.35 -33.53
N LEU U 59 -38.00 20.60 -32.72
CA LEU U 59 -36.92 21.15 -31.92
C LEU U 59 -35.64 21.27 -32.74
N THR U 60 -34.97 22.41 -32.62
CA THR U 60 -33.69 22.65 -33.27
C THR U 60 -32.84 23.55 -32.39
N CYS U 61 -31.54 23.54 -32.65
CA CYS U 61 -30.59 24.28 -31.83
C CYS U 61 -30.55 25.75 -32.22
N TYR U 62 -30.49 26.61 -31.21
CA TYR U 62 -30.33 28.06 -31.36
C TYR U 62 -31.50 28.71 -32.08
N SER U 63 -32.67 28.07 -32.08
CA SER U 63 -33.87 28.63 -32.71
C SER U 63 -34.90 28.93 -31.62
N ASP U 64 -35.47 30.13 -31.67
CA ASP U 64 -36.49 30.53 -30.71
C ASP U 64 -37.79 29.81 -31.04
N ILE U 65 -38.11 28.80 -30.23
CA ILE U 65 -39.27 27.96 -30.54
C ILE U 65 -40.58 28.74 -30.39
N LEU U 66 -40.69 29.55 -29.34
CA LEU U 66 -41.94 30.23 -29.03
C LEU U 66 -42.11 31.56 -29.74
N ALA U 67 -41.14 31.97 -30.56
CA ALA U 67 -41.13 33.31 -31.14
C ALA U 67 -42.49 33.68 -31.75
N PRO U 68 -43.02 32.91 -32.69
CA PRO U 68 -44.27 33.30 -33.36
C PRO U 68 -45.53 33.05 -32.56
N TYR U 69 -45.44 32.66 -31.29
CA TYR U 69 -46.61 32.27 -30.52
C TYR U 69 -46.77 33.04 -29.21
N ARG U 70 -46.10 34.17 -29.04
CA ARG U 70 -46.31 34.99 -27.84
C ARG U 70 -47.48 35.95 -28.05
N TYR U 71 -48.64 35.41 -28.46
CA TYR U 71 -49.84 36.23 -28.54
C TYR U 71 -51.07 35.48 -28.01
N LEU U 72 -50.87 34.42 -27.22
CA LEU U 72 -51.96 33.62 -26.69
C LEU U 72 -51.88 33.65 -25.17
N ASP U 73 -53.05 33.60 -24.52
CA ASP U 73 -53.11 33.70 -23.07
C ASP U 73 -52.58 32.46 -22.36
N ASN U 74 -52.37 31.36 -23.08
CA ASN U 74 -51.95 30.09 -22.47
C ASN U 74 -50.58 29.64 -22.97
N VAL U 75 -49.74 30.56 -23.41
CA VAL U 75 -48.40 30.25 -23.91
C VAL U 75 -47.39 31.04 -23.07
N PRO U 76 -46.33 30.42 -22.57
CA PRO U 76 -45.36 31.17 -21.77
C PRO U 76 -44.75 32.32 -22.56
N ASP U 77 -44.45 33.42 -21.84
CA ASP U 77 -43.84 34.58 -22.48
C ASP U 77 -42.33 34.56 -22.42
N GLY U 78 -41.73 33.53 -21.81
CA GLY U 78 -40.29 33.46 -21.69
C GLY U 78 -39.59 33.06 -22.98
N ASN U 79 -38.38 32.50 -22.84
CA ASN U 79 -37.58 32.06 -23.98
C ASN U 79 -37.21 30.60 -23.81
N LEU U 80 -37.43 29.81 -24.84
CA LEU U 80 -37.07 28.39 -24.84
C LEU U 80 -36.04 28.14 -25.94
N TYR U 81 -34.88 27.62 -25.57
CA TYR U 81 -33.78 27.41 -26.49
C TYR U 81 -33.11 26.08 -26.21
N LEU U 82 -32.46 25.56 -27.24
CA LEU U 82 -31.57 24.42 -27.12
C LEU U 82 -30.20 24.81 -27.64
N TRP U 83 -29.18 24.73 -26.78
CA TRP U 83 -27.82 25.03 -27.16
C TRP U 83 -26.91 23.98 -26.57
N PRO U 84 -25.78 23.68 -27.23
CA PRO U 84 -24.92 22.58 -26.78
C PRO U 84 -23.93 23.02 -25.72
N LEU U 85 -23.51 22.05 -24.91
CA LEU U 85 -22.43 22.25 -23.96
C LEU U 85 -21.06 21.89 -24.53
N GLY U 86 -21.00 20.95 -25.46
CA GLY U 86 -19.76 20.54 -26.08
C GLY U 86 -19.47 21.33 -27.34
N ASP U 87 -18.92 20.64 -28.34
CA ASP U 87 -18.61 21.28 -29.61
C ASP U 87 -19.86 21.91 -30.20
N ILE U 88 -19.71 23.12 -30.73
CA ILE U 88 -20.85 23.89 -31.22
C ILE U 88 -21.53 23.25 -32.42
N ARG U 89 -20.84 22.34 -33.13
CA ARG U 89 -21.41 21.75 -34.33
C ARG U 89 -22.35 20.58 -34.04
N THR U 90 -22.44 20.12 -32.80
CA THR U 90 -23.28 18.98 -32.47
C THR U 90 -24.76 19.37 -32.58
N ARG U 91 -25.53 18.55 -33.28
CA ARG U 91 -26.96 18.79 -33.41
C ARG U 91 -27.74 17.93 -32.44
N ALA U 92 -28.98 18.33 -32.17
CA ALA U 92 -29.81 17.63 -31.20
C ALA U 92 -29.98 16.17 -31.60
N GLY U 93 -29.84 15.27 -30.63
CA GLY U 93 -30.00 13.85 -30.86
C GLY U 93 -31.06 13.25 -29.96
N ARG U 94 -31.07 11.92 -29.85
CA ARG U 94 -32.05 11.26 -28.99
C ARG U 94 -31.59 11.25 -27.54
N PHE U 95 -30.42 10.66 -27.28
CA PHE U 95 -29.95 10.48 -25.91
C PHE U 95 -29.06 11.61 -25.42
N ASN U 96 -28.72 12.57 -26.27
CA ASN U 96 -27.77 13.62 -25.91
C ASN U 96 -28.43 14.88 -25.39
N ILE U 97 -29.63 14.79 -24.83
CA ILE U 97 -30.34 15.94 -24.27
C ILE U 97 -30.32 15.83 -22.76
N GLY U 98 -29.87 16.88 -22.09
CA GLY U 98 -29.80 16.90 -20.65
C GLY U 98 -28.75 17.87 -20.13
N PRO U 99 -28.74 18.09 -18.81
CA PRO U 99 -27.78 19.05 -18.24
C PRO U 99 -26.33 18.67 -18.44
N LEU U 100 -26.03 17.39 -18.69
CA LEU U 100 -24.64 16.97 -18.89
C LEU U 100 -24.48 16.02 -20.07
N LYS U 101 -25.56 15.72 -20.80
CA LYS U 101 -25.46 14.79 -21.91
C LYS U 101 -24.92 15.42 -23.18
N GLY U 102 -24.92 16.75 -23.27
CA GLY U 102 -24.37 17.43 -24.43
C GLY U 102 -25.21 18.59 -24.91
N ILE U 103 -26.53 18.51 -24.74
CA ILE U 103 -27.45 19.55 -25.17
C ILE U 103 -28.24 20.02 -23.96
N GLN U 104 -28.33 21.33 -23.79
CA GLN U 104 -28.97 21.95 -22.64
C GLN U 104 -30.27 22.61 -23.08
N MET U 105 -31.38 21.89 -22.93
CA MET U 105 -32.69 22.50 -23.13
C MET U 105 -33.06 23.33 -21.91
N THR U 106 -33.41 24.59 -22.12
CA THR U 106 -33.54 25.52 -21.03
C THR U 106 -34.69 26.48 -21.29
N TYR U 107 -35.30 26.94 -20.21
CA TYR U 107 -36.34 27.97 -20.25
C TYR U 107 -35.94 29.13 -19.37
N SER U 108 -36.13 30.35 -19.89
CA SER U 108 -35.79 31.56 -19.16
C SER U 108 -36.96 32.52 -19.22
N SER U 109 -37.15 33.28 -18.14
CA SER U 109 -38.32 34.11 -17.95
C SER U 109 -37.92 35.57 -17.85
N LEU U 110 -38.70 36.44 -18.49
CA LEU U 110 -38.44 37.87 -18.42
C LEU U 110 -38.70 38.39 -17.01
N ILE U 111 -38.08 39.53 -16.68
CA ILE U 111 -38.07 40.02 -15.31
C ILE U 111 -39.26 40.94 -15.04
N GLU U 112 -40.41 40.36 -14.73
CA GLU U 112 -41.57 41.11 -14.25
C GLU U 112 -42.46 40.19 -13.44
N ARG V 1 -24.21 50.82 32.18
CA ARG V 1 -24.80 49.69 31.47
C ARG V 1 -24.76 48.43 32.34
N THR V 2 -25.66 48.36 33.31
CA THR V 2 -25.73 47.19 34.18
C THR V 2 -26.13 45.96 33.38
N VAL V 3 -25.46 44.84 33.66
CA VAL V 3 -25.68 43.60 32.93
C VAL V 3 -25.63 42.45 33.94
N VAL V 4 -26.39 41.40 33.66
CA VAL V 4 -26.48 40.24 34.54
C VAL V 4 -26.25 38.97 33.73
N ARG V 5 -25.45 38.07 34.28
CA ARG V 5 -25.17 36.79 33.63
C ARG V 5 -26.45 35.97 33.55
N THR V 6 -26.74 35.44 32.35
CA THR V 6 -27.99 34.70 32.15
C THR V 6 -27.87 33.47 31.30
N PHE V 7 -26.68 33.07 30.83
CA PHE V 7 -26.56 31.89 29.99
C PHE V 7 -25.09 31.53 29.84
N ASP V 8 -24.83 30.22 29.73
CA ASP V 8 -23.49 29.69 29.54
C ASP V 8 -23.53 28.62 28.45
N PHE V 9 -22.39 28.41 27.80
CA PHE V 9 -22.29 27.51 26.66
C PHE V 9 -21.27 26.41 26.94
N GLU V 10 -21.40 25.31 26.20
CA GLU V 10 -20.42 24.23 26.22
C GLU V 10 -20.29 23.64 24.81
N LEU V 11 -19.10 23.16 24.49
CA LEU V 11 -18.81 22.59 23.18
C LEU V 11 -18.21 21.21 23.36
N SER V 12 -18.71 20.26 22.55
CA SER V 12 -18.24 18.88 22.65
C SER V 12 -16.96 18.65 21.86
N GLY V 13 -16.51 19.63 21.10
CA GLY V 13 -15.30 19.50 20.31
C GLY V 13 -15.51 19.00 18.89
N TYR V 14 -16.73 18.63 18.52
CA TYR V 14 -16.97 18.21 17.15
C TYR V 14 -16.75 19.39 16.21
N PRO V 15 -16.04 19.21 15.10
CA PRO V 15 -15.62 20.37 14.30
C PRO V 15 -16.74 21.11 13.59
N ASP V 16 -17.95 20.56 13.51
CA ASP V 16 -19.03 21.20 12.77
C ASP V 16 -20.33 21.16 13.58
N GLU V 17 -20.24 21.54 14.86
CA GLU V 17 -21.42 21.57 15.70
C GLU V 17 -22.41 22.64 15.22
N THR V 18 -23.69 22.35 15.38
CA THR V 18 -24.75 23.30 15.06
C THR V 18 -25.95 23.01 15.95
N PHE V 19 -26.46 24.04 16.62
CA PHE V 19 -27.58 23.86 17.54
C PHE V 19 -28.31 25.19 17.69
N ARG V 20 -29.50 25.10 18.28
CA ARG V 20 -30.37 26.25 18.47
C ARG V 20 -30.40 26.65 19.93
N VAL V 21 -30.36 27.97 20.18
CA VAL V 21 -30.35 28.50 21.53
C VAL V 21 -31.37 29.63 21.61
N VAL V 22 -31.83 29.90 22.83
CA VAL V 22 -32.81 30.94 23.10
C VAL V 22 -32.17 31.97 24.04
N LEU V 23 -32.19 33.23 23.62
CA LEU V 23 -31.59 34.31 24.40
C LEU V 23 -32.54 35.50 24.40
N ASP V 24 -32.74 36.09 25.56
CA ASP V 24 -33.60 37.26 25.73
C ASP V 24 -35.02 36.98 25.24
N SER V 25 -35.48 35.74 25.35
CA SER V 25 -36.78 35.28 24.88
C SER V 25 -36.83 35.12 23.36
N VAL V 26 -35.76 35.47 22.64
CA VAL V 26 -35.69 35.27 21.21
C VAL V 26 -34.86 34.02 20.93
N THR V 27 -35.05 33.42 19.76
CA THR V 27 -34.38 32.18 19.41
C THR V 27 -33.44 32.41 18.24
N TYR V 28 -32.26 31.81 18.31
CA TYR V 28 -31.26 31.90 17.26
C TYR V 28 -30.61 30.54 17.05
N GLU V 29 -30.00 30.38 15.89
CA GLU V 29 -29.25 29.17 15.55
C GLU V 29 -27.78 29.53 15.39
N LEU V 30 -26.91 28.67 15.92
CA LEU V 30 -25.48 28.92 15.95
C LEU V 30 -24.74 27.79 15.25
N ARG V 31 -23.64 28.14 14.58
CA ARG V 31 -22.76 27.18 13.94
C ARG V 31 -21.33 27.46 14.39
N PHE V 32 -20.60 26.38 14.71
CA PHE V 32 -19.22 26.48 15.15
C PHE V 32 -18.37 25.59 14.23
N MET V 33 -17.33 26.18 13.65
CA MET V 33 -16.43 25.49 12.75
C MET V 33 -15.00 25.62 13.27
N TRP V 34 -14.27 24.51 13.27
CA TRP V 34 -12.90 24.49 13.79
C TRP V 34 -11.93 24.68 12.63
N ASN V 35 -10.99 25.60 12.80
CA ASN V 35 -9.98 25.89 11.80
C ASN V 35 -8.67 25.24 12.22
N GLU V 36 -8.08 24.45 11.31
CA GLU V 36 -6.86 23.72 11.64
C GLU V 36 -5.66 24.63 11.71
N ARG V 37 -5.35 25.33 10.61
CA ARG V 37 -4.14 26.15 10.57
C ARG V 37 -4.15 27.24 11.63
N ASP V 38 -5.30 27.87 11.85
CA ASP V 38 -5.41 28.95 12.82
C ASP V 38 -5.84 28.47 14.20
N GLU V 39 -6.09 27.17 14.37
CA GLU V 39 -6.51 26.59 15.64
C GLU V 39 -7.45 27.50 16.41
N SER V 40 -8.58 27.86 15.81
CA SER V 40 -9.54 28.73 16.45
C SER V 40 -10.94 28.37 16.01
N TRP V 41 -11.93 28.78 16.82
CA TRP V 41 -13.32 28.50 16.52
C TRP V 41 -13.93 29.64 15.72
N PHE V 42 -14.66 29.30 14.67
CA PHE V 42 -15.40 30.28 13.88
C PHE V 42 -16.88 30.14 14.19
N MET V 43 -17.49 31.25 14.60
CA MET V 43 -18.90 31.26 15.00
C MET V 43 -19.73 32.02 13.99
N SER V 44 -20.86 31.43 13.60
CA SER V 44 -21.83 32.05 12.71
C SER V 44 -23.17 32.14 13.42
N LEU V 45 -23.81 33.29 13.31
CA LEU V 45 -25.07 33.56 13.98
C LEU V 45 -26.11 34.00 12.96
N GLY V 46 -27.33 33.52 13.12
CA GLY V 46 -28.39 33.90 12.22
C GLY V 46 -29.75 33.47 12.75
N ASP V 47 -30.78 33.85 12.03
CA ASP V 47 -32.14 33.53 12.40
C ASP V 47 -32.47 32.09 12.05
N ILE V 48 -33.53 31.56 12.66
CA ILE V 48 -33.92 30.18 12.42
C ILE V 48 -34.37 30.04 10.98
N GLY V 49 -33.81 29.05 10.28
CA GLY V 49 -34.17 28.81 8.89
C GLY V 49 -33.74 29.90 7.94
N ALA V 50 -32.81 30.76 8.34
CA ALA V 50 -32.33 31.81 7.46
C ALA V 50 -31.47 31.23 6.35
N GLN V 51 -31.53 31.87 5.18
CA GLN V 51 -30.73 31.41 4.05
C GLN V 51 -29.24 31.53 4.32
N ARG V 52 -28.81 32.63 4.93
CA ARG V 52 -27.41 32.87 5.22
C ARG V 52 -27.27 33.42 6.63
N PRO V 53 -26.14 33.19 7.29
CA PRO V 53 -25.97 33.72 8.64
C PRO V 53 -25.85 35.24 8.64
N THR V 54 -26.34 35.86 9.71
CA THR V 54 -26.28 37.31 9.82
C THR V 54 -24.89 37.78 10.21
N ILE V 55 -24.21 37.08 11.10
CA ILE V 55 -22.91 37.49 11.62
C ILE V 55 -21.97 36.30 11.64
N THR V 56 -20.72 36.55 11.25
CA THR V 56 -19.65 35.57 11.34
C THR V 56 -18.43 36.24 11.92
N SER V 57 -17.79 35.58 12.88
CA SER V 57 -16.65 36.17 13.57
C SER V 57 -15.78 35.05 14.14
N LYS V 58 -14.57 35.44 14.54
CA LYS V 58 -13.60 34.52 15.14
C LYS V 58 -13.58 34.73 16.64
N LEU V 59 -13.59 33.64 17.39
CA LEU V 59 -13.67 33.72 18.85
C LEU V 59 -12.30 33.95 19.46
N THR V 60 -12.24 34.86 20.43
CA THR V 60 -11.02 35.16 21.16
C THR V 60 -11.38 35.56 22.58
N CYS V 61 -10.39 35.46 23.47
CA CYS V 61 -10.61 35.71 24.89
C CYS V 61 -10.61 37.20 25.20
N TYR V 62 -11.53 37.61 26.06
CA TYR V 62 -11.65 38.97 26.57
C TYR V 62 -11.95 39.99 25.48
N SER V 63 -12.52 39.56 24.36
CA SER V 63 -12.90 40.46 23.27
C SER V 63 -14.41 40.47 23.13
N ASP V 64 -14.99 41.66 23.05
CA ASP V 64 -16.43 41.81 22.90
C ASP V 64 -16.80 41.44 21.47
N ILE V 65 -17.39 40.26 21.29
CA ILE V 65 -17.67 39.76 19.96
C ILE V 65 -18.74 40.58 19.26
N LEU V 66 -19.79 40.96 19.99
CA LEU V 66 -20.95 41.63 19.39
C LEU V 66 -20.81 43.14 19.33
N ALA V 67 -19.69 43.69 19.79
CA ALA V 67 -19.53 45.14 19.92
C ALA V 67 -19.97 45.88 18.67
N PRO V 68 -19.40 45.59 17.50
CA PRO V 68 -19.73 46.37 16.29
C PRO V 68 -21.05 46.01 15.63
N TYR V 69 -21.87 45.17 16.25
CA TYR V 69 -23.09 44.67 15.62
C TYR V 69 -24.36 44.92 16.42
N ARG V 70 -24.33 45.80 17.42
CA ARG V 70 -25.56 46.13 18.13
C ARG V 70 -26.32 47.25 17.43
N TYR V 71 -26.59 47.05 16.13
CA TYR V 71 -27.45 47.99 15.41
C TYR V 71 -28.42 47.27 14.49
N LEU V 72 -28.66 45.98 14.71
CA LEU V 72 -29.56 45.19 13.87
C LEU V 72 -30.68 44.64 14.74
N ASP V 73 -31.87 44.51 14.14
CA ASP V 73 -33.03 44.06 14.90
C ASP V 73 -32.99 42.59 15.28
N ASN V 74 -32.05 41.82 14.71
CA ASN V 74 -31.98 40.38 14.94
C ASN V 74 -30.67 39.97 15.61
N VAL V 75 -30.03 40.87 16.33
CA VAL V 75 -28.77 40.59 17.03
C VAL V 75 -28.98 40.87 18.51
N PRO V 76 -28.58 39.98 19.41
CA PRO V 76 -28.77 40.23 20.84
C PRO V 76 -28.06 41.51 21.28
N ASP V 77 -28.66 42.20 22.24
CA ASP V 77 -28.07 43.43 22.77
C ASP V 77 -27.19 43.19 23.99
N GLY V 78 -27.06 41.95 24.43
CA GLY V 78 -26.27 41.63 25.61
C GLY V 78 -24.78 41.65 25.36
N ASN V 79 -24.03 40.93 26.18
CA ASN V 79 -22.58 40.85 26.07
C ASN V 79 -22.16 39.39 25.98
N LEU V 80 -21.31 39.08 25.00
CA LEU V 80 -20.79 37.74 24.82
C LEU V 80 -19.27 37.79 24.96
N TYR V 81 -18.74 37.01 25.90
CA TYR V 81 -17.31 37.02 26.22
C TYR V 81 -16.83 35.61 26.45
N LEU V 82 -15.53 35.42 26.25
CA LEU V 82 -14.83 34.21 26.65
C LEU V 82 -13.68 34.58 27.58
N TRP V 83 -13.72 34.06 28.79
CA TRP V 83 -12.67 34.29 29.76
C TRP V 83 -12.32 32.99 30.45
N PRO V 84 -11.08 32.81 30.88
CA PRO V 84 -10.66 31.52 31.44
C PRO V 84 -10.96 31.40 32.92
N LEU V 85 -11.09 30.14 33.36
CA LEU V 85 -11.22 29.83 34.77
C LEU V 85 -9.88 29.53 35.43
N GLY V 86 -8.92 29.01 34.68
CA GLY V 86 -7.61 28.70 35.19
C GLY V 86 -6.65 29.85 35.01
N ASP V 87 -5.40 29.52 34.69
CA ASP V 87 -4.38 30.55 34.48
C ASP V 87 -4.83 31.51 33.39
N ILE V 88 -4.60 32.80 33.63
CA ILE V 88 -5.09 33.83 32.73
C ILE V 88 -4.44 33.78 31.35
N ARG V 89 -3.29 33.13 31.22
CA ARG V 89 -2.57 33.11 29.95
C ARG V 89 -3.11 32.05 28.98
N THR V 90 -4.00 31.18 29.42
CA THR V 90 -4.51 30.12 28.56
C THR V 90 -5.40 30.71 27.48
N ARG V 91 -5.16 30.33 26.22
CA ARG V 91 -5.97 30.78 25.11
C ARG V 91 -6.99 29.73 24.73
N ALA V 92 -8.05 30.17 24.04
CA ALA V 92 -9.13 29.26 23.67
C ALA V 92 -8.60 28.10 22.84
N GLY V 93 -9.05 26.89 23.17
CA GLY V 93 -8.66 25.69 22.46
C GLY V 93 -9.85 24.94 21.90
N ARG V 94 -9.64 23.69 21.52
CA ARG V 94 -10.74 22.88 20.98
C ARG V 94 -11.57 22.28 22.10
N PHE V 95 -10.94 21.48 22.96
CA PHE V 95 -11.66 20.74 24.00
C PHE V 95 -11.74 21.48 25.32
N ASN V 96 -11.10 22.64 25.45
CA ASN V 96 -11.04 23.34 26.73
C ASN V 96 -12.12 24.40 26.89
N ILE V 97 -13.26 24.25 26.23
CA ILE V 97 -14.37 25.20 26.34
C ILE V 97 -15.49 24.53 27.11
N GLY V 98 -15.95 25.19 28.17
CA GLY V 98 -17.03 24.66 28.98
C GLY V 98 -17.00 25.22 30.39
N PRO V 99 -18.05 24.93 31.17
CA PRO V 99 -18.13 25.47 32.53
C PRO V 99 -17.00 25.00 33.45
N LEU V 100 -16.35 23.88 33.13
CA LEU V 100 -15.26 23.39 33.98
C LEU V 100 -14.05 22.94 33.17
N LYS V 101 -14.07 23.07 31.85
CA LYS V 101 -12.96 22.60 31.03
C LYS V 101 -11.81 23.60 30.99
N GLY V 102 -12.04 24.86 31.38
CA GLY V 102 -10.96 25.83 31.42
C GLY V 102 -11.36 27.20 30.89
N ILE V 103 -12.28 27.22 29.92
CA ILE V 103 -12.73 28.47 29.32
C ILE V 103 -14.24 28.56 29.48
N GLN V 104 -14.72 29.71 29.93
CA GLN V 104 -16.13 29.93 30.23
C GLN V 104 -16.73 30.88 29.19
N MET V 105 -17.35 30.30 28.17
CA MET V 105 -18.12 31.11 27.23
C MET V 105 -19.45 31.46 27.86
N THR V 106 -19.79 32.74 27.88
CA THR V 106 -20.92 33.22 28.66
C THR V 106 -21.64 34.33 27.93
N TYR V 107 -22.94 34.44 28.17
CA TYR V 107 -23.76 35.53 27.67
C TYR V 107 -24.45 36.23 28.83
N SER V 108 -24.44 37.56 28.80
CA SER V 108 -25.05 38.35 29.85
C SER V 108 -25.94 39.42 29.21
N SER V 109 -27.05 39.72 29.88
CA SER V 109 -28.10 40.58 29.33
C SER V 109 -28.25 41.83 30.19
N LEU V 110 -28.42 42.96 29.52
CA LEU V 110 -28.65 44.22 30.22
C LEU V 110 -30.00 44.21 30.92
N ILE V 111 -30.12 45.05 31.96
CA ILE V 111 -31.28 44.99 32.85
C ILE V 111 -32.40 45.89 32.36
N GLU V 112 -33.21 45.39 31.42
CA GLU V 112 -34.44 46.05 31.02
C GLU V 112 -35.41 45.02 30.44
N GLN W 1 -5.57 8.79 33.97
CA GLN W 1 -5.26 10.23 34.15
C GLN W 1 -6.00 10.81 35.35
N PHE W 2 -6.76 9.97 36.04
CA PHE W 2 -7.50 10.39 37.23
C PHE W 2 -6.57 11.09 38.21
N LYS W 3 -6.82 12.36 38.49
CA LYS W 3 -6.00 13.09 39.43
C LYS W 3 -6.49 12.85 40.86
N ASP W 4 -5.56 12.89 41.80
CA ASP W 4 -5.86 12.71 43.22
C ASP W 4 -4.58 12.95 44.01
N LEU W 5 -4.73 13.09 45.32
CA LEU W 5 -3.58 13.30 46.19
C LEU W 5 -2.69 12.06 46.15
N LEU W 6 -1.38 12.28 46.07
CA LEU W 6 -0.44 11.18 45.92
C LEU W 6 -0.22 10.49 47.26
N LEU W 7 -0.29 9.17 47.26
CA LEU W 7 -0.02 8.35 48.43
C LEU W 7 1.35 7.69 48.31
N ASP W 8 2.14 7.77 49.36
CA ASP W 8 3.47 7.22 49.33
C ASP W 8 3.41 5.69 49.23
N PRO W 9 4.01 5.08 48.20
CA PRO W 9 3.98 3.62 48.13
C PRO W 9 4.71 2.92 49.26
N LEU W 10 5.64 3.61 49.94
CA LEU W 10 6.49 2.96 50.93
C LEU W 10 5.89 3.00 52.33
N THR W 11 5.16 4.04 52.68
CA THR W 11 4.65 4.22 54.03
C THR W 11 3.14 4.23 54.12
N GLY W 12 2.45 4.68 53.08
CA GLY W 12 1.01 4.79 53.11
C GLY W 12 0.49 6.16 53.47
N ASP W 13 1.34 7.05 53.97
CA ASP W 13 0.94 8.43 54.22
C ASP W 13 1.04 9.24 52.93
N LEU W 14 0.52 10.47 52.98
CA LEU W 14 0.63 11.35 51.84
C LEU W 14 2.10 11.62 51.51
N ASP W 15 2.39 11.70 50.21
CA ASP W 15 3.75 11.87 49.72
C ASP W 15 4.10 13.35 49.73
N PHE W 16 4.47 13.84 50.92
CA PHE W 16 4.88 15.23 51.06
C PHE W 16 6.18 15.54 50.35
N GLY W 17 6.99 14.53 50.04
CA GLY W 17 8.20 14.72 49.25
C GLY W 17 9.46 14.64 50.08
N THR W 18 10.58 14.83 49.38
CA THR W 18 11.89 14.80 50.00
C THR W 18 12.08 16.04 50.88
N PRO W 19 13.03 15.99 51.83
CA PRO W 19 13.24 17.16 52.69
C PRO W 19 13.66 18.41 51.96
N GLY W 20 14.16 18.30 50.74
CA GLY W 20 14.58 19.47 49.99
C GLY W 20 13.45 20.15 49.25
N ASP W 21 12.37 19.42 48.98
CA ASP W 21 11.24 19.97 48.23
C ASP W 21 9.93 19.56 48.88
N ARG W 22 9.85 19.67 50.19
CA ARG W 22 8.64 19.28 50.91
C ARG W 22 7.45 20.11 50.42
N GLY W 23 6.30 19.44 50.27
CA GLY W 23 5.09 20.10 49.84
C GLY W 23 3.93 19.13 49.69
N MET W 24 3.09 19.35 48.69
CA MET W 24 2.00 18.45 48.37
C MET W 24 2.03 18.17 46.87
N ARG W 25 1.64 16.95 46.50
CA ARG W 25 1.72 16.49 45.13
C ARG W 25 0.42 15.82 44.71
N LEU W 26 0.12 15.90 43.42
CA LEU W 26 -1.03 15.23 42.84
C LEU W 26 -0.59 14.06 41.99
N ALA W 27 -1.38 12.99 42.01
CA ALA W 27 -1.09 11.84 41.17
C ALA W 27 -1.42 12.16 39.72
N LEU W 28 -0.39 12.21 38.87
CA LEU W 28 -0.55 12.60 37.48
C LEU W 28 -0.40 11.43 36.53
N THR W 29 0.71 10.70 36.61
CA THR W 29 0.89 9.53 35.76
C THR W 29 -0.18 8.48 36.06
N ASN W 30 -0.71 7.87 35.00
CA ASN W 30 -1.77 6.89 35.18
C ASN W 30 -1.32 5.74 36.07
N GLN W 31 -0.04 5.38 36.00
CA GLN W 31 0.47 4.29 36.83
C GLN W 31 0.27 4.58 38.31
N LEU W 32 0.70 5.77 38.76
CA LEU W 32 0.58 6.11 40.17
C LEU W 32 -0.88 6.17 40.60
N SER W 33 -1.75 6.77 39.78
CA SER W 33 -3.16 6.84 40.12
C SER W 33 -3.76 5.46 40.27
N LEU W 34 -3.49 4.57 39.31
CA LEU W 34 -4.06 3.23 39.36
C LEU W 34 -3.52 2.45 40.55
N ARG W 35 -2.25 2.65 40.91
CA ARG W 35 -1.71 1.94 42.06
C ARG W 35 -2.55 2.22 43.31
N GLN W 36 -2.78 3.49 43.61
CA GLN W 36 -3.52 3.83 44.82
C GLN W 36 -4.99 3.49 44.67
N ARG W 37 -5.53 3.58 43.46
CA ARG W 37 -6.92 3.19 43.26
C ARG W 37 -7.13 1.71 43.56
N LEU W 38 -6.16 0.87 43.23
CA LEU W 38 -6.24 -0.54 43.62
C LEU W 38 -5.96 -0.73 45.11
N TYR W 39 -4.99 0.02 45.64
CA TYR W 39 -4.63 -0.15 47.05
C TYR W 39 -5.80 0.16 47.96
N LEU W 40 -6.46 1.30 47.75
CA LEU W 40 -7.61 1.65 48.57
C LEU W 40 -8.75 0.65 48.35
N ARG W 41 -8.96 0.25 47.10
CA ARG W 41 -10.05 -0.67 46.80
C ARG W 41 -9.87 -2.00 47.52
N PHE W 42 -8.62 -2.44 47.70
CA PHE W 42 -8.36 -3.71 48.36
C PHE W 42 -8.21 -3.58 49.87
N ALA W 43 -7.81 -2.40 50.37
CA ALA W 43 -7.54 -2.24 51.79
C ALA W 43 -8.80 -2.02 52.61
N ILE W 44 -9.85 -1.44 52.02
CA ILE W 44 -11.07 -1.14 52.75
C ILE W 44 -11.95 -2.38 52.76
N TRP W 45 -12.23 -2.91 53.94
CA TRP W 45 -13.11 -4.05 54.07
C TRP W 45 -14.53 -3.66 53.69
N ALA W 46 -15.24 -4.58 53.05
CA ALA W 46 -16.58 -4.27 52.55
C ALA W 46 -17.50 -3.84 53.68
N GLY W 47 -18.20 -2.73 53.47
CA GLY W 47 -19.20 -2.26 54.39
C GLY W 47 -18.67 -1.45 55.56
N ASP W 48 -17.35 -1.33 55.71
CA ASP W 48 -16.79 -0.64 56.87
C ASP W 48 -16.68 0.86 56.69
N TRP W 49 -16.87 1.38 55.49
CA TRP W 49 -16.79 2.82 55.24
C TRP W 49 -18.21 3.38 55.20
N TYR W 50 -18.50 4.30 56.10
CA TYR W 50 -19.79 4.98 56.13
C TYR W 50 -19.91 5.85 54.87
N PHE W 51 -21.14 6.26 54.55
CA PHE W 51 -21.43 7.06 53.37
C PHE W 51 -21.39 6.23 52.09
N ASP W 52 -20.90 4.99 52.18
CA ASP W 52 -20.94 4.05 51.04
C ASP W 52 -20.83 2.64 51.61
N GLU W 53 -21.98 1.95 51.70
CA GLU W 53 -21.99 0.61 52.26
C GLU W 53 -21.52 -0.44 51.27
N THR W 54 -21.55 -0.14 49.98
CA THR W 54 -21.24 -1.12 48.96
C THR W 54 -19.76 -1.17 48.59
N PHE W 55 -18.94 -0.26 49.12
CA PHE W 55 -17.53 -0.23 48.76
C PHE W 55 -16.74 -1.18 49.66
N GLY W 56 -15.64 -1.68 49.11
CA GLY W 56 -14.72 -2.53 49.86
C GLY W 56 -14.73 -3.96 49.37
N PHE W 57 -13.93 -4.78 50.07
CA PHE W 57 -13.78 -6.19 49.76
C PHE W 57 -14.31 -7.04 50.91
N PRO W 58 -15.05 -8.12 50.63
CA PRO W 58 -15.60 -8.96 51.72
C PRO W 58 -14.63 -10.01 52.22
N TYR W 59 -13.67 -9.59 53.05
CA TYR W 59 -12.72 -10.53 53.60
C TYR W 59 -13.36 -11.47 54.60
N ARG W 60 -14.37 -11.00 55.33
CA ARG W 60 -15.01 -11.81 56.36
C ARG W 60 -15.57 -13.12 55.81
N THR W 61 -15.92 -13.16 54.52
CA THR W 61 -16.46 -14.39 53.94
C THR W 61 -15.42 -15.50 53.96
N PHE W 62 -14.16 -15.17 53.68
CA PHE W 62 -13.13 -16.19 53.54
C PHE W 62 -12.34 -16.37 54.83
N VAL W 63 -11.82 -15.28 55.40
CA VAL W 63 -11.00 -15.39 56.59
C VAL W 63 -11.78 -16.05 57.71
N GLY W 64 -11.13 -16.98 58.42
CA GLY W 64 -11.76 -17.68 59.51
C GLY W 64 -12.64 -18.84 59.13
N LYS W 65 -12.77 -19.13 57.84
CA LYS W 65 -13.59 -20.23 57.35
C LYS W 65 -12.76 -21.17 56.49
N LYS W 66 -13.20 -22.43 56.43
CA LYS W 66 -12.58 -23.38 55.51
C LYS W 66 -13.04 -23.06 54.09
N THR W 67 -12.11 -22.59 53.27
CA THR W 67 -12.45 -22.08 51.94
C THR W 67 -11.60 -22.77 50.90
N VAL W 68 -12.09 -22.74 49.66
CA VAL W 68 -11.42 -23.36 48.52
C VAL W 68 -10.57 -22.28 47.84
N LYS W 69 -9.31 -22.62 47.57
CA LYS W 69 -8.39 -21.66 46.97
C LYS W 69 -8.93 -21.11 45.66
N ALA W 70 -9.53 -21.98 44.84
CA ALA W 70 -9.99 -21.56 43.52
C ALA W 70 -11.05 -20.46 43.61
N VAL W 71 -11.96 -20.55 44.58
CA VAL W 71 -13.01 -19.53 44.69
C VAL W 71 -12.40 -18.18 45.05
N LEU W 72 -11.44 -18.15 45.96
CA LEU W 72 -10.84 -16.88 46.37
C LEU W 72 -10.15 -16.20 45.20
N ASP W 73 -9.41 -16.96 44.41
CA ASP W 73 -8.68 -16.37 43.29
C ASP W 73 -9.61 -15.68 42.31
N GLY W 74 -10.78 -16.26 42.04
CA GLY W 74 -11.75 -15.64 41.16
C GLY W 74 -12.17 -14.26 41.65
N ARG W 75 -12.49 -14.16 42.95
CA ARG W 75 -12.90 -12.87 43.48
C ARG W 75 -11.75 -11.87 43.48
N ILE W 76 -10.56 -12.31 43.86
CA ILE W 76 -9.40 -11.42 43.83
C ILE W 76 -9.18 -10.91 42.41
N LYS W 77 -9.24 -11.81 41.43
CA LYS W 77 -9.00 -11.45 40.04
C LYS W 77 -10.15 -10.66 39.44
N SER W 78 -11.33 -10.69 40.04
CA SER W 78 -12.48 -9.95 39.52
C SER W 78 -12.50 -8.50 39.98
N GLU W 79 -12.15 -8.26 41.25
CA GLU W 79 -12.16 -6.89 41.76
C GLU W 79 -11.21 -6.00 40.96
N VAL W 80 -10.13 -6.56 40.45
CA VAL W 80 -9.16 -5.77 39.70
C VAL W 80 -9.79 -5.20 38.45
N ARG W 81 -10.59 -6.01 37.74
CA ARG W 81 -11.15 -5.61 36.46
C ARG W 81 -12.32 -4.64 36.59
N GLN W 82 -12.63 -4.16 37.79
CA GLN W 82 -13.67 -3.14 37.93
C GLN W 82 -13.18 -1.76 37.49
N GLU W 83 -11.87 -1.56 37.40
CA GLU W 83 -11.35 -0.29 36.91
C GLU W 83 -11.48 -0.25 35.40
N PRO W 84 -11.92 0.88 34.82
CA PRO W 84 -12.16 0.91 33.37
C PRO W 84 -10.91 0.98 32.52
N ASP W 85 -9.73 1.22 33.11
CA ASP W 85 -8.48 1.38 32.36
C ASP W 85 -7.47 0.29 32.68
N VAL W 86 -7.92 -0.96 32.77
CA VAL W 86 -7.05 -2.11 32.99
C VAL W 86 -7.02 -2.92 31.72
N LEU W 87 -5.82 -3.14 31.16
CA LEU W 87 -5.71 -3.83 29.88
C LEU W 87 -5.80 -5.34 30.07
N GLN W 88 -5.03 -5.89 31.00
CA GLN W 88 -5.03 -7.33 31.22
C GLN W 88 -4.26 -7.65 32.49
N ILE W 89 -4.31 -8.92 32.88
CA ILE W 89 -3.55 -9.45 34.01
C ILE W 89 -2.61 -10.52 33.45
N THR W 90 -1.32 -10.37 33.74
CA THR W 90 -0.30 -11.20 33.09
C THR W 90 -0.17 -12.58 33.72
N ASP W 91 0.08 -12.66 35.02
CA ASP W 91 0.37 -13.94 35.66
C ASP W 91 -0.23 -13.92 37.06
N PHE W 92 -0.44 -15.12 37.61
CA PHE W 92 -1.11 -15.27 38.89
C PHE W 92 -0.62 -16.51 39.63
N GLN W 93 0.25 -16.32 40.62
CA GLN W 93 0.78 -17.44 41.41
C GLN W 93 0.11 -17.44 42.78
N SER W 94 -0.99 -18.18 42.86
CA SER W 94 -1.73 -18.34 44.12
C SER W 94 -1.22 -19.60 44.83
N THR W 95 -0.71 -19.42 46.05
CA THR W 95 -0.22 -20.52 46.86
C THR W 95 -0.78 -20.42 48.28
N MET W 96 -1.01 -21.57 48.89
CA MET W 96 -1.57 -21.65 50.23
C MET W 96 -0.76 -22.63 51.06
N ASP W 97 -0.45 -22.24 52.30
CA ASP W 97 0.27 -23.10 53.24
C ASP W 97 -0.70 -23.57 54.31
N VAL W 98 -0.74 -24.88 54.54
CA VAL W 98 -1.69 -25.43 55.51
C VAL W 98 -1.15 -25.40 56.94
N VAL W 99 0.17 -25.40 57.12
CA VAL W 99 0.74 -25.38 58.47
C VAL W 99 0.44 -24.06 59.16
N SER W 100 0.81 -22.95 58.52
CA SER W 100 0.55 -21.63 59.09
C SER W 100 -0.82 -21.08 58.72
N ARG W 101 -1.54 -21.75 57.82
CA ARG W 101 -2.87 -21.31 57.39
C ARG W 101 -2.84 -19.96 56.70
N SER W 102 -1.70 -19.60 56.10
CA SER W 102 -1.58 -18.34 55.40
C SER W 102 -1.80 -18.53 53.91
N TYR W 103 -2.27 -17.48 53.25
CA TYR W 103 -2.49 -17.47 51.82
C TYR W 103 -1.84 -16.22 51.24
N LYS W 104 -1.15 -16.39 50.11
CA LYS W 104 -0.37 -15.29 49.53
C LYS W 104 -0.32 -15.48 48.03
N CYS W 105 -0.77 -14.46 47.28
CA CYS W 105 -0.81 -14.53 45.83
C CYS W 105 0.05 -13.41 45.22
N PHE W 106 0.48 -13.63 43.99
CA PHE W 106 1.27 -12.66 43.24
C PHE W 106 0.64 -12.48 41.87
N PHE W 107 0.72 -11.26 41.35
CA PHE W 107 0.23 -10.96 40.01
C PHE W 107 0.60 -9.53 39.67
N THR W 108 0.54 -9.22 38.37
CA THR W 108 0.81 -7.89 37.86
C THR W 108 -0.30 -7.47 36.89
N VAL W 109 -0.44 -6.16 36.73
CA VAL W 109 -1.48 -5.58 35.88
C VAL W 109 -0.82 -4.59 34.94
N VAL W 110 -1.32 -4.55 33.70
CA VAL W 110 -0.76 -3.70 32.65
C VAL W 110 -1.76 -2.60 32.34
N THR W 111 -1.27 -1.36 32.30
CA THR W 111 -2.09 -0.21 31.98
C THR W 111 -1.31 0.75 31.10
N ALA W 112 -1.99 1.35 30.13
CA ALA W 112 -1.36 2.28 29.22
C ALA W 112 -1.30 3.68 29.84
N GLU W 113 -0.78 4.63 29.07
CA GLU W 113 -0.65 6.00 29.50
C GLU W 113 -1.27 6.93 28.46
N GLY W 114 -1.99 7.94 28.94
CA GLY W 114 -2.73 8.84 28.08
C GLY W 114 -2.12 10.23 28.04
N GLU W 115 -2.85 11.13 27.38
CA GLU W 115 -2.44 12.51 27.19
C GLU W 115 -3.14 13.41 28.21
N GLU W 116 -2.82 14.71 28.21
CA GLU W 116 -3.26 15.61 29.27
C GLU W 116 -4.41 16.51 28.84
N ILE W 117 -4.88 16.41 27.61
CA ILE W 117 -6.06 17.11 27.09
C ILE W 117 -5.91 18.63 27.22
N SER W 118 -5.63 19.13 28.41
CA SER W 118 -5.50 20.57 28.63
C SER W 118 -4.56 20.83 29.79
N LEU W 119 -3.72 21.85 29.63
CA LEU W 119 -2.80 22.29 30.67
C LEU W 119 -3.32 23.50 31.44
N ALA W 120 -4.54 23.95 31.18
CA ALA W 120 -5.04 25.17 31.81
C ALA W 120 -5.01 25.09 33.32
N PHE W 121 -5.28 23.93 33.90
CA PHE W 121 -5.37 23.77 35.34
C PHE W 121 -4.05 23.38 35.99
N VAL W 122 -2.98 23.19 35.21
CA VAL W 122 -1.73 22.70 35.77
C VAL W 122 -0.54 23.55 35.32
N GLY W 123 -0.19 24.54 36.12
CA GLY W 123 1.13 25.14 36.11
C GLY W 123 1.47 26.09 34.98
N GLU W 124 1.76 25.56 33.80
CA GLU W 124 2.48 26.28 32.76
C GLU W 124 1.60 26.53 31.55
N ASP W 125 2.17 27.25 30.58
CA ASP W 125 1.52 27.53 29.31
C ASP W 125 2.52 27.23 28.20
N GLU W 126 2.01 26.85 27.02
CA GLU W 126 2.85 26.36 25.93
C GLU W 126 3.10 27.40 24.85
N TYR W 127 2.70 28.65 25.03
CA TYR W 127 2.84 29.64 23.97
C TYR W 127 4.03 30.55 24.23
N GLN W 128 4.39 31.33 23.21
CA GLN W 128 5.66 32.05 23.16
C GLN W 128 5.45 33.50 22.71
N TYR W 129 4.51 34.19 23.37
CA TYR W 129 4.20 35.57 23.03
C TYR W 129 5.49 36.37 22.81
N PRO W 130 5.46 37.35 21.90
CA PRO W 130 6.70 38.06 21.53
C PRO W 130 7.15 39.02 22.61
N THR W 131 8.38 39.50 22.45
CA THR W 131 9.01 40.44 23.37
C THR W 131 9.05 41.84 22.76
N PRO W 132 8.61 42.88 23.48
CA PRO W 132 8.66 44.23 22.93
C PRO W 132 10.09 44.64 22.62
N PRO W 133 10.31 45.45 21.58
CA PRO W 133 11.67 45.92 21.28
C PRO W 133 12.18 46.86 22.36
N GLU W 134 13.46 47.22 22.21
CA GLU W 134 14.15 48.05 23.19
C GLU W 134 14.70 49.31 22.53
N SER W 135 14.43 50.46 23.12
CA SER W 135 15.03 51.73 22.70
C SER W 135 14.61 52.04 21.26
N ASN W 136 15.43 52.80 20.55
CA ASN W 136 15.09 53.30 19.22
C ASN W 136 15.35 52.26 18.13
N VAL W 137 15.49 51.00 18.52
CA VAL W 137 15.80 49.95 17.54
C VAL W 137 14.71 49.85 16.49
N GLN W 138 13.45 49.96 16.91
CA GLN W 138 12.34 49.75 15.97
C GLN W 138 12.32 50.80 14.88
N LEU W 139 12.54 52.07 15.22
CA LEU W 139 12.37 53.16 14.27
C LEU W 139 13.63 53.46 13.47
N CYS W 140 14.77 52.85 13.81
CA CYS W 140 16.03 53.18 13.14
C CYS W 140 16.84 51.96 12.73
N GLY W 141 16.41 50.74 13.04
CA GLY W 141 17.16 49.56 12.69
C GLY W 141 17.83 48.93 13.90
N ASP W 142 18.63 47.89 13.61
CA ASP W 142 19.30 47.14 14.66
C ASP W 142 20.74 46.90 14.27
N GLU W 143 21.61 46.86 15.27
CA GLU W 143 23.03 46.65 15.02
C GLU W 143 23.35 45.19 14.70
N GLY W 144 22.54 44.26 15.22
CA GLY W 144 22.81 42.86 14.97
C GLY W 144 22.90 42.52 13.50
N VAL W 145 22.16 43.27 12.66
CA VAL W 145 22.25 43.05 11.22
C VAL W 145 23.66 43.31 10.72
N ILE W 146 24.41 44.17 11.42
CA ILE W 146 25.79 44.42 11.03
C ILE W 146 26.70 43.32 11.58
N ILE W 147 26.45 42.90 12.83
CA ILE W 147 27.32 41.92 13.48
C ILE W 147 27.24 40.59 12.73
N ASN W 148 26.02 40.16 12.38
CA ASN W 148 25.88 38.89 11.68
C ASN W 148 26.55 38.93 10.31
N PHE W 149 26.42 40.04 9.59
CA PHE W 149 27.08 40.17 8.30
C PHE W 149 28.61 40.13 8.46
N LYS W 150 29.13 40.82 9.47
CA LYS W 150 30.57 40.80 9.71
C LYS W 150 31.04 39.39 10.01
N ASN W 151 30.29 38.66 10.84
CA ASN W 151 30.65 37.28 11.15
C ASN W 151 30.60 36.39 9.93
N LYS W 152 29.59 36.55 9.08
CA LYS W 152 29.52 35.77 7.85
C LYS W 152 30.72 36.05 6.97
N LEU W 153 31.09 37.33 6.81
CA LEU W 153 32.25 37.67 6.01
C LEU W 153 33.52 37.04 6.58
N TYR W 154 33.70 37.14 7.90
CA TYR W 154 34.89 36.58 8.53
C TYR W 154 34.97 35.07 8.35
N TYR W 155 33.86 34.36 8.56
CA TYR W 155 33.84 32.92 8.36
C TYR W 155 34.05 32.52 6.91
N LEU W 156 33.53 33.29 5.96
CA LEU W 156 33.80 33.01 4.56
C LEU W 156 35.27 33.23 4.21
N ILE W 157 35.91 34.25 4.79
CA ILE W 157 37.33 34.47 4.56
C ILE W 157 38.11 33.31 5.15
N ASN W 158 37.63 32.79 6.28
CA ASN W 158 38.23 31.60 6.90
C ASN W 158 38.09 30.35 6.05
N PHE W 159 36.94 30.18 5.39
CA PHE W 159 36.67 28.94 4.65
C PHE W 159 37.61 28.77 3.48
N ARG W 160 37.75 29.81 2.65
CA ARG W 160 38.44 29.66 1.38
C ARG W 160 39.89 29.24 1.56
N LEU W 161 40.59 29.83 2.53
CA LEU W 161 41.98 29.47 2.74
C LEU W 161 42.05 28.07 3.33
N PRO W 162 42.77 27.13 2.71
CA PRO W 162 42.76 25.75 3.20
C PRO W 162 43.32 25.64 4.60
N LYS W 163 42.71 24.75 5.38
CA LYS W 163 43.14 24.50 6.75
C LYS W 163 42.95 23.02 7.10
N GLN X 1 -16.32 1.38 -21.26
CA GLN X 1 -16.21 2.71 -21.95
C GLN X 1 -15.77 3.79 -20.98
N PHE X 2 -15.55 3.43 -19.73
CA PHE X 2 -15.09 4.38 -18.72
C PHE X 2 -13.87 5.14 -19.21
N LYS X 3 -13.98 6.45 -19.36
CA LYS X 3 -12.85 7.25 -19.79
C LYS X 3 -11.97 7.61 -18.60
N ASP X 4 -10.68 7.76 -18.88
CA ASP X 4 -9.70 8.14 -17.86
C ASP X 4 -8.36 8.32 -18.56
N LEU X 5 -7.42 8.94 -17.84
CA LEU X 5 -6.08 9.16 -18.37
C LEU X 5 -5.41 7.82 -18.62
N LEU X 6 -4.74 7.70 -19.77
CA LEU X 6 -4.15 6.44 -20.17
C LEU X 6 -2.85 6.20 -19.41
N LEU X 7 -2.69 4.99 -18.87
CA LEU X 7 -1.48 4.59 -18.19
C LEU X 7 -0.68 3.63 -19.06
N ASP X 8 0.61 3.89 -19.18
CA ASP X 8 1.46 3.07 -20.03
C ASP X 8 1.56 1.66 -19.47
N PRO X 9 1.18 0.62 -20.22
CA PRO X 9 1.33 -0.75 -19.69
C PRO X 9 2.76 -1.16 -19.44
N LEU X 10 3.73 -0.51 -20.08
CA LEU X 10 5.12 -0.96 -19.99
C LEU X 10 5.88 -0.33 -18.84
N THR X 11 5.57 0.90 -18.49
CA THR X 11 6.34 1.64 -17.48
C THR X 11 5.52 2.01 -16.25
N GLY X 12 4.23 2.23 -16.41
CA GLY X 12 3.39 2.66 -15.31
C GLY X 12 3.17 4.16 -15.23
N ASP X 13 3.93 4.95 -15.98
CA ASP X 13 3.69 6.38 -16.06
C ASP X 13 2.60 6.67 -17.09
N LEU X 14 2.15 7.92 -17.12
CA LEU X 14 1.17 8.32 -18.11
C LEU X 14 1.72 8.13 -19.51
N ASP X 15 0.84 7.71 -20.42
CA ASP X 15 1.23 7.40 -21.79
C ASP X 15 1.22 8.68 -22.61
N PHE X 16 2.31 9.44 -22.48
CA PHE X 16 2.45 10.67 -23.25
C PHE X 16 2.59 10.43 -24.74
N GLY X 17 2.98 9.22 -25.15
CA GLY X 17 3.02 8.85 -26.55
C GLY X 17 4.44 8.78 -27.10
N THR X 18 4.50 8.48 -28.39
CA THR X 18 5.77 8.36 -29.10
C THR X 18 6.39 9.74 -29.27
N PRO X 19 7.70 9.80 -29.52
CA PRO X 19 8.35 11.11 -29.68
C PRO X 19 7.82 11.93 -30.85
N GLY X 20 7.16 11.30 -31.82
CA GLY X 20 6.63 12.03 -32.95
C GLY X 20 5.28 12.65 -32.69
N ASP X 21 4.54 12.14 -31.71
CA ASP X 21 3.20 12.64 -31.42
C ASP X 21 3.01 12.78 -29.91
N ARG X 22 4.01 13.34 -29.22
CA ARG X 22 3.91 13.49 -27.78
C ARG X 22 2.72 14.35 -27.40
N GLY X 23 2.02 13.94 -26.34
CA GLY X 23 0.88 14.68 -25.84
C GLY X 23 0.23 14.00 -24.66
N MET X 24 -1.10 14.05 -24.59
CA MET X 24 -1.86 13.35 -23.56
C MET X 24 -2.99 12.60 -24.22
N ARG X 25 -3.34 11.45 -23.65
CA ARG X 25 -4.32 10.55 -24.23
C ARG X 25 -5.31 10.09 -23.18
N LEU X 26 -6.52 9.80 -23.62
CA LEU X 26 -7.55 9.24 -22.75
C LEU X 26 -7.80 7.78 -23.10
N ALA X 27 -8.09 6.98 -22.07
CA ALA X 27 -8.41 5.59 -22.29
C ALA X 27 -9.82 5.47 -22.88
N LEU X 28 -9.90 5.00 -24.12
CA LEU X 28 -11.17 4.93 -24.84
C LEU X 28 -11.66 3.50 -25.00
N THR X 29 -10.83 2.61 -25.55
CA THR X 29 -11.24 1.22 -25.68
C THR X 29 -11.46 0.61 -24.30
N ASN X 30 -12.53 -0.19 -24.20
CA ASN X 30 -12.85 -0.79 -22.92
C ASN X 30 -11.71 -1.65 -22.39
N GLN X 31 -10.97 -2.29 -23.29
CA GLN X 31 -9.84 -3.13 -22.87
C GLN X 31 -8.82 -2.31 -22.08
N LEU X 32 -8.40 -1.17 -22.63
CA LEU X 32 -7.39 -0.36 -21.95
C LEU X 32 -7.91 0.16 -20.62
N SER X 33 -9.16 0.62 -20.58
CA SER X 33 -9.71 1.12 -19.33
C SER X 33 -9.74 0.03 -18.27
N LEU X 34 -10.22 -1.16 -18.63
CA LEU X 34 -10.31 -2.24 -17.67
C LEU X 34 -8.93 -2.67 -17.19
N ARG X 35 -7.93 -2.65 -18.07
CA ARG X 35 -6.59 -3.04 -17.67
C ARG X 35 -6.12 -2.18 -16.49
N GLN X 36 -6.20 -0.86 -16.64
CA GLN X 36 -5.72 0.02 -15.57
C GLN X 36 -6.66 -0.01 -14.37
N ARG X 37 -7.96 -0.22 -14.58
CA ARG X 37 -8.87 -0.34 -13.45
C ARG X 37 -8.52 -1.53 -12.59
N LEU X 38 -8.09 -2.64 -13.20
CA LEU X 38 -7.63 -3.78 -12.42
C LEU X 38 -6.24 -3.51 -11.82
N TYR X 39 -5.36 -2.87 -12.59
CA TYR X 39 -4.01 -2.63 -12.12
C TYR X 39 -4.01 -1.79 -10.84
N LEU X 40 -4.72 -0.66 -10.87
CA LEU X 40 -4.80 0.18 -9.68
C LEU X 40 -5.48 -0.55 -8.53
N ARG X 41 -6.55 -1.28 -8.84
CA ARG X 41 -7.28 -1.99 -7.80
C ARG X 41 -6.41 -3.01 -7.09
N PHE X 42 -5.47 -3.62 -7.81
CA PHE X 42 -4.60 -4.62 -7.20
C PHE X 42 -3.32 -4.03 -6.62
N ALA X 43 -2.87 -2.88 -7.12
CA ALA X 43 -1.61 -2.31 -6.67
C ALA X 43 -1.72 -1.55 -5.36
N ILE X 44 -2.89 -0.99 -5.06
CA ILE X 44 -3.06 -0.20 -3.85
C ILE X 44 -3.39 -1.13 -2.69
N TRP X 45 -2.51 -1.16 -1.69
CA TRP X 45 -2.76 -1.97 -0.50
C TRP X 45 -3.96 -1.41 0.27
N ALA X 46 -4.75 -2.32 0.85
CA ALA X 46 -5.97 -1.90 1.52
C ALA X 46 -5.67 -0.93 2.65
N GLY X 47 -6.40 0.18 2.67
CA GLY X 47 -6.33 1.14 3.74
C GLY X 47 -5.21 2.15 3.61
N ASP X 48 -4.34 2.03 2.61
CA ASP X 48 -3.19 2.91 2.50
C ASP X 48 -3.49 4.21 1.76
N TRP X 49 -4.65 4.32 1.11
CA TRP X 49 -5.02 5.53 0.40
C TRP X 49 -5.95 6.35 1.27
N TYR X 50 -5.53 7.57 1.60
CA TYR X 50 -6.37 8.48 2.37
C TYR X 50 -7.57 8.88 1.51
N PHE X 51 -8.61 9.42 2.15
CA PHE X 51 -9.85 9.82 1.49
C PHE X 51 -10.72 8.63 1.13
N ASP X 52 -10.18 7.42 1.25
CA ASP X 52 -10.96 6.19 1.06
C ASP X 52 -10.23 5.06 1.79
N GLU X 53 -10.73 4.72 2.98
CA GLU X 53 -10.09 3.68 3.79
C GLU X 53 -10.45 2.28 3.31
N THR X 54 -11.55 2.12 2.57
CA THR X 54 -12.02 0.81 2.18
C THR X 54 -11.45 0.31 0.87
N PHE X 55 -10.70 1.14 0.15
CA PHE X 55 -10.15 0.74 -1.13
C PHE X 55 -8.83 0.00 -0.97
N GLY X 56 -8.54 -0.90 -1.90
CA GLY X 56 -7.30 -1.62 -1.93
C GLY X 56 -7.47 -3.10 -1.64
N PHE X 57 -6.33 -3.79 -1.59
CA PHE X 57 -6.27 -5.23 -1.34
C PHE X 57 -5.55 -5.50 -0.04
N PRO X 58 -6.03 -6.42 0.81
CA PRO X 58 -5.37 -6.69 2.09
C PRO X 58 -4.24 -7.71 1.98
N TYR X 59 -3.09 -7.25 1.49
CA TYR X 59 -1.94 -8.15 1.37
C TYR X 59 -1.38 -8.53 2.73
N ARG X 60 -1.45 -7.62 3.71
CA ARG X 60 -0.89 -7.89 5.02
C ARG X 60 -1.45 -9.14 5.67
N THR X 61 -2.68 -9.53 5.32
CA THR X 61 -3.29 -10.73 5.90
C THR X 61 -2.48 -11.97 5.53
N PHE X 62 -2.02 -12.04 4.28
CA PHE X 62 -1.39 -13.25 3.78
C PHE X 62 0.13 -13.17 3.87
N VAL X 63 0.72 -12.09 3.35
CA VAL X 63 2.17 -11.98 3.33
C VAL X 63 2.71 -12.03 4.76
N GLY X 64 3.78 -12.78 4.95
CA GLY X 64 4.41 -12.93 6.25
C GLY X 64 3.75 -13.92 7.18
N LYS X 65 2.69 -14.59 6.75
CA LYS X 65 1.99 -15.57 7.55
C LYS X 65 1.92 -16.91 6.82
N LYS X 66 1.81 -17.98 7.60
CA LYS X 66 1.58 -19.30 7.01
C LYS X 66 0.13 -19.39 6.55
N THR X 67 -0.05 -19.44 5.22
CA THR X 67 -1.38 -19.33 4.65
C THR X 67 -1.62 -20.51 3.70
N VAL X 68 -2.89 -20.78 3.45
CA VAL X 68 -3.32 -21.88 2.60
C VAL X 68 -3.53 -21.32 1.20
N LYS X 69 -2.96 -21.98 0.20
CA LYS X 69 -3.04 -21.52 -1.18
C LYS X 69 -4.49 -21.33 -1.61
N ALA X 70 -5.36 -22.27 -1.24
CA ALA X 70 -6.75 -22.21 -1.69
C ALA X 70 -7.47 -20.96 -1.23
N VAL X 71 -7.21 -20.50 -0.01
CA VAL X 71 -7.87 -19.30 0.49
C VAL X 71 -7.45 -18.07 -0.31
N LEU X 72 -6.16 -17.96 -0.62
CA LEU X 72 -5.66 -16.80 -1.35
C LEU X 72 -6.30 -16.71 -2.73
N ASP X 73 -6.39 -17.85 -3.43
CA ASP X 73 -6.95 -17.84 -4.78
C ASP X 73 -8.38 -17.33 -4.79
N GLY X 74 -9.18 -17.68 -3.79
CA GLY X 74 -10.54 -17.20 -3.73
C GLY X 74 -10.60 -15.68 -3.65
N ARG X 75 -9.77 -15.09 -2.80
CA ARG X 75 -9.77 -13.62 -2.68
C ARG X 75 -9.26 -12.97 -3.96
N ILE X 76 -8.18 -13.52 -4.53
CA ILE X 76 -7.67 -12.97 -5.79
C ILE X 76 -8.76 -13.03 -6.86
N LYS X 77 -9.43 -14.15 -6.96
CA LYS X 77 -10.45 -14.35 -7.98
C LYS X 77 -11.73 -13.57 -7.69
N SER X 78 -11.93 -13.12 -6.45
CA SER X 78 -13.13 -12.38 -6.09
C SER X 78 -12.99 -10.88 -6.38
N GLU X 79 -11.81 -10.32 -6.11
CA GLU X 79 -11.61 -8.90 -6.36
C GLU X 79 -11.83 -8.55 -7.83
N VAL X 80 -11.51 -9.49 -8.72
CA VAL X 80 -11.67 -9.23 -10.16
C VAL X 80 -13.12 -8.98 -10.50
N ARG X 81 -14.03 -9.78 -9.93
CA ARG X 81 -15.45 -9.71 -10.29
C ARG X 81 -16.17 -8.53 -9.67
N GLN X 82 -15.46 -7.62 -9.00
CA GLN X 82 -16.10 -6.40 -8.50
C GLN X 82 -16.38 -5.41 -9.61
N GLU X 83 -15.72 -5.53 -10.76
CA GLU X 83 -15.99 -4.65 -11.88
C GLU X 83 -17.28 -5.09 -12.57
N PRO X 84 -18.17 -4.16 -12.92
CA PRO X 84 -19.48 -4.56 -13.48
C PRO X 84 -19.42 -5.06 -14.91
N ASP X 85 -18.30 -4.91 -15.62
CA ASP X 85 -18.20 -5.29 -17.02
C ASP X 85 -17.19 -6.40 -17.25
N VAL X 86 -17.19 -7.42 -16.39
CA VAL X 86 -16.34 -8.59 -16.52
C VAL X 86 -17.23 -9.77 -16.89
N LEU X 87 -16.93 -10.41 -18.01
CA LEU X 87 -17.78 -11.50 -18.49
C LEU X 87 -17.46 -12.80 -17.77
N GLN X 88 -16.18 -13.17 -17.69
CA GLN X 88 -15.79 -14.41 -17.04
C GLN X 88 -14.28 -14.45 -16.89
N ILE X 89 -13.81 -15.48 -16.18
CA ILE X 89 -12.39 -15.76 -16.02
C ILE X 89 -12.12 -17.12 -16.62
N THR X 90 -11.16 -17.19 -17.54
CA THR X 90 -10.96 -18.38 -18.34
C THR X 90 -10.18 -19.47 -17.63
N ASP X 91 -8.99 -19.17 -17.14
CA ASP X 91 -8.12 -20.18 -16.56
C ASP X 91 -7.35 -19.57 -15.41
N PHE X 92 -6.86 -20.44 -14.51
CA PHE X 92 -6.20 -19.98 -13.30
C PHE X 92 -5.15 -20.98 -12.85
N GLN X 93 -3.86 -20.68 -13.10
CA GLN X 93 -2.77 -21.55 -12.70
C GLN X 93 -2.05 -20.96 -11.48
N SER X 94 -2.51 -21.36 -10.30
CA SER X 94 -1.92 -20.92 -9.05
C SER X 94 -0.88 -21.94 -8.62
N THR X 95 0.37 -21.48 -8.47
CA THR X 95 1.47 -22.33 -8.03
C THR X 95 2.25 -21.64 -6.93
N MET X 96 2.78 -22.44 -6.01
CA MET X 96 3.54 -21.94 -4.88
C MET X 96 4.82 -22.74 -4.72
N ASP X 97 5.93 -22.04 -4.49
CA ASP X 97 7.22 -22.67 -4.26
C ASP X 97 7.58 -22.52 -2.79
N VAL X 98 7.95 -23.64 -2.15
CA VAL X 98 8.25 -23.61 -0.73
C VAL X 98 9.70 -23.21 -0.45
N VAL X 99 10.61 -23.45 -1.39
CA VAL X 99 12.01 -23.12 -1.16
C VAL X 99 12.19 -21.61 -1.06
N SER X 100 11.74 -20.88 -2.09
CA SER X 100 11.84 -19.43 -2.10
C SER X 100 10.66 -18.75 -1.42
N ARG X 101 9.62 -19.49 -1.05
CA ARG X 101 8.44 -18.95 -0.39
C ARG X 101 7.70 -17.95 -1.27
N SER X 102 7.85 -18.06 -2.59
CA SER X 102 7.16 -17.17 -3.51
C SER X 102 5.86 -17.80 -4.01
N TYR X 103 4.91 -16.95 -4.36
CA TYR X 103 3.63 -17.37 -4.92
C TYR X 103 3.36 -16.57 -6.19
N LYS X 104 2.91 -17.25 -7.23
CA LYS X 104 2.73 -16.61 -8.53
C LYS X 104 1.58 -17.30 -9.25
N CYS X 105 0.58 -16.52 -9.66
CA CYS X 105 -0.59 -17.06 -10.33
C CYS X 105 -0.75 -16.43 -11.72
N PHE X 106 -1.45 -17.14 -12.59
CA PHE X 106 -1.73 -16.67 -13.95
C PHE X 106 -3.22 -16.83 -14.21
N PHE X 107 -3.77 -15.90 -14.99
CA PHE X 107 -5.17 -15.98 -15.38
C PHE X 107 -5.44 -14.86 -16.39
N THR X 108 -6.55 -15.00 -17.11
CA THR X 108 -7.01 -14.00 -18.07
C THR X 108 -8.48 -13.71 -17.85
N VAL X 109 -8.89 -12.52 -18.30
CA VAL X 109 -10.26 -12.05 -18.13
C VAL X 109 -10.79 -11.60 -19.49
N VAL X 110 -12.06 -11.86 -19.73
CA VAL X 110 -12.70 -11.57 -21.01
C VAL X 110 -13.71 -10.44 -20.80
N THR X 111 -13.63 -9.43 -21.67
CA THR X 111 -14.54 -8.28 -21.61
C THR X 111 -14.92 -7.89 -23.03
N ALA X 112 -16.18 -7.51 -23.20
CA ALA X 112 -16.68 -7.10 -24.50
C ALA X 112 -16.36 -5.63 -24.76
N GLU X 113 -16.81 -5.13 -25.91
CA GLU X 113 -16.60 -3.75 -26.31
C GLU X 113 -17.93 -3.13 -26.68
N GLY X 114 -18.12 -1.87 -26.27
CA GLY X 114 -19.37 -1.17 -26.45
C GLY X 114 -19.26 -0.04 -27.47
N GLU X 115 -20.35 0.72 -27.56
CA GLU X 115 -20.47 1.83 -28.50
C GLU X 115 -20.18 3.15 -27.76
N GLU X 116 -20.19 4.27 -28.50
CA GLU X 116 -19.74 5.54 -27.98
C GLU X 116 -20.89 6.49 -27.61
N ILE X 117 -22.14 6.08 -27.83
CA ILE X 117 -23.34 6.81 -27.42
C ILE X 117 -23.38 8.21 -28.05
N SER X 118 -22.33 9.01 -27.86
CA SER X 118 -22.31 10.36 -28.39
C SER X 118 -20.87 10.80 -28.64
N LEU X 119 -20.66 11.49 -29.76
CA LEU X 119 -19.35 12.02 -30.11
C LEU X 119 -19.22 13.51 -29.78
N ALA X 120 -20.22 14.11 -29.12
CA ALA X 120 -20.18 15.55 -28.87
C ALA X 120 -18.95 15.97 -28.10
N PHE X 121 -18.48 15.15 -27.17
CA PHE X 121 -17.35 15.52 -26.32
C PHE X 121 -16.00 15.08 -26.88
N VAL X 122 -15.98 14.41 -28.03
CA VAL X 122 -14.73 13.87 -28.55
C VAL X 122 -14.52 14.23 -30.01
N GLY X 123 -13.81 15.33 -30.26
CA GLY X 123 -13.14 15.58 -31.52
C GLY X 123 -13.98 15.99 -32.71
N GLU X 124 -14.69 15.05 -33.32
CA GLU X 124 -15.20 15.20 -34.68
C GLU X 124 -16.72 15.22 -34.69
N ASP X 125 -17.27 15.42 -35.88
CA ASP X 125 -18.71 15.39 -36.13
C ASP X 125 -18.97 14.54 -37.35
N GLU X 126 -20.14 13.91 -37.40
CA GLU X 126 -20.44 12.92 -38.41
C GLU X 126 -21.31 13.44 -39.55
N TYR X 127 -21.60 14.73 -39.60
CA TYR X 127 -22.51 15.26 -40.62
C TYR X 127 -21.74 15.92 -41.76
N GLN X 128 -22.46 16.20 -42.84
CA GLN X 128 -21.87 16.57 -44.13
C GLN X 128 -22.57 17.79 -44.73
N TYR X 129 -22.69 18.85 -43.92
CA TYR X 129 -23.35 20.07 -44.36
C TYR X 129 -22.89 20.44 -45.79
N PRO X 130 -23.79 21.04 -46.58
CA PRO X 130 -23.46 21.28 -47.99
C PRO X 130 -22.48 22.43 -48.17
N THR X 131 -21.96 22.54 -49.39
CA THR X 131 -21.00 23.57 -49.76
C THR X 131 -21.68 24.64 -50.62
N PRO X 132 -21.51 25.93 -50.31
CA PRO X 132 -22.13 26.97 -51.14
C PRO X 132 -21.60 26.93 -52.55
N PRO X 133 -22.42 27.27 -53.55
CA PRO X 133 -21.94 27.29 -54.93
C PRO X 133 -20.91 28.40 -55.15
N GLU X 134 -20.34 28.40 -56.35
CA GLU X 134 -19.27 29.34 -56.71
C GLU X 134 -19.69 30.13 -57.95
N SER X 135 -19.53 31.46 -57.86
CA SER X 135 -19.70 32.34 -59.02
C SER X 135 -21.14 32.24 -59.52
N ASN X 136 -21.36 32.51 -60.81
CA ASN X 136 -22.68 32.61 -61.39
C ASN X 136 -23.24 31.23 -61.76
N VAL X 137 -22.67 30.17 -61.19
CA VAL X 137 -23.11 28.81 -61.54
C VAL X 137 -24.58 28.62 -61.18
N GLN X 138 -24.99 29.14 -60.02
CA GLN X 138 -26.35 28.87 -59.55
C GLN X 138 -27.40 29.48 -60.48
N LEU X 139 -27.18 30.70 -60.94
CA LEU X 139 -28.19 31.43 -61.70
C LEU X 139 -28.15 31.15 -63.20
N CYS X 140 -27.13 30.46 -63.69
CA CYS X 140 -26.98 30.25 -65.13
C CYS X 140 -26.64 28.81 -65.52
N GLY X 141 -26.47 27.90 -64.57
CA GLY X 141 -26.12 26.53 -64.88
C GLY X 141 -24.68 26.21 -64.57
N ASP X 142 -24.29 24.99 -64.95
CA ASP X 142 -22.95 24.49 -64.65
C ASP X 142 -22.39 23.82 -65.89
N GLU X 143 -21.07 23.93 -66.06
CA GLU X 143 -20.41 23.34 -67.22
C GLU X 143 -20.26 21.83 -67.07
N GLY X 144 -20.18 21.32 -65.85
CA GLY X 144 -20.01 19.90 -65.65
C GLY X 144 -21.09 19.07 -66.33
N VAL X 145 -22.29 19.65 -66.45
CA VAL X 145 -23.36 18.95 -67.16
C VAL X 145 -22.98 18.70 -68.61
N ILE X 146 -22.11 19.56 -69.17
CA ILE X 146 -21.64 19.35 -70.54
C ILE X 146 -20.50 18.32 -70.56
N ILE X 147 -19.60 18.41 -69.58
CA ILE X 147 -18.44 17.54 -69.57
C ILE X 147 -18.86 16.09 -69.39
N ASN X 148 -19.80 15.84 -68.45
CA ASN X 148 -20.25 14.48 -68.22
C ASN X 148 -20.95 13.91 -69.44
N PHE X 149 -21.78 14.71 -70.11
CA PHE X 149 -22.43 14.25 -71.32
C PHE X 149 -21.42 13.93 -72.41
N LYS X 150 -20.40 14.78 -72.58
CA LYS X 150 -19.37 14.52 -73.58
C LYS X 150 -18.64 13.23 -73.27
N ASN X 151 -18.32 13.01 -71.99
CA ASN X 151 -17.64 11.77 -71.60
C ASN X 151 -18.52 10.55 -71.85
N LYS X 152 -19.81 10.65 -71.54
CA LYS X 152 -20.72 9.54 -71.81
C LYS X 152 -20.77 9.23 -73.30
N LEU X 153 -20.86 10.26 -74.14
CA LEU X 153 -20.87 10.04 -75.58
C LEU X 153 -19.59 9.38 -76.05
N TYR X 154 -18.45 9.87 -75.57
CA TYR X 154 -17.17 9.31 -75.97
C TYR X 154 -17.04 7.84 -75.56
N TYR X 155 -17.41 7.51 -74.33
CA TYR X 155 -17.36 6.13 -73.86
C TYR X 155 -18.33 5.23 -74.61
N LEU X 156 -19.51 5.74 -74.97
CA LEU X 156 -20.43 4.94 -75.78
C LEU X 156 -19.89 4.69 -77.18
N ILE X 157 -19.21 5.68 -77.77
CA ILE X 157 -18.60 5.49 -79.08
C ILE X 157 -17.49 4.46 -78.95
N ASN X 158 -16.79 4.46 -77.82
CA ASN X 158 -15.77 3.45 -77.55
C ASN X 158 -16.35 2.05 -77.38
N PHE X 159 -17.52 1.93 -76.76
CA PHE X 159 -18.08 0.62 -76.45
C PHE X 159 -18.44 -0.14 -77.71
N ARG X 160 -19.17 0.51 -78.63
CA ARG X 160 -19.76 -0.22 -79.74
C ARG X 160 -18.71 -0.86 -80.63
N LEU X 161 -17.61 -0.15 -80.92
CA LEU X 161 -16.57 -0.72 -81.76
C LEU X 161 -15.86 -1.83 -80.98
N PRO X 162 -15.79 -3.05 -81.51
CA PRO X 162 -15.21 -4.16 -80.74
C PRO X 162 -13.74 -3.91 -80.44
N LYS X 163 -13.34 -4.33 -79.24
CA LYS X 163 -11.96 -4.20 -78.79
C LYS X 163 -11.57 -5.39 -77.91
N ILE Y 8 21.99 53.34 9.91
CA ILE Y 8 22.58 54.23 8.92
C ILE Y 8 23.10 53.44 7.74
N ALA Y 9 23.90 52.41 8.03
CA ALA Y 9 24.42 51.52 7.01
C ALA Y 9 23.56 50.29 6.83
N LEU Y 10 22.30 50.35 7.23
CA LEU Y 10 21.40 49.21 7.20
C LEU Y 10 20.86 48.92 5.80
N LEU Y 11 21.50 49.47 4.77
CA LEU Y 11 21.29 48.96 3.42
C LEU Y 11 21.70 47.51 3.34
N SER Y 12 22.51 47.04 4.28
CA SER Y 12 22.93 45.65 4.31
C SER Y 12 21.76 44.70 4.13
N SER Y 13 20.54 45.15 4.39
CA SER Y 13 19.36 44.33 4.15
C SER Y 13 19.28 43.83 2.70
N ASP Y 14 20.11 44.34 1.80
CA ASP Y 14 20.24 43.78 0.46
C ASP Y 14 21.54 42.99 0.27
N ALA Y 15 22.51 43.15 1.17
CA ALA Y 15 23.81 42.55 0.93
C ALA Y 15 23.75 41.04 1.07
N ASP Y 16 22.87 40.53 1.93
CA ASP Y 16 22.87 39.11 2.22
C ASP Y 16 22.46 38.30 1.00
N LYS Y 17 21.53 38.82 0.19
CA LYS Y 17 21.10 38.09 -1.00
C LYS Y 17 22.24 37.91 -1.99
N ALA Y 18 23.34 38.64 -1.82
CA ALA Y 18 24.54 38.44 -2.61
C ALA Y 18 25.60 37.63 -1.84
N VAL Y 19 25.70 37.86 -0.54
CA VAL Y 19 26.71 37.15 0.25
C VAL Y 19 26.44 35.66 0.26
N ASP Y 20 25.20 35.27 0.56
CA ASP Y 20 24.86 33.86 0.49
C ASP Y 20 25.15 33.29 -0.89
N GLN Y 21 24.75 34.03 -1.93
CA GLN Y 21 24.90 33.54 -3.29
C GLN Y 21 26.36 33.28 -3.63
N ILE Y 22 27.25 34.20 -3.24
CA ILE Y 22 28.66 33.96 -3.46
C ILE Y 22 29.14 32.79 -2.64
N ILE Y 23 28.50 32.54 -1.48
CA ILE Y 23 28.88 31.34 -0.74
C ILE Y 23 28.61 30.10 -1.56
N GLU Y 24 27.41 29.97 -2.13
CA GLU Y 24 27.16 28.79 -2.94
C GLU Y 24 28.08 28.75 -4.16
N ASP Y 25 28.37 29.90 -4.75
CA ASP Y 25 29.27 29.91 -5.91
C ASP Y 25 30.66 29.41 -5.53
N SER Y 26 31.18 29.84 -4.39
CA SER Y 26 32.46 29.33 -3.93
C SER Y 26 32.38 27.83 -3.69
N LYS Y 27 31.26 27.37 -3.17
CA LYS Y 27 31.11 25.93 -2.94
C LYS Y 27 31.21 25.15 -4.24
N ARG Y 28 30.51 25.64 -5.27
CA ARG Y 28 30.58 24.98 -6.58
C ARG Y 28 31.98 25.05 -7.14
N LEU Y 29 32.65 26.19 -7.00
CA LEU Y 29 34.04 26.29 -7.42
C LEU Y 29 34.88 25.21 -6.78
N HIS Y 30 34.75 25.06 -5.47
CA HIS Y 30 35.57 24.09 -4.76
C HIS Y 30 35.28 22.68 -5.22
N ILE Y 31 34.01 22.33 -5.36
CA ILE Y 31 33.71 20.95 -5.76
C ILE Y 31 34.21 20.69 -7.17
N VAL Y 32 34.10 21.66 -8.07
CA VAL Y 32 34.54 21.43 -9.45
C VAL Y 32 36.05 21.28 -9.51
N VAL Y 33 36.78 22.20 -8.89
CA VAL Y 33 38.24 22.18 -9.01
C VAL Y 33 38.81 20.99 -8.26
N ASN Y 34 38.32 20.75 -7.05
CA ASN Y 34 38.88 19.74 -6.16
C ASN Y 34 37.99 18.50 -6.07
N GLY Y 35 37.09 18.31 -7.02
CA GLY Y 35 36.18 17.18 -6.96
C GLY Y 35 36.88 15.86 -7.15
N THR Y 36 36.11 14.82 -7.46
CA THR Y 36 36.66 13.47 -7.65
C THR Y 36 35.94 12.80 -8.80
N GLY Y 37 36.65 11.88 -9.46
CA GLY Y 37 36.12 11.16 -10.59
C GLY Y 37 34.75 10.56 -10.33
N GLN Y 40 30.64 15.66 -8.91
CA GLN Y 40 30.14 16.61 -9.90
C GLN Y 40 29.51 17.83 -9.26
N ALA Y 41 29.07 18.76 -10.09
CA ALA Y 41 28.48 20.02 -9.64
C ALA Y 41 27.21 20.30 -10.41
N VAL Y 42 26.29 21.00 -9.77
CA VAL Y 42 25.00 21.35 -10.34
C VAL Y 42 24.85 22.87 -10.34
N ALA Y 43 24.61 23.44 -11.51
CA ALA Y 43 24.37 24.87 -11.60
C ALA Y 43 22.90 25.17 -11.31
N GLU Y 44 22.59 26.45 -11.16
CA GLU Y 44 21.20 26.85 -10.95
C GLU Y 44 20.31 26.45 -12.12
N ASP Y 45 20.88 26.31 -13.32
CA ASP Y 45 20.10 25.84 -14.47
C ASP Y 45 19.80 24.36 -14.40
N GLY Y 46 20.37 23.63 -13.44
CA GLY Y 46 20.18 22.21 -13.33
C GLY Y 46 21.13 21.37 -14.14
N SER Y 47 21.98 21.98 -14.96
CA SER Y 47 22.94 21.22 -15.76
C SER Y 47 24.17 20.91 -14.93
N LEU Y 48 24.89 19.87 -15.36
CA LEU Y 48 25.99 19.32 -14.61
C LEU Y 48 27.32 19.92 -15.07
N LEU Y 49 28.22 20.09 -14.12
CA LEU Y 49 29.59 20.47 -14.41
C LEU Y 49 30.55 19.43 -13.82
N PRO Y 50 31.27 18.69 -14.64
CA PRO Y 50 32.17 17.66 -14.12
C PRO Y 50 33.43 18.30 -13.52
N SER Y 51 33.91 17.67 -12.44
CA SER Y 51 35.16 18.11 -11.85
C SER Y 51 36.32 17.69 -12.73
N VAL Y 52 37.44 18.41 -12.60
CA VAL Y 52 38.58 18.18 -13.48
C VAL Y 52 39.02 16.73 -13.39
N ARG Y 53 39.15 16.20 -12.19
CA ARG Y 53 39.56 14.81 -12.05
C ARG Y 53 38.55 13.84 -12.64
N LYS Y 54 37.34 14.29 -12.92
CA LYS Y 54 36.37 13.51 -13.70
C LYS Y 54 36.39 13.85 -15.17
N ALA Y 55 36.52 15.13 -15.52
CA ALA Y 55 36.57 15.51 -16.93
C ALA Y 55 37.73 14.84 -17.63
N LEU Y 56 38.82 14.58 -16.91
CA LEU Y 56 39.98 13.93 -17.53
C LEU Y 56 39.68 12.52 -17.99
N ILE Y 57 38.58 11.92 -17.54
CA ILE Y 57 38.26 10.54 -17.82
C ILE Y 57 37.36 10.41 -19.04
N ASP Y 58 36.35 11.27 -19.15
CA ASP Y 58 35.31 11.07 -20.15
C ASP Y 58 35.67 11.64 -21.52
N ASN Y 59 36.80 12.32 -21.65
CA ASN Y 59 37.18 12.96 -22.90
C ASN Y 59 37.71 11.92 -23.87
N LEU Y 60 37.86 12.33 -25.14
CA LEU Y 60 38.24 11.43 -26.22
C LEU Y 60 39.72 11.08 -26.08
N TYR Y 61 39.98 9.78 -25.97
CA TYR Y 61 41.34 9.26 -25.98
C TYR Y 61 41.49 8.30 -27.15
N PHE Y 62 42.54 8.50 -27.94
CA PHE Y 62 42.83 7.58 -29.03
C PHE Y 62 43.74 6.45 -28.54
N LYS Y 63 43.62 5.31 -29.20
CA LYS Y 63 44.58 4.25 -28.98
C LYS Y 63 45.92 4.64 -29.58
N THR Y 64 46.97 4.57 -28.78
CA THR Y 64 48.25 5.16 -29.14
C THR Y 64 49.00 4.38 -30.22
N PRO Y 65 48.92 3.05 -30.29
CA PRO Y 65 49.69 2.33 -31.30
C PRO Y 65 48.95 2.31 -32.62
N PRO Y 66 49.49 2.93 -33.66
CA PRO Y 66 48.82 2.92 -34.95
C PRO Y 66 49.01 1.61 -35.69
N LEU Y 67 48.05 1.31 -36.55
CA LEU Y 67 48.06 0.06 -37.30
C LEU Y 67 48.43 0.32 -38.76
N PRO Y 68 48.98 -0.67 -39.44
CA PRO Y 68 49.29 -0.51 -40.87
C PRO Y 68 48.01 -0.39 -41.70
N TRP Y 69 48.11 0.39 -42.77
CA TRP Y 69 46.97 0.64 -43.65
C TRP Y 69 46.70 -0.54 -44.58
N ARG Y 70 45.41 -0.76 -44.84
CA ARG Y 70 45.00 -1.77 -45.82
C ARG Y 70 43.81 -1.36 -46.67
N ASN Y 71 43.28 -0.14 -46.52
CA ASN Y 71 42.06 0.30 -47.20
C ASN Y 71 40.93 -0.73 -47.08
N GLY Y 72 40.92 -1.48 -45.99
CA GLY Y 72 39.89 -2.48 -45.77
C GLY Y 72 38.53 -1.85 -45.51
N VAL Y 75 38.18 -1.24 -39.83
CA VAL Y 75 37.11 -0.37 -40.30
C VAL Y 75 35.93 -0.42 -39.34
N ASN Y 76 36.21 -0.66 -38.06
CA ASN Y 76 35.17 -0.88 -37.07
C ASN Y 76 35.25 0.05 -35.86
N GLU Y 77 36.28 0.89 -35.76
CA GLU Y 77 36.40 1.78 -34.62
C GLU Y 77 36.82 3.18 -35.05
N PHE Y 78 36.25 4.17 -34.37
CA PHE Y 78 36.60 5.57 -34.55
C PHE Y 78 37.72 6.00 -33.66
N ASN Y 79 38.28 5.09 -32.87
CA ASN Y 79 39.23 5.44 -31.85
C ASN Y 79 40.58 4.77 -32.00
N GLN Y 80 40.79 3.95 -33.04
CA GLN Y 80 42.07 3.30 -33.28
C GLN Y 80 42.71 3.92 -34.52
N LEU Y 81 44.00 4.24 -34.41
CA LEU Y 81 44.69 4.90 -35.50
C LEU Y 81 45.29 3.89 -36.48
N TYR Y 82 45.61 4.38 -37.67
CA TYR Y 82 46.23 3.57 -38.70
C TYR Y 82 47.35 4.37 -39.34
N SER Y 83 48.35 3.65 -39.86
CA SER Y 83 49.54 4.26 -40.41
C SER Y 83 49.66 3.88 -41.88
N PHE Y 84 50.17 4.83 -42.68
CA PHE Y 84 50.28 4.63 -44.10
C PHE Y 84 51.39 5.51 -44.64
N THR Y 85 52.03 5.07 -45.71
CA THR Y 85 53.07 5.84 -46.38
C THR Y 85 53.56 5.10 -47.61
N THR Y 92 52.17 8.88 -42.03
CA THR Y 92 50.93 9.58 -41.80
C THR Y 92 49.96 8.72 -41.02
N TRP Y 93 49.19 9.32 -40.12
CA TRP Y 93 48.25 8.60 -39.29
C TRP Y 93 46.82 8.90 -39.72
N TRP Y 94 45.95 7.89 -39.56
CA TRP Y 94 44.61 7.95 -40.10
C TRP Y 94 43.63 7.34 -39.12
N TYR Y 95 42.36 7.67 -39.31
CA TYR Y 95 41.28 7.15 -38.48
C TYR Y 95 39.98 7.30 -39.23
N ALA Y 96 38.97 6.56 -38.78
CA ALA Y 96 37.66 6.53 -39.42
C ALA Y 96 36.62 7.15 -38.51
N PRO Y 97 36.13 8.37 -38.78
CA PRO Y 97 35.18 8.99 -37.86
C PRO Y 97 33.87 8.19 -37.74
N PHE Y 117 37.58 8.43 -45.03
CA PHE Y 117 38.60 8.51 -43.99
C PHE Y 117 39.03 9.93 -43.71
N LYS Y 118 39.74 10.12 -42.61
CA LYS Y 118 40.29 11.41 -42.24
C LYS Y 118 41.69 11.22 -41.68
N VAL Y 119 42.63 12.00 -42.21
CA VAL Y 119 44.00 11.93 -41.73
C VAL Y 119 44.07 12.59 -40.35
N PHE Y 120 45.08 12.20 -39.59
CA PHE Y 120 45.24 12.69 -38.22
C PHE Y 120 46.53 13.47 -38.03
N LEU Y 121 47.66 12.97 -38.52
CA LEU Y 121 48.94 13.67 -38.41
C LEU Y 121 49.61 13.68 -39.78
N ASP Y 122 49.44 14.77 -40.50
CA ASP Y 122 50.26 15.07 -41.67
C ASP Y 122 51.47 15.89 -41.19
N LYS Y 123 52.23 16.46 -42.12
CA LYS Y 123 53.43 17.21 -41.78
C LYS Y 123 53.37 18.65 -42.26
N THR Y 124 52.21 19.14 -42.65
CA THR Y 124 52.07 20.47 -43.22
C THR Y 124 51.46 21.43 -42.21
N ASN Y 125 51.86 22.69 -42.29
CA ASN Y 125 51.28 23.72 -41.45
C ASN Y 125 49.92 24.11 -42.00
N ILE Y 126 49.16 24.87 -41.21
CA ILE Y 126 47.85 25.34 -41.61
C ILE Y 126 47.93 26.85 -41.85
N ALA Y 127 48.72 27.54 -41.02
CA ALA Y 127 48.81 28.98 -41.11
C ALA Y 127 49.39 29.42 -42.46
N ASP Y 128 50.02 28.50 -43.19
CA ASP Y 128 50.65 28.85 -44.44
C ASP Y 128 49.68 28.82 -45.63
N ILE Y 129 48.47 28.28 -45.46
CA ILE Y 129 47.56 28.10 -46.58
C ILE Y 129 46.24 28.79 -46.32
N TYR Y 130 45.90 29.00 -45.05
CA TYR Y 130 44.61 29.57 -44.67
C TYR Y 130 44.79 31.02 -44.25
N ALA Y 131 44.05 31.91 -44.89
CA ALA Y 131 44.23 33.33 -44.68
C ALA Y 131 43.71 33.73 -43.30
N PRO Y 132 44.49 34.45 -42.49
CA PRO Y 132 43.93 34.99 -41.24
C PRO Y 132 42.92 36.08 -41.55
N LEU Y 133 41.89 36.16 -40.71
CA LEU Y 133 40.86 37.16 -40.94
C LEU Y 133 41.37 38.58 -40.72
N ASN Y 134 42.56 38.72 -40.14
CA ASN Y 134 43.14 40.02 -39.84
C ASN Y 134 44.29 40.30 -40.80
N SER Y 135 44.16 41.36 -41.58
CA SER Y 135 45.23 41.80 -42.48
C SER Y 135 45.69 40.67 -43.40
N PRO Y 136 44.78 40.02 -44.12
CA PRO Y 136 45.21 38.99 -45.08
C PRO Y 136 45.79 39.61 -46.33
N ASN Y 137 46.50 38.78 -47.10
CA ASN Y 137 47.04 39.16 -48.40
C ASN Y 137 46.72 38.04 -49.40
N PHE Y 138 45.53 38.11 -49.98
CA PHE Y 138 45.09 37.08 -50.91
C PHE Y 138 45.82 37.20 -52.24
N VAL Y 139 45.94 36.08 -52.94
CA VAL Y 139 46.56 36.04 -54.25
C VAL Y 139 45.68 35.22 -55.18
N GLY Y 140 45.87 35.45 -56.48
CA GLY Y 140 45.12 34.71 -57.48
C GLY Y 140 43.84 35.41 -57.90
N ASN Y 141 42.71 34.75 -57.67
CA ASN Y 141 41.41 35.27 -58.10
C ASN Y 141 40.40 35.11 -56.96
N PRO Y 142 40.43 36.02 -55.99
CA PRO Y 142 39.39 36.01 -54.96
C PRO Y 142 38.04 36.43 -55.51
N ARG Y 143 36.99 35.83 -54.94
CA ARG Y 143 35.62 36.06 -55.38
C ARG Y 143 34.73 36.27 -54.17
N VAL Y 144 33.66 37.03 -54.37
CA VAL Y 144 32.64 37.23 -53.33
C VAL Y 144 31.28 37.24 -54.02
N PRO Y 145 30.19 37.04 -53.29
CA PRO Y 145 28.87 37.19 -53.92
C PRO Y 145 28.55 38.66 -54.13
N THR Y 146 28.13 38.99 -55.34
CA THR Y 146 27.88 40.39 -55.68
C THR Y 146 26.75 40.95 -54.81
N PRO Y 147 26.95 42.11 -54.17
CA PRO Y 147 25.90 42.65 -53.32
C PRO Y 147 24.75 43.22 -54.14
N ALA Y 148 23.69 43.59 -53.42
CA ALA Y 148 22.52 44.19 -54.04
C ALA Y 148 22.87 45.57 -54.58
N PRO Y 149 22.22 46.03 -55.65
CA PRO Y 149 22.50 47.38 -56.15
C PRO Y 149 22.19 48.43 -55.10
N GLY Y 150 23.04 49.46 -55.06
CA GLY Y 150 22.80 50.60 -54.21
C GLY Y 150 23.18 50.42 -52.76
N ASP Y 151 23.72 49.27 -52.36
CA ASP Y 151 24.11 49.07 -50.99
C ASP Y 151 25.23 50.03 -50.62
N ASN Y 152 25.04 50.76 -49.52
CA ASN Y 152 26.06 51.63 -48.94
C ASN Y 152 26.33 51.11 -47.54
N SER Y 153 27.21 50.13 -47.43
CA SER Y 153 27.51 49.49 -46.16
C SER Y 153 28.96 49.05 -46.19
N GLN Y 154 29.34 48.21 -45.24
CA GLN Y 154 30.71 47.73 -45.12
C GLN Y 154 30.95 46.44 -45.89
N SER Y 155 29.95 45.94 -46.61
CA SER Y 155 30.17 44.76 -47.43
C SER Y 155 31.21 45.06 -48.52
N ILE Y 156 31.64 44.01 -49.20
CA ILE Y 156 32.66 44.11 -50.23
C ILE Y 156 31.98 44.23 -51.59
N PRO Y 157 32.34 45.23 -52.41
CA PRO Y 157 31.80 45.30 -53.76
C PRO Y 157 32.59 44.43 -54.73
N THR Y 158 31.93 44.01 -55.79
CA THR Y 158 32.58 43.21 -56.83
C THR Y 158 32.91 44.08 -58.03
N THR Y 159 33.98 43.69 -58.74
CA THR Y 159 34.40 44.44 -59.92
C THR Y 159 33.25 44.59 -60.91
N GLY Y 160 32.42 43.56 -61.03
CA GLY Y 160 31.32 43.60 -61.96
C GLY Y 160 30.09 44.25 -61.36
N TRP Y 161 30.23 44.79 -60.15
CA TRP Y 161 29.15 45.53 -59.52
C TRP Y 161 29.47 47.01 -59.60
N VAL Y 162 30.70 47.39 -59.27
CA VAL Y 162 31.09 48.78 -59.39
C VAL Y 162 31.04 49.20 -60.84
N GLN Y 163 31.53 48.35 -61.74
CA GLN Y 163 31.53 48.67 -63.16
C GLN Y 163 30.11 48.90 -63.65
N SER Y 164 29.16 48.09 -63.17
CA SER Y 164 27.76 48.38 -63.41
C SER Y 164 27.37 49.71 -62.77
N GLU Y 165 27.85 49.97 -61.56
CA GLU Y 165 27.49 51.20 -60.87
C GLU Y 165 27.99 52.43 -61.61
N MET Y 166 29.10 52.32 -62.34
CA MET Y 166 29.66 53.51 -63.00
C MET Y 166 28.70 54.06 -64.05
N GLU Y 167 28.04 53.16 -64.79
CA GLU Y 167 27.24 53.59 -65.93
C GLU Y 167 26.04 54.42 -65.50
N GLY Y 168 25.51 54.17 -64.30
CA GLY Y 168 24.38 54.95 -63.84
C GLY Y 168 24.69 56.43 -63.75
N LEU Y 169 25.84 56.77 -63.18
CA LEU Y 169 26.24 58.17 -63.10
C LEU Y 169 26.67 58.70 -64.46
N GLU Y 170 27.18 57.84 -65.32
CA GLU Y 170 27.59 58.27 -66.65
C GLU Y 170 26.42 58.90 -67.39
N ASP Y 171 25.24 58.32 -67.24
CA ASP Y 171 24.05 58.83 -67.91
C ASP Y 171 23.53 60.08 -67.22
N ASP Z 14 33.25 55.26 1.34
CA ASP Z 14 32.94 55.19 2.76
C ASP Z 14 32.69 53.74 3.16
N ALA Z 15 31.41 53.34 3.18
CA ALA Z 15 31.05 51.95 3.40
C ALA Z 15 30.07 51.51 2.31
N ASP Z 16 29.27 52.45 1.83
CA ASP Z 16 28.35 52.16 0.73
C ASP Z 16 29.11 51.67 -0.48
N LYS Z 17 30.27 52.27 -0.74
CA LYS Z 17 31.06 51.87 -1.90
C LYS Z 17 31.69 50.51 -1.68
N ALA Z 18 32.07 50.18 -0.45
CA ALA Z 18 32.51 48.82 -0.17
C ALA Z 18 31.41 47.82 -0.46
N VAL Z 19 30.19 48.14 -0.03
CA VAL Z 19 29.06 47.25 -0.29
C VAL Z 19 28.80 47.13 -1.79
N ASP Z 20 28.95 48.23 -2.52
CA ASP Z 20 28.78 48.19 -3.96
C ASP Z 20 29.79 47.24 -4.58
N GLN Z 21 31.06 47.34 -4.15
CA GLN Z 21 32.07 46.40 -4.61
C GLN Z 21 31.63 44.97 -4.34
N ILE Z 22 31.13 44.72 -3.13
CA ILE Z 22 30.72 43.36 -2.77
C ILE Z 22 29.66 42.86 -3.74
N ILE Z 23 28.64 43.68 -4.00
CA ILE Z 23 27.50 43.20 -4.79
C ILE Z 23 27.91 43.00 -6.24
N GLU Z 24 28.70 43.92 -6.80
CA GLU Z 24 29.14 43.74 -8.18
C GLU Z 24 30.00 42.50 -8.30
N ASP Z 25 30.91 42.30 -7.35
CA ASP Z 25 31.71 41.09 -7.37
C ASP Z 25 30.83 39.86 -7.30
N SER Z 26 29.77 39.91 -6.49
CA SER Z 26 28.90 38.75 -6.34
C SER Z 26 28.22 38.41 -7.66
N LYS Z 27 27.65 39.39 -8.34
CA LYS Z 27 26.98 39.09 -9.60
C LYS Z 27 27.98 38.62 -10.65
N ARG Z 28 29.17 39.22 -10.67
CA ARG Z 28 30.20 38.73 -11.59
C ARG Z 28 30.51 37.27 -11.33
N LEU Z 29 30.72 36.91 -10.06
CA LEU Z 29 31.06 35.54 -9.73
C LEU Z 29 29.92 34.60 -10.09
N HIS Z 30 28.69 35.05 -9.87
CA HIS Z 30 27.55 34.22 -10.23
C HIS Z 30 27.56 33.90 -11.71
N ILE Z 31 27.72 34.92 -12.56
CA ILE Z 31 27.72 34.67 -14.00
C ILE Z 31 28.90 33.79 -14.39
N VAL Z 32 30.07 34.02 -13.77
CA VAL Z 32 31.25 33.25 -14.14
C VAL Z 32 31.06 31.78 -13.81
N VAL Z 33 30.58 31.49 -12.60
CA VAL Z 33 30.39 30.11 -12.20
C VAL Z 33 29.34 29.46 -13.09
N ASN Z 34 28.25 30.16 -13.36
CA ASN Z 34 27.18 29.58 -14.17
C ASN Z 34 27.51 29.69 -15.66
N GLY Z 35 27.64 30.91 -16.16
CA GLY Z 35 27.96 31.04 -17.56
C GLY Z 35 26.92 30.35 -18.44
N THR Z 36 27.26 30.24 -19.72
CA THR Z 36 26.36 29.60 -20.66
C THR Z 36 27.07 28.77 -21.72
N GLY Z 37 28.38 28.59 -21.64
CA GLY Z 37 29.10 27.86 -22.68
C GLY Z 37 29.52 28.73 -23.82
N THR Z 38 28.57 29.45 -24.44
CA THR Z 38 28.94 30.49 -25.39
C THR Z 38 28.83 31.84 -24.70
N GLU Z 39 29.66 32.05 -23.67
CA GLU Z 39 29.54 33.25 -22.85
C GLU Z 39 30.85 33.54 -22.15
N GLN Z 40 31.11 34.81 -21.92
CA GLN Z 40 32.27 35.24 -21.15
C GLN Z 40 31.87 36.46 -20.35
N ALA Z 41 32.36 36.53 -19.12
CA ALA Z 41 31.98 37.57 -18.19
C ALA Z 41 32.85 38.81 -18.39
N VAL Z 42 32.45 39.91 -17.76
CA VAL Z 42 33.14 41.19 -17.87
C VAL Z 42 33.74 41.51 -16.51
N ALA Z 43 35.06 41.63 -16.46
CA ALA Z 43 35.72 42.01 -15.22
C ALA Z 43 35.59 43.52 -15.00
N GLU Z 44 35.90 43.95 -13.77
CA GLU Z 44 35.87 45.37 -13.48
C GLU Z 44 36.81 46.15 -14.40
N ASP Z 45 38.05 45.70 -14.52
CA ASP Z 45 38.91 46.23 -15.56
C ASP Z 45 38.37 45.85 -16.93
N GLY Z 46 39.07 46.28 -17.97
CA GLY Z 46 38.60 46.03 -19.31
C GLY Z 46 38.59 44.57 -19.73
N SER Z 47 39.27 43.70 -19.01
CA SER Z 47 39.37 42.31 -19.43
C SER Z 47 38.04 41.59 -19.20
N LEU Z 48 37.85 40.49 -19.93
CA LEU Z 48 36.64 39.70 -19.87
C LEU Z 48 36.97 38.33 -19.29
N LEU Z 49 36.08 37.82 -18.46
CA LEU Z 49 36.31 36.58 -17.72
C LEU Z 49 35.55 35.44 -18.37
N PRO Z 50 36.19 34.35 -18.75
CA PRO Z 50 35.45 33.22 -19.33
C PRO Z 50 34.74 32.40 -18.27
N SER Z 51 33.66 31.75 -18.68
CA SER Z 51 32.90 30.89 -17.79
C SER Z 51 33.52 29.50 -17.77
N VAL Z 52 33.14 28.72 -16.74
CA VAL Z 52 33.63 27.35 -16.65
C VAL Z 52 33.22 26.57 -17.89
N ARG Z 53 31.99 26.77 -18.34
CA ARG Z 53 31.53 26.07 -19.53
C ARG Z 53 32.41 26.41 -20.73
N LYS Z 54 33.01 27.61 -20.73
CA LYS Z 54 34.04 27.91 -21.72
C LYS Z 54 35.31 27.12 -21.43
N ALA Z 55 35.93 27.39 -20.28
CA ALA Z 55 37.25 26.85 -20.03
C ALA Z 55 37.31 25.35 -20.28
N LEU Z 56 36.27 24.61 -19.88
CA LEU Z 56 36.26 23.19 -20.16
C LEU Z 56 36.34 22.92 -21.65
N ILE Z 57 35.35 23.39 -22.42
CA ILE Z 57 35.38 23.15 -23.86
C ILE Z 57 36.44 24.02 -24.50
N ASP Z 58 36.84 25.11 -23.84
CA ASP Z 58 37.83 25.99 -24.42
C ASP Z 58 39.17 25.31 -24.67
N ASN Z 59 39.67 24.51 -23.72
CA ASN Z 59 40.96 23.90 -23.95
C ASN Z 59 40.76 22.66 -24.82
N LEU Z 60 40.19 21.61 -24.24
CA LEU Z 60 39.58 20.51 -24.98
C LEU Z 60 38.96 19.57 -23.97
N TYR Z 61 37.69 19.22 -24.16
CA TYR Z 61 37.02 18.26 -23.31
C TYR Z 61 35.72 17.84 -23.96
N PHE Z 62 35.35 16.58 -23.77
CA PHE Z 62 34.14 16.04 -24.39
C PHE Z 62 33.71 14.78 -23.65
N LYS Z 63 32.57 14.23 -24.06
CA LYS Z 63 32.18 12.88 -23.69
C LYS Z 63 32.42 11.95 -24.86
N THR Z 64 33.19 10.88 -24.60
CA THR Z 64 33.84 10.17 -25.71
C THR Z 64 32.85 9.55 -26.68
N PRO Z 65 31.81 8.84 -26.26
CA PRO Z 65 31.05 8.04 -27.22
C PRO Z 65 30.20 8.92 -28.12
N PRO Z 66 30.57 9.07 -29.39
CA PRO Z 66 29.77 9.93 -30.27
C PRO Z 66 28.36 9.39 -30.40
N LEU Z 67 27.40 10.31 -30.56
CA LEU Z 67 26.02 9.89 -30.71
C LEU Z 67 25.50 10.26 -32.09
N PRO Z 68 24.60 9.45 -32.65
CA PRO Z 68 24.10 9.73 -34.00
C PRO Z 68 23.27 11.00 -34.04
N TRP Z 69 23.34 11.70 -35.17
CA TRP Z 69 22.45 12.82 -35.43
C TRP Z 69 21.03 12.32 -35.64
N ARG Z 70 20.05 13.17 -35.32
CA ARG Z 70 18.66 12.82 -35.53
C ARG Z 70 17.84 14.08 -35.75
N ASN Z 71 17.02 14.08 -36.81
CA ASN Z 71 16.24 15.27 -37.13
C ASN Z 71 15.22 15.59 -36.05
N GLY Z 72 14.76 14.58 -35.31
CA GLY Z 72 13.77 14.80 -34.27
C GLY Z 72 14.37 14.88 -32.88
N GLY Z 73 15.68 15.13 -32.79
CA GLY Z 73 16.34 15.18 -31.50
C GLY Z 73 16.53 16.58 -30.99
N SER Z 74 16.63 16.72 -29.67
CA SER Z 74 16.89 18.01 -29.04
C SER Z 74 18.00 17.84 -28.02
N VAL Z 75 19.01 18.71 -28.11
CA VAL Z 75 20.23 18.59 -27.32
C VAL Z 75 20.11 19.50 -26.11
N ASN Z 76 20.70 19.06 -24.99
CA ASN Z 76 20.63 19.80 -23.74
C ASN Z 76 21.93 19.75 -22.96
N GLU Z 77 23.04 19.42 -23.62
CA GLU Z 77 24.29 19.16 -22.91
C GLU Z 77 25.41 19.81 -23.69
N PHE Z 78 26.28 20.55 -23.01
CA PHE Z 78 27.16 21.49 -23.67
C PHE Z 78 28.49 20.88 -24.10
N ASN Z 79 28.68 19.58 -23.94
CA ASN Z 79 30.02 19.01 -24.04
C ASN Z 79 30.03 17.66 -24.74
N GLN Z 80 28.93 17.28 -25.37
CA GLN Z 80 28.84 16.00 -26.06
C GLN Z 80 28.96 16.17 -27.57
N LEU Z 81 29.51 15.15 -28.22
CA LEU Z 81 29.68 15.15 -29.66
C LEU Z 81 28.58 14.34 -30.32
N TYR Z 82 28.02 14.88 -31.40
CA TYR Z 82 26.99 14.19 -32.17
C TYR Z 82 27.51 13.98 -33.59
N SER Z 83 27.46 12.74 -34.06
CA SER Z 83 28.03 12.40 -35.35
C SER Z 83 26.99 12.59 -36.42
N PHE Z 84 27.11 13.68 -37.18
CA PHE Z 84 26.28 13.88 -38.35
C PHE Z 84 26.86 13.10 -39.52
N THR Z 85 26.01 12.73 -40.48
CA THR Z 85 26.46 12.01 -41.65
C THR Z 85 25.56 12.39 -42.82
N ASP Z 86 26.07 12.17 -44.03
CA ASP Z 86 25.31 12.40 -45.24
C ASP Z 86 25.35 11.19 -46.15
N GLY Z 89 29.05 9.10 -46.90
CA GLY Z 89 29.29 8.81 -45.50
C GLY Z 89 30.19 9.85 -44.85
N ASN Z 90 30.03 11.10 -45.27
CA ASN Z 90 30.88 12.18 -44.78
C ASN Z 90 30.50 12.51 -43.34
N THR Z 91 31.23 11.93 -42.40
CA THR Z 91 30.90 12.02 -40.98
C THR Z 91 31.72 13.14 -40.33
N THR Z 92 31.03 14.02 -39.61
CA THR Z 92 31.69 15.03 -38.79
C THR Z 92 30.98 15.08 -37.45
N TRP Z 93 31.73 15.49 -36.42
CA TRP Z 93 31.24 15.50 -35.06
C TRP Z 93 30.97 16.92 -34.62
N TRP Z 94 29.83 17.14 -33.97
CA TRP Z 94 29.33 18.48 -33.72
C TRP Z 94 29.00 18.65 -32.25
N TYR Z 95 28.99 19.91 -31.81
CA TYR Z 95 28.64 20.25 -30.44
C TYR Z 95 27.99 21.63 -30.45
N ALA Z 96 27.36 21.97 -29.31
CA ALA Z 96 26.69 23.26 -29.17
C ALA Z 96 26.93 23.75 -27.75
N PRO Z 97 27.87 24.68 -27.55
CA PRO Z 97 28.17 25.12 -26.17
C PRO Z 97 26.96 25.73 -25.46
N GLY Z 98 26.09 26.41 -26.18
CA GLY Z 98 24.96 27.08 -25.55
C GLY Z 98 23.77 26.17 -25.36
N ALA Z 99 24.02 24.90 -25.07
CA ALA Z 99 22.98 23.90 -24.87
C ALA Z 99 22.95 23.49 -23.41
N THR Z 100 21.75 23.48 -22.83
CA THR Z 100 21.57 23.09 -21.44
C THR Z 100 20.24 22.37 -21.30
N VAL Z 101 19.98 21.85 -20.11
CA VAL Z 101 18.65 21.33 -19.78
C VAL Z 101 17.64 22.47 -19.75
N SER Z 102 18.05 23.62 -19.22
CA SER Z 102 17.17 24.77 -19.18
C SER Z 102 17.00 25.42 -20.53
N ASN Z 103 17.99 25.30 -21.42
CA ASN Z 103 17.92 25.90 -22.75
C ASN Z 103 18.36 24.86 -23.77
N PRO Z 104 17.51 23.88 -24.07
CA PRO Z 104 17.87 22.87 -25.05
C PRO Z 104 17.95 23.43 -26.46
N VAL Z 105 18.44 22.62 -27.41
CA VAL Z 105 18.49 23.00 -28.81
C VAL Z 105 18.04 21.82 -29.64
N VAL Z 106 17.37 22.11 -30.76
CA VAL Z 106 16.77 21.06 -31.57
C VAL Z 106 17.74 20.65 -32.68
N MET Z 107 17.96 19.35 -32.81
CA MET Z 107 18.68 18.83 -33.96
C MET Z 107 17.80 18.99 -35.19
N ARG Z 108 18.18 19.90 -36.08
CA ARG Z 108 17.39 20.15 -37.27
C ARG Z 108 17.71 19.06 -38.31
N ASP Z 109 17.25 19.27 -39.54
CA ASP Z 109 17.59 18.36 -40.62
C ASP Z 109 19.10 18.23 -40.77
N SER Z 110 19.80 19.36 -40.69
CA SER Z 110 21.25 19.38 -40.84
C SER Z 110 21.85 20.34 -39.83
N PRO Z 111 23.04 20.07 -39.32
CA PRO Z 111 23.69 21.02 -38.41
C PRO Z 111 24.38 22.18 -39.12
N ILE Z 112 24.63 22.05 -40.43
CA ILE Z 112 25.35 23.09 -41.15
C ILE Z 112 24.61 24.41 -41.15
N ASN Z 113 23.29 24.38 -41.01
CA ASN Z 113 22.48 25.58 -41.07
C ASN Z 113 22.70 26.46 -39.85
N GLY Z 115 23.59 26.69 -36.54
CA GLY Z 115 23.65 27.84 -35.66
C GLY Z 115 24.56 27.60 -34.49
N LYS Z 116 23.97 27.28 -33.32
CA LYS Z 116 24.78 26.99 -32.15
C LYS Z 116 25.68 25.79 -32.37
N PHE Z 117 25.35 24.94 -33.35
CA PHE Z 117 26.19 23.79 -33.64
C PHE Z 117 27.53 24.23 -34.20
N LYS Z 118 28.58 23.55 -33.76
CA LYS Z 118 29.92 23.74 -34.30
C LYS Z 118 30.53 22.38 -34.54
N VAL Z 119 31.41 22.32 -35.51
CA VAL Z 119 31.99 21.05 -35.94
C VAL Z 119 33.28 20.80 -35.17
N PHE Z 120 33.54 19.53 -34.89
CA PHE Z 120 34.79 19.14 -34.26
C PHE Z 120 35.95 19.36 -35.22
N LEU Z 121 37.09 19.75 -34.67
CA LEU Z 121 38.25 20.12 -35.47
C LEU Z 121 39.05 18.91 -35.91
N ASP Z 122 39.51 18.94 -37.15
CA ASP Z 122 40.40 17.94 -37.72
C ASP Z 122 41.38 18.63 -38.64
N LYS Z 123 42.53 17.98 -38.88
CA LYS Z 123 43.46 18.59 -39.82
C LYS Z 123 42.93 18.61 -41.23
N THR Z 124 41.87 17.86 -41.49
CA THR Z 124 41.10 18.04 -42.72
C THR Z 124 40.10 19.16 -42.48
N ASN Z 125 39.33 19.04 -41.42
CA ASN Z 125 38.35 20.06 -41.04
C ASN Z 125 39.03 21.21 -40.32
N ALA Z 127 40.01 24.11 -41.06
CA ALA Z 127 40.42 23.63 -42.38
C ALA Z 127 39.24 23.08 -43.15
N ASP Z 128 39.30 23.20 -44.48
CA ASP Z 128 38.27 22.65 -45.36
C ASP Z 128 36.97 23.46 -45.26
N ILE Z 129 36.93 24.44 -44.35
CA ILE Z 129 35.82 25.39 -44.32
C ILE Z 129 36.32 26.82 -44.27
N TYR Z 130 37.61 27.03 -44.02
CA TYR Z 130 38.18 28.36 -43.95
C TYR Z 130 38.75 28.75 -45.31
N ALA Z 131 38.69 30.04 -45.60
CA ALA Z 131 39.09 30.50 -46.92
C ALA Z 131 40.59 30.32 -47.12
N PRO Z 132 41.01 29.60 -48.17
CA PRO Z 132 42.44 29.49 -48.43
C PRO Z 132 43.01 30.81 -48.95
N LEU Z 133 44.32 30.96 -48.79
CA LEU Z 133 44.98 32.20 -49.17
C LEU Z 133 44.82 32.49 -50.66
N ASN Z 134 44.67 31.46 -51.48
CA ASN Z 134 44.65 31.60 -52.92
C ASN Z 134 43.22 31.51 -53.45
N SER Z 135 42.78 32.55 -54.14
CA SER Z 135 41.53 32.55 -54.89
C SER Z 135 40.39 31.86 -54.13
N PRO Z 136 40.04 32.36 -52.95
CA PRO Z 136 38.94 31.75 -52.21
C PRO Z 136 37.59 32.29 -52.66
N ASN Z 137 36.59 31.43 -52.58
CA ASN Z 137 35.20 31.82 -52.85
C ASN Z 137 34.47 32.00 -51.53
N PHE Z 138 33.81 33.14 -51.38
CA PHE Z 138 33.10 33.45 -50.15
C PHE Z 138 31.59 33.35 -50.37
N VAL Z 139 30.86 33.18 -49.28
CA VAL Z 139 29.41 33.10 -49.31
C VAL Z 139 28.81 33.92 -48.19
N ASN Z 141 28.17 36.89 -46.50
CA ASN Z 141 28.29 38.34 -46.60
C ASN Z 141 29.58 38.84 -45.97
N PRO Z 142 30.69 38.69 -46.69
CA PRO Z 142 31.98 39.15 -46.16
C PRO Z 142 32.02 40.65 -46.00
N ARG Z 143 32.77 41.10 -45.00
CA ARG Z 143 32.90 42.52 -44.71
C ARG Z 143 34.35 42.87 -44.40
N VAL Z 144 34.71 44.12 -44.67
CA VAL Z 144 36.05 44.64 -44.41
C VAL Z 144 35.93 46.06 -43.88
N PRO Z 145 36.93 46.51 -43.13
CA PRO Z 145 36.92 47.89 -42.66
C PRO Z 145 36.92 48.86 -43.84
N THR Z 146 36.26 50.00 -43.66
CA THR Z 146 36.23 51.01 -44.70
C THR Z 146 37.59 51.71 -44.78
N PRO Z 147 38.25 51.72 -45.93
CA PRO Z 147 39.53 52.43 -46.04
C PRO Z 147 39.28 53.94 -46.11
N ALA Z 148 40.34 54.70 -45.84
CA ALA Z 148 40.22 56.14 -45.89
C ALA Z 148 39.99 56.60 -47.33
N PRO Z 149 39.31 57.72 -47.54
CA PRO Z 149 39.07 58.19 -48.89
C PRO Z 149 40.38 58.53 -49.59
N GLY Z 150 40.39 58.36 -50.91
CA GLY Z 150 41.53 58.70 -51.71
C GLY Z 150 42.66 57.71 -51.69
N ASP Z 151 42.50 56.57 -51.01
CA ASP Z 151 43.55 55.56 -51.01
C ASP Z 151 43.65 54.93 -52.40
N ASN Z 152 44.88 54.88 -52.92
CA ASN Z 152 45.14 54.29 -54.23
C ASN Z 152 45.83 52.93 -54.11
N SER Z 153 45.95 52.41 -52.90
CA SER Z 153 46.69 51.17 -52.67
C SER Z 153 45.88 49.97 -53.14
N GLN Z 154 46.40 48.79 -52.85
CA GLN Z 154 45.74 47.53 -53.17
C GLN Z 154 44.82 47.05 -52.06
N SER Z 155 44.63 47.84 -51.01
CA SER Z 155 43.64 47.50 -50.00
C SER Z 155 42.27 47.38 -50.66
N ILE Z 156 41.35 46.75 -49.95
CA ILE Z 156 40.04 46.37 -50.49
C ILE Z 156 39.03 47.43 -50.07
N PRO Z 157 38.28 48.01 -51.00
CA PRO Z 157 37.28 49.01 -50.63
C PRO Z 157 35.96 48.37 -50.22
N THR Z 158 35.16 49.15 -49.51
CA THR Z 158 33.83 48.72 -49.11
C THR Z 158 32.79 49.25 -50.10
N THR Z 159 31.58 48.69 -50.01
CA THR Z 159 30.50 49.16 -50.86
C THR Z 159 30.18 50.62 -50.59
N GLY Z 160 30.15 51.02 -49.32
CA GLY Z 160 29.94 52.42 -49.01
C GLY Z 160 31.09 53.30 -49.47
N TRP Z 161 32.32 52.83 -49.30
CA TRP Z 161 33.48 53.61 -49.71
C TRP Z 161 33.38 53.97 -51.19
N VAL Z 162 32.95 53.01 -52.02
CA VAL Z 162 32.75 53.29 -53.43
C VAL Z 162 31.79 54.44 -53.62
N GLN Z 163 30.62 54.36 -52.97
CA GLN Z 163 29.64 55.43 -53.08
C GLN Z 163 30.16 56.71 -52.47
N SER Z 164 30.85 56.61 -51.33
CA SER Z 164 31.39 57.80 -50.69
C SER Z 164 32.32 58.56 -51.62
N GLU Z 165 33.07 57.85 -52.46
CA GLU Z 165 33.96 58.50 -53.42
C GLU Z 165 33.24 58.88 -54.70
N MET Z 166 32.32 58.05 -55.20
CA MET Z 166 31.54 58.44 -56.36
C MET Z 166 30.73 59.69 -56.07
N GLU Z 167 30.47 59.98 -54.79
CA GLU Z 167 29.69 61.16 -54.46
C GLU Z 167 30.37 62.45 -54.90
N GLY Z 168 31.68 62.56 -54.69
CA GLY Z 168 32.39 63.74 -55.17
C GLY Z 168 32.27 63.88 -56.67
N LEU Z 169 32.24 62.76 -57.39
CA LEU Z 169 32.22 62.78 -58.84
C LEU Z 169 30.99 63.52 -59.37
N GLU Z 170 29.82 63.23 -58.81
CA GLU Z 170 28.59 63.75 -59.39
C GLU Z 170 28.57 65.28 -59.35
N ASP Z 171 29.02 65.85 -58.25
CA ASP Z 171 28.91 67.29 -58.06
C ASP Z 171 29.98 68.01 -58.87
N ASP AA 14 29.95 50.32 19.01
CA ASP AA 14 31.16 49.57 18.67
C ASP AA 14 30.98 48.81 17.36
N ALA AA 15 29.89 49.11 16.64
CA ALA AA 15 29.73 48.57 15.30
C ALA AA 15 30.79 49.10 14.35
N ASP AA 16 31.50 50.16 14.74
CA ASP AA 16 32.63 50.62 13.94
C ASP AA 16 33.65 49.50 13.79
N LYS AA 17 33.82 48.69 14.83
CA LYS AA 17 34.74 47.57 14.75
C LYS AA 17 34.34 46.58 13.67
N ALA AA 18 33.07 46.20 13.60
CA ALA AA 18 32.63 45.31 12.55
C ALA AA 18 32.74 45.96 11.18
N VAL AA 19 32.39 47.25 11.10
CA VAL AA 19 32.48 47.95 9.82
C VAL AA 19 33.91 47.97 9.33
N ASP AA 20 34.87 48.12 10.24
CA ASP AA 20 36.27 48.07 9.87
C ASP AA 20 36.59 46.77 9.16
N GLN AA 21 36.40 45.64 9.84
CA GLN AA 21 36.74 44.36 9.24
C GLN AA 21 35.99 44.17 7.92
N ILE AA 22 34.74 44.59 7.86
CA ILE AA 22 33.98 44.47 6.62
C ILE AA 22 34.68 45.23 5.51
N ILE AA 23 35.22 46.40 5.84
CA ILE AA 23 35.79 47.28 4.82
C ILE AA 23 36.92 46.59 4.08
N GLU AA 24 37.87 45.98 4.79
CA GLU AA 24 38.98 45.31 4.13
C GLU AA 24 38.64 43.91 3.67
N ASP AA 25 37.65 43.25 4.27
CA ASP AA 25 37.19 42.00 3.70
C ASP AA 25 36.63 42.22 2.31
N SER AA 26 35.91 43.32 2.11
CA SER AA 26 35.42 43.65 0.78
C SER AA 26 36.57 43.79 -0.20
N LYS AA 27 37.65 44.45 0.21
CA LYS AA 27 38.78 44.65 -0.68
C LYS AA 27 39.46 43.33 -1.01
N ARG AA 28 39.61 42.46 -0.01
CA ARG AA 28 40.18 41.14 -0.28
C ARG AA 28 39.33 40.39 -1.29
N LEU AA 29 38.02 40.41 -1.10
CA LEU AA 29 37.12 39.74 -2.04
C LEU AA 29 37.25 40.35 -3.43
N HIS AA 30 37.34 41.68 -3.50
CA HIS AA 30 37.42 42.37 -4.77
C HIS AA 30 38.67 41.97 -5.54
N ILE AA 31 39.82 41.96 -4.85
CA ILE AA 31 41.04 41.55 -5.52
C ILE AA 31 40.95 40.09 -5.93
N VAL AA 32 40.35 39.24 -5.11
CA VAL AA 32 40.24 37.83 -5.47
C VAL AA 32 39.44 37.67 -6.75
N VAL AA 33 38.31 38.37 -6.86
CA VAL AA 33 37.48 38.26 -8.06
C VAL AA 33 38.21 38.83 -9.25
N ASN AA 34 38.78 40.02 -9.10
CA ASN AA 34 39.47 40.72 -10.17
C ASN AA 34 40.98 40.60 -10.06
N GLY AA 35 41.50 39.46 -9.62
CA GLY AA 35 42.93 39.31 -9.43
C GLY AA 35 43.70 39.15 -10.73
N THR AA 36 43.43 40.03 -11.69
CA THR AA 36 44.12 40.05 -12.98
C THR AA 36 44.21 38.60 -13.48
N GLY AA 37 45.34 38.16 -14.03
CA GLY AA 37 45.52 36.76 -14.33
C GLY AA 37 45.86 35.99 -13.06
N THR AA 38 46.67 36.60 -12.19
CA THR AA 38 47.06 35.96 -10.94
C THR AA 38 47.25 37.01 -9.86
N GLU AA 39 46.55 36.84 -8.75
CA GLU AA 39 46.77 37.61 -7.54
C GLU AA 39 46.64 36.68 -6.34
N GLN AA 40 47.37 37.02 -5.28
CA GLN AA 40 47.44 36.19 -4.07
C GLN AA 40 46.93 37.04 -2.91
N ALA AA 41 45.61 37.02 -2.71
CA ALA AA 41 45.03 37.70 -1.57
C ALA AA 41 45.49 37.05 -0.28
N VAL AA 42 45.71 37.87 0.74
CA VAL AA 42 46.22 37.43 2.03
C VAL AA 42 45.10 37.53 3.05
N ALA AA 43 44.78 36.42 3.71
CA ALA AA 43 43.76 36.42 4.74
C ALA AA 43 44.39 36.79 6.09
N GLU AA 44 43.52 37.08 7.06
CA GLU AA 44 43.97 37.40 8.40
C GLU AA 44 44.77 36.28 9.05
N ASP AA 45 44.48 35.03 8.67
CA ASP AA 45 45.25 33.91 9.19
C ASP AA 45 46.64 33.82 8.56
N GLY AA 46 46.88 34.61 7.51
CA GLY AA 46 48.14 34.53 6.80
C GLY AA 46 48.16 33.56 5.65
N SER AA 47 47.20 32.65 5.58
CA SER AA 47 47.09 31.79 4.41
C SER AA 47 46.86 32.64 3.17
N LEU AA 48 46.97 32.00 2.01
CA LEU AA 48 47.00 32.69 0.73
C LEU AA 48 45.84 32.20 -0.12
N LEU AA 49 45.03 33.13 -0.63
CA LEU AA 49 43.86 32.75 -1.40
C LEU AA 49 44.10 33.04 -2.87
N PRO AA 50 43.73 32.15 -3.78
CA PRO AA 50 44.02 32.37 -5.19
C PRO AA 50 42.92 33.11 -5.93
N SER AA 51 43.30 34.01 -6.82
CA SER AA 51 42.33 34.65 -7.71
C SER AA 51 41.58 33.58 -8.48
N VAL AA 52 40.43 33.97 -9.04
CA VAL AA 52 39.67 33.03 -9.85
C VAL AA 52 40.50 32.56 -11.03
N ARG AA 53 41.15 33.50 -11.73
CA ARG AA 53 41.93 33.10 -12.90
C ARG AA 53 43.11 32.22 -12.52
N LYS AA 54 43.62 32.33 -11.29
CA LYS AA 54 44.60 31.36 -10.84
C LYS AA 54 43.98 29.99 -10.73
N ALA AA 55 42.79 29.92 -10.14
CA ALA AA 55 42.09 28.67 -10.01
C ALA AA 55 41.75 28.06 -11.32
N LEU AA 56 41.74 28.89 -12.37
CA LEU AA 56 41.42 28.41 -13.71
C LEU AA 56 42.62 27.92 -14.49
N ILE AA 57 43.81 27.90 -13.90
CA ILE AA 57 44.95 27.36 -14.66
C ILE AA 57 44.72 25.88 -14.95
N ASP AA 58 44.03 25.18 -14.05
CA ASP AA 58 43.90 23.74 -14.17
C ASP AA 58 43.29 23.34 -15.50
N ASN AA 59 42.21 24.01 -15.89
CA ASN AA 59 41.65 23.76 -17.21
C ASN AA 59 42.56 24.31 -18.31
N LEU AA 60 43.28 25.38 -18.01
CA LEU AA 60 44.03 26.07 -19.06
C LEU AA 60 45.13 25.22 -19.66
N TYR AA 61 45.58 24.11 -19.07
CA TYR AA 61 46.37 23.17 -19.84
C TYR AA 61 47.62 23.81 -20.43
N PHE AA 62 48.56 24.19 -19.57
CA PHE AA 62 49.58 25.15 -19.96
C PHE AA 62 50.46 24.59 -21.07
N LYS AA 63 50.18 25.07 -22.29
CA LYS AA 63 50.95 24.73 -23.47
C LYS AA 63 52.06 25.76 -23.69
N THR AA 64 53.00 25.79 -22.78
CA THR AA 64 54.27 26.42 -23.09
C THR AA 64 54.99 25.41 -23.96
N PRO AA 65 56.10 25.78 -24.61
CA PRO AA 65 56.83 24.80 -25.40
C PRO AA 65 57.08 23.55 -24.58
N PRO AA 66 56.45 22.43 -24.94
CA PRO AA 66 56.54 21.24 -24.10
C PRO AA 66 57.98 20.83 -23.86
N LEU AA 67 58.26 20.40 -22.65
CA LEU AA 67 59.59 19.91 -22.33
C LEU AA 67 59.94 18.77 -23.29
N PRO AA 68 61.12 18.79 -23.91
CA PRO AA 68 61.43 17.75 -24.90
C PRO AA 68 61.35 16.37 -24.30
N TRP AA 69 60.89 15.42 -25.11
CA TRP AA 69 60.82 14.05 -24.65
C TRP AA 69 62.20 13.58 -24.22
N ARG AA 70 62.22 12.75 -23.19
CA ARG AA 70 63.45 12.13 -22.75
C ARG AA 70 63.20 10.66 -22.46
N ASN AA 71 64.29 9.96 -22.15
CA ASN AA 71 64.25 8.66 -21.51
C ASN AA 71 64.90 8.78 -20.16
N GLY AA 72 64.19 8.35 -19.12
CA GLY AA 72 64.60 8.68 -17.78
C GLY AA 72 64.02 10.00 -17.37
N GLY AA 73 64.08 10.33 -16.09
CA GLY AA 73 63.33 11.45 -15.56
C GLY AA 73 61.89 11.05 -15.34
N SER AA 74 61.06 12.03 -15.00
CA SER AA 74 59.66 11.74 -14.73
C SER AA 74 58.83 12.99 -14.92
N VAL AA 75 57.53 12.76 -15.09
CA VAL AA 75 56.54 13.83 -15.27
C VAL AA 75 55.78 13.98 -13.98
N ASN AA 76 55.71 15.21 -13.47
CA ASN AA 76 55.05 15.46 -12.20
C ASN AA 76 53.68 16.13 -12.36
N GLU AA 77 53.44 16.82 -13.45
CA GLU AA 77 52.20 17.58 -13.63
C GLU AA 77 51.35 16.87 -14.67
N PHE AA 78 50.11 16.56 -14.29
CA PHE AA 78 49.19 15.88 -15.17
C PHE AA 78 48.96 16.66 -16.46
N ASN AA 79 48.78 17.96 -16.34
CA ASN AA 79 48.35 18.79 -17.47
C ASN AA 79 49.51 19.42 -18.22
N GLN AA 80 50.75 19.08 -17.88
CA GLN AA 80 51.87 19.57 -18.65
C GLN AA 80 52.09 18.71 -19.89
N LEU AA 81 52.51 19.34 -20.97
CA LEU AA 81 52.76 18.62 -22.21
C LEU AA 81 54.26 18.39 -22.40
N TYR AA 82 54.58 17.40 -23.22
CA TYR AA 82 55.95 17.06 -23.56
C TYR AA 82 56.08 16.86 -25.06
N SER AA 83 57.21 17.29 -25.61
CA SER AA 83 57.46 17.23 -27.04
C SER AA 83 58.26 15.98 -27.36
N PHE AA 84 57.78 15.22 -28.34
CA PHE AA 84 58.44 14.01 -28.77
C PHE AA 84 58.48 13.96 -30.29
N THR AA 85 59.50 13.32 -30.82
CA THR AA 85 59.69 13.17 -32.26
C THR AA 85 59.99 11.71 -32.57
N ASP AA 86 59.32 11.20 -33.59
CA ASP AA 86 59.51 9.82 -34.00
C ASP AA 86 60.72 9.71 -34.94
N VAL AA 87 60.95 8.50 -35.44
CA VAL AA 87 62.04 8.28 -36.39
C VAL AA 87 61.82 9.00 -37.70
N SER AA 88 60.57 9.21 -38.11
CA SER AA 88 60.28 9.91 -39.35
C SER AA 88 60.16 11.40 -39.12
N ASN AA 90 57.74 12.86 -37.74
CA ASN AA 90 56.55 13.44 -37.12
C ASN AA 90 56.86 13.99 -35.73
N THR AA 91 56.04 14.91 -35.28
CA THR AA 91 56.14 15.50 -33.96
C THR AA 91 54.81 15.41 -33.25
N THR AA 92 54.85 15.13 -31.95
CA THR AA 92 53.63 15.00 -31.15
C THR AA 92 53.90 15.56 -29.77
N TRP AA 93 52.81 15.92 -29.09
CA TRP AA 93 52.87 16.37 -27.71
C TRP AA 93 52.07 15.42 -26.84
N TRP AA 94 52.66 15.05 -25.71
CA TRP AA 94 52.12 13.98 -24.88
C TRP AA 94 51.99 14.45 -23.44
N TYR AA 95 51.00 13.91 -22.75
CA TYR AA 95 50.78 14.15 -21.33
C TYR AA 95 50.23 12.89 -20.68
N ALA AA 96 50.50 12.76 -19.39
CA ALA AA 96 50.07 11.60 -18.61
C ALA AA 96 49.07 12.08 -17.57
N PRO AA 97 47.77 11.92 -17.82
CA PRO AA 97 46.77 12.43 -16.88
C PRO AA 97 46.92 11.86 -15.49
N GLY AA 98 47.49 10.68 -15.34
CA GLY AA 98 47.69 10.11 -14.03
C GLY AA 98 48.88 10.66 -13.28
N ALA AA 99 49.64 11.57 -13.90
CA ALA AA 99 50.83 12.12 -13.27
C ALA AA 99 50.44 13.00 -12.09
N THR AA 100 51.07 12.74 -10.95
CA THR AA 100 50.79 13.51 -9.75
C THR AA 100 52.05 13.52 -8.88
N VAL AA 101 52.07 14.44 -7.92
CA VAL AA 101 53.11 14.41 -6.90
C VAL AA 101 52.92 13.15 -6.08
N SER AA 102 54.04 12.58 -5.60
CA SER AA 102 53.98 11.35 -4.83
C SER AA 102 53.63 10.17 -5.72
N ASN AA 103 53.49 10.40 -7.02
CA ASN AA 103 53.22 9.36 -8.00
C ASN AA 103 53.60 9.90 -9.38
N PRO AA 104 54.85 10.32 -9.55
CA PRO AA 104 55.27 10.82 -10.86
C PRO AA 104 55.31 9.71 -11.88
N VAL AA 105 55.08 10.07 -13.14
CA VAL AA 105 55.13 9.10 -14.22
C VAL AA 105 56.58 8.96 -14.66
N VAL AA 106 57.14 7.77 -14.46
CA VAL AA 106 58.50 7.51 -14.89
C VAL AA 106 58.58 7.66 -16.41
N MET AA 107 59.68 8.22 -16.87
CA MET AA 107 59.80 8.55 -18.28
C MET AA 107 60.04 7.25 -19.04
N ARG AA 108 60.03 7.32 -20.37
CA ARG AA 108 60.26 6.11 -21.16
C ARG AA 108 60.82 6.50 -22.52
N ASP AA 109 61.18 5.49 -23.31
CA ASP AA 109 61.75 5.74 -24.62
C ASP AA 109 60.79 6.43 -25.56
N SER AA 110 59.54 5.99 -25.61
CA SER AA 110 58.57 6.57 -26.53
C SER AA 110 57.19 6.35 -25.97
N PRO AA 111 56.29 7.33 -26.10
CA PRO AA 111 54.94 7.17 -25.53
C PRO AA 111 54.05 6.22 -26.32
N ILE AA 112 54.46 5.83 -27.53
CA ILE AA 112 53.56 5.06 -28.39
C ILE AA 112 53.18 3.74 -27.77
N ASN AA 113 53.93 3.27 -26.78
CA ASN AA 113 53.60 2.06 -26.04
C ASN AA 113 53.66 2.32 -24.54
N ASP AA 114 53.23 3.52 -24.13
CA ASP AA 114 53.35 4.01 -22.77
C ASP AA 114 52.01 4.64 -22.38
N GLY AA 115 50.94 3.85 -22.49
CA GLY AA 115 49.59 4.39 -22.41
C GLY AA 115 49.35 5.30 -21.23
N LYS AA 116 50.29 5.36 -20.29
CA LYS AA 116 50.29 6.46 -19.33
C LYS AA 116 50.20 7.80 -20.05
N PHE AA 117 50.84 7.91 -21.20
CA PHE AA 117 50.89 9.13 -21.98
C PHE AA 117 49.84 9.10 -23.08
N LYS AA 118 49.40 10.27 -23.51
CA LYS AA 118 48.43 10.39 -24.59
C LYS AA 118 48.69 11.66 -25.38
N VAL AA 119 48.33 11.63 -26.65
CA VAL AA 119 48.67 12.72 -27.55
C VAL AA 119 47.71 13.90 -27.32
N PHE AA 120 48.12 15.07 -27.81
CA PHE AA 120 47.31 16.27 -27.70
C PHE AA 120 47.37 17.03 -29.02
N LEU AA 121 46.33 17.84 -29.27
CA LEU AA 121 46.15 18.55 -30.52
C LEU AA 121 46.17 20.07 -30.26
N ASP AA 122 45.84 20.84 -31.28
CA ASP AA 122 45.77 22.30 -31.18
C ASP AA 122 44.35 22.75 -31.47
N LYS AA 123 43.88 23.72 -30.68
CA LYS AA 123 42.51 24.19 -30.79
C LYS AA 123 42.39 25.33 -31.79
N THR AA 124 43.30 26.30 -31.72
CA THR AA 124 43.17 27.49 -32.55
C THR AA 124 43.16 27.10 -34.02
N ASN AA 125 42.11 27.52 -34.74
CA ASN AA 125 41.93 27.10 -36.12
C ASN AA 125 43.18 27.34 -36.93
N ASP AA 128 38.82 31.60 -35.10
CA ASP AA 128 39.81 31.97 -34.09
C ASP AA 128 40.72 33.08 -34.63
N ILE AA 129 41.50 32.74 -35.64
CA ILE AA 129 42.42 33.70 -36.26
C ILE AA 129 42.27 33.66 -37.77
N TYR AA 130 41.44 32.75 -38.27
CA TYR AA 130 41.25 32.57 -39.70
C TYR AA 130 39.81 32.84 -40.10
N ALA AA 131 39.65 33.37 -41.30
CA ALA AA 131 38.35 33.77 -41.78
C ALA AA 131 37.60 32.56 -42.34
N PRO AA 132 36.41 32.25 -41.83
CA PRO AA 132 35.63 31.17 -42.44
C PRO AA 132 35.17 31.54 -43.84
N LEU AA 133 34.93 30.51 -44.66
CA LEU AA 133 34.50 30.75 -46.03
C LEU AA 133 33.16 31.47 -46.11
N ASN AA 134 32.40 31.49 -45.01
CA ASN AA 134 31.05 32.05 -45.01
C ASN AA 134 31.03 33.37 -44.26
N SER AA 135 30.76 34.45 -44.99
CA SER AA 135 30.55 35.78 -44.41
C SER AA 135 31.57 36.11 -43.33
N PRO AA 136 32.86 36.00 -43.62
CA PRO AA 136 33.86 36.40 -42.64
C PRO AA 136 33.83 37.90 -42.42
N ASN AA 137 34.23 38.33 -41.24
CA ASN AA 137 34.25 39.74 -40.86
C ASN AA 137 35.70 40.16 -40.62
N PHE AA 138 36.35 40.60 -41.69
CA PHE AA 138 37.78 40.89 -41.63
C PHE AA 138 38.05 42.17 -40.85
N VAL AA 139 39.28 42.26 -40.32
CA VAL AA 139 39.75 43.45 -39.64
C VAL AA 139 41.17 43.75 -40.11
N GLY AA 140 41.60 44.99 -39.90
CA GLY AA 140 42.92 45.41 -40.31
C GLY AA 140 42.97 45.94 -41.72
N ASN AA 141 43.88 45.42 -42.54
CA ASN AA 141 44.08 45.92 -43.91
C ASN AA 141 44.24 44.75 -44.86
N PRO AA 142 43.13 44.18 -45.32
CA PRO AA 142 43.21 43.17 -46.37
C PRO AA 142 43.60 43.75 -47.70
N ARG AA 143 44.26 42.93 -48.52
CA ARG AA 143 44.73 43.36 -49.82
C ARG AA 143 44.53 42.22 -50.82
N VAL AA 144 44.41 42.58 -52.09
CA VAL AA 144 44.28 41.58 -53.15
C VAL AA 144 45.04 42.09 -54.38
N PRO AA 145 45.39 41.22 -55.32
CA PRO AA 145 46.01 41.70 -56.56
C PRO AA 145 45.04 42.58 -57.33
N THR AA 146 45.55 43.70 -57.85
CA THR AA 146 44.72 44.61 -58.62
C THR AA 146 44.09 43.85 -59.77
N PRO AA 147 42.77 43.65 -59.79
CA PRO AA 147 42.16 42.85 -60.85
C PRO AA 147 42.28 43.48 -62.22
N ALA AA 148 41.93 42.74 -63.26
CA ALA AA 148 42.01 43.27 -64.61
C ALA AA 148 41.06 44.45 -64.74
N PRO AA 149 41.50 45.57 -65.33
CA PRO AA 149 40.59 46.72 -65.48
C PRO AA 149 39.36 46.39 -66.33
N ASN AA 152 37.70 42.04 -64.59
CA ASN AA 152 36.74 42.63 -63.67
C ASN AA 152 35.65 41.61 -63.32
N SER AA 153 34.38 41.99 -63.49
CA SER AA 153 33.28 41.06 -63.27
C SER AA 153 33.19 40.65 -61.80
N GLN AA 154 33.69 39.46 -61.46
CA GLN AA 154 33.45 38.90 -60.13
C GLN AA 154 34.62 39.10 -59.17
N SER AA 155 35.80 39.44 -59.67
CA SER AA 155 36.95 39.56 -58.79
C SER AA 155 36.78 40.72 -57.83
N ILE AA 156 37.49 40.64 -56.72
CA ILE AA 156 37.44 41.72 -55.72
C ILE AA 156 38.29 42.89 -56.19
N PRO AA 157 37.74 44.09 -56.35
CA PRO AA 157 38.55 45.23 -56.76
C PRO AA 157 39.35 45.81 -55.61
N THR AA 158 40.39 46.55 -55.96
CA THR AA 158 41.21 47.27 -55.00
C THR AA 158 40.84 48.75 -55.00
N THR AA 159 41.32 49.46 -53.98
CA THR AA 159 41.05 50.89 -53.90
C THR AA 159 41.59 51.61 -55.12
N GLY AA 160 42.83 51.29 -55.50
CA GLY AA 160 43.38 51.88 -56.71
C GLY AA 160 42.67 51.43 -57.97
N TRP AA 161 42.28 50.16 -58.02
CA TRP AA 161 41.59 49.66 -59.22
C TRP AA 161 40.35 50.47 -59.50
N VAL AA 162 39.55 50.74 -58.47
CA VAL AA 162 38.32 51.50 -58.68
C VAL AA 162 38.66 52.90 -59.17
N GLN AA 163 39.59 53.58 -58.49
CA GLN AA 163 39.94 54.93 -58.88
C GLN AA 163 40.44 54.95 -60.33
N SER AA 164 41.38 54.07 -60.65
CA SER AA 164 41.88 53.98 -62.02
C SER AA 164 40.74 53.77 -63.00
N GLU AA 165 39.76 52.95 -62.64
CA GLU AA 165 38.60 52.74 -63.49
C GLU AA 165 37.82 54.04 -63.64
N MET AA 166 37.60 54.74 -62.54
CA MET AA 166 36.85 55.99 -62.58
C MET AA 166 37.73 57.14 -63.06
N GLU AA 167 39.05 57.04 -62.85
CA GLU AA 167 39.94 58.14 -63.20
C GLU AA 167 39.76 58.58 -64.65
N GLY AA 168 39.52 57.64 -65.55
CA GLY AA 168 39.27 58.00 -66.93
C GLY AA 168 37.90 58.58 -67.17
N LEU AA 169 36.98 58.41 -66.21
CA LEU AA 169 35.59 58.77 -66.46
C LEU AA 169 35.32 60.25 -66.16
N GLU AA 170 36.02 60.82 -65.19
CA GLU AA 170 35.77 62.21 -64.82
C GLU AA 170 35.90 63.12 -66.03
N ASP AA 171 36.77 62.78 -66.95
CA ASP AA 171 37.07 63.63 -68.09
C ASP AA 171 35.95 63.55 -69.13
N LYS BA 3 -6.52 81.52 -77.91
CA LYS BA 3 -6.02 80.63 -78.97
C LYS BA 3 -5.41 79.37 -78.36
N PRO BA 4 -5.56 78.23 -79.05
CA PRO BA 4 -4.95 77.00 -78.54
C PRO BA 4 -3.43 77.13 -78.43
N LYS BA 5 -2.88 76.52 -77.38
CA LYS BA 5 -1.44 76.51 -77.19
C LYS BA 5 -0.75 75.43 -78.03
N ASP BA 6 -1.50 74.45 -78.54
CA ASP BA 6 -0.90 73.30 -79.18
C ASP BA 6 -0.41 73.66 -80.57
N PRO BA 7 0.88 73.48 -80.89
CA PRO BA 7 1.31 73.56 -82.28
C PRO BA 7 0.92 72.31 -83.04
N ILE BA 8 -0.29 72.28 -83.59
CA ILE BA 8 -0.85 71.06 -84.17
C ILE BA 8 0.18 70.32 -85.02
N TYR BA 9 0.09 68.99 -84.96
CA TYR BA 9 0.97 68.10 -85.69
C TYR BA 9 0.12 67.08 -86.45
N VAL BA 10 0.67 66.55 -87.52
CA VAL BA 10 -0.03 65.56 -88.32
C VAL BA 10 0.20 64.18 -87.73
N TRP BA 11 -0.89 63.48 -87.43
CA TRP BA 11 -0.78 62.14 -86.89
C TRP BA 11 -0.43 61.14 -88.00
N ALA BA 12 0.48 60.23 -87.69
CA ALA BA 12 0.94 59.24 -88.66
C ALA BA 12 1.41 59.92 -89.94
N ALA BA 13 2.15 61.03 -89.76
CA ALA BA 13 2.61 61.81 -90.89
C ALA BA 13 3.50 61.00 -91.83
N ALA BA 14 4.18 59.97 -91.32
CA ALA BA 14 5.01 59.12 -92.15
C ALA BA 14 4.17 58.03 -92.79
N ASP BA 15 4.42 57.79 -94.07
CA ASP BA 15 3.68 56.80 -94.84
C ASP BA 15 4.60 55.62 -95.17
N VAL BA 16 4.55 54.59 -94.33
CA VAL BA 16 5.38 53.41 -94.48
C VAL BA 16 4.57 52.20 -94.02
N ASN BA 17 4.99 51.02 -94.46
CA ASN BA 17 4.33 49.80 -94.02
C ASN BA 17 4.57 49.56 -92.53
N LEU BA 18 3.62 48.88 -91.90
CA LEU BA 18 3.71 48.64 -90.47
C LEU BA 18 4.87 47.69 -90.17
N PRO BA 19 5.55 47.88 -89.03
CA PRO BA 19 6.69 47.00 -88.71
C PRO BA 19 6.30 45.54 -88.57
N GLY BA 20 5.10 45.25 -88.06
CA GLY BA 20 4.69 43.88 -87.86
C GLY BA 20 3.76 43.38 -88.93
N THR BA 21 3.34 44.27 -89.84
CA THR BA 21 2.43 43.91 -90.91
C THR BA 21 2.87 44.62 -92.19
N GLY BA 22 2.93 43.89 -93.29
CA GLY BA 22 3.40 44.43 -94.54
C GLY BA 22 2.50 45.49 -95.14
N ARG BA 23 1.26 45.60 -94.68
CA ARG BA 23 0.34 46.56 -95.23
C ARG BA 23 0.75 47.98 -94.84
N PRO BA 24 0.27 48.99 -95.57
CA PRO BA 24 0.59 50.38 -95.21
C PRO BA 24 0.07 50.75 -93.83
N ASN BA 25 0.59 51.82 -93.25
CA ASN BA 25 0.14 52.27 -91.94
C ASN BA 25 -1.17 53.04 -91.98
N LYS BA 26 -1.66 53.40 -93.17
CA LYS BA 26 -2.91 54.13 -93.30
C LYS BA 26 -3.72 53.54 -94.45
N SER BA 27 -5.05 53.62 -94.30
CA SER BA 27 -5.96 53.13 -95.32
C SER BA 27 -7.32 53.79 -95.12
N LYS BA 28 -7.96 54.13 -96.23
CA LYS BA 28 -9.29 54.72 -96.16
C LYS BA 28 -10.30 53.65 -95.80
N PRO BA 29 -11.11 53.84 -94.76
CA PRO BA 29 -12.15 52.86 -94.45
C PRO BA 29 -13.19 52.78 -95.58
N ILE BA 30 -13.77 51.59 -95.74
CA ILE BA 30 -14.83 51.42 -96.72
C ILE BA 30 -16.00 52.33 -96.36
N ASP BA 31 -16.61 52.93 -97.38
CA ASP BA 31 -17.70 53.87 -97.13
C ASP BA 31 -18.83 53.22 -96.34
N ASP BA 32 -18.98 51.90 -96.46
CA ASP BA 32 -19.97 51.21 -95.65
C ASP BA 32 -19.80 51.52 -94.17
N LEU BA 33 -18.57 51.44 -93.68
CA LEU BA 33 -18.31 51.75 -92.28
C LEU BA 33 -18.40 53.25 -92.02
N LEU BA 34 -17.92 54.07 -92.97
CA LEU BA 34 -17.97 55.52 -92.77
C LEU BA 34 -19.40 56.01 -92.58
N ALA BA 35 -20.36 55.41 -93.28
CA ALA BA 35 -21.74 55.87 -93.16
C ALA BA 35 -22.37 55.41 -91.86
N LYS BA 36 -21.88 54.33 -91.27
CA LYS BA 36 -22.50 53.73 -90.08
C LYS BA 36 -21.70 53.96 -88.81
N GLY BA 37 -20.40 53.68 -88.82
CA GLY BA 37 -19.60 53.74 -87.61
C GLY BA 37 -19.47 52.37 -86.95
N TYR BA 38 -18.49 52.28 -86.06
CA TYR BA 38 -18.21 51.02 -85.39
C TYR BA 38 -19.44 50.53 -84.62
N ASP BA 39 -19.74 49.25 -84.76
CA ASP BA 39 -20.85 48.63 -84.06
C ASP BA 39 -20.33 47.73 -82.93
N LYS BA 40 -21.26 47.28 -82.09
CA LYS BA 40 -20.91 46.42 -80.97
C LYS BA 40 -20.14 45.19 -81.45
N GLY BA 41 -19.03 44.89 -80.80
CA GLY BA 41 -18.29 43.68 -81.12
C GLY BA 41 -17.34 43.81 -82.30
N GLN BA 42 -17.30 44.95 -82.96
CA GLN BA 42 -16.32 45.15 -84.01
C GLN BA 42 -14.94 45.41 -83.42
N LYS BA 43 -13.91 45.08 -84.18
CA LYS BA 43 -12.52 45.15 -83.73
C LYS BA 43 -11.82 46.23 -84.55
N PRO BA 44 -11.65 47.44 -84.01
CA PRO BA 44 -11.00 48.50 -84.79
C PRO BA 44 -9.58 48.13 -85.16
N ALA BA 45 -9.18 48.55 -86.37
CA ALA BA 45 -7.82 48.32 -86.84
C ALA BA 45 -7.06 49.63 -86.86
N ALA BA 46 -5.76 49.57 -86.54
CA ALA BA 46 -4.95 50.78 -86.49
C ALA BA 46 -4.96 51.51 -87.82
N GLU BA 47 -5.18 50.78 -88.92
CA GLU BA 47 -5.16 51.41 -90.24
C GLU BA 47 -6.18 52.54 -90.34
N GLU BA 48 -7.44 52.24 -90.00
CA GLU BA 48 -8.51 53.21 -90.15
C GLU BA 48 -8.35 54.37 -89.17
N PHE BA 49 -8.00 54.05 -87.93
CA PHE BA 49 -7.77 55.09 -86.93
C PHE BA 49 -6.68 56.05 -87.38
N ASN BA 50 -5.56 55.50 -87.84
CA ASN BA 50 -4.46 56.34 -88.31
C ASN BA 50 -4.89 57.17 -89.51
N TYR BA 51 -5.61 56.57 -90.45
CA TYR BA 51 -6.03 57.30 -91.64
C TYR BA 51 -6.92 58.48 -91.28
N ILE BA 52 -7.91 58.25 -90.41
CA ILE BA 52 -8.83 59.33 -90.06
C ILE BA 52 -8.11 60.42 -89.28
N LEU BA 53 -7.23 60.04 -88.35
CA LEU BA 53 -6.48 61.06 -87.62
C LEU BA 53 -5.59 61.86 -88.56
N ASN BA 54 -4.95 61.19 -89.51
CA ASN BA 54 -4.13 61.88 -90.49
C ASN BA 54 -4.94 62.88 -91.28
N MET BA 55 -6.11 62.46 -91.78
CA MET BA 55 -6.97 63.36 -92.53
C MET BA 55 -7.32 64.59 -91.69
N SER BA 56 -7.81 64.36 -90.46
CA SER BA 56 -8.24 65.47 -89.62
C SER BA 56 -7.08 66.43 -89.34
N SER BA 57 -5.95 65.90 -88.89
CA SER BA 57 -4.82 66.76 -88.54
C SER BA 57 -4.29 67.53 -89.73
N ALA BA 58 -4.12 66.87 -90.88
CA ALA BA 58 -3.62 67.56 -92.06
C ALA BA 58 -4.58 68.66 -92.50
N TRP BA 59 -5.87 68.37 -92.53
CA TRP BA 59 -6.83 69.37 -92.99
C TRP BA 59 -6.92 70.53 -92.00
N VAL BA 60 -6.70 70.27 -90.71
CA VAL BA 60 -6.70 71.37 -89.74
C VAL BA 60 -5.52 72.30 -89.98
N ASN BA 61 -4.32 71.73 -90.09
CA ASN BA 61 -3.14 72.57 -90.18
C ASN BA 61 -3.05 73.28 -91.53
N TRP BA 62 -3.53 72.65 -92.60
CA TRP BA 62 -3.58 73.35 -93.88
C TRP BA 62 -4.40 74.63 -93.76
N ILE BA 63 -5.60 74.52 -93.20
CA ILE BA 63 -6.45 75.69 -93.03
C ILE BA 63 -5.77 76.71 -92.14
N VAL BA 64 -5.19 76.25 -91.03
CA VAL BA 64 -4.65 77.19 -90.04
C VAL BA 64 -3.49 77.98 -90.63
N ASN BA 65 -2.57 77.30 -91.31
CA ASN BA 65 -1.30 77.90 -91.69
C ASN BA 65 -1.28 78.48 -93.10
N GLU BA 66 -2.13 78.00 -94.01
CA GLU BA 66 -2.03 78.42 -95.40
C GLU BA 66 -3.25 79.21 -95.84
N LYS BA 67 -4.44 78.63 -95.69
CA LYS BA 67 -5.64 79.21 -96.25
C LYS BA 67 -5.96 80.60 -95.70
N PHE BA 68 -5.65 80.86 -94.44
CA PHE BA 68 -6.01 82.13 -93.83
C PHE BA 68 -5.05 83.25 -94.26
N PRO BA 69 -3.74 83.01 -94.22
CA PRO BA 69 -2.81 84.02 -94.75
C PRO BA 69 -3.10 84.37 -96.20
N GLU BA 70 -3.45 83.39 -97.02
CA GLU BA 70 -3.78 83.64 -98.42
C GLU BA 70 -4.97 84.59 -98.52
N LEU BA 71 -6.03 84.30 -97.76
CA LEU BA 71 -7.22 85.15 -97.81
C LEU BA 71 -6.91 86.55 -97.33
N GLU BA 72 -6.11 86.67 -96.26
CA GLU BA 72 -5.75 87.99 -95.76
C GLU BA 72 -4.96 88.77 -96.80
N ALA BA 73 -4.00 88.13 -97.46
CA ALA BA 73 -3.23 88.80 -98.49
C ALA BA 73 -4.12 89.23 -99.65
N GLU BA 74 -5.05 88.37 -100.04
CA GLU BA 74 -5.98 88.74 -101.10
C GLU BA 74 -6.84 89.94 -100.70
N ILE BA 75 -7.32 89.96 -99.46
CA ILE BA 75 -8.12 91.09 -98.99
C ILE BA 75 -7.29 92.37 -99.04
N ALA BA 76 -6.05 92.30 -98.54
CA ALA BA 76 -5.20 93.50 -98.53
C ALA BA 76 -4.94 94.01 -99.94
N ARG BA 77 -4.60 93.11 -100.85
CA ARG BA 77 -4.32 93.52 -102.22
C ARG BA 77 -5.56 94.11 -102.88
N LEU BA 78 -6.71 93.47 -102.69
CA LEU BA 78 -7.94 93.97 -103.28
C LEU BA 78 -8.25 95.37 -102.77
N LEU BA 79 -8.15 95.57 -101.45
CA LEU BA 79 -8.43 96.89 -100.89
C LEU BA 79 -7.45 97.93 -101.41
N ALA BA 80 -6.17 97.61 -101.48
CA ALA BA 80 -5.19 98.57 -101.97
C ALA BA 80 -5.48 98.96 -103.41
N GLU BA 81 -5.71 97.97 -104.28
CA GLU BA 81 -5.96 98.28 -105.68
C GLU BA 81 -7.25 99.07 -105.86
N LEU BA 82 -8.30 98.69 -105.11
CA LEU BA 82 -9.57 99.42 -105.20
C LEU BA 82 -9.38 100.87 -104.77
N GLU BA 83 -8.67 101.09 -103.66
CA GLU BA 83 -8.41 102.45 -103.22
C GLU BA 83 -7.65 103.23 -104.28
N ASN BA 84 -6.65 102.58 -104.89
CA ASN BA 84 -5.83 103.27 -105.90
C ASN BA 84 -6.66 103.69 -107.10
N ARG BA 85 -7.58 102.84 -107.56
CA ARG BA 85 -8.39 103.21 -108.72
C ARG BA 85 -9.15 104.52 -108.47
N ILE BA 86 -9.88 104.58 -107.36
CA ILE BA 86 -10.69 105.77 -107.08
C ILE BA 86 -9.78 106.97 -106.78
N ASN BA 87 -8.65 106.74 -106.12
CA ASN BA 87 -7.73 107.85 -105.90
C ASN BA 87 -7.28 108.46 -107.22
N GLN BA 88 -6.87 107.62 -108.18
CA GLN BA 88 -6.46 108.14 -109.48
C GLN BA 88 -7.60 108.87 -110.16
N GLN BA 89 -8.80 108.27 -110.18
CA GLN BA 89 -9.91 108.89 -110.90
C GLN BA 89 -10.30 110.22 -110.28
N LEU BA 90 -10.32 110.32 -108.95
CA LEU BA 90 -10.61 111.60 -108.31
C LEU BA 90 -9.48 112.60 -108.51
N ALA BA 91 -8.24 112.13 -108.62
CA ALA BA 91 -7.15 113.03 -108.97
C ALA BA 91 -7.38 113.63 -110.36
N VAL BA 92 -7.85 112.82 -111.30
CA VAL BA 92 -8.18 113.31 -112.63
C VAL BA 92 -9.28 114.36 -112.53
N LYS CA 3 -0.73 70.56 -99.51
CA LYS CA 3 -2.18 70.50 -99.31
C LYS CA 3 -2.65 69.05 -99.21
N PRO CA 4 -3.70 68.79 -98.43
CA PRO CA 4 -4.27 67.45 -98.40
C PRO CA 4 -4.71 67.02 -99.79
N LYS CA 5 -4.56 65.72 -100.06
CA LYS CA 5 -4.66 65.20 -101.42
C LYS CA 5 -5.98 64.51 -101.73
N ASP CA 6 -6.82 64.27 -100.73
CA ASP CA 6 -8.03 63.48 -100.91
C ASP CA 6 -9.21 64.22 -100.30
N PRO CA 7 -10.42 63.92 -100.75
CA PRO CA 7 -11.60 64.56 -100.17
C PRO CA 7 -11.85 64.10 -98.74
N ILE CA 8 -12.55 64.94 -97.98
CA ILE CA 8 -12.78 64.70 -96.56
C ILE CA 8 -14.10 63.96 -96.36
N TYR CA 9 -14.02 62.70 -95.99
CA TYR CA 9 -15.22 61.90 -95.74
C TYR CA 9 -15.69 62.08 -94.30
N VAL CA 10 -16.98 61.89 -94.07
CA VAL CA 10 -17.55 61.95 -92.73
C VAL CA 10 -17.56 60.56 -92.12
N TRP CA 11 -17.39 60.49 -90.81
CA TRP CA 11 -17.45 59.23 -90.10
C TRP CA 11 -18.84 59.02 -89.51
N ALA CA 12 -19.41 57.84 -89.74
CA ALA CA 12 -20.76 57.52 -89.27
C ALA CA 12 -21.74 58.61 -89.68
N ALA CA 13 -21.75 58.91 -90.98
CA ALA CA 13 -22.58 60.01 -91.48
C ALA CA 13 -24.04 59.75 -91.22
N ALA CA 14 -24.50 58.53 -91.47
CA ALA CA 14 -25.92 58.21 -91.37
C ALA CA 14 -26.38 58.27 -89.92
N ASP CA 15 -27.68 58.47 -89.75
CA ASP CA 15 -28.33 58.49 -88.45
C ASP CA 15 -29.35 57.36 -88.43
N VAL CA 16 -28.92 56.18 -87.97
CA VAL CA 16 -29.74 54.98 -88.03
C VAL CA 16 -29.47 54.13 -86.79
N ASN CA 17 -30.39 53.21 -86.51
CA ASN CA 17 -30.23 52.30 -85.39
C ASN CA 17 -29.31 51.16 -85.80
N LEU CA 18 -28.23 50.97 -85.05
CA LEU CA 18 -27.28 49.92 -85.38
C LEU CA 18 -27.94 48.55 -85.19
N PRO CA 19 -27.62 47.58 -86.05
CA PRO CA 19 -28.20 46.24 -85.86
C PRO CA 19 -27.85 45.62 -84.52
N GLY CA 20 -26.59 45.72 -84.10
CA GLY CA 20 -26.17 45.11 -82.86
C GLY CA 20 -26.89 45.70 -81.65
N THR CA 21 -27.12 47.01 -81.66
CA THR CA 21 -27.72 47.69 -80.52
C THR CA 21 -29.20 47.98 -80.72
N GLY CA 22 -29.61 48.36 -81.92
CA GLY CA 22 -30.95 48.87 -82.12
C GLY CA 22 -31.14 50.28 -81.60
N ARG CA 23 -30.06 51.03 -81.44
CA ARG CA 23 -30.06 52.39 -80.91
C ARG CA 23 -29.31 53.29 -81.87
N PRO CA 24 -29.53 54.60 -81.80
CA PRO CA 24 -28.89 55.51 -82.76
C PRO CA 24 -27.37 55.35 -82.75
N ASN CA 25 -26.79 55.40 -83.93
CA ASN CA 25 -25.37 55.09 -84.11
C ASN CA 25 -24.47 56.13 -83.47
N LYS CA 26 -25.04 57.28 -83.08
CA LYS CA 26 -24.25 58.35 -82.48
C LYS CA 26 -24.98 58.88 -81.24
N SER CA 27 -24.21 59.26 -80.24
CA SER CA 27 -24.75 59.86 -79.02
C SER CA 27 -23.72 60.79 -78.41
N LYS CA 28 -24.21 61.82 -77.74
CA LYS CA 28 -23.30 62.75 -77.08
C LYS CA 28 -22.67 62.09 -75.85
N PRO CA 29 -21.35 62.19 -75.69
CA PRO CA 29 -20.75 61.75 -74.42
C PRO CA 29 -21.21 62.65 -73.27
N ILE CA 30 -21.26 62.07 -72.08
CA ILE CA 30 -21.67 62.83 -70.91
C ILE CA 30 -20.65 63.92 -70.63
N ASP CA 31 -21.14 65.08 -70.20
CA ASP CA 31 -20.29 66.25 -70.02
C ASP CA 31 -19.11 65.95 -69.11
N ASP CA 32 -19.35 65.19 -68.04
CA ASP CA 32 -18.27 64.84 -67.11
C ASP CA 32 -17.12 64.17 -67.84
N LEU CA 33 -17.42 63.26 -68.77
CA LEU CA 33 -16.37 62.57 -69.51
C LEU CA 33 -15.63 63.54 -70.44
N LEU CA 34 -16.36 64.45 -71.08
CA LEU CA 34 -15.70 65.45 -71.92
C LEU CA 34 -14.75 66.30 -71.10
N ALA CA 35 -15.12 66.65 -69.87
CA ALA CA 35 -14.28 67.52 -69.06
C ALA CA 35 -12.95 66.88 -68.73
N LYS CA 36 -12.87 65.56 -68.66
CA LYS CA 36 -11.64 64.89 -68.23
C LYS CA 36 -11.14 63.84 -69.21
N GLY CA 37 -12.03 63.09 -69.86
CA GLY CA 37 -11.63 62.02 -70.74
C GLY CA 37 -11.44 60.70 -70.02
N TYR CA 38 -10.99 59.71 -70.77
CA TYR CA 38 -10.90 58.35 -70.24
C TYR CA 38 -9.73 58.20 -69.28
N ASP CA 39 -9.83 57.18 -68.42
CA ASP CA 39 -8.79 56.78 -67.49
C ASP CA 39 -8.39 55.33 -67.78
N LYS CA 40 -7.45 54.82 -66.99
CA LYS CA 40 -7.01 53.44 -67.16
C LYS CA 40 -8.19 52.47 -67.20
N GLY CA 41 -8.94 52.40 -66.09
CA GLY CA 41 -10.03 51.46 -66.01
C GLY CA 41 -11.19 51.74 -66.94
N GLN CA 42 -11.56 53.00 -67.10
CA GLN CA 42 -12.70 53.34 -67.94
C GLN CA 42 -12.44 52.88 -69.37
N LYS CA 43 -13.53 52.54 -70.07
CA LYS CA 43 -13.43 51.96 -71.39
C LYS CA 43 -14.35 52.70 -72.36
N PRO CA 44 -13.99 52.76 -73.65
CA PRO CA 44 -14.79 53.56 -74.59
C PRO CA 44 -16.04 52.82 -75.05
N ALA CA 45 -17.11 53.59 -75.26
CA ALA CA 45 -18.32 53.05 -75.86
C ALA CA 45 -18.35 53.37 -77.35
N ALA CA 46 -19.03 52.51 -78.11
CA ALA CA 46 -19.07 52.70 -79.57
C ALA CA 46 -19.71 54.03 -79.94
N GLU CA 47 -20.80 54.39 -79.26
CA GLU CA 47 -21.53 55.60 -79.63
C GLU CA 47 -20.64 56.84 -79.50
N GLU CA 48 -19.99 57.01 -78.36
CA GLU CA 48 -19.13 58.17 -78.16
C GLU CA 48 -17.97 58.17 -79.16
N PHE CA 49 -17.38 56.99 -79.37
CA PHE CA 49 -16.27 56.88 -80.31
C PHE CA 49 -16.68 57.37 -81.69
N ASN CA 50 -17.81 56.87 -82.21
CA ASN CA 50 -18.28 57.32 -83.50
C ASN CA 50 -18.61 58.81 -83.49
N TYR CA 51 -19.24 59.28 -82.41
CA TYR CA 51 -19.72 60.66 -82.37
C TYR CA 51 -18.57 61.65 -82.46
N ILE CA 52 -17.47 61.38 -81.75
CA ILE CA 52 -16.36 62.33 -81.75
C ILE CA 52 -15.84 62.52 -83.17
N LEU CA 53 -15.55 61.41 -83.86
CA LEU CA 53 -15.01 61.50 -85.22
C LEU CA 53 -16.02 62.12 -86.17
N ASN CA 54 -17.31 61.79 -86.00
CA ASN CA 54 -18.33 62.36 -86.85
C ASN CA 54 -18.37 63.88 -86.70
N MET CA 55 -18.33 64.37 -85.46
CA MET CA 55 -18.34 65.80 -85.23
C MET CA 55 -17.11 66.46 -85.86
N SER CA 56 -15.93 65.87 -85.66
CA SER CA 56 -14.73 66.44 -86.22
C SER CA 56 -14.84 66.56 -87.75
N SER CA 57 -15.21 65.46 -88.41
CA SER CA 57 -15.28 65.47 -89.87
C SER CA 57 -16.35 66.43 -90.37
N ALA CA 58 -17.52 66.46 -89.72
CA ALA CA 58 -18.57 67.36 -90.17
C ALA CA 58 -18.15 68.82 -90.04
N TRP CA 59 -17.49 69.19 -88.94
CA TRP CA 59 -17.03 70.56 -88.81
C TRP CA 59 -15.92 70.87 -89.80
N VAL CA 60 -15.07 69.90 -90.11
CA VAL CA 60 -14.04 70.12 -91.12
C VAL CA 60 -14.68 70.40 -92.47
N ASN CA 61 -15.71 69.62 -92.83
CA ASN CA 61 -16.47 69.93 -94.03
C ASN CA 61 -17.03 71.33 -93.99
N TRP CA 62 -17.73 71.69 -92.91
CA TRP CA 62 -18.36 73.00 -92.84
C TRP CA 62 -17.35 74.13 -92.96
N ILE CA 63 -16.12 73.91 -92.48
CA ILE CA 63 -15.09 74.94 -92.60
C ILE CA 63 -14.56 75.01 -94.03
N VAL CA 64 -14.22 73.85 -94.61
CA VAL CA 64 -13.53 73.84 -95.90
C VAL CA 64 -14.51 74.14 -97.04
N ASN CA 65 -15.50 73.28 -97.23
CA ASN CA 65 -16.32 73.31 -98.45
C ASN CA 65 -17.47 74.30 -98.37
N GLU CA 66 -17.71 74.91 -97.21
CA GLU CA 66 -18.82 75.84 -97.09
C GLU CA 66 -18.34 77.24 -96.72
N LYS CA 67 -17.58 77.36 -95.63
CA LYS CA 67 -17.29 78.69 -95.10
C LYS CA 67 -16.42 79.52 -96.04
N PHE CA 68 -15.29 78.97 -96.51
CA PHE CA 68 -14.40 79.76 -97.36
C PHE CA 68 -15.05 80.15 -98.68
N PRO CA 69 -15.74 79.27 -99.40
CA PRO CA 69 -16.37 79.71 -100.67
C PRO CA 69 -17.32 80.88 -100.50
N GLU CA 70 -18.21 80.81 -99.50
CA GLU CA 70 -19.17 81.89 -99.32
C GLU CA 70 -18.49 83.14 -98.78
N LEU CA 71 -17.46 82.99 -97.95
CA LEU CA 71 -16.71 84.16 -97.52
C LEU CA 71 -16.05 84.85 -98.71
N GLU CA 72 -15.48 84.08 -99.63
CA GLU CA 72 -14.90 84.67 -100.84
C GLU CA 72 -15.95 85.36 -101.69
N ALA CA 73 -17.12 84.73 -101.85
CA ALA CA 73 -18.19 85.37 -102.62
C ALA CA 73 -18.61 86.68 -101.98
N GLU CA 74 -18.74 86.70 -100.65
CA GLU CA 74 -19.07 87.93 -99.94
C GLU CA 74 -18.00 88.98 -100.14
N ILE CA 75 -16.73 88.57 -100.09
CA ILE CA 75 -15.63 89.52 -100.27
C ILE CA 75 -15.74 90.17 -101.65
N ALA CA 76 -15.95 89.35 -102.69
CA ALA CA 76 -16.08 89.91 -104.04
C ALA CA 76 -17.28 90.85 -104.12
N ARG CA 77 -18.41 90.42 -103.55
CA ARG CA 77 -19.64 91.22 -103.66
C ARG CA 77 -19.48 92.56 -102.96
N LEU CA 78 -18.84 92.58 -101.79
CA LEU CA 78 -18.65 93.84 -101.08
C LEU CA 78 -17.89 94.85 -101.95
N LEU CA 79 -16.78 94.41 -102.53
CA LEU CA 79 -15.99 95.29 -103.37
C LEU CA 79 -16.77 95.74 -104.59
N ALA CA 80 -17.54 94.83 -105.21
CA ALA CA 80 -18.32 95.21 -106.38
C ALA CA 80 -19.34 96.29 -106.02
N GLU CA 81 -20.06 96.10 -104.91
CA GLU CA 81 -21.07 97.10 -104.51
C GLU CA 81 -20.41 98.43 -104.17
N LEU CA 82 -19.27 98.39 -103.48
CA LEU CA 82 -18.58 99.63 -103.16
C LEU CA 82 -18.14 100.36 -104.42
N GLU CA 83 -17.60 99.64 -105.40
CA GLU CA 83 -17.19 100.25 -106.65
C GLU CA 83 -18.39 100.86 -107.37
N ASN CA 84 -19.51 100.15 -107.40
CA ASN CA 84 -20.70 100.68 -108.04
C ASN CA 84 -21.15 101.97 -107.37
N ARG CA 85 -21.21 101.96 -106.03
CA ARG CA 85 -21.66 103.13 -105.29
C ARG CA 85 -20.76 104.32 -105.56
N ILE CA 86 -19.44 104.10 -105.57
CA ILE CA 86 -18.52 105.21 -105.80
C ILE CA 86 -18.65 105.73 -107.23
N ASN CA 87 -18.71 104.81 -108.20
CA ASN CA 87 -18.72 105.22 -109.60
C ASN CA 87 -20.01 105.94 -109.96
N GLN CA 88 -21.12 105.62 -109.30
CA GLN CA 88 -22.34 106.39 -109.53
C GLN CA 88 -22.10 107.87 -109.24
N GLN CA 89 -21.56 108.17 -108.06
CA GLN CA 89 -21.27 109.56 -107.70
C GLN CA 89 -20.23 110.16 -108.63
N LEU CA 90 -19.21 109.39 -108.99
CA LEU CA 90 -18.19 109.91 -109.91
C LEU CA 90 -18.80 110.32 -111.24
N ALA CA 91 -19.70 109.49 -111.78
CA ALA CA 91 -20.40 109.85 -113.01
C ALA CA 91 -21.25 111.09 -112.80
N VAL CA 92 -21.93 111.19 -111.65
CA VAL CA 92 -22.73 112.36 -111.34
C VAL CA 92 -21.87 113.62 -111.48
N LYS DA 3 -23.35 74.83 -89.35
CA LYS DA 3 -24.51 74.09 -89.84
C LYS DA 3 -24.85 72.89 -88.94
N PRO DA 4 -23.88 72.03 -88.62
CA PRO DA 4 -24.19 70.88 -87.77
C PRO DA 4 -24.77 71.34 -86.44
N LYS DA 5 -25.76 70.58 -85.97
CA LYS DA 5 -26.70 71.04 -84.96
C LYS DA 5 -26.22 70.81 -83.53
N ASP DA 6 -24.91 70.67 -83.32
CA ASP DA 6 -24.36 70.50 -81.98
C ASP DA 6 -23.22 71.48 -81.79
N PRO DA 7 -23.23 72.27 -80.71
CA PRO DA 7 -22.09 73.15 -80.44
C PRO DA 7 -20.81 72.33 -80.26
N ILE DA 8 -19.71 72.88 -80.77
CA ILE DA 8 -18.42 72.19 -80.70
C ILE DA 8 -18.03 72.02 -79.23
N TYR DA 9 -17.83 70.79 -78.80
CA TYR DA 9 -17.36 70.50 -77.45
C TYR DA 9 -15.89 70.09 -77.51
N VAL DA 10 -15.06 70.77 -76.72
CA VAL DA 10 -13.63 70.48 -76.71
C VAL DA 10 -13.39 69.28 -75.80
N TRP DA 11 -12.81 68.23 -76.37
CA TRP DA 11 -12.56 67.02 -75.59
C TRP DA 11 -11.48 67.27 -74.55
N ALA DA 12 -11.71 66.78 -73.34
CA ALA DA 12 -10.74 66.88 -72.25
C ALA DA 12 -10.28 68.32 -72.07
N ALA DA 13 -11.24 69.25 -72.11
CA ALA DA 13 -10.90 70.67 -72.02
C ALA DA 13 -10.14 70.96 -70.74
N ALA DA 14 -10.64 70.49 -69.60
CA ALA DA 14 -9.95 70.70 -68.33
C ALA DA 14 -8.69 69.83 -68.26
N ASP DA 15 -7.74 70.28 -67.46
CA ASP DA 15 -6.51 69.54 -67.20
C ASP DA 15 -6.43 69.22 -65.71
N VAL DA 16 -6.38 67.93 -65.39
CA VAL DA 16 -6.41 67.48 -64.01
C VAL DA 16 -5.65 66.16 -63.89
N ASN DA 17 -5.45 65.70 -62.66
CA ASN DA 17 -4.88 64.39 -62.42
C ASN DA 17 -5.99 63.35 -62.34
N LEU DA 18 -5.74 62.19 -62.93
CA LEU DA 18 -6.72 61.11 -62.91
C LEU DA 18 -6.36 60.11 -61.82
N PRO DA 19 -7.31 59.68 -60.99
CA PRO DA 19 -6.96 58.71 -59.93
C PRO DA 19 -6.33 57.45 -60.50
N GLY DA 20 -6.80 56.98 -61.66
CA GLY DA 20 -6.24 55.76 -62.21
C GLY DA 20 -4.76 55.87 -62.52
N THR DA 21 -4.35 56.97 -63.18
CA THR DA 21 -2.95 57.13 -63.52
C THR DA 21 -2.21 57.94 -62.47
N GLY DA 22 -2.87 58.96 -61.92
CA GLY DA 22 -2.20 59.96 -61.11
C GLY DA 22 -1.49 61.02 -61.92
N ARG DA 23 -1.60 61.00 -63.23
CA ARG DA 23 -0.89 61.89 -64.13
C ARG DA 23 -1.85 62.88 -64.76
N PRO DA 24 -1.32 63.94 -65.37
CA PRO DA 24 -2.20 64.89 -66.08
C PRO DA 24 -2.99 64.18 -67.17
N ASN DA 25 -4.24 64.59 -67.34
CA ASN DA 25 -5.14 63.90 -68.26
C ASN DA 25 -4.64 63.91 -69.70
N LYS DA 26 -3.74 64.82 -70.06
CA LYS DA 26 -3.24 64.93 -71.41
C LYS DA 26 -1.72 64.96 -71.41
N SER DA 27 -1.11 64.16 -72.28
CA SER DA 27 0.32 64.15 -72.46
C SER DA 27 0.64 64.09 -73.95
N LYS DA 28 1.73 64.73 -74.34
CA LYS DA 28 2.10 64.79 -75.74
C LYS DA 28 2.68 63.45 -76.18
N PRO DA 29 2.12 62.81 -77.22
CA PRO DA 29 2.75 61.60 -77.75
C PRO DA 29 4.16 61.90 -78.25
N ILE DA 30 5.06 60.94 -78.07
CA ILE DA 30 6.42 61.08 -78.57
C ILE DA 30 6.36 61.22 -80.09
N ASP DA 31 7.21 62.10 -80.63
CA ASP DA 31 7.16 62.39 -82.06
C ASP DA 31 7.30 61.14 -82.92
N ASP DA 32 8.03 60.13 -82.46
CA ASP DA 32 8.11 58.88 -83.19
C ASP DA 32 6.72 58.33 -83.48
N LEU DA 33 5.86 58.28 -82.46
CA LEU DA 33 4.50 57.82 -82.67
C LEU DA 33 3.72 58.76 -83.58
N LEU DA 34 3.89 60.08 -83.42
CA LEU DA 34 3.19 61.02 -84.28
C LEU DA 34 3.47 60.72 -85.75
N ALA DA 35 4.75 60.56 -86.09
CA ALA DA 35 5.11 60.22 -87.47
C ALA DA 35 4.56 58.85 -87.84
N LYS DA 36 4.65 57.89 -86.92
CA LYS DA 36 4.38 56.49 -87.26
C LYS DA 36 2.90 56.12 -87.09
N GLY DA 37 2.38 56.26 -85.88
CA GLY DA 37 1.05 55.76 -85.59
C GLY DA 37 1.10 54.40 -84.89
N TYR DA 38 -0.08 53.81 -84.75
CA TYR DA 38 -0.22 52.54 -84.03
C TYR DA 38 -0.13 51.36 -84.99
N ASP DA 39 -0.01 50.18 -84.40
CA ASP DA 39 0.03 48.91 -85.12
C ASP DA 39 -0.76 47.87 -84.34
N LYS DA 40 -1.19 46.82 -85.05
CA LYS DA 40 -1.95 45.75 -84.43
C LYS DA 40 -1.20 45.18 -83.24
N GLY DA 41 -1.91 45.00 -82.13
CA GLY DA 41 -1.32 44.60 -80.88
C GLY DA 41 -1.15 45.73 -79.90
N GLN DA 42 -0.90 46.94 -80.39
CA GLN DA 42 -0.80 48.10 -79.52
C GLN DA 42 -2.17 48.48 -78.97
N LYS DA 43 -2.19 48.96 -77.74
CA LYS DA 43 -3.41 49.49 -77.14
C LYS DA 43 -3.09 50.88 -76.57
N PRO DA 44 -3.83 51.91 -76.96
CA PRO DA 44 -3.38 53.28 -76.67
C PRO DA 44 -3.37 53.58 -75.18
N ALA DA 45 -2.43 54.45 -74.79
CA ALA DA 45 -2.46 55.02 -73.46
C ALA DA 45 -3.46 56.17 -73.42
N ALA DA 46 -4.19 56.29 -72.31
CA ALA DA 46 -5.27 57.27 -72.23
C ALA DA 46 -4.77 58.69 -72.49
N GLU DA 47 -3.57 59.02 -72.00
CA GLU DA 47 -3.08 60.39 -72.10
C GLU DA 47 -2.97 60.82 -73.56
N GLU DA 48 -2.36 59.98 -74.40
CA GLU DA 48 -2.19 60.33 -75.81
C GLU DA 48 -3.53 60.46 -76.52
N PHE DA 49 -4.44 59.54 -76.24
CA PHE DA 49 -5.78 59.62 -76.82
C PHE DA 49 -6.44 60.94 -76.48
N ASN DA 50 -6.44 61.30 -75.19
CA ASN DA 50 -7.05 62.55 -74.76
C ASN DA 50 -6.37 63.74 -75.40
N TYR DA 51 -5.03 63.71 -75.49
CA TYR DA 51 -4.30 64.84 -76.06
C TYR DA 51 -4.67 65.03 -77.52
N ILE DA 52 -4.72 63.95 -78.28
CA ILE DA 52 -5.04 64.05 -79.70
C ILE DA 52 -6.46 64.59 -79.90
N LEU DA 53 -7.42 64.04 -79.16
CA LEU DA 53 -8.79 64.52 -79.31
C LEU DA 53 -8.93 65.97 -78.90
N ASN DA 54 -8.26 66.37 -77.81
CA ASN DA 54 -8.30 67.76 -77.39
C ASN DA 54 -7.71 68.66 -78.47
N MET DA 55 -6.59 68.25 -79.07
CA MET DA 55 -6.02 68.99 -80.19
C MET DA 55 -7.09 69.23 -81.25
N SER DA 56 -7.61 68.14 -81.79
CA SER DA 56 -8.50 68.22 -82.95
C SER DA 56 -9.80 68.94 -82.64
N SER DA 57 -10.25 68.95 -81.39
CA SER DA 57 -11.47 69.66 -81.05
C SER DA 57 -11.24 71.12 -80.72
N ALA DA 58 -10.22 71.41 -79.90
CA ALA DA 58 -9.95 72.78 -79.53
C ALA DA 58 -9.59 73.63 -80.74
N TRP DA 59 -8.82 73.09 -81.67
CA TRP DA 59 -8.45 73.92 -82.81
C TRP DA 59 -9.64 74.21 -83.72
N VAL DA 60 -10.55 73.25 -83.90
CA VAL DA 60 -11.77 73.52 -84.65
C VAL DA 60 -12.61 74.57 -83.93
N ASN DA 61 -12.68 74.48 -82.60
CA ASN DA 61 -13.41 75.48 -81.83
C ASN DA 61 -12.81 76.86 -82.06
N TRP DA 62 -11.48 76.96 -82.00
CA TRP DA 62 -10.81 78.23 -82.26
C TRP DA 62 -11.18 78.76 -83.64
N ILE DA 63 -11.05 77.91 -84.66
CA ILE DA 63 -11.32 78.35 -86.03
C ILE DA 63 -12.74 78.90 -86.11
N VAL DA 64 -13.71 78.16 -85.57
CA VAL DA 64 -15.10 78.53 -85.76
C VAL DA 64 -15.46 79.78 -84.97
N ASN DA 65 -15.01 79.89 -83.72
CA ASN DA 65 -15.55 80.89 -82.82
C ASN DA 65 -14.66 82.11 -82.61
N GLU DA 66 -13.39 82.06 -83.02
CA GLU DA 66 -12.48 83.19 -82.83
C GLU DA 66 -11.97 83.76 -84.14
N LYS DA 67 -11.42 82.93 -85.02
CA LYS DA 67 -10.80 83.46 -86.23
C LYS DA 67 -11.82 84.06 -87.17
N PHE DA 68 -12.94 83.39 -87.41
CA PHE DA 68 -13.89 83.88 -88.40
C PHE DA 68 -14.63 85.10 -87.85
N PRO DA 69 -15.32 84.98 -86.72
CA PRO DA 69 -15.99 86.18 -86.17
C PRO DA 69 -15.09 87.40 -86.14
N GLU DA 70 -13.78 87.20 -86.02
CA GLU DA 70 -12.81 88.27 -86.18
C GLU DA 70 -12.70 88.70 -87.64
N LEU DA 71 -12.65 87.72 -88.56
CA LEU DA 71 -12.33 88.02 -89.95
C LEU DA 71 -13.49 88.73 -90.67
N GLU DA 72 -14.73 88.28 -90.46
CA GLU DA 72 -15.85 89.03 -91.04
C GLU DA 72 -15.91 90.46 -90.52
N ALA DA 73 -15.70 90.65 -89.22
CA ALA DA 73 -15.69 92.01 -88.68
C ALA DA 73 -14.58 92.84 -89.31
N GLU DA 74 -13.39 92.24 -89.46
CA GLU DA 74 -12.26 92.98 -90.02
C GLU DA 74 -12.53 93.39 -91.47
N ILE DA 75 -13.05 92.46 -92.28
CA ILE DA 75 -13.31 92.79 -93.69
C ILE DA 75 -14.39 93.86 -93.79
N ALA DA 76 -15.43 93.74 -92.97
CA ALA DA 76 -16.49 94.76 -92.98
C ALA DA 76 -15.93 96.12 -92.59
N ARG DA 77 -15.08 96.17 -91.57
CA ARG DA 77 -14.50 97.43 -91.14
C ARG DA 77 -13.59 98.01 -92.22
N LEU DA 78 -12.83 97.14 -92.90
CA LEU DA 78 -11.97 97.61 -93.98
C LEU DA 78 -12.79 98.25 -95.09
N LEU DA 79 -13.87 97.59 -95.51
CA LEU DA 79 -14.73 98.15 -96.55
C LEU DA 79 -15.34 99.47 -96.10
N ALA DA 80 -15.80 99.52 -94.85
CA ALA DA 80 -16.39 100.74 -94.32
C ALA DA 80 -15.38 101.88 -94.32
N GLU DA 81 -14.14 101.60 -93.93
CA GLU DA 81 -13.14 102.66 -93.85
C GLU DA 81 -12.74 103.15 -95.24
N LEU DA 82 -12.61 102.24 -96.21
CA LEU DA 82 -12.34 102.67 -97.58
C LEU DA 82 -13.47 103.54 -98.10
N GLU DA 83 -14.72 103.13 -97.87
CA GLU DA 83 -15.85 103.94 -98.29
C GLU DA 83 -15.81 105.30 -97.62
N ASN DA 84 -15.48 105.33 -96.32
CA ASN DA 84 -15.41 106.60 -95.60
C ASN DA 84 -14.36 107.51 -96.23
N ARG DA 85 -13.17 106.98 -96.48
CA ARG DA 85 -12.11 107.80 -97.07
C ARG DA 85 -12.55 108.37 -98.40
N ILE DA 86 -13.16 107.53 -99.25
CA ILE DA 86 -13.64 108.04 -100.53
C ILE DA 86 -14.74 109.07 -100.30
N ASN DA 87 -15.48 108.95 -99.20
CA ASN DA 87 -16.51 109.96 -98.91
C ASN DA 87 -15.89 111.31 -98.57
N GLN DA 88 -14.84 111.35 -97.74
CA GLN DA 88 -14.17 112.63 -97.54
C GLN DA 88 -13.59 113.15 -98.85
N GLN DA 89 -13.04 112.27 -99.68
CA GLN DA 89 -12.49 112.73 -100.95
C GLN DA 89 -13.57 113.37 -101.81
N LEU DA 90 -14.76 112.76 -101.87
CA LEU DA 90 -15.86 113.31 -102.66
C LEU DA 90 -16.38 114.61 -102.06
N ALA DA 91 -16.38 114.72 -100.74
CA ALA DA 91 -17.03 115.86 -100.09
C ALA DA 91 -16.50 117.18 -100.63
N VAL DA 92 -15.21 117.24 -100.96
CA VAL DA 92 -14.62 118.47 -101.49
C VAL DA 92 -14.91 118.58 -102.99
N LEU EA 786 -54.34 -7.84 24.60
CA LEU EA 786 -54.52 -7.58 23.18
C LEU EA 786 -55.27 -6.27 22.96
N ARG EA 787 -56.04 -5.85 23.96
CA ARG EA 787 -56.74 -4.58 23.88
C ARG EA 787 -55.77 -3.43 23.70
N ASN EA 788 -54.51 -3.64 24.08
CA ASN EA 788 -53.48 -2.64 23.86
C ASN EA 788 -53.36 -2.28 22.39
N MET EA 789 -53.39 -3.28 21.51
CA MET EA 789 -53.28 -3.00 20.09
C MET EA 789 -54.46 -2.16 19.61
N VAL EA 790 -55.67 -2.47 20.08
CA VAL EA 790 -56.86 -1.76 19.60
C VAL EA 790 -56.88 -0.33 20.12
N ARG EA 791 -56.51 -0.13 21.39
CA ARG EA 791 -56.53 1.21 21.95
C ARG EA 791 -55.62 2.13 21.16
N ALA EA 792 -54.48 1.62 20.69
CA ALA EA 792 -53.56 2.47 19.93
C ALA EA 792 -54.20 2.97 18.64
N VAL EA 793 -54.87 2.07 17.91
CA VAL EA 793 -55.49 2.49 16.66
C VAL EA 793 -56.62 3.48 16.93
N VAL EA 794 -57.42 3.24 17.96
CA VAL EA 794 -58.48 4.18 18.28
C VAL EA 794 -57.89 5.55 18.64
N ASP EA 795 -56.80 5.55 19.39
CA ASP EA 795 -56.15 6.81 19.75
C ASP EA 795 -55.67 7.53 18.51
N GLU EA 796 -55.06 6.82 17.57
CA GLU EA 796 -54.57 7.47 16.37
C GLU EA 796 -55.72 8.07 15.57
N ASN EA 797 -56.85 7.35 15.48
CA ASN EA 797 -57.99 7.92 14.76
C ASN EA 797 -58.51 9.16 15.45
N ASN EA 798 -58.58 9.16 16.78
CA ASN EA 798 -58.99 10.36 17.49
C ASN EA 798 -58.04 11.51 17.21
N GLN EA 799 -56.74 11.22 17.17
CA GLN EA 799 -55.76 12.26 16.87
C GLN EA 799 -56.02 12.86 15.49
N PHE EA 800 -56.26 12.00 14.49
CA PHE EA 800 -56.53 12.51 13.15
C PHE EA 800 -57.77 13.39 13.15
N ASN EA 801 -58.82 13.00 13.85
CA ASN EA 801 -60.03 13.83 13.88
C ASN EA 801 -59.77 15.17 14.56
N PHE EA 802 -59.02 15.18 15.67
CA PHE EA 802 -58.70 16.45 16.30
C PHE EA 802 -57.91 17.34 15.35
N ASN EA 803 -56.95 16.77 14.63
CA ASN EA 803 -56.22 17.58 13.67
C ASN EA 803 -57.15 18.12 12.60
N MET EA 804 -58.07 17.31 12.10
CA MET EA 804 -58.98 17.78 11.07
C MET EA 804 -59.81 18.96 11.57
N LEU EA 805 -60.30 18.88 12.81
CA LEU EA 805 -61.10 19.99 13.32
C LEU EA 805 -60.25 21.24 13.54
N ILE EA 806 -59.10 21.08 14.19
CA ILE EA 806 -58.26 22.21 14.57
C ILE EA 806 -57.04 22.28 13.66
N GLN EA 807 -57.02 23.24 12.74
CA GLN EA 807 -55.90 23.34 11.81
C GLN EA 807 -55.77 24.77 11.32
N GLY EA 808 -54.54 25.15 11.00
CA GLY EA 808 -54.29 26.46 10.43
C GLY EA 808 -54.75 27.59 11.32
N GLY EA 809 -55.19 28.70 10.73
CA GLY EA 809 -55.84 29.79 11.49
C GLY EA 809 -54.91 30.74 12.19
N PRO EA 810 -55.25 32.03 12.39
CA PRO EA 810 -54.33 32.94 12.99
C PRO EA 810 -54.53 32.92 14.51
N ASN EA 811 -55.73 32.64 14.99
CA ASN EA 811 -56.02 32.77 16.45
C ASN EA 811 -55.19 31.77 17.24
N ILE FA 8 -19.15 39.01 97.52
CA ILE FA 8 -18.24 40.12 97.80
C ILE FA 8 -16.83 39.75 97.36
N ALA FA 9 -16.36 38.59 97.79
CA ALA FA 9 -15.06 38.07 97.40
C ALA FA 9 -15.15 37.14 96.21
N LEU FA 10 -16.21 37.24 95.43
CA LEU FA 10 -16.46 36.34 94.31
C LEU FA 10 -15.62 36.68 93.09
N LEU FA 11 -14.57 37.48 93.26
CA LEU FA 11 -13.52 37.55 92.25
C LEU FA 11 -12.87 36.18 92.05
N SER FA 12 -13.04 35.28 93.02
CA SER FA 12 -12.51 33.93 92.91
C SER FA 12 -12.84 33.30 91.56
N SER FA 13 -13.86 33.81 90.86
CA SER FA 13 -14.17 33.32 89.53
C SER FA 13 -12.98 33.41 88.57
N ASP FA 14 -11.90 34.08 88.96
CA ASP FA 14 -10.65 34.05 88.20
C ASP FA 14 -9.58 33.22 88.88
N ALA FA 15 -9.74 32.88 90.15
CA ALA FA 15 -8.67 32.22 90.88
C ALA FA 15 -8.46 30.80 90.39
N ASP FA 16 -9.54 30.14 89.95
CA ASP FA 16 -9.45 28.73 89.61
C ASP FA 16 -8.56 28.50 88.41
N LYS FA 17 -8.58 29.42 87.44
CA LYS FA 17 -7.74 29.27 86.25
C LYS FA 17 -6.26 29.30 86.61
N ALA FA 18 -5.92 29.74 87.81
CA ALA FA 18 -4.55 29.66 88.31
C ALA FA 18 -4.36 28.49 89.26
N VAL FA 19 -5.37 28.19 90.08
CA VAL FA 19 -5.23 27.11 91.05
C VAL FA 19 -5.07 25.76 90.33
N ASP FA 20 -5.94 25.50 89.36
CA ASP FA 20 -5.77 24.26 88.59
C ASP FA 20 -4.39 24.23 87.94
N GLN FA 21 -3.98 25.35 87.34
CA GLN FA 21 -2.73 25.39 86.62
C GLN FA 21 -1.55 25.06 87.53
N ILE FA 22 -1.55 25.62 88.74
CA ILE FA 22 -0.48 25.28 89.67
C ILE FA 22 -0.60 23.82 90.08
N ILE FA 23 -1.80 23.26 90.07
CA ILE FA 23 -1.90 21.82 90.34
C ILE FA 23 -1.14 21.03 89.29
N GLU FA 24 -1.37 21.31 88.00
CA GLU FA 24 -0.60 20.57 87.00
C GLU FA 24 0.89 20.85 87.11
N ASP FA 25 1.26 22.09 87.44
CA ASP FA 25 2.69 22.39 87.59
C ASP FA 25 3.31 21.59 88.71
N SER FA 26 2.63 21.48 89.85
CA SER FA 26 3.13 20.64 90.93
C SER FA 26 3.23 19.19 90.47
N LYS FA 27 2.27 18.73 89.68
CA LYS FA 27 2.33 17.36 89.21
C LYS FA 27 3.58 17.13 88.37
N ARG FA 28 3.86 18.05 87.46
CA ARG FA 28 5.07 17.94 86.64
C ARG FA 28 6.31 17.99 87.50
N LEU FA 29 6.34 18.88 88.48
CA LEU FA 29 7.46 18.94 89.41
C LEU FA 29 7.69 17.57 90.05
N HIS FA 30 6.61 16.97 90.56
CA HIS FA 30 6.75 15.69 91.24
C HIS FA 30 7.26 14.62 90.31
N ILE FA 31 6.72 14.54 89.09
CA ILE FA 31 7.16 13.46 88.21
C ILE FA 31 8.61 13.68 87.80
N VAL FA 32 9.03 14.92 87.60
CA VAL FA 32 10.41 15.17 87.18
C VAL FA 32 11.37 14.82 88.30
N VAL FA 33 11.11 15.32 89.51
CA VAL FA 33 12.07 15.13 90.60
C VAL FA 33 12.08 13.67 91.03
N ASN FA 34 10.90 13.07 91.17
CA ASN FA 34 10.76 11.74 91.72
C ASN FA 34 10.45 10.71 90.65
N GLY FA 35 10.69 11.01 89.39
CA GLY FA 35 10.38 10.10 88.31
C GLY FA 35 11.23 8.84 88.34
N THR FA 36 11.26 8.12 87.22
CA THR FA 36 12.02 6.89 87.12
C THR FA 36 12.65 6.81 85.73
N GLY FA 37 13.79 6.10 85.66
CA GLY FA 37 14.53 5.95 84.43
C GLY FA 37 13.66 5.50 83.26
N GLN FA 40 9.01 10.27 82.41
CA GLN FA 40 9.28 11.56 81.82
C GLN FA 40 8.14 12.55 82.06
N ALA FA 41 8.32 13.78 81.60
CA ALA FA 41 7.35 14.83 81.77
C ALA FA 41 7.15 15.58 80.46
N VAL FA 42 5.95 16.12 80.29
CA VAL FA 42 5.57 16.85 79.09
C VAL FA 42 5.14 18.24 79.49
N ALA FA 43 5.79 19.25 78.89
CA ALA FA 43 5.39 20.62 79.14
C ALA FA 43 4.24 21.00 78.20
N GLU FA 44 3.65 22.18 78.46
CA GLU FA 44 2.60 22.68 77.60
C GLU FA 44 3.08 22.88 76.17
N ASP FA 45 4.38 23.11 75.97
CA ASP FA 45 4.93 23.23 74.62
C ASP FA 45 5.03 21.89 73.91
N GLY FA 46 4.77 20.79 74.60
CA GLY FA 46 4.90 19.47 74.03
C GLY FA 46 6.27 18.86 74.10
N SER FA 47 7.27 19.60 74.58
CA SER FA 47 8.62 19.07 74.69
C SER FA 47 8.77 18.27 75.99
N LEU FA 48 9.75 17.38 75.99
CA LEU FA 48 9.92 16.43 77.07
C LEU FA 48 10.94 16.95 78.09
N LEU FA 49 10.67 16.62 79.36
CA LEU FA 49 11.62 16.87 80.43
C LEU FA 49 11.95 15.56 81.13
N PRO FA 50 13.18 15.07 81.06
CA PRO FA 50 13.52 13.81 81.70
C PRO FA 50 13.65 13.97 83.20
N SER FA 51 13.23 12.94 83.92
CA SER FA 51 13.39 12.92 85.36
C SER FA 51 14.86 12.69 85.71
N VAL FA 52 15.24 13.14 86.90
CA VAL FA 52 16.64 13.08 87.30
C VAL FA 52 17.16 11.65 87.21
N ARG FA 53 16.41 10.70 87.74
CA ARG FA 53 16.86 9.31 87.67
C ARG FA 53 16.95 8.80 86.24
N LYS FA 54 16.36 9.51 85.28
CA LYS FA 54 16.57 9.22 83.87
C LYS FA 54 17.66 10.09 83.26
N ALA FA 55 17.72 11.37 83.61
CA ALA FA 55 18.76 12.23 83.07
C ALA FA 55 20.15 11.71 83.43
N LEU FA 56 20.28 11.03 84.57
CA LEU FA 56 21.57 10.51 84.96
C LEU FA 56 22.07 9.41 84.04
N ILE FA 57 21.21 8.88 83.17
CA ILE FA 57 21.56 7.76 82.31
C ILE FA 57 22.01 8.22 80.94
N ASP FA 58 21.31 9.21 80.37
CA ASP FA 58 21.54 9.56 78.97
C ASP FA 58 22.69 10.54 78.77
N ASN FA 59 23.30 11.04 79.83
CA ASN FA 59 24.35 12.03 79.72
C ASN FA 59 25.66 11.37 79.31
N LEU FA 60 26.64 12.20 78.94
CA LEU FA 60 27.91 11.72 78.39
C LEU FA 60 28.74 11.13 79.52
N TYR FA 61 29.09 9.85 79.36
CA TYR FA 61 30.01 9.17 80.26
C TYR FA 61 31.23 8.72 79.47
N PHE FA 62 32.41 9.03 79.97
CA PHE FA 62 33.64 8.55 79.37
C PHE FA 62 34.04 7.21 79.96
N LYS FA 63 34.75 6.42 79.15
CA LYS FA 63 35.37 5.22 79.67
C LYS FA 63 36.53 5.60 80.57
N THR FA 64 36.53 5.08 81.79
CA THR FA 64 37.43 5.57 82.82
C THR FA 64 38.89 5.14 82.62
N PRO FA 65 39.19 3.97 82.08
CA PRO FA 65 40.59 3.57 81.95
C PRO FA 65 41.19 4.15 80.70
N PRO FA 66 42.19 5.03 80.81
CA PRO FA 66 42.79 5.61 79.62
C PRO FA 66 43.77 4.65 78.96
N LEU FA 67 43.96 4.84 77.68
CA LEU FA 67 44.83 3.98 76.88
C LEU FA 67 46.13 4.70 76.53
N PRO FA 68 47.21 3.96 76.30
CA PRO FA 68 48.45 4.61 75.88
C PRO FA 68 48.35 5.21 74.48
N TRP FA 69 49.06 6.32 74.29
CA TRP FA 69 49.02 7.04 73.03
C TRP FA 69 49.85 6.35 71.96
N ARG FA 70 49.35 6.44 70.72
CA ARG FA 70 50.10 5.94 69.57
C ARG FA 70 49.98 6.82 68.34
N ASN FA 71 49.28 7.95 68.38
CA ASN FA 71 49.01 8.80 67.21
C ASN FA 71 48.49 7.97 66.03
N GLY FA 72 47.79 6.87 66.32
CA GLY FA 72 47.24 6.03 65.27
C GLY FA 72 46.11 6.72 64.52
N VAL FA 75 41.33 5.21 67.29
CA VAL FA 75 40.88 6.34 66.49
C VAL FA 75 39.45 6.12 66.02
N ASN FA 76 38.67 5.37 66.80
CA ASN FA 76 37.34 4.95 66.39
C ASN FA 76 36.23 5.34 67.37
N GLU FA 77 36.57 5.93 68.52
CA GLU FA 77 35.55 6.30 69.49
C GLU FA 77 35.81 7.67 70.09
N PHE FA 78 34.73 8.41 70.30
CA PHE FA 78 34.77 9.71 70.95
C PHE FA 78 34.63 9.60 72.44
N ASN FA 79 34.54 8.38 72.97
CA ASN FA 79 34.22 8.18 74.37
C ASN FA 79 35.28 7.42 75.14
N GLN FA 80 36.38 7.03 74.52
CA GLN FA 80 37.47 6.34 75.19
C GLN FA 80 38.67 7.28 75.30
N LEU FA 81 39.26 7.34 76.48
CA LEU FA 81 40.37 8.24 76.72
C LEU FA 81 41.71 7.59 76.36
N TYR FA 82 42.72 8.43 76.18
CA TYR FA 82 44.06 7.99 75.89
C TYR FA 82 45.05 8.79 76.73
N SER FA 83 46.19 8.17 77.03
CA SER FA 83 47.19 8.76 77.91
C SER FA 83 48.49 8.94 77.15
N PHE FA 84 49.19 10.03 77.47
CA PHE FA 84 50.42 10.37 76.77
C PHE FA 84 51.28 11.21 77.69
N THR FA 85 52.60 11.11 77.51
CA THR FA 85 53.55 11.91 78.27
C THR FA 85 54.96 11.62 77.80
N THR FA 92 48.96 13.21 80.75
CA THR FA 92 47.88 13.95 80.11
C THR FA 92 46.90 13.00 79.44
N TRP FA 93 45.62 13.34 79.47
CA TRP FA 93 44.58 12.51 78.90
C TRP FA 93 44.03 13.15 77.63
N TRP FA 94 43.61 12.31 76.70
CA TRP FA 94 43.24 12.76 75.37
C TRP FA 94 42.04 11.98 74.87
N TYR FA 95 41.37 12.54 73.87
CA TYR FA 95 40.21 11.93 73.26
C TYR FA 95 40.00 12.54 71.88
N ALA FA 96 39.21 11.84 71.06
CA ALA FA 96 38.97 12.25 69.69
C ALA FA 96 37.51 12.62 69.51
N PRO FA 97 37.17 13.91 69.40
CA PRO FA 97 35.76 14.28 69.29
C PRO FA 97 35.09 13.71 68.06
N PHE FA 117 42.87 16.08 67.44
CA PHE FA 117 42.64 15.61 68.81
C PHE FA 117 42.36 16.76 69.76
N LYS FA 118 41.87 16.41 70.95
CA LYS FA 118 41.61 17.38 72.01
C LYS FA 118 42.03 16.78 73.34
N VAL FA 119 42.82 17.56 74.08
CA VAL FA 119 43.27 17.11 75.40
C VAL FA 119 42.08 17.18 76.36
N PHE FA 120 42.16 16.40 77.42
CA PHE FA 120 41.09 16.31 78.40
C PHE FA 120 41.51 16.76 79.79
N LEU FA 121 42.66 16.31 80.29
CA LEU FA 121 43.17 16.72 81.58
C LEU FA 121 44.62 17.13 81.44
N ASP FA 122 44.85 18.43 81.31
CA ASP FA 122 46.17 19.02 81.48
C ASP FA 122 46.32 19.41 82.95
N LYS FA 123 47.36 20.17 83.28
CA LYS FA 123 47.63 20.55 84.67
C LYS FA 123 47.65 22.06 84.86
N THR FA 124 47.16 22.83 83.89
CA THR FA 124 47.23 24.28 83.95
C THR FA 124 45.86 24.87 84.29
N ASN FA 125 45.89 25.99 85.00
CA ASN FA 125 44.66 26.71 85.29
C ASN FA 125 44.21 27.48 84.06
N ILE FA 126 42.98 27.98 84.10
CA ILE FA 126 42.43 28.77 83.01
C ILE FA 126 42.33 30.22 83.46
N ALA FA 127 41.98 30.42 84.73
CA ALA FA 127 41.79 31.77 85.25
C ALA FA 127 43.08 32.59 85.19
N ASP FA 128 44.21 31.91 85.01
CA ASP FA 128 45.49 32.62 85.01
C ASP FA 128 45.85 33.16 83.64
N ILE FA 129 45.14 32.79 82.58
CA ILE FA 129 45.52 33.19 81.22
C ILE FA 129 44.39 33.92 80.53
N TYR FA 130 43.16 33.69 80.97
CA TYR FA 130 41.98 34.27 80.32
C TYR FA 130 41.44 35.41 81.15
N ALA FA 131 41.31 36.56 80.54
CA ALA FA 131 40.92 37.76 81.27
C ALA FA 131 39.45 37.68 81.67
N PRO FA 132 39.11 37.93 82.93
CA PRO FA 132 37.70 38.05 83.29
C PRO FA 132 37.11 39.30 82.70
N LEU FA 133 35.83 39.22 82.33
CA LEU FA 133 35.19 40.38 81.72
C LEU FA 133 35.00 41.51 82.71
N ASN FA 134 35.20 41.26 84.00
CA ASN FA 134 35.02 42.25 85.05
C ASN FA 134 36.37 42.69 85.58
N SER FA 135 36.68 43.97 85.44
CA SER FA 135 37.90 44.54 85.99
C SER FA 135 39.13 43.79 85.52
N PRO FA 136 39.32 43.59 84.22
CA PRO FA 136 40.55 42.94 83.75
C PRO FA 136 41.72 43.90 83.78
N ASN FA 137 42.93 43.32 83.69
CA ASN FA 137 44.17 44.07 83.59
C ASN FA 137 45.00 43.46 82.46
N PHE FA 138 44.75 43.93 81.24
CA PHE FA 138 45.46 43.39 80.09
C PHE FA 138 46.89 43.90 80.04
N VAL FA 139 47.76 43.12 79.40
CA VAL FA 139 49.15 43.46 79.24
C VAL FA 139 49.56 43.19 77.79
N GLY FA 140 50.63 43.86 77.37
CA GLY FA 140 51.14 43.68 76.03
C GLY FA 140 50.56 44.66 75.03
N ASN FA 141 49.87 44.15 74.02
CA ASN FA 141 49.32 44.97 72.93
C ASN FA 141 47.88 44.55 72.65
N PRO FA 142 46.94 45.01 73.47
CA PRO FA 142 45.54 44.78 73.15
C PRO FA 142 45.08 45.57 71.93
N ARG FA 143 44.15 44.97 71.18
CA ARG FA 143 43.65 45.55 69.94
C ARG FA 143 42.14 45.42 69.91
N VAL FA 144 41.50 46.35 69.20
CA VAL FA 144 40.06 46.30 68.98
C VAL FA 144 39.80 46.77 67.55
N PRO FA 145 38.63 46.48 66.98
CA PRO FA 145 38.32 47.05 65.66
C PRO FA 145 37.96 48.52 65.79
N THR FA 146 38.59 49.34 64.97
CA THR FA 146 38.40 50.77 65.06
C THR FA 146 36.94 51.14 64.79
N PRO FA 147 36.30 51.93 65.65
CA PRO FA 147 34.89 52.27 65.42
C PRO FA 147 34.74 53.26 64.28
N ALA FA 148 33.48 53.49 63.92
CA ALA FA 148 33.15 54.45 62.87
C ALA FA 148 33.47 55.86 63.35
N PRO FA 149 33.82 56.78 62.44
CA PRO FA 149 34.08 58.15 62.87
C PRO FA 149 32.84 58.77 63.50
N GLY FA 150 33.07 59.57 64.54
CA GLY FA 150 32.02 60.33 65.17
C GLY FA 150 31.14 59.57 66.13
N ASP FA 151 31.41 58.29 66.36
CA ASP FA 151 30.60 57.53 67.31
C ASP FA 151 30.74 58.10 68.71
N ASN FA 152 29.62 58.39 69.35
CA ASN FA 152 29.57 58.82 70.74
C ASN FA 152 28.73 57.79 71.48
N SER FA 153 29.39 56.71 71.91
CA SER FA 153 28.72 55.62 72.57
C SER FA 153 29.69 55.00 73.57
N GLN FA 154 29.36 53.82 74.08
CA GLN FA 154 30.17 53.13 75.06
C GLN FA 154 31.21 52.21 74.44
N SER FA 155 31.29 52.16 73.11
CA SER FA 155 32.32 51.35 72.48
C SER FA 155 33.71 51.88 72.87
N ILE FA 156 34.72 51.11 72.51
CA ILE FA 156 36.10 51.43 72.85
C ILE FA 156 36.74 52.16 71.67
N PRO FA 157 37.36 53.32 71.88
CA PRO FA 157 38.10 53.97 70.79
C PRO FA 157 39.50 53.43 70.66
N THR FA 158 40.06 53.53 69.45
CA THR FA 158 41.40 53.09 69.19
C THR FA 158 42.36 54.28 69.14
N THR FA 159 43.61 54.03 69.51
CA THR FA 159 44.61 55.09 69.51
C THR FA 159 44.68 55.77 68.15
N GLY FA 160 44.52 55.00 67.08
CA GLY FA 160 44.59 55.55 65.73
C GLY FA 160 43.26 56.10 65.28
N TRP FA 161 42.29 56.12 66.18
CA TRP FA 161 40.99 56.72 65.88
C TRP FA 161 40.91 58.07 66.58
N VAL FA 162 41.29 58.10 67.86
CA VAL FA 162 41.29 59.36 68.58
C VAL FA 162 42.31 60.31 67.96
N GLN FA 163 43.49 59.79 67.61
CA GLN FA 163 44.52 60.60 67.00
C GLN FA 163 44.02 61.21 65.69
N SER FA 164 43.28 60.43 64.91
CA SER FA 164 42.59 61.00 63.77
C SER FA 164 41.56 62.03 64.21
N GLU FA 165 40.83 61.74 65.30
CA GLU FA 165 39.82 62.67 65.78
C GLU FA 165 40.41 64.01 66.21
N MET FA 166 41.65 64.01 66.70
CA MET FA 166 42.22 65.25 67.20
C MET FA 166 42.36 66.29 66.10
N GLU FA 167 42.76 65.84 64.90
CA GLU FA 167 43.09 66.79 63.83
C GLU FA 167 41.87 67.57 63.38
N GLY FA 168 40.67 66.97 63.47
CA GLY FA 168 39.48 67.68 63.06
C GLY FA 168 39.27 68.96 63.84
N LEU FA 169 39.41 68.89 65.16
CA LEU FA 169 39.27 70.08 65.99
C LEU FA 169 40.47 71.00 65.83
N GLU FA 170 41.63 70.46 65.51
CA GLU FA 170 42.81 71.29 65.32
C GLU FA 170 42.56 72.32 64.23
N ASP FA 171 41.89 71.91 63.17
CA ASP FA 171 41.60 72.80 62.05
C ASP FA 171 40.48 73.77 62.41
N ASP GA 14 -6.32 42.29 102.87
CA ASP GA 14 -7.59 41.74 103.31
C ASP GA 14 -7.73 40.31 102.82
N ALA GA 15 -8.40 40.12 101.68
CA ALA GA 15 -8.48 38.83 101.02
C ALA GA 15 -8.11 38.97 99.56
N ASP GA 16 -8.40 40.14 99.00
CA ASP GA 16 -8.02 40.42 97.62
C ASP GA 16 -6.51 40.31 97.45
N LYS GA 17 -5.76 40.79 98.44
CA LYS GA 17 -4.31 40.73 98.36
C LYS GA 17 -3.81 39.31 98.51
N ALA GA 18 -4.47 38.49 99.33
CA ALA GA 18 -4.13 37.08 99.38
C ALA GA 18 -4.33 36.43 98.01
N VAL GA 19 -5.44 36.75 97.35
CA VAL GA 19 -5.70 36.19 96.03
C VAL GA 19 -4.65 36.68 95.03
N ASP GA 20 -4.25 37.94 95.15
CA ASP GA 20 -3.21 38.47 94.28
C ASP GA 20 -1.92 37.68 94.46
N GLN GA 21 -1.55 37.42 95.72
CA GLN GA 21 -0.38 36.58 95.98
C GLN GA 21 -0.54 35.24 95.29
N ILE GA 22 -1.71 34.63 95.41
CA ILE GA 22 -1.92 33.31 94.81
C ILE GA 22 -1.66 33.38 93.31
N ILE GA 23 -2.24 34.38 92.64
CA ILE GA 23 -2.19 34.40 91.18
C ILE GA 23 -0.77 34.70 90.71
N GLU GA 24 -0.09 35.63 91.36
CA GLU GA 24 1.29 35.92 90.97
C GLU GA 24 2.17 34.69 91.18
N ASP GA 25 2.00 34.03 92.31
CA ASP GA 25 2.75 32.81 92.55
C ASP GA 25 2.46 31.78 91.46
N SER GA 26 1.19 31.69 91.03
CA SER GA 26 0.84 30.70 90.03
C SER GA 26 1.53 30.97 88.71
N LYS GA 27 1.52 32.21 88.25
CA LYS GA 27 2.18 32.51 86.98
C LYS GA 27 3.69 32.32 87.09
N ARG GA 28 4.27 32.70 88.24
CA ARG GA 28 5.70 32.45 88.43
C ARG GA 28 6.00 30.97 88.32
N LEU GA 29 5.21 30.14 89.00
CA LEU GA 29 5.45 28.70 88.98
C LEU GA 29 5.28 28.14 87.58
N HIS GA 30 4.29 28.65 86.85
CA HIS GA 30 4.10 28.20 85.48
C HIS GA 30 5.33 28.47 84.65
N ILE GA 31 5.85 29.69 84.70
CA ILE GA 31 7.03 30.00 83.90
C ILE GA 31 8.22 29.16 84.34
N VAL GA 32 8.37 28.96 85.66
CA VAL GA 32 9.52 28.23 86.17
C VAL GA 32 9.48 26.78 85.69
N VAL GA 33 8.32 26.13 85.82
CA VAL GA 33 8.22 24.75 85.38
C VAL GA 33 8.44 24.64 83.89
N ASN GA 34 7.85 25.56 83.12
CA ASN GA 34 7.99 25.48 81.67
C ASN GA 34 9.32 26.08 81.22
N GLY GA 35 9.51 27.38 81.48
CA GLY GA 35 10.77 27.97 81.08
C GLY GA 35 11.01 27.82 79.58
N THR GA 36 12.23 28.16 79.17
CA THR GA 36 12.58 28.05 77.77
C THR GA 36 14.01 27.59 77.53
N GLY GA 37 14.75 27.18 78.55
CA GLY GA 37 16.14 26.80 78.35
C GLY GA 37 17.08 27.97 78.42
N THR GA 38 16.86 28.99 77.60
CA THR GA 38 17.57 30.24 77.76
C THR GA 38 16.67 31.24 78.48
N GLU GA 39 16.30 30.93 79.72
CA GLU GA 39 15.33 31.75 80.43
C GLU GA 39 15.48 31.53 81.92
N GLN GA 40 15.16 32.58 82.68
CA GLN GA 40 15.15 32.51 84.13
C GLN GA 40 14.01 33.39 84.62
N ALA GA 41 13.33 32.92 85.66
CA ALA GA 41 12.14 33.60 86.16
C ALA GA 41 12.53 34.66 87.18
N VAL GA 42 11.56 35.50 87.54
CA VAL GA 42 11.76 36.60 88.46
C VAL GA 42 10.97 36.30 89.72
N ALA GA 43 11.68 36.20 90.85
CA ALA GA 43 11.02 35.98 92.12
C ALA GA 43 10.43 37.29 92.63
N GLU GA 44 9.56 37.19 93.63
CA GLU GA 44 9.00 38.39 94.23
C GLU GA 44 10.08 39.30 94.78
N ASP GA 45 11.01 38.75 95.55
CA ASP GA 45 12.20 39.50 95.91
C ASP GA 45 13.05 39.73 94.66
N GLY GA 46 14.17 40.41 94.85
CA GLY GA 46 15.00 40.76 93.72
C GLY GA 46 15.64 39.59 93.01
N SER GA 47 15.68 38.40 93.62
CA SER GA 47 16.36 37.28 93.03
C SER GA 47 15.57 36.73 91.84
N LEU GA 48 16.28 36.04 90.96
CA LEU GA 48 15.70 35.47 89.75
C LEU GA 48 15.75 33.95 89.85
N LEU GA 49 14.68 33.29 89.38
CA LEU GA 49 14.52 31.86 89.52
C LEU GA 49 14.83 31.17 88.21
N PRO GA 50 15.76 30.21 88.16
CA PRO GA 50 16.04 29.51 86.90
C PRO GA 50 14.97 28.47 86.60
N SER GA 51 14.81 28.19 85.30
CA SER GA 51 13.86 27.18 84.87
C SER GA 51 14.51 25.80 84.90
N VAL GA 52 13.66 24.77 84.85
CA VAL GA 52 14.18 23.40 84.83
C VAL GA 52 15.09 23.21 83.62
N ARG GA 53 14.68 23.74 82.47
CA ARG GA 53 15.50 23.63 81.28
C ARG GA 53 16.87 24.26 81.50
N LYS GA 54 16.96 25.25 82.37
CA LYS GA 54 18.27 25.75 82.80
C LYS GA 54 18.95 24.74 83.69
N ALA GA 55 18.36 24.45 84.86
CA ALA GA 55 19.05 23.67 85.86
C ALA GA 55 19.62 22.38 85.28
N LEU GA 56 18.87 21.72 84.40
CA LEU GA 56 19.39 20.51 83.78
C LEU GA 56 20.66 20.81 83.00
N ILE GA 57 20.58 21.67 81.99
CA ILE GA 57 21.77 21.99 81.22
C ILE GA 57 22.71 22.87 82.04
N ASP GA 58 22.18 23.55 83.04
CA ASP GA 58 23.00 24.43 83.85
C ASP GA 58 24.13 23.70 84.56
N ASN GA 59 23.86 22.55 85.16
CA ASN GA 59 24.94 21.88 85.87
C ASN GA 59 25.78 21.08 84.86
N LEU GA 60 25.22 20.00 84.35
CA LEU GA 60 25.69 19.36 83.12
C LEU GA 60 24.76 18.22 82.81
N TYR GA 61 24.23 18.16 81.59
CA TYR GA 61 23.40 17.06 81.16
C TYR GA 61 23.23 17.11 79.66
N PHE GA 62 23.15 15.95 79.02
CA PHE GA 62 23.06 15.86 77.58
C PHE GA 62 22.52 14.50 77.19
N LYS GA 63 22.29 14.32 75.88
CA LYS GA 63 22.06 13.00 75.31
C LYS GA 63 23.33 12.54 74.61
N THR GA 64 23.82 11.36 74.99
CA THR GA 64 25.22 11.03 74.71
C THR GA 64 25.55 10.98 73.23
N PRO GA 65 24.77 10.32 72.38
CA PRO GA 65 25.25 10.06 71.02
C PRO GA 65 25.26 11.33 70.18
N PRO GA 66 26.43 11.88 69.89
CA PRO GA 66 26.46 13.12 69.11
C PRO GA 66 25.87 12.90 67.72
N LEU GA 67 25.23 13.93 67.19
CA LEU GA 67 24.63 13.80 65.87
C LEU GA 67 25.32 14.73 64.88
N PRO GA 68 25.42 14.35 63.62
CA PRO GA 68 26.13 15.18 62.64
C PRO GA 68 25.39 16.49 62.38
N TRP GA 69 26.15 17.53 62.10
CA TRP GA 69 25.58 18.79 61.65
C TRP GA 69 25.02 18.61 60.23
N ARG GA 70 24.02 19.42 59.90
CA ARG GA 70 23.45 19.39 58.56
C ARG GA 70 22.86 20.75 58.22
N ASN GA 71 23.20 21.27 57.04
CA ASN GA 71 22.73 22.58 56.64
C ASN GA 71 21.23 22.64 56.48
N GLY GA 72 20.61 21.50 56.15
CA GLY GA 72 19.17 21.46 55.95
C GLY GA 72 18.42 20.93 57.15
N GLY GA 73 19.06 20.93 58.32
CA GLY GA 73 18.42 20.38 59.51
C GLY GA 73 17.83 21.45 60.40
N SER GA 74 16.81 21.08 61.18
CA SER GA 74 16.18 21.97 62.14
C SER GA 74 16.08 21.28 63.48
N VAL GA 75 16.55 21.95 64.53
CA VAL GA 75 16.66 21.38 65.85
C VAL GA 75 15.45 21.77 66.68
N ASN GA 76 15.02 20.86 67.55
CA ASN GA 76 13.84 21.08 68.37
C ASN GA 76 13.99 20.55 69.78
N GLU GA 77 15.22 20.33 70.24
CA GLU GA 77 15.47 19.64 71.50
C GLU GA 77 16.59 20.36 72.22
N PHE GA 78 16.38 20.65 73.50
CA PHE GA 78 17.21 21.63 74.20
C PHE GA 78 18.46 21.04 74.84
N ASN GA 79 18.73 19.75 74.63
CA ASN GA 79 19.72 19.08 75.46
C ASN GA 79 20.57 18.09 74.66
N GLN GA 80 20.51 18.15 73.33
CA GLN GA 80 21.28 17.24 72.50
C GLN GA 80 22.48 17.94 71.89
N LEU GA 81 23.54 17.18 71.67
CA LEU GA 81 24.78 17.68 71.08
C LEU GA 81 24.82 17.35 69.59
N TYR GA 82 25.21 18.34 68.79
CA TYR GA 82 25.38 18.15 67.35
C TYR GA 82 26.84 18.41 67.00
N SER GA 83 27.45 17.46 66.30
CA SER GA 83 28.87 17.53 65.99
C SER GA 83 29.05 18.28 64.69
N PHE GA 84 29.47 19.53 64.77
CA PHE GA 84 29.86 20.27 63.59
C PHE GA 84 31.29 19.92 63.21
N THR GA 85 31.61 20.07 61.93
CA THR GA 85 32.95 19.77 61.45
C THR GA 85 33.26 20.68 60.28
N ASP GA 86 34.56 20.86 60.01
CA ASP GA 86 35.01 21.65 58.88
C ASP GA 86 36.01 20.87 58.04
N GLY GA 89 39.22 18.67 59.93
CA GLY GA 89 38.33 17.85 60.73
C GLY GA 89 38.12 18.43 62.11
N ASN GA 90 38.07 19.76 62.18
CA ASN GA 90 37.93 20.43 63.47
C ASN GA 90 36.53 20.26 64.00
N THR GA 91 36.34 19.26 64.86
CA THR GA 91 35.02 18.87 65.34
C THR GA 91 34.73 19.52 66.70
N THR GA 92 33.58 20.17 66.80
CA THR GA 92 33.10 20.69 68.07
C THR GA 92 31.63 20.34 68.20
N TRP GA 93 31.18 20.22 69.44
CA TRP GA 93 29.82 19.78 69.74
C TRP GA 93 29.00 20.97 70.22
N TRP GA 94 27.79 21.09 69.71
CA TRP GA 94 26.99 22.30 69.88
C TRP GA 94 25.61 21.96 70.41
N TYR GA 95 24.98 22.94 71.04
CA TYR GA 95 23.64 22.80 71.57
C TYR GA 95 22.95 24.15 71.51
N ALA GA 96 21.63 24.15 71.68
CA ALA GA 96 20.83 25.37 71.65
C ALA GA 96 19.75 25.26 72.72
N PRO GA 97 19.93 25.90 73.88
CA PRO GA 97 18.94 25.74 74.95
C PRO GA 97 17.55 26.20 74.56
N GLY GA 98 17.45 27.23 73.73
CA GLY GA 98 16.15 27.78 73.37
C GLY GA 98 15.49 27.04 72.21
N ALA GA 99 15.71 25.74 72.12
CA ALA GA 99 15.17 24.91 71.05
C ALA GA 99 14.11 23.99 71.62
N THR GA 100 12.95 23.95 70.96
CA THR GA 100 11.85 23.09 71.37
C THR GA 100 11.12 22.58 70.14
N VAL GA 101 10.15 21.70 70.36
CA VAL GA 101 9.25 21.30 69.29
C VAL GA 101 8.38 22.48 68.89
N SER GA 102 7.94 23.28 69.85
CA SER GA 102 7.13 24.44 69.56
C SER GA 102 7.95 25.57 68.96
N ASN GA 103 9.25 25.64 69.26
CA ASN GA 103 10.12 26.70 68.75
C ASN GA 103 11.41 26.07 68.24
N PRO GA 104 11.35 25.42 67.08
CA PRO GA 104 12.56 24.79 66.54
C PRO GA 104 13.58 25.82 66.08
N VAL GA 105 14.78 25.36 65.74
CA VAL GA 105 15.82 26.23 65.20
C VAL GA 105 16.48 25.52 64.03
N VAL GA 106 16.89 26.30 63.03
CA VAL GA 106 17.42 25.73 61.80
C VAL GA 106 18.93 25.64 61.88
N MET GA 107 19.46 24.45 61.55
CA MET GA 107 20.90 24.30 61.38
C MET GA 107 21.31 25.04 60.12
N ARG GA 108 22.02 26.14 60.27
CA ARG GA 108 22.43 26.93 59.13
C ARG GA 108 23.66 26.29 58.50
N ASP GA 109 24.32 27.00 57.59
CA ASP GA 109 25.56 26.52 57.01
C ASP GA 109 26.58 26.24 58.10
N SER GA 110 26.69 27.14 59.08
CA SER GA 110 27.65 26.99 60.17
C SER GA 110 26.99 27.42 61.47
N PRO GA 111 27.35 26.79 62.60
CA PRO GA 111 26.80 27.23 63.88
C PRO GA 111 27.50 28.44 64.46
N ILE GA 112 28.69 28.78 63.96
CA ILE GA 112 29.45 29.89 64.54
C ILE GA 112 28.72 31.22 64.38
N ASN GA 113 27.84 31.32 63.39
CA ASN GA 113 27.16 32.57 63.10
C ASN GA 113 26.13 32.89 64.19
N GLY GA 115 24.01 31.72 66.63
CA GLY GA 115 23.10 32.44 67.50
C GLY GA 115 22.77 31.65 68.74
N LYS GA 116 21.59 31.01 68.74
CA LYS GA 116 21.22 30.19 69.88
C LYS GA 116 22.18 29.04 70.08
N PHE GA 117 22.94 28.67 69.05
CA PHE GA 117 23.91 27.60 69.20
C PHE GA 117 25.04 28.02 70.12
N LYS GA 118 25.45 27.07 70.96
CA LYS GA 118 26.61 27.24 71.83
C LYS GA 118 27.47 25.99 71.73
N VAL GA 119 28.75 26.17 71.93
CA VAL GA 119 29.71 25.09 71.75
C VAL GA 119 29.91 24.38 73.09
N PHE GA 120 30.13 23.08 73.01
CA PHE GA 120 30.46 22.29 74.19
C PHE GA 120 31.83 22.69 74.72
N LEU GA 121 31.98 22.66 76.04
CA LEU GA 121 33.20 23.13 76.68
C LEU GA 121 34.27 22.06 76.69
N ASP GA 122 35.52 22.48 76.45
CA ASP GA 122 36.69 21.64 76.54
C ASP GA 122 37.84 22.48 77.09
N LYS GA 123 38.83 21.81 77.67
CA LYS GA 123 39.97 22.58 78.15
C LYS GA 123 40.76 23.19 77.03
N THR GA 124 40.52 22.76 75.79
CA THR GA 124 40.99 23.50 74.63
C THR GA 124 39.97 24.58 74.33
N ASN GA 125 38.71 24.19 74.20
CA ASN GA 125 37.62 25.13 73.95
C ASN GA 125 37.19 25.81 75.24
N ALA GA 127 37.70 28.60 76.62
CA ALA GA 127 39.07 28.59 76.13
C ALA GA 127 39.11 28.55 74.61
N ASP GA 128 40.15 29.15 74.03
CA ASP GA 128 40.36 29.14 72.59
C ASP GA 128 39.35 30.03 71.88
N ILE GA 129 38.40 30.59 72.62
CA ILE GA 129 37.51 31.61 72.08
C ILE GA 129 37.44 32.83 72.98
N TYR GA 130 37.95 32.74 74.20
CA TYR GA 130 37.93 33.84 75.13
C TYR GA 130 39.24 34.62 75.04
N ALA GA 131 39.15 35.92 75.27
CA ALA GA 131 40.31 36.79 75.09
C ALA GA 131 41.38 36.47 76.12
N PRO GA 132 42.60 36.13 75.71
CA PRO GA 132 43.67 35.91 76.69
C PRO GA 132 44.11 37.23 77.31
N LEU GA 133 44.71 37.11 78.49
CA LEU GA 133 45.11 38.29 79.23
C LEU GA 133 46.12 39.14 78.46
N ASN GA 134 46.91 38.52 77.59
CA ASN GA 134 48.00 39.20 76.89
C ASN GA 134 47.60 39.51 75.46
N SER GA 135 47.65 40.80 75.11
CA SER GA 135 47.50 41.27 73.73
C SER GA 135 46.40 40.53 72.98
N PRO GA 136 45.16 40.58 73.45
CA PRO GA 136 44.07 39.92 72.74
C PRO GA 136 43.51 40.79 71.62
N ASN GA 137 43.06 40.12 70.57
CA ASN GA 137 42.38 40.78 69.46
C ASN GA 137 40.87 40.56 69.59
N PHE GA 138 40.12 41.64 69.53
CA PHE GA 138 38.68 41.58 69.66
C PHE GA 138 38.00 41.80 68.32
N VAL GA 139 36.76 41.34 68.24
CA VAL GA 139 35.96 41.49 67.03
C VAL GA 139 34.54 41.92 67.39
N ASN GA 141 32.20 44.10 68.72
CA ASN GA 141 32.01 45.45 69.24
C ASN GA 141 32.16 45.47 70.76
N PRO GA 142 33.40 45.45 71.24
CA PRO GA 142 33.63 45.47 72.69
C PRO GA 142 33.20 46.78 73.30
N ARG GA 143 32.76 46.71 74.56
CA ARG GA 143 32.29 47.88 75.28
C ARG GA 143 32.82 47.87 76.70
N VAL GA 144 32.94 49.06 77.27
CA VAL GA 144 33.41 49.24 78.64
C VAL GA 144 32.62 50.36 79.29
N PRO GA 145 32.52 50.35 80.62
CA PRO GA 145 31.83 51.44 81.31
C PRO GA 145 32.53 52.76 81.05
N THR GA 146 31.76 53.83 81.00
CA THR GA 146 32.33 55.16 80.79
C THR GA 146 33.02 55.63 82.06
N PRO GA 147 34.31 55.95 82.02
CA PRO GA 147 34.97 56.47 83.22
C PRO GA 147 34.55 57.91 83.48
N ALA GA 148 34.78 58.34 84.72
CA ALA GA 148 34.44 59.71 85.09
C ALA GA 148 35.32 60.69 84.34
N PRO GA 149 34.84 61.90 84.06
CA PRO GA 149 35.66 62.87 83.35
C PRO GA 149 36.90 63.24 84.16
N GLY GA 150 37.96 63.58 83.44
CA GLY GA 150 39.17 64.03 84.07
C GLY GA 150 40.04 62.93 84.65
N ASP GA 151 39.67 61.67 84.49
CA ASP GA 151 40.51 60.59 84.98
C ASP GA 151 41.79 60.50 84.16
N ASN GA 152 42.93 60.47 84.86
CA ASN GA 152 44.23 60.38 84.22
C ASN GA 152 44.84 59.00 84.37
N SER GA 153 44.08 58.04 84.91
CA SER GA 153 44.62 56.72 85.19
C SER GA 153 44.78 55.91 83.91
N GLN GA 154 45.12 54.64 84.08
CA GLN GA 154 45.26 53.72 82.97
C GLN GA 154 43.97 52.99 82.63
N SER GA 155 42.86 53.35 83.26
CA SER GA 155 41.57 52.81 82.87
C SER GA 155 41.31 53.15 81.40
N ILE GA 156 40.37 52.44 80.81
CA ILE GA 156 40.10 52.50 79.37
C ILE GA 156 38.95 53.46 79.12
N PRO GA 157 39.11 54.46 78.25
CA PRO GA 157 38.02 55.38 77.98
C PRO GA 157 37.08 54.84 76.92
N THR GA 158 35.87 55.41 76.90
CA THR GA 158 34.88 55.06 75.89
C THR GA 158 34.93 56.07 74.74
N THR GA 159 34.28 55.70 73.63
CA THR GA 159 34.20 56.61 72.49
C THR GA 159 33.49 57.90 72.88
N GLY GA 160 32.39 57.80 73.62
CA GLY GA 160 31.71 58.99 74.07
C GLY GA 160 32.54 59.80 75.05
N TRP GA 161 33.23 59.12 75.97
CA TRP GA 161 34.06 59.82 76.94
C TRP GA 161 35.07 60.70 76.24
N VAL GA 162 35.67 60.21 75.16
CA VAL GA 162 36.61 61.02 74.40
C VAL GA 162 35.92 62.29 73.91
N GLN GA 163 34.76 62.14 73.28
CA GLN GA 163 34.03 63.31 72.80
C GLN GA 163 33.58 64.18 73.96
N SER GA 164 33.11 63.56 75.04
CA SER GA 164 32.66 64.34 76.19
C SER GA 164 33.76 65.24 76.73
N GLU GA 165 35.02 64.79 76.66
CA GLU GA 165 36.14 65.61 77.10
C GLU GA 165 36.64 66.55 76.01
N MET GA 166 36.68 66.10 74.76
CA MET GA 166 37.03 67.01 73.68
C MET GA 166 36.06 68.17 73.60
N GLU GA 167 34.84 68.00 74.13
CA GLU GA 167 33.86 69.07 74.07
C GLU GA 167 34.32 70.31 74.82
N GLY GA 168 34.89 70.14 76.02
CA GLY GA 168 35.41 71.28 76.73
C GLY GA 168 36.49 72.00 75.93
N LEU GA 169 37.28 71.25 75.17
CA LEU GA 169 38.40 71.81 74.44
C LEU GA 169 37.93 72.86 73.43
N GLU GA 170 36.88 72.57 72.68
CA GLU GA 170 36.50 73.45 71.58
C GLU GA 170 36.12 74.82 72.09
N ASP GA 171 35.39 74.88 73.20
CA ASP GA 171 34.86 76.15 73.70
C ASP GA 171 35.96 76.95 74.39
N ASP HA 14 -20.93 31.65 107.42
CA ASP HA 14 -19.79 30.93 107.97
C ASP HA 14 -18.71 30.74 106.91
N ALA HA 15 -18.85 31.46 105.80
CA ALA HA 15 -17.79 31.48 104.80
C ALA HA 15 -16.54 32.15 105.35
N ASP HA 16 -16.66 32.89 106.46
CA ASP HA 16 -15.48 33.42 107.13
C ASP HA 16 -14.52 32.31 107.50
N LYS HA 17 -15.05 31.15 107.88
CA LYS HA 17 -14.21 30.02 108.19
C LYS HA 17 -13.37 29.58 107.01
N ALA HA 18 -13.98 29.45 105.83
CA ALA HA 18 -13.21 29.09 104.65
C ALA HA 18 -12.22 30.19 104.27
N VAL HA 19 -12.65 31.44 104.39
CA VAL HA 19 -11.77 32.55 104.05
C VAL HA 19 -10.54 32.54 104.96
N ASP HA 20 -10.73 32.20 106.22
CA ASP HA 20 -9.62 32.07 107.15
C ASP HA 20 -8.58 31.11 106.61
N GLN HA 21 -8.97 29.85 106.42
CA GLN HA 21 -8.03 28.84 105.96
C GLN HA 21 -7.38 29.27 104.64
N ILE HA 22 -8.16 29.87 103.75
CA ILE HA 22 -7.61 30.33 102.48
C ILE HA 22 -6.50 31.35 102.74
N ILE HA 23 -6.70 32.21 103.74
CA ILE HA 23 -5.77 33.31 103.97
C ILE HA 23 -4.38 32.79 104.27
N GLU HA 24 -4.25 31.82 105.18
CA GLU HA 24 -2.93 31.29 105.51
C GLU HA 24 -2.46 30.22 104.54
N ASP HA 25 -3.36 29.54 103.83
CA ASP HA 25 -2.90 28.68 102.75
C ASP HA 25 -2.19 29.49 101.68
N SER HA 26 -2.71 30.68 101.39
CA SER HA 26 -2.03 31.55 100.43
C SER HA 26 -0.62 31.87 100.91
N LYS HA 27 -0.46 32.17 102.19
CA LYS HA 27 0.86 32.51 102.72
C LYS HA 27 1.81 31.32 102.66
N ARG HA 28 1.32 30.12 103.00
CA ARG HA 28 2.14 28.93 102.87
C ARG HA 28 2.60 28.76 101.44
N LEU HA 29 1.68 28.90 100.48
CA LEU HA 29 2.05 28.78 99.08
C LEU HA 29 3.07 29.83 98.69
N HIS HA 30 2.87 31.06 99.17
CA HIS HA 30 3.77 32.15 98.82
C HIS HA 30 5.18 31.88 99.32
N ILE HA 31 5.32 31.44 100.56
CA ILE HA 31 6.64 31.15 101.06
C ILE HA 31 7.25 29.97 100.31
N VAL HA 32 6.43 28.97 99.95
CA VAL HA 32 6.97 27.84 99.21
C VAL HA 32 7.53 28.29 97.87
N VAL HA 33 6.80 29.13 97.15
CA VAL HA 33 7.28 29.60 95.86
C VAL HA 33 8.52 30.47 96.03
N ASN HA 34 8.47 31.41 96.96
CA ASN HA 34 9.55 32.34 97.20
C ASN HA 34 10.38 31.97 98.43
N GLY HA 35 10.58 30.69 98.68
CA GLY HA 35 11.30 30.26 99.86
C GLY HA 35 12.79 30.48 99.78
N THR HA 36 13.20 31.69 99.38
CA THR HA 36 14.61 32.09 99.30
C THR HA 36 15.37 30.95 98.62
N GLY HA 37 16.55 30.58 99.10
CA GLY HA 37 17.20 29.38 98.64
C GLY HA 37 16.59 28.15 99.28
N THR HA 38 16.24 28.26 100.56
CA THR HA 38 15.64 27.16 101.29
C THR HA 38 14.67 27.68 102.34
N GLU HA 39 13.43 27.20 102.27
CA GLU HA 39 12.45 27.43 103.32
C GLU HA 39 11.64 26.16 103.51
N GLN HA 40 11.17 25.96 104.73
CA GLN HA 40 10.44 24.75 105.10
C GLN HA 40 9.05 25.15 105.57
N ALA HA 41 8.13 25.26 104.61
CA ALA HA 41 6.74 25.55 104.94
C ALA HA 41 6.14 24.40 105.74
N VAL HA 42 5.29 24.74 106.69
CA VAL HA 42 4.70 23.77 107.60
C VAL HA 42 3.22 23.66 107.26
N ALA HA 43 2.77 22.44 106.96
CA ALA HA 43 1.37 22.21 106.67
C ALA HA 43 0.59 21.95 107.96
N GLU HA 44 -0.73 21.98 107.85
CA GLU HA 44 -1.59 21.71 108.99
C GLU HA 44 -1.38 20.32 109.57
N ASP HA 45 -0.97 19.36 108.74
CA ASP HA 45 -0.68 18.02 109.24
C ASP HA 45 0.63 17.98 110.00
N GLY HA 46 1.43 19.04 109.93
CA GLY HA 46 2.73 19.06 110.56
C GLY HA 46 3.85 18.59 109.67
N SER HA 47 3.56 17.92 108.56
CA SER HA 47 4.60 17.59 107.60
C SER HA 47 5.25 18.86 107.08
N LEU HA 48 6.36 18.70 106.37
CA LEU HA 48 7.22 19.81 105.99
C LEU HA 48 7.32 19.84 104.47
N LEU HA 49 7.03 21.00 103.89
CA LEU HA 49 7.04 21.13 102.44
C LEU HA 49 8.26 21.91 102.00
N PRO HA 50 8.96 21.47 100.94
CA PRO HA 50 10.18 22.17 100.54
C PRO HA 50 9.95 23.29 99.54
N SER HA 51 10.66 24.39 99.70
CA SER HA 51 10.66 25.44 98.69
C SER HA 51 11.05 24.87 97.34
N VAL HA 52 10.74 25.61 96.28
CA VAL HA 52 11.13 25.17 94.95
C VAL HA 52 12.64 25.05 94.87
N ARG HA 53 13.35 26.07 95.35
CA ARG HA 53 14.81 26.03 95.25
C ARG HA 53 15.40 24.91 96.09
N LYS HA 54 14.72 24.48 97.16
CA LYS HA 54 15.16 23.26 97.84
C LYS HA 54 15.01 22.06 96.93
N ALA HA 55 13.88 21.96 96.26
CA ALA HA 55 13.64 20.87 95.35
C ALA HA 55 14.61 20.85 94.22
N LEU HA 56 15.23 21.99 93.97
CA LEU HA 56 16.19 22.11 92.88
C LEU HA 56 17.62 21.77 93.28
N ILE HA 57 17.87 21.35 94.52
CA ILE HA 57 19.23 20.97 94.87
C ILE HA 57 19.65 19.77 94.05
N ASP HA 58 18.71 18.89 93.71
CA ASP HA 58 19.04 17.63 93.06
C ASP HA 58 19.82 17.86 91.78
N ASN HA 59 19.35 18.79 90.94
CA ASN HA 59 20.11 19.13 89.75
C ASN HA 59 21.37 19.90 90.11
N LEU HA 60 21.32 20.67 91.20
CA LEU HA 60 22.42 21.57 91.50
C LEU HA 60 23.72 20.86 91.80
N TYR HA 61 23.77 19.56 92.08
CA TYR HA 61 25.05 18.86 92.00
C TYR HA 61 26.08 19.47 92.93
N PHE HA 62 25.88 19.38 94.23
CA PHE HA 62 26.57 20.24 95.18
C PHE HA 62 28.07 20.02 95.14
N LYS HA 63 28.76 20.94 94.47
CA LYS HA 63 30.20 20.97 94.37
C LYS HA 63 30.79 21.84 95.49
N THR HA 64 30.61 21.37 96.71
CA THR HA 64 31.47 21.88 97.77
C THR HA 64 32.79 21.16 97.58
N PRO HA 65 33.86 21.58 98.26
CA PRO HA 65 35.12 20.87 98.12
C PRO HA 65 34.91 19.38 98.32
N PRO HA 66 35.07 18.59 97.25
CA PRO HA 66 34.73 17.16 97.35
C PRO HA 66 35.48 16.49 98.48
N LEU HA 67 34.79 15.60 99.16
CA LEU HA 67 35.43 14.84 100.23
C LEU HA 67 36.63 14.10 99.65
N PRO HA 68 37.80 14.17 100.29
CA PRO HA 68 38.99 13.56 99.70
C PRO HA 68 38.78 12.07 99.45
N TRP HA 69 39.37 11.57 98.37
CA TRP HA 69 39.27 10.15 98.08
C TRP HA 69 39.84 9.35 99.24
N ARG HA 70 39.23 8.20 99.49
CA ARG HA 70 39.75 7.28 100.49
C ARG HA 70 39.71 5.87 99.95
N ASN HA 71 40.25 4.96 100.74
CA ASN HA 71 40.02 3.53 100.58
C ASN HA 71 39.31 3.04 101.83
N GLY HA 72 38.19 2.36 101.63
CA GLY HA 72 37.30 2.10 102.75
C GLY HA 72 36.35 3.25 102.92
N GLY HA 73 35.31 3.06 103.73
CA GLY HA 73 34.22 4.01 103.77
C GLY HA 73 33.29 3.77 102.59
N SER HA 74 32.32 4.66 102.44
CA SER HA 74 31.36 4.50 101.36
C SER HA 74 30.74 5.84 101.01
N VAL HA 75 30.16 5.90 99.81
CA VAL HA 75 29.50 7.08 99.29
C VAL HA 75 28.00 6.85 99.37
N ASN HA 76 27.29 7.80 99.99
CA ASN HA 76 25.86 7.66 100.18
C ASN HA 76 25.04 8.52 99.24
N GLU HA 77 25.60 9.62 98.72
CA GLU HA 77 24.84 10.57 97.90
C GLU HA 77 25.32 10.43 96.46
N PHE HA 78 24.37 10.19 95.57
CA PHE HA 78 24.67 10.03 94.15
C PHE HA 78 25.37 11.25 93.58
N ASN HA 79 24.88 12.43 93.94
CA ASN HA 79 25.32 13.67 93.31
C ASN HA 79 26.45 14.35 94.07
N GLN HA 80 26.98 13.74 95.12
CA GLN HA 80 28.13 14.31 95.79
C GLN HA 80 29.41 13.94 95.05
N LEU HA 81 30.36 14.86 95.06
CA LEU HA 81 31.64 14.64 94.40
C LEU HA 81 32.70 14.26 95.42
N TYR HA 82 33.76 13.62 94.93
CA TYR HA 82 34.90 13.24 95.74
C TYR HA 82 36.18 13.59 95.03
N SER HA 83 37.18 14.02 95.80
CA SER HA 83 38.46 14.47 95.27
C SER HA 83 39.45 13.33 95.33
N PHE HA 84 40.11 13.05 94.20
CA PHE HA 84 41.10 12.00 94.12
C PHE HA 84 42.32 12.53 93.36
N THR HA 85 43.48 11.98 93.71
CA THR HA 85 44.74 12.35 93.08
C THR HA 85 45.48 11.10 92.67
N ASP HA 86 46.02 11.10 91.45
CA ASP HA 86 46.76 9.96 90.94
C ASP HA 86 48.21 10.03 91.40
N VAL HA 87 49.01 9.07 90.93
CA VAL HA 87 50.43 9.07 91.25
C VAL HA 87 51.17 10.25 90.66
N SER HA 88 50.71 10.78 89.54
CA SER HA 88 51.35 11.93 88.91
C SER HA 88 50.76 13.23 89.44
N ASN HA 90 47.95 14.41 88.66
CA ASN HA 90 46.65 14.90 88.24
C ASN HA 90 45.63 14.82 89.37
N THR HA 91 44.59 15.63 89.24
CA THR HA 91 43.48 15.65 90.18
C THR HA 91 42.16 15.51 89.44
N THR HA 92 41.24 14.75 90.03
CA THR HA 92 39.95 14.53 89.42
C THR HA 92 38.88 14.48 90.50
N TRP HA 93 37.64 14.72 90.09
CA TRP HA 93 36.50 14.62 90.98
C TRP HA 93 35.56 13.54 90.46
N TRP HA 94 35.11 12.68 91.38
CA TRP HA 94 34.39 11.48 91.00
C TRP HA 94 33.08 11.39 91.77
N TYR HA 95 32.09 10.77 91.15
CA TYR HA 95 30.80 10.51 91.76
C TYR HA 95 30.25 9.20 91.22
N ALA HA 96 29.43 8.55 92.05
CA ALA HA 96 28.82 7.26 91.71
C ALA HA 96 27.32 7.46 91.60
N PRO HA 97 26.80 7.60 90.38
CA PRO HA 97 25.36 7.87 90.22
C PRO HA 97 24.49 6.81 90.83
N GLY HA 98 24.97 5.58 90.96
CA GLY HA 98 24.20 4.54 91.60
C GLY HA 98 24.18 4.59 93.11
N ALA HA 99 24.90 5.54 93.71
CA ALA HA 99 24.98 5.63 95.15
C ALA HA 99 23.63 6.05 95.73
N THR HA 100 23.17 5.30 96.72
CA THR HA 100 21.89 5.59 97.36
C THR HA 100 21.95 5.09 98.79
N VAL HA 101 21.01 5.58 99.60
CA VAL HA 101 20.83 5.01 100.93
C VAL HA 101 20.36 3.57 100.78
N SER HA 102 20.76 2.71 101.71
CA SER HA 102 20.41 1.30 101.65
C SER HA 102 21.16 0.61 100.52
N ASN HA 103 22.03 1.33 99.83
CA ASN HA 103 22.88 0.78 98.79
C ASN HA 103 24.05 1.72 98.58
N PRO HA 104 24.83 1.99 99.62
CA PRO HA 104 25.98 2.88 99.48
C PRO HA 104 27.05 2.23 98.63
N VAL HA 105 27.81 3.07 97.93
CA VAL HA 105 28.90 2.57 97.10
C VAL HA 105 30.13 2.39 97.99
N VAL HA 106 30.57 1.15 98.14
CA VAL HA 106 31.75 0.87 98.93
C VAL HA 106 32.94 1.56 98.29
N MET HA 107 33.82 2.09 99.12
CA MET HA 107 34.92 2.88 98.62
C MET HA 107 35.95 1.96 97.99
N ARG HA 108 36.96 2.51 97.34
CA ARG HA 108 37.99 1.66 96.73
C ARG HA 108 39.29 2.45 96.63
N ASP HA 109 40.33 1.76 96.17
CA ASP HA 109 41.65 2.39 96.06
C ASP HA 109 41.66 3.53 95.05
N SER HA 110 41.06 3.33 93.88
CA SER HA 110 41.09 4.34 92.85
C SER HA 110 39.89 4.14 91.94
N PRO HA 111 39.25 5.22 91.49
CA PRO HA 111 38.06 5.05 90.64
C PRO HA 111 38.37 4.62 89.23
N ILE HA 112 39.64 4.65 88.81
CA ILE HA 112 39.97 4.41 87.41
C ILE HA 112 39.55 3.01 86.97
N ASN HA 113 39.32 2.11 87.91
CA ASN HA 113 38.81 0.77 87.61
C ASN HA 113 37.62 0.45 88.49
N ASP HA 114 36.79 1.46 88.76
CA ASP HA 114 35.68 1.38 89.71
C ASP HA 114 34.46 2.00 89.04
N GLY HA 115 34.10 1.48 87.87
CA GLY HA 115 33.13 2.14 87.00
C GLY HA 115 31.86 2.58 87.71
N LYS HA 116 31.67 2.14 88.96
CA LYS HA 116 30.67 2.79 89.79
C LYS HA 116 30.87 4.30 89.82
N PHE HA 117 32.13 4.74 89.79
CA PHE HA 117 32.50 6.14 89.85
C PHE HA 117 32.74 6.67 88.45
N LYS HA 118 32.56 7.98 88.27
CA LYS HA 118 32.81 8.63 86.99
C LYS HA 118 33.28 10.04 87.24
N VAL HA 119 34.09 10.55 86.30
CA VAL HA 119 34.74 11.84 86.48
C VAL HA 119 33.74 12.97 86.23
N PHE HA 120 34.10 14.16 86.71
CA PHE HA 120 33.28 15.34 86.52
C PHE HA 120 34.17 16.52 86.15
N LEU HA 121 33.57 17.51 85.47
CA LEU HA 121 34.29 18.66 84.95
C LEU HA 121 33.75 19.94 85.59
N ASP HA 122 34.19 21.09 85.07
CA ASP HA 122 33.75 22.39 85.55
C ASP HA 122 33.04 23.13 84.43
N LYS HA 123 31.92 23.79 84.79
CA LYS HA 123 31.11 24.46 83.78
C LYS HA 123 31.57 25.90 83.57
N THR HA 124 31.84 26.63 84.65
CA THR HA 124 32.14 28.05 84.54
C THR HA 124 33.36 28.24 83.66
N ASN HA 125 33.22 29.05 82.61
CA ASN HA 125 34.29 29.20 81.62
C ASN HA 125 35.60 29.54 82.29
N ASP HA 128 30.68 33.41 81.17
CA ASP HA 128 30.38 33.23 82.58
C ASP HA 128 31.08 34.30 83.40
N ILE HA 129 32.41 34.26 83.41
CA ILE HA 129 33.21 35.22 84.15
C ILE HA 129 34.31 35.78 83.27
N TYR HA 130 34.43 35.25 82.05
CA TYR HA 130 35.47 35.65 81.11
C TYR HA 130 34.88 36.26 79.86
N ALA HA 131 35.60 37.22 79.31
CA ALA HA 131 35.14 37.97 78.16
C ALA HA 131 35.40 37.18 76.89
N PRO HA 132 34.38 36.88 76.08
CA PRO HA 132 34.64 36.24 74.80
C PRO HA 132 35.39 37.17 73.85
N LEU HA 133 36.11 36.57 72.91
CA LEU HA 133 36.88 37.36 71.95
C LEU HA 133 36.00 38.25 71.09
N ASN HA 134 34.70 37.98 71.03
CA ASN HA 134 33.79 38.69 70.14
C ASN HA 134 32.89 39.62 70.94
N SER HA 135 33.06 40.93 70.73
CA SER HA 135 32.19 41.95 71.29
C SER HA 135 31.87 41.70 72.76
N PRO HA 136 32.87 41.51 73.61
CA PRO HA 136 32.59 41.36 75.04
C PRO HA 136 32.07 42.66 75.62
N ASN HA 137 31.29 42.54 76.68
CA ASN HA 137 30.68 43.70 77.35
C ASN HA 137 31.26 43.77 78.77
N PHE HA 138 32.37 44.47 78.91
CA PHE HA 138 33.09 44.51 80.17
C PHE HA 138 32.36 45.35 81.21
N VAL HA 139 32.64 45.06 82.47
CA VAL HA 139 32.12 45.81 83.60
C VAL HA 139 33.24 46.04 84.60
N GLY HA 140 33.05 47.05 85.45
CA GLY HA 140 34.05 47.38 86.44
C GLY HA 140 35.06 48.40 85.96
N ASN HA 141 36.35 48.10 86.10
CA ASN HA 141 37.43 49.02 85.74
C ASN HA 141 38.52 48.29 85.00
N PRO HA 142 38.36 48.10 83.69
CA PRO HA 142 39.45 47.54 82.90
C PRO HA 142 40.59 48.53 82.74
N ARG HA 143 41.80 47.98 82.58
CA ARG HA 143 43.00 48.79 82.44
C ARG HA 143 43.91 48.15 81.41
N VAL HA 144 44.74 48.96 80.79
CA VAL HA 144 45.72 48.48 79.83
C VAL HA 144 47.01 49.28 79.99
N PRO HA 145 48.15 48.79 79.50
CA PRO HA 145 49.37 49.60 79.53
C PRO HA 145 49.21 50.84 78.67
N THR HA 146 49.67 51.98 79.20
CA THR HA 146 49.58 53.22 78.45
C THR HA 146 50.29 53.06 77.11
N PRO HA 147 49.56 53.07 75.99
CA PRO HA 147 50.23 52.82 74.69
C PRO HA 147 51.23 53.91 74.32
N ALA HA 148 51.99 53.65 73.28
CA ALA HA 148 52.97 54.63 72.84
C ALA HA 148 52.26 55.91 72.41
N PRO HA 149 52.72 57.09 72.84
CA PRO HA 149 52.05 58.33 72.41
C PRO HA 149 52.08 58.54 70.90
N ASN HA 152 50.73 54.15 69.00
CA ASN HA 152 49.32 54.49 68.89
C ASN HA 152 48.63 53.59 67.85
N SER HA 153 47.93 54.18 66.89
CA SER HA 153 47.33 53.42 65.81
C SER HA 153 46.22 52.50 66.32
N GLN HA 154 46.51 51.22 66.50
CA GLN HA 154 45.47 50.25 66.78
C GLN HA 154 45.35 49.89 68.25
N SER HA 155 46.35 50.21 69.07
CA SER HA 155 46.31 49.82 70.47
C SER HA 155 45.20 50.56 71.20
N ILE HA 156 44.76 49.96 72.31
CA ILE HA 156 43.71 50.58 73.12
C ILE HA 156 44.31 51.70 73.96
N PRO HA 157 43.84 52.94 73.84
CA PRO HA 157 44.39 54.02 74.66
C PRO HA 157 43.82 54.00 76.07
N THR HA 158 44.54 54.66 76.98
CA THR HA 158 44.10 54.83 78.35
C THR HA 158 43.56 56.24 78.55
N THR HA 159 42.88 56.44 79.67
CA THR HA 159 42.34 57.76 79.99
C THR HA 159 43.46 58.79 80.04
N GLY HA 160 44.55 58.46 80.74
CA GLY HA 160 45.68 59.37 80.76
C GLY HA 160 46.34 59.53 79.42
N TRP HA 161 46.45 58.44 78.65
CA TRP HA 161 47.09 58.52 77.35
C TRP HA 161 46.41 59.57 76.48
N VAL HA 162 45.08 59.56 76.44
CA VAL HA 162 44.35 60.52 75.62
C VAL HA 162 44.60 61.93 76.11
N GLN HA 163 44.48 62.15 77.41
CA GLN HA 163 44.70 63.49 77.95
C GLN HA 163 46.11 63.97 77.65
N SER HA 164 47.11 63.14 77.93
CA SER HA 164 48.48 63.50 77.62
C SER HA 164 48.63 63.84 76.14
N GLU HA 165 47.96 63.10 75.27
CA GLU HA 165 48.00 63.41 73.84
C GLU HA 165 47.38 64.76 73.57
N MET HA 166 46.22 65.03 74.19
CA MET HA 166 45.55 66.30 74.00
C MET HA 166 46.18 67.40 74.84
N GLU HA 167 46.81 67.03 75.95
CA GLU HA 167 47.35 68.04 76.87
C GLU HA 167 48.27 69.01 76.15
N GLY HA 168 49.05 68.52 75.19
CA GLY HA 168 49.90 69.40 74.42
C GLY HA 168 49.16 70.23 73.39
N LEU HA 169 47.90 69.85 73.09
CA LEU HA 169 47.21 70.49 71.97
C LEU HA 169 46.50 71.77 72.41
N GLU HA 170 46.01 71.82 73.64
CA GLU HA 170 45.27 72.99 74.10
C GLU HA 170 46.08 74.26 73.89
N ASP HA 171 47.39 74.15 74.02
CA ASP HA 171 48.26 75.32 73.96
C ASP HA 171 48.44 75.80 72.52
N LYS IA 3 26.49 101.84 40.22
CA LYS IA 3 27.78 101.34 39.80
C LYS IA 3 27.96 99.86 40.16
N PRO IA 4 28.66 99.10 39.32
CA PRO IA 4 28.90 97.68 39.65
C PRO IA 4 29.66 97.55 40.96
N LYS IA 5 29.30 96.52 41.72
CA LYS IA 5 30.01 96.21 42.96
C LYS IA 5 31.30 95.44 42.73
N ASP IA 6 31.48 94.85 41.56
CA ASP IA 6 32.59 93.93 41.32
C ASP IA 6 33.88 94.72 41.14
N PRO IA 7 34.92 94.48 41.96
CA PRO IA 7 36.25 95.01 41.61
C PRO IA 7 36.89 94.20 40.51
N ILE IA 8 36.61 94.57 39.25
CA ILE IA 8 37.01 93.75 38.11
C ILE IA 8 38.44 93.24 38.26
N TYR IA 9 38.64 92.01 37.78
CA TYR IA 9 39.93 91.34 37.81
C TYR IA 9 40.25 90.81 36.42
N VAL IA 10 41.53 90.66 36.14
CA VAL IA 10 41.97 90.15 34.84
C VAL IA 10 41.95 88.63 34.87
N TRP IA 11 41.24 88.03 33.91
CA TRP IA 11 41.17 86.59 33.81
C TRP IA 11 42.47 86.05 33.22
N ALA IA 12 42.96 84.95 33.78
CA ALA IA 12 44.21 84.35 33.33
C ALA IA 12 45.32 85.38 33.30
N ALA IA 13 45.37 86.21 34.34
CA ALA IA 13 46.36 87.28 34.41
C ALA IA 13 47.78 86.75 34.38
N ALA IA 14 48.01 85.53 34.84
CA ALA IA 14 49.34 84.93 34.80
C ALA IA 14 49.59 84.29 33.44
N ASP IA 15 50.80 84.51 32.92
CA ASP IA 15 51.18 84.01 31.61
C ASP IA 15 52.24 82.92 31.79
N VAL IA 16 51.78 81.67 31.83
CA VAL IA 16 52.65 80.51 32.02
C VAL IA 16 52.10 79.36 31.19
N ASN IA 17 52.94 78.37 30.90
CA ASN IA 17 52.49 77.20 30.19
C ASN IA 17 51.52 76.39 31.05
N LEU IA 18 50.62 75.67 30.38
CA LEU IA 18 49.62 74.90 31.09
C LEU IA 18 50.27 73.74 31.85
N PRO IA 19 49.74 73.40 33.02
CA PRO IA 19 50.34 72.30 33.80
C PRO IA 19 50.33 70.97 33.08
N GLY IA 20 49.31 70.69 32.27
CA GLY IA 20 49.20 69.42 31.58
C GLY IA 20 49.61 69.51 30.14
N THR IA 21 49.88 70.72 29.64
CA THR IA 21 50.27 70.93 28.27
C THR IA 21 51.35 71.99 28.21
N GLY IA 22 52.41 71.72 27.46
CA GLY IA 22 53.56 72.62 27.40
C GLY IA 22 53.25 73.95 26.74
N ARG IA 23 52.15 74.05 26.01
CA ARG IA 23 51.83 75.29 25.31
C ARG IA 23 51.44 76.38 26.32
N PRO IA 24 51.51 77.65 25.92
CA PRO IA 24 51.10 78.73 26.82
C PRO IA 24 49.64 78.63 27.20
N ASN IA 25 49.25 79.32 28.27
CA ASN IA 25 47.86 79.31 28.73
C ASN IA 25 46.96 80.23 27.91
N LYS IA 26 47.52 81.07 27.04
CA LYS IA 26 46.74 81.98 26.22
C LYS IA 26 47.28 81.99 24.81
N SER IA 27 46.38 82.21 23.86
CA SER IA 27 46.75 82.28 22.45
C SER IA 27 45.66 83.01 21.69
N LYS IA 28 46.07 83.83 20.74
CA LYS IA 28 45.11 84.54 19.91
C LYS IA 28 44.47 83.58 18.91
N PRO IA 29 43.15 83.48 18.86
CA PRO IA 29 42.53 82.63 17.84
C PRO IA 29 42.81 83.13 16.44
N ILE IA 30 42.87 82.19 15.49
CA ILE IA 30 43.05 82.56 14.10
C ILE IA 30 41.89 83.44 13.65
N ASP IA 31 42.19 84.46 12.85
CA ASP IA 31 41.16 85.39 12.41
C ASP IA 31 40.03 84.66 11.69
N ASP IA 32 40.32 83.53 11.07
CA ASP IA 32 39.26 82.74 10.45
C ASP IA 32 38.15 82.45 11.43
N LEU IA 33 38.49 82.00 12.64
CA LEU IA 33 37.48 81.73 13.64
C LEU IA 33 36.89 83.02 14.21
N LEU IA 34 37.72 84.04 14.39
CA LEU IA 34 37.22 85.30 14.94
C LEU IA 34 36.13 85.89 14.06
N ALA IA 35 36.26 85.75 12.74
CA ALA IA 35 35.25 86.33 11.84
C ALA IA 35 33.96 85.53 11.84
N LYS IA 36 34.03 84.24 12.17
CA LYS IA 36 32.89 83.34 12.07
C LYS IA 36 32.31 82.95 13.42
N GLY IA 37 33.13 82.51 14.35
CA GLY IA 37 32.65 81.99 15.61
C GLY IA 37 32.51 80.47 15.60
N TYR IA 38 32.40 79.91 16.80
CA TYR IA 38 32.32 78.46 16.93
C TYR IA 38 31.13 77.92 16.17
N ASP IA 39 31.34 76.84 15.42
CA ASP IA 39 30.28 76.17 14.69
C ASP IA 39 29.90 74.85 15.36
N LYS IA 40 28.81 74.26 14.89
CA LYS IA 40 28.33 73.00 15.45
C LYS IA 40 29.43 71.94 15.41
N GLY IA 41 29.64 71.26 16.51
CA GLY IA 41 30.59 70.17 16.54
C GLY IA 41 32.03 70.57 16.76
N GLN IA 42 32.31 71.87 16.84
CA GLN IA 42 33.67 72.29 17.15
C GLN IA 42 33.94 72.10 18.64
N LYS IA 43 35.22 71.92 18.97
CA LYS IA 43 35.66 71.62 20.33
C LYS IA 43 36.48 72.80 20.85
N PRO IA 44 35.88 73.68 21.65
CA PRO IA 44 36.62 74.85 22.14
C PRO IA 44 37.83 74.44 22.96
N ALA IA 45 38.91 75.21 22.82
CA ALA IA 45 40.12 74.98 23.59
C ALA IA 45 40.29 76.07 24.63
N ALA IA 46 40.81 75.70 25.81
CA ALA IA 46 40.97 76.67 26.89
C ALA IA 46 41.85 77.84 26.46
N GLU IA 47 42.74 77.62 25.49
CA GLU IA 47 43.63 78.67 25.05
C GLU IA 47 42.87 79.90 24.56
N GLU IA 48 41.94 79.69 23.62
CA GLU IA 48 41.20 80.80 23.02
C GLU IA 48 40.28 81.47 24.04
N PHE IA 49 39.58 80.65 24.83
CA PHE IA 49 38.70 81.20 25.85
C PHE IA 49 39.48 82.09 26.82
N ASN IA 50 40.61 81.58 27.31
CA ASN IA 50 41.43 82.37 28.22
C ASN IA 50 41.94 83.64 27.57
N TYR IA 51 42.38 83.55 26.31
CA TYR IA 51 42.91 84.73 25.63
C TYR IA 51 41.84 85.80 25.50
N ILE IA 52 40.64 85.42 25.06
CA ILE IA 52 39.58 86.40 24.87
C ILE IA 52 39.15 87.01 26.20
N LEU IA 53 39.02 86.19 27.23
CA LEU IA 53 38.66 86.73 28.54
C LEU IA 53 39.73 87.68 29.05
N ASN IA 54 41.00 87.33 28.86
CA ASN IA 54 42.10 88.20 29.26
C ASN IA 54 41.99 89.54 28.55
N MET IA 55 41.81 89.51 27.23
CA MET IA 55 41.68 90.74 26.47
C MET IA 55 40.56 91.61 27.02
N SER IA 56 39.37 91.01 27.16
CA SER IA 56 38.22 91.78 27.61
C SER IA 56 38.45 92.38 28.99
N SER IA 57 38.89 91.55 29.95
CA SER IA 57 39.08 92.03 31.31
C SER IA 57 40.15 93.11 31.40
N ALA IA 58 41.29 92.92 30.74
CA ALA IA 58 42.34 93.92 30.79
C ALA IA 58 41.89 95.23 30.17
N TRP IA 59 41.21 95.16 29.02
CA TRP IA 59 40.79 96.40 28.37
C TRP IA 59 39.71 97.10 29.17
N VAL IA 60 38.89 96.35 29.91
CA VAL IA 60 37.88 96.99 30.75
C VAL IA 60 38.55 97.76 31.90
N ASN IA 61 39.47 97.09 32.60
CA ASN IA 61 40.04 97.72 33.79
C ASN IA 61 40.97 98.87 33.42
N TRP IA 62 41.68 98.76 32.29
CA TRP IA 62 42.49 99.88 31.85
C TRP IA 62 41.64 101.13 31.68
N ILE IA 63 40.52 101.00 30.97
CA ILE IA 63 39.63 102.14 30.76
C ILE IA 63 39.10 102.64 32.10
N VAL IA 64 38.67 101.72 32.96
CA VAL IA 64 38.01 102.12 34.20
C VAL IA 64 38.96 102.89 35.10
N ASN IA 65 40.19 102.39 35.25
CA ASN IA 65 41.09 102.89 36.28
C ASN IA 65 42.07 103.95 35.79
N GLU IA 66 42.40 103.97 34.49
CA GLU IA 66 43.45 104.87 34.02
C GLU IA 66 42.91 105.94 33.08
N LYS IA 67 42.21 105.52 32.02
CA LYS IA 67 41.83 106.45 30.97
C LYS IA 67 40.91 107.55 31.45
N PHE IA 68 40.04 107.28 32.42
CA PHE IA 68 39.07 108.28 32.87
C PHE IA 68 39.71 109.30 33.79
N PRO IA 69 40.50 108.88 34.78
CA PRO IA 69 41.22 109.87 35.59
C PRO IA 69 42.12 110.78 34.76
N GLU IA 70 42.78 110.22 33.74
CA GLU IA 70 43.61 111.04 32.86
C GLU IA 70 42.79 112.12 32.18
N LEU IA 71 41.65 111.73 31.61
CA LEU IA 71 40.80 112.69 30.92
C LEU IA 71 40.28 113.76 31.88
N GLU IA 72 39.90 113.34 33.10
CA GLU IA 72 39.42 114.32 34.07
C GLU IA 72 40.51 115.31 34.45
N ALA IA 73 41.73 114.81 34.66
CA ALA IA 73 42.84 115.69 35.00
C ALA IA 73 43.12 116.66 33.86
N GLU IA 74 43.08 116.16 32.62
CA GLU IA 74 43.28 117.03 31.47
C GLU IA 74 42.21 118.10 31.39
N ILE IA 75 40.95 117.74 31.63
CA ILE IA 75 39.86 118.72 31.61
C ILE IA 75 40.11 119.78 32.68
N ALA IA 76 40.45 119.35 33.89
CA ALA IA 76 40.67 120.30 34.97
C ALA IA 76 41.80 121.27 34.64
N ARG IA 77 42.92 120.73 34.17
CA ARG IA 77 44.06 121.57 33.84
C ARG IA 77 43.73 122.54 32.71
N LEU IA 78 43.04 122.07 31.68
CA LEU IA 78 42.67 122.93 30.57
C LEU IA 78 41.78 124.07 31.05
N LEU IA 79 40.76 123.74 31.85
CA LEU IA 79 39.86 124.78 32.35
C LEU IA 79 40.61 125.79 33.22
N ALA IA 80 41.49 125.32 34.10
CA ALA IA 80 42.23 126.23 34.96
C ALA IA 80 43.09 127.18 34.14
N GLU IA 81 43.85 126.64 33.19
CA GLU IA 81 44.73 127.47 32.38
C GLU IA 81 43.94 128.46 31.53
N LEU IA 82 42.84 127.99 30.95
CA LEU IA 82 42.00 128.88 30.14
C LEU IA 82 41.44 130.01 30.98
N GLU IA 83 40.95 129.70 32.18
CA GLU IA 83 40.45 130.73 33.07
C GLU IA 83 41.56 131.73 33.40
N ASN IA 84 42.77 131.23 33.68
CA ASN IA 84 43.86 132.10 34.05
C ASN IA 84 44.22 133.06 32.94
N ARG IA 85 44.24 132.59 31.69
CA ARG IA 85 44.58 133.48 30.58
C ARG IA 85 43.67 134.70 30.55
N ILE IA 86 42.35 134.46 30.53
CA ILE IA 86 41.40 135.56 30.43
C ILE IA 86 41.42 136.41 31.70
N ASN IA 87 41.62 135.79 32.86
CA ASN IA 87 41.74 136.58 34.08
C ASN IA 87 42.89 137.56 33.99
N GLN IA 88 44.06 137.10 33.54
CA GLN IA 88 45.21 137.99 33.39
C GLN IA 88 44.91 139.09 32.38
N GLN IA 89 44.37 138.73 31.22
CA GLN IA 89 44.13 139.73 30.18
C GLN IA 89 43.13 140.78 30.63
N LEU IA 90 42.05 140.37 31.31
CA LEU IA 90 41.09 141.35 31.82
C LEU IA 90 41.69 142.17 32.96
N ALA IA 91 42.60 141.59 33.74
CA ALA IA 91 43.31 142.39 34.73
C ALA IA 91 44.14 143.48 34.06
N VAL IA 92 44.77 143.16 32.95
CA VAL IA 92 45.51 144.16 32.18
C VAL IA 92 44.55 145.25 31.70
N LYS JA 3 49.18 99.01 30.36
CA LYS JA 3 48.19 99.10 29.30
C LYS JA 3 48.16 97.81 28.48
N PRO JA 4 46.99 97.45 27.94
CA PRO JA 4 46.94 96.29 27.04
C PRO JA 4 47.86 96.48 25.85
N LYS JA 5 48.45 95.37 25.40
CA LYS JA 5 49.57 95.40 24.49
C LYS JA 5 49.20 95.09 23.04
N ASP JA 6 47.99 94.63 22.78
CA ASP JA 6 47.59 94.15 21.46
C ASP JA 6 46.26 94.77 21.08
N PRO JA 7 45.98 94.85 19.77
CA PRO JA 7 44.69 95.39 19.35
C PRO JA 7 43.53 94.48 19.71
N ILE JA 8 42.35 95.06 19.81
CA ILE JA 8 41.16 94.34 20.26
C ILE JA 8 40.40 93.80 19.05
N TYR JA 9 40.43 92.48 18.88
CA TYR JA 9 39.71 91.85 17.79
C TYR JA 9 38.28 91.54 18.19
N VAL JA 10 37.38 91.47 17.21
CA VAL JA 10 36.00 91.12 17.45
C VAL JA 10 35.83 89.62 17.28
N TRP JA 11 34.92 89.04 18.05
CA TRP JA 11 34.61 87.61 17.93
C TRP JA 11 33.39 87.43 17.04
N ALA JA 12 33.49 86.51 16.08
CA ALA JA 12 32.42 86.24 15.13
C ALA JA 12 31.92 87.54 14.50
N ALA JA 13 32.86 88.31 13.95
CA ALA JA 13 32.52 89.62 13.41
C ALA JA 13 31.52 89.50 12.28
N ALA JA 14 31.73 88.55 11.38
CA ALA JA 14 30.89 88.44 10.20
C ALA JA 14 29.47 88.01 10.57
N ASP JA 15 28.54 88.33 9.68
CA ASP JA 15 27.13 87.96 9.82
C ASP JA 15 26.78 87.06 8.64
N VAL JA 16 26.93 85.76 8.82
CA VAL JA 16 26.78 84.79 7.74
C VAL JA 16 26.15 83.52 8.28
N ASN JA 17 25.60 82.71 7.38
CA ASN JA 17 25.02 81.43 7.76
C ASN JA 17 26.14 80.40 7.91
N LEU JA 18 26.23 79.79 9.08
CA LEU JA 18 27.27 78.81 9.32
C LEU JA 18 27.05 77.59 8.44
N PRO JA 19 28.13 76.96 7.93
CA PRO JA 19 27.94 75.76 7.11
C PRO JA 19 27.23 74.64 7.85
N GLY JA 20 27.62 74.39 9.11
CA GLY JA 20 27.02 73.30 9.85
C GLY JA 20 25.54 73.49 10.08
N THR JA 21 25.12 74.73 10.34
CA THR JA 21 23.72 75.02 10.66
C THR JA 21 22.94 75.58 9.48
N GLY JA 22 23.57 76.44 8.67
CA GLY JA 22 22.82 77.18 7.68
C GLY JA 22 21.99 78.30 8.26
N ARG JA 23 22.33 78.76 9.46
CA ARG JA 23 21.62 79.81 10.16
C ARG JA 23 22.60 80.89 10.58
N PRO JA 24 22.13 82.09 10.88
CA PRO JA 24 23.04 83.18 11.22
C PRO JA 24 23.94 82.81 12.39
N ASN JA 25 25.22 83.21 12.28
CA ASN JA 25 26.24 82.77 13.22
C ASN JA 25 26.04 83.36 14.61
N LYS JA 26 25.15 84.35 14.74
CA LYS JA 26 24.88 84.98 16.02
C LYS JA 26 23.39 85.11 16.22
N SER JA 27 22.96 84.98 17.48
CA SER JA 27 21.57 85.14 17.85
C SER JA 27 21.48 85.61 19.29
N LYS JA 28 20.44 86.38 19.60
CA LYS JA 28 20.24 86.85 20.95
C LYS JA 28 19.81 85.69 21.85
N PRO JA 29 20.42 85.52 23.02
CA PRO JA 29 19.88 84.57 23.98
C PRO JA 29 18.52 85.01 24.50
N ILE JA 30 17.68 84.05 24.86
CA ILE JA 30 16.36 84.37 25.37
C ILE JA 30 16.50 85.12 26.68
N ASP JA 31 15.60 86.09 26.90
CA ASP JA 31 15.71 86.96 28.07
C ASP JA 31 15.75 86.16 29.36
N ASP JA 32 14.94 85.10 29.45
CA ASP JA 32 14.93 84.29 30.65
C ASP JA 32 16.32 83.77 30.99
N LEU JA 33 17.07 83.33 29.97
CA LEU JA 33 18.42 82.82 30.21
C LEU JA 33 19.36 83.94 30.66
N LEU JA 34 19.23 85.13 30.06
CA LEU JA 34 20.04 86.25 30.51
C LEU JA 34 19.77 86.59 31.97
N ALA JA 35 18.51 86.49 32.39
CA ALA JA 35 18.17 86.87 33.76
C ALA JA 35 18.84 85.95 34.78
N LYS JA 36 19.12 84.70 34.43
CA LYS JA 36 19.66 83.75 35.40
C LYS JA 36 20.95 83.08 34.96
N GLY JA 37 21.09 82.77 33.68
CA GLY JA 37 22.26 82.07 33.20
C GLY JA 37 22.10 80.56 33.26
N TYR JA 38 23.17 79.86 32.92
CA TYR JA 38 23.13 78.41 32.80
C TYR JA 38 23.08 77.73 34.16
N ASP JA 39 22.59 76.50 34.16
CA ASP JA 39 22.55 75.63 35.33
C ASP JA 39 23.33 74.35 35.02
N LYS JA 40 23.39 73.45 36.01
CA LYS JA 40 24.08 72.18 35.80
C LYS JA 40 23.63 71.48 34.52
N GLY JA 41 22.35 71.12 34.44
CA GLY JA 41 21.86 70.39 33.30
C GLY JA 41 21.85 71.17 32.00
N GLN JA 42 21.48 72.44 32.05
CA GLN JA 42 21.40 73.23 30.83
C GLN JA 42 22.77 73.32 30.17
N LYS JA 43 22.75 73.43 28.84
CA LYS JA 43 23.97 73.38 28.06
C LYS JA 43 24.03 74.55 27.09
N PRO JA 44 25.23 75.03 26.75
CA PRO JA 44 25.32 76.23 25.91
C PRO JA 44 25.12 75.91 24.44
N ALA JA 45 24.50 76.85 23.73
CA ALA JA 45 24.37 76.77 22.30
C ALA JA 45 25.44 77.62 21.63
N ALA JA 46 25.83 77.24 20.42
CA ALA JA 46 26.90 77.95 19.72
C ALA JA 46 26.52 79.40 19.47
N GLU JA 47 25.27 79.64 19.06
CA GLU JA 47 24.87 81.00 18.70
C GLU JA 47 25.01 81.96 19.88
N GLU JA 48 24.45 81.58 21.03
CA GLU JA 48 24.55 82.44 22.21
C GLU JA 48 26.00 82.64 22.63
N PHE JA 49 26.78 81.56 22.60
CA PHE JA 49 28.18 81.64 22.98
C PHE JA 49 28.91 82.66 22.12
N ASN JA 50 28.76 82.57 20.80
CA ASN JA 50 29.40 83.54 19.93
C ASN JA 50 28.86 84.94 20.17
N TYR JA 51 27.55 85.07 20.36
CA TYR JA 51 26.93 86.39 20.46
C TYR JA 51 27.45 87.15 21.67
N ILE JA 52 27.59 86.47 22.81
CA ILE JA 52 28.03 87.17 24.01
C ILE JA 52 29.40 87.80 23.78
N LEU JA 53 30.36 87.00 23.30
CA LEU JA 53 31.71 87.51 23.08
C LEU JA 53 31.72 88.58 22.01
N ASN JA 54 30.92 88.41 20.95
CA ASN JA 54 30.86 89.42 19.91
C ASN JA 54 30.37 90.75 20.46
N MET JA 55 29.33 90.72 21.27
CA MET JA 55 28.81 91.96 21.86
C MET JA 55 29.88 92.61 22.74
N SER JA 56 30.53 91.81 23.58
CA SER JA 56 31.55 92.37 24.47
C SER JA 56 32.65 93.06 23.65
N SER JA 57 33.20 92.36 22.65
CA SER JA 57 34.29 92.92 21.87
C SER JA 57 33.85 94.14 21.09
N ALA JA 58 32.67 94.11 20.49
CA ALA JA 58 32.18 95.26 19.73
C ALA JA 58 32.01 96.48 20.61
N TRP JA 59 31.45 96.30 21.81
CA TRP JA 59 31.31 97.45 22.71
C TRP JA 59 32.66 97.94 23.20
N VAL JA 60 33.62 97.03 23.41
CA VAL JA 60 34.96 97.47 23.79
C VAL JA 60 35.58 98.33 22.70
N ASN JA 61 35.42 97.90 21.44
CA ASN JA 61 35.85 98.74 20.33
C ASN JA 61 35.19 100.10 20.37
N TRP JA 62 33.85 100.12 20.47
CA TRP JA 62 33.14 101.39 20.45
C TRP JA 62 33.58 102.31 21.57
N ILE JA 63 33.95 101.76 22.72
CA ILE JA 63 34.43 102.58 23.82
C ILE JA 63 35.83 103.10 23.55
N VAL JA 64 36.74 102.20 23.14
CA VAL JA 64 38.14 102.59 23.05
C VAL JA 64 38.40 103.42 21.80
N ASN JA 65 38.18 102.86 20.62
CA ASN JA 65 38.64 103.47 19.39
C ASN JA 65 37.69 104.51 18.82
N GLU JA 66 36.50 104.67 19.42
CA GLU JA 66 35.55 105.65 18.90
C GLU JA 66 35.23 106.71 19.94
N LYS JA 67 34.80 106.32 21.13
CA LYS JA 67 34.25 107.28 22.07
C LYS JA 67 35.31 108.27 22.57
N PHE JA 68 36.45 107.77 23.05
CA PHE JA 68 37.46 108.68 23.61
C PHE JA 68 38.02 109.63 22.56
N PRO JA 69 38.38 109.19 21.35
CA PRO JA 69 38.91 110.15 20.38
C PRO JA 69 37.96 111.30 20.08
N GLU JA 70 36.68 111.00 19.85
CA GLU JA 70 35.74 112.08 19.54
C GLU JA 70 35.43 112.92 20.77
N LEU JA 71 35.42 112.31 21.95
CA LEU JA 71 35.26 113.11 23.16
C LEU JA 71 36.42 114.09 23.32
N GLU JA 72 37.64 113.64 23.05
CA GLU JA 72 38.79 114.54 23.12
C GLU JA 72 38.69 115.65 22.08
N ALA JA 73 38.27 115.31 20.86
CA ALA JA 73 38.10 116.33 19.83
C ALA JA 73 37.06 117.37 20.27
N GLU JA 74 35.95 116.89 20.82
CA GLU JA 74 34.93 117.81 21.31
C GLU JA 74 35.46 118.68 22.44
N ILE JA 75 36.27 118.11 23.34
CA ILE JA 75 36.84 118.88 24.43
C ILE JA 75 37.71 120.00 23.89
N ALA JA 76 38.57 119.68 22.93
CA ALA JA 76 39.42 120.70 22.33
C ALA JA 76 38.58 121.78 21.64
N ARG JA 77 37.57 121.35 20.89
CA ARG JA 77 36.76 122.29 20.13
C ARG JA 77 36.01 123.25 21.05
N LEU JA 78 35.47 122.74 22.15
CA LEU JA 78 34.73 123.60 23.08
C LEU JA 78 35.64 124.72 23.59
N LEU JA 79 36.84 124.36 24.03
CA LEU JA 79 37.76 125.37 24.55
C LEU JA 79 38.15 126.36 23.45
N ALA JA 80 38.38 125.87 22.23
CA ALA JA 80 38.76 126.78 21.15
C ALA JA 80 37.64 127.78 20.87
N GLU JA 81 36.41 127.31 20.78
CA GLU JA 81 35.28 128.21 20.52
C GLU JA 81 35.09 129.21 21.66
N LEU JA 82 35.24 128.75 22.90
CA LEU JA 82 35.11 129.66 24.04
C LEU JA 82 36.19 130.74 23.99
N GLU JA 83 37.42 130.35 23.69
CA GLU JA 83 38.51 131.32 23.59
C GLU JA 83 38.23 132.33 22.49
N ASN JA 84 37.76 131.86 21.34
CA ASN JA 84 37.44 132.76 20.25
C ASN JA 84 36.37 133.76 20.66
N ARG JA 85 35.29 133.25 21.27
CA ARG JA 85 34.20 134.13 21.67
C ARG JA 85 34.67 135.18 22.66
N ILE JA 86 35.48 134.78 23.64
CA ILE JA 86 35.96 135.74 24.63
C ILE JA 86 36.88 136.76 23.98
N ASN JA 87 37.80 136.30 23.14
CA ASN JA 87 38.80 137.20 22.57
C ASN JA 87 38.17 138.19 21.60
N GLN JA 88 37.08 137.82 20.93
CA GLN JA 88 36.38 138.79 20.11
C GLN JA 88 35.96 139.99 20.94
N GLN JA 89 35.29 139.74 22.06
CA GLN JA 89 34.86 140.83 22.93
C GLN JA 89 36.06 141.58 23.50
N LEU JA 90 37.12 140.86 23.88
CA LEU JA 90 38.31 141.53 24.41
C LEU JA 90 38.90 142.49 23.39
N ALA JA 91 38.98 142.07 22.12
CA ALA JA 91 39.44 142.96 21.08
C ALA JA 91 38.51 144.15 20.91
N VAL JA 92 37.20 143.90 20.99
CA VAL JA 92 36.23 144.99 20.90
C VAL JA 92 36.55 146.07 21.92
N LYS KA 3 27.09 102.51 18.82
CA LYS KA 3 26.96 102.18 17.41
C LYS KA 3 26.33 100.80 17.18
N PRO KA 4 26.85 99.75 17.83
CA PRO KA 4 26.25 98.43 17.63
C PRO KA 4 24.76 98.44 17.98
N LYS KA 5 23.99 97.71 17.16
CA LYS KA 5 22.56 97.90 17.07
C LYS KA 5 21.77 97.08 18.09
N ASP KA 6 22.40 96.68 19.20
CA ASP KA 6 21.72 95.93 20.24
C ASP KA 6 22.01 96.59 21.59
N PRO KA 7 20.99 96.92 22.38
CA PRO KA 7 21.26 97.44 23.73
C PRO KA 7 22.04 96.44 24.56
N ILE KA 8 22.96 96.96 25.37
CA ILE KA 8 23.80 96.11 26.20
C ILE KA 8 22.93 95.36 27.19
N TYR KA 9 22.98 94.03 27.16
CA TYR KA 9 22.27 93.19 28.11
C TYR KA 9 23.26 92.62 29.11
N VAL KA 10 22.98 92.82 30.39
CA VAL KA 10 23.86 92.34 31.45
C VAL KA 10 23.56 90.87 31.69
N TRP KA 11 24.58 90.02 31.52
CA TRP KA 11 24.40 88.59 31.70
C TRP KA 11 24.15 88.27 33.18
N ALA KA 12 23.18 87.40 33.43
CA ALA KA 12 22.88 86.95 34.78
C ALA KA 12 22.68 88.13 35.72
N ALA KA 13 21.94 89.14 35.25
CA ALA KA 13 21.75 90.35 36.04
C ALA KA 13 21.14 90.02 37.39
N ALA KA 14 20.06 89.24 37.39
CA ALA KA 14 19.43 88.85 38.65
C ALA KA 14 20.29 87.85 39.40
N ASP KA 15 20.12 87.81 40.72
CA ASP KA 15 20.79 86.86 41.58
C ASP KA 15 19.76 85.99 42.28
N VAL KA 16 19.82 84.68 42.05
CA VAL KA 16 18.83 83.76 42.57
C VAL KA 16 19.47 82.40 42.78
N ASN KA 17 18.74 81.49 43.42
CA ASN KA 17 19.17 80.11 43.54
C ASN KA 17 18.69 79.30 42.35
N LEU KA 18 19.55 78.41 41.86
CA LEU KA 18 19.22 77.56 40.73
C LEU KA 18 18.80 76.19 41.23
N PRO KA 19 17.69 75.63 40.74
CA PRO KA 19 17.30 74.29 41.23
C PRO KA 19 18.37 73.25 41.02
N GLY KA 20 19.11 73.33 39.91
CA GLY KA 20 20.15 72.35 39.67
C GLY KA 20 21.22 72.34 40.74
N THR KA 21 21.74 73.52 41.09
CA THR KA 21 22.79 73.59 42.10
C THR KA 21 22.21 73.82 43.48
N GLY KA 22 21.17 74.65 43.58
CA GLY KA 22 20.71 75.16 44.85
C GLY KA 22 21.51 76.33 45.38
N ARG KA 23 22.47 76.82 44.61
CA ARG KA 23 23.39 77.86 45.03
C ARG KA 23 23.11 79.15 44.29
N PRO KA 24 23.65 80.28 44.76
CA PRO KA 24 23.48 81.53 44.02
C PRO KA 24 24.03 81.41 42.61
N ASN KA 25 23.34 82.04 41.66
CA ASN KA 25 23.69 81.88 40.26
C ASN KA 25 25.10 82.35 39.93
N LYS KA 26 25.70 83.19 40.77
CA LYS KA 26 27.03 83.72 40.53
C LYS KA 26 27.90 83.52 41.76
N SER KA 27 29.12 83.02 41.54
CA SER KA 27 30.10 82.87 42.59
C SER KA 27 31.46 83.33 42.08
N LYS KA 28 32.25 83.89 42.97
CA LYS KA 28 33.56 84.41 42.58
C LYS KA 28 34.54 83.26 42.38
N PRO KA 29 35.17 83.15 41.21
CA PRO KA 29 36.22 82.15 41.04
C PRO KA 29 37.36 82.40 42.01
N ILE KA 30 37.96 81.31 42.50
CA ILE KA 30 39.12 81.44 43.37
C ILE KA 30 40.24 82.13 42.61
N ASP KA 31 40.96 83.01 43.31
CA ASP KA 31 41.98 83.82 42.65
C ASP KA 31 43.01 82.99 41.92
N ASP KA 32 43.30 81.78 42.39
CA ASP KA 32 44.20 80.89 41.68
C ASP KA 32 43.74 80.71 40.24
N LEU KA 33 42.46 80.40 40.06
CA LEU KA 33 41.92 80.27 38.71
C LEU KA 33 41.97 81.59 37.94
N LEU KA 34 41.65 82.70 38.59
CA LEU KA 34 41.70 84.00 37.91
C LEU KA 34 43.09 84.23 37.31
N ALA KA 35 44.13 84.02 38.11
CA ALA KA 35 45.49 84.17 37.59
C ALA KA 35 45.78 83.14 36.51
N LYS KA 36 45.31 81.90 36.71
CA LYS KA 36 45.74 80.80 35.85
C LYS KA 36 44.82 80.62 34.65
N GLY KA 37 43.54 80.36 34.88
CA GLY KA 37 42.66 79.99 33.80
C GLY KA 37 42.45 78.48 33.74
N TYR KA 38 41.78 78.06 32.66
CA TYR KA 38 41.42 76.66 32.48
C TYR KA 38 42.49 75.92 31.68
N ASP KA 39 42.36 74.59 31.67
CA ASP KA 39 43.23 73.70 30.92
C ASP KA 39 42.39 72.58 30.32
N LYS KA 40 42.93 71.95 29.28
CA LYS KA 40 42.24 70.85 28.62
C LYS KA 40 41.88 69.76 29.62
N GLY KA 41 40.63 69.28 29.55
CA GLY KA 41 40.09 68.36 30.51
C GLY KA 41 39.17 69.02 31.53
N GLN KA 42 39.43 70.27 31.88
CA GLN KA 42 38.55 70.99 32.78
C GLN KA 42 37.24 71.33 32.09
N LYS KA 43 36.15 71.32 32.85
CA LYS KA 43 34.85 71.75 32.37
C LYS KA 43 34.28 72.76 33.36
N PRO KA 44 33.93 73.97 32.92
CA PRO KA 44 33.66 75.04 33.88
C PRO KA 44 32.44 74.77 34.74
N ALA KA 45 32.49 75.26 35.98
CA ALA KA 45 31.29 75.31 36.81
C ALA KA 45 30.43 76.49 36.41
N ALA KA 46 29.11 76.28 36.43
CA ALA KA 46 28.20 77.31 35.94
C ALA KA 46 28.38 78.63 36.68
N GLU KA 47 28.62 78.58 37.99
CA GLU KA 47 28.68 79.80 38.79
C GLU KA 47 29.78 80.72 38.30
N GLU KA 48 30.98 80.18 38.08
CA GLU KA 48 32.11 81.01 37.64
C GLU KA 48 31.85 81.59 36.26
N PHE KA 49 31.31 80.78 35.35
CA PHE KA 49 30.96 81.26 34.02
C PHE KA 49 30.01 82.45 34.11
N ASN KA 50 28.93 82.29 34.87
CA ASN KA 50 27.95 83.37 35.02
C ASN KA 50 28.59 84.59 35.64
N TYR KA 51 29.44 84.40 36.65
CA TYR KA 51 30.06 85.53 37.33
C TYR KA 51 30.94 86.32 36.37
N ILE KA 52 31.75 85.62 35.58
CA ILE KA 52 32.65 86.28 34.65
C ILE KA 52 31.86 87.07 33.61
N LEU KA 53 30.84 86.43 33.03
CA LEU KA 53 30.06 87.13 32.01
C LEU KA 53 29.32 88.33 32.60
N ASN KA 54 28.78 88.18 33.80
CA ASN KA 54 28.12 89.31 34.46
C ASN KA 54 29.10 90.44 34.69
N MET KA 55 30.31 90.13 35.14
CA MET KA 55 31.35 91.14 35.28
C MET KA 55 31.51 91.92 33.99
N SER KA 56 31.87 91.20 32.92
CA SER KA 56 32.24 91.84 31.66
C SER KA 56 31.07 92.58 31.01
N SER KA 57 29.83 92.19 31.29
CA SER KA 57 28.70 92.88 30.71
C SER KA 57 28.24 94.07 31.57
N ALA KA 58 28.14 93.88 32.88
CA ALA KA 58 27.70 94.95 33.76
C ALA KA 58 28.66 96.12 33.72
N TRP KA 59 29.96 95.86 33.68
CA TRP KA 59 30.88 96.99 33.68
C TRP KA 59 30.83 97.78 32.37
N VAL KA 60 30.66 97.10 31.23
CA VAL KA 60 30.47 97.82 29.97
C VAL KA 60 29.18 98.63 30.03
N ASN KA 61 28.12 98.06 30.60
CA ASN KA 61 26.88 98.80 30.74
C ASN KA 61 27.08 100.06 31.57
N TRP KA 62 27.80 99.92 32.69
CA TRP KA 62 28.10 101.08 33.52
C TRP KA 62 28.86 102.14 32.72
N ILE KA 63 29.93 101.73 32.03
CA ILE KA 63 30.73 102.68 31.27
C ILE KA 63 29.84 103.43 30.27
N VAL KA 64 29.02 102.70 29.53
CA VAL KA 64 28.28 103.32 28.44
C VAL KA 64 27.16 104.22 28.97
N ASN KA 65 26.43 103.78 29.99
CA ASN KA 65 25.18 104.44 30.35
C ASN KA 65 25.27 105.34 31.57
N GLU KA 66 26.34 105.26 32.36
CA GLU KA 66 26.47 106.09 33.56
C GLU KA 66 27.66 107.04 33.50
N LYS KA 67 28.85 106.52 33.23
CA LYS KA 67 30.04 107.35 33.30
C LYS KA 67 30.05 108.42 32.21
N PHE KA 68 29.75 108.05 30.97
CA PHE KA 68 29.85 109.01 29.88
C PHE KA 68 28.71 110.03 29.97
N PRO KA 69 27.44 109.61 29.95
CA PRO KA 69 26.36 110.60 30.10
C PRO KA 69 26.59 111.57 31.23
N GLU KA 70 27.31 111.15 32.27
CA GLU KA 70 27.77 112.04 33.33
C GLU KA 70 28.86 112.96 32.82
N LEU KA 71 29.83 112.41 32.08
CA LEU KA 71 31.03 113.16 31.73
C LEU KA 71 30.76 114.25 30.69
N GLU KA 72 29.98 113.95 29.65
CA GLU KA 72 29.61 115.01 28.72
C GLU KA 72 28.86 116.13 29.42
N ALA KA 73 27.91 115.79 30.30
CA ALA KA 73 27.19 116.83 31.03
C ALA KA 73 28.14 117.65 31.88
N GLU KA 74 29.09 117.00 32.55
CA GLU KA 74 30.02 117.72 33.42
C GLU KA 74 30.91 118.66 32.61
N ILE KA 75 31.45 118.20 31.49
CA ILE KA 75 32.32 119.06 30.69
C ILE KA 75 31.53 120.24 30.12
N ALA KA 76 30.30 119.98 29.67
CA ALA KA 76 29.47 121.07 29.17
C ALA KA 76 29.19 122.09 30.26
N ARG KA 77 28.87 121.62 31.46
CA ARG KA 77 28.59 122.53 32.57
C ARG KA 77 29.84 123.33 32.94
N LEU KA 78 31.00 122.69 32.92
CA LEU KA 78 32.25 123.38 33.22
C LEU KA 78 32.49 124.52 32.23
N LEU KA 79 32.35 124.22 30.94
CA LEU KA 79 32.53 125.25 29.93
C LEU KA 79 31.52 126.37 30.11
N ALA KA 80 30.26 126.02 30.37
CA ALA KA 80 29.24 127.04 30.57
C ALA KA 80 29.56 127.92 31.76
N GLU KA 81 30.05 127.34 32.86
CA GLU KA 81 30.33 128.13 34.05
C GLU KA 81 31.54 129.04 33.83
N LEU KA 82 32.58 128.55 33.14
CA LEU KA 82 33.71 129.42 32.83
C LEU KA 82 33.27 130.58 31.95
N GLU KA 83 32.45 130.29 30.93
CA GLU KA 83 31.94 131.37 30.09
C GLU KA 83 31.13 132.35 30.92
N ASN KA 84 30.30 131.85 31.83
CA ASN KA 84 29.50 132.73 32.67
C ASN KA 84 30.38 133.64 33.50
N ARG KA 85 31.40 133.07 34.15
CA ARG KA 85 32.29 133.88 34.98
C ARG KA 85 32.96 134.97 34.15
N ILE KA 86 33.44 134.62 32.97
CA ILE KA 86 34.05 135.62 32.10
C ILE KA 86 33.01 136.65 31.69
N ASN KA 87 31.74 136.25 31.60
CA ASN KA 87 30.68 137.20 31.27
C ASN KA 87 30.48 138.22 32.38
N GLN KA 88 30.43 137.79 33.65
CA GLN KA 88 30.38 138.79 34.72
C GLN KA 88 31.62 139.67 34.71
N GLN KA 89 32.79 139.09 34.43
CA GLN KA 89 34.00 139.91 34.39
C GLN KA 89 33.90 140.98 33.30
N LEU KA 90 33.39 140.62 32.13
CA LEU KA 90 33.25 141.58 31.05
C LEU KA 90 32.18 142.63 31.36
N ALA KA 91 31.11 142.23 32.06
CA ALA KA 91 29.99 143.13 32.25
C ALA KA 91 30.42 144.46 32.84
N VAL KA 92 31.41 144.45 33.72
CA VAL KA 92 31.90 145.67 34.34
C VAL KA 92 32.86 146.38 33.39
#